data_8UAF
#
_entry.id   8UAF
#
_cell.length_a   1.00
_cell.length_b   1.00
_cell.length_c   1.00
_cell.angle_alpha   90.00
_cell.angle_beta   90.00
_cell.angle_gamma   90.00
#
_symmetry.space_group_name_H-M   'P 1'
#
loop_
_entity.id
_entity.type
_entity.pdbx_description
1 polymer 'SIR2-like domain-containing protein'
2 polymer 'Nucleoside triphosphate hydrolase'
3 non-polymer '[(2R,3S,4R,5R)-5-(6-AMINOPURIN-9-YL)-3,4-DIHYDROXY-OXOLAN-2-YL]METHYL [HYDROXY-[[(2R,3S,4R,5S)-3,4,5-TRIHYDROXYOXOLAN-2-YL]METHOXY]PHOSPHORYL] HYDROGEN PHOSPHATE'
4 non-polymer NICOTINAMIDE-ADENINE-DINUCLEOTIDE
5 non-polymer "ADENOSINE-5'-DIPHOSPHATE"
6 non-polymer 'MAGNESIUM ION'
#
loop_
_entity_poly.entity_id
_entity_poly.type
_entity_poly.pdbx_seq_one_letter_code
_entity_poly.pdbx_strand_id
1 'polypeptide(L)'
;MSIYQGGNKLNEDDFRSHVYSLCQLDNVGVLLGAGASVGCGGKTMKDVWKSFKQNYPELLGALIDKYLLVSQIDSDNNLV
NVELLIDEATKFLSVAKTRRCEDEEEEFRKILSSLYKEVTKAALLTGEQFREKNQGKKDAFKYHKELISKLISNRQPGQS
APAIFTTNYDLALEWAAEDLGIQLFNGFSGLHTRQFYPQNFDLAFRNVNAKGEARFGHYHAYLYKLHGSLTWYQNDSLTV
NEVSASQAYDEYINDIINKDDFYRGQHLIYPGANKYSHTIGFVYGEMFRRFGEFISKPQTALFINGFGFGDYHINRIILG
ALLNPSFHVVIYYPELKEAITKVSKGGGSEAEKAIVTLKNMAFNQVTVVGGGSKAYFNSFVEHLPYPVLFPRDNIVDELV
EAIANLSKGEGNVPF
;
A,B,C,D,E,F,G,H,I,J,K,L
2 'polypeptide(L)'
;MSLFKLTEISAIGYVVGLEGERIRINLHEGLQGRLASHRKGVSSVTQPGDLIGFDAGNILVVARVTDMAFVEADKAHKAN
VGTSDLADIPLRQIIAYAIGFVKRELNGYVFISEDWRLPALGSSAVPLTSDFLNIIYSIDKEELPKAVELGVDSRTKTVK
IFASVDKLLSRHLAVLGSTGYGKSNFNALLTRKVSEKYPNSRIVIFDINGEYAQAFTGIPNVKHTILGESPNVDSLEKKQ
QKGELYSEEYYCYKKIPYQALGFAGLIKLLRPSDKTQLPALRNALSAINRTHFKSRNIYLEKDDGETFLLYDDCRDTNQS
KLAEWLDLLRRRRLKRTNVWPPFKSLATLVAEFGCVAADRSNGSKRDAFGFSNVLPLVKIIQQLAEDIRFKSIVNLNGGG
ELADGGTHWDKAMSDEVDYFFGKEKGQENDWNVHIVNMKNLAQDHAPMLLSALLEMFAEILFRRGQERSYPTVLLLEEAH
HYLRDPYAEIDSQIKAYERLAKEGRKFKCSLIVSTQRPSELSPTVLAMCSNWFSLRLTNERDLQALRYAMESGNEQILKQ
ISGLPRGDAVAFGSAFNLPVRISINQARPGPKSSDAVFSEEWANCTELRC
;
M,N,O,P,Q,R
#
# COMPACT_ATOMS: atom_id res chain seq x y z
N SER A 2 50.25 33.82 17.20
CA SER A 2 50.68 34.07 15.83
C SER A 2 50.39 32.87 14.93
N ILE A 3 49.13 32.65 14.62
CA ILE A 3 48.70 31.56 13.75
C ILE A 3 48.66 32.06 12.33
N TYR A 4 49.25 31.29 11.41
CA TYR A 4 49.32 31.64 10.00
C TYR A 4 48.77 30.49 9.17
N GLN A 5 48.00 30.83 8.13
CA GLN A 5 47.48 29.82 7.21
C GLN A 5 47.30 30.48 5.85
N GLY A 6 48.23 30.20 4.93
CA GLY A 6 48.22 30.83 3.63
C GLY A 6 48.81 32.21 3.59
N GLY A 7 49.59 32.59 4.59
CA GLY A 7 50.16 33.92 4.68
C GLY A 7 49.32 34.92 5.44
N ASN A 8 48.07 34.60 5.72
CA ASN A 8 47.19 35.47 6.48
C ASN A 8 47.28 35.14 7.96
N LYS A 9 46.35 35.66 8.76
CA LYS A 9 46.33 35.44 10.19
C LYS A 9 44.96 34.91 10.60
N LEU A 10 44.95 34.10 11.67
CA LEU A 10 43.74 33.47 12.16
C LEU A 10 43.60 33.73 13.65
N ASN A 11 42.36 33.57 14.13
CA ASN A 11 42.05 33.73 15.54
C ASN A 11 41.95 32.36 16.20
N GLU A 12 41.65 32.36 17.51
CA GLU A 12 41.72 31.14 18.29
C GLU A 12 40.55 30.21 18.01
N ASP A 13 39.34 30.75 17.84
CA ASP A 13 38.15 29.91 17.73
C ASP A 13 38.13 29.11 16.44
N ASP A 14 38.50 29.74 15.31
CA ASP A 14 38.47 29.04 14.03
C ASP A 14 39.55 27.97 13.96
N PHE A 15 40.70 28.23 14.59
CA PHE A 15 41.77 27.23 14.61
C PHE A 15 41.33 25.96 15.31
N ARG A 16 40.55 26.09 16.38
CA ARG A 16 40.04 24.92 17.08
C ARG A 16 39.10 24.12 16.21
N SER A 17 38.25 24.80 15.43
CA SER A 17 37.38 24.11 14.49
C SER A 17 38.19 23.38 13.42
N HIS A 18 39.25 24.00 12.93
CA HIS A 18 40.13 23.33 11.97
C HIS A 18 40.74 22.08 12.58
N VAL A 19 41.23 22.18 13.81
CA VAL A 19 41.85 21.06 14.49
C VAL A 19 40.86 19.91 14.65
N TYR A 20 39.62 20.24 15.06
CA TYR A 20 38.60 19.21 15.20
C TYR A 20 38.27 18.57 13.85
N SER A 21 38.21 19.38 12.79
CA SER A 21 37.90 18.83 11.48
C SER A 21 38.98 17.87 10.99
N LEU A 22 40.25 18.16 11.30
CA LEU A 22 41.33 17.30 10.85
C LEU A 22 41.51 16.04 11.69
N CYS A 23 40.77 15.90 12.80
CA CYS A 23 40.87 14.71 13.64
C CYS A 23 39.88 13.62 13.27
N GLN A 24 38.95 13.88 12.35
CA GLN A 24 37.95 12.91 11.94
C GLN A 24 38.29 12.22 10.63
N LEU A 25 39.46 12.50 10.05
CA LEU A 25 39.80 11.94 8.76
C LEU A 25 40.15 10.45 8.88
N ASP A 26 40.31 9.81 7.72
CA ASP A 26 40.60 8.39 7.68
C ASP A 26 41.93 8.07 8.34
N ASN A 27 42.96 8.88 8.06
CA ASN A 27 44.31 8.64 8.56
C ASN A 27 44.74 9.79 9.44
N VAL A 28 45.19 9.48 10.66
CA VAL A 28 45.65 10.47 11.62
C VAL A 28 46.99 9.99 12.16
N GLY A 29 47.96 10.90 12.23
CA GLY A 29 49.27 10.56 12.75
C GLY A 29 49.90 11.73 13.49
N VAL A 30 50.90 11.41 14.29
CA VAL A 30 51.66 12.41 15.03
C VAL A 30 53.14 12.19 14.78
N LEU A 31 53.94 13.23 15.07
CA LEU A 31 55.39 13.13 14.94
C LEU A 31 56.00 13.98 16.05
N LEU A 32 56.56 13.32 17.06
CA LEU A 32 57.12 14.01 18.21
C LEU A 32 58.63 14.15 18.07
N GLY A 33 59.28 14.66 19.11
CA GLY A 33 60.69 14.91 19.07
C GLY A 33 61.25 15.13 20.46
N ALA A 34 62.45 15.72 20.50
CA ALA A 34 63.13 15.94 21.77
C ALA A 34 62.38 16.90 22.68
N GLY A 35 61.47 17.70 22.12
CA GLY A 35 60.73 18.64 22.94
C GLY A 35 59.79 17.97 23.92
N ALA A 36 59.17 16.86 23.50
CA ALA A 36 58.16 16.22 24.33
C ALA A 36 58.71 15.65 25.63
N SER A 37 60.02 15.38 25.68
CA SER A 37 60.63 14.83 26.89
C SER A 37 61.12 15.90 27.85
N VAL A 38 61.08 17.17 27.45
CA VAL A 38 61.57 18.24 28.33
C VAL A 38 60.66 18.40 29.54
N GLY A 39 59.35 18.21 29.34
CA GLY A 39 58.43 18.32 30.47
C GLY A 39 58.61 17.21 31.49
N CYS A 40 58.91 15.99 31.02
CA CYS A 40 59.03 14.86 31.93
C CYS A 40 60.34 14.85 32.70
N GLY A 41 61.38 15.54 32.22
CA GLY A 41 62.63 15.57 32.92
C GLY A 41 63.86 15.37 32.05
N GLY A 42 63.67 15.40 30.73
CA GLY A 42 64.77 15.28 29.80
C GLY A 42 65.38 16.63 29.45
N LYS A 43 66.21 16.61 28.41
CA LYS A 43 66.87 17.82 27.94
C LYS A 43 67.19 17.69 26.47
N THR A 44 67.45 18.84 25.83
CA THR A 44 67.72 18.89 24.40
C THR A 44 69.20 18.62 24.13
N MET A 45 69.57 18.67 22.85
CA MET A 45 70.94 18.33 22.45
C MET A 45 71.94 19.43 22.79
N LYS A 46 71.50 20.69 22.78
CA LYS A 46 72.41 21.79 23.13
C LYS A 46 72.88 21.67 24.56
N ASP A 47 72.00 21.27 25.48
CA ASP A 47 72.41 21.04 26.86
C ASP A 47 73.44 19.92 26.93
N VAL A 48 73.25 18.86 26.14
CA VAL A 48 74.20 17.75 26.12
C VAL A 48 75.57 18.23 25.64
N TRP A 49 75.59 19.01 24.56
CA TRP A 49 76.86 19.52 24.06
C TRP A 49 77.54 20.44 25.09
N LYS A 50 76.75 21.29 25.75
CA LYS A 50 77.32 22.16 26.78
C LYS A 50 77.91 21.34 27.91
N SER A 51 77.19 20.31 28.37
CA SER A 51 77.69 19.47 29.45
C SER A 51 78.97 18.75 29.04
N PHE A 52 79.04 18.24 27.81
CA PHE A 52 80.24 17.55 27.37
C PHE A 52 81.43 18.51 27.26
N LYS A 53 81.20 19.71 26.72
CA LYS A 53 82.29 20.68 26.59
C LYS A 53 82.70 21.27 27.93
N GLN A 54 81.84 21.16 28.95
CA GLN A 54 82.20 21.62 30.28
C GLN A 54 82.89 20.55 31.11
N ASN A 55 82.54 19.28 30.92
CA ASN A 55 83.08 18.20 31.74
C ASN A 55 84.37 17.60 31.20
N TYR A 56 84.65 17.76 29.90
CA TYR A 56 85.84 17.18 29.27
C TYR A 56 86.56 18.25 28.46
N PRO A 57 87.23 19.19 29.12
CA PRO A 57 87.88 20.28 28.39
C PRO A 57 89.15 19.86 27.67
N GLU A 58 89.81 18.80 28.15
CA GLU A 58 91.07 18.40 27.53
C GLU A 58 90.85 17.70 26.20
N LEU A 59 89.74 16.97 26.07
CA LEU A 59 89.47 16.23 24.85
C LEU A 59 89.01 17.12 23.70
N LEU A 60 88.58 18.35 24.00
CA LEU A 60 88.10 19.25 22.96
C LEU A 60 89.21 19.64 21.99
N GLY A 61 90.46 19.63 22.44
CA GLY A 61 91.56 20.02 21.57
C GLY A 61 91.79 19.05 20.43
N ALA A 62 91.61 17.75 20.69
CA ALA A 62 91.94 16.74 19.70
C ALA A 62 90.95 16.76 18.53
N LEU A 63 89.69 17.05 18.80
CA LEU A 63 88.66 16.93 17.77
C LEU A 63 88.74 18.06 16.75
N ILE A 64 89.19 19.25 17.15
CA ILE A 64 89.09 20.41 16.29
C ILE A 64 90.24 20.48 15.30
N ASP A 65 91.46 20.59 15.80
CA ASP A 65 92.61 20.85 14.94
C ASP A 65 93.34 19.59 14.48
N LYS A 66 93.31 18.51 15.25
CA LYS A 66 94.06 17.31 14.91
C LYS A 66 93.32 16.45 13.89
N TYR A 67 92.13 15.97 14.24
CA TYR A 67 91.38 15.07 13.37
C TYR A 67 90.44 15.81 12.43
N LEU A 68 90.19 17.10 12.66
CA LEU A 68 89.34 17.91 11.79
C LEU A 68 87.95 17.30 11.62
N LEU A 69 87.31 16.97 12.74
CA LEU A 69 85.94 16.48 12.73
C LEU A 69 84.94 17.62 12.90
N VAL A 70 85.05 18.37 13.99
CA VAL A 70 84.14 19.44 14.30
C VAL A 70 84.79 20.77 13.91
N SER A 71 83.99 21.82 13.89
CA SER A 71 84.46 23.17 13.57
C SER A 71 84.37 24.05 14.82
N GLN A 72 85.37 24.90 15.00
CA GLN A 72 85.47 25.72 16.20
C GLN A 72 84.34 26.74 16.26
N ILE A 73 83.96 27.31 15.12
CA ILE A 73 82.88 28.31 15.11
C ILE A 73 81.56 27.67 15.51
N ASP A 74 81.31 26.44 15.06
CA ASP A 74 80.08 25.73 15.43
C ASP A 74 80.02 25.49 16.93
N SER A 75 81.15 25.10 17.54
CA SER A 75 81.17 24.92 18.98
C SER A 75 81.03 26.26 19.70
N ASP A 76 81.53 27.33 19.11
CA ASP A 76 81.31 28.66 19.67
C ASP A 76 79.84 29.05 19.65
N ASN A 77 79.11 28.60 18.62
CA ASN A 77 77.69 28.86 18.51
C ASN A 77 76.83 27.75 19.11
N ASN A 78 77.45 26.69 19.64
CA ASN A 78 76.73 25.56 20.24
C ASN A 78 75.73 24.94 19.26
N LEU A 79 76.20 24.70 18.04
CA LEU A 79 75.37 24.12 16.99
C LEU A 79 76.09 22.88 16.46
N VAL A 80 76.53 22.02 17.36
CA VAL A 80 77.29 20.83 17.01
C VAL A 80 76.35 19.63 17.03
N ASN A 81 76.27 18.92 15.91
CA ASN A 81 75.43 17.74 15.83
C ASN A 81 76.09 16.57 16.55
N VAL A 82 75.31 15.88 17.38
CA VAL A 82 75.81 14.78 18.20
C VAL A 82 75.52 13.44 17.55
N GLU A 83 74.33 13.27 16.97
CA GLU A 83 73.97 12.00 16.35
C GLU A 83 74.84 11.66 15.16
N LEU A 84 75.28 12.66 14.39
CA LEU A 84 76.13 12.43 13.23
C LEU A 84 77.61 12.40 13.58
N LEU A 85 77.99 12.91 14.76
CA LEU A 85 79.39 12.86 15.19
C LEU A 85 79.80 11.45 15.60
N ILE A 86 78.88 10.67 16.20
CA ILE A 86 79.21 9.32 16.63
C ILE A 86 79.55 8.43 15.44
N ASP A 87 78.80 8.57 14.34
CA ASP A 87 79.00 7.70 13.19
C ASP A 87 80.39 7.89 12.59
N GLU A 88 80.90 9.13 12.57
CA GLU A 88 82.20 9.39 11.98
C GLU A 88 83.33 8.70 12.75
N ALA A 89 83.27 8.73 14.09
CA ALA A 89 84.36 8.20 14.89
C ALA A 89 84.42 6.67 14.84
N THR A 90 83.28 6.02 14.65
CA THR A 90 83.27 4.56 14.55
C THR A 90 84.11 4.09 13.37
N LYS A 91 84.02 4.80 12.23
CA LYS A 91 84.84 4.45 11.08
C LYS A 91 86.32 4.61 11.39
N PHE A 92 86.69 5.69 12.10
CA PHE A 92 88.08 5.88 12.48
C PHE A 92 88.58 4.74 13.35
N LEU A 93 87.78 4.36 14.34
CA LEU A 93 88.17 3.25 15.22
C LEU A 93 88.31 1.95 14.45
N SER A 94 87.36 1.68 13.54
CA SER A 94 87.39 0.43 12.78
C SER A 94 88.61 0.36 11.88
N VAL A 95 88.93 1.45 11.17
CA VAL A 95 90.09 1.43 10.28
C VAL A 95 91.38 1.35 11.09
N ALA A 96 91.43 2.00 12.26
CA ALA A 96 92.61 1.89 13.10
C ALA A 96 92.80 0.46 13.60
N LYS A 97 91.71 -0.21 13.96
CA LYS A 97 91.80 -1.61 14.37
C LYS A 97 92.23 -2.50 13.21
N THR A 98 91.70 -2.25 12.01
CA THR A 98 92.05 -3.06 10.85
C THR A 98 93.52 -2.91 10.48
N ARG A 99 94.04 -1.68 10.53
CA ARG A 99 95.45 -1.45 10.27
C ARG A 99 96.31 -1.77 11.49
N ARG A 100 95.70 -2.05 12.63
CA ARG A 100 96.39 -2.40 13.87
C ARG A 100 97.34 -1.28 14.31
N CYS A 101 96.74 -0.13 14.63
CA CYS A 101 97.42 0.97 15.28
C CYS A 101 96.89 1.10 16.70
N GLU A 102 97.78 1.33 17.66
CA GLU A 102 97.44 1.14 19.07
C GLU A 102 96.97 2.42 19.75
N ASP A 103 97.81 3.45 19.75
CA ASP A 103 97.50 4.68 20.49
C ASP A 103 96.26 5.37 19.95
N GLU A 104 96.13 5.43 18.62
CA GLU A 104 94.94 6.02 18.01
C GLU A 104 93.69 5.23 18.37
N GLU A 105 93.79 3.90 18.37
CA GLU A 105 92.66 3.07 18.76
C GLU A 105 92.25 3.34 20.20
N GLU A 106 93.22 3.45 21.11
CA GLU A 106 92.90 3.73 22.50
C GLU A 106 92.25 5.11 22.64
N GLU A 107 92.77 6.10 21.92
CA GLU A 107 92.21 7.44 22.00
C GLU A 107 90.76 7.47 21.53
N PHE A 108 90.46 6.80 20.41
CA PHE A 108 89.08 6.77 19.95
C PHE A 108 88.18 5.94 20.87
N ARG A 109 88.73 4.89 21.47
CA ARG A 109 87.95 4.13 22.46
C ARG A 109 87.54 5.02 23.62
N LYS A 110 88.48 5.82 24.15
CA LYS A 110 88.12 6.70 25.25
C LYS A 110 87.18 7.81 24.81
N ILE A 111 87.31 8.29 23.56
CA ILE A 111 86.40 9.31 23.06
C ILE A 111 84.98 8.78 23.01
N LEU A 112 84.80 7.58 22.46
CA LEU A 112 83.46 7.00 22.37
C LEU A 112 82.90 6.67 23.75
N SER A 113 83.75 6.18 24.66
CA SER A 113 83.28 5.91 26.02
C SER A 113 82.81 7.18 26.71
N SER A 114 83.55 8.29 26.52
CA SER A 114 83.12 9.56 27.09
C SER A 114 81.82 10.04 26.46
N LEU A 115 81.67 9.88 25.14
CA LEU A 115 80.47 10.35 24.47
C LEU A 115 79.22 9.58 24.92
N TYR A 116 79.33 8.26 25.06
CA TYR A 116 78.14 7.49 25.46
C TYR A 116 77.69 7.77 26.88
N LYS A 117 78.48 8.45 27.70
CA LYS A 117 78.02 8.81 29.04
C LYS A 117 77.01 9.96 29.01
N GLU A 118 77.24 10.97 28.18
CA GLU A 118 76.35 12.14 28.17
C GLU A 118 75.02 11.84 27.49
N VAL A 119 75.04 11.07 26.40
CA VAL A 119 73.82 10.74 25.68
C VAL A 119 72.88 9.87 26.53
N THR A 120 73.42 8.91 27.28
CA THR A 120 72.60 8.03 28.09
C THR A 120 72.04 8.72 29.33
N LYS A 121 72.85 9.51 30.03
CA LYS A 121 72.43 10.11 31.28
C LYS A 121 71.25 11.06 31.13
N ALA A 122 71.01 11.57 29.92
CA ALA A 122 69.94 12.52 29.69
C ALA A 122 68.63 11.87 29.24
N ALA A 123 68.58 10.55 29.18
CA ALA A 123 67.39 9.85 28.70
C ALA A 123 66.77 8.93 29.73
N LEU A 124 67.34 8.86 30.93
CA LEU A 124 66.77 7.99 31.97
C LEU A 124 65.38 8.47 32.38
N LEU A 125 65.21 9.79 32.53
CA LEU A 125 63.93 10.44 32.85
C LEU A 125 63.48 10.20 34.28
N THR A 126 64.18 9.32 35.00
CA THR A 126 63.84 9.07 36.40
C THR A 126 65.05 8.92 37.31
N GLY A 127 66.22 8.61 36.79
CA GLY A 127 67.40 8.50 37.64
C GLY A 127 67.56 7.10 38.18
N GLU A 128 67.72 6.99 39.50
CA GLU A 128 68.05 5.71 40.12
C GLU A 128 66.91 4.71 40.03
N GLN A 129 65.67 5.16 39.80
CA GLN A 129 64.50 4.28 39.79
C GLN A 129 64.14 3.84 38.37
N PHE A 130 65.13 3.73 37.49
CA PHE A 130 64.88 3.19 36.15
C PHE A 130 64.60 1.69 36.20
N ARG A 131 65.00 1.01 37.27
CA ARG A 131 64.84 -0.43 37.39
C ARG A 131 63.63 -0.85 38.22
N GLU A 132 62.87 0.10 38.75
CA GLU A 132 61.67 -0.20 39.52
C GLU A 132 60.53 -0.52 38.55
N LYS A 133 59.31 -0.63 39.07
CA LYS A 133 58.15 -0.90 38.26
C LYS A 133 57.02 0.05 38.63
N ASN A 134 55.93 -0.03 37.86
CA ASN A 134 54.76 0.83 38.04
C ASN A 134 55.15 2.31 37.95
N GLN A 135 55.81 2.65 36.86
CA GLN A 135 56.28 4.02 36.64
C GLN A 135 55.30 4.88 35.85
N GLY A 136 54.15 4.33 35.47
CA GLY A 136 53.12 5.10 34.81
C GLY A 136 52.14 5.77 35.74
N LYS A 137 52.32 5.61 37.05
CA LYS A 137 51.42 6.19 38.04
C LYS A 137 51.88 7.55 38.55
N LYS A 138 53.01 8.05 38.07
CA LYS A 138 53.59 9.29 38.57
C LYS A 138 52.99 10.50 37.84
N ASP A 139 53.24 11.68 38.41
CA ASP A 139 52.61 12.92 37.94
C ASP A 139 53.28 13.51 36.71
N ALA A 140 54.51 13.11 36.39
CA ALA A 140 55.21 13.70 35.24
C ALA A 140 54.71 13.17 33.90
N PHE A 141 53.95 12.08 33.88
CA PHE A 141 53.49 11.47 32.65
C PHE A 141 51.98 11.63 32.45
N LYS A 142 51.34 12.57 33.15
CA LYS A 142 49.91 12.77 33.02
C LYS A 142 49.55 13.26 31.62
N TYR A 143 50.35 14.16 31.05
CA TYR A 143 50.04 14.73 29.75
C TYR A 143 50.28 13.76 28.61
N HIS A 144 50.92 12.62 28.87
CA HIS A 144 51.10 11.60 27.84
C HIS A 144 49.94 10.62 27.74
N LYS A 145 49.22 10.40 28.84
CA LYS A 145 48.03 9.56 28.78
C LYS A 145 46.89 10.25 28.05
N GLU A 146 46.78 11.57 28.22
CA GLU A 146 45.70 12.31 27.59
C GLU A 146 45.83 12.27 26.07
N LEU A 147 47.05 12.35 25.55
CA LEU A 147 47.25 12.26 24.11
C LEU A 147 46.76 10.93 23.56
N ILE A 148 47.11 9.83 24.23
CA ILE A 148 46.68 8.51 23.77
C ILE A 148 45.17 8.38 23.84
N SER A 149 44.58 8.82 24.95
CA SER A 149 43.13 8.71 25.11
C SER A 149 42.39 9.53 24.07
N LYS A 150 42.85 10.77 23.82
CA LYS A 150 42.19 11.63 22.85
C LYS A 150 42.35 11.09 21.43
N LEU A 151 43.52 10.54 21.11
CA LEU A 151 43.72 9.94 19.79
C LEU A 151 42.81 8.73 19.59
N ILE A 152 42.71 7.87 20.60
CA ILE A 152 41.95 6.62 20.43
C ILE A 152 40.45 6.89 20.40
N SER A 153 39.96 7.74 21.32
CA SER A 153 38.51 7.90 21.48
C SER A 153 37.86 8.51 20.25
N ASN A 154 38.56 9.37 19.53
CA ASN A 154 38.00 10.12 18.41
C ASN A 154 37.76 9.27 17.17
N ARG A 155 37.89 7.95 17.18
CA ARG A 155 37.76 7.14 15.97
C ARG A 155 36.45 6.38 15.98
N GLN A 156 35.68 6.53 14.90
CA GLN A 156 34.45 5.78 14.73
C GLN A 156 34.75 4.34 14.36
N PRO A 157 33.79 3.43 14.55
CA PRO A 157 34.02 2.03 14.14
C PRO A 157 34.26 1.92 12.65
N GLY A 158 35.12 0.99 12.27
CA GLY A 158 35.42 0.73 10.88
C GLY A 158 36.50 1.59 10.27
N GLN A 159 37.15 2.45 11.06
CA GLN A 159 38.23 3.29 10.56
C GLN A 159 39.58 2.72 10.97
N SER A 160 40.65 3.44 10.62
CA SER A 160 42.01 2.99 10.86
C SER A 160 42.38 3.25 12.32
N ALA A 161 43.67 3.12 12.63
CA ALA A 161 44.18 3.32 13.97
C ALA A 161 45.30 4.36 13.96
N PRO A 162 45.48 5.07 15.07
CA PRO A 162 46.51 6.11 15.13
C PRO A 162 47.92 5.54 15.01
N ALA A 163 48.81 6.38 14.49
CA ALA A 163 50.23 6.06 14.33
C ALA A 163 51.07 7.13 14.98
N ILE A 164 52.16 6.71 15.63
CA ILE A 164 53.04 7.62 16.36
C ILE A 164 54.47 7.40 15.86
N PHE A 165 55.15 8.46 15.46
CA PHE A 165 56.53 8.40 14.93
C PHE A 165 57.37 9.28 15.83
N THR A 166 58.36 8.71 16.46
CA THR A 166 59.16 9.40 17.46
C THR A 166 60.64 9.32 17.09
N THR A 167 61.38 10.35 17.47
CA THR A 167 62.82 10.43 17.24
C THR A 167 63.54 10.45 18.59
N ASN A 168 62.99 9.72 19.57
CA ASN A 168 63.53 9.67 20.91
C ASN A 168 63.75 8.23 21.33
N TYR A 169 64.69 8.04 22.26
CA TYR A 169 65.02 6.72 22.80
C TYR A 169 64.65 6.62 24.28
N ASP A 170 63.68 7.41 24.72
CA ASP A 170 63.19 7.37 26.10
C ASP A 170 62.09 6.33 26.22
N LEU A 171 61.64 6.13 27.45
CA LEU A 171 60.60 5.14 27.77
C LEU A 171 59.34 5.80 28.31
N ALA A 172 58.90 6.88 27.67
CA ALA A 172 57.76 7.64 28.19
C ALA A 172 56.44 7.09 27.69
N LEU A 173 56.29 6.99 26.36
CA LEU A 173 55.01 6.58 25.79
C LEU A 173 54.65 5.16 26.19
N GLU A 174 55.62 4.24 26.17
CA GLU A 174 55.36 2.87 26.59
C GLU A 174 55.00 2.79 28.06
N TRP A 175 55.70 3.55 28.91
CA TRP A 175 55.38 3.54 30.34
C TRP A 175 53.97 4.06 30.58
N ALA A 176 53.56 5.08 29.85
CA ALA A 176 52.20 5.62 30.01
C ALA A 176 51.16 4.62 29.52
N ALA A 177 51.38 4.03 28.34
CA ALA A 177 50.37 3.13 27.77
C ALA A 177 50.27 1.82 28.55
N GLU A 178 51.35 1.38 29.18
CA GLU A 178 51.26 0.16 29.99
C GLU A 178 50.36 0.36 31.18
N ASP A 179 50.44 1.51 31.84
CA ASP A 179 49.56 1.80 32.98
C ASP A 179 48.15 2.10 32.52
N LEU A 180 47.99 2.75 31.36
CA LEU A 180 46.66 3.13 30.89
C LEU A 180 45.84 1.91 30.48
N GLY A 181 46.46 0.76 30.27
CA GLY A 181 45.74 -0.43 29.89
C GLY A 181 45.50 -0.54 28.40
N ILE A 182 46.47 -0.12 27.61
CA ILE A 182 46.36 -0.09 26.15
C ILE A 182 47.57 -0.79 25.55
N GLN A 183 47.33 -1.65 24.57
CA GLN A 183 48.39 -2.39 23.90
C GLN A 183 49.07 -1.53 22.85
N LEU A 184 50.35 -1.80 22.62
CA LEU A 184 51.14 -1.14 21.59
C LEU A 184 51.82 -2.19 20.73
N PHE A 185 52.09 -1.83 19.49
CA PHE A 185 52.75 -2.72 18.53
C PHE A 185 54.07 -2.09 18.09
N ASN A 186 55.16 -2.85 18.26
CA ASN A 186 56.48 -2.41 17.83
C ASN A 186 57.20 -3.45 16.98
N GLY A 187 56.56 -4.58 16.69
CA GLY A 187 57.09 -5.57 15.79
C GLY A 187 57.75 -6.77 16.46
N PHE A 188 57.88 -6.78 17.78
CA PHE A 188 58.61 -7.83 18.47
C PHE A 188 57.65 -8.86 19.06
N SER A 189 58.12 -10.10 19.17
CA SER A 189 57.33 -11.21 19.66
C SER A 189 58.13 -12.05 20.64
N GLY A 190 57.43 -12.75 21.52
CA GLY A 190 58.05 -13.61 22.51
C GLY A 190 58.35 -12.91 23.81
N LEU A 191 58.70 -13.70 24.82
CA LEU A 191 59.13 -13.17 26.11
C LEU A 191 60.58 -13.54 26.43
N HIS A 192 60.91 -14.84 26.44
CA HIS A 192 62.28 -15.24 26.77
C HIS A 192 63.25 -14.90 25.64
N THR A 193 62.78 -14.95 24.40
CA THR A 193 63.54 -14.49 23.25
C THR A 193 62.65 -13.57 22.42
N ARG A 194 63.15 -12.37 22.13
CA ARG A 194 62.40 -11.35 21.40
C ARG A 194 63.18 -10.96 20.15
N GLN A 195 62.53 -11.05 19.00
CA GLN A 195 63.16 -10.79 17.72
C GLN A 195 62.29 -9.84 16.90
N PHE A 196 62.76 -9.51 15.70
CA PHE A 196 62.10 -8.53 14.85
C PHE A 196 61.54 -9.22 13.61
N TYR A 197 60.26 -9.00 13.35
CA TYR A 197 59.59 -9.50 12.14
C TYR A 197 58.97 -8.32 11.40
N PRO A 198 59.33 -8.05 10.13
CA PRO A 198 58.87 -6.87 9.43
C PRO A 198 57.44 -7.07 8.97
N GLN A 199 56.65 -7.83 9.73
CA GLN A 199 55.33 -8.17 9.21
C GLN A 199 54.35 -8.18 10.37
N ASN A 200 54.84 -7.83 11.53
CA ASN A 200 53.98 -7.74 12.70
C ASN A 200 53.30 -6.38 12.83
N PHE A 201 53.62 -5.44 11.96
CA PHE A 201 52.91 -4.18 11.87
C PHE A 201 51.56 -4.33 11.18
N ASP A 202 51.26 -5.52 10.65
CA ASP A 202 50.05 -5.81 9.90
C ASP A 202 49.11 -6.72 10.69
N LEU A 203 49.03 -6.52 12.00
CA LEU A 203 48.20 -7.34 12.87
C LEU A 203 47.22 -6.46 13.64
N ALA A 204 46.15 -7.09 14.11
CA ALA A 204 45.10 -6.39 14.84
C ALA A 204 44.44 -7.39 15.79
N PHE A 205 43.42 -6.94 16.51
CA PHE A 205 42.70 -7.77 17.46
C PHE A 205 41.23 -7.88 17.05
N ARG A 206 40.60 -8.97 17.48
CA ARG A 206 39.19 -9.20 17.20
C ARG A 206 38.63 -10.07 18.32
N ASN A 207 37.57 -9.59 18.97
CA ASN A 207 36.97 -10.29 20.09
C ASN A 207 36.18 -11.49 19.60
N VAL A 208 36.29 -12.61 20.34
CA VAL A 208 35.63 -13.85 19.94
C VAL A 208 34.22 -13.96 20.52
N ASN A 209 33.93 -13.32 21.65
CA ASN A 209 32.61 -13.40 22.26
C ASN A 209 31.67 -12.33 21.72
N HIS A 218 41.20 -2.99 25.07
CA HIS A 218 42.07 -3.84 24.26
C HIS A 218 42.46 -3.13 22.96
N TYR A 219 42.10 -1.86 22.85
CA TYR A 219 42.40 -1.09 21.65
C TYR A 219 43.91 -0.93 21.50
N HIS A 220 44.35 -0.79 20.25
CA HIS A 220 45.75 -0.89 19.90
C HIS A 220 46.20 0.33 19.12
N ALA A 221 47.49 0.60 19.20
CA ALA A 221 48.13 1.67 18.45
C ALA A 221 49.43 1.15 17.85
N TYR A 222 49.90 1.82 16.82
CA TYR A 222 51.13 1.44 16.14
C TYR A 222 52.21 2.46 16.46
N LEU A 223 53.35 1.99 16.96
CA LEU A 223 54.45 2.84 17.38
C LEU A 223 55.67 2.55 16.55
N TYR A 224 56.28 3.60 15.99
CA TYR A 224 57.51 3.50 15.24
C TYR A 224 58.58 4.28 15.99
N LYS A 225 59.70 3.61 16.29
CA LYS A 225 60.86 4.27 16.88
C LYS A 225 61.92 4.39 15.79
N LEU A 226 62.20 5.62 15.38
CA LEU A 226 63.05 5.87 14.22
C LEU A 226 64.53 6.03 14.57
N HIS A 227 64.89 5.90 15.85
CA HIS A 227 66.30 5.94 16.25
C HIS A 227 66.60 4.92 17.34
N GLY A 228 65.83 3.85 17.41
CA GLY A 228 66.06 2.81 18.39
C GLY A 228 65.66 3.21 19.79
N SER A 229 66.00 2.35 20.74
CA SER A 229 65.70 2.58 22.14
C SER A 229 66.84 2.04 23.00
N LEU A 230 66.75 2.32 24.30
CA LEU A 230 67.80 1.91 25.22
C LEU A 230 67.81 0.42 25.49
N THR A 231 66.69 -0.27 25.27
CA THR A 231 66.56 -1.68 25.58
C THR A 231 66.62 -2.55 24.32
N TRP A 232 67.35 -2.10 23.31
CA TRP A 232 67.59 -2.89 22.10
C TRP A 232 69.09 -3.13 21.98
N TYR A 233 69.47 -4.40 21.80
CA TYR A 233 70.88 -4.73 21.62
C TYR A 233 71.00 -5.95 20.73
N GLN A 234 72.20 -6.14 20.19
CA GLN A 234 72.52 -7.27 19.34
C GLN A 234 73.53 -8.15 20.09
N ASN A 235 73.19 -9.41 20.29
CA ASN A 235 73.97 -10.31 21.14
C ASN A 235 75.02 -11.06 20.33
N ASP A 236 75.78 -10.29 19.55
CA ASP A 236 76.89 -10.77 18.73
C ASP A 236 76.55 -12.05 17.94
N SER A 237 75.26 -12.24 17.61
CA SER A 237 74.84 -13.40 16.85
C SER A 237 74.10 -13.00 15.57
N LEU A 238 74.37 -11.81 15.05
CA LEU A 238 73.81 -11.30 13.79
C LEU A 238 72.29 -11.13 13.85
N THR A 239 71.71 -11.06 15.04
CA THR A 239 70.28 -10.82 15.19
C THR A 239 70.05 -9.83 16.33
N VAL A 240 68.91 -9.16 16.28
CA VAL A 240 68.60 -8.13 17.25
C VAL A 240 67.69 -8.70 18.34
N ASN A 241 67.74 -8.09 19.51
CA ASN A 241 66.95 -8.52 20.66
C ASN A 241 66.58 -7.31 21.49
N GLU A 242 65.54 -7.46 22.31
CA GLU A 242 65.16 -6.45 23.27
C GLU A 242 64.91 -7.11 24.62
N VAL A 243 65.08 -6.33 25.68
CA VAL A 243 64.89 -6.79 27.06
C VAL A 243 64.08 -5.74 27.81
N SER A 244 63.74 -6.06 29.06
CA SER A 244 63.05 -5.12 29.93
C SER A 244 64.06 -4.18 30.60
N ALA A 245 63.53 -3.19 31.31
CA ALA A 245 64.39 -2.17 31.92
C ALA A 245 65.30 -2.76 32.99
N SER A 246 64.75 -3.63 33.85
CA SER A 246 65.56 -4.24 34.90
C SER A 246 66.65 -5.13 34.33
N GLN A 247 66.33 -5.92 33.31
CA GLN A 247 67.33 -6.78 32.69
C GLN A 247 68.45 -5.96 32.06
N ALA A 248 68.09 -4.88 31.36
CA ALA A 248 69.10 -4.01 30.76
C ALA A 248 69.97 -3.36 31.83
N TYR A 249 69.35 -2.93 32.93
CA TYR A 249 70.11 -2.30 34.01
C TYR A 249 71.09 -3.30 34.63
N ASP A 250 70.66 -4.54 34.81
CA ASP A 250 71.56 -5.55 35.36
C ASP A 250 72.64 -5.94 34.35
N GLU A 251 72.35 -5.82 33.06
CA GLU A 251 73.31 -6.26 32.05
C GLU A 251 74.39 -5.21 31.78
N TYR A 252 74.00 -4.03 31.32
CA TYR A 252 74.99 -3.06 30.84
C TYR A 252 74.77 -1.61 31.26
N ILE A 253 73.58 -1.24 31.71
CA ILE A 253 73.32 0.18 32.01
C ILE A 253 74.17 0.64 33.18
N ASN A 254 74.27 -0.17 34.23
CA ASN A 254 75.07 0.21 35.39
C ASN A 254 76.53 0.40 35.01
N ASP A 255 77.07 -0.51 34.20
CA ASP A 255 78.46 -0.40 33.78
C ASP A 255 78.69 0.83 32.92
N ILE A 256 77.76 1.13 32.01
CA ILE A 256 77.97 2.30 31.16
C ILE A 256 77.76 3.60 31.94
N ILE A 257 77.01 3.54 33.05
CA ILE A 257 76.72 4.76 33.80
C ILE A 257 77.82 5.08 34.79
N ASN A 258 78.13 4.15 35.69
CA ASN A 258 79.00 4.46 36.82
C ASN A 258 80.17 3.48 36.91
N LYS A 259 80.83 3.24 35.78
CA LYS A 259 82.04 2.42 35.80
C LYS A 259 83.14 2.97 34.90
N ASP A 260 82.93 4.13 34.29
CA ASP A 260 83.95 4.81 33.49
C ASP A 260 84.45 3.92 32.36
N ASP A 261 85.66 3.39 32.50
CA ASP A 261 86.35 2.67 31.41
C ASP A 261 85.65 1.34 31.19
N PHE A 262 84.64 1.34 30.32
CA PHE A 262 84.00 0.10 29.87
C PHE A 262 83.34 0.41 28.53
N TYR A 263 83.96 -0.04 27.44
CA TYR A 263 83.44 0.18 26.10
C TYR A 263 83.19 -1.15 25.41
N ARG A 264 81.98 -1.33 24.91
CA ARG A 264 81.63 -2.47 24.09
C ARG A 264 81.88 -2.14 22.62
N GLY A 265 81.40 -2.99 21.72
CA GLY A 265 81.48 -2.71 20.30
C GLY A 265 80.13 -2.37 19.72
N GLN A 266 79.75 -3.06 18.64
CA GLN A 266 78.45 -2.87 18.00
C GLN A 266 77.40 -3.59 18.84
N HIS A 267 76.99 -2.93 19.93
CA HIS A 267 76.09 -3.55 20.90
C HIS A 267 74.88 -2.67 21.19
N LEU A 268 75.05 -1.36 21.04
CA LEU A 268 74.04 -0.39 21.44
C LEU A 268 73.44 0.27 20.20
N ILE A 269 72.18 -0.04 19.91
CA ILE A 269 71.48 0.54 18.76
C ILE A 269 70.81 1.82 19.26
N TYR A 270 71.61 2.89 19.38
CA TYR A 270 71.13 4.25 19.55
C TYR A 270 72.28 5.24 19.56
N PRO A 271 72.11 6.44 19.00
CA PRO A 271 71.02 6.86 18.12
C PRO A 271 71.45 6.86 16.65
N GLY A 272 70.86 6.02 15.80
CA GLY A 272 71.19 5.97 14.39
C GLY A 272 72.67 6.00 14.09
N ALA A 273 73.44 5.13 14.73
CA ALA A 273 74.90 5.18 14.68
C ALA A 273 75.52 4.03 13.91
N ASN A 274 75.21 2.79 14.29
CA ASN A 274 75.83 1.61 13.68
C ASN A 274 75.17 1.31 12.33
N LYS A 275 75.35 2.25 11.40
CA LYS A 275 74.68 2.20 10.12
C LYS A 275 75.51 1.53 9.04
N TYR A 276 76.77 1.22 9.30
CA TYR A 276 77.65 0.63 8.30
C TYR A 276 77.71 -0.89 8.36
N SER A 277 76.91 -1.51 9.23
CA SER A 277 76.75 -2.96 9.27
C SER A 277 75.36 -3.31 8.76
N HIS A 278 75.28 -4.24 7.81
CA HIS A 278 74.01 -4.57 7.18
C HIS A 278 73.16 -5.53 7.99
N THR A 279 73.41 -5.66 9.29
CA THR A 279 72.53 -6.38 10.20
C THR A 279 71.76 -5.46 11.13
N ILE A 280 72.15 -4.19 11.22
CA ILE A 280 71.41 -3.20 11.99
C ILE A 280 70.64 -2.23 11.09
N GLY A 281 71.14 -1.92 9.89
CA GLY A 281 70.43 -1.03 8.99
C GLY A 281 69.09 -1.56 8.55
N PHE A 282 68.83 -2.86 8.76
CA PHE A 282 67.55 -3.46 8.40
C PHE A 282 66.39 -2.74 9.07
N VAL A 283 66.48 -2.54 10.39
CA VAL A 283 65.36 -1.95 11.12
C VAL A 283 65.17 -0.49 10.73
N TYR A 284 66.27 0.25 10.56
CA TYR A 284 66.15 1.65 10.15
C TYR A 284 65.50 1.75 8.78
N GLY A 285 65.91 0.89 7.83
CA GLY A 285 65.29 0.91 6.52
C GLY A 285 63.82 0.58 6.56
N GLU A 286 63.44 -0.43 7.34
CA GLU A 286 62.03 -0.79 7.45
C GLU A 286 61.21 0.36 8.01
N MET A 287 61.69 0.97 9.09
CA MET A 287 60.94 2.06 9.72
C MET A 287 60.81 3.25 8.79
N PHE A 288 61.90 3.62 8.10
CA PHE A 288 61.83 4.76 7.19
C PHE A 288 60.91 4.46 6.00
N ARG A 289 60.95 3.24 5.47
CA ARG A 289 60.05 2.88 4.38
C ARG A 289 58.60 2.98 4.81
N ARG A 290 58.29 2.49 6.02
CA ARG A 290 56.91 2.52 6.46
C ARG A 290 56.44 3.95 6.73
N PHE A 291 57.31 4.79 7.30
CA PHE A 291 56.94 6.18 7.51
C PHE A 291 56.68 6.89 6.18
N GLY A 292 57.55 6.65 5.19
CA GLY A 292 57.34 7.26 3.88
C GLY A 292 56.08 6.78 3.20
N GLU A 293 55.77 5.49 3.33
CA GLU A 293 54.58 4.94 2.70
C GLU A 293 53.31 5.44 3.36
N PHE A 294 53.33 5.66 4.68
CA PHE A 294 52.12 6.08 5.38
C PHE A 294 51.61 7.43 4.88
N ILE A 295 52.51 8.41 4.75
CA ILE A 295 52.10 9.79 4.49
C ILE A 295 51.83 10.00 3.01
N SER A 296 51.98 8.96 2.21
CA SER A 296 51.75 9.01 0.76
C SER A 296 50.39 8.47 0.37
N LYS A 297 49.38 8.70 1.21
CA LYS A 297 48.04 8.16 1.03
C LYS A 297 47.01 9.29 1.05
N PRO A 298 45.92 9.16 0.30
CA PRO A 298 44.86 10.17 0.37
C PRO A 298 44.20 10.20 1.74
N GLN A 299 43.58 11.34 2.04
CA GLN A 299 42.94 11.60 3.34
C GLN A 299 43.94 11.45 4.48
N THR A 300 44.93 12.33 4.49
CA THR A 300 46.02 12.28 5.45
C THR A 300 46.11 13.59 6.23
N ALA A 301 46.34 13.48 7.53
CA ALA A 301 46.60 14.61 8.40
C ALA A 301 47.88 14.34 9.19
N LEU A 302 48.61 15.41 9.48
CA LEU A 302 49.92 15.27 10.11
C LEU A 302 50.14 16.42 11.08
N PHE A 303 50.66 16.09 12.27
CA PHE A 303 51.01 17.08 13.29
C PHE A 303 52.48 16.95 13.63
N ILE A 304 53.18 18.09 13.70
CA ILE A 304 54.60 18.13 14.00
C ILE A 304 54.80 18.99 15.23
N ASN A 305 55.47 18.43 16.24
CA ASN A 305 55.71 19.13 17.50
C ASN A 305 57.04 18.66 18.07
N GLY A 306 57.79 19.60 18.65
CA GLY A 306 59.05 19.25 19.29
C GLY A 306 60.20 19.09 18.33
N PHE A 307 59.91 18.59 17.13
CA PHE A 307 60.95 18.39 16.13
C PHE A 307 61.51 19.73 15.67
N GLY A 308 62.83 19.83 15.63
CA GLY A 308 63.52 21.06 15.32
C GLY A 308 63.83 21.28 13.85
N PHE A 309 63.35 20.42 12.96
CA PHE A 309 63.53 20.53 11.52
C PHE A 309 65.01 20.55 11.12
N GLY A 310 65.87 19.96 11.94
CA GLY A 310 67.28 19.90 11.61
C GLY A 310 67.64 18.76 10.68
N ASP A 311 66.82 17.71 10.65
CA ASP A 311 67.09 16.56 9.79
C ASP A 311 66.98 16.97 8.32
N TYR A 312 67.75 16.28 7.48
CA TYR A 312 67.86 16.63 6.07
C TYR A 312 66.99 15.77 5.15
N HIS A 313 66.89 14.47 5.42
CA HIS A 313 66.11 13.59 4.56
C HIS A 313 64.64 13.50 4.95
N ILE A 314 64.26 14.05 6.10
CA ILE A 314 62.85 14.10 6.48
C ILE A 314 62.16 15.31 5.88
N ASN A 315 62.87 16.45 5.84
CA ASN A 315 62.29 17.66 5.27
C ASN A 315 61.97 17.47 3.80
N ARG A 316 62.84 16.78 3.05
CA ARG A 316 62.58 16.56 1.62
C ARG A 316 61.32 15.73 1.41
N ILE A 317 61.14 14.68 2.22
CA ILE A 317 59.93 13.87 2.11
C ILE A 317 58.70 14.69 2.45
N ILE A 318 58.78 15.49 3.50
CA ILE A 318 57.64 16.31 3.91
C ILE A 318 57.28 17.31 2.82
N LEU A 319 58.29 17.94 2.20
CA LEU A 319 58.05 18.90 1.14
C LEU A 319 57.52 18.25 -0.14
N GLY A 320 57.95 17.03 -0.44
CA GLY A 320 57.47 16.35 -1.63
C GLY A 320 56.11 15.70 -1.45
N ALA A 321 55.70 15.51 -0.20
CA ALA A 321 54.38 14.93 0.06
C ALA A 321 53.25 15.92 -0.19
N LEU A 322 53.55 17.22 -0.32
CA LEU A 322 52.52 18.23 -0.49
C LEU A 322 51.96 18.29 -1.90
N LEU A 323 52.54 17.56 -2.85
CA LEU A 323 51.99 17.55 -4.21
C LEU A 323 50.64 16.85 -4.26
N ASN A 324 50.34 16.03 -3.28
CA ASN A 324 49.03 15.40 -3.20
C ASN A 324 47.98 16.48 -2.92
N PRO A 325 46.86 16.50 -3.67
CA PRO A 325 45.82 17.50 -3.39
C PRO A 325 45.03 17.21 -2.11
N SER A 326 45.43 16.19 -1.35
CA SER A 326 44.71 15.81 -0.14
C SER A 326 45.70 15.54 1.00
N PHE A 327 46.67 16.44 1.18
CA PHE A 327 47.66 16.33 2.24
C PHE A 327 47.66 17.62 3.06
N HIS A 328 47.48 17.47 4.38
CA HIS A 328 47.42 18.59 5.29
C HIS A 328 48.42 18.41 6.42
N VAL A 329 49.09 19.49 6.81
CA VAL A 329 50.14 19.45 7.81
C VAL A 329 49.94 20.59 8.78
N VAL A 330 50.20 20.33 10.07
CA VAL A 330 50.20 21.33 11.11
C VAL A 330 51.58 21.30 11.78
N ILE A 331 52.21 22.47 11.89
CA ILE A 331 53.57 22.57 12.40
C ILE A 331 53.59 23.54 13.58
N TYR A 332 54.26 23.13 14.66
CA TYR A 332 54.53 24.00 15.79
C TYR A 332 55.99 24.43 15.77
N TYR A 333 56.25 25.66 16.18
CA TYR A 333 57.60 26.19 16.16
C TYR A 333 57.73 27.28 17.22
N PRO A 334 58.27 26.97 18.39
CA PRO A 334 58.23 27.93 19.51
C PRO A 334 58.89 29.27 19.22
N GLU A 335 60.01 29.30 18.50
CA GLU A 335 60.70 30.54 18.17
C GLU A 335 60.55 30.81 16.67
N LEU A 336 59.78 31.82 16.32
CA LEU A 336 59.52 32.12 14.91
C LEU A 336 59.79 33.56 14.55
N LYS A 337 59.51 34.50 15.45
CA LYS A 337 59.77 35.91 15.16
C LYS A 337 61.27 36.17 15.02
N GLU A 338 62.08 35.55 15.87
CA GLU A 338 63.53 35.70 15.77
C GLU A 338 64.04 35.13 14.45
N ALA A 339 63.50 33.97 14.05
CA ALA A 339 63.90 33.38 12.78
C ALA A 339 63.50 34.28 11.61
N ILE A 340 62.32 34.87 11.67
CA ILE A 340 61.87 35.77 10.61
C ILE A 340 62.80 36.98 10.52
N THR A 341 63.15 37.56 11.67
CA THR A 341 64.08 38.70 11.67
C THR A 341 65.44 38.29 11.10
N LYS A 342 65.93 37.11 11.49
CA LYS A 342 67.24 36.67 11.02
C LYS A 342 67.25 36.45 9.51
N VAL A 343 66.19 35.82 8.98
CA VAL A 343 66.16 35.59 7.53
C VAL A 343 65.92 36.90 6.79
N SER A 344 65.25 37.87 7.41
CA SER A 344 65.10 39.18 6.80
C SER A 344 66.44 39.91 6.72
N LYS A 345 67.23 39.86 7.80
CA LYS A 345 68.53 40.52 7.78
C LYS A 345 69.48 39.89 6.77
N GLY A 346 69.49 38.56 6.69
CA GLY A 346 70.35 37.88 5.75
C GLY A 346 71.05 36.66 6.31
N GLY A 347 70.90 36.41 7.60
CA GLY A 347 71.49 35.27 8.26
C GLY A 347 70.53 34.11 8.41
N GLY A 348 70.86 33.20 9.31
CA GLY A 348 70.03 32.05 9.61
C GLY A 348 70.69 30.74 9.23
N SER A 349 70.12 29.67 9.78
CA SER A 349 70.57 28.32 9.54
C SER A 349 69.63 27.62 8.56
N GLU A 350 69.78 26.30 8.42
CA GLU A 350 68.97 25.56 7.47
C GLU A 350 67.51 25.47 7.92
N ALA A 351 67.28 25.16 9.19
CA ALA A 351 65.92 24.93 9.67
C ALA A 351 65.09 26.21 9.60
N GLU A 352 65.67 27.35 9.99
CA GLU A 352 64.93 28.61 9.94
C GLU A 352 64.58 28.98 8.51
N LYS A 353 65.52 28.80 7.57
CA LYS A 353 65.22 29.08 6.18
C LYS A 353 64.11 28.18 5.66
N ALA A 354 64.15 26.89 6.03
CA ALA A 354 63.11 25.97 5.57
C ALA A 354 61.74 26.36 6.12
N ILE A 355 61.67 26.67 7.41
CA ILE A 355 60.37 27.00 8.00
C ILE A 355 59.84 28.32 7.46
N VAL A 356 60.73 29.29 7.21
CA VAL A 356 60.29 30.56 6.64
C VAL A 356 59.83 30.38 5.20
N THR A 357 60.52 29.53 4.44
CA THR A 357 60.10 29.23 3.07
C THR A 357 58.72 28.58 3.06
N LEU A 358 58.46 27.66 3.99
CA LEU A 358 57.14 27.06 4.09
C LEU A 358 56.08 28.09 4.48
N LYS A 359 56.39 28.96 5.44
CA LYS A 359 55.38 29.91 5.91
C LYS A 359 55.00 30.91 4.82
N ASN A 360 55.93 31.23 3.92
CA ASN A 360 55.72 32.26 2.91
C ASN A 360 55.16 31.71 1.61
N MET A 361 54.42 30.61 1.66
CA MET A 361 53.89 29.95 0.47
C MET A 361 52.38 30.01 0.46
N ALA A 362 51.81 30.21 -0.72
CA ALA A 362 50.36 30.35 -0.88
C ALA A 362 49.71 28.97 -1.01
N PHE A 363 49.77 28.22 0.09
CA PHE A 363 49.10 26.94 0.22
C PHE A 363 48.24 26.95 1.48
N ASN A 364 47.00 26.52 1.35
CA ASN A 364 46.09 26.44 2.49
C ASN A 364 46.27 25.15 3.27
N GLN A 365 47.16 24.26 2.84
CA GLN A 365 47.40 22.99 3.50
C GLN A 365 48.44 23.08 4.61
N VAL A 366 49.00 24.28 4.86
CA VAL A 366 50.07 24.46 5.82
C VAL A 366 49.61 25.45 6.89
N THR A 367 49.80 25.09 8.15
CA THR A 367 49.50 25.96 9.29
C THR A 367 50.72 26.01 10.20
N VAL A 368 51.06 27.22 10.64
CA VAL A 368 52.24 27.43 11.49
C VAL A 368 51.80 28.16 12.75
N VAL A 369 52.26 27.68 13.91
CA VAL A 369 52.01 28.30 15.20
C VAL A 369 53.36 28.66 15.82
N GLY A 370 53.52 29.93 16.18
CA GLY A 370 54.79 30.41 16.70
C GLY A 370 54.69 31.33 17.89
N GLY A 371 53.69 31.11 18.75
CA GLY A 371 53.44 32.02 19.86
C GLY A 371 54.33 31.83 21.08
N GLY A 372 55.62 31.63 20.86
CA GLY A 372 56.55 31.48 21.96
C GLY A 372 56.28 30.31 22.86
N SER A 373 55.84 30.58 24.10
CA SER A 373 55.51 29.53 25.05
C SER A 373 54.15 28.91 24.80
N LYS A 374 53.35 29.47 23.90
CA LYS A 374 52.04 28.92 23.58
C LYS A 374 52.10 27.78 22.58
N ALA A 375 53.30 27.36 22.19
CA ALA A 375 53.48 26.23 21.26
C ALA A 375 54.30 25.12 21.90
N TYR A 376 54.17 24.93 23.21
CA TYR A 376 54.86 23.84 23.90
C TYR A 376 54.07 22.55 23.75
N PHE A 377 54.49 21.50 24.46
CA PHE A 377 53.83 20.20 24.33
C PHE A 377 52.47 20.20 25.02
N ASN A 378 52.37 20.80 26.21
CA ASN A 378 51.12 20.78 26.95
C ASN A 378 50.02 21.54 26.22
N SER A 379 50.38 22.64 25.54
CA SER A 379 49.39 23.38 24.76
C SER A 379 48.83 22.54 23.62
N PHE A 380 49.66 21.69 23.03
CA PHE A 380 49.20 20.84 21.93
C PHE A 380 48.12 19.88 22.42
N VAL A 381 48.28 19.32 23.63
CA VAL A 381 47.32 18.36 24.13
C VAL A 381 45.96 19.00 24.35
N GLU A 382 45.94 20.21 24.90
CA GLU A 382 44.68 20.85 25.28
C GLU A 382 43.84 21.27 24.07
N HIS A 383 44.39 21.26 22.87
CA HIS A 383 43.65 21.63 21.67
C HIS A 383 42.84 20.47 21.09
N LEU A 384 42.99 19.27 21.64
CA LEU A 384 42.23 18.13 21.13
C LEU A 384 41.00 17.88 22.00
N PRO A 385 39.86 17.55 21.40
CA PRO A 385 38.60 17.51 22.14
C PRO A 385 38.26 16.15 22.72
N TYR A 386 37.70 16.17 23.93
CA TYR A 386 37.08 15.00 24.53
C TYR A 386 35.72 14.73 23.89
N PRO A 387 35.35 13.47 23.67
CA PRO A 387 33.97 13.16 23.30
C PRO A 387 33.01 13.53 24.42
N VAL A 388 31.77 13.84 24.04
CA VAL A 388 30.77 14.26 25.02
C VAL A 388 30.39 13.11 25.93
N LEU A 389 30.38 11.88 25.41
CA LEU A 389 29.94 10.73 26.17
C LEU A 389 31.09 9.98 26.85
N PHE A 390 32.31 10.46 26.70
CA PHE A 390 33.46 9.78 27.30
C PHE A 390 33.44 9.95 28.82
N PRO A 391 33.47 8.86 29.59
CA PRO A 391 33.49 8.98 31.05
C PRO A 391 34.77 9.62 31.57
N ARG A 392 34.65 10.79 32.21
CA ARG A 392 35.79 11.55 32.68
C ARG A 392 36.04 11.42 34.17
N ASP A 393 34.98 11.31 34.97
CA ASP A 393 35.13 11.27 36.43
C ASP A 393 35.82 9.98 36.87
N ASN A 394 36.53 10.07 38.00
CA ASN A 394 37.28 8.93 38.54
C ASN A 394 36.46 8.24 39.62
N ILE A 395 36.17 6.96 39.41
CA ILE A 395 35.41 6.17 40.38
C ILE A 395 36.09 4.85 40.75
N VAL A 396 36.97 4.31 39.90
CA VAL A 396 37.57 3.00 40.17
C VAL A 396 38.49 3.06 41.37
N ASP A 397 39.18 4.18 41.57
CA ASP A 397 40.18 4.27 42.64
C ASP A 397 39.55 4.07 44.01
N GLU A 398 38.37 4.65 44.24
CA GLU A 398 37.70 4.47 45.51
C GLU A 398 37.35 3.00 45.75
N LEU A 399 36.86 2.32 44.72
CA LEU A 399 36.55 0.90 44.86
C LEU A 399 37.80 0.08 45.15
N VAL A 400 38.91 0.40 44.48
CA VAL A 400 40.14 -0.34 44.70
C VAL A 400 40.64 -0.14 46.13
N GLU A 401 40.59 1.10 46.61
CA GLU A 401 41.00 1.36 48.00
C GLU A 401 40.10 0.63 48.99
N ALA A 402 38.79 0.64 48.75
CA ALA A 402 37.87 -0.06 49.65
C ALA A 402 38.13 -1.56 49.64
N ILE A 403 38.42 -2.12 48.47
CA ILE A 403 38.74 -3.55 48.38
C ILE A 403 40.02 -3.86 49.15
N ALA A 404 41.04 -3.01 48.98
CA ALA A 404 42.31 -3.23 49.67
C ALA A 404 42.18 -3.05 51.17
N ASN A 405 41.19 -2.28 51.63
CA ASN A 405 41.03 -2.05 53.06
C ASN A 405 40.70 -3.33 53.81
N LEU A 406 40.09 -4.29 53.13
CA LEU A 406 39.76 -5.57 53.74
C LEU A 406 41.03 -6.37 54.03
N SER A 407 40.84 -7.52 54.68
CA SER A 407 41.95 -8.40 55.07
C SER A 407 42.90 -7.68 56.02
N SER B 2 67.00 -37.09 -3.78
CA SER B 2 67.49 -35.72 -3.87
C SER B 2 66.35 -34.72 -3.86
N ILE B 3 65.16 -35.20 -3.49
CA ILE B 3 63.97 -34.35 -3.40
C ILE B 3 63.39 -34.51 -2.00
N TYR B 4 63.30 -33.42 -1.25
CA TYR B 4 62.78 -33.41 0.11
C TYR B 4 61.50 -32.60 0.18
N GLN B 5 60.62 -32.99 1.10
CA GLN B 5 59.40 -32.23 1.36
C GLN B 5 59.12 -32.36 2.85
N GLY B 6 59.49 -31.34 3.62
CA GLY B 6 59.32 -31.38 5.07
C GLY B 6 60.17 -32.42 5.76
N GLY B 7 61.43 -32.57 5.38
CA GLY B 7 62.33 -33.49 6.04
C GLY B 7 62.17 -34.94 5.67
N ASN B 8 61.44 -35.25 4.60
CA ASN B 8 61.20 -36.61 4.15
C ASN B 8 61.73 -36.78 2.72
N LYS B 9 61.48 -37.96 2.16
CA LYS B 9 61.92 -38.30 0.82
C LYS B 9 60.71 -38.37 -0.11
N LEU B 10 60.80 -37.69 -1.25
CA LEU B 10 59.72 -37.63 -2.22
C LEU B 10 60.23 -38.13 -3.57
N ASN B 11 59.46 -39.01 -4.20
CA ASN B 11 59.85 -39.58 -5.48
C ASN B 11 59.57 -38.59 -6.61
N GLU B 12 60.15 -38.90 -7.78
CA GLU B 12 60.01 -38.01 -8.94
C GLU B 12 58.67 -38.14 -9.64
N ASP B 13 57.89 -39.17 -9.33
CA ASP B 13 56.57 -39.30 -9.93
C ASP B 13 55.56 -38.31 -9.34
N ASP B 14 55.82 -37.78 -8.15
CA ASP B 14 54.92 -36.81 -7.53
C ASP B 14 55.43 -35.38 -7.62
N PHE B 15 56.71 -35.18 -7.90
CA PHE B 15 57.23 -33.82 -8.10
C PHE B 15 56.58 -33.17 -9.32
N ARG B 16 56.37 -33.94 -10.38
CA ARG B 16 55.74 -33.39 -11.58
C ARG B 16 54.30 -32.96 -11.29
N SER B 17 53.55 -33.80 -10.56
CA SER B 17 52.19 -33.43 -10.18
C SER B 17 52.18 -32.21 -9.27
N HIS B 18 53.14 -32.12 -8.35
CA HIS B 18 53.25 -30.96 -7.48
C HIS B 18 53.48 -29.69 -8.28
N VAL B 19 54.39 -29.74 -9.26
CA VAL B 19 54.67 -28.57 -10.08
C VAL B 19 53.46 -28.20 -10.94
N TYR B 20 52.78 -29.21 -11.50
CA TYR B 20 51.59 -28.95 -12.29
C TYR B 20 50.51 -28.26 -11.47
N SER B 21 50.29 -28.73 -10.23
CA SER B 21 49.32 -28.09 -9.36
C SER B 21 49.75 -26.68 -8.98
N LEU B 22 51.04 -26.49 -8.71
CA LEU B 22 51.53 -25.17 -8.30
C LEU B 22 51.39 -24.15 -9.43
N CYS B 23 51.58 -24.58 -10.67
CA CYS B 23 51.50 -23.63 -11.78
C CYS B 23 50.07 -23.17 -12.10
N GLN B 24 49.05 -23.52 -11.31
CA GLN B 24 47.69 -23.07 -11.57
C GLN B 24 47.19 -22.04 -10.54
N LEU B 25 48.04 -21.63 -9.59
CA LEU B 25 47.61 -20.68 -8.57
C LEU B 25 47.46 -19.29 -9.17
N ASP B 26 46.88 -18.39 -8.36
CA ASP B 26 46.61 -17.04 -8.85
C ASP B 26 47.90 -16.25 -9.03
N ASN B 27 48.87 -16.43 -8.15
CA ASN B 27 50.12 -15.69 -8.16
C ASN B 27 51.28 -16.62 -8.49
N VAL B 28 52.04 -16.30 -9.52
CA VAL B 28 53.19 -17.08 -9.96
C VAL B 28 54.37 -16.14 -10.14
N GLY B 29 55.49 -16.44 -9.47
CA GLY B 29 56.67 -15.62 -9.58
C GLY B 29 57.92 -16.48 -9.68
N VAL B 30 58.98 -15.86 -10.19
CA VAL B 30 60.26 -16.52 -10.42
C VAL B 30 61.38 -15.62 -9.96
N LEU B 31 62.35 -16.19 -9.25
CA LEU B 31 63.54 -15.48 -8.80
C LEU B 31 64.78 -16.11 -9.44
N LEU B 32 65.66 -15.26 -9.97
CA LEU B 32 66.85 -15.72 -10.67
C LEU B 32 68.09 -15.07 -10.06
N GLY B 33 69.20 -15.80 -10.10
CA GLY B 33 70.46 -15.30 -9.59
C GLY B 33 71.51 -15.14 -10.67
N ALA B 34 72.79 -15.17 -10.28
CA ALA B 34 73.87 -15.01 -11.24
C ALA B 34 74.21 -16.28 -11.98
N GLY B 35 73.71 -17.44 -11.54
CA GLY B 35 74.02 -18.69 -12.19
C GLY B 35 73.28 -18.97 -13.48
N ALA B 36 72.21 -18.23 -13.76
CA ALA B 36 71.46 -18.43 -14.98
C ALA B 36 72.15 -17.86 -16.21
N SER B 37 73.19 -17.05 -16.02
CA SER B 37 73.95 -16.49 -17.12
C SER B 37 75.15 -17.35 -17.51
N VAL B 38 75.41 -18.43 -16.77
CA VAL B 38 76.57 -19.27 -17.05
C VAL B 38 76.43 -19.93 -18.42
N GLY B 39 75.25 -20.45 -18.73
CA GLY B 39 75.02 -21.08 -20.02
C GLY B 39 75.04 -20.11 -21.18
N CYS B 40 74.80 -18.82 -20.92
CA CYS B 40 74.79 -17.82 -21.98
C CYS B 40 76.16 -17.22 -22.24
N GLY B 41 77.05 -17.26 -21.25
CA GLY B 41 78.38 -16.70 -21.40
C GLY B 41 78.80 -15.83 -20.23
N GLY B 42 78.01 -15.88 -19.15
CA GLY B 42 78.33 -15.11 -17.97
C GLY B 42 79.40 -15.75 -17.12
N LYS B 43 79.78 -15.02 -16.06
CA LYS B 43 80.84 -15.44 -15.15
C LYS B 43 80.31 -15.45 -13.73
N THR B 44 80.59 -16.54 -13.01
CA THR B 44 80.29 -16.60 -11.59
C THR B 44 81.21 -15.64 -10.84
N MET B 45 80.78 -15.22 -9.65
CA MET B 45 81.52 -14.20 -8.90
C MET B 45 82.95 -14.64 -8.60
N LYS B 46 83.21 -15.95 -8.56
CA LYS B 46 84.56 -16.41 -8.29
C LYS B 46 85.52 -16.01 -9.41
N ASP B 47 85.07 -16.07 -10.67
CA ASP B 47 85.96 -15.79 -11.79
C ASP B 47 86.46 -14.35 -11.77
N VAL B 48 85.70 -13.45 -11.16
CA VAL B 48 86.14 -12.06 -11.05
C VAL B 48 87.43 -11.96 -10.22
N TRP B 49 87.48 -12.69 -9.10
CA TRP B 49 88.67 -12.64 -8.25
C TRP B 49 89.87 -13.26 -8.97
N LYS B 50 89.67 -14.37 -9.69
CA LYS B 50 90.77 -14.96 -10.44
C LYS B 50 91.28 -14.01 -11.52
N SER B 51 90.36 -13.33 -12.22
CA SER B 51 90.77 -12.39 -13.25
C SER B 51 91.54 -11.22 -12.65
N PHE B 52 91.09 -10.71 -11.50
CA PHE B 52 91.81 -9.64 -10.84
C PHE B 52 93.19 -10.11 -10.38
N LYS B 53 93.28 -11.34 -9.89
CA LYS B 53 94.58 -11.89 -9.48
C LYS B 53 95.54 -11.99 -10.66
N GLN B 54 95.04 -12.46 -11.80
CA GLN B 54 95.88 -12.65 -12.98
C GLN B 54 96.05 -11.39 -13.80
N ASN B 55 95.41 -10.29 -13.43
CA ASN B 55 95.49 -9.04 -14.18
C ASN B 55 96.38 -7.99 -13.55
N TYR B 56 96.20 -7.72 -12.27
CA TYR B 56 96.95 -6.66 -11.58
C TYR B 56 97.75 -7.26 -10.44
N PRO B 57 99.06 -7.48 -10.63
CA PRO B 57 99.86 -8.11 -9.57
C PRO B 57 100.43 -7.11 -8.57
N GLU B 58 100.58 -5.85 -8.98
CA GLU B 58 101.23 -4.86 -8.12
C GLU B 58 100.34 -4.49 -6.94
N LEU B 59 99.07 -4.20 -7.19
CA LEU B 59 98.19 -3.72 -6.13
C LEU B 59 97.88 -4.80 -5.10
N LEU B 60 97.85 -6.07 -5.52
CA LEU B 60 97.50 -7.15 -4.61
C LEU B 60 98.50 -7.26 -3.46
N GLY B 61 99.80 -7.14 -3.77
CA GLY B 61 100.80 -7.21 -2.72
C GLY B 61 100.67 -6.08 -1.72
N ALA B 62 100.41 -4.86 -2.20
CA ALA B 62 100.21 -3.73 -1.30
C ALA B 62 98.99 -3.95 -0.42
N LEU B 63 97.90 -4.46 -1.00
CA LEU B 63 96.70 -4.76 -0.21
C LEU B 63 96.98 -5.80 0.86
N ILE B 64 97.74 -6.84 0.51
CA ILE B 64 97.99 -7.92 1.46
C ILE B 64 98.91 -7.44 2.59
N ASP B 65 99.97 -6.69 2.25
CA ASP B 65 101.00 -6.36 3.24
C ASP B 65 100.73 -5.05 3.96
N LYS B 66 100.63 -3.95 3.21
CA LYS B 66 100.61 -2.63 3.83
C LYS B 66 99.36 -2.40 4.67
N TYR B 67 98.20 -2.85 4.19
CA TYR B 67 96.93 -2.54 4.83
C TYR B 67 96.31 -3.71 5.58
N LEU B 68 96.70 -4.94 5.28
CA LEU B 68 96.23 -6.13 6.00
C LEU B 68 94.71 -6.24 5.96
N LEU B 69 94.19 -6.40 4.74
CA LEU B 69 92.75 -6.54 4.52
C LEU B 69 92.32 -7.98 4.29
N VAL B 70 93.09 -8.74 3.51
CA VAL B 70 92.70 -10.08 3.09
C VAL B 70 93.78 -11.06 3.56
N SER B 71 93.34 -12.16 4.18
CA SER B 71 94.27 -13.17 4.66
C SER B 71 95.01 -13.81 3.50
N GLN B 72 96.28 -14.15 3.72
CA GLN B 72 97.10 -14.74 2.67
C GLN B 72 96.57 -16.10 2.24
N ILE B 73 96.07 -16.90 3.19
CA ILE B 73 95.59 -18.24 2.86
C ILE B 73 94.41 -18.17 1.91
N ASP B 74 93.47 -17.26 2.18
CA ASP B 74 92.26 -17.19 1.35
C ASP B 74 92.57 -16.69 -0.06
N SER B 75 93.65 -15.92 -0.23
CA SER B 75 93.98 -15.42 -1.55
C SER B 75 94.33 -16.54 -2.52
N ASP B 76 95.11 -17.52 -2.06
CA ASP B 76 95.48 -18.63 -2.93
C ASP B 76 94.32 -19.60 -3.12
N ASN B 77 93.44 -19.73 -2.13
CA ASN B 77 92.30 -20.64 -2.20
C ASN B 77 91.14 -20.04 -2.99
N ASN B 78 91.19 -18.76 -3.34
CA ASN B 78 90.17 -18.10 -4.15
C ASN B 78 88.80 -18.17 -3.47
N LEU B 79 88.73 -17.57 -2.28
CA LEU B 79 87.48 -17.49 -1.52
C LEU B 79 87.19 -16.06 -1.06
N VAL B 80 87.75 -15.06 -1.73
CA VAL B 80 87.59 -13.66 -1.34
C VAL B 80 86.24 -13.15 -1.83
N ASN B 81 85.50 -12.53 -0.93
CA ASN B 81 84.21 -11.93 -1.28
C ASN B 81 84.43 -10.48 -1.72
N VAL B 82 83.96 -10.17 -2.93
CA VAL B 82 84.22 -8.86 -3.52
C VAL B 82 83.48 -7.75 -2.79
N GLU B 83 82.26 -8.02 -2.34
CA GLU B 83 81.44 -6.97 -1.72
C GLU B 83 82.09 -6.44 -0.45
N LEU B 84 82.64 -7.33 0.37
CA LEU B 84 83.31 -6.88 1.59
C LEU B 84 84.52 -6.01 1.26
N LEU B 85 85.29 -6.41 0.23
CA LEU B 85 86.44 -5.61 -0.17
C LEU B 85 86.02 -4.23 -0.66
N ILE B 86 84.93 -4.16 -1.43
CA ILE B 86 84.46 -2.86 -1.92
C ILE B 86 84.01 -1.98 -0.77
N ASP B 87 83.27 -2.56 0.18
CA ASP B 87 82.81 -1.79 1.33
C ASP B 87 83.97 -1.28 2.16
N GLU B 88 84.97 -2.14 2.40
CA GLU B 88 86.15 -1.73 3.15
C GLU B 88 86.90 -0.62 2.43
N ALA B 89 87.03 -0.74 1.10
CA ALA B 89 87.71 0.30 0.34
C ALA B 89 86.97 1.63 0.43
N THR B 90 85.64 1.60 0.35
CA THR B 90 84.87 2.84 0.47
C THR B 90 85.04 3.46 1.85
N LYS B 91 85.00 2.64 2.91
CA LYS B 91 85.19 3.15 4.26
C LYS B 91 86.57 3.76 4.44
N PHE B 92 87.60 3.07 3.92
CA PHE B 92 88.96 3.60 4.01
C PHE B 92 89.07 4.92 3.26
N LEU B 93 88.46 5.01 2.08
CA LEU B 93 88.51 6.24 1.30
C LEU B 93 87.85 7.39 2.04
N SER B 94 86.69 7.13 2.67
CA SER B 94 86.02 8.19 3.42
C SER B 94 86.87 8.64 4.60
N VAL B 95 87.47 7.69 5.32
CA VAL B 95 88.31 8.05 6.46
C VAL B 95 89.51 8.88 6.00
N ALA B 96 90.14 8.48 4.89
CA ALA B 96 91.29 9.23 4.39
C ALA B 96 90.89 10.62 3.93
N LYS B 97 89.74 10.75 3.27
CA LYS B 97 89.32 12.03 2.72
C LYS B 97 88.94 13.01 3.82
N THR B 98 88.26 12.54 4.87
CA THR B 98 87.80 13.47 5.89
C THR B 98 88.94 14.08 6.71
N ARG B 99 90.16 13.56 6.60
CA ARG B 99 91.30 14.07 7.36
C ARG B 99 92.35 14.73 6.49
N ARG B 100 92.08 14.90 5.19
CA ARG B 100 93.01 15.51 4.24
C ARG B 100 94.33 14.75 4.20
N CYS B 101 94.24 13.48 3.82
CA CYS B 101 95.40 12.61 3.62
C CYS B 101 95.63 12.50 2.12
N GLU B 102 96.58 13.30 1.61
CA GLU B 102 96.74 13.43 0.16
C GLU B 102 97.25 12.13 -0.47
N ASP B 103 98.24 11.48 0.15
CA ASP B 103 98.91 10.36 -0.49
C ASP B 103 98.06 9.08 -0.51
N GLU B 104 97.18 8.88 0.45
CA GLU B 104 96.39 7.66 0.55
C GLU B 104 95.03 7.77 -0.14
N GLU B 105 94.95 8.56 -1.22
CA GLU B 105 93.72 8.69 -2.00
C GLU B 105 93.80 8.00 -3.35
N GLU B 106 94.84 8.31 -4.13
CA GLU B 106 94.95 7.77 -5.49
C GLU B 106 95.07 6.25 -5.49
N GLU B 107 95.70 5.67 -4.46
CA GLU B 107 95.80 4.22 -4.38
C GLU B 107 94.42 3.57 -4.33
N PHE B 108 93.56 4.05 -3.44
CA PHE B 108 92.23 3.48 -3.33
C PHE B 108 91.36 3.84 -4.53
N ARG B 109 91.58 5.02 -5.13
CA ARG B 109 90.87 5.36 -6.35
C ARG B 109 91.17 4.36 -7.45
N LYS B 110 92.45 4.03 -7.64
CA LYS B 110 92.82 3.06 -8.66
C LYS B 110 92.30 1.67 -8.31
N ILE B 111 92.32 1.31 -7.02
CA ILE B 111 91.79 0.02 -6.60
C ILE B 111 90.32 -0.10 -6.98
N LEU B 112 89.53 0.92 -6.64
CA LEU B 112 88.10 0.90 -6.96
C LEU B 112 87.86 0.92 -8.47
N SER B 113 88.66 1.69 -9.21
CA SER B 113 88.50 1.76 -10.65
C SER B 113 88.73 0.39 -11.28
N SER B 114 89.81 -0.29 -10.88
CA SER B 114 90.07 -1.62 -11.43
C SER B 114 88.98 -2.60 -11.04
N LEU B 115 88.53 -2.55 -9.78
CA LEU B 115 87.50 -3.48 -9.31
C LEU B 115 86.20 -3.27 -10.09
N TYR B 116 85.83 -2.02 -10.35
CA TYR B 116 84.63 -1.75 -11.14
C TYR B 116 84.80 -2.17 -12.58
N LYS B 117 86.00 -1.95 -13.16
CA LYS B 117 86.21 -2.29 -14.56
C LYS B 117 86.14 -3.79 -14.78
N GLU B 118 86.65 -4.58 -13.84
CA GLU B 118 86.63 -6.03 -14.02
C GLU B 118 85.20 -6.58 -14.06
N VAL B 119 84.32 -6.06 -13.19
CA VAL B 119 82.98 -6.63 -13.07
C VAL B 119 82.16 -6.39 -14.33
N THR B 120 82.26 -5.19 -14.91
CA THR B 120 81.36 -4.83 -16.00
C THR B 120 81.61 -5.66 -17.25
N LYS B 121 82.81 -6.22 -17.41
CA LYS B 121 83.09 -7.04 -18.59
C LYS B 121 82.37 -8.37 -18.56
N ALA B 122 82.09 -8.91 -17.36
CA ALA B 122 81.49 -10.23 -17.25
C ALA B 122 79.98 -10.22 -17.47
N ALA B 123 79.36 -9.05 -17.57
CA ALA B 123 77.93 -8.94 -17.80
C ALA B 123 77.58 -8.62 -19.25
N LEU B 124 78.58 -8.46 -20.12
CA LEU B 124 78.29 -8.16 -21.51
C LEU B 124 77.69 -9.36 -22.23
N LEU B 125 78.15 -10.56 -21.90
CA LEU B 125 77.60 -11.82 -22.39
C LEU B 125 77.87 -12.06 -23.87
N THR B 126 78.43 -11.08 -24.57
CA THR B 126 78.75 -11.25 -25.98
C THR B 126 80.08 -10.62 -26.39
N GLY B 127 80.59 -9.67 -25.61
CA GLY B 127 81.84 -9.02 -25.96
C GLY B 127 81.68 -7.80 -26.85
N GLU B 128 82.19 -7.88 -28.08
CA GLU B 128 82.19 -6.74 -28.99
C GLU B 128 80.89 -6.59 -29.76
N GLN B 129 80.03 -7.60 -29.80
CA GLN B 129 78.76 -7.51 -30.52
C GLN B 129 77.65 -6.94 -29.64
N PHE B 130 78.00 -6.17 -28.61
CA PHE B 130 77.03 -5.53 -27.74
C PHE B 130 76.24 -4.43 -28.43
N ARG B 131 76.67 -3.98 -29.61
CA ARG B 131 76.08 -2.84 -30.27
C ARG B 131 75.26 -3.20 -31.51
N GLU B 132 75.01 -4.49 -31.73
CA GLU B 132 74.25 -4.93 -32.90
C GLU B 132 72.79 -5.18 -32.52
N LYS B 133 72.03 -5.72 -33.47
CA LYS B 133 70.62 -5.95 -33.32
C LYS B 133 70.31 -7.44 -33.53
N ASN B 134 69.13 -7.84 -33.07
CA ASN B 134 68.66 -9.23 -33.18
C ASN B 134 69.60 -10.20 -32.46
N GLN B 135 70.05 -9.81 -31.26
CA GLN B 135 70.91 -10.69 -30.49
C GLN B 135 70.16 -11.90 -29.93
N GLY B 136 68.84 -11.83 -29.88
CA GLY B 136 68.04 -12.95 -29.41
C GLY B 136 67.83 -14.04 -30.43
N LYS B 137 68.32 -13.86 -31.65
CA LYS B 137 68.19 -14.88 -32.69
C LYS B 137 69.24 -15.97 -32.57
N LYS B 138 70.21 -15.82 -31.69
CA LYS B 138 71.23 -16.84 -31.49
C LYS B 138 70.67 -18.00 -30.67
N ASP B 139 71.46 -19.07 -30.58
CA ASP B 139 71.03 -20.31 -29.94
C ASP B 139 71.34 -20.37 -28.45
N ALA B 140 71.93 -19.31 -27.88
CA ALA B 140 72.26 -19.31 -26.47
C ALA B 140 71.10 -18.94 -25.57
N PHE B 141 70.00 -18.41 -26.12
CA PHE B 141 68.87 -17.94 -25.33
C PHE B 141 67.62 -18.78 -25.59
N LYS B 142 67.80 -20.04 -25.99
CA LYS B 142 66.65 -20.90 -26.30
C LYS B 142 65.82 -21.19 -25.05
N TYR B 143 66.50 -21.54 -23.95
CA TYR B 143 65.78 -21.90 -22.73
C TYR B 143 65.12 -20.68 -22.08
N HIS B 144 65.67 -19.48 -22.29
CA HIS B 144 65.02 -18.28 -21.79
C HIS B 144 63.67 -18.08 -22.47
N LYS B 145 63.64 -18.23 -23.79
CA LYS B 145 62.39 -18.11 -24.53
C LYS B 145 61.41 -19.22 -24.12
N GLU B 146 61.92 -20.44 -23.91
CA GLU B 146 61.08 -21.52 -23.44
C GLU B 146 60.47 -21.18 -22.07
N LEU B 147 61.28 -20.61 -21.18
CA LEU B 147 60.79 -20.22 -19.86
C LEU B 147 59.68 -19.19 -19.97
N ILE B 148 59.88 -18.16 -20.78
CA ILE B 148 58.87 -17.11 -20.92
C ILE B 148 57.58 -17.69 -21.49
N SER B 149 57.70 -18.50 -22.54
CA SER B 149 56.51 -19.05 -23.18
C SER B 149 55.74 -19.96 -22.24
N LYS B 150 56.44 -20.83 -21.51
CA LYS B 150 55.78 -21.75 -20.59
C LYS B 150 55.14 -21.00 -19.43
N LEU B 151 55.80 -19.95 -18.94
CA LEU B 151 55.24 -19.18 -17.84
C LEU B 151 53.97 -18.44 -18.27
N ILE B 152 53.98 -17.82 -19.45
CA ILE B 152 52.85 -17.01 -19.87
C ILE B 152 51.69 -17.88 -20.34
N SER B 153 51.96 -18.91 -21.14
CA SER B 153 50.89 -19.66 -21.77
C SER B 153 50.02 -20.42 -20.79
N ASN B 154 50.52 -20.69 -19.58
CA ASN B 154 49.75 -21.43 -18.58
C ASN B 154 48.94 -20.49 -17.68
N ARG B 155 48.16 -19.62 -18.32
CA ARG B 155 47.33 -18.65 -17.60
C ARG B 155 45.93 -18.64 -18.19
N GLN B 156 44.96 -18.27 -17.36
CA GLN B 156 43.56 -18.21 -17.74
C GLN B 156 43.06 -16.77 -17.65
N PRO B 157 42.02 -16.42 -18.40
CA PRO B 157 41.51 -15.05 -18.35
C PRO B 157 41.03 -14.68 -16.95
N GLY B 158 41.22 -13.41 -16.58
CA GLY B 158 40.87 -12.93 -15.27
C GLY B 158 41.94 -13.12 -14.22
N GLN B 159 43.09 -13.66 -14.57
CA GLN B 159 44.18 -13.88 -13.64
C GLN B 159 45.26 -12.82 -13.84
N SER B 160 46.30 -12.89 -13.01
CA SER B 160 47.34 -11.87 -12.99
C SER B 160 48.52 -12.29 -13.86
N ALA B 161 49.13 -11.30 -14.51
CA ALA B 161 50.30 -11.57 -15.33
C ALA B 161 51.48 -11.97 -14.45
N PRO B 162 52.39 -12.79 -14.97
CA PRO B 162 53.51 -13.27 -14.15
C PRO B 162 54.49 -12.16 -13.81
N ALA B 163 55.19 -12.35 -12.69
CA ALA B 163 56.21 -11.43 -12.22
C ALA B 163 57.57 -12.12 -12.26
N ILE B 164 58.59 -11.39 -12.69
CA ILE B 164 59.93 -11.92 -12.86
C ILE B 164 60.88 -11.07 -12.04
N PHE B 165 61.54 -11.69 -11.06
CA PHE B 165 62.55 -11.02 -10.24
C PHE B 165 63.94 -11.45 -10.68
N THR B 166 64.91 -10.56 -10.49
CA THR B 166 66.27 -10.86 -10.90
C THR B 166 67.24 -9.97 -10.12
N THR B 167 68.51 -10.37 -10.14
CA THR B 167 69.57 -9.64 -9.45
C THR B 167 70.84 -9.56 -10.30
N ASN B 168 70.68 -9.52 -11.61
CA ASN B 168 71.81 -9.50 -12.54
C ASN B 168 71.85 -8.18 -13.29
N TYR B 169 72.88 -8.01 -14.12
CA TYR B 169 73.07 -6.82 -14.92
C TYR B 169 72.84 -7.04 -16.41
N ASP B 170 72.85 -8.29 -16.86
CA ASP B 170 72.81 -8.58 -18.29
C ASP B 170 71.43 -8.26 -18.87
N LEU B 171 71.37 -8.27 -20.20
CA LEU B 171 70.16 -7.97 -20.96
C LEU B 171 69.62 -9.21 -21.67
N ALA B 172 69.76 -10.38 -21.03
CA ALA B 172 69.34 -11.63 -21.67
C ALA B 172 67.82 -11.71 -21.81
N LEU B 173 67.10 -11.45 -20.71
CA LEU B 173 65.64 -11.57 -20.75
C LEU B 173 65.02 -10.56 -21.69
N GLU B 174 65.57 -9.33 -21.73
CA GLU B 174 65.04 -8.33 -22.65
C GLU B 174 65.18 -8.77 -24.10
N TRP B 175 66.35 -9.30 -24.47
CA TRP B 175 66.55 -9.79 -25.82
C TRP B 175 65.61 -10.96 -26.13
N ALA B 176 65.47 -11.89 -25.19
CA ALA B 176 64.62 -13.05 -25.42
C ALA B 176 63.17 -12.64 -25.59
N ALA B 177 62.70 -11.68 -24.79
CA ALA B 177 61.31 -11.24 -24.89
C ALA B 177 61.07 -10.42 -26.15
N GLU B 178 62.05 -9.61 -26.55
CA GLU B 178 61.91 -8.84 -27.77
C GLU B 178 61.93 -9.71 -29.01
N ASP B 179 62.61 -10.86 -28.95
CA ASP B 179 62.63 -11.76 -30.09
C ASP B 179 61.24 -12.31 -30.38
N LEU B 180 60.52 -12.74 -29.35
CA LEU B 180 59.20 -13.33 -29.54
C LEU B 180 58.12 -12.28 -29.81
N GLY B 181 58.25 -11.09 -29.22
CA GLY B 181 57.25 -10.05 -29.35
C GLY B 181 56.55 -9.69 -28.05
N ILE B 182 56.84 -10.41 -26.96
CA ILE B 182 56.23 -10.09 -25.67
C ILE B 182 56.75 -8.75 -25.17
N GLN B 183 55.87 -7.97 -24.55
CA GLN B 183 56.20 -6.65 -24.04
C GLN B 183 56.45 -6.71 -22.54
N LEU B 184 57.51 -6.06 -22.08
CA LEU B 184 57.90 -6.07 -20.68
C LEU B 184 57.74 -4.69 -20.07
N PHE B 185 57.23 -4.66 -18.84
CA PHE B 185 57.13 -3.43 -18.07
C PHE B 185 58.27 -3.37 -17.07
N ASN B 186 58.97 -2.24 -17.04
CA ASN B 186 60.12 -2.08 -16.16
C ASN B 186 60.02 -0.84 -15.29
N GLY B 187 59.26 0.16 -15.71
CA GLY B 187 59.07 1.35 -14.91
C GLY B 187 59.48 2.65 -15.61
N PHE B 188 59.67 2.59 -16.92
CA PHE B 188 60.08 3.74 -17.72
C PHE B 188 59.03 4.03 -18.78
N SER B 189 59.17 5.19 -19.41
CA SER B 189 58.24 5.61 -20.44
C SER B 189 58.94 6.55 -21.42
N GLY B 190 58.53 6.48 -22.67
CA GLY B 190 59.05 7.35 -23.71
C GLY B 190 60.16 6.69 -24.52
N LEU B 191 60.48 7.33 -25.64
CA LEU B 191 61.63 6.95 -26.46
C LEU B 191 62.64 8.07 -26.59
N HIS B 192 62.19 9.27 -26.97
CA HIS B 192 63.10 10.40 -27.11
C HIS B 192 63.70 10.84 -25.79
N THR B 193 63.00 10.59 -24.67
CA THR B 193 63.54 10.92 -23.35
C THR B 193 62.86 9.99 -22.33
N ARG B 194 63.60 9.00 -21.87
CA ARG B 194 63.08 8.02 -20.91
C ARG B 194 63.34 8.48 -19.49
N GLN B 195 62.33 8.30 -18.63
CA GLN B 195 62.40 8.70 -17.24
C GLN B 195 61.86 7.58 -16.36
N PHE B 196 62.11 7.69 -15.06
CA PHE B 196 61.70 6.69 -14.08
C PHE B 196 60.45 7.17 -13.36
N TYR B 197 59.35 6.43 -13.52
CA TYR B 197 58.08 6.75 -12.88
C TYR B 197 57.66 5.56 -12.02
N PRO B 198 57.57 5.71 -10.69
CA PRO B 198 57.14 4.58 -9.87
C PRO B 198 55.72 4.11 -10.14
N GLN B 199 54.87 4.96 -10.72
CA GLN B 199 53.47 4.61 -10.93
C GLN B 199 53.26 3.68 -12.12
N ASN B 200 54.28 3.41 -12.93
CA ASN B 200 54.08 2.65 -14.16
C ASN B 200 53.90 1.15 -13.91
N PHE B 201 53.98 0.69 -12.67
CA PHE B 201 53.79 -0.71 -12.36
C PHE B 201 52.33 -1.06 -12.09
N ASP B 202 51.41 -0.13 -12.29
CA ASP B 202 49.98 -0.36 -12.06
C ASP B 202 49.18 -0.13 -13.34
N LEU B 203 49.70 -0.64 -14.47
CA LEU B 203 49.03 -0.50 -15.76
C LEU B 203 49.01 -1.86 -16.46
N ALA B 204 48.01 -2.05 -17.31
CA ALA B 204 47.86 -3.28 -18.06
C ALA B 204 47.16 -2.96 -19.37
N PHE B 205 46.79 -4.00 -20.11
CA PHE B 205 46.13 -3.85 -21.39
C PHE B 205 44.70 -4.36 -21.34
N ARG B 206 43.87 -3.82 -22.23
CA ARG B 206 42.51 -4.28 -22.45
C ARG B 206 42.16 -3.95 -23.91
N ASN B 207 41.55 -4.91 -24.59
CA ASN B 207 41.20 -4.70 -25.99
C ASN B 207 40.17 -3.58 -26.12
N VAL B 208 40.22 -2.86 -27.23
CA VAL B 208 39.34 -1.73 -27.46
C VAL B 208 37.92 -2.21 -27.70
N HIS B 218 45.97 -11.99 -22.32
CA HIS B 218 46.83 -11.41 -23.35
C HIS B 218 48.29 -11.77 -23.06
N TYR B 219 49.22 -11.12 -23.76
CA TYR B 219 50.64 -11.44 -23.65
C TYR B 219 51.40 -10.22 -23.15
N HIS B 220 51.69 -10.20 -21.85
CA HIS B 220 52.59 -9.21 -21.26
C HIS B 220 53.10 -9.76 -19.94
N ALA B 221 54.18 -9.17 -19.45
CA ALA B 221 54.79 -9.60 -18.19
C ALA B 221 55.53 -8.44 -17.55
N TYR B 222 55.83 -8.59 -16.27
CA TYR B 222 56.58 -7.61 -15.50
C TYR B 222 58.04 -8.02 -15.39
N LEU B 223 58.84 -7.10 -14.86
CA LEU B 223 60.28 -7.34 -14.71
C LEU B 223 60.84 -6.36 -13.68
N TYR B 224 61.39 -6.90 -12.59
CA TYR B 224 62.00 -6.10 -11.54
C TYR B 224 63.48 -6.44 -11.45
N LYS B 225 64.34 -5.42 -11.51
CA LYS B 225 65.77 -5.59 -11.42
C LYS B 225 66.24 -5.00 -10.10
N LEU B 226 66.64 -5.84 -9.17
CA LEU B 226 66.95 -5.44 -7.80
C LEU B 226 68.37 -4.93 -7.64
N HIS B 227 69.17 -4.87 -8.72
CA HIS B 227 70.54 -4.39 -8.62
C HIS B 227 70.93 -3.52 -9.80
N GLY B 228 69.98 -2.76 -10.35
CA GLY B 228 70.31 -1.83 -11.40
C GLY B 228 70.61 -2.52 -12.72
N SER B 229 71.23 -1.76 -13.62
CA SER B 229 71.57 -2.25 -14.95
C SER B 229 72.70 -1.40 -15.50
N LEU B 230 73.20 -1.80 -16.68
CA LEU B 230 74.23 -1.05 -17.39
C LEU B 230 73.64 0.00 -18.32
N THR B 231 72.32 0.03 -18.48
CA THR B 231 71.66 1.00 -19.36
C THR B 231 71.04 2.15 -18.58
N TRP B 232 71.38 2.29 -17.29
CA TRP B 232 70.90 3.38 -16.45
C TRP B 232 72.04 4.32 -16.13
N TYR B 233 71.75 5.62 -16.11
CA TYR B 233 72.73 6.62 -15.70
C TYR B 233 72.02 7.84 -15.17
N GLN B 234 72.62 8.48 -14.17
CA GLN B 234 72.03 9.62 -13.49
C GLN B 234 72.38 10.92 -14.21
N ASN B 235 71.42 11.84 -14.24
CA ASN B 235 71.59 13.15 -14.84
C ASN B 235 71.65 14.27 -13.80
N ASP B 236 71.77 13.93 -12.52
CA ASP B 236 71.87 14.91 -11.44
C ASP B 236 70.69 15.87 -11.42
N SER B 237 69.50 15.32 -11.66
CA SER B 237 68.26 16.11 -11.66
C SER B 237 67.14 15.35 -10.97
N LEU B 238 67.49 14.57 -9.94
CA LEU B 238 66.54 13.76 -9.18
C LEU B 238 65.78 12.78 -10.09
N THR B 239 66.44 12.32 -11.15
CA THR B 239 65.83 11.39 -12.09
C THR B 239 66.86 10.36 -12.52
N VAL B 240 66.36 9.25 -13.05
CA VAL B 240 67.20 8.18 -13.60
C VAL B 240 66.78 7.94 -15.04
N ASN B 241 67.74 7.99 -15.96
CA ASN B 241 67.48 7.87 -17.38
C ASN B 241 67.85 6.47 -17.87
N GLU B 242 67.35 6.14 -19.07
CA GLU B 242 67.66 4.89 -19.73
C GLU B 242 68.03 5.15 -21.18
N VAL B 243 68.99 4.38 -21.68
CA VAL B 243 69.40 4.42 -23.06
C VAL B 243 69.51 3.01 -23.60
N SER B 244 69.49 2.89 -24.92
CA SER B 244 69.66 1.59 -25.56
C SER B 244 71.12 1.13 -25.41
N ALA B 245 71.35 -0.13 -25.76
CA ALA B 245 72.69 -0.71 -25.62
C ALA B 245 73.70 0.02 -26.49
N SER B 246 73.32 0.33 -27.73
CA SER B 246 74.26 0.99 -28.64
C SER B 246 74.66 2.37 -28.12
N GLN B 247 73.69 3.14 -27.63
CA GLN B 247 74.00 4.47 -27.12
C GLN B 247 74.89 4.41 -25.89
N ALA B 248 74.61 3.47 -24.97
CA ALA B 248 75.45 3.32 -23.79
C ALA B 248 76.87 2.93 -24.17
N TYR B 249 77.02 2.02 -25.13
CA TYR B 249 78.34 1.64 -25.60
C TYR B 249 79.08 2.81 -26.21
N ASP B 250 78.39 3.60 -27.04
CA ASP B 250 79.04 4.75 -27.67
C ASP B 250 79.30 5.88 -26.68
N GLU B 251 78.60 5.91 -25.55
CA GLU B 251 78.78 6.98 -24.59
C GLU B 251 79.87 6.67 -23.56
N TYR B 252 79.71 5.59 -22.79
CA TYR B 252 80.61 5.36 -21.67
C TYR B 252 81.19 3.96 -21.55
N ILE B 253 80.57 2.93 -22.13
CA ILE B 253 81.10 1.57 -21.94
C ILE B 253 82.46 1.42 -22.59
N ASN B 254 82.62 1.91 -23.82
CA ASN B 254 83.91 1.82 -24.50
C ASN B 254 84.99 2.60 -23.76
N ASP B 255 84.64 3.79 -23.26
CA ASP B 255 85.60 4.60 -22.52
C ASP B 255 86.02 3.94 -21.22
N ILE B 256 85.06 3.33 -20.50
CA ILE B 256 85.40 2.69 -19.24
C ILE B 256 86.13 1.37 -19.45
N ILE B 257 86.02 0.77 -20.63
CA ILE B 257 86.67 -0.52 -20.87
C ILE B 257 88.07 -0.34 -21.44
N ASN B 258 88.19 0.30 -22.60
CA ASN B 258 89.43 0.29 -23.37
C ASN B 258 90.14 1.63 -23.40
N LYS B 259 89.96 2.46 -22.37
CA LYS B 259 90.60 3.77 -22.37
C LYS B 259 91.30 4.14 -21.07
N ASP B 260 90.95 3.55 -19.94
CA ASP B 260 91.53 3.89 -18.64
C ASP B 260 91.35 5.38 -18.34
N ASP B 261 90.09 5.78 -18.25
CA ASP B 261 89.71 7.18 -18.03
C ASP B 261 89.53 7.44 -16.54
N PHE B 262 89.32 8.72 -16.23
CA PHE B 262 89.07 9.12 -14.86
C PHE B 262 87.72 8.57 -14.39
N TYR B 263 87.64 8.24 -13.11
CA TYR B 263 86.45 7.59 -12.58
C TYR B 263 85.33 8.60 -12.36
N ARG B 264 84.15 8.28 -12.87
CA ARG B 264 82.95 9.10 -12.69
C ARG B 264 81.77 8.19 -12.36
N GLY B 265 80.62 8.81 -12.09
CA GLY B 265 79.41 8.05 -11.81
C GLY B 265 78.55 7.82 -13.03
N GLN B 266 79.18 7.40 -14.14
CA GLN B 266 78.43 7.20 -15.37
C GLN B 266 77.60 5.93 -15.33
N HIS B 267 77.97 4.98 -14.47
CA HIS B 267 77.25 3.72 -14.34
C HIS B 267 76.53 3.66 -13.00
N LEU B 268 75.34 3.09 -13.02
CA LEU B 268 74.51 2.94 -11.82
C LEU B 268 74.37 1.45 -11.56
N ILE B 269 75.27 0.91 -10.73
CA ILE B 269 75.29 -0.51 -10.40
C ILE B 269 75.31 -0.64 -8.88
N TYR B 270 75.03 -1.86 -8.42
CA TYR B 270 74.94 -2.16 -6.99
C TYR B 270 75.81 -3.39 -6.70
N PRO B 271 77.13 -3.23 -6.73
CA PRO B 271 78.00 -4.39 -6.42
C PRO B 271 78.21 -4.63 -4.94
N GLY B 272 78.08 -3.60 -4.10
CA GLY B 272 78.27 -3.76 -2.67
C GLY B 272 76.98 -4.08 -1.94
N ALA B 273 77.10 -4.20 -0.62
CA ALA B 273 75.97 -4.48 0.25
C ALA B 273 75.54 -3.29 1.08
N ASN B 274 76.47 -2.43 1.50
CA ASN B 274 76.15 -1.26 2.31
C ASN B 274 75.70 -0.15 1.38
N LYS B 275 74.40 -0.09 1.15
CA LYS B 275 73.81 0.89 0.25
C LYS B 275 73.45 2.20 0.95
N TYR B 276 73.73 2.33 2.25
CA TYR B 276 73.47 3.57 2.95
C TYR B 276 74.39 4.70 2.51
N SER B 277 75.47 4.39 1.79
CA SER B 277 76.32 5.46 1.25
C SER B 277 75.57 6.25 0.18
N HIS B 278 74.83 5.56 -0.68
CA HIS B 278 74.08 6.19 -1.76
C HIS B 278 72.67 6.54 -1.31
N THR B 279 72.53 7.56 -0.45
CA THR B 279 71.22 7.91 0.08
C THR B 279 70.31 8.49 -1.00
N ILE B 280 70.88 9.12 -2.02
CA ILE B 280 70.07 9.74 -3.07
C ILE B 280 69.34 8.68 -3.90
N GLY B 281 69.82 7.44 -3.88
CA GLY B 281 69.20 6.39 -4.67
C GLY B 281 68.09 5.66 -3.95
N PHE B 282 66.85 6.00 -4.29
CA PHE B 282 65.67 5.33 -3.75
C PHE B 282 65.10 4.29 -4.71
N VAL B 283 65.74 4.05 -5.85
CA VAL B 283 65.21 3.10 -6.81
C VAL B 283 65.21 1.69 -6.23
N TYR B 284 66.25 1.33 -5.48
CA TYR B 284 66.33 -0.01 -4.90
C TYR B 284 65.22 -0.23 -3.88
N GLY B 285 64.91 0.79 -3.09
CA GLY B 285 63.88 0.63 -2.07
C GLY B 285 62.51 0.35 -2.64
N GLU B 286 62.16 1.01 -3.74
CA GLU B 286 60.86 0.78 -4.37
C GLU B 286 60.68 -0.66 -4.79
N MET B 287 61.68 -1.20 -5.50
CA MET B 287 61.57 -2.58 -5.98
C MET B 287 61.67 -3.58 -4.83
N PHE B 288 62.44 -3.26 -3.79
CA PHE B 288 62.45 -4.09 -2.60
C PHE B 288 61.07 -4.15 -1.96
N ARG B 289 60.39 -3.00 -1.85
CA ARG B 289 59.05 -2.99 -1.29
C ARG B 289 58.07 -3.77 -2.16
N ARG B 290 58.19 -3.62 -3.48
CA ARG B 290 57.30 -4.36 -4.39
C ARG B 290 57.49 -5.87 -4.24
N PHE B 291 58.75 -6.32 -4.15
CA PHE B 291 59.00 -7.75 -3.93
C PHE B 291 58.46 -8.20 -2.58
N GLY B 292 58.63 -7.39 -1.54
CA GLY B 292 58.13 -7.78 -0.23
C GLY B 292 56.62 -7.88 -0.19
N GLU B 293 55.93 -7.00 -0.91
CA GLU B 293 54.47 -7.01 -0.94
C GLU B 293 53.93 -8.14 -1.81
N PHE B 294 54.62 -8.49 -2.90
CA PHE B 294 54.08 -9.49 -3.81
C PHE B 294 53.89 -10.85 -3.14
N ILE B 295 54.73 -11.18 -2.16
CA ILE B 295 54.70 -12.52 -1.58
C ILE B 295 53.74 -12.67 -0.41
N SER B 296 53.25 -11.57 0.15
CA SER B 296 52.31 -11.63 1.27
C SER B 296 50.87 -11.61 0.79
N LYS B 297 50.53 -12.54 -0.10
CA LYS B 297 49.20 -12.67 -0.69
C LYS B 297 48.74 -14.11 -0.61
N PRO B 298 47.43 -14.33 -0.54
CA PRO B 298 46.93 -15.71 -0.54
C PRO B 298 47.18 -16.39 -1.88
N GLN B 299 47.43 -17.70 -1.82
CA GLN B 299 47.61 -18.55 -2.99
C GLN B 299 48.75 -18.04 -3.87
N THR B 300 49.96 -18.14 -3.32
CA THR B 300 51.17 -17.64 -3.96
C THR B 300 52.16 -18.78 -4.18
N ALA B 301 52.78 -18.80 -5.36
CA ALA B 301 53.79 -19.79 -5.71
C ALA B 301 55.06 -19.08 -6.18
N LEU B 302 56.21 -19.60 -5.75
CA LEU B 302 57.50 -19.00 -6.08
C LEU B 302 58.51 -20.10 -6.42
N PHE B 303 59.33 -19.84 -7.43
CA PHE B 303 60.40 -20.75 -7.85
C PHE B 303 61.73 -20.01 -7.78
N ILE B 304 62.60 -20.44 -6.88
CA ILE B 304 63.91 -19.83 -6.68
C ILE B 304 64.96 -20.70 -7.35
N ASN B 305 65.86 -20.07 -8.11
CA ASN B 305 66.89 -20.79 -8.83
C ASN B 305 68.09 -19.89 -9.03
N GLY B 306 69.28 -20.49 -8.98
CA GLY B 306 70.51 -19.77 -9.22
C GLY B 306 70.95 -18.83 -8.12
N PHE B 307 70.37 -18.95 -6.93
CA PHE B 307 70.64 -18.02 -5.84
C PHE B 307 71.40 -18.74 -4.74
N GLY B 308 72.56 -18.19 -4.36
CA GLY B 308 73.27 -18.61 -3.19
C GLY B 308 72.93 -17.68 -2.04
N PHE B 309 72.49 -18.26 -0.93
CA PHE B 309 71.88 -17.48 0.15
C PHE B 309 72.99 -16.72 0.89
N GLY B 310 73.48 -15.67 0.24
CA GLY B 310 74.54 -14.86 0.80
C GLY B 310 74.12 -13.43 1.10
N ASP B 311 72.87 -13.10 0.80
CA ASP B 311 72.34 -11.76 1.03
C ASP B 311 71.45 -11.80 2.27
N TYR B 312 71.78 -10.98 3.27
CA TYR B 312 71.05 -11.00 4.53
C TYR B 312 69.63 -10.50 4.37
N HIS B 313 69.43 -9.45 3.55
CA HIS B 313 68.11 -8.81 3.47
C HIS B 313 67.09 -9.73 2.82
N ILE B 314 67.50 -10.49 1.78
CA ILE B 314 66.53 -11.22 0.99
C ILE B 314 66.02 -12.45 1.76
N ASN B 315 66.94 -13.25 2.30
CA ASN B 315 66.53 -14.46 2.99
C ASN B 315 65.84 -14.19 4.32
N ARG B 316 66.00 -12.98 4.88
CA ARG B 316 65.30 -12.63 6.10
C ARG B 316 63.80 -12.55 5.87
N ILE B 317 63.38 -11.96 4.74
CA ILE B 317 61.96 -11.79 4.45
C ILE B 317 61.30 -13.14 4.13
N ILE B 318 61.98 -13.98 3.35
CA ILE B 318 61.39 -15.25 2.93
C ILE B 318 61.09 -16.13 4.13
N LEU B 319 61.88 -16.01 5.20
CA LEU B 319 61.59 -16.77 6.42
C LEU B 319 60.24 -16.37 7.01
N GLY B 320 59.93 -15.07 7.00
CA GLY B 320 58.70 -14.60 7.62
C GLY B 320 57.44 -14.85 6.82
N ALA B 321 57.56 -15.08 5.51
CA ALA B 321 56.39 -15.29 4.68
C ALA B 321 55.77 -16.68 4.84
N LEU B 322 56.47 -17.60 5.48
CA LEU B 322 55.97 -18.98 5.60
C LEU B 322 54.92 -19.13 6.70
N LEU B 323 54.69 -18.10 7.51
CA LEU B 323 53.59 -18.15 8.48
C LEU B 323 52.23 -18.04 7.80
N ASN B 324 52.19 -17.57 6.57
CA ASN B 324 50.94 -17.51 5.81
C ASN B 324 50.55 -18.92 5.38
N PRO B 325 49.35 -19.40 5.73
CA PRO B 325 49.02 -20.80 5.45
C PRO B 325 48.66 -21.10 4.00
N SER B 326 48.90 -20.15 3.10
CA SER B 326 48.61 -20.34 1.68
C SER B 326 49.82 -19.92 0.85
N PHE B 327 51.01 -20.26 1.29
CA PHE B 327 52.26 -19.90 0.63
C PHE B 327 53.03 -21.17 0.30
N HIS B 328 53.48 -21.29 -0.95
CA HIS B 328 54.24 -22.45 -1.41
C HIS B 328 55.53 -21.99 -2.07
N VAL B 329 56.62 -22.70 -1.79
CA VAL B 329 57.94 -22.33 -2.26
C VAL B 329 58.65 -23.56 -2.80
N VAL B 330 59.59 -23.32 -3.73
CA VAL B 330 60.43 -24.37 -4.30
C VAL B 330 61.85 -23.82 -4.40
N ILE B 331 62.82 -24.53 -3.82
CA ILE B 331 64.20 -24.08 -3.74
C ILE B 331 65.09 -25.07 -4.48
N TYR B 332 66.02 -24.55 -5.28
CA TYR B 332 67.02 -25.34 -5.99
C TYR B 332 68.39 -25.02 -5.42
N TYR B 333 69.17 -26.04 -5.11
CA TYR B 333 70.49 -25.82 -4.55
C TYR B 333 71.39 -27.00 -4.92
N PRO B 334 72.39 -26.79 -5.78
CA PRO B 334 73.13 -27.91 -6.38
C PRO B 334 73.94 -28.74 -5.40
N GLU B 335 74.79 -28.09 -4.60
CA GLU B 335 75.73 -28.78 -3.72
C GLU B 335 75.12 -28.90 -2.33
N LEU B 336 74.29 -29.93 -2.15
CA LEU B 336 73.53 -30.09 -0.91
C LEU B 336 74.20 -31.01 0.10
N LYS B 337 74.83 -32.10 -0.35
CA LYS B 337 75.43 -33.04 0.59
C LYS B 337 76.59 -32.42 1.35
N GLU B 338 77.40 -31.61 0.67
CA GLU B 338 78.54 -30.98 1.33
C GLU B 338 78.09 -30.10 2.49
N ALA B 339 77.02 -29.33 2.28
CA ALA B 339 76.51 -28.48 3.34
C ALA B 339 76.04 -29.29 4.53
N ILE B 340 75.34 -30.40 4.28
CA ILE B 340 74.85 -31.23 5.38
C ILE B 340 76.02 -31.81 6.16
N THR B 341 77.02 -32.35 5.45
CA THR B 341 78.17 -32.93 6.14
C THR B 341 78.93 -31.89 6.94
N LYS B 342 79.11 -30.69 6.39
CA LYS B 342 79.84 -29.64 7.11
C LYS B 342 79.05 -29.16 8.33
N VAL B 343 77.73 -29.02 8.20
CA VAL B 343 76.93 -28.56 9.33
C VAL B 343 76.90 -29.61 10.43
N SER B 344 76.90 -30.90 10.05
CA SER B 344 76.88 -31.96 11.06
C SER B 344 78.09 -31.89 11.97
N LYS B 345 79.27 -31.66 11.40
CA LYS B 345 80.50 -31.59 12.19
C LYS B 345 80.94 -30.14 12.40
N GLY B 346 80.18 -29.45 13.24
CA GLY B 346 80.56 -28.13 13.71
C GLY B 346 80.08 -26.96 12.90
N GLY B 347 79.45 -27.19 11.75
CA GLY B 347 78.90 -26.10 10.95
C GLY B 347 79.85 -25.62 9.86
N GLY B 348 79.32 -24.71 9.04
CA GLY B 348 80.07 -24.14 7.95
C GLY B 348 79.88 -22.64 7.84
N SER B 349 79.68 -22.13 6.62
CA SER B 349 79.50 -20.71 6.42
C SER B 349 78.06 -20.31 6.70
N GLU B 350 77.80 -18.99 6.69
CA GLU B 350 76.47 -18.49 6.98
C GLU B 350 75.47 -18.88 5.88
N ALA B 351 75.95 -19.07 4.65
CA ALA B 351 75.06 -19.47 3.56
C ALA B 351 74.55 -20.90 3.76
N GLU B 352 75.39 -21.80 4.29
CA GLU B 352 74.99 -23.18 4.46
C GLU B 352 73.97 -23.35 5.58
N LYS B 353 74.12 -22.58 6.66
CA LYS B 353 73.21 -22.73 7.80
C LYS B 353 71.78 -22.42 7.42
N ALA B 354 71.56 -21.37 6.63
CA ALA B 354 70.20 -20.98 6.26
C ALA B 354 69.51 -22.06 5.44
N ILE B 355 70.21 -22.58 4.42
CA ILE B 355 69.60 -23.60 3.57
C ILE B 355 69.40 -24.90 4.34
N VAL B 356 70.33 -25.23 5.26
CA VAL B 356 70.14 -26.41 6.09
C VAL B 356 68.91 -26.26 6.98
N THR B 357 68.72 -25.08 7.58
CA THR B 357 67.55 -24.84 8.41
C THR B 357 66.27 -24.92 7.58
N LEU B 358 66.30 -24.38 6.36
CA LEU B 358 65.13 -24.46 5.49
C LEU B 358 64.80 -25.90 5.14
N LYS B 359 65.82 -26.73 4.93
CA LYS B 359 65.58 -28.14 4.63
C LYS B 359 64.90 -28.85 5.79
N ASN B 360 65.34 -28.58 7.02
CA ASN B 360 64.80 -29.25 8.21
C ASN B 360 63.60 -28.45 8.73
N MET B 361 62.42 -28.81 8.25
CA MET B 361 61.19 -28.12 8.61
C MET B 361 60.07 -29.14 8.74
N ALA B 362 59.03 -28.76 9.48
CA ALA B 362 57.85 -29.60 9.68
C ALA B 362 56.70 -29.24 8.75
N PHE B 363 56.94 -28.39 7.76
CA PHE B 363 55.90 -27.90 6.87
C PHE B 363 55.93 -28.67 5.54
N ASN B 364 54.76 -28.79 4.92
CA ASN B 364 54.62 -29.40 3.61
C ASN B 364 54.75 -28.40 2.47
N GLN B 365 55.02 -27.12 2.78
CA GLN B 365 55.06 -26.07 1.79
C GLN B 365 56.48 -25.73 1.32
N VAL B 366 57.49 -26.46 1.81
CA VAL B 366 58.89 -26.19 1.48
C VAL B 366 59.45 -27.39 0.76
N THR B 367 60.09 -27.17 -0.38
CA THR B 367 60.71 -28.22 -1.17
C THR B 367 62.13 -27.80 -1.55
N VAL B 368 63.08 -28.70 -1.32
CA VAL B 368 64.48 -28.45 -1.65
C VAL B 368 64.98 -29.57 -2.54
N VAL B 369 65.74 -29.22 -3.58
CA VAL B 369 66.28 -30.17 -4.54
C VAL B 369 67.80 -29.99 -4.60
N GLY B 370 68.53 -31.09 -4.45
CA GLY B 370 69.97 -31.04 -4.39
C GLY B 370 70.69 -32.11 -5.19
N GLY B 371 70.15 -32.48 -6.35
CA GLY B 371 70.71 -33.57 -7.13
C GLY B 371 71.92 -33.22 -7.98
N GLY B 372 72.84 -32.43 -7.45
CA GLY B 372 74.06 -32.08 -8.15
C GLY B 372 73.82 -31.35 -9.46
N SER B 373 74.11 -32.01 -10.58
CA SER B 373 73.89 -31.44 -11.91
C SER B 373 72.47 -31.67 -12.43
N LYS B 374 71.61 -32.30 -11.65
CA LYS B 374 70.21 -32.50 -12.01
C LYS B 374 69.34 -31.33 -11.56
N ALA B 375 69.93 -30.32 -10.94
CA ALA B 375 69.21 -29.13 -10.47
C ALA B 375 69.75 -27.87 -11.13
N TYR B 376 70.02 -27.95 -12.43
CA TYR B 376 70.51 -26.82 -13.19
C TYR B 376 69.34 -26.08 -13.86
N PHE B 377 69.65 -25.07 -14.67
CA PHE B 377 68.62 -24.25 -15.29
C PHE B 377 67.87 -25.03 -16.36
N ASN B 378 68.56 -25.88 -17.12
CA ASN B 378 67.90 -26.64 -18.17
C ASN B 378 66.89 -27.63 -17.59
N SER B 379 67.25 -28.32 -16.51
CA SER B 379 66.29 -29.18 -15.84
C SER B 379 65.13 -28.38 -15.29
N PHE B 380 65.40 -27.18 -14.76
CA PHE B 380 64.34 -26.34 -14.23
C PHE B 380 63.34 -25.94 -15.30
N VAL B 381 63.84 -25.56 -16.49
CA VAL B 381 62.93 -25.15 -17.56
C VAL B 381 62.30 -26.31 -18.29
N GLU B 382 62.86 -27.52 -18.15
CA GLU B 382 62.20 -28.71 -18.69
C GLU B 382 61.19 -29.31 -17.71
N HIS B 383 61.29 -28.98 -16.42
CA HIS B 383 60.34 -29.49 -15.44
C HIS B 383 58.96 -28.89 -15.59
N LEU B 384 58.89 -27.63 -16.03
CA LEU B 384 57.61 -26.94 -16.13
C LEU B 384 56.74 -27.59 -17.21
N PRO B 385 55.42 -27.61 -17.01
CA PRO B 385 54.54 -28.31 -17.95
C PRO B 385 54.08 -27.45 -19.12
N TYR B 386 53.31 -28.08 -20.02
CA TYR B 386 52.61 -27.46 -21.14
C TYR B 386 51.11 -27.49 -20.91
N PRO B 387 50.38 -26.52 -21.42
CA PRO B 387 48.92 -26.52 -21.21
C PRO B 387 48.25 -27.65 -21.97
N VAL B 388 47.14 -28.12 -21.41
CA VAL B 388 46.26 -29.07 -22.07
C VAL B 388 45.11 -28.29 -22.70
N LEU B 389 44.92 -28.46 -24.02
CA LEU B 389 44.00 -27.60 -24.75
C LEU B 389 42.55 -28.07 -24.60
N PHE B 390 42.25 -29.26 -25.09
CA PHE B 390 40.88 -29.79 -25.12
C PHE B 390 40.82 -31.01 -24.21
N PRO B 391 40.24 -30.88 -23.00
CA PRO B 391 40.11 -31.99 -22.05
C PRO B 391 39.12 -33.04 -22.53
N SER C 2 33.34 35.30 -45.54
CA SER C 2 34.36 34.65 -44.72
C SER C 2 33.95 33.23 -44.34
N ILE C 3 32.77 33.11 -43.71
CA ILE C 3 32.25 31.83 -43.27
C ILE C 3 31.04 31.48 -44.11
N TYR C 4 31.06 30.30 -44.72
CA TYR C 4 29.98 29.82 -45.58
C TYR C 4 29.59 28.41 -45.16
N GLN C 5 28.29 28.12 -45.19
CA GLN C 5 27.80 26.79 -44.85
C GLN C 5 26.54 26.54 -45.67
N GLY C 6 26.71 25.93 -46.84
CA GLY C 6 25.57 25.65 -47.69
C GLY C 6 25.07 26.82 -48.50
N GLY C 7 25.92 27.83 -48.72
CA GLY C 7 25.54 28.98 -49.52
C GLY C 7 25.20 30.23 -48.73
N ASN C 8 24.94 30.12 -47.43
CA ASN C 8 24.60 31.27 -46.61
C ASN C 8 25.87 31.84 -45.98
N LYS C 9 25.71 32.71 -45.00
CA LYS C 9 26.81 33.24 -44.22
C LYS C 9 26.48 33.13 -42.73
N LEU C 10 27.52 32.91 -41.93
CA LEU C 10 27.38 32.74 -40.49
C LEU C 10 28.12 33.86 -39.77
N ASN C 11 27.77 34.04 -38.50
CA ASN C 11 28.45 34.99 -37.63
C ASN C 11 29.34 34.23 -36.64
N GLU C 12 30.00 34.98 -35.75
CA GLU C 12 31.00 34.39 -34.88
C GLU C 12 30.38 33.50 -33.81
N ASP C 13 29.29 33.95 -33.19
CA ASP C 13 28.70 33.20 -32.08
C ASP C 13 28.10 31.88 -32.55
N ASP C 14 27.42 31.86 -33.69
CA ASP C 14 26.89 30.62 -34.22
C ASP C 14 28.01 29.65 -34.56
N PHE C 15 29.11 30.15 -35.12
CA PHE C 15 30.24 29.30 -35.41
C PHE C 15 30.82 28.70 -34.14
N ARG C 16 30.96 29.51 -33.09
CA ARG C 16 31.50 29.00 -31.83
C ARG C 16 30.60 27.93 -31.23
N SER C 17 29.29 28.18 -31.22
CA SER C 17 28.36 27.20 -30.66
C SER C 17 28.36 25.91 -31.48
N HIS C 18 28.44 26.04 -32.81
CA HIS C 18 28.48 24.86 -33.67
C HIS C 18 29.76 24.07 -33.45
N VAL C 19 30.88 24.75 -33.25
CA VAL C 19 32.16 24.07 -32.99
C VAL C 19 32.09 23.32 -31.66
N TYR C 20 31.52 23.96 -30.63
CA TYR C 20 31.42 23.29 -29.34
C TYR C 20 30.57 22.02 -29.42
N SER C 21 29.48 22.06 -30.19
CA SER C 21 28.59 20.91 -30.27
C SER C 21 29.24 19.73 -30.97
N LEU C 22 30.11 19.98 -31.96
CA LEU C 22 30.76 18.90 -32.69
C LEU C 22 31.84 18.20 -31.88
N CYS C 23 32.39 18.86 -30.86
CA CYS C 23 33.42 18.26 -30.03
C CYS C 23 32.87 17.25 -29.03
N GLN C 24 31.56 17.16 -28.88
CA GLN C 24 30.94 16.19 -27.99
C GLN C 24 30.41 14.97 -28.72
N LEU C 25 30.77 14.80 -29.99
CA LEU C 25 30.32 13.66 -30.77
C LEU C 25 31.07 12.40 -30.34
N ASP C 26 30.58 11.26 -30.84
CA ASP C 26 31.17 9.98 -30.46
C ASP C 26 32.59 9.82 -31.00
N ASN C 27 32.83 10.28 -32.23
CA ASN C 27 34.13 10.18 -32.87
C ASN C 27 34.64 11.57 -33.21
N VAL C 28 35.90 11.83 -32.87
CA VAL C 28 36.56 13.09 -33.20
C VAL C 28 37.85 12.77 -33.93
N GLY C 29 38.31 13.72 -34.75
CA GLY C 29 39.53 13.54 -35.51
C GLY C 29 40.09 14.87 -35.95
N VAL C 30 41.41 14.88 -36.18
CA VAL C 30 42.14 16.07 -36.58
C VAL C 30 43.13 15.69 -37.67
N LEU C 31 43.22 16.52 -38.71
CA LEU C 31 44.19 16.34 -39.79
C LEU C 31 45.00 17.63 -39.90
N LEU C 32 46.29 17.56 -39.56
CA LEU C 32 47.20 18.70 -39.62
C LEU C 32 48.16 18.52 -40.77
N GLY C 33 48.32 19.56 -41.59
CA GLY C 33 49.21 19.53 -42.73
C GLY C 33 50.56 20.17 -42.43
N ALA C 34 51.28 20.48 -43.51
CA ALA C 34 52.60 21.07 -43.37
C ALA C 34 52.58 22.48 -42.83
N GLY C 35 51.42 23.15 -42.87
CA GLY C 35 51.35 24.52 -42.40
C GLY C 35 51.46 24.66 -40.89
N ALA C 36 51.14 23.60 -40.15
CA ALA C 36 51.13 23.70 -38.70
C ALA C 36 52.51 23.93 -38.11
N SER C 37 53.57 23.51 -38.80
CA SER C 37 54.92 23.65 -38.29
C SER C 37 55.59 24.95 -38.70
N VAL C 38 54.95 25.76 -39.54
CA VAL C 38 55.56 27.02 -39.96
C VAL C 38 55.68 28.00 -38.79
N GLY C 39 54.87 27.84 -37.76
CA GLY C 39 54.93 28.73 -36.61
C GLY C 39 56.06 28.49 -35.65
N CYS C 40 56.89 27.46 -35.87
CA CYS C 40 57.99 27.18 -34.98
C CYS C 40 59.30 26.89 -35.71
N GLY C 41 59.40 27.18 -37.00
CA GLY C 41 60.64 26.99 -37.71
C GLY C 41 60.47 26.28 -39.05
N GLY C 42 59.29 25.73 -39.29
CA GLY C 42 59.05 25.00 -40.51
C GLY C 42 58.95 25.90 -41.72
N LYS C 43 58.98 25.27 -42.89
CA LYS C 43 58.93 25.98 -44.16
C LYS C 43 57.90 25.32 -45.06
N THR C 44 57.25 26.16 -45.89
CA THR C 44 56.26 25.70 -46.83
C THR C 44 56.95 25.03 -48.03
N MET C 45 56.17 24.23 -48.77
CA MET C 45 56.73 23.50 -49.91
C MET C 45 57.26 24.43 -50.99
N LYS C 46 56.62 25.60 -51.16
CA LYS C 46 57.11 26.56 -52.14
C LYS C 46 58.50 27.08 -51.78
N ASP C 47 58.73 27.33 -50.49
CA ASP C 47 60.01 27.89 -50.06
C ASP C 47 61.16 26.92 -50.32
N VAL C 48 60.91 25.61 -50.23
CA VAL C 48 61.97 24.64 -50.48
C VAL C 48 62.46 24.74 -51.91
N TRP C 49 61.52 24.78 -52.87
CA TRP C 49 61.91 24.92 -54.27
C TRP C 49 62.53 26.28 -54.53
N LYS C 50 62.04 27.32 -53.87
CA LYS C 50 62.63 28.65 -54.05
C LYS C 50 64.08 28.66 -53.60
N SER C 51 64.39 28.02 -52.47
CA SER C 51 65.77 27.95 -52.01
C SER C 51 66.62 27.07 -52.92
N PHE C 52 66.08 25.92 -53.36
CA PHE C 52 66.84 25.02 -54.21
C PHE C 52 67.16 25.64 -55.56
N LYS C 53 66.31 26.53 -56.06
CA LYS C 53 66.58 27.17 -57.34
C LYS C 53 67.85 28.01 -57.29
N GLN C 54 68.05 28.75 -56.19
CA GLN C 54 69.22 29.63 -56.10
C GLN C 54 70.44 28.94 -55.52
N ASN C 55 70.26 27.89 -54.72
CA ASN C 55 71.43 27.20 -54.15
C ASN C 55 72.14 26.36 -55.19
N TYR C 56 71.39 25.66 -56.05
CA TYR C 56 71.94 24.71 -57.02
C TYR C 56 71.41 25.06 -58.41
N PRO C 57 71.99 26.06 -59.05
CA PRO C 57 71.42 26.54 -60.32
C PRO C 57 71.80 25.69 -61.53
N GLU C 58 73.00 25.11 -61.53
CA GLU C 58 73.47 24.41 -62.72
C GLU C 58 72.70 23.12 -62.96
N LEU C 59 72.19 22.49 -61.91
CA LEU C 59 71.45 21.23 -62.06
C LEU C 59 70.04 21.45 -62.59
N LEU C 60 69.54 22.70 -62.60
CA LEU C 60 68.17 22.94 -63.05
C LEU C 60 68.01 22.69 -64.54
N GLY C 61 69.05 22.96 -65.33
CA GLY C 61 68.94 22.77 -66.77
C GLY C 61 68.79 21.32 -67.16
N ALA C 62 69.48 20.42 -66.46
CA ALA C 62 69.40 19.00 -66.80
C ALA C 62 68.02 18.43 -66.56
N LEU C 63 67.35 18.86 -65.49
CA LEU C 63 66.05 18.33 -65.14
C LEU C 63 64.97 18.69 -66.15
N ILE C 64 65.21 19.70 -66.99
CA ILE C 64 64.24 20.14 -67.98
C ILE C 64 64.70 19.83 -69.40
N ASP C 65 65.93 20.19 -69.74
CA ASP C 65 66.39 20.10 -71.13
C ASP C 65 66.59 18.65 -71.57
N LYS C 66 67.26 17.84 -70.74
CA LYS C 66 67.67 16.49 -71.15
C LYS C 66 66.68 15.42 -70.73
N TYR C 67 66.41 15.29 -69.43
CA TYR C 67 65.60 14.18 -68.94
C TYR C 67 64.11 14.46 -69.01
N LEU C 68 63.71 15.74 -68.97
CA LEU C 68 62.32 16.15 -69.10
C LEU C 68 61.45 15.55 -67.98
N LEU C 69 61.78 15.92 -66.75
CA LEU C 69 60.98 15.54 -65.59
C LEU C 69 60.06 16.67 -65.14
N VAL C 70 60.58 17.89 -65.08
CA VAL C 70 59.82 19.06 -64.64
C VAL C 70 59.74 20.06 -65.79
N SER C 71 58.58 20.71 -65.93
CA SER C 71 58.33 21.62 -67.02
C SER C 71 58.77 23.03 -66.64
N GLN C 72 58.37 24.01 -67.45
CA GLN C 72 58.86 25.38 -67.35
C GLN C 72 57.91 26.32 -66.62
N ILE C 73 56.64 26.36 -67.04
CA ILE C 73 55.71 27.34 -66.47
C ILE C 73 55.46 27.06 -65.00
N ASP C 74 55.36 25.78 -64.62
CA ASP C 74 55.14 25.45 -63.21
C ASP C 74 56.33 25.86 -62.36
N SER C 75 57.55 25.66 -62.88
CA SER C 75 58.74 26.12 -62.15
C SER C 75 58.75 27.63 -62.01
N ASP C 76 58.35 28.35 -63.07
CA ASP C 76 58.30 29.81 -62.99
C ASP C 76 57.26 30.27 -61.98
N ASN C 77 56.12 29.58 -61.92
CA ASN C 77 55.05 29.94 -61.01
C ASN C 77 55.17 29.28 -59.63
N ASN C 78 56.13 28.37 -59.45
CA ASN C 78 56.33 27.63 -58.21
C ASN C 78 55.11 26.76 -57.88
N LEU C 79 54.78 25.89 -58.83
CA LEU C 79 53.72 24.88 -58.69
C LEU C 79 54.27 23.49 -59.02
N VAL C 80 55.43 23.16 -58.46
CA VAL C 80 56.07 21.87 -58.68
C VAL C 80 56.12 21.12 -57.36
N ASN C 81 55.96 19.80 -57.43
CA ASN C 81 56.03 18.95 -56.25
C ASN C 81 57.48 18.65 -55.90
N VAL C 82 57.68 17.80 -54.89
CA VAL C 82 59.00 17.29 -54.53
C VAL C 82 59.01 15.76 -54.51
N GLU C 83 57.99 15.15 -53.91
CA GLU C 83 57.93 13.70 -53.78
C GLU C 83 57.87 12.98 -55.12
N LEU C 84 57.09 13.50 -56.08
CA LEU C 84 56.97 12.84 -57.37
C LEU C 84 58.29 12.83 -58.12
N LEU C 85 59.00 13.97 -58.12
CA LEU C 85 60.29 14.01 -58.79
C LEU C 85 61.34 13.17 -58.05
N ILE C 86 61.24 13.09 -56.72
CA ILE C 86 62.14 12.20 -55.97
C ILE C 86 61.90 10.76 -56.41
N ASP C 87 60.64 10.36 -56.51
CA ASP C 87 60.31 8.99 -56.92
C ASP C 87 60.80 8.71 -58.35
N GLU C 88 60.59 9.66 -59.27
CA GLU C 88 61.04 9.47 -60.64
C GLU C 88 62.56 9.36 -60.72
N ALA C 89 63.27 10.19 -59.95
CA ALA C 89 64.72 10.12 -59.94
C ALA C 89 65.20 8.78 -59.39
N THR C 90 64.55 8.28 -58.33
CA THR C 90 64.92 6.99 -57.78
C THR C 90 64.70 5.87 -58.80
N LYS C 91 63.57 5.90 -59.51
CA LYS C 91 63.31 4.90 -60.53
C LYS C 91 64.34 4.95 -61.65
N PHE C 92 64.68 6.17 -62.10
CA PHE C 92 65.66 6.32 -63.16
C PHE C 92 67.02 5.78 -62.72
N LEU C 93 67.43 6.09 -61.49
CA LEU C 93 68.71 5.60 -60.98
C LEU C 93 68.71 4.08 -60.86
N SER C 94 67.59 3.50 -60.43
CA SER C 94 67.52 2.04 -60.33
C SER C 94 67.69 1.40 -61.70
N VAL C 95 67.01 1.95 -62.72
CA VAL C 95 67.15 1.41 -64.07
C VAL C 95 68.58 1.56 -64.57
N ALA C 96 69.19 2.72 -64.32
CA ALA C 96 70.56 2.95 -64.77
C ALA C 96 71.53 1.98 -64.10
N LYS C 97 71.37 1.75 -62.80
CA LYS C 97 72.26 0.84 -62.09
C LYS C 97 72.09 -0.59 -62.59
N THR C 98 70.85 -1.03 -62.79
CA THR C 98 70.64 -2.40 -63.24
C THR C 98 70.99 -2.60 -64.71
N ARG C 99 71.13 -1.51 -65.48
CA ARG C 99 71.47 -1.63 -66.90
C ARG C 99 72.97 -1.48 -67.18
N ARG C 100 73.77 -1.18 -66.16
CA ARG C 100 75.21 -0.95 -66.33
C ARG C 100 75.48 0.20 -67.31
N CYS C 101 75.01 1.39 -66.93
CA CYS C 101 75.31 2.62 -67.65
C CYS C 101 75.94 3.58 -66.65
N GLU C 102 77.26 3.55 -66.55
CA GLU C 102 77.96 4.38 -65.57
C GLU C 102 77.96 5.86 -65.95
N ASP C 103 77.68 6.18 -67.21
CA ASP C 103 77.71 7.58 -67.63
C ASP C 103 76.59 8.37 -66.95
N GLU C 104 75.38 7.82 -66.91
CA GLU C 104 74.25 8.53 -66.34
C GLU C 104 74.04 8.20 -64.88
N GLU C 105 74.60 7.09 -64.40
CA GLU C 105 74.39 6.69 -63.01
C GLU C 105 74.99 7.69 -62.04
N GLU C 106 76.18 8.22 -62.35
CA GLU C 106 76.82 9.18 -61.46
C GLU C 106 76.06 10.49 -61.38
N GLU C 107 75.23 10.80 -62.37
CA GLU C 107 74.51 12.08 -62.38
C GLU C 107 73.41 12.12 -61.31
N PHE C 108 72.67 11.03 -61.15
CA PHE C 108 71.51 11.06 -60.26
C PHE C 108 71.89 11.08 -58.79
N ARG C 109 73.09 10.62 -58.44
CA ARG C 109 73.52 10.67 -57.05
C ARG C 109 73.60 12.10 -56.54
N LYS C 110 74.16 13.01 -57.35
CA LYS C 110 74.23 14.41 -56.95
C LYS C 110 72.84 15.01 -56.81
N ILE C 111 71.94 14.70 -57.75
CA ILE C 111 70.59 15.25 -57.71
C ILE C 111 69.88 14.81 -56.44
N LEU C 112 69.90 13.52 -56.16
CA LEU C 112 69.20 12.99 -55.00
C LEU C 112 69.83 13.50 -53.71
N SER C 113 71.17 13.59 -53.65
CA SER C 113 71.82 14.12 -52.45
C SER C 113 71.42 15.56 -52.20
N SER C 114 71.42 16.38 -53.26
CA SER C 114 71.03 17.78 -53.11
C SER C 114 69.59 17.90 -52.63
N LEU C 115 68.68 17.13 -53.24
CA LEU C 115 67.28 17.22 -52.86
C LEU C 115 67.07 16.79 -51.41
N TYR C 116 67.72 15.69 -50.99
CA TYR C 116 67.51 15.21 -49.63
C TYR C 116 68.14 16.14 -48.61
N LYS C 117 69.29 16.74 -48.94
CA LYS C 117 69.87 17.76 -48.07
C LYS C 117 68.92 18.94 -47.91
N GLU C 118 68.33 19.40 -49.01
CA GLU C 118 67.41 20.53 -48.94
C GLU C 118 66.18 20.20 -48.10
N VAL C 119 65.65 18.98 -48.25
CA VAL C 119 64.48 18.59 -47.46
C VAL C 119 64.83 18.50 -45.98
N THR C 120 65.98 17.89 -45.66
CA THR C 120 66.36 17.71 -44.25
C THR C 120 66.66 19.05 -43.58
N LYS C 121 67.29 19.98 -44.32
CA LYS C 121 67.66 21.26 -43.71
C LYS C 121 66.43 22.08 -43.31
N ALA C 122 65.25 21.75 -43.84
CA ALA C 122 64.01 22.38 -43.41
C ALA C 122 63.19 21.48 -42.50
N ALA C 123 63.42 20.16 -42.52
CA ALA C 123 62.68 19.26 -41.65
C ALA C 123 62.97 19.54 -40.17
N LEU C 124 64.23 19.82 -39.84
CA LEU C 124 64.60 20.10 -38.46
C LEU C 124 63.93 21.37 -37.96
N LEU C 125 63.69 21.43 -36.65
CA LEU C 125 63.00 22.55 -36.04
C LEU C 125 63.84 23.33 -35.04
N THR C 126 65.07 22.90 -34.77
CA THR C 126 65.90 23.63 -33.81
C THR C 126 67.34 23.77 -34.30
N GLY C 127 67.67 23.17 -35.43
CA GLY C 127 69.03 23.29 -35.94
C GLY C 127 69.98 22.33 -35.25
N GLU C 128 71.02 22.88 -34.63
CA GLU C 128 72.06 22.06 -34.00
C GLU C 128 71.59 21.36 -32.73
N GLN C 129 70.46 21.77 -32.15
CA GLN C 129 69.95 21.17 -30.93
C GLN C 129 68.99 20.03 -31.19
N PHE C 130 69.13 19.35 -32.33
CA PHE C 130 68.32 18.18 -32.64
C PHE C 130 68.70 16.96 -31.80
N ARG C 131 69.82 17.03 -31.07
CA ARG C 131 70.32 15.90 -30.30
C ARG C 131 70.26 16.09 -28.79
N GLU C 132 69.91 17.28 -28.32
CA GLU C 132 69.92 17.56 -26.89
C GLU C 132 68.66 16.99 -26.24
N LYS C 133 68.46 17.31 -24.96
CA LYS C 133 67.38 16.75 -24.17
C LYS C 133 66.37 17.82 -23.79
N ASN C 134 65.12 17.39 -23.58
CA ASN C 134 64.04 18.26 -23.13
C ASN C 134 63.78 19.39 -24.12
N GLN C 135 63.46 19.02 -25.36
CA GLN C 135 63.12 20.00 -26.38
C GLN C 135 61.68 20.48 -26.27
N GLY C 136 60.86 19.83 -25.47
CA GLY C 136 59.49 20.26 -25.25
C GLY C 136 59.34 21.30 -24.16
N LYS C 137 60.43 21.67 -23.50
CA LYS C 137 60.41 22.70 -22.46
C LYS C 137 60.50 24.11 -23.03
N LYS C 138 60.79 24.26 -24.32
CA LYS C 138 60.93 25.57 -24.93
C LYS C 138 59.54 26.18 -25.16
N ASP C 139 59.50 27.36 -25.78
CA ASP C 139 58.27 28.14 -25.88
C ASP C 139 57.58 28.02 -27.22
N ALA C 140 58.27 27.58 -28.27
CA ALA C 140 57.67 27.53 -29.59
C ALA C 140 56.63 26.43 -29.73
N PHE C 141 56.61 25.46 -28.81
CA PHE C 141 55.71 24.32 -28.87
C PHE C 141 54.58 24.44 -27.84
N LYS C 142 54.11 25.67 -27.61
CA LYS C 142 53.12 25.93 -26.57
C LYS C 142 51.68 25.78 -27.04
N TYR C 143 51.45 25.65 -28.35
CA TYR C 143 50.09 25.51 -28.88
C TYR C 143 49.71 24.06 -29.14
N HIS C 144 50.66 23.21 -29.51
CA HIS C 144 50.38 21.78 -29.61
C HIS C 144 49.98 21.21 -28.26
N LYS C 145 50.60 21.69 -27.19
CA LYS C 145 50.22 21.26 -25.84
C LYS C 145 48.76 21.61 -25.56
N GLU C 146 48.35 22.84 -25.89
CA GLU C 146 46.98 23.25 -25.65
C GLU C 146 46.01 22.43 -26.50
N LEU C 147 46.38 22.16 -27.75
CA LEU C 147 45.53 21.33 -28.61
C LEU C 147 45.33 19.96 -28.00
N ILE C 148 46.42 19.34 -27.52
CA ILE C 148 46.34 18.00 -26.95
C ILE C 148 45.48 18.01 -25.70
N SER C 149 45.71 18.97 -24.81
CA SER C 149 44.95 19.04 -23.56
C SER C 149 43.46 19.28 -23.84
N LYS C 150 43.14 20.18 -24.77
CA LYS C 150 41.75 20.47 -25.09
C LYS C 150 41.06 19.24 -25.68
N LEU C 151 41.73 18.57 -26.63
CA LEU C 151 41.09 17.42 -27.26
C LEU C 151 41.00 16.22 -26.34
N ILE C 152 41.81 16.16 -25.29
CA ILE C 152 41.72 15.05 -24.34
C ILE C 152 40.67 15.31 -23.26
N SER C 153 40.64 16.53 -22.70
CA SER C 153 39.81 16.79 -21.54
C SER C 153 38.31 16.84 -21.85
N ASN C 154 37.91 16.95 -23.12
CA ASN C 154 36.52 17.15 -23.49
C ASN C 154 35.78 15.85 -23.79
N ARG C 155 36.18 14.73 -23.19
CA ARG C 155 35.55 13.45 -23.44
C ARG C 155 34.86 12.94 -22.19
N GLN C 156 33.59 12.60 -22.32
CA GLN C 156 32.83 12.00 -21.22
C GLN C 156 33.42 10.64 -20.87
N PRO C 157 33.47 10.28 -19.59
CA PRO C 157 33.99 8.96 -19.22
C PRO C 157 33.18 7.84 -19.84
N GLY C 158 33.88 6.85 -20.38
CA GLY C 158 33.25 5.76 -21.10
C GLY C 158 33.25 5.89 -22.60
N GLN C 159 33.87 6.94 -23.15
CA GLN C 159 33.89 7.21 -24.57
C GLN C 159 35.22 6.75 -25.17
N SER C 160 35.43 7.07 -26.43
CA SER C 160 36.64 6.67 -27.16
C SER C 160 37.78 7.63 -26.83
N ALA C 161 38.87 7.52 -27.59
CA ALA C 161 40.03 8.39 -27.44
C ALA C 161 40.26 9.17 -28.74
N PRO C 162 40.83 10.37 -28.64
CA PRO C 162 41.04 11.17 -29.85
C PRO C 162 42.03 10.52 -30.81
N ALA C 163 41.83 10.78 -32.10
CA ALA C 163 42.69 10.28 -33.16
C ALA C 163 43.31 11.43 -33.91
N ILE C 164 44.60 11.35 -34.17
CA ILE C 164 45.37 12.42 -34.81
C ILE C 164 46.00 11.86 -36.08
N PHE C 165 45.77 12.56 -37.19
CA PHE C 165 46.40 12.24 -38.47
C PHE C 165 47.28 13.41 -38.88
N THR C 166 48.39 13.10 -39.54
CA THR C 166 49.34 14.13 -39.92
C THR C 166 50.00 13.76 -41.24
N THR C 167 50.54 14.77 -41.92
CA THR C 167 51.18 14.58 -43.22
C THR C 167 52.59 15.18 -43.22
N ASN C 168 53.22 15.26 -42.04
CA ASN C 168 54.54 15.84 -41.89
C ASN C 168 55.51 14.78 -41.39
N TYR C 169 56.78 15.18 -41.25
CA TYR C 169 57.83 14.32 -40.71
C TYR C 169 58.70 15.09 -39.75
N ASP C 170 58.09 15.93 -38.92
CA ASP C 170 58.80 16.70 -37.91
C ASP C 170 58.66 16.01 -36.55
N LEU C 171 59.28 16.62 -35.53
CA LEU C 171 59.34 16.02 -34.21
C LEU C 171 58.65 16.86 -33.14
N ALA C 172 57.75 17.77 -33.56
CA ALA C 172 57.13 18.69 -32.61
C ALA C 172 56.10 17.98 -31.74
N LEU C 173 55.27 17.13 -32.35
CA LEU C 173 54.14 16.56 -31.62
C LEU C 173 54.60 15.61 -30.51
N GLU C 174 55.55 14.71 -30.83
CA GLU C 174 56.08 13.82 -29.80
C GLU C 174 56.81 14.59 -28.71
N TRP C 175 57.56 15.63 -29.11
CA TRP C 175 58.28 16.44 -28.14
C TRP C 175 57.32 17.15 -27.19
N ALA C 176 56.16 17.58 -27.68
CA ALA C 176 55.16 18.19 -26.81
C ALA C 176 54.45 17.15 -25.95
N ALA C 177 54.14 15.99 -26.51
CA ALA C 177 53.40 14.98 -25.77
C ALA C 177 54.22 14.38 -24.64
N GLU C 178 55.55 14.28 -24.82
CA GLU C 178 56.38 13.70 -23.77
C GLU C 178 56.45 14.60 -22.55
N ASP C 179 56.35 15.92 -22.73
CA ASP C 179 56.50 16.83 -21.60
C ASP C 179 55.30 16.77 -20.66
N LEU C 180 54.09 16.68 -21.21
CA LEU C 180 52.90 16.61 -20.37
C LEU C 180 52.86 15.31 -19.57
N GLY C 181 53.26 14.20 -20.19
CA GLY C 181 53.12 12.91 -19.58
C GLY C 181 52.03 12.08 -20.23
N ILE C 182 51.93 12.19 -21.55
CA ILE C 182 50.91 11.51 -22.35
C ILE C 182 51.61 10.60 -23.35
N GLN C 183 51.17 9.35 -23.41
CA GLN C 183 51.78 8.34 -24.28
C GLN C 183 51.00 8.24 -25.59
N LEU C 184 51.71 8.33 -26.71
CA LEU C 184 51.11 8.24 -28.04
C LEU C 184 51.51 6.92 -28.68
N PHE C 185 50.52 6.21 -29.22
CA PHE C 185 50.74 4.90 -29.82
C PHE C 185 50.96 5.07 -31.31
N ASN C 186 52.21 4.98 -31.75
CA ASN C 186 52.55 5.07 -33.16
C ASN C 186 52.60 3.71 -33.85
N GLY C 187 52.40 2.62 -33.10
CA GLY C 187 52.40 1.29 -33.67
C GLY C 187 53.65 0.48 -33.43
N PHE C 188 54.72 1.10 -32.94
CA PHE C 188 55.99 0.42 -32.71
C PHE C 188 56.09 -0.07 -31.27
N SER C 189 56.94 -1.08 -31.07
CA SER C 189 57.13 -1.64 -29.74
C SER C 189 58.60 -2.02 -29.56
N GLY C 190 59.02 -2.08 -28.30
CA GLY C 190 60.38 -2.44 -27.96
C GLY C 190 61.28 -1.22 -27.82
N LEU C 191 62.45 -1.46 -27.25
CA LEU C 191 63.45 -0.41 -27.08
C LEU C 191 64.73 -0.71 -27.87
N HIS C 192 65.35 -1.87 -27.65
CA HIS C 192 66.61 -2.16 -28.34
C HIS C 192 66.38 -2.47 -29.81
N THR C 193 65.29 -3.17 -30.13
CA THR C 193 64.90 -3.45 -31.50
C THR C 193 63.43 -3.10 -31.66
N ARG C 194 63.15 -1.96 -32.31
CA ARG C 194 61.78 -1.51 -32.51
C ARG C 194 61.25 -2.04 -33.83
N GLN C 195 60.02 -2.53 -33.82
CA GLN C 195 59.43 -3.20 -34.96
C GLN C 195 58.00 -2.71 -35.16
N PHE C 196 57.50 -2.86 -36.38
CA PHE C 196 56.15 -2.42 -36.74
C PHE C 196 55.20 -3.61 -36.71
N TYR C 197 54.15 -3.50 -35.90
CA TYR C 197 53.08 -4.50 -35.85
C TYR C 197 51.74 -3.81 -36.07
N PRO C 198 50.97 -4.21 -37.09
CA PRO C 198 49.70 -3.52 -37.35
C PRO C 198 48.66 -3.71 -36.27
N GLN C 199 48.80 -4.71 -35.40
CA GLN C 199 47.80 -4.99 -34.38
C GLN C 199 47.98 -4.13 -33.13
N ASN C 200 49.04 -3.33 -33.05
CA ASN C 200 49.26 -2.49 -31.87
C ASN C 200 48.32 -1.31 -31.79
N PHE C 201 47.55 -1.04 -32.84
CA PHE C 201 46.59 0.05 -32.81
C PHE C 201 45.27 -0.35 -32.15
N ASP C 202 45.18 -1.57 -31.62
CA ASP C 202 43.98 -2.04 -30.93
C ASP C 202 44.19 -2.14 -29.42
N LEU C 203 45.20 -1.45 -28.89
CA LEU C 203 45.55 -1.55 -27.48
C LEU C 203 45.01 -0.37 -26.69
N ALA C 204 44.94 -0.55 -25.37
CA ALA C 204 44.46 0.47 -24.46
C ALA C 204 44.98 0.14 -23.06
N PHE C 205 44.93 1.15 -22.19
CA PHE C 205 45.45 1.01 -20.84
C PHE C 205 44.32 0.81 -19.83
N ARG C 206 44.71 0.36 -18.64
CA ARG C 206 43.78 0.08 -17.55
C ARG C 206 44.56 0.16 -16.25
N ASN C 207 43.84 0.43 -15.15
CA ASN C 207 44.44 0.56 -13.84
C ASN C 207 44.06 -0.64 -12.97
N VAL C 208 45.07 -1.26 -12.35
CA VAL C 208 44.84 -2.43 -11.52
C VAL C 208 44.53 -2.08 -10.07
N ASN C 209 44.88 -0.87 -9.62
CA ASN C 209 44.66 -0.44 -8.24
C ASN C 209 45.34 -1.38 -7.24
N HIS C 218 42.35 8.72 -21.54
CA HIS C 218 42.77 9.70 -20.54
C HIS C 218 44.29 9.72 -20.38
N TYR C 219 44.97 8.72 -20.94
CA TYR C 219 46.42 8.67 -20.92
C TYR C 219 46.99 8.58 -22.35
N HIS C 220 46.19 8.09 -23.28
CA HIS C 220 46.71 7.65 -24.58
C HIS C 220 45.94 8.28 -25.72
N ALA C 221 46.61 8.38 -26.85
CA ALA C 221 46.03 8.84 -28.10
C ALA C 221 46.74 8.14 -29.25
N TYR C 222 46.08 8.11 -30.40
CA TYR C 222 46.58 7.40 -31.57
C TYR C 222 47.10 8.39 -32.59
N LEU C 223 48.37 8.24 -32.97
CA LEU C 223 49.02 9.13 -33.93
C LEU C 223 49.37 8.32 -35.18
N TYR C 224 48.80 8.72 -36.32
CA TYR C 224 49.05 8.06 -37.60
C TYR C 224 49.87 9.01 -38.45
N LYS C 225 51.02 8.55 -38.92
CA LYS C 225 51.89 9.34 -39.80
C LYS C 225 51.79 8.80 -41.22
N LEU C 226 51.52 9.69 -42.17
CA LEU C 226 51.28 9.31 -43.56
C LEU C 226 52.46 9.61 -44.48
N HIS C 227 53.59 10.06 -43.92
CA HIS C 227 54.80 10.25 -44.73
C HIS C 227 56.06 9.81 -44.00
N GLY C 228 55.93 9.04 -42.92
CA GLY C 228 57.09 8.54 -42.20
C GLY C 228 57.67 9.55 -41.24
N SER C 229 58.97 9.45 -40.98
CA SER C 229 59.64 10.36 -40.04
C SER C 229 61.14 10.29 -40.29
N LEU C 230 61.86 11.15 -39.60
CA LEU C 230 63.32 11.19 -39.71
C LEU C 230 63.98 10.06 -38.92
N THR C 231 63.22 9.34 -38.09
CA THR C 231 63.78 8.30 -37.23
C THR C 231 63.37 6.90 -37.64
N TRP C 232 62.88 6.73 -38.88
CA TRP C 232 62.53 5.43 -39.41
C TRP C 232 63.46 5.10 -40.57
N TYR C 233 63.97 3.87 -40.58
CA TYR C 233 64.89 3.44 -41.63
C TYR C 233 64.81 1.92 -41.78
N GLN C 234 65.34 1.44 -42.90
CA GLN C 234 65.38 0.01 -43.18
C GLN C 234 66.81 -0.49 -42.99
N ASN C 235 66.96 -1.52 -42.16
CA ASN C 235 68.26 -2.13 -41.93
C ASN C 235 68.48 -3.24 -42.96
N ASP C 236 69.56 -4.01 -42.80
CA ASP C 236 69.81 -5.13 -43.69
C ASP C 236 68.71 -6.19 -43.55
N SER C 237 68.32 -6.49 -42.32
CA SER C 237 67.18 -7.37 -42.10
C SER C 237 65.92 -6.70 -42.61
N LEU C 238 64.99 -7.50 -43.13
CA LEU C 238 63.81 -6.96 -43.80
C LEU C 238 62.73 -6.59 -42.80
N THR C 239 63.09 -5.81 -41.78
CA THR C 239 62.17 -5.31 -40.78
C THR C 239 62.51 -3.86 -40.49
N VAL C 240 61.51 -2.98 -40.48
CA VAL C 240 61.75 -1.57 -40.22
C VAL C 240 62.07 -1.36 -38.74
N ASN C 241 62.90 -0.37 -38.46
CA ASN C 241 63.33 -0.05 -37.11
C ASN C 241 63.21 1.44 -36.87
N GLU C 242 63.08 1.81 -35.59
CA GLU C 242 62.99 3.19 -35.17
C GLU C 242 64.02 3.47 -34.09
N VAL C 243 64.64 4.64 -34.16
CA VAL C 243 65.66 5.06 -33.20
C VAL C 243 65.28 6.43 -32.67
N SER C 244 66.06 6.90 -31.69
CA SER C 244 65.87 8.23 -31.15
C SER C 244 66.49 9.27 -32.08
N ALA C 245 66.19 10.54 -31.81
CA ALA C 245 66.75 11.62 -32.60
C ALA C 245 68.26 11.70 -32.45
N SER C 246 68.75 11.50 -31.21
CA SER C 246 70.19 11.54 -30.98
C SER C 246 70.92 10.44 -31.72
N GLN C 247 70.37 9.22 -31.71
CA GLN C 247 70.99 8.12 -32.42
C GLN C 247 70.97 8.36 -33.94
N ALA C 248 69.86 8.88 -34.45
CA ALA C 248 69.79 9.20 -35.87
C ALA C 248 70.81 10.26 -36.25
N TYR C 249 70.98 11.28 -35.41
CA TYR C 249 72.00 12.30 -35.65
C TYR C 249 73.39 11.69 -35.63
N ASP C 250 73.64 10.77 -34.71
CA ASP C 250 74.95 10.13 -34.64
C ASP C 250 75.21 9.26 -35.87
N GLU C 251 74.17 8.61 -36.40
CA GLU C 251 74.37 7.60 -37.44
C GLU C 251 74.29 8.17 -38.85
N TYR C 252 73.14 8.76 -39.23
CA TYR C 252 72.92 9.04 -40.64
C TYR C 252 72.24 10.38 -40.91
N ILE C 253 72.18 11.29 -39.94
CA ILE C 253 71.62 12.61 -40.14
C ILE C 253 72.69 13.68 -40.28
N ASN C 254 73.74 13.62 -39.43
CA ASN C 254 74.81 14.59 -39.50
C ASN C 254 75.60 14.52 -40.81
N ASP C 255 75.63 13.36 -41.47
CA ASP C 255 76.46 13.20 -42.65
C ASP C 255 75.89 13.92 -43.86
N ILE C 256 74.57 13.87 -44.04
CA ILE C 256 73.97 14.46 -45.24
C ILE C 256 74.16 15.98 -45.24
N ILE C 257 73.96 16.62 -44.09
CA ILE C 257 74.01 18.08 -44.03
C ILE C 257 75.43 18.57 -44.28
N ASN C 258 76.41 17.98 -43.61
CA ASN C 258 77.78 18.51 -43.59
C ASN C 258 78.72 17.79 -44.55
N LYS C 259 78.24 16.81 -45.30
CA LYS C 259 79.10 16.06 -46.21
C LYS C 259 78.32 15.76 -47.49
N ASP C 260 79.05 15.32 -48.51
CA ASP C 260 78.48 14.99 -49.82
C ASP C 260 78.59 13.47 -50.00
N ASP C 261 77.55 12.76 -49.54
CA ASP C 261 77.54 11.30 -49.56
C ASP C 261 76.10 10.82 -49.63
N PHE C 262 75.71 10.25 -50.77
CA PHE C 262 74.41 9.61 -50.95
C PHE C 262 74.67 8.21 -51.49
N TYR C 263 74.89 7.26 -50.58
CA TYR C 263 75.05 5.86 -50.94
C TYR C 263 73.95 4.99 -50.36
N ARG C 264 72.92 5.59 -49.78
CA ARG C 264 71.82 4.88 -49.14
C ARG C 264 70.56 5.15 -49.94
N GLY C 265 70.33 4.33 -50.97
CA GLY C 265 69.18 4.51 -51.83
C GLY C 265 67.89 3.91 -51.33
N GLN C 266 67.94 3.14 -50.23
CA GLN C 266 66.76 2.51 -49.66
C GLN C 266 66.67 2.71 -48.16
N HIS C 267 67.67 3.35 -47.55
CA HIS C 267 67.70 3.49 -46.09
C HIS C 267 66.60 4.42 -45.60
N LEU C 268 66.47 5.58 -46.22
CA LEU C 268 65.49 6.57 -45.80
C LEU C 268 64.08 6.13 -46.18
N ILE C 269 63.10 6.67 -45.46
CA ILE C 269 61.71 6.27 -45.61
C ILE C 269 60.79 7.46 -45.91
N TYR C 270 61.34 8.66 -46.05
CA TYR C 270 60.55 9.87 -46.18
C TYR C 270 60.96 10.67 -47.41
N PRO C 271 60.05 11.47 -47.97
CA PRO C 271 58.60 11.50 -47.74
C PRO C 271 57.80 10.87 -48.88
N GLY C 272 57.02 9.83 -48.61
CA GLY C 272 56.13 9.26 -49.61
C GLY C 272 56.81 8.82 -50.88
N ALA C 273 58.01 8.24 -50.76
CA ALA C 273 58.80 7.81 -51.90
C ALA C 273 59.20 6.36 -51.72
N ASN C 274 59.90 5.83 -52.72
CA ASN C 274 60.35 4.43 -52.71
C ASN C 274 59.18 3.47 -52.49
N LYS C 275 58.06 3.76 -53.15
CA LYS C 275 56.85 2.95 -53.03
C LYS C 275 56.89 1.69 -53.87
N TYR C 276 57.94 1.51 -54.68
CA TYR C 276 58.07 0.34 -55.53
C TYR C 276 58.70 -0.85 -54.82
N SER C 277 59.03 -0.72 -53.54
CA SER C 277 59.63 -1.79 -52.77
C SER C 277 58.56 -2.55 -52.01
N HIS C 278 58.85 -3.82 -51.71
CA HIS C 278 57.89 -4.70 -51.06
C HIS C 278 57.86 -4.56 -49.55
N THR C 279 58.75 -3.74 -48.97
CA THR C 279 58.78 -3.53 -47.53
C THR C 279 58.29 -2.16 -47.11
N ILE C 280 58.47 -1.14 -47.95
CA ILE C 280 58.13 0.24 -47.59
C ILE C 280 56.63 0.45 -47.79
N GLY C 281 56.06 -0.17 -48.82
CA GLY C 281 54.65 -0.01 -49.10
C GLY C 281 53.73 -0.56 -48.02
N PHE C 282 54.25 -1.46 -47.18
CA PHE C 282 53.46 -2.02 -46.09
C PHE C 282 52.99 -0.93 -45.13
N VAL C 283 53.91 -0.06 -44.72
CA VAL C 283 53.58 0.99 -43.75
C VAL C 283 52.58 1.98 -44.35
N TYR C 284 52.86 2.44 -45.57
CA TYR C 284 51.96 3.39 -46.22
C TYR C 284 50.57 2.79 -46.39
N GLY C 285 50.50 1.53 -46.83
CA GLY C 285 49.21 0.89 -46.99
C GLY C 285 48.44 0.77 -45.69
N GLU C 286 49.13 0.39 -44.61
CA GLU C 286 48.44 0.26 -43.33
C GLU C 286 47.90 1.61 -42.86
N MET C 287 48.73 2.66 -42.94
CA MET C 287 48.26 3.98 -42.50
C MET C 287 47.08 4.47 -43.35
N PHE C 288 47.17 4.31 -44.67
CA PHE C 288 46.12 4.79 -45.54
C PHE C 288 44.82 4.01 -45.34
N ARG C 289 44.92 2.69 -45.15
CA ARG C 289 43.73 1.89 -44.88
C ARG C 289 43.09 2.31 -43.56
N ARG C 290 43.90 2.55 -42.52
CA ARG C 290 43.32 2.98 -41.25
C ARG C 290 42.60 4.32 -41.40
N PHE C 291 43.22 5.28 -42.10
CA PHE C 291 42.56 6.57 -42.29
C PHE C 291 41.27 6.42 -43.09
N GLY C 292 41.30 5.62 -44.15
CA GLY C 292 40.11 5.48 -44.99
C GLY C 292 38.98 4.77 -44.29
N GLU C 293 39.29 3.78 -43.46
CA GLU C 293 38.23 3.05 -42.77
C GLU C 293 37.79 3.73 -41.48
N PHE C 294 38.54 4.72 -41.00
CA PHE C 294 38.12 5.42 -39.79
C PHE C 294 36.89 6.28 -40.03
N ILE C 295 36.86 7.03 -41.13
CA ILE C 295 35.81 8.03 -41.36
C ILE C 295 34.53 7.44 -41.94
N SER C 296 34.45 6.12 -42.10
CA SER C 296 33.23 5.48 -42.54
C SER C 296 32.30 5.13 -41.40
N LYS C 297 32.71 5.39 -40.16
CA LYS C 297 31.90 5.12 -38.98
C LYS C 297 30.81 6.17 -38.82
N PRO C 298 29.65 5.79 -38.29
CA PRO C 298 28.60 6.77 -38.02
C PRO C 298 28.97 7.68 -36.86
N GLN C 299 28.34 8.85 -36.84
CA GLN C 299 28.52 9.84 -35.77
C GLN C 299 29.98 10.27 -35.67
N THR C 300 30.51 10.83 -36.75
CA THR C 300 31.91 11.21 -36.83
C THR C 300 32.05 12.69 -37.16
N ALA C 301 33.17 13.27 -36.71
CA ALA C 301 33.49 14.67 -36.97
C ALA C 301 34.98 14.79 -37.25
N LEU C 302 35.34 15.61 -38.23
CA LEU C 302 36.73 15.78 -38.63
C LEU C 302 37.01 17.24 -38.94
N PHE C 303 38.21 17.68 -38.61
CA PHE C 303 38.70 19.02 -38.91
C PHE C 303 39.91 18.94 -39.82
N ILE C 304 40.05 19.93 -40.70
CA ILE C 304 41.16 19.99 -41.65
C ILE C 304 41.81 21.35 -41.55
N ASN C 305 43.12 21.38 -41.41
CA ASN C 305 43.86 22.63 -41.24
C ASN C 305 45.25 22.49 -41.82
N GLY C 306 45.67 23.49 -42.59
CA GLY C 306 47.03 23.58 -43.08
C GLY C 306 47.37 22.68 -44.24
N PHE C 307 46.40 21.98 -44.81
CA PHE C 307 46.64 20.96 -45.83
C PHE C 307 46.12 21.46 -47.17
N GLY C 308 47.03 21.78 -48.08
CA GLY C 308 46.63 22.12 -49.44
C GLY C 308 46.17 20.88 -50.18
N PHE C 309 45.13 21.05 -51.01
CA PHE C 309 44.43 19.92 -51.59
C PHE C 309 45.07 19.48 -52.91
N GLY C 310 46.37 19.24 -52.87
CA GLY C 310 47.10 18.74 -54.02
C GLY C 310 47.18 17.23 -54.14
N ASP C 311 46.59 16.50 -53.21
CA ASP C 311 46.60 15.04 -53.24
C ASP C 311 45.28 14.54 -53.81
N TYR C 312 45.36 13.70 -54.84
CA TYR C 312 44.16 13.25 -55.53
C TYR C 312 43.38 12.24 -54.70
N HIS C 313 44.07 11.29 -54.06
CA HIS C 313 43.37 10.23 -53.34
C HIS C 313 42.67 10.75 -52.10
N ILE C 314 43.32 11.65 -51.37
CA ILE C 314 42.71 12.25 -50.18
C ILE C 314 41.45 13.00 -50.58
N ASN C 315 41.53 13.79 -51.65
CA ASN C 315 40.37 14.54 -52.12
C ASN C 315 39.25 13.59 -52.54
N ARG C 316 39.59 12.52 -53.26
CA ARG C 316 38.58 11.59 -53.74
C ARG C 316 37.86 10.91 -52.58
N ILE C 317 38.62 10.43 -51.60
CA ILE C 317 38.00 9.72 -50.48
C ILE C 317 37.18 10.67 -49.61
N ILE C 318 37.68 11.91 -49.43
CA ILE C 318 36.94 12.87 -48.62
C ILE C 318 35.63 13.23 -49.29
N LEU C 319 35.65 13.48 -50.60
CA LEU C 319 34.42 13.81 -51.30
C LEU C 319 33.46 12.62 -51.34
N GLY C 320 33.98 11.40 -51.45
CA GLY C 320 33.11 10.24 -51.47
C GLY C 320 32.55 9.86 -50.11
N ALA C 321 33.17 10.33 -49.02
CA ALA C 321 32.68 9.99 -47.70
C ALA C 321 31.47 10.79 -47.27
N LEU C 322 31.17 11.92 -47.92
CA LEU C 322 30.03 12.73 -47.55
C LEU C 322 28.70 12.11 -47.89
N LEU C 323 28.68 11.03 -48.68
CA LEU C 323 27.45 10.36 -49.05
C LEU C 323 26.72 9.78 -47.84
N ASN C 324 27.45 9.50 -46.75
CA ASN C 324 26.81 9.01 -45.53
C ASN C 324 26.03 10.15 -44.87
N PRO C 325 24.91 9.83 -44.20
CA PRO C 325 24.08 10.88 -43.60
C PRO C 325 24.69 11.56 -42.38
N SER C 326 25.76 11.02 -41.80
CA SER C 326 26.30 11.52 -40.54
C SER C 326 27.80 11.77 -40.63
N PHE C 327 28.23 12.45 -41.68
CA PHE C 327 29.62 12.86 -41.84
C PHE C 327 29.69 14.38 -41.89
N HIS C 328 30.49 14.97 -40.99
CA HIS C 328 30.61 16.41 -40.85
C HIS C 328 32.07 16.81 -40.94
N VAL C 329 32.36 17.87 -41.70
CA VAL C 329 33.73 18.32 -41.91
C VAL C 329 33.83 19.82 -41.68
N VAL C 330 35.02 20.27 -41.30
CA VAL C 330 35.34 21.69 -41.16
C VAL C 330 36.70 21.92 -41.83
N ILE C 331 36.78 22.95 -42.68
CA ILE C 331 37.99 23.24 -43.44
C ILE C 331 38.44 24.65 -43.13
N TYR C 332 39.75 24.84 -42.99
CA TYR C 332 40.37 26.14 -42.78
C TYR C 332 41.26 26.44 -43.98
N TYR C 333 40.85 27.38 -44.82
CA TYR C 333 41.58 27.73 -46.04
C TYR C 333 41.77 29.24 -46.10
N PRO C 334 42.98 29.75 -45.85
CA PRO C 334 43.17 31.20 -45.84
C PRO C 334 42.92 31.87 -47.18
N GLU C 335 43.66 31.47 -48.21
CA GLU C 335 43.56 32.11 -49.53
C GLU C 335 42.29 31.60 -50.21
N LEU C 336 41.17 32.20 -49.83
CA LEU C 336 39.85 31.78 -50.31
C LEU C 336 39.28 32.72 -51.36
N LYS C 337 39.31 34.03 -51.10
CA LYS C 337 38.73 34.99 -52.05
C LYS C 337 39.50 35.00 -53.37
N GLU C 338 40.83 34.94 -53.30
CA GLU C 338 41.64 34.92 -54.51
C GLU C 338 41.32 33.71 -55.39
N ALA C 339 41.00 32.57 -54.78
CA ALA C 339 40.62 31.40 -55.57
C ALA C 339 39.35 31.66 -56.34
N ILE C 340 38.34 32.27 -55.70
CA ILE C 340 37.09 32.59 -56.40
C ILE C 340 37.34 33.58 -57.53
N THR C 341 38.15 34.61 -57.26
CA THR C 341 38.44 35.60 -58.29
C THR C 341 39.16 34.97 -59.48
N LYS C 342 40.09 34.05 -59.21
CA LYS C 342 40.85 33.41 -60.28
C LYS C 342 40.04 32.38 -61.04
N VAL C 343 39.07 31.72 -60.41
CA VAL C 343 38.28 30.73 -61.14
C VAL C 343 37.12 31.37 -61.88
N SER C 344 36.60 32.51 -61.38
CA SER C 344 35.55 33.21 -62.13
C SER C 344 36.11 33.80 -63.42
N LYS C 345 37.27 34.42 -63.36
CA LYS C 345 37.92 34.96 -64.55
C LYS C 345 38.52 33.84 -65.40
N GLY C 346 39.03 32.79 -64.78
CA GLY C 346 39.65 31.70 -65.49
C GLY C 346 41.11 31.52 -65.13
N GLY C 347 41.40 30.52 -64.30
CA GLY C 347 42.75 30.26 -63.86
C GLY C 347 42.75 29.40 -62.62
N GLY C 348 43.92 29.29 -62.01
CA GLY C 348 44.09 28.50 -60.82
C GLY C 348 44.34 27.03 -61.12
N SER C 349 44.85 26.33 -60.11
CA SER C 349 45.15 24.91 -60.24
C SER C 349 43.90 24.09 -59.94
N GLU C 350 44.08 22.77 -59.79
CA GLU C 350 42.95 21.89 -59.52
C GLU C 350 42.47 22.01 -58.07
N ALA C 351 43.36 22.37 -57.15
CA ALA C 351 42.95 22.50 -55.74
C ALA C 351 41.94 23.62 -55.57
N GLU C 352 42.15 24.75 -56.23
CA GLU C 352 41.18 25.84 -56.18
C GLU C 352 39.84 25.40 -56.76
N LYS C 353 39.88 24.67 -57.88
CA LYS C 353 38.65 24.14 -58.45
C LYS C 353 37.91 23.26 -57.46
N ALA C 354 38.64 22.37 -56.78
CA ALA C 354 38.01 21.46 -55.82
C ALA C 354 37.39 22.23 -54.65
N ILE C 355 38.14 23.20 -54.11
CA ILE C 355 37.63 23.92 -52.94
C ILE C 355 36.40 24.76 -53.33
N VAL C 356 36.40 25.34 -54.52
CA VAL C 356 35.26 26.12 -54.97
C VAL C 356 34.06 25.22 -55.22
N THR C 357 34.27 24.08 -55.88
CA THR C 357 33.13 23.21 -56.19
C THR C 357 32.59 22.52 -54.95
N LEU C 358 33.37 22.45 -53.86
CA LEU C 358 32.80 21.93 -52.62
C LEU C 358 32.19 23.03 -51.77
N LYS C 359 32.59 24.29 -51.96
CA LYS C 359 32.03 25.37 -51.14
C LYS C 359 30.59 25.68 -51.53
N ASN C 360 30.27 25.59 -52.82
CA ASN C 360 28.95 26.00 -53.31
C ASN C 360 27.88 24.93 -53.09
N MET C 361 28.23 23.81 -52.47
CA MET C 361 27.28 22.71 -52.30
C MET C 361 26.11 23.12 -51.43
N ALA C 362 24.95 22.53 -51.72
CA ALA C 362 23.73 22.81 -50.96
C ALA C 362 23.58 21.82 -49.80
N PHE C 363 24.65 21.71 -49.02
CA PHE C 363 24.72 20.80 -47.88
C PHE C 363 25.02 21.59 -46.61
N ASN C 364 24.52 21.09 -45.48
CA ASN C 364 24.78 21.68 -44.18
C ASN C 364 25.93 20.98 -43.45
N GLN C 365 26.64 20.07 -44.10
CA GLN C 365 27.70 19.30 -43.46
C GLN C 365 29.10 19.81 -43.79
N VAL C 366 29.21 20.94 -44.49
CA VAL C 366 30.50 21.49 -44.90
C VAL C 366 30.58 22.93 -44.43
N THR C 367 31.71 23.29 -43.82
CA THR C 367 31.97 24.66 -43.38
C THR C 367 33.37 25.05 -43.82
N VAL C 368 33.48 26.23 -44.44
CA VAL C 368 34.75 26.75 -44.94
C VAL C 368 35.03 28.09 -44.26
N VAL C 369 36.22 28.24 -43.70
CA VAL C 369 36.64 29.43 -42.99
C VAL C 369 37.81 30.05 -43.74
N GLY C 370 37.72 31.35 -44.03
CA GLY C 370 38.74 32.05 -44.78
C GLY C 370 39.17 33.33 -44.08
N GLY C 371 40.19 33.95 -44.66
CA GLY C 371 40.76 35.17 -44.13
C GLY C 371 42.24 35.22 -44.43
N GLY C 372 42.95 36.10 -43.72
CA GLY C 372 44.38 36.22 -43.89
C GLY C 372 45.15 35.68 -42.70
N SER C 373 44.67 35.98 -41.50
CA SER C 373 45.29 35.48 -40.28
C SER C 373 44.27 34.96 -39.27
N LYS C 374 42.99 34.98 -39.59
CA LYS C 374 41.97 34.37 -38.75
C LYS C 374 41.80 32.88 -39.01
N ALA C 375 42.45 32.35 -40.05
CA ALA C 375 42.42 30.94 -40.38
C ALA C 375 43.76 30.26 -40.19
N TYR C 376 44.64 30.84 -39.39
CA TYR C 376 45.93 30.25 -39.09
C TYR C 376 45.80 29.22 -37.97
N PHE C 377 46.89 28.48 -37.74
CA PHE C 377 46.87 27.41 -36.75
C PHE C 377 46.71 27.97 -35.34
N ASN C 378 47.22 29.17 -35.09
CA ASN C 378 47.15 29.74 -33.75
C ASN C 378 45.71 29.98 -33.33
N SER C 379 44.85 30.46 -34.23
CA SER C 379 43.47 30.75 -33.91
C SER C 379 42.60 29.50 -33.85
N PHE C 380 43.07 28.37 -34.38
CA PHE C 380 42.28 27.15 -34.35
C PHE C 380 42.11 26.63 -32.92
N VAL C 381 43.10 26.87 -32.05
CA VAL C 381 43.05 26.33 -30.70
C VAL C 381 41.98 27.04 -29.87
N GLU C 382 41.86 28.36 -29.99
CA GLU C 382 40.94 29.12 -29.15
C GLU C 382 39.48 28.79 -29.45
N HIS C 383 39.16 28.30 -30.65
CA HIS C 383 37.79 27.92 -30.93
C HIS C 383 37.37 26.67 -30.16
N LEU C 384 38.32 25.93 -29.60
CA LEU C 384 38.05 24.74 -28.80
C LEU C 384 37.96 25.11 -27.32
N PRO C 385 36.95 24.65 -26.60
CA PRO C 385 36.73 25.12 -25.23
C PRO C 385 37.47 24.27 -24.19
N TYR C 386 37.50 24.82 -22.97
CA TYR C 386 37.88 24.19 -21.70
C TYR C 386 36.63 23.77 -20.93
N PRO C 387 36.72 22.69 -20.16
CA PRO C 387 35.68 22.42 -19.15
C PRO C 387 35.73 23.46 -18.04
N VAL C 388 34.59 23.63 -17.37
CA VAL C 388 34.52 24.59 -16.28
C VAL C 388 35.39 24.15 -15.10
N LEU C 389 35.52 22.84 -14.90
CA LEU C 389 36.28 22.29 -13.80
C LEU C 389 37.75 22.08 -14.10
N PHE C 390 38.20 22.44 -15.30
CA PHE C 390 39.59 22.20 -15.71
C PHE C 390 40.53 23.07 -14.89
N PRO C 391 41.47 22.49 -14.15
CA PRO C 391 42.39 23.32 -13.36
C PRO C 391 43.29 24.17 -14.25
N ARG C 392 43.52 25.41 -13.81
CA ARG C 392 44.41 26.33 -14.50
C ARG C 392 45.40 27.05 -13.59
N ASP C 393 45.11 27.18 -12.29
CA ASP C 393 45.99 27.87 -11.36
C ASP C 393 47.21 26.97 -11.09
N ASN C 394 48.16 27.02 -12.01
CA ASN C 394 49.37 26.21 -11.92
C ASN C 394 50.23 26.75 -10.78
N ILE C 395 50.20 26.06 -9.64
CA ILE C 395 51.01 26.41 -8.48
C ILE C 395 51.99 25.31 -8.10
N VAL C 396 51.87 24.13 -8.69
CA VAL C 396 52.78 23.03 -8.38
C VAL C 396 54.20 23.34 -8.82
N ASP C 397 54.36 24.26 -9.78
CA ASP C 397 55.71 24.64 -10.21
C ASP C 397 56.46 25.34 -9.09
N GLU C 398 55.75 26.15 -8.29
CA GLU C 398 56.38 26.77 -7.13
C GLU C 398 56.88 25.72 -6.14
N LEU C 399 56.06 24.68 -5.90
CA LEU C 399 56.50 23.60 -5.04
C LEU C 399 57.67 22.85 -5.64
N VAL C 400 57.68 22.66 -6.96
CA VAL C 400 58.79 21.96 -7.59
C VAL C 400 60.09 22.73 -7.43
N GLU C 401 60.06 24.05 -7.66
CA GLU C 401 61.27 24.84 -7.51
C GLU C 401 61.68 24.97 -6.05
N ALA C 402 60.72 24.97 -5.12
CA ALA C 402 61.07 24.97 -3.71
C ALA C 402 61.75 23.67 -3.31
N ILE C 403 61.27 22.54 -3.84
CA ILE C 403 61.92 21.25 -3.58
C ILE C 403 63.32 21.23 -4.14
N ALA C 404 63.49 21.74 -5.37
CA ALA C 404 64.79 21.72 -6.02
C ALA C 404 65.78 22.65 -5.33
N ASN C 405 65.32 23.80 -4.86
CA ASN C 405 66.21 24.77 -4.25
C ASN C 405 66.78 24.26 -2.93
N LEU C 406 65.94 23.61 -2.11
CA LEU C 406 66.41 23.07 -0.85
C LEU C 406 67.27 21.82 -1.01
N SER C 407 67.33 21.25 -2.22
CA SER C 407 68.14 20.08 -2.51
C SER C 407 67.85 18.91 -1.57
N SER D 2 57.55 -35.99 -40.11
CA SER D 2 56.16 -36.40 -40.11
C SER D 2 55.25 -35.31 -39.59
N ILE D 3 55.07 -35.25 -38.28
CA ILE D 3 54.21 -34.28 -37.64
C ILE D 3 54.99 -33.61 -36.50
N TYR D 4 55.08 -32.29 -36.54
CA TYR D 4 55.71 -31.51 -35.49
C TYR D 4 54.70 -30.58 -34.84
N GLN D 5 54.73 -30.49 -33.51
CA GLN D 5 53.86 -29.61 -32.74
C GLN D 5 54.75 -28.79 -31.80
N GLY D 6 55.21 -27.64 -32.27
CA GLY D 6 56.08 -26.79 -31.47
C GLY D 6 57.43 -27.38 -31.18
N GLY D 7 58.07 -28.00 -32.17
CA GLY D 7 59.38 -28.58 -31.99
C GLY D 7 59.41 -29.98 -31.43
N ASN D 8 58.26 -30.62 -31.27
CA ASN D 8 58.17 -31.98 -30.75
C ASN D 8 57.55 -32.89 -31.81
N LYS D 9 57.24 -34.12 -31.40
CA LYS D 9 56.67 -35.12 -32.29
C LYS D 9 55.30 -35.55 -31.79
N LEU D 10 54.42 -35.85 -32.73
CA LEU D 10 53.07 -36.32 -32.44
C LEU D 10 52.74 -37.50 -33.34
N ASN D 11 51.97 -38.44 -32.80
CA ASN D 11 51.58 -39.63 -33.55
C ASN D 11 50.28 -39.36 -34.32
N GLU D 12 49.80 -40.39 -35.03
CA GLU D 12 48.69 -40.21 -35.96
C GLU D 12 47.37 -40.02 -35.22
N ASP D 13 47.12 -40.81 -34.18
CA ASP D 13 45.83 -40.76 -33.49
C ASP D 13 45.61 -39.40 -32.82
N ASP D 14 46.65 -38.87 -32.16
CA ASP D 14 46.53 -37.58 -31.52
C ASP D 14 46.26 -36.48 -32.55
N PHE D 15 46.93 -36.54 -33.70
CA PHE D 15 46.69 -35.55 -34.76
C PHE D 15 45.27 -35.66 -35.30
N ARG D 16 44.76 -36.88 -35.47
CA ARG D 16 43.40 -37.04 -35.97
C ARG D 16 42.38 -36.49 -34.97
N SER D 17 42.58 -36.77 -33.68
CA SER D 17 41.68 -36.22 -32.67
C SER D 17 41.78 -34.70 -32.62
N HIS D 18 42.99 -34.16 -32.81
CA HIS D 18 43.19 -32.71 -32.84
C HIS D 18 42.41 -32.07 -33.99
N VAL D 19 42.50 -32.67 -35.18
CA VAL D 19 41.78 -32.13 -36.33
C VAL D 19 40.27 -32.25 -36.12
N TYR D 20 39.82 -33.35 -35.50
CA TYR D 20 38.40 -33.50 -35.22
C TYR D 20 37.92 -32.43 -34.25
N SER D 21 38.69 -32.15 -33.19
CA SER D 21 38.26 -31.19 -32.20
C SER D 21 38.38 -29.75 -32.68
N LEU D 22 39.24 -29.48 -33.67
CA LEU D 22 39.36 -28.11 -34.18
C LEU D 22 38.14 -27.69 -34.98
N CYS D 23 37.41 -28.65 -35.57
CA CYS D 23 36.30 -28.33 -36.45
C CYS D 23 35.02 -27.96 -35.70
N GLN D 24 34.99 -28.07 -34.37
CA GLN D 24 33.83 -27.73 -33.58
C GLN D 24 33.87 -26.30 -33.06
N LEU D 25 34.86 -25.51 -33.46
CA LEU D 25 35.04 -24.17 -32.92
C LEU D 25 34.10 -23.18 -33.60
N ASP D 26 34.24 -21.90 -33.22
CA ASP D 26 33.34 -20.87 -33.72
C ASP D 26 33.62 -20.53 -35.17
N ASN D 27 34.89 -20.37 -35.53
CA ASN D 27 35.30 -19.94 -36.86
C ASN D 27 36.16 -21.01 -37.52
N VAL D 28 35.90 -21.28 -38.79
CA VAL D 28 36.63 -22.27 -39.57
C VAL D 28 36.96 -21.66 -40.93
N GLY D 29 38.22 -21.81 -41.36
CA GLY D 29 38.63 -21.27 -42.64
C GLY D 29 39.72 -22.11 -43.27
N VAL D 30 39.85 -21.96 -44.59
CA VAL D 30 40.81 -22.71 -45.39
C VAL D 30 41.46 -21.77 -46.39
N LEU D 31 42.78 -21.88 -46.53
CA LEU D 31 43.55 -21.10 -47.49
C LEU D 31 44.21 -22.05 -48.48
N LEU D 32 44.07 -21.75 -49.78
CA LEU D 32 44.60 -22.59 -50.83
C LEU D 32 45.47 -21.77 -51.78
N GLY D 33 46.38 -22.47 -52.45
CA GLY D 33 47.31 -21.85 -53.38
C GLY D 33 47.22 -22.50 -54.75
N ALA D 34 48.33 -22.39 -55.49
CA ALA D 34 48.38 -22.90 -56.86
C ALA D 34 48.55 -24.41 -56.93
N GLY D 35 48.79 -25.08 -55.80
CA GLY D 35 48.98 -26.52 -55.83
C GLY D 35 47.70 -27.31 -55.89
N ALA D 36 46.58 -26.72 -55.50
CA ALA D 36 45.32 -27.44 -55.48
C ALA D 36 44.77 -27.73 -56.87
N SER D 37 45.25 -27.02 -57.90
CA SER D 37 44.76 -27.21 -59.25
C SER D 37 45.56 -28.24 -60.03
N VAL D 38 46.57 -28.85 -59.43
CA VAL D 38 47.38 -29.86 -60.13
C VAL D 38 46.54 -31.09 -60.44
N GLY D 39 45.63 -31.45 -59.55
CA GLY D 39 44.79 -32.61 -59.76
C GLY D 39 43.70 -32.42 -60.80
N CYS D 40 43.53 -31.21 -61.32
CA CYS D 40 42.53 -30.93 -62.32
C CYS D 40 43.12 -30.62 -63.69
N GLY D 41 44.42 -30.39 -63.78
CA GLY D 41 45.04 -30.07 -65.05
C GLY D 41 45.79 -28.75 -65.02
N GLY D 42 45.99 -28.20 -63.84
CA GLY D 42 46.69 -26.95 -63.68
C GLY D 42 48.19 -27.10 -63.75
N LYS D 43 48.87 -25.95 -63.71
CA LYS D 43 50.31 -25.90 -63.78
C LYS D 43 50.84 -24.96 -62.71
N THR D 44 52.02 -25.28 -62.18
CA THR D 44 52.70 -24.41 -61.24
C THR D 44 53.55 -23.40 -61.99
N MET D 45 54.20 -22.50 -61.25
CA MET D 45 55.06 -21.49 -61.89
C MET D 45 56.24 -22.14 -62.60
N LYS D 46 56.70 -23.29 -62.11
CA LYS D 46 57.81 -23.99 -62.75
C LYS D 46 57.44 -24.40 -64.17
N ASP D 47 56.23 -24.93 -64.36
CA ASP D 47 55.80 -25.32 -65.70
C ASP D 47 55.63 -24.10 -66.61
N VAL D 48 55.18 -22.98 -66.04
CA VAL D 48 55.07 -21.75 -66.82
C VAL D 48 56.44 -21.29 -67.30
N TRP D 49 57.44 -21.34 -66.40
CA TRP D 49 58.79 -20.95 -66.80
C TRP D 49 59.35 -21.90 -67.85
N LYS D 50 59.12 -23.21 -67.69
CA LYS D 50 59.61 -24.16 -68.68
C LYS D 50 58.96 -23.93 -70.04
N SER D 51 57.65 -23.67 -70.05
CA SER D 51 56.96 -23.38 -71.31
C SER D 51 57.50 -22.12 -71.95
N PHE D 52 57.74 -21.07 -71.16
CA PHE D 52 58.30 -19.84 -71.72
C PHE D 52 59.73 -20.06 -72.22
N LYS D 53 60.48 -20.96 -71.58
CA LYS D 53 61.80 -21.31 -72.09
C LYS D 53 61.72 -22.04 -73.42
N GLN D 54 60.76 -22.95 -73.55
CA GLN D 54 60.67 -23.76 -74.76
C GLN D 54 60.30 -22.93 -75.99
N ASN D 55 59.35 -22.01 -75.83
CA ASN D 55 58.86 -21.21 -76.95
C ASN D 55 59.44 -19.80 -76.89
N TYR D 56 59.59 -19.21 -78.07
CA TYR D 56 60.16 -17.88 -78.24
C TYR D 56 61.52 -17.72 -77.52
N PRO D 57 62.53 -18.51 -77.90
CA PRO D 57 63.87 -18.28 -77.33
C PRO D 57 64.61 -17.11 -77.97
N GLU D 58 64.09 -16.54 -79.05
CA GLU D 58 64.74 -15.42 -79.69
C GLU D 58 64.80 -14.21 -78.77
N LEU D 59 63.72 -13.94 -78.03
CA LEU D 59 63.72 -12.85 -77.07
C LEU D 59 64.48 -13.19 -75.79
N LEU D 60 64.67 -14.49 -75.51
CA LEU D 60 65.33 -14.88 -74.27
C LEU D 60 66.75 -14.33 -74.20
N GLY D 61 67.48 -14.38 -75.32
CA GLY D 61 68.80 -13.77 -75.35
C GLY D 61 68.75 -12.29 -75.08
N ALA D 62 67.72 -11.60 -75.60
CA ALA D 62 67.55 -10.18 -75.31
C ALA D 62 67.34 -9.93 -73.82
N LEU D 63 66.52 -10.77 -73.18
CA LEU D 63 66.35 -10.64 -71.73
C LEU D 63 67.61 -11.03 -70.97
N ILE D 64 68.54 -11.75 -71.59
CA ILE D 64 69.76 -12.19 -70.93
C ILE D 64 70.93 -11.26 -71.23
N ASP D 65 71.13 -10.90 -72.50
CA ASP D 65 72.37 -10.25 -72.93
C ASP D 65 72.40 -8.75 -72.61
N LYS D 66 71.51 -7.97 -73.24
CA LYS D 66 71.61 -6.51 -73.16
C LYS D 66 71.12 -5.94 -71.84
N TYR D 67 70.03 -6.47 -71.28
CA TYR D 67 69.37 -5.84 -70.14
C TYR D 67 69.87 -6.33 -68.80
N LEU D 68 70.56 -7.48 -68.76
CA LEU D 68 71.15 -8.01 -67.53
C LEU D 68 70.10 -8.25 -66.46
N LEU D 69 68.87 -8.58 -66.86
CA LEU D 69 67.79 -8.74 -65.90
C LEU D 69 67.95 -10.01 -65.06
N VAL D 70 68.39 -11.11 -65.68
CA VAL D 70 68.42 -12.41 -65.03
C VAL D 70 69.77 -13.06 -65.28
N SER D 71 70.06 -14.07 -64.45
CA SER D 71 71.28 -14.85 -64.55
C SER D 71 71.02 -16.15 -65.29
N GLN D 72 72.08 -16.71 -65.87
CA GLN D 72 71.95 -17.90 -66.69
C GLN D 72 71.77 -19.17 -65.85
N ILE D 73 72.43 -19.22 -64.69
CA ILE D 73 72.34 -20.41 -63.84
C ILE D 73 70.91 -20.63 -63.37
N ASP D 74 70.29 -19.59 -62.83
CA ASP D 74 68.90 -19.69 -62.40
C ASP D 74 67.95 -19.89 -63.58
N SER D 75 68.27 -19.28 -64.73
CA SER D 75 67.41 -19.44 -65.89
C SER D 75 67.38 -20.89 -66.36
N ASP D 76 68.54 -21.54 -66.42
CA ASP D 76 68.59 -22.94 -66.85
C ASP D 76 68.21 -23.92 -65.75
N ASN D 77 68.26 -23.51 -64.48
CA ASN D 77 67.96 -24.38 -63.37
C ASN D 77 66.55 -24.16 -62.81
N ASN D 78 65.71 -23.39 -63.50
CA ASN D 78 64.35 -23.08 -63.04
C ASN D 78 64.36 -22.43 -61.66
N LEU D 79 65.06 -21.30 -61.56
CA LEU D 79 65.19 -20.58 -60.31
C LEU D 79 64.95 -19.09 -60.53
N VAL D 80 63.93 -18.76 -61.33
CA VAL D 80 63.54 -17.37 -61.54
C VAL D 80 62.09 -17.21 -61.09
N ASN D 81 61.71 -15.94 -60.90
CA ASN D 81 60.39 -15.58 -60.41
C ASN D 81 59.68 -14.74 -61.46
N VAL D 82 58.44 -15.12 -61.78
CA VAL D 82 57.69 -14.41 -62.81
C VAL D 82 57.30 -13.02 -62.33
N GLU D 83 56.94 -12.89 -61.04
CA GLU D 83 56.47 -11.61 -60.52
C GLU D 83 57.55 -10.54 -60.61
N LEU D 84 58.79 -10.89 -60.23
CA LEU D 84 59.87 -9.92 -60.31
C LEU D 84 60.14 -9.51 -61.75
N LEU D 85 60.10 -10.47 -62.68
CA LEU D 85 60.32 -10.15 -64.08
C LEU D 85 59.24 -9.22 -64.61
N ILE D 86 57.98 -9.47 -64.26
CA ILE D 86 56.88 -8.61 -64.72
C ILE D 86 57.02 -7.21 -64.14
N ASP D 87 57.36 -7.11 -62.85
CA ASP D 87 57.54 -5.81 -62.23
C ASP D 87 58.69 -5.03 -62.87
N GLU D 88 59.81 -5.71 -63.13
CA GLU D 88 60.93 -5.04 -63.76
C GLU D 88 60.58 -4.59 -65.18
N ALA D 89 59.85 -5.42 -65.93
CA ALA D 89 59.44 -5.02 -67.27
C ALA D 89 58.53 -3.80 -67.22
N THR D 90 57.60 -3.77 -66.27
CA THR D 90 56.72 -2.61 -66.13
C THR D 90 57.53 -1.36 -65.78
N LYS D 91 58.51 -1.49 -64.89
CA LYS D 91 59.34 -0.35 -64.53
C LYS D 91 60.11 0.17 -65.74
N PHE D 92 60.71 -0.74 -66.53
CA PHE D 92 61.46 -0.31 -67.70
C PHE D 92 60.55 0.35 -68.73
N LEU D 93 59.36 -0.20 -68.93
CA LEU D 93 58.43 0.39 -69.89
C LEU D 93 57.99 1.77 -69.43
N SER D 94 57.73 1.94 -68.13
CA SER D 94 57.36 3.25 -67.61
C SER D 94 58.50 4.25 -67.80
N VAL D 95 59.74 3.82 -67.56
CA VAL D 95 60.87 4.73 -67.70
C VAL D 95 61.06 5.13 -69.16
N ALA D 96 60.87 4.18 -70.08
CA ALA D 96 61.21 4.43 -71.48
C ALA D 96 60.35 5.50 -72.12
N LYS D 97 59.16 5.78 -71.57
CA LYS D 97 58.27 6.74 -72.21
C LYS D 97 58.81 8.15 -72.13
N THR D 98 59.41 8.53 -71.00
CA THR D 98 59.86 9.91 -70.83
C THR D 98 60.95 10.29 -71.82
N ARG D 99 61.93 9.40 -72.01
CA ARG D 99 63.03 9.69 -72.94
C ARG D 99 62.65 9.47 -74.40
N ARG D 100 61.47 8.93 -74.67
CA ARG D 100 60.95 8.77 -76.02
C ARG D 100 61.88 7.89 -76.88
N CYS D 101 62.05 6.65 -76.44
CA CYS D 101 62.82 5.64 -77.15
C CYS D 101 61.83 4.60 -77.68
N GLU D 102 61.45 4.73 -78.94
CA GLU D 102 60.40 3.89 -79.50
C GLU D 102 60.82 2.42 -79.56
N ASP D 103 62.09 2.13 -79.87
CA ASP D 103 62.52 0.75 -80.05
C ASP D 103 62.41 -0.03 -78.75
N GLU D 104 62.96 0.51 -77.67
CA GLU D 104 62.86 -0.15 -76.37
C GLU D 104 61.41 -0.24 -75.92
N GLU D 105 60.62 0.81 -76.18
CA GLU D 105 59.21 0.79 -75.79
C GLU D 105 58.48 -0.37 -76.43
N GLU D 106 58.61 -0.52 -77.76
CA GLU D 106 57.91 -1.60 -78.45
C GLU D 106 58.46 -2.97 -78.07
N GLU D 107 59.78 -3.07 -77.85
CA GLU D 107 60.35 -4.35 -77.46
C GLU D 107 59.81 -4.79 -76.11
N PHE D 108 59.78 -3.89 -75.14
CA PHE D 108 59.26 -4.25 -73.83
C PHE D 108 57.75 -4.46 -73.86
N ARG D 109 57.03 -3.76 -74.74
CA ARG D 109 55.60 -4.02 -74.90
C ARG D 109 55.36 -5.44 -75.41
N LYS D 110 56.14 -5.86 -76.40
CA LYS D 110 56.01 -7.23 -76.88
C LYS D 110 56.36 -8.23 -75.79
N ILE D 111 57.41 -7.95 -75.00
CA ILE D 111 57.78 -8.84 -73.91
C ILE D 111 56.63 -8.99 -72.92
N LEU D 112 56.07 -7.86 -72.48
CA LEU D 112 54.99 -7.90 -71.49
C LEU D 112 53.75 -8.59 -72.04
N SER D 113 53.42 -8.34 -73.30
CA SER D 113 52.27 -9.00 -73.90
C SER D 113 52.48 -10.51 -74.00
N SER D 114 53.70 -10.93 -74.34
CA SER D 114 54.00 -12.35 -74.44
C SER D 114 53.92 -13.02 -73.08
N LEU D 115 54.33 -12.33 -72.02
CA LEU D 115 54.30 -12.94 -70.68
C LEU D 115 52.88 -13.30 -70.26
N TYR D 116 51.91 -12.42 -70.54
CA TYR D 116 50.55 -12.67 -70.09
C TYR D 116 49.89 -13.80 -70.88
N LYS D 117 50.32 -14.02 -72.12
CA LYS D 117 49.69 -15.04 -72.95
C LYS D 117 49.92 -16.46 -72.43
N GLU D 118 50.92 -16.67 -71.59
CA GLU D 118 51.25 -17.99 -71.08
C GLU D 118 50.62 -18.27 -69.72
N VAL D 119 50.53 -17.26 -68.85
CA VAL D 119 49.92 -17.46 -67.53
C VAL D 119 48.42 -17.69 -67.69
N THR D 120 47.78 -17.00 -68.65
CA THR D 120 46.34 -17.14 -68.85
C THR D 120 45.98 -18.55 -69.29
N LYS D 121 46.74 -19.09 -70.25
CA LYS D 121 46.43 -20.39 -70.83
C LYS D 121 46.65 -21.54 -69.85
N ALA D 122 47.30 -21.29 -68.72
CA ALA D 122 47.57 -22.32 -67.73
C ALA D 122 46.49 -22.43 -66.66
N ALA D 123 45.41 -21.66 -66.77
CA ALA D 123 44.34 -21.67 -65.77
C ALA D 123 42.99 -22.06 -66.37
N LEU D 124 42.95 -22.46 -67.64
CA LEU D 124 41.69 -22.86 -68.25
C LEU D 124 41.21 -24.19 -67.67
N LEU D 125 42.14 -25.10 -67.36
CA LEU D 125 41.90 -26.37 -66.69
C LEU D 125 41.21 -27.40 -67.59
N THR D 126 40.72 -26.97 -68.76
CA THR D 126 40.14 -27.93 -69.68
C THR D 126 40.54 -27.71 -71.14
N GLY D 127 40.92 -26.50 -71.53
CA GLY D 127 41.36 -26.25 -72.91
C GLY D 127 40.24 -25.64 -73.75
N GLU D 128 39.70 -26.44 -74.68
CA GLU D 128 38.70 -25.97 -75.63
C GLU D 128 37.28 -26.15 -75.15
N GLN D 129 37.06 -26.72 -73.96
CA GLN D 129 35.74 -26.85 -73.38
C GLN D 129 35.48 -25.82 -72.29
N PHE D 130 36.06 -24.63 -72.43
CA PHE D 130 35.84 -23.55 -71.48
C PHE D 130 34.49 -22.88 -71.66
N ARG D 131 33.76 -23.22 -72.72
CA ARG D 131 32.46 -22.63 -73.00
C ARG D 131 31.30 -23.59 -72.77
N GLU D 132 31.57 -24.87 -72.55
CA GLU D 132 30.51 -25.83 -72.32
C GLU D 132 29.90 -25.63 -70.94
N LYS D 133 28.77 -26.30 -70.70
CA LYS D 133 28.10 -26.26 -69.41
C LYS D 133 28.25 -27.60 -68.71
N ASN D 134 27.86 -27.62 -67.43
CA ASN D 134 27.90 -28.83 -66.60
C ASN D 134 29.30 -29.43 -66.55
N GLN D 135 30.31 -28.58 -66.37
CA GLN D 135 31.69 -29.04 -66.30
C GLN D 135 32.05 -29.66 -64.95
N GLY D 136 31.19 -29.51 -63.95
CA GLY D 136 31.47 -30.09 -62.65
C GLY D 136 31.13 -31.56 -62.49
N LYS D 137 30.48 -32.15 -63.49
CA LYS D 137 30.11 -33.56 -63.43
C LYS D 137 31.28 -34.48 -63.72
N LYS D 138 32.36 -33.98 -64.32
CA LYS D 138 33.51 -34.80 -64.61
C LYS D 138 34.21 -35.22 -63.32
N ASP D 139 34.88 -36.37 -63.38
CA ASP D 139 35.50 -37.01 -62.22
C ASP D 139 36.73 -36.30 -61.70
N ALA D 140 37.10 -35.11 -62.19
CA ALA D 140 38.28 -34.43 -61.71
C ALA D 140 38.01 -33.50 -60.51
N PHE D 141 36.74 -33.29 -60.16
CA PHE D 141 36.38 -32.35 -59.10
C PHE D 141 35.67 -33.03 -57.93
N LYS D 142 35.76 -34.36 -57.85
CA LYS D 142 35.06 -35.08 -56.78
C LYS D 142 35.64 -34.72 -55.42
N TYR D 143 36.95 -34.50 -55.35
CA TYR D 143 37.56 -34.15 -54.07
C TYR D 143 37.23 -32.72 -53.66
N HIS D 144 37.10 -31.81 -54.62
CA HIS D 144 36.60 -30.47 -54.30
C HIS D 144 35.18 -30.55 -53.75
N LYS D 145 34.34 -31.38 -54.39
CA LYS D 145 32.98 -31.56 -53.90
C LYS D 145 32.97 -32.12 -52.49
N GLU D 146 33.83 -33.12 -52.22
CA GLU D 146 33.90 -33.71 -50.89
C GLU D 146 34.37 -32.68 -49.86
N LEU D 147 35.35 -31.85 -50.23
CA LEU D 147 35.81 -30.80 -49.33
C LEU D 147 34.66 -29.86 -48.94
N ILE D 148 33.94 -29.37 -49.95
CA ILE D 148 32.86 -28.43 -49.66
C ILE D 148 31.77 -29.08 -48.82
N SER D 149 31.40 -30.32 -49.18
CA SER D 149 30.34 -31.01 -48.45
C SER D 149 30.71 -31.24 -46.99
N LYS D 150 31.93 -31.71 -46.75
CA LYS D 150 32.36 -32.02 -45.39
C LYS D 150 32.67 -30.77 -44.58
N LEU D 151 32.96 -29.64 -45.24
CA LEU D 151 33.06 -28.38 -44.51
C LEU D 151 31.69 -27.86 -44.11
N ILE D 152 30.71 -27.96 -45.01
CA ILE D 152 29.41 -27.36 -44.74
C ILE D 152 28.58 -28.21 -43.78
N SER D 153 28.65 -29.53 -43.88
CA SER D 153 27.73 -30.40 -43.14
C SER D 153 27.92 -30.27 -41.62
N ASN D 154 29.15 -30.36 -41.15
CA ASN D 154 29.42 -30.40 -39.71
C ASN D 154 29.36 -28.97 -39.16
N ARG D 155 28.15 -28.54 -38.81
CA ARG D 155 27.97 -27.17 -38.30
C ARG D 155 26.69 -27.14 -37.48
N GLN D 156 26.82 -26.96 -36.17
CA GLN D 156 25.64 -26.85 -35.33
C GLN D 156 24.89 -25.55 -35.64
N PRO D 157 23.57 -25.54 -35.52
CA PRO D 157 22.80 -24.34 -35.86
C PRO D 157 23.16 -23.17 -34.96
N GLY D 158 23.12 -21.98 -35.55
CA GLY D 158 23.43 -20.74 -34.87
C GLY D 158 24.87 -20.29 -35.02
N GLN D 159 25.75 -21.15 -35.52
CA GLN D 159 27.15 -20.83 -35.68
C GLN D 159 27.41 -20.18 -37.03
N SER D 160 28.57 -19.56 -37.16
CA SER D 160 28.92 -18.82 -38.36
C SER D 160 29.25 -19.77 -39.51
N ALA D 161 29.11 -19.24 -40.73
CA ALA D 161 29.41 -20.00 -41.93
C ALA D 161 30.91 -20.06 -42.18
N PRO D 162 31.39 -21.05 -42.94
CA PRO D 162 32.82 -21.13 -43.25
C PRO D 162 33.26 -20.04 -44.22
N ALA D 163 34.56 -19.77 -44.20
CA ALA D 163 35.19 -18.81 -45.10
C ALA D 163 36.27 -19.52 -45.89
N ILE D 164 36.36 -19.21 -47.19
CA ILE D 164 37.30 -19.86 -48.10
C ILE D 164 38.08 -18.78 -48.84
N PHE D 165 39.40 -18.82 -48.71
CA PHE D 165 40.29 -17.91 -49.41
C PHE D 165 41.01 -18.64 -50.53
N THR D 166 41.42 -17.86 -51.54
CA THR D 166 42.04 -18.45 -52.73
C THR D 166 43.01 -17.45 -53.34
N THR D 167 44.07 -17.97 -53.94
CA THR D 167 45.06 -17.16 -54.65
C THR D 167 45.24 -17.64 -56.09
N ASN D 168 44.18 -18.17 -56.69
CA ASN D 168 44.22 -18.72 -58.04
C ASN D 168 43.44 -17.84 -59.00
N TYR D 169 43.40 -18.26 -60.26
CA TYR D 169 42.58 -17.63 -61.29
C TYR D 169 41.48 -18.53 -61.83
N ASP D 170 41.67 -19.85 -61.74
CA ASP D 170 40.76 -20.80 -62.36
C ASP D 170 39.41 -20.81 -61.63
N LEU D 171 38.44 -21.47 -62.26
CA LEU D 171 37.06 -21.49 -61.82
C LEU D 171 36.67 -22.82 -61.20
N ALA D 172 37.58 -23.39 -60.41
CA ALA D 172 37.36 -24.74 -59.89
C ALA D 172 36.25 -24.76 -58.84
N LEU D 173 36.30 -23.85 -57.87
CA LEU D 173 35.39 -23.93 -56.73
C LEU D 173 33.96 -23.59 -57.14
N GLU D 174 33.76 -22.58 -57.99
CA GLU D 174 32.41 -22.24 -58.42
C GLU D 174 31.78 -23.38 -59.20
N TRP D 175 32.55 -24.03 -60.07
CA TRP D 175 32.05 -25.22 -60.76
C TRP D 175 31.73 -26.33 -59.79
N ALA D 176 32.60 -26.55 -58.80
CA ALA D 176 32.41 -27.67 -57.88
C ALA D 176 31.16 -27.49 -57.02
N ALA D 177 30.95 -26.29 -56.48
CA ALA D 177 29.85 -26.07 -55.57
C ALA D 177 28.51 -25.95 -56.28
N GLU D 178 28.50 -25.64 -57.57
CA GLU D 178 27.26 -25.43 -58.30
C GLU D 178 26.64 -26.72 -58.81
N ASP D 179 27.35 -27.84 -58.72
CA ASP D 179 26.76 -29.13 -59.05
C ASP D 179 25.87 -29.67 -57.94
N LEU D 180 26.06 -29.19 -56.71
CA LEU D 180 25.23 -29.63 -55.60
C LEU D 180 24.02 -28.73 -55.43
N GLY D 181 24.21 -27.41 -55.52
CA GLY D 181 23.15 -26.46 -55.29
C GLY D 181 23.42 -25.53 -54.12
N ILE D 182 24.69 -25.24 -53.87
CA ILE D 182 25.11 -24.36 -52.78
C ILE D 182 25.41 -22.99 -53.35
N GLN D 183 25.04 -21.96 -52.59
CA GLN D 183 25.20 -20.57 -53.02
C GLN D 183 26.48 -19.99 -52.44
N LEU D 184 27.27 -19.34 -53.30
CA LEU D 184 28.53 -18.73 -52.91
C LEU D 184 28.39 -17.22 -52.97
N PHE D 185 28.69 -16.55 -51.85
CA PHE D 185 28.73 -15.09 -51.81
C PHE D 185 30.16 -14.64 -52.12
N ASN D 186 30.29 -13.79 -53.13
CA ASN D 186 31.61 -13.39 -53.60
C ASN D 186 31.82 -11.90 -53.78
N GLY D 187 30.80 -11.07 -53.58
CA GLY D 187 30.93 -9.64 -53.69
C GLY D 187 30.30 -9.00 -54.91
N PHE D 188 29.38 -9.69 -55.58
CA PHE D 188 28.68 -9.14 -56.73
C PHE D 188 27.19 -9.41 -56.58
N SER D 189 26.40 -8.58 -57.26
CA SER D 189 24.95 -8.73 -57.25
C SER D 189 24.40 -8.33 -58.61
N GLY D 190 23.27 -8.92 -58.97
CA GLY D 190 22.64 -8.68 -60.25
C GLY D 190 22.95 -9.79 -61.25
N LEU D 191 22.16 -9.82 -62.32
CA LEU D 191 22.33 -10.79 -63.39
C LEU D 191 22.65 -10.16 -64.73
N HIS D 192 21.82 -9.21 -65.18
CA HIS D 192 22.03 -8.59 -66.48
C HIS D 192 23.20 -7.62 -66.49
N THR D 193 23.56 -7.06 -65.33
CA THR D 193 24.75 -6.23 -65.21
C THR D 193 25.28 -6.40 -63.79
N ARG D 194 26.25 -7.30 -63.62
CA ARG D 194 26.85 -7.51 -62.32
C ARG D 194 27.85 -6.40 -62.01
N GLN D 195 27.89 -6.00 -60.74
CA GLN D 195 28.72 -4.88 -60.32
C GLN D 195 29.32 -5.17 -58.95
N PHE D 196 30.35 -4.39 -58.60
CA PHE D 196 31.08 -4.59 -57.36
C PHE D 196 30.41 -3.81 -56.24
N TYR D 197 29.77 -4.51 -55.31
CA TYR D 197 29.18 -3.90 -54.13
C TYR D 197 29.85 -4.46 -52.89
N PRO D 198 30.72 -3.70 -52.21
CA PRO D 198 31.46 -4.27 -51.09
C PRO D 198 30.67 -4.42 -49.80
N GLN D 199 29.35 -4.27 -49.88
CA GLN D 199 28.49 -4.43 -48.71
C GLN D 199 27.71 -5.74 -48.73
N ASN D 200 28.04 -6.65 -49.64
CA ASN D 200 27.33 -7.91 -49.75
C ASN D 200 27.93 -9.01 -48.87
N PHE D 201 28.98 -8.72 -48.12
CA PHE D 201 29.64 -9.71 -47.29
C PHE D 201 29.08 -9.76 -45.86
N ASP D 202 28.06 -8.97 -45.57
CA ASP D 202 27.38 -8.99 -44.28
C ASP D 202 25.91 -9.33 -44.45
N LEU D 203 25.61 -10.30 -45.31
CA LEU D 203 24.26 -10.74 -45.59
C LEU D 203 24.18 -12.25 -45.41
N ALA D 204 23.04 -12.72 -44.91
CA ALA D 204 22.84 -14.14 -44.69
C ALA D 204 21.38 -14.49 -44.94
N PHE D 205 21.13 -15.77 -45.23
CA PHE D 205 19.79 -16.24 -45.49
C PHE D 205 19.01 -16.40 -44.18
N ARG D 206 17.69 -16.52 -44.32
CA ARG D 206 16.81 -16.70 -43.17
C ARG D 206 15.52 -17.35 -43.62
N ASN D 207 15.16 -18.46 -43.00
CA ASN D 207 13.95 -19.18 -43.37
C ASN D 207 12.74 -18.56 -42.68
N VAL D 208 11.55 -18.86 -43.21
CA VAL D 208 10.29 -18.34 -42.69
C VAL D 208 9.80 -19.21 -41.54
N ASN D 209 10.38 -20.41 -41.40
CA ASN D 209 9.93 -21.33 -40.36
C ASN D 209 10.13 -20.75 -38.96
N ALA D 210 11.28 -20.13 -38.72
CA ALA D 210 11.58 -19.57 -37.40
C ALA D 210 12.00 -18.11 -37.51
N GLY D 217 17.27 -24.20 -43.95
CA GLY D 217 18.01 -24.28 -45.19
C GLY D 217 19.21 -23.35 -45.22
N HIS D 218 20.03 -23.43 -44.18
CA HIS D 218 21.20 -22.56 -44.04
C HIS D 218 22.45 -23.27 -44.55
N TYR D 219 22.50 -23.41 -45.87
CA TYR D 219 23.71 -23.86 -46.58
C TYR D 219 24.22 -22.72 -47.44
N HIS D 220 25.22 -22.01 -46.94
CA HIS D 220 25.83 -20.90 -47.67
C HIS D 220 27.26 -20.74 -47.19
N ALA D 221 28.14 -20.33 -48.12
CA ALA D 221 29.53 -20.11 -47.80
C ALA D 221 30.05 -18.94 -48.62
N TYR D 222 31.09 -18.30 -48.10
CA TYR D 222 31.71 -17.15 -48.74
C TYR D 222 32.94 -17.59 -49.53
N LEU D 223 33.46 -16.66 -50.33
CA LEU D 223 34.63 -16.95 -51.16
C LEU D 223 35.34 -15.65 -51.47
N TYR D 224 36.52 -15.46 -50.89
CA TYR D 224 37.34 -14.28 -51.13
C TYR D 224 38.47 -14.65 -52.08
N LYS D 225 38.66 -13.85 -53.12
CA LYS D 225 39.75 -14.02 -54.07
C LYS D 225 40.69 -12.84 -53.94
N LEU D 226 41.97 -13.11 -53.67
CA LEU D 226 42.98 -12.09 -53.47
C LEU D 226 43.83 -11.87 -54.71
N HIS D 227 43.48 -12.46 -55.84
CA HIS D 227 44.30 -12.36 -57.03
C HIS D 227 43.52 -12.16 -58.32
N GLY D 228 42.20 -12.07 -58.27
CA GLY D 228 41.40 -11.86 -59.46
C GLY D 228 41.02 -13.14 -60.15
N SER D 229 40.37 -12.98 -61.30
CA SER D 229 39.87 -14.11 -62.07
C SER D 229 39.86 -13.74 -63.55
N LEU D 230 39.51 -14.71 -64.38
CA LEU D 230 39.42 -14.49 -65.83
C LEU D 230 38.08 -13.89 -66.24
N THR D 231 37.13 -13.76 -65.32
CA THR D 231 35.80 -13.26 -65.63
C THR D 231 35.58 -11.82 -65.20
N TRP D 232 36.57 -11.19 -64.57
CA TRP D 232 36.46 -9.82 -64.09
C TRP D 232 37.16 -8.88 -65.06
N TYR D 233 36.44 -7.86 -65.52
CA TYR D 233 37.04 -6.86 -66.40
C TYR D 233 36.49 -5.48 -66.03
N GLN D 234 37.26 -4.46 -66.39
CA GLN D 234 36.98 -3.07 -66.07
C GLN D 234 36.66 -2.29 -67.34
N ASN D 235 35.70 -1.37 -67.25
CA ASN D 235 35.36 -0.49 -68.37
C ASN D 235 36.12 0.83 -68.32
N ASP D 236 37.12 0.95 -67.45
CA ASP D 236 37.94 2.14 -67.28
C ASP D 236 37.14 3.35 -66.78
N SER D 237 35.89 3.14 -66.35
CA SER D 237 35.07 4.18 -65.75
C SER D 237 34.87 3.95 -64.27
N LEU D 238 35.87 3.36 -63.61
CA LEU D 238 35.83 3.04 -62.18
C LEU D 238 34.68 2.10 -61.83
N THR D 239 34.36 1.17 -62.73
CA THR D 239 33.37 0.13 -62.48
C THR D 239 33.96 -1.22 -62.85
N VAL D 240 33.53 -2.26 -62.13
CA VAL D 240 34.00 -3.62 -62.34
C VAL D 240 32.80 -4.50 -62.66
N ASN D 241 32.89 -5.24 -63.77
CA ASN D 241 31.82 -6.08 -64.25
C ASN D 241 32.25 -7.55 -64.21
N GLU D 242 31.31 -8.42 -63.85
CA GLU D 242 31.53 -9.86 -63.84
C GLU D 242 30.63 -10.52 -64.87
N VAL D 243 31.20 -11.43 -65.65
CA VAL D 243 30.52 -12.08 -66.76
C VAL D 243 30.74 -13.58 -66.66
N SER D 244 29.83 -14.34 -67.28
CA SER D 244 29.95 -15.78 -67.30
C SER D 244 31.15 -16.22 -68.14
N ALA D 245 31.52 -17.49 -67.99
CA ALA D 245 32.70 -18.01 -68.67
C ALA D 245 32.53 -18.03 -70.18
N SER D 246 31.36 -18.43 -70.66
CA SER D 246 31.13 -18.54 -72.10
C SER D 246 31.26 -17.17 -72.77
N GLN D 247 30.63 -16.15 -72.19
CA GLN D 247 30.68 -14.82 -72.80
C GLN D 247 32.08 -14.23 -72.71
N ALA D 248 32.80 -14.50 -71.61
CA ALA D 248 34.18 -14.03 -71.51
C ALA D 248 35.06 -14.68 -72.58
N TYR D 249 34.87 -15.97 -72.82
CA TYR D 249 35.61 -16.66 -73.86
C TYR D 249 35.27 -16.10 -75.24
N ASP D 250 33.99 -15.85 -75.50
CA ASP D 250 33.59 -15.29 -76.79
C ASP D 250 33.95 -13.82 -76.93
N GLU D 251 34.28 -13.14 -75.83
CA GLU D 251 34.55 -11.70 -75.85
C GLU D 251 36.04 -11.38 -75.95
N TYR D 252 36.85 -11.85 -74.99
CA TYR D 252 38.22 -11.36 -74.96
C TYR D 252 39.26 -12.42 -74.58
N ILE D 253 39.03 -13.68 -74.92
CA ILE D 253 39.99 -14.73 -74.65
C ILE D 253 40.59 -15.32 -75.92
N ASN D 254 39.77 -15.51 -76.97
CA ASN D 254 40.32 -16.05 -78.21
C ASN D 254 41.36 -15.09 -78.80
N ASP D 255 41.08 -13.79 -78.77
CA ASP D 255 42.00 -12.81 -79.33
C ASP D 255 43.32 -12.80 -78.57
N ILE D 256 43.26 -12.84 -77.24
CA ILE D 256 44.50 -12.80 -76.48
C ILE D 256 45.28 -14.10 -76.63
N ILE D 257 44.58 -15.23 -76.83
CA ILE D 257 45.29 -16.50 -76.88
C ILE D 257 45.92 -16.73 -78.26
N ASN D 258 45.11 -16.70 -79.31
CA ASN D 258 45.60 -17.14 -80.62
C ASN D 258 45.34 -16.09 -81.70
N LYS D 259 45.59 -14.82 -81.38
CA LYS D 259 45.56 -13.75 -82.36
C LYS D 259 46.74 -12.80 -82.20
N ASP D 260 47.66 -13.09 -81.28
CA ASP D 260 48.86 -12.28 -80.98
C ASP D 260 48.55 -10.79 -81.03
N ASP D 261 47.46 -10.41 -80.37
CA ASP D 261 46.99 -9.03 -80.33
C ASP D 261 47.57 -8.32 -79.12
N PHE D 262 47.39 -7.01 -79.10
CA PHE D 262 47.94 -6.19 -78.03
C PHE D 262 47.18 -6.42 -76.73
N TYR D 263 47.88 -6.19 -75.62
CA TYR D 263 47.24 -6.28 -74.30
C TYR D 263 46.46 -5.02 -74.02
N ARG D 264 45.29 -5.17 -73.41
CA ARG D 264 44.41 -4.06 -73.09
C ARG D 264 44.12 -4.05 -71.60
N GLY D 265 43.72 -2.88 -71.10
CA GLY D 265 43.44 -2.71 -69.69
C GLY D 265 41.99 -2.98 -69.35
N GLN D 266 41.26 -3.61 -70.28
CA GLN D 266 39.87 -3.95 -70.00
C GLN D 266 39.76 -4.97 -68.88
N HIS D 267 40.61 -6.00 -68.90
CA HIS D 267 40.61 -7.05 -67.89
C HIS D 267 41.99 -7.12 -67.24
N LEU D 268 42.01 -7.21 -65.91
CA LEU D 268 43.24 -7.20 -65.16
C LEU D 268 43.28 -8.36 -64.17
N ILE D 269 44.49 -8.86 -63.91
CA ILE D 269 44.73 -9.88 -62.90
C ILE D 269 45.89 -9.41 -62.02
N TYR D 270 46.27 -10.25 -61.07
CA TYR D 270 47.36 -9.95 -60.13
C TYR D 270 48.40 -11.07 -60.20
N PRO D 271 49.24 -11.08 -61.23
CA PRO D 271 50.33 -12.06 -61.31
C PRO D 271 51.66 -11.58 -60.76
N GLY D 272 51.76 -10.33 -60.33
CA GLY D 272 52.96 -9.81 -59.73
C GLY D 272 52.99 -10.01 -58.22
N ALA D 273 53.95 -9.35 -57.58
CA ALA D 273 54.12 -9.42 -56.15
C ALA D 273 53.84 -8.10 -55.43
N ASN D 274 54.20 -6.97 -56.06
CA ASN D 274 53.92 -5.67 -55.45
C ASN D 274 52.42 -5.43 -55.34
N LYS D 275 51.69 -5.66 -56.44
CA LYS D 275 50.26 -5.43 -56.53
C LYS D 275 49.90 -3.96 -56.30
N TYR D 276 50.91 -3.08 -56.34
CA TYR D 276 50.70 -1.66 -56.17
C TYR D 276 51.20 -0.81 -57.35
N SER D 277 51.59 -1.44 -58.46
CA SER D 277 51.98 -0.67 -59.64
C SER D 277 50.84 0.21 -60.14
N HIS D 278 49.63 -0.35 -60.18
CA HIS D 278 48.43 0.41 -60.49
C HIS D 278 47.58 0.50 -59.22
N THR D 279 47.82 1.56 -58.46
CA THR D 279 47.13 1.78 -57.19
C THR D 279 45.64 2.08 -57.39
N ILE D 280 45.22 2.41 -58.62
CA ILE D 280 43.82 2.67 -58.90
C ILE D 280 42.96 1.45 -58.58
N GLY D 281 43.52 0.25 -58.73
CA GLY D 281 42.80 -0.96 -58.36
C GLY D 281 42.60 -1.01 -56.85
N PHE D 282 41.35 -1.22 -56.43
CA PHE D 282 41.00 -1.28 -55.01
C PHE D 282 40.34 -2.59 -54.61
N VAL D 283 40.19 -3.55 -55.53
CA VAL D 283 39.56 -4.81 -55.19
C VAL D 283 40.43 -5.61 -54.22
N TYR D 284 41.75 -5.62 -54.44
CA TYR D 284 42.64 -6.38 -53.57
C TYR D 284 42.61 -5.87 -52.15
N GLY D 285 42.50 -4.54 -51.97
CA GLY D 285 42.51 -3.98 -50.63
C GLY D 285 41.35 -4.45 -49.78
N GLU D 286 40.14 -4.48 -50.35
CA GLU D 286 38.97 -4.89 -49.58
C GLU D 286 39.07 -6.35 -49.14
N MET D 287 39.48 -7.23 -50.05
CA MET D 287 39.62 -8.65 -49.70
C MET D 287 40.71 -8.85 -48.67
N PHE D 288 41.82 -8.14 -48.80
CA PHE D 288 42.89 -8.26 -47.81
C PHE D 288 42.43 -7.77 -46.44
N ARG D 289 41.66 -6.67 -46.41
CA ARG D 289 41.13 -6.19 -45.12
C ARG D 289 40.17 -7.20 -44.51
N ARG D 290 39.36 -7.85 -45.36
CA ARG D 290 38.46 -8.88 -44.85
C ARG D 290 39.23 -10.05 -44.26
N PHE D 291 40.32 -10.45 -44.92
CA PHE D 291 41.19 -11.49 -44.38
C PHE D 291 41.75 -11.09 -43.01
N GLY D 292 42.30 -9.89 -42.93
CA GLY D 292 42.88 -9.43 -41.67
C GLY D 292 41.85 -9.36 -40.54
N GLU D 293 40.63 -8.92 -40.86
CA GLU D 293 39.57 -8.92 -39.86
C GLU D 293 39.20 -10.34 -39.45
N PHE D 294 39.18 -11.27 -40.42
CA PHE D 294 38.81 -12.64 -40.11
C PHE D 294 39.78 -13.29 -39.14
N ILE D 295 41.09 -13.08 -39.33
CA ILE D 295 42.06 -13.81 -38.52
C ILE D 295 42.25 -13.17 -37.15
N SER D 296 41.44 -12.17 -36.83
CA SER D 296 41.52 -11.52 -35.52
C SER D 296 40.41 -11.92 -34.56
N LYS D 297 39.39 -12.63 -35.03
CA LYS D 297 38.29 -13.01 -34.15
C LYS D 297 38.71 -14.14 -33.21
N PRO D 298 38.13 -14.20 -32.01
CA PRO D 298 38.48 -15.25 -31.06
C PRO D 298 37.93 -16.61 -31.49
N GLN D 299 38.56 -17.67 -30.97
CA GLN D 299 38.16 -19.05 -31.22
C GLN D 299 38.15 -19.34 -32.72
N THR D 300 39.33 -19.27 -33.33
CA THR D 300 39.47 -19.37 -34.77
C THR D 300 40.40 -20.52 -35.13
N ALA D 301 40.04 -21.22 -36.21
CA ALA D 301 40.86 -22.29 -36.78
C ALA D 301 41.12 -21.99 -38.24
N LEU D 302 42.32 -22.33 -38.70
CA LEU D 302 42.74 -21.99 -40.06
C LEU D 302 43.64 -23.08 -40.60
N PHE D 303 43.23 -23.70 -41.71
CA PHE D 303 44.02 -24.71 -42.40
C PHE D 303 44.62 -24.11 -43.67
N ILE D 304 45.83 -24.54 -44.00
CA ILE D 304 46.55 -24.09 -45.19
C ILE D 304 47.01 -25.31 -45.97
N ASN D 305 46.94 -25.23 -47.29
CA ASN D 305 47.39 -26.32 -48.15
C ASN D 305 47.65 -25.76 -49.54
N GLY D 306 48.86 -25.96 -50.05
CA GLY D 306 49.20 -25.52 -51.38
C GLY D 306 49.84 -24.16 -51.48
N PHE D 307 50.32 -23.60 -50.37
CA PHE D 307 50.88 -22.25 -50.35
C PHE D 307 52.40 -22.32 -50.37
N GLY D 308 53.02 -21.60 -51.31
CA GLY D 308 54.45 -21.58 -51.48
C GLY D 308 55.22 -20.61 -50.62
N PHE D 309 54.54 -19.80 -49.81
CA PHE D 309 55.18 -18.89 -48.85
C PHE D 309 56.15 -17.92 -49.56
N GLY D 310 55.64 -17.26 -50.59
CA GLY D 310 56.48 -16.37 -51.38
C GLY D 310 56.08 -14.92 -51.37
N ASP D 311 55.09 -14.57 -50.56
CA ASP D 311 54.56 -13.21 -50.49
C ASP D 311 54.83 -12.62 -49.12
N TYR D 312 55.65 -11.57 -49.06
CA TYR D 312 55.91 -10.88 -47.81
C TYR D 312 54.63 -10.29 -47.24
N HIS D 313 53.75 -9.80 -48.11
CA HIS D 313 52.56 -9.09 -47.65
C HIS D 313 51.60 -10.05 -46.93
N ILE D 314 51.71 -11.35 -47.20
CA ILE D 314 50.83 -12.33 -46.56
C ILE D 314 51.49 -12.91 -45.31
N ASN D 315 52.73 -13.36 -45.42
CA ASN D 315 53.38 -14.05 -44.30
C ASN D 315 54.01 -13.06 -43.32
N ARG D 316 53.22 -12.05 -42.93
CA ARG D 316 53.62 -11.08 -41.92
C ARG D 316 52.54 -10.85 -40.87
N ILE D 317 51.27 -11.06 -41.19
CA ILE D 317 50.19 -10.92 -40.21
C ILE D 317 49.94 -12.23 -39.49
N ILE D 318 50.29 -13.36 -40.11
CA ILE D 318 50.17 -14.65 -39.43
C ILE D 318 51.10 -14.71 -38.23
N LEU D 319 52.27 -14.09 -38.34
CA LEU D 319 53.19 -14.04 -37.19
C LEU D 319 52.58 -13.28 -36.03
N GLY D 320 51.93 -12.15 -36.31
CA GLY D 320 51.34 -11.36 -35.25
C GLY D 320 50.05 -11.90 -34.69
N ALA D 321 49.30 -12.66 -35.51
CA ALA D 321 48.04 -13.22 -35.04
C ALA D 321 48.25 -14.35 -34.03
N LEU D 322 49.45 -14.94 -33.98
CA LEU D 322 49.73 -15.99 -33.02
C LEU D 322 49.81 -15.47 -31.60
N LEU D 323 49.91 -14.16 -31.40
CA LEU D 323 49.85 -13.57 -30.07
C LEU D 323 48.46 -13.62 -29.47
N ASN D 324 47.45 -13.98 -30.26
CA ASN D 324 46.10 -14.17 -29.74
C ASN D 324 46.04 -15.50 -29.00
N PRO D 325 45.60 -15.52 -27.74
CA PRO D 325 45.59 -16.79 -26.99
C PRO D 325 44.54 -17.80 -27.48
N SER D 326 43.81 -17.51 -28.55
CA SER D 326 42.79 -18.42 -29.07
C SER D 326 42.88 -18.50 -30.59
N PHE D 327 44.09 -18.67 -31.11
CA PHE D 327 44.32 -18.80 -32.54
C PHE D 327 45.04 -20.12 -32.82
N HIS D 328 44.57 -20.85 -33.83
CA HIS D 328 45.15 -22.13 -34.21
C HIS D 328 45.36 -22.17 -35.72
N VAL D 329 46.47 -22.78 -36.14
CA VAL D 329 46.79 -22.92 -37.56
C VAL D 329 47.41 -24.30 -37.79
N VAL D 330 47.23 -24.82 -39.00
CA VAL D 330 47.84 -26.07 -39.42
C VAL D 330 48.42 -25.83 -40.81
N ILE D 331 49.72 -26.07 -40.96
CA ILE D 331 50.45 -25.76 -42.19
C ILE D 331 50.99 -27.05 -42.79
N TYR D 332 50.77 -27.22 -44.09
CA TYR D 332 51.29 -28.36 -44.83
C TYR D 332 52.50 -27.95 -45.65
N TYR D 333 53.48 -28.84 -45.75
CA TYR D 333 54.63 -28.61 -46.61
C TYR D 333 55.24 -29.95 -47.00
N PRO D 334 55.28 -30.28 -48.29
CA PRO D 334 55.76 -31.61 -48.70
C PRO D 334 57.24 -31.82 -48.42
N GLU D 335 58.09 -30.91 -48.91
CA GLU D 335 59.54 -31.01 -48.75
C GLU D 335 59.97 -30.15 -47.58
N LEU D 336 59.87 -30.69 -46.38
CA LEU D 336 60.22 -29.97 -45.16
C LEU D 336 61.64 -30.25 -44.68
N LYS D 337 62.13 -31.48 -44.84
CA LYS D 337 63.47 -31.81 -44.36
C LYS D 337 64.55 -31.07 -45.14
N GLU D 338 64.33 -30.88 -46.44
CA GLU D 338 65.32 -30.17 -47.25
C GLU D 338 65.53 -28.75 -46.75
N ALA D 339 64.47 -28.08 -46.31
CA ALA D 339 64.61 -26.75 -45.73
C ALA D 339 65.46 -26.80 -44.47
N ILE D 340 65.23 -27.81 -43.61
CA ILE D 340 66.01 -27.94 -42.39
C ILE D 340 67.48 -28.14 -42.71
N THR D 341 67.78 -28.97 -43.71
CA THR D 341 69.17 -29.19 -44.10
C THR D 341 69.80 -27.92 -44.66
N LYS D 342 69.05 -27.19 -45.49
CA LYS D 342 69.61 -26.04 -46.18
C LYS D 342 69.66 -24.78 -45.33
N VAL D 343 68.98 -24.76 -44.17
CA VAL D 343 69.03 -23.60 -43.30
C VAL D 343 70.21 -23.68 -42.33
N SER D 344 70.54 -24.88 -41.85
CA SER D 344 71.64 -25.03 -40.91
C SER D 344 72.96 -24.57 -41.51
N LYS D 345 73.14 -24.74 -42.82
CA LYS D 345 74.36 -24.27 -43.48
C LYS D 345 74.40 -22.76 -43.63
N GLY D 346 73.29 -22.06 -43.41
CA GLY D 346 73.25 -20.63 -43.53
C GLY D 346 73.04 -20.09 -44.93
N GLY D 347 72.51 -20.90 -45.84
CA GLY D 347 72.31 -20.46 -47.21
C GLY D 347 70.92 -20.74 -47.76
N GLY D 348 69.90 -20.63 -46.91
CA GLY D 348 68.54 -20.87 -47.34
C GLY D 348 67.93 -19.69 -48.07
N SER D 349 66.69 -19.89 -48.51
CA SER D 349 65.94 -18.86 -49.21
C SER D 349 64.90 -18.23 -48.29
N GLU D 350 64.35 -17.10 -48.73
CA GLU D 350 63.39 -16.37 -47.91
C GLU D 350 62.14 -17.20 -47.63
N ALA D 351 61.75 -18.05 -48.58
CA ALA D 351 60.60 -18.91 -48.36
C ALA D 351 60.91 -20.00 -47.34
N GLU D 352 62.15 -20.51 -47.34
CA GLU D 352 62.49 -21.62 -46.45
C GLU D 352 62.75 -21.14 -45.03
N LYS D 353 63.30 -19.93 -44.88
CA LYS D 353 63.62 -19.43 -43.55
C LYS D 353 62.35 -19.29 -42.70
N ALA D 354 61.27 -18.77 -43.29
CA ALA D 354 60.04 -18.58 -42.54
C ALA D 354 59.45 -19.91 -42.09
N ILE D 355 59.39 -20.89 -43.01
CA ILE D 355 58.79 -22.17 -42.67
C ILE D 355 59.66 -22.93 -41.67
N VAL D 356 60.98 -22.72 -41.70
CA VAL D 356 61.84 -23.32 -40.68
C VAL D 356 61.62 -22.64 -39.33
N THR D 357 61.48 -21.32 -39.32
CA THR D 357 61.24 -20.59 -38.07
C THR D 357 59.90 -20.97 -37.45
N LEU D 358 58.89 -21.26 -38.27
CA LEU D 358 57.58 -21.62 -37.73
C LEU D 358 57.65 -22.92 -36.93
N LYS D 359 58.41 -23.90 -37.42
CA LYS D 359 58.50 -25.19 -36.76
C LYS D 359 59.22 -25.13 -35.42
N ASN D 360 60.09 -24.14 -35.22
CA ASN D 360 60.91 -24.04 -34.03
C ASN D 360 60.26 -23.23 -32.91
N MET D 361 58.96 -22.95 -33.02
CA MET D 361 58.27 -22.18 -31.98
C MET D 361 58.06 -23.01 -30.73
N ALA D 362 57.79 -22.32 -29.62
CA ALA D 362 57.56 -22.95 -28.33
C ALA D 362 56.10 -22.91 -27.91
N PHE D 363 55.19 -22.74 -28.87
CA PHE D 363 53.76 -22.68 -28.60
C PHE D 363 53.09 -23.96 -29.09
N ASN D 364 51.99 -24.33 -28.43
CA ASN D 364 51.20 -25.49 -28.82
C ASN D 364 50.16 -25.17 -29.89
N GLN D 365 50.15 -23.94 -30.39
CA GLN D 365 49.15 -23.49 -31.35
C GLN D 365 49.60 -23.62 -32.80
N VAL D 366 50.78 -24.18 -33.05
CA VAL D 366 51.33 -24.30 -34.41
C VAL D 366 51.63 -25.76 -34.68
N THR D 367 51.18 -26.26 -35.84
CA THR D 367 51.43 -27.62 -36.26
C THR D 367 51.87 -27.62 -37.72
N VAL D 368 52.96 -28.35 -38.00
CA VAL D 368 53.49 -28.46 -39.35
C VAL D 368 53.54 -29.94 -39.73
N VAL D 369 53.05 -30.27 -40.92
CA VAL D 369 52.95 -31.65 -41.39
C VAL D 369 53.73 -31.78 -42.67
N GLY D 370 54.62 -32.77 -42.73
CA GLY D 370 55.39 -33.05 -43.93
C GLY D 370 55.31 -34.50 -44.34
N GLY D 371 56.17 -34.92 -45.27
CA GLY D 371 56.19 -36.31 -45.69
C GLY D 371 55.99 -36.53 -47.17
N GLY D 372 56.29 -35.52 -47.98
CA GLY D 372 56.20 -35.65 -49.42
C GLY D 372 54.80 -35.86 -49.94
N SER D 373 54.54 -37.03 -50.52
CA SER D 373 53.24 -37.32 -51.11
C SER D 373 52.16 -37.53 -50.06
N LYS D 374 52.52 -37.64 -48.78
CA LYS D 374 51.55 -37.83 -47.72
C LYS D 374 50.86 -36.53 -47.31
N ALA D 375 51.32 -35.39 -47.82
CA ALA D 375 50.76 -34.08 -47.50
C ALA D 375 50.21 -33.41 -48.76
N TYR D 376 49.51 -34.18 -49.58
CA TYR D 376 48.89 -33.66 -50.79
C TYR D 376 47.46 -33.22 -50.51
N PHE D 377 46.75 -32.83 -51.57
CA PHE D 377 45.39 -32.33 -51.42
C PHE D 377 44.45 -33.44 -50.98
N ASN D 378 44.54 -34.62 -51.60
CA ASN D 378 43.61 -35.70 -51.32
C ASN D 378 43.73 -36.18 -49.88
N SER D 379 44.95 -36.29 -49.36
CA SER D 379 45.13 -36.70 -47.98
C SER D 379 44.53 -35.68 -47.02
N PHE D 380 44.69 -34.39 -47.33
CA PHE D 380 44.05 -33.35 -46.52
C PHE D 380 42.53 -33.48 -46.55
N VAL D 381 41.96 -33.76 -47.71
CA VAL D 381 40.52 -33.92 -47.80
C VAL D 381 40.06 -35.11 -46.97
N GLU D 382 40.83 -36.21 -47.01
CA GLU D 382 40.44 -37.41 -46.28
C GLU D 382 40.72 -37.33 -44.79
N HIS D 383 41.52 -36.34 -44.33
CA HIS D 383 41.68 -36.16 -42.89
C HIS D 383 40.41 -35.63 -42.23
N LEU D 384 39.65 -34.78 -42.93
CA LEU D 384 38.45 -34.21 -42.33
C LEU D 384 37.42 -35.30 -42.06
N PRO D 385 36.70 -35.22 -40.94
CA PRO D 385 35.73 -36.27 -40.61
C PRO D 385 34.30 -35.97 -41.01
N TYR D 386 33.47 -37.01 -41.12
CA TYR D 386 32.03 -36.85 -41.26
C TYR D 386 31.41 -36.44 -39.94
N PRO D 387 30.22 -35.84 -39.97
CA PRO D 387 29.52 -35.51 -38.72
C PRO D 387 28.69 -36.67 -38.19
N VAL D 388 28.55 -36.69 -36.86
CA VAL D 388 27.73 -37.69 -36.19
C VAL D 388 26.29 -37.23 -36.19
N LEU D 389 25.37 -38.16 -36.45
CA LEU D 389 23.95 -37.84 -36.54
C LEU D 389 23.25 -37.91 -35.19
N PHE D 390 23.28 -39.08 -34.56
CA PHE D 390 22.57 -39.31 -33.29
C PHE D 390 23.57 -39.73 -32.21
N PRO D 391 24.01 -38.80 -31.35
CA PRO D 391 24.95 -39.11 -30.28
C PRO D 391 24.26 -39.64 -29.02
N SER E 2 -15.04 8.06 -62.75
CA SER E 2 -15.95 6.92 -62.76
C SER E 2 -15.42 5.77 -61.92
N ILE E 3 -15.78 5.77 -60.64
CA ILE E 3 -15.43 4.70 -59.72
C ILE E 3 -16.72 4.09 -59.20
N TYR E 4 -16.87 2.78 -59.35
CA TYR E 4 -18.12 2.08 -59.06
C TYR E 4 -17.89 1.11 -57.91
N GLN E 5 -18.80 1.11 -56.93
CA GLN E 5 -18.75 0.22 -55.78
C GLN E 5 -20.13 -0.42 -55.61
N GLY E 6 -20.34 -1.56 -56.27
CA GLY E 6 -21.60 -2.29 -56.13
C GLY E 6 -22.80 -1.55 -56.64
N GLY E 7 -22.68 -0.92 -57.82
CA GLY E 7 -23.80 -0.23 -58.42
C GLY E 7 -24.00 1.21 -57.99
N ASN E 8 -22.98 1.86 -57.43
CA ASN E 8 -23.11 3.24 -57.01
C ASN E 8 -22.03 4.11 -57.64
N LYS E 9 -21.94 5.37 -57.21
CA LYS E 9 -20.94 6.29 -57.72
C LYS E 9 -20.31 7.05 -56.56
N LEU E 10 -19.02 7.32 -56.66
CA LEU E 10 -18.31 8.08 -55.65
C LEU E 10 -17.16 8.84 -56.29
N ASN E 11 -16.77 9.93 -55.65
CA ASN E 11 -15.79 10.86 -56.20
C ASN E 11 -14.37 10.38 -55.90
N GLU E 12 -13.38 11.21 -56.20
CA GLU E 12 -11.97 10.84 -56.11
C GLU E 12 -11.44 10.83 -54.68
N ASP E 13 -11.92 11.72 -53.81
CA ASP E 13 -11.40 11.78 -52.45
C ASP E 13 -11.68 10.50 -51.69
N ASP E 14 -12.91 9.98 -51.81
CA ASP E 14 -13.24 8.72 -51.16
C ASP E 14 -12.40 7.57 -51.70
N PHE E 15 -12.17 7.56 -53.02
CA PHE E 15 -11.34 6.53 -53.60
C PHE E 15 -9.91 6.58 -53.08
N ARG E 16 -9.35 7.79 -52.96
CA ARG E 16 -7.99 7.92 -52.43
C ARG E 16 -7.93 7.48 -50.97
N SER E 17 -8.92 7.87 -50.16
CA SER E 17 -8.93 7.43 -48.77
C SER E 17 -9.03 5.91 -48.66
N HIS E 18 -9.89 5.30 -49.49
CA HIS E 18 -10.03 3.86 -49.50
C HIS E 18 -8.73 3.17 -49.89
N VAL E 19 -8.06 3.70 -50.92
CA VAL E 19 -6.79 3.12 -51.37
C VAL E 19 -5.74 3.22 -50.28
N TYR E 20 -5.67 4.36 -49.59
CA TYR E 20 -4.74 4.50 -48.49
C TYR E 20 -5.05 3.51 -47.38
N SER E 21 -6.34 3.30 -47.10
CA SER E 21 -6.73 2.33 -46.07
C SER E 21 -6.32 0.91 -46.44
N LEU E 22 -6.47 0.54 -47.72
CA LEU E 22 -6.14 -0.83 -48.12
C LEU E 22 -4.63 -1.05 -48.27
N CYS E 23 -3.84 0.02 -48.32
CA CYS E 23 -2.41 -0.09 -48.55
C CYS E 23 -1.63 -0.31 -47.26
N GLN E 24 -2.28 -0.76 -46.19
CA GLN E 24 -1.65 -1.03 -44.91
C GLN E 24 -2.14 -2.34 -44.33
N LEU E 25 -2.41 -3.32 -45.20
CA LEU E 25 -2.86 -4.64 -44.76
C LEU E 25 -1.68 -5.61 -44.71
N ASP E 26 -1.98 -6.83 -44.25
CA ASP E 26 -0.92 -7.83 -44.06
C ASP E 26 -0.31 -8.27 -45.39
N ASN E 27 -1.14 -8.49 -46.40
CA ASN E 27 -0.69 -8.99 -47.69
C ASN E 27 -1.13 -8.05 -48.80
N VAL E 28 -0.21 -7.76 -49.72
CA VAL E 28 -0.46 -6.87 -50.85
C VAL E 28 0.06 -7.56 -52.11
N GLY E 29 -0.76 -7.57 -53.15
CA GLY E 29 -0.36 -8.14 -54.42
C GLY E 29 -0.78 -7.24 -55.58
N VAL E 30 -0.01 -7.33 -56.65
CA VAL E 30 -0.27 -6.55 -57.86
C VAL E 30 -0.20 -7.48 -59.06
N LEU E 31 -1.20 -7.40 -59.93
CA LEU E 31 -1.25 -8.18 -61.16
C LEU E 31 -1.18 -7.24 -62.34
N LEU E 32 -0.27 -7.52 -63.27
CA LEU E 32 -0.09 -6.71 -64.47
C LEU E 32 -0.28 -7.58 -65.70
N GLY E 33 -0.96 -7.01 -66.71
CA GLY E 33 -1.24 -7.71 -67.93
C GLY E 33 -0.38 -7.23 -69.09
N ALA E 34 -0.87 -7.50 -70.31
CA ALA E 34 -0.12 -7.19 -71.51
C ALA E 34 -0.22 -5.73 -71.93
N GLY E 35 -1.15 -4.97 -71.36
CA GLY E 35 -1.32 -3.58 -71.75
C GLY E 35 -0.44 -2.59 -71.02
N ALA E 36 0.35 -3.05 -70.05
CA ALA E 36 1.18 -2.16 -69.25
C ALA E 36 2.56 -1.93 -69.84
N SER E 37 2.90 -2.60 -70.94
CA SER E 37 4.22 -2.47 -71.56
C SER E 37 4.19 -1.55 -72.78
N VAL E 38 3.09 -0.85 -73.02
CA VAL E 38 3.00 0.01 -74.19
C VAL E 38 3.74 1.33 -73.99
N GLY E 39 4.05 1.70 -72.74
CA GLY E 39 4.76 2.94 -72.49
C GLY E 39 6.23 2.90 -72.84
N CYS E 40 6.76 1.73 -73.22
CA CYS E 40 8.15 1.60 -73.60
C CYS E 40 8.35 1.29 -75.08
N GLY E 41 7.28 0.93 -75.79
CA GLY E 41 7.39 0.59 -77.20
C GLY E 41 6.81 -0.75 -77.54
N GLY E 42 6.02 -1.33 -76.62
CA GLY E 42 5.42 -2.62 -76.83
C GLY E 42 4.19 -2.56 -77.70
N LYS E 43 3.56 -3.72 -77.87
CA LYS E 43 2.36 -3.84 -78.68
C LYS E 43 1.38 -4.79 -78.03
N THR E 44 0.10 -4.59 -78.33
CA THR E 44 -0.98 -5.43 -77.83
C THR E 44 -1.28 -6.52 -78.87
N MET E 45 -1.91 -7.61 -78.40
CA MET E 45 -2.10 -8.78 -79.25
C MET E 45 -2.90 -8.47 -80.51
N LYS E 46 -3.84 -7.51 -80.43
CA LYS E 46 -4.59 -7.14 -81.63
C LYS E 46 -3.67 -6.54 -82.69
N ASP E 47 -2.73 -5.70 -82.27
CA ASP E 47 -1.76 -5.15 -83.21
C ASP E 47 -0.88 -6.25 -83.79
N VAL E 48 -0.53 -7.24 -82.97
CA VAL E 48 0.26 -8.37 -83.46
C VAL E 48 -0.50 -9.12 -84.54
N TRP E 49 -1.79 -9.37 -84.30
CA TRP E 49 -2.60 -10.07 -85.29
C TRP E 49 -2.73 -9.26 -86.57
N LYS E 50 -2.91 -7.94 -86.44
CA LYS E 50 -2.99 -7.08 -87.62
C LYS E 50 -1.71 -7.15 -88.43
N SER E 51 -0.56 -7.07 -87.75
CA SER E 51 0.72 -7.14 -88.44
C SER E 51 0.90 -8.50 -89.12
N PHE E 52 0.50 -9.58 -88.44
CA PHE E 52 0.62 -10.91 -89.02
C PHE E 52 -0.24 -11.05 -90.29
N LYS E 53 -1.48 -10.60 -90.22
CA LYS E 53 -2.35 -10.75 -91.38
C LYS E 53 -2.06 -9.76 -92.48
N GLN E 54 -1.31 -8.69 -92.20
CA GLN E 54 -0.88 -7.79 -93.26
C GLN E 54 0.45 -8.20 -93.89
N ASN E 55 1.33 -8.85 -93.13
CA ASN E 55 2.66 -9.18 -93.63
C ASN E 55 2.70 -10.51 -94.37
N TYR E 56 1.95 -11.52 -93.91
CA TYR E 56 1.96 -12.85 -94.49
C TYR E 56 0.53 -13.21 -94.91
N PRO E 57 0.12 -12.89 -96.13
CA PRO E 57 -1.27 -13.12 -96.53
C PRO E 57 -1.53 -14.51 -97.08
N GLU E 58 -0.51 -15.16 -97.64
CA GLU E 58 -0.72 -16.45 -98.28
C GLU E 58 -1.12 -17.53 -97.27
N LEU E 59 -0.46 -17.56 -96.12
CA LEU E 59 -0.73 -18.58 -95.12
C LEU E 59 -2.09 -18.42 -94.47
N LEU E 60 -2.65 -17.21 -94.47
CA LEU E 60 -3.96 -17.00 -93.86
C LEU E 60 -5.05 -17.78 -94.59
N GLY E 61 -4.96 -17.83 -95.92
CA GLY E 61 -5.97 -18.55 -96.69
C GLY E 61 -5.98 -20.04 -96.40
N ALA E 62 -4.79 -20.63 -96.24
CA ALA E 62 -4.70 -22.07 -96.00
C ALA E 62 -4.99 -22.45 -94.55
N LEU E 63 -5.11 -21.48 -93.65
CA LEU E 63 -5.32 -21.75 -92.24
C LEU E 63 -6.80 -21.91 -91.89
N ILE E 64 -7.70 -21.77 -92.86
CA ILE E 64 -9.14 -21.79 -92.61
C ILE E 64 -9.81 -22.94 -93.36
N ASP E 65 -9.59 -23.03 -94.68
CA ASP E 65 -10.37 -23.95 -95.50
C ASP E 65 -10.01 -25.41 -95.22
N LYS E 66 -8.74 -25.71 -95.00
CA LYS E 66 -8.32 -27.10 -94.86
C LYS E 66 -8.49 -27.62 -93.43
N TYR E 67 -8.02 -26.87 -92.45
CA TYR E 67 -7.95 -27.37 -91.08
C TYR E 67 -9.12 -26.93 -90.21
N LEU E 68 -9.80 -25.83 -90.57
CA LEU E 68 -10.99 -25.36 -89.85
C LEU E 68 -10.72 -25.17 -88.37
N LEU E 69 -9.52 -24.66 -88.04
CA LEU E 69 -9.17 -24.39 -86.67
C LEU E 69 -9.48 -22.97 -86.24
N VAL E 70 -9.50 -22.03 -87.18
CA VAL E 70 -9.80 -20.63 -86.90
C VAL E 70 -11.06 -20.23 -87.64
N SER E 71 -11.97 -19.55 -86.95
CA SER E 71 -13.24 -19.15 -87.54
C SER E 71 -13.05 -17.94 -88.45
N GLN E 72 -13.96 -17.80 -89.41
CA GLN E 72 -13.90 -16.68 -90.35
C GLN E 72 -14.33 -15.38 -89.68
N ILE E 73 -15.32 -15.44 -88.80
CA ILE E 73 -15.91 -14.22 -88.24
C ILE E 73 -14.91 -13.50 -87.34
N ASP E 74 -14.21 -14.24 -86.48
CA ASP E 74 -13.35 -13.62 -85.48
C ASP E 74 -12.18 -12.88 -86.12
N SER E 75 -11.68 -13.38 -87.25
CA SER E 75 -10.53 -12.76 -87.90
C SER E 75 -10.82 -11.33 -88.33
N ASP E 76 -12.07 -11.05 -88.72
CA ASP E 76 -12.43 -9.67 -89.07
C ASP E 76 -12.61 -8.82 -87.82
N ASN E 77 -13.21 -9.39 -86.76
CA ASN E 77 -13.45 -8.64 -85.54
C ASN E 77 -12.20 -8.51 -84.67
N ASN E 78 -11.12 -9.20 -85.02
CA ASN E 78 -9.85 -9.12 -84.30
C ASN E 78 -10.02 -9.50 -82.83
N LEU E 79 -10.50 -10.72 -82.62
CA LEU E 79 -10.61 -11.34 -81.30
C LEU E 79 -9.95 -12.71 -81.30
N VAL E 80 -8.77 -12.80 -81.91
CA VAL E 80 -8.07 -14.06 -82.07
C VAL E 80 -7.09 -14.24 -80.91
N ASN E 81 -7.18 -15.38 -80.23
CA ASN E 81 -6.29 -15.71 -79.13
C ASN E 81 -5.05 -16.37 -79.72
N VAL E 82 -3.97 -15.59 -79.84
CA VAL E 82 -2.74 -16.09 -80.45
C VAL E 82 -2.09 -17.15 -79.58
N GLU E 83 -2.20 -17.01 -78.26
CA GLU E 83 -1.51 -17.92 -77.34
C GLU E 83 -2.03 -19.35 -77.46
N LEU E 84 -3.27 -19.55 -77.90
CA LEU E 84 -3.86 -20.87 -78.02
C LEU E 84 -3.83 -21.42 -79.44
N LEU E 85 -3.15 -20.74 -80.36
CA LEU E 85 -2.99 -21.25 -81.72
C LEU E 85 -1.71 -22.07 -81.87
N ILE E 86 -0.64 -21.63 -81.21
CA ILE E 86 0.64 -22.33 -81.28
C ILE E 86 0.55 -23.72 -80.70
N ASP E 87 -0.27 -23.91 -79.65
CA ASP E 87 -0.43 -25.23 -79.06
C ASP E 87 -1.04 -26.21 -80.05
N GLU E 88 -2.11 -25.79 -80.73
CA GLU E 88 -2.74 -26.66 -81.72
C GLU E 88 -1.81 -26.92 -82.90
N ALA E 89 -1.07 -25.90 -83.33
CA ALA E 89 -0.11 -26.10 -84.42
C ALA E 89 0.96 -27.11 -84.03
N THR E 90 1.49 -27.01 -82.80
CA THR E 90 2.51 -27.94 -82.34
C THR E 90 1.95 -29.35 -82.22
N LYS E 91 0.71 -29.49 -81.75
CA LYS E 91 0.09 -30.81 -81.69
C LYS E 91 -0.04 -31.42 -83.08
N PHE E 92 -0.49 -30.64 -84.06
CA PHE E 92 -0.61 -31.13 -85.43
C PHE E 92 0.75 -31.56 -85.97
N LEU E 93 1.78 -30.73 -85.74
CA LEU E 93 3.11 -31.07 -86.22
C LEU E 93 3.64 -32.34 -85.57
N SER E 94 3.42 -32.49 -84.25
CA SER E 94 3.91 -33.67 -83.55
C SER E 94 3.26 -34.94 -84.05
N VAL E 95 1.93 -34.91 -84.23
CA VAL E 95 1.26 -36.13 -84.70
C VAL E 95 1.66 -36.43 -86.14
N ALA E 96 1.78 -35.40 -86.98
CA ALA E 96 2.19 -35.62 -88.37
C ALA E 96 3.59 -36.21 -88.44
N LYS E 97 4.51 -35.71 -87.61
CA LYS E 97 5.87 -36.24 -87.61
C LYS E 97 5.92 -37.67 -87.09
N THR E 98 5.13 -37.98 -86.06
CA THR E 98 5.09 -39.35 -85.55
C THR E 98 4.57 -40.30 -86.61
N ARG E 99 3.52 -39.91 -87.33
CA ARG E 99 3.00 -40.75 -88.41
C ARG E 99 3.93 -40.78 -89.61
N ARG E 100 4.96 -39.94 -89.64
CA ARG E 100 5.89 -39.83 -90.77
C ARG E 100 5.15 -39.51 -92.07
N CYS E 101 4.57 -38.32 -92.09
CA CYS E 101 3.91 -37.76 -93.27
C CYS E 101 4.80 -36.61 -93.75
N GLU E 102 5.66 -36.92 -94.72
CA GLU E 102 6.71 -35.99 -95.11
C GLU E 102 6.15 -34.70 -95.72
N ASP E 103 5.10 -34.80 -96.53
CA ASP E 103 4.58 -33.62 -97.21
C ASP E 103 3.82 -32.70 -96.27
N GLU E 104 3.28 -33.23 -95.17
CA GLU E 104 2.50 -32.40 -94.25
C GLU E 104 3.37 -31.48 -93.42
N GLU E 105 4.61 -31.88 -93.15
CA GLU E 105 5.50 -31.07 -92.32
C GLU E 105 5.88 -29.77 -93.01
N GLU E 106 5.95 -29.77 -94.34
CA GLU E 106 6.48 -28.60 -95.05
C GLU E 106 5.58 -27.38 -94.93
N GLU E 107 4.35 -27.54 -94.47
CA GLU E 107 3.49 -26.39 -94.21
C GLU E 107 3.52 -25.97 -92.74
N PHE E 108 3.41 -26.93 -91.82
CA PHE E 108 3.40 -26.60 -90.41
C PHE E 108 4.76 -26.18 -89.89
N ARG E 109 5.83 -26.46 -90.63
CA ARG E 109 7.17 -26.00 -90.27
C ARG E 109 7.47 -24.63 -90.84
N LYS E 110 6.57 -24.07 -91.65
CA LYS E 110 6.72 -22.72 -92.18
C LYS E 110 5.71 -21.73 -91.61
N ILE E 111 4.58 -22.21 -91.07
CA ILE E 111 3.63 -21.32 -90.43
C ILE E 111 4.03 -20.97 -89.01
N LEU E 112 4.84 -21.79 -88.36
CA LEU E 112 5.33 -21.47 -87.02
C LEU E 112 6.52 -20.52 -87.04
N SER E 113 7.32 -20.53 -88.12
CA SER E 113 8.43 -19.59 -88.20
C SER E 113 7.93 -18.15 -88.27
N SER E 114 6.89 -17.89 -89.07
CA SER E 114 6.35 -16.54 -89.18
C SER E 114 5.77 -16.08 -87.85
N LEU E 115 5.06 -16.97 -87.15
CA LEU E 115 4.43 -16.59 -85.89
C LEU E 115 5.48 -16.19 -84.86
N TYR E 116 6.56 -16.95 -84.74
CA TYR E 116 7.59 -16.62 -83.78
C TYR E 116 8.42 -15.42 -84.23
N LYS E 117 8.56 -15.22 -85.54
CA LYS E 117 9.20 -14.01 -86.03
C LYS E 117 8.41 -12.77 -85.64
N GLU E 118 7.09 -12.83 -85.76
CA GLU E 118 6.25 -11.67 -85.45
C GLU E 118 6.11 -11.46 -83.94
N VAL E 119 5.97 -12.55 -83.17
CA VAL E 119 5.73 -12.42 -81.74
C VAL E 119 6.94 -11.83 -81.04
N THR E 120 8.15 -12.28 -81.40
CA THR E 120 9.35 -11.82 -80.72
C THR E 120 9.57 -10.32 -80.91
N LYS E 121 9.36 -9.82 -82.13
CA LYS E 121 9.70 -8.44 -82.45
C LYS E 121 8.92 -7.43 -81.62
N ALA E 122 7.78 -7.82 -81.07
CA ALA E 122 6.97 -6.94 -80.24
C ALA E 122 7.30 -7.04 -78.76
N ALA E 123 8.37 -7.77 -78.40
CA ALA E 123 8.75 -7.94 -77.00
C ALA E 123 10.14 -7.42 -76.68
N LEU E 124 10.94 -7.04 -77.68
CA LEU E 124 12.27 -6.51 -77.40
C LEU E 124 12.20 -5.22 -76.59
N LEU E 125 11.23 -4.37 -76.91
CA LEU E 125 10.95 -3.12 -76.20
C LEU E 125 12.04 -2.06 -76.43
N THR E 126 13.10 -2.42 -77.14
CA THR E 126 14.14 -1.44 -77.46
C THR E 126 14.69 -1.64 -78.88
N GLY E 127 14.11 -2.56 -79.64
CA GLY E 127 14.60 -2.81 -80.99
C GLY E 127 16.02 -3.34 -81.00
N GLU E 128 16.87 -2.69 -81.80
CA GLU E 128 18.24 -3.15 -81.97
C GLU E 128 19.07 -3.02 -80.70
N GLN E 129 18.76 -2.05 -79.84
CA GLN E 129 19.52 -1.83 -78.62
C GLN E 129 19.09 -2.77 -77.52
N PHE E 130 19.16 -4.08 -77.76
CA PHE E 130 18.77 -5.08 -76.77
C PHE E 130 19.94 -5.77 -76.11
N ARG E 131 21.09 -5.84 -76.76
CA ARG E 131 22.26 -6.54 -76.24
C ARG E 131 23.20 -5.63 -75.45
N GLU E 132 22.90 -4.34 -75.35
CA GLU E 132 23.81 -3.41 -74.71
C GLU E 132 23.69 -3.50 -73.19
N LYS E 133 24.32 -2.57 -72.49
CA LYS E 133 24.36 -2.56 -71.03
C LYS E 133 23.77 -1.27 -70.50
N ASN E 134 23.24 -1.33 -69.27
CA ASN E 134 22.65 -0.19 -68.58
C ASN E 134 21.49 0.41 -69.39
N GLN E 135 20.47 -0.43 -69.56
CA GLN E 135 19.26 -0.06 -70.29
C GLN E 135 18.14 0.41 -69.38
N GLY E 136 18.40 0.58 -68.09
CA GLY E 136 17.36 0.99 -67.17
C GLY E 136 17.43 2.46 -66.78
N LYS E 137 18.42 3.17 -67.31
CA LYS E 137 18.60 4.58 -67.00
C LYS E 137 17.90 5.50 -67.99
N LYS E 138 17.21 4.97 -68.98
CA LYS E 138 16.50 5.80 -69.94
C LYS E 138 15.17 6.27 -69.35
N ASP E 139 14.58 7.27 -70.00
CA ASP E 139 13.36 7.90 -69.49
C ASP E 139 12.11 7.05 -69.75
N ALA E 140 12.20 6.01 -70.57
CA ALA E 140 11.03 5.22 -70.90
C ALA E 140 10.50 4.48 -69.67
N PHE E 141 11.39 3.96 -68.83
CA PHE E 141 11.01 3.14 -67.68
C PHE E 141 10.89 3.94 -66.40
N LYS E 142 10.48 5.21 -66.49
CA LYS E 142 10.45 6.08 -65.32
C LYS E 142 9.39 5.66 -64.30
N TYR E 143 8.30 5.03 -64.75
CA TYR E 143 7.18 4.73 -63.86
C TYR E 143 7.36 3.43 -63.09
N HIS E 144 8.04 2.44 -63.67
CA HIS E 144 8.19 1.15 -63.01
C HIS E 144 9.03 1.28 -61.74
N LYS E 145 10.08 2.11 -61.77
CA LYS E 145 10.86 2.35 -60.58
C LYS E 145 10.01 2.97 -59.48
N GLU E 146 9.15 3.93 -59.85
CA GLU E 146 8.25 4.53 -58.87
C GLU E 146 7.31 3.50 -58.27
N LEU E 147 6.76 2.62 -59.12
CA LEU E 147 5.86 1.60 -58.61
C LEU E 147 6.55 0.67 -57.63
N ILE E 148 7.75 0.19 -58.00
CA ILE E 148 8.48 -0.73 -57.12
C ILE E 148 8.86 -0.05 -55.81
N SER E 149 9.35 1.20 -55.88
CA SER E 149 9.74 1.91 -54.67
C SER E 149 8.54 2.17 -53.77
N LYS E 150 7.41 2.58 -54.34
CA LYS E 150 6.22 2.82 -53.54
C LYS E 150 5.72 1.55 -52.86
N LEU E 151 5.75 0.42 -53.60
CA LEU E 151 5.32 -0.83 -53.01
C LEU E 151 6.28 -1.29 -51.90
N ILE E 152 7.58 -1.06 -52.08
CA ILE E 152 8.56 -1.61 -51.16
C ILE E 152 8.66 -0.79 -49.88
N SER E 153 8.63 0.54 -50.00
CA SER E 153 9.01 1.42 -48.89
C SER E 153 7.86 1.75 -47.96
N ASN E 154 6.84 0.89 -47.86
CA ASN E 154 5.75 1.14 -46.92
C ASN E 154 5.37 -0.12 -46.16
N ARG E 155 6.35 -0.95 -45.82
CA ARG E 155 6.11 -2.18 -45.07
C ARG E 155 6.73 -2.06 -43.70
N GLN E 156 5.93 -2.26 -42.66
CA GLN E 156 6.42 -2.22 -41.30
C GLN E 156 7.19 -3.50 -40.98
N PRO E 157 8.07 -3.45 -39.97
CA PRO E 157 8.81 -4.67 -39.59
C PRO E 157 7.86 -5.79 -39.20
N GLY E 158 8.21 -7.00 -39.60
CA GLY E 158 7.37 -8.15 -39.33
C GLY E 158 6.24 -8.35 -40.30
N GLN E 159 6.35 -7.81 -41.51
CA GLN E 159 5.34 -7.96 -42.54
C GLN E 159 5.98 -8.43 -43.84
N SER E 160 5.23 -9.21 -44.61
CA SER E 160 5.79 -9.88 -45.78
C SER E 160 6.19 -8.87 -46.86
N ALA E 161 7.23 -9.23 -47.60
CA ALA E 161 7.66 -8.42 -48.73
C ALA E 161 6.60 -8.50 -49.85
N PRO E 162 6.44 -7.42 -50.62
CA PRO E 162 5.41 -7.40 -51.66
C PRO E 162 5.67 -8.44 -52.74
N ALA E 163 4.59 -8.96 -53.31
CA ALA E 163 4.63 -9.98 -54.35
C ALA E 163 4.05 -9.40 -55.63
N ILE E 164 4.75 -9.63 -56.74
CA ILE E 164 4.36 -9.10 -58.05
C ILE E 164 4.13 -10.27 -59.00
N PHE E 165 2.94 -10.34 -59.57
CA PHE E 165 2.61 -11.27 -60.63
C PHE E 165 2.58 -10.53 -61.97
N THR E 166 2.74 -11.28 -63.05
CA THR E 166 2.78 -10.68 -64.37
C THR E 166 2.37 -11.71 -65.41
N THR E 167 2.16 -11.22 -66.63
CA THR E 167 1.85 -12.06 -67.78
C THR E 167 2.79 -11.86 -68.96
N ASN E 168 3.32 -10.65 -69.16
CA ASN E 168 4.20 -10.38 -70.28
C ASN E 168 5.50 -11.16 -70.15
N TYR E 169 6.10 -11.46 -71.31
CA TYR E 169 7.40 -12.12 -71.40
C TYR E 169 8.48 -11.11 -71.77
N ASP E 170 8.33 -9.87 -71.29
CA ASP E 170 9.24 -8.78 -71.60
C ASP E 170 10.27 -8.64 -70.48
N LEU E 171 11.23 -7.74 -70.68
CA LEU E 171 12.35 -7.55 -69.77
C LEU E 171 12.35 -6.14 -69.19
N ALA E 172 11.17 -5.63 -68.83
CA ALA E 172 11.06 -4.26 -68.35
C ALA E 172 11.22 -4.15 -66.84
N LEU E 173 10.52 -5.00 -66.09
CA LEU E 173 10.57 -4.92 -64.63
C LEU E 173 11.97 -5.22 -64.11
N GLU E 174 12.64 -6.21 -64.68
CA GLU E 174 13.99 -6.54 -64.25
C GLU E 174 14.95 -5.39 -64.53
N TRP E 175 14.85 -4.78 -65.72
CA TRP E 175 15.69 -3.64 -66.05
C TRP E 175 15.44 -2.47 -65.11
N ALA E 176 14.17 -2.21 -64.78
CA ALA E 176 13.85 -1.12 -63.87
C ALA E 176 14.38 -1.40 -62.46
N ALA E 177 14.24 -2.65 -61.99
CA ALA E 177 14.64 -2.97 -60.63
C ALA E 177 16.16 -3.05 -60.48
N GLU E 178 16.88 -3.36 -61.56
CA GLU E 178 18.33 -3.45 -61.46
C GLU E 178 18.97 -2.09 -61.23
N ASP E 179 18.38 -1.03 -61.77
CA ASP E 179 18.94 0.31 -61.58
C ASP E 179 18.79 0.78 -60.13
N LEU E 180 17.67 0.43 -59.48
CA LEU E 180 17.47 0.84 -58.10
C LEU E 180 18.43 0.17 -57.13
N GLY E 181 19.05 -0.94 -57.54
CA GLY E 181 19.90 -1.69 -56.65
C GLY E 181 19.21 -2.71 -55.79
N ILE E 182 18.03 -3.17 -56.20
CA ILE E 182 17.25 -4.14 -55.42
C ILE E 182 17.25 -5.47 -56.15
N GLN E 183 17.41 -6.55 -55.39
CA GLN E 183 17.45 -7.90 -55.93
C GLN E 183 16.06 -8.52 -55.90
N LEU E 184 15.65 -9.12 -57.02
CA LEU E 184 14.36 -9.78 -57.13
C LEU E 184 14.54 -11.29 -57.15
N PHE E 185 13.57 -12.01 -56.59
CA PHE E 185 13.61 -13.47 -56.54
C PHE E 185 12.70 -14.03 -57.62
N ASN E 186 13.25 -14.91 -58.46
CA ASN E 186 12.48 -15.59 -59.50
C ASN E 186 12.66 -17.10 -59.44
N GLY E 187 13.40 -17.62 -58.47
CA GLY E 187 13.56 -19.05 -58.27
C GLY E 187 14.80 -19.66 -58.87
N PHE E 188 15.48 -18.95 -59.76
CA PHE E 188 16.67 -19.49 -60.42
C PHE E 188 17.92 -19.16 -59.63
N SER E 189 18.87 -20.09 -59.62
CA SER E 189 20.09 -19.95 -58.84
C SER E 189 21.30 -20.31 -59.70
N GLY E 190 22.44 -19.74 -59.35
CA GLY E 190 23.68 -19.99 -60.06
C GLY E 190 23.91 -18.99 -61.18
N LEU E 191 25.15 -18.97 -61.67
CA LEU E 191 25.54 -18.06 -62.74
C LEU E 191 25.96 -18.80 -64.01
N HIS E 192 26.96 -19.67 -63.93
CA HIS E 192 27.42 -20.37 -65.13
C HIS E 192 26.47 -21.48 -65.55
N THR E 193 25.55 -21.88 -64.66
CA THR E 193 24.51 -22.86 -65.01
C THR E 193 23.33 -22.58 -64.09
N ARG E 194 22.30 -21.93 -64.62
CA ARG E 194 21.13 -21.56 -63.85
C ARG E 194 20.07 -22.63 -63.98
N GLN E 195 19.48 -23.03 -62.84
CA GLN E 195 18.45 -24.05 -62.80
C GLN E 195 17.32 -23.57 -61.90
N PHE E 196 16.14 -24.12 -62.15
CA PHE E 196 14.94 -23.75 -61.39
C PHE E 196 14.86 -24.59 -60.12
N TYR E 197 14.67 -23.92 -58.99
CA TYR E 197 14.50 -24.58 -57.70
C TYR E 197 13.13 -24.23 -57.13
N PRO E 198 12.16 -25.15 -57.11
CA PRO E 198 10.81 -24.79 -56.67
C PRO E 198 10.70 -24.49 -55.19
N GLN E 199 11.72 -24.83 -54.39
CA GLN E 199 11.69 -24.57 -52.95
C GLN E 199 12.46 -23.31 -52.57
N ASN E 200 12.88 -22.53 -53.56
CA ASN E 200 13.70 -21.34 -53.30
C ASN E 200 12.88 -20.09 -53.05
N PHE E 201 11.55 -20.20 -53.02
CA PHE E 201 10.67 -19.06 -52.80
C PHE E 201 10.41 -18.79 -51.32
N ASP E 202 11.26 -19.31 -50.42
CA ASP E 202 11.05 -19.19 -48.99
C ASP E 202 12.27 -18.65 -48.28
N LEU E 203 13.02 -17.77 -48.93
CA LEU E 203 14.26 -17.23 -48.37
C LEU E 203 14.22 -15.71 -48.35
N ALA E 204 14.83 -15.14 -47.31
CA ALA E 204 14.91 -13.70 -47.15
C ALA E 204 16.35 -13.34 -46.83
N PHE E 205 16.57 -12.06 -46.50
CA PHE E 205 17.89 -11.55 -46.17
C PHE E 205 17.89 -10.98 -44.75
N ARG E 206 18.95 -11.29 -44.01
CA ARG E 206 19.15 -10.75 -42.67
C ARG E 206 20.60 -10.34 -42.52
N ASN E 207 20.85 -9.40 -41.61
CA ASN E 207 22.18 -8.88 -41.37
C ASN E 207 22.82 -9.63 -40.20
N VAL E 208 24.10 -9.97 -40.36
CA VAL E 208 24.81 -10.71 -39.33
C VAL E 208 24.93 -9.88 -38.06
N ASN E 209 25.11 -8.56 -38.21
CA ASN E 209 25.16 -7.69 -37.03
C ASN E 209 23.79 -7.55 -36.39
N ALA E 210 22.74 -7.42 -37.20
CA ALA E 210 21.39 -7.27 -36.67
C ALA E 210 20.50 -8.43 -37.11
N GLY E 217 20.32 -3.87 -47.49
CA GLY E 217 19.69 -4.35 -46.28
C GLY E 217 18.51 -5.26 -46.53
N HIS E 218 17.36 -4.89 -45.98
CA HIS E 218 16.14 -5.68 -46.15
C HIS E 218 15.39 -5.23 -47.40
N TYR E 219 16.01 -5.40 -48.56
CA TYR E 219 15.44 -4.97 -49.84
C TYR E 219 15.30 -6.19 -50.73
N HIS E 220 14.11 -6.80 -50.73
CA HIS E 220 13.85 -7.96 -51.56
C HIS E 220 12.37 -8.03 -51.89
N ALA E 221 12.07 -8.54 -53.08
CA ALA E 221 10.70 -8.71 -53.53
C ALA E 221 10.63 -9.87 -54.50
N TYR E 222 9.55 -10.64 -54.43
CA TYR E 222 9.38 -11.80 -55.29
C TYR E 222 8.86 -11.37 -56.67
N LEU E 223 8.95 -12.29 -57.62
CA LEU E 223 8.45 -12.05 -58.96
C LEU E 223 8.06 -13.39 -59.59
N TYR E 224 6.85 -13.45 -60.12
CA TYR E 224 6.32 -14.65 -60.76
C TYR E 224 5.91 -14.31 -62.18
N LYS E 225 6.31 -15.14 -63.13
CA LYS E 225 5.95 -14.98 -64.53
C LYS E 225 5.08 -16.18 -64.94
N LEU E 226 3.90 -15.89 -65.45
CA LEU E 226 2.93 -16.93 -65.79
C LEU E 226 2.93 -17.30 -67.27
N HIS E 227 3.79 -16.68 -68.08
CA HIS E 227 3.85 -17.00 -69.49
C HIS E 227 5.29 -17.04 -70.00
N GLY E 228 6.23 -17.37 -69.14
CA GLY E 228 7.62 -17.50 -69.54
C GLY E 228 8.30 -16.17 -69.73
N SER E 229 9.46 -16.22 -70.37
CA SER E 229 10.28 -15.04 -70.62
C SER E 229 11.16 -15.30 -71.82
N LEU E 230 11.74 -14.22 -72.36
CA LEU E 230 12.52 -14.32 -73.58
C LEU E 230 13.84 -15.07 -73.39
N THR E 231 14.29 -15.27 -72.15
CA THR E 231 15.62 -15.79 -71.87
C THR E 231 15.56 -17.09 -71.09
N TRP E 232 14.56 -17.92 -71.36
CA TRP E 232 14.46 -19.26 -70.78
C TRP E 232 14.41 -20.27 -71.90
N TYR E 233 15.15 -21.37 -71.76
CA TYR E 233 15.26 -22.36 -72.83
C TYR E 233 15.59 -23.72 -72.24
N GLN E 234 15.39 -24.75 -73.05
CA GLN E 234 15.67 -26.14 -72.70
C GLN E 234 16.79 -26.66 -73.59
N ASN E 235 17.81 -27.24 -72.98
CA ASN E 235 19.00 -27.69 -73.70
C ASN E 235 18.76 -29.07 -74.30
N ASP E 236 19.85 -29.70 -74.78
CA ASP E 236 19.75 -31.06 -75.30
C ASP E 236 19.33 -32.05 -74.22
N SER E 237 19.69 -31.78 -72.97
CA SER E 237 19.26 -32.60 -71.85
C SER E 237 17.84 -32.23 -71.44
N LEU E 238 17.39 -32.72 -70.30
CA LEU E 238 16.06 -32.42 -69.78
C LEU E 238 16.22 -31.57 -68.53
N THR E 239 16.33 -30.25 -68.72
CA THR E 239 16.50 -29.29 -67.64
C THR E 239 16.32 -27.90 -68.23
N VAL E 240 15.82 -26.97 -67.41
CA VAL E 240 15.60 -25.59 -67.82
C VAL E 240 16.83 -24.76 -67.48
N ASN E 241 17.12 -23.78 -68.32
CA ASN E 241 18.30 -22.93 -68.16
C ASN E 241 17.93 -21.48 -68.43
N GLU E 242 18.73 -20.57 -67.86
CA GLU E 242 18.53 -19.14 -68.04
C GLU E 242 19.86 -18.49 -68.41
N VAL E 243 19.82 -17.53 -69.34
CA VAL E 243 20.98 -16.81 -69.81
C VAL E 243 20.65 -15.32 -69.82
N SER E 244 21.64 -14.52 -70.25
CA SER E 244 21.47 -13.08 -70.35
C SER E 244 20.88 -12.69 -71.71
N ALA E 245 20.56 -11.41 -71.85
CA ALA E 245 20.02 -10.91 -73.11
C ALA E 245 21.04 -11.01 -74.23
N SER E 246 22.31 -10.68 -73.95
CA SER E 246 23.34 -10.76 -74.98
C SER E 246 23.52 -12.19 -75.46
N GLN E 247 23.56 -13.14 -74.53
CA GLN E 247 23.75 -14.54 -74.91
C GLN E 247 22.58 -15.07 -75.74
N ALA E 248 21.35 -14.72 -75.34
CA ALA E 248 20.19 -15.15 -76.11
C ALA E 248 20.18 -14.54 -77.50
N TYR E 249 20.55 -13.26 -77.60
CA TYR E 249 20.63 -12.61 -78.92
C TYR E 249 21.68 -13.28 -79.78
N ASP E 250 22.84 -13.62 -79.21
CA ASP E 250 23.86 -14.30 -79.98
C ASP E 250 23.43 -15.70 -80.39
N GLU E 251 22.65 -16.38 -79.55
CA GLU E 251 22.32 -17.77 -79.81
C GLU E 251 21.16 -17.93 -80.79
N TYR E 252 19.96 -17.44 -80.42
CA TYR E 252 18.78 -17.78 -81.22
C TYR E 252 17.87 -16.62 -81.59
N ILE E 253 17.85 -15.52 -80.85
CA ILE E 253 16.95 -14.43 -81.18
C ILE E 253 17.32 -13.80 -82.52
N ASN E 254 18.62 -13.58 -82.75
CA ASN E 254 19.07 -13.05 -84.04
C ASN E 254 18.72 -13.99 -85.17
N ASP E 255 18.90 -15.30 -84.97
CA ASP E 255 18.58 -16.27 -86.00
C ASP E 255 17.10 -16.25 -86.34
N ILE E 256 16.25 -16.13 -85.33
CA ILE E 256 14.80 -16.04 -85.59
C ILE E 256 14.48 -14.75 -86.33
N ILE E 257 15.07 -13.63 -85.90
CA ILE E 257 14.61 -12.34 -86.40
C ILE E 257 15.13 -12.06 -87.81
N ASN E 258 16.28 -12.61 -88.19
CA ASN E 258 16.85 -12.29 -89.50
C ASN E 258 16.79 -13.45 -90.48
N LYS E 259 17.25 -14.64 -90.11
CA LYS E 259 17.27 -15.75 -91.04
C LYS E 259 15.85 -16.16 -91.40
N ASP E 260 15.60 -16.33 -92.70
CA ASP E 260 14.26 -16.54 -93.22
C ASP E 260 13.87 -18.02 -93.32
N ASP E 261 14.79 -18.94 -93.05
CA ASP E 261 14.52 -20.37 -93.12
C ASP E 261 15.00 -21.06 -91.85
N PHE E 262 14.69 -20.47 -90.70
CA PHE E 262 15.17 -20.94 -89.41
C PHE E 262 13.99 -21.34 -88.52
N TYR E 263 14.06 -22.54 -87.95
CA TYR E 263 13.11 -22.98 -86.93
C TYR E 263 13.85 -23.92 -85.99
N ARG E 264 14.14 -23.43 -84.77
CA ARG E 264 14.91 -24.24 -83.82
C ARG E 264 14.15 -25.50 -83.42
N GLY E 265 12.85 -25.37 -83.16
CA GLY E 265 12.05 -26.51 -82.75
C GLY E 265 11.40 -26.29 -81.41
N GLN E 266 11.30 -27.34 -80.59
CA GLN E 266 10.78 -27.20 -79.24
C GLN E 266 11.90 -26.80 -78.28
N HIS E 267 12.64 -25.76 -78.64
CA HIS E 267 13.72 -25.24 -77.82
C HIS E 267 13.31 -24.05 -76.97
N LEU E 268 12.26 -23.33 -77.37
CA LEU E 268 11.78 -22.16 -76.66
C LEU E 268 10.80 -22.57 -75.56
N ILE E 269 10.38 -21.59 -74.76
CA ILE E 269 9.45 -21.82 -73.67
C ILE E 269 8.29 -20.83 -73.65
N TYR E 270 8.21 -19.92 -74.62
CA TYR E 270 7.23 -18.85 -74.58
C TYR E 270 6.41 -18.80 -75.86
N PRO E 271 5.15 -18.37 -75.78
CA PRO E 271 4.35 -18.16 -74.56
C PRO E 271 3.44 -19.36 -74.29
N GLY E 272 3.69 -20.12 -73.23
CA GLY E 272 2.90 -21.29 -72.93
C GLY E 272 2.77 -22.24 -74.11
N ALA E 273 3.87 -22.46 -74.83
CA ALA E 273 3.78 -23.10 -76.14
C ALA E 273 3.62 -24.61 -76.02
N ASN E 274 4.67 -25.30 -75.56
CA ASN E 274 4.66 -26.76 -75.51
C ASN E 274 4.39 -27.22 -74.08
N LYS E 275 3.12 -27.15 -73.70
CA LYS E 275 2.67 -27.60 -72.39
C LYS E 275 2.43 -29.09 -72.32
N TYR E 276 2.49 -29.81 -73.45
CA TYR E 276 2.21 -31.27 -73.42
C TYR E 276 3.45 -31.99 -72.90
N SER E 277 4.67 -31.45 -73.09
CA SER E 277 5.86 -32.06 -72.54
C SER E 277 5.86 -31.97 -71.01
N HIS E 278 6.28 -33.05 -70.36
CA HIS E 278 6.23 -33.12 -68.91
C HIS E 278 7.40 -32.41 -68.23
N THR E 279 8.39 -31.94 -68.99
CA THR E 279 9.50 -31.18 -68.45
C THR E 279 9.35 -29.68 -68.66
N ILE E 280 8.21 -29.23 -69.15
CA ILE E 280 8.00 -27.82 -69.44
C ILE E 280 6.85 -27.28 -68.59
N GLY E 281 5.91 -28.16 -68.25
CA GLY E 281 4.79 -27.76 -67.41
C GLY E 281 5.11 -27.63 -65.94
N PHE E 282 6.30 -28.10 -65.52
CA PHE E 282 6.67 -28.06 -64.11
C PHE E 282 6.87 -26.63 -63.62
N VAL E 283 7.04 -25.67 -64.52
CA VAL E 283 7.14 -24.27 -64.12
C VAL E 283 5.77 -23.64 -63.96
N TYR E 284 4.92 -23.81 -64.98
CA TYR E 284 3.58 -23.24 -64.93
C TYR E 284 2.76 -23.81 -63.79
N GLY E 285 2.97 -25.10 -63.48
CA GLY E 285 2.25 -25.69 -62.36
C GLY E 285 2.56 -25.00 -61.04
N GLU E 286 3.85 -24.76 -60.78
CA GLU E 286 4.23 -24.04 -59.56
C GLU E 286 3.74 -22.60 -59.58
N MET E 287 3.75 -21.96 -60.76
CA MET E 287 3.24 -20.59 -60.84
C MET E 287 1.79 -20.52 -60.42
N PHE E 288 0.96 -21.40 -61.00
CA PHE E 288 -0.46 -21.43 -60.65
C PHE E 288 -0.67 -21.81 -59.19
N ARG E 289 0.11 -22.77 -58.70
CA ARG E 289 0.00 -23.15 -57.30
C ARG E 289 0.26 -21.97 -56.36
N ARG E 290 1.31 -21.21 -56.64
CA ARG E 290 1.65 -20.10 -55.75
C ARG E 290 0.64 -18.97 -55.88
N PHE E 291 0.11 -18.73 -57.08
CA PHE E 291 -0.94 -17.74 -57.25
C PHE E 291 -2.17 -18.11 -56.41
N GLY E 292 -2.63 -19.34 -56.55
CA GLY E 292 -3.81 -19.77 -55.81
C GLY E 292 -3.59 -19.78 -54.30
N GLU E 293 -2.39 -20.14 -53.87
CA GLU E 293 -2.09 -20.11 -52.44
C GLU E 293 -2.03 -18.68 -51.92
N PHE E 294 -1.51 -17.75 -52.72
CA PHE E 294 -1.41 -16.37 -52.24
C PHE E 294 -2.76 -15.71 -52.12
N ILE E 295 -3.61 -15.82 -53.16
CA ILE E 295 -4.87 -15.09 -53.12
C ILE E 295 -5.88 -15.69 -52.16
N SER E 296 -5.59 -16.85 -51.56
CA SER E 296 -6.49 -17.50 -50.62
C SER E 296 -6.16 -17.17 -49.16
N LYS E 297 -5.25 -16.24 -48.92
CA LYS E 297 -4.85 -15.91 -47.56
C LYS E 297 -5.92 -15.04 -46.88
N PRO E 298 -5.99 -15.10 -45.54
CA PRO E 298 -7.13 -14.47 -44.85
C PRO E 298 -7.30 -12.97 -45.09
N GLN E 299 -6.21 -12.21 -45.18
CA GLN E 299 -6.30 -10.75 -45.23
C GLN E 299 -5.57 -10.20 -46.46
N THR E 300 -5.86 -10.79 -47.61
CA THR E 300 -5.23 -10.36 -48.85
C THR E 300 -5.83 -9.03 -49.34
N ALA E 301 -4.96 -8.20 -49.92
CA ALA E 301 -5.38 -6.99 -50.62
C ALA E 301 -4.73 -7.00 -51.99
N LEU E 302 -5.52 -6.89 -53.04
CA LEU E 302 -5.05 -7.14 -54.40
C LEU E 302 -5.32 -5.95 -55.31
N PHE E 303 -4.49 -5.83 -56.34
CA PHE E 303 -4.67 -4.84 -57.40
C PHE E 303 -4.57 -5.54 -58.75
N ILE E 304 -5.35 -5.06 -59.72
CA ILE E 304 -5.37 -5.62 -61.06
C ILE E 304 -5.29 -4.49 -62.06
N ASN E 305 -4.48 -4.67 -63.11
CA ASN E 305 -4.35 -3.66 -64.15
C ASN E 305 -3.81 -4.32 -65.40
N GLY E 306 -4.29 -3.85 -66.55
CA GLY E 306 -3.80 -4.32 -67.83
C GLY E 306 -4.25 -5.70 -68.22
N PHE E 307 -5.22 -6.28 -67.51
CA PHE E 307 -5.65 -7.66 -67.75
C PHE E 307 -6.98 -7.64 -68.50
N GLY E 308 -7.00 -8.26 -69.67
CA GLY E 308 -8.15 -8.25 -70.54
C GLY E 308 -9.18 -9.34 -70.32
N PHE E 309 -8.95 -10.23 -69.35
CA PHE E 309 -9.88 -11.28 -68.96
C PHE E 309 -10.18 -12.25 -70.09
N GLY E 310 -9.23 -12.45 -71.01
CA GLY E 310 -9.43 -13.37 -72.10
C GLY E 310 -9.27 -14.83 -71.74
N ASP E 311 -8.79 -15.14 -70.54
CA ASP E 311 -8.63 -16.51 -70.09
C ASP E 311 -9.85 -16.94 -69.27
N TYR E 312 -9.86 -18.20 -68.85
CA TYR E 312 -10.96 -18.76 -68.07
C TYR E 312 -10.52 -19.18 -66.68
N HIS E 313 -9.34 -19.78 -66.54
CA HIS E 313 -8.91 -20.33 -65.26
C HIS E 313 -8.59 -19.24 -64.25
N ILE E 314 -7.95 -18.16 -64.69
CA ILE E 314 -7.64 -17.06 -63.79
C ILE E 314 -8.92 -16.43 -63.26
N ASN E 315 -9.90 -16.20 -64.15
CA ASN E 315 -11.18 -15.65 -63.74
C ASN E 315 -11.90 -16.59 -62.77
N ARG E 316 -11.87 -17.90 -63.06
CA ARG E 316 -12.49 -18.86 -62.15
C ARG E 316 -11.84 -18.82 -60.77
N ILE E 317 -10.51 -18.76 -60.73
CA ILE E 317 -9.81 -18.75 -59.45
C ILE E 317 -10.15 -17.49 -58.67
N ILE E 318 -10.18 -16.35 -59.35
CA ILE E 318 -10.50 -15.09 -58.68
C ILE E 318 -11.92 -15.13 -58.13
N LEU E 319 -12.88 -15.56 -58.94
CA LEU E 319 -14.26 -15.61 -58.50
C LEU E 319 -14.45 -16.57 -57.35
N GLY E 320 -13.80 -17.74 -57.41
CA GLY E 320 -13.88 -18.68 -56.32
C GLY E 320 -13.28 -18.14 -55.04
N ALA E 321 -12.20 -17.37 -55.16
CA ALA E 321 -11.61 -16.75 -53.98
C ALA E 321 -12.47 -15.60 -53.46
N LEU E 322 -13.35 -15.04 -54.30
CA LEU E 322 -14.15 -13.89 -53.87
C LEU E 322 -15.13 -14.24 -52.75
N LEU E 323 -15.43 -15.52 -52.53
CA LEU E 323 -16.34 -15.90 -51.46
C LEU E 323 -15.61 -15.97 -50.13
N ASN E 324 -14.86 -14.91 -49.80
CA ASN E 324 -14.08 -14.82 -48.59
C ASN E 324 -14.47 -13.54 -47.86
N PRO E 325 -14.78 -13.60 -46.56
CA PRO E 325 -15.21 -12.40 -45.83
C PRO E 325 -14.15 -11.31 -45.74
N SER E 326 -12.87 -11.62 -45.98
CA SER E 326 -11.81 -10.64 -45.80
C SER E 326 -10.88 -10.63 -47.00
N PHE E 327 -11.46 -10.55 -48.20
CA PHE E 327 -10.70 -10.38 -49.43
C PHE E 327 -11.21 -9.14 -50.15
N HIS E 328 -10.29 -8.25 -50.50
CA HIS E 328 -10.63 -6.97 -51.13
C HIS E 328 -9.87 -6.84 -52.45
N VAL E 329 -10.58 -6.43 -53.50
CA VAL E 329 -10.03 -6.38 -54.84
C VAL E 329 -10.35 -5.03 -55.48
N VAL E 330 -9.45 -4.58 -56.35
CA VAL E 330 -9.62 -3.36 -57.12
C VAL E 330 -9.28 -3.67 -58.58
N ILE E 331 -10.19 -3.31 -59.50
CA ILE E 331 -10.08 -3.68 -60.90
C ILE E 331 -10.05 -2.42 -61.75
N TYR E 332 -9.17 -2.40 -62.75
CA TYR E 332 -9.08 -1.33 -63.72
C TYR E 332 -9.52 -1.85 -65.08
N TYR E 333 -10.46 -1.15 -65.73
CA TYR E 333 -10.98 -1.56 -67.02
C TYR E 333 -11.44 -0.32 -67.77
N PRO E 334 -10.65 0.16 -68.73
CA PRO E 334 -11.00 1.41 -69.43
C PRO E 334 -11.94 1.20 -70.61
N GLU E 335 -12.96 0.35 -70.46
CA GLU E 335 -13.95 0.15 -71.51
C GLU E 335 -15.35 -0.03 -70.94
N LEU E 336 -15.64 0.58 -69.78
CA LEU E 336 -16.90 0.30 -69.09
C LEU E 336 -18.11 0.72 -69.92
N LYS E 337 -18.13 1.96 -70.41
CA LYS E 337 -19.32 2.48 -71.08
C LYS E 337 -19.55 1.81 -72.43
N GLU E 338 -18.49 1.69 -73.23
CA GLU E 338 -18.63 1.07 -74.55
C GLU E 338 -19.03 -0.39 -74.44
N ALA E 339 -18.64 -1.07 -73.35
CA ALA E 339 -19.09 -2.42 -73.10
C ALA E 339 -20.54 -2.48 -72.60
N ILE E 340 -20.94 -1.53 -71.76
CA ILE E 340 -22.32 -1.50 -71.27
C ILE E 340 -23.29 -1.25 -72.40
N THR E 341 -22.89 -0.41 -73.37
CA THR E 341 -23.76 -0.14 -74.51
C THR E 341 -24.04 -1.41 -75.30
N LYS E 342 -23.02 -2.24 -75.50
CA LYS E 342 -23.24 -3.52 -76.18
C LYS E 342 -23.98 -4.51 -75.29
N VAL E 343 -23.75 -4.46 -73.98
CA VAL E 343 -24.41 -5.40 -73.08
C VAL E 343 -25.92 -5.16 -73.05
N SER E 344 -26.33 -3.89 -73.07
CA SER E 344 -27.75 -3.57 -72.98
C SER E 344 -28.53 -4.14 -74.17
N LYS E 345 -27.97 -4.06 -75.37
CA LYS E 345 -28.70 -4.46 -76.57
C LYS E 345 -28.79 -5.98 -76.68
N GLY E 346 -27.65 -6.65 -76.77
CA GLY E 346 -27.65 -8.10 -76.91
C GLY E 346 -26.52 -8.78 -76.17
N GLY E 347 -25.71 -7.99 -75.47
CA GLY E 347 -24.57 -8.54 -74.76
C GLY E 347 -23.29 -8.46 -75.57
N GLY E 348 -22.17 -8.19 -74.90
CA GLY E 348 -20.89 -8.08 -75.55
C GLY E 348 -20.20 -9.43 -75.65
N SER E 349 -18.89 -9.38 -75.88
CA SER E 349 -18.10 -10.60 -75.96
C SER E 349 -17.96 -11.21 -74.57
N GLU E 350 -17.21 -12.32 -74.49
CA GLU E 350 -17.12 -13.05 -73.24
C GLU E 350 -16.46 -12.23 -72.15
N ALA E 351 -15.42 -11.47 -72.50
CA ALA E 351 -14.80 -10.59 -71.52
C ALA E 351 -15.78 -9.53 -71.01
N GLU E 352 -16.55 -8.94 -71.93
CA GLU E 352 -17.54 -7.94 -71.54
C GLU E 352 -18.60 -8.55 -70.62
N LYS E 353 -19.10 -9.74 -70.97
CA LYS E 353 -20.10 -10.39 -70.13
C LYS E 353 -19.54 -10.71 -68.75
N ALA E 354 -18.30 -11.21 -68.70
CA ALA E 354 -17.70 -11.55 -67.41
C ALA E 354 -17.53 -10.32 -66.54
N ILE E 355 -17.01 -9.23 -67.10
CA ILE E 355 -16.77 -8.04 -66.30
C ILE E 355 -18.09 -7.41 -65.86
N VAL E 356 -19.11 -7.40 -66.73
CA VAL E 356 -20.38 -6.79 -66.36
C VAL E 356 -21.11 -7.63 -65.32
N THR E 357 -20.99 -8.96 -65.40
CA THR E 357 -21.64 -9.80 -64.41
C THR E 357 -20.89 -9.82 -63.08
N LEU E 358 -19.59 -9.50 -63.10
CA LEU E 358 -18.87 -9.32 -61.83
C LEU E 358 -19.19 -7.97 -61.20
N LYS E 359 -19.29 -6.92 -62.01
CA LYS E 359 -19.47 -5.57 -61.47
C LYS E 359 -20.83 -5.42 -60.79
N ASN E 360 -21.87 -6.01 -61.37
CA ASN E 360 -23.23 -5.86 -60.86
C ASN E 360 -23.48 -6.61 -59.57
N MET E 361 -22.44 -7.19 -58.97
CA MET E 361 -22.59 -7.81 -57.66
C MET E 361 -22.84 -6.74 -56.60
N ALA E 362 -23.69 -7.06 -55.63
CA ALA E 362 -24.06 -6.13 -54.58
C ALA E 362 -23.14 -6.24 -53.36
N PHE E 363 -21.85 -6.00 -53.59
CA PHE E 363 -20.85 -6.11 -52.55
C PHE E 363 -19.97 -4.86 -52.52
N ASN E 364 -19.50 -4.51 -51.33
CA ASN E 364 -18.55 -3.43 -51.17
C ASN E 364 -17.10 -3.89 -51.32
N GLN E 365 -16.87 -5.21 -51.39
CA GLN E 365 -15.52 -5.71 -51.59
C GLN E 365 -15.01 -5.40 -52.99
N VAL E 366 -15.84 -5.63 -54.01
CA VAL E 366 -15.42 -5.42 -55.39
C VAL E 366 -15.52 -3.94 -55.74
N THR E 367 -14.58 -3.47 -56.55
CA THR E 367 -14.59 -2.09 -57.01
C THR E 367 -14.04 -2.05 -58.44
N VAL E 368 -14.79 -1.42 -59.34
CA VAL E 368 -14.38 -1.27 -60.73
C VAL E 368 -14.27 0.22 -61.05
N VAL E 369 -13.22 0.56 -61.80
CA VAL E 369 -12.90 1.95 -62.11
C VAL E 369 -12.97 2.16 -63.61
N GLY E 370 -13.66 3.22 -64.03
CA GLY E 370 -13.69 3.60 -65.43
C GLY E 370 -13.22 5.02 -65.65
N GLY E 371 -13.30 5.50 -66.88
CA GLY E 371 -12.85 6.84 -67.20
C GLY E 371 -11.92 6.90 -68.40
N GLY E 372 -11.90 5.83 -69.18
CA GLY E 372 -11.10 5.78 -70.39
C GLY E 372 -9.62 5.93 -70.18
N SER E 373 -9.05 7.03 -70.68
CA SER E 373 -7.62 7.27 -70.54
C SER E 373 -7.19 7.61 -69.12
N LYS E 374 -8.14 7.90 -68.23
CA LYS E 374 -7.81 8.21 -66.85
C LYS E 374 -7.46 6.96 -66.04
N ALA E 375 -7.69 5.77 -66.58
CA ALA E 375 -7.42 4.51 -65.89
C ALA E 375 -6.22 3.78 -66.47
N TYR E 376 -5.32 4.50 -67.12
CA TYR E 376 -4.13 3.90 -67.70
C TYR E 376 -3.10 3.58 -66.61
N PHE E 377 -1.99 2.96 -67.01
CA PHE E 377 -0.93 2.63 -66.07
C PHE E 377 -0.31 3.89 -65.47
N ASN E 378 -0.12 4.92 -66.30
CA ASN E 378 0.54 6.13 -65.82
C ASN E 378 -0.23 6.76 -64.68
N SER E 379 -1.56 6.84 -64.81
CA SER E 379 -2.38 7.37 -63.71
C SER E 379 -2.42 6.43 -62.52
N PHE E 380 -2.35 5.11 -62.76
CA PHE E 380 -2.36 4.16 -61.66
C PHE E 380 -1.10 4.27 -60.80
N VAL E 381 0.01 4.72 -61.40
CA VAL E 381 1.28 4.74 -60.68
C VAL E 381 1.21 5.66 -59.46
N GLU E 382 0.74 6.89 -59.64
CA GLU E 382 0.79 7.84 -58.53
C GLU E 382 -0.39 7.74 -57.58
N HIS E 383 -1.40 6.94 -57.90
CA HIS E 383 -2.50 6.75 -56.96
C HIS E 383 -2.05 6.11 -55.66
N LEU E 384 -0.93 5.39 -55.67
CA LEU E 384 -0.41 4.78 -54.47
C LEU E 384 0.15 5.85 -53.53
N PRO E 385 0.10 5.61 -52.22
CA PRO E 385 0.64 6.59 -51.26
C PRO E 385 2.15 6.79 -51.39
N TYR E 386 2.70 7.71 -50.59
CA TYR E 386 4.10 8.06 -50.67
C TYR E 386 4.62 8.25 -49.25
N PRO E 387 5.78 7.71 -48.92
CA PRO E 387 6.27 7.80 -47.53
C PRO E 387 6.59 9.23 -47.13
N VAL E 388 6.44 9.52 -45.83
CA VAL E 388 6.71 10.86 -45.32
C VAL E 388 8.20 11.16 -45.36
N LEU E 389 9.03 10.18 -44.97
CA LEU E 389 10.46 10.38 -44.86
C LEU E 389 11.20 10.17 -46.18
N PHE E 390 10.50 9.84 -47.26
CA PHE E 390 11.16 9.58 -48.53
C PHE E 390 11.79 10.88 -49.05
N PRO E 391 13.07 10.89 -49.39
CA PRO E 391 13.72 12.14 -49.78
C PRO E 391 13.34 12.62 -51.17
N ARG E 392 12.66 13.76 -51.24
CA ARG E 392 12.42 14.44 -52.51
C ARG E 392 13.46 15.53 -52.74
N ASP E 393 14.73 15.14 -52.80
CA ASP E 393 15.82 16.08 -52.96
C ASP E 393 16.90 15.44 -53.83
N ASN E 394 17.73 16.28 -54.43
CA ASN E 394 18.81 15.85 -55.32
C ASN E 394 20.12 15.97 -54.56
N ILE E 395 20.62 14.83 -54.07
CA ILE E 395 21.84 14.76 -53.29
C ILE E 395 22.81 13.73 -53.85
N VAL E 396 22.34 12.49 -54.00
CA VAL E 396 23.20 11.41 -54.48
C VAL E 396 23.63 11.67 -55.92
N ASP E 397 22.68 12.07 -56.78
CA ASP E 397 23.00 12.26 -58.19
C ASP E 397 23.94 13.43 -58.43
N GLU E 398 24.05 14.36 -57.47
CA GLU E 398 24.96 15.48 -57.59
C GLU E 398 26.35 15.17 -57.04
N LEU E 399 26.43 14.41 -55.95
CA LEU E 399 27.73 14.03 -55.40
C LEU E 399 28.48 13.12 -56.37
N VAL E 400 27.78 12.22 -57.06
CA VAL E 400 28.41 11.36 -58.05
C VAL E 400 28.97 12.21 -59.19
N GLU E 401 28.21 13.21 -59.65
CA GLU E 401 28.71 14.10 -60.68
C GLU E 401 29.94 14.88 -60.21
N ALA E 402 29.92 15.33 -58.94
CA ALA E 402 31.08 16.03 -58.41
C ALA E 402 32.30 15.12 -58.36
N ILE E 403 32.10 13.86 -57.96
CA ILE E 403 33.21 12.90 -57.89
C ILE E 403 33.77 12.64 -59.28
N ALA E 404 32.89 12.43 -60.26
CA ALA E 404 33.35 12.16 -61.62
C ALA E 404 34.08 13.34 -62.24
N ASN E 405 33.86 14.55 -61.72
CA ASN E 405 34.57 15.72 -62.22
C ASN E 405 36.01 15.79 -61.74
N LEU E 406 36.36 15.07 -60.66
CA LEU E 406 37.72 15.08 -60.16
C LEU E 406 38.63 14.28 -61.10
N SER E 407 39.76 14.88 -61.46
CA SER E 407 40.70 14.25 -62.38
C SER E 407 42.06 14.92 -62.31
N SER F 2 23.66 -54.74 -50.82
CA SER F 2 23.36 -54.74 -49.40
C SER F 2 22.82 -53.38 -48.96
N ILE F 3 23.58 -52.70 -48.11
CA ILE F 3 23.21 -51.39 -47.58
C ILE F 3 24.29 -50.39 -47.92
N TYR F 4 23.92 -49.30 -48.58
CA TYR F 4 24.83 -48.21 -48.91
C TYR F 4 24.41 -46.94 -48.20
N GLN F 5 25.39 -46.24 -47.64
CA GLN F 5 25.15 -44.95 -46.98
C GLN F 5 26.25 -43.99 -47.44
N GLY F 6 25.88 -43.06 -48.32
CA GLY F 6 26.82 -42.05 -48.78
C GLY F 6 28.03 -42.60 -49.48
N GLY F 7 27.86 -43.69 -50.25
CA GLY F 7 28.96 -44.33 -50.91
C GLY F 7 29.76 -45.30 -50.04
N ASN F 8 29.38 -45.47 -48.79
CA ASN F 8 30.07 -46.37 -47.86
C ASN F 8 29.13 -47.46 -47.40
N LYS F 9 29.64 -48.69 -47.30
CA LYS F 9 28.83 -49.82 -46.89
C LYS F 9 28.58 -49.80 -45.38
N LEU F 10 27.55 -50.53 -44.97
CA LEU F 10 27.17 -50.62 -43.56
C LEU F 10 26.78 -52.05 -43.24
N ASN F 11 26.81 -52.36 -41.95
CA ASN F 11 26.37 -53.64 -41.44
C ASN F 11 24.89 -53.57 -41.05
N GLU F 12 24.38 -54.65 -40.47
CA GLU F 12 22.94 -54.75 -40.22
C GLU F 12 22.56 -54.18 -38.87
N ASP F 13 23.37 -54.41 -37.83
CA ASP F 13 23.01 -53.97 -36.49
C ASP F 13 22.99 -52.44 -36.39
N ASP F 14 23.99 -51.78 -36.97
CA ASP F 14 24.01 -50.32 -36.93
C ASP F 14 22.85 -49.74 -37.73
N PHE F 15 22.50 -50.36 -38.86
CA PHE F 15 21.33 -49.92 -39.62
C PHE F 15 20.06 -50.07 -38.81
N ARG F 16 19.92 -51.18 -38.07
CA ARG F 16 18.75 -51.39 -37.24
C ARG F 16 18.67 -50.35 -36.12
N SER F 17 19.82 -50.03 -35.51
CA SER F 17 19.84 -49.00 -34.48
C SER F 17 19.49 -47.63 -35.06
N HIS F 18 19.99 -47.34 -36.26
CA HIS F 18 19.65 -46.09 -36.93
C HIS F 18 18.15 -46.01 -37.21
N VAL F 19 17.55 -47.12 -37.64
CA VAL F 19 16.11 -47.14 -37.88
C VAL F 19 15.36 -46.91 -36.57
N TYR F 20 15.82 -47.54 -35.48
CA TYR F 20 15.16 -47.34 -34.19
C TYR F 20 15.25 -45.89 -33.74
N SER F 21 16.39 -45.25 -33.94
CA SER F 21 16.54 -43.84 -33.57
C SER F 21 15.85 -42.90 -34.55
N LEU F 22 15.49 -43.37 -35.75
CA LEU F 22 14.83 -42.55 -36.75
C LEU F 22 13.32 -42.46 -36.57
N CYS F 23 12.73 -43.34 -35.77
CA CYS F 23 11.28 -43.35 -35.58
C CYS F 23 10.82 -42.53 -34.38
N GLN F 24 11.74 -41.88 -33.68
CA GLN F 24 11.41 -41.08 -32.51
C GLN F 24 11.60 -39.58 -32.76
N LEU F 25 11.62 -39.15 -34.01
CA LEU F 25 11.77 -37.75 -34.35
C LEU F 25 10.41 -37.07 -34.33
N ASP F 26 10.35 -35.83 -34.81
CA ASP F 26 9.10 -35.06 -34.76
C ASP F 26 8.08 -35.55 -35.78
N ASN F 27 8.50 -35.83 -37.01
CA ASN F 27 7.58 -36.19 -38.08
C ASN F 27 8.03 -37.48 -38.75
N VAL F 28 7.05 -38.31 -39.10
CA VAL F 28 7.29 -39.61 -39.73
C VAL F 28 6.27 -39.81 -40.83
N GLY F 29 6.73 -40.28 -41.99
CA GLY F 29 5.83 -40.53 -43.10
C GLY F 29 6.32 -41.67 -43.96
N VAL F 30 5.40 -42.24 -44.74
CA VAL F 30 5.68 -43.39 -45.58
C VAL F 30 5.00 -43.20 -46.93
N LEU F 31 5.70 -43.54 -48.01
CA LEU F 31 5.18 -43.46 -49.37
C LEU F 31 5.19 -44.86 -49.96
N LEU F 32 4.01 -45.43 -50.20
CA LEU F 32 3.87 -46.74 -50.80
C LEU F 32 3.44 -46.61 -52.25
N GLY F 33 4.06 -47.38 -53.12
CA GLY F 33 3.81 -47.34 -54.55
C GLY F 33 2.89 -48.46 -55.01
N ALA F 34 3.08 -48.87 -56.25
CA ALA F 34 2.24 -49.89 -56.87
C ALA F 34 2.80 -51.30 -56.72
N GLY F 35 3.91 -51.47 -56.01
CA GLY F 35 4.49 -52.79 -55.82
C GLY F 35 4.17 -53.41 -54.48
N ALA F 36 3.57 -52.63 -53.57
CA ALA F 36 3.25 -53.15 -52.25
C ALA F 36 2.02 -54.04 -52.25
N SER F 37 1.18 -53.95 -53.28
CA SER F 37 -0.06 -54.71 -53.34
C SER F 37 0.09 -56.01 -54.11
N VAL F 38 1.30 -56.36 -54.56
CA VAL F 38 1.49 -57.59 -55.31
C VAL F 38 1.21 -58.80 -54.44
N GLY F 39 1.51 -58.73 -53.14
CA GLY F 39 1.19 -59.81 -52.23
C GLY F 39 -0.27 -59.92 -51.88
N CYS F 40 -1.09 -58.93 -52.25
CA CYS F 40 -2.53 -58.96 -52.04
C CYS F 40 -3.31 -59.31 -53.30
N GLY F 41 -2.62 -59.75 -54.36
CA GLY F 41 -3.25 -60.03 -55.62
C GLY F 41 -3.12 -58.96 -56.68
N GLY F 42 -2.33 -57.91 -56.43
CA GLY F 42 -2.17 -56.84 -57.38
C GLY F 42 -1.28 -57.24 -58.54
N LYS F 43 -1.13 -56.30 -59.48
CA LYS F 43 -0.33 -56.52 -60.68
C LYS F 43 0.43 -55.25 -61.01
N THR F 44 1.56 -55.41 -61.69
CA THR F 44 2.35 -54.29 -62.19
C THR F 44 2.02 -54.02 -63.65
N MET F 45 2.62 -52.95 -64.18
CA MET F 45 2.35 -52.58 -65.56
C MET F 45 2.79 -53.65 -66.55
N LYS F 46 3.83 -54.42 -66.21
CA LYS F 46 4.30 -55.47 -67.12
C LYS F 46 3.23 -56.52 -67.34
N ASP F 47 2.53 -56.92 -66.28
CA ASP F 47 1.43 -57.86 -66.45
C ASP F 47 0.29 -57.23 -67.24
N VAL F 48 0.07 -55.92 -67.08
CA VAL F 48 -0.98 -55.23 -67.83
C VAL F 48 -0.67 -55.28 -69.33
N TRP F 49 0.60 -55.05 -69.69
CA TRP F 49 0.98 -55.10 -71.10
C TRP F 49 0.81 -56.50 -71.66
N LYS F 50 1.19 -57.52 -70.89
CA LYS F 50 1.02 -58.89 -71.35
C LYS F 50 -0.45 -59.21 -71.58
N SER F 51 -1.31 -58.81 -70.64
CA SER F 51 -2.74 -59.04 -70.80
C SER F 51 -3.29 -58.30 -72.02
N PHE F 52 -2.86 -57.05 -72.22
CA PHE F 52 -3.35 -56.28 -73.35
C PHE F 52 -2.93 -56.89 -74.68
N LYS F 53 -1.69 -57.36 -74.78
CA LYS F 53 -1.23 -57.92 -76.03
C LYS F 53 -1.81 -59.31 -76.27
N GLN F 54 -2.07 -60.07 -75.21
CA GLN F 54 -2.59 -61.43 -75.39
C GLN F 54 -4.09 -61.42 -75.67
N ASN F 55 -4.83 -60.51 -75.04
CA ASN F 55 -6.28 -60.50 -75.21
C ASN F 55 -6.70 -59.90 -76.55
N TYR F 56 -5.96 -58.91 -77.04
CA TYR F 56 -6.32 -58.23 -78.29
C TYR F 56 -5.11 -58.21 -79.22
N PRO F 57 -5.08 -59.05 -80.26
CA PRO F 57 -3.98 -59.01 -81.23
C PRO F 57 -4.21 -58.07 -82.41
N GLU F 58 -5.43 -57.57 -82.60
CA GLU F 58 -5.72 -56.71 -83.74
C GLU F 58 -5.35 -55.25 -83.47
N LEU F 59 -5.58 -54.77 -82.24
CA LEU F 59 -5.16 -53.42 -81.89
C LEU F 59 -3.63 -53.31 -81.86
N LEU F 60 -2.95 -54.39 -81.47
CA LEU F 60 -1.49 -54.39 -81.52
C LEU F 60 -1.00 -54.21 -82.95
N GLY F 61 -1.65 -54.88 -83.90
CA GLY F 61 -1.27 -54.69 -85.29
C GLY F 61 -1.45 -53.26 -85.76
N ALA F 62 -2.53 -52.61 -85.35
CA ALA F 62 -2.75 -51.21 -85.71
C ALA F 62 -1.70 -50.32 -85.06
N LEU F 63 -1.36 -50.58 -83.80
CA LEU F 63 -0.39 -49.73 -83.11
C LEU F 63 1.04 -49.96 -83.59
N ILE F 64 1.31 -51.11 -84.21
CA ILE F 64 2.66 -51.42 -84.68
C ILE F 64 2.81 -51.23 -86.18
N ASP F 65 1.72 -51.07 -86.93
CA ASP F 65 1.77 -51.05 -88.38
C ASP F 65 1.58 -49.66 -88.97
N LYS F 66 0.50 -48.97 -88.63
CA LYS F 66 0.11 -47.75 -89.32
C LYS F 66 0.42 -46.47 -88.55
N TYR F 67 0.30 -46.48 -87.23
CA TYR F 67 0.52 -45.28 -86.43
C TYR F 67 1.93 -45.16 -85.88
N LEU F 68 2.66 -46.28 -85.79
CA LEU F 68 4.09 -46.29 -85.47
C LEU F 68 4.40 -45.66 -84.11
N LEU F 69 3.50 -45.85 -83.13
CA LEU F 69 3.75 -45.39 -81.78
C LEU F 69 4.53 -46.39 -80.94
N VAL F 70 4.71 -47.62 -81.43
CA VAL F 70 5.35 -48.69 -80.66
C VAL F 70 6.44 -49.31 -81.53
N SER F 71 7.41 -49.94 -80.87
CA SER F 71 8.48 -50.66 -81.55
C SER F 71 8.34 -52.15 -81.26
N GLN F 72 8.55 -52.97 -82.29
CA GLN F 72 8.33 -54.41 -82.17
C GLN F 72 9.32 -55.05 -81.20
N ILE F 73 10.56 -54.56 -81.19
CA ILE F 73 11.57 -55.15 -80.30
C ILE F 73 11.17 -54.98 -78.85
N ASP F 74 10.61 -53.82 -78.50
CA ASP F 74 10.12 -53.62 -77.14
C ASP F 74 8.86 -54.43 -76.87
N SER F 75 8.04 -54.64 -77.89
CA SER F 75 6.85 -55.48 -77.72
C SER F 75 7.23 -56.91 -77.38
N ASP F 76 8.26 -57.44 -78.04
CA ASP F 76 8.75 -58.77 -77.70
C ASP F 76 9.28 -58.81 -76.28
N ASN F 77 10.02 -57.78 -75.86
CA ASN F 77 10.64 -57.75 -74.55
C ASN F 77 9.67 -57.49 -73.42
N ASN F 78 8.47 -56.98 -73.73
CA ASN F 78 7.46 -56.67 -72.71
C ASN F 78 8.00 -55.68 -71.67
N LEU F 79 8.54 -54.56 -72.16
CA LEU F 79 9.06 -53.51 -71.31
C LEU F 79 8.65 -52.14 -71.85
N VAL F 80 7.39 -52.01 -72.25
CA VAL F 80 6.88 -50.77 -72.80
C VAL F 80 6.11 -50.02 -71.71
N ASN F 81 6.03 -48.70 -71.85
CA ASN F 81 5.36 -47.87 -70.87
C ASN F 81 3.85 -47.86 -71.13
N VAL F 82 3.08 -48.31 -70.13
CA VAL F 82 1.63 -48.23 -70.24
C VAL F 82 1.15 -46.79 -70.16
N GLU F 83 1.78 -45.99 -69.29
CA GLU F 83 1.34 -44.62 -69.08
C GLU F 83 1.61 -43.73 -70.30
N LEU F 84 2.71 -43.98 -71.01
CA LEU F 84 3.11 -43.10 -72.12
C LEU F 84 2.25 -43.26 -73.35
N LEU F 85 1.63 -44.42 -73.57
CA LEU F 85 0.77 -44.60 -74.73
C LEU F 85 -0.56 -43.90 -74.58
N ILE F 86 -1.03 -43.74 -73.33
CA ILE F 86 -2.31 -43.06 -73.10
C ILE F 86 -2.22 -41.61 -73.52
N ASP F 87 -1.09 -40.95 -73.25
CA ASP F 87 -0.93 -39.56 -73.64
C ASP F 87 -0.93 -39.41 -75.16
N GLU F 88 -0.24 -40.31 -75.86
CA GLU F 88 -0.24 -40.27 -77.32
C GLU F 88 -1.63 -40.51 -77.88
N ALA F 89 -2.37 -41.45 -77.31
CA ALA F 89 -3.75 -41.70 -77.75
C ALA F 89 -4.62 -40.47 -77.51
N THR F 90 -4.44 -39.80 -76.38
CA THR F 90 -5.20 -38.59 -76.09
C THR F 90 -4.88 -37.49 -77.10
N LYS F 91 -3.59 -37.33 -77.44
CA LYS F 91 -3.22 -36.34 -78.45
C LYS F 91 -3.83 -36.67 -79.81
N PHE F 92 -3.82 -37.96 -80.17
CA PHE F 92 -4.42 -38.38 -81.44
C PHE F 92 -5.92 -38.09 -81.46
N LEU F 93 -6.62 -38.37 -80.35
CA LEU F 93 -8.05 -38.08 -80.29
C LEU F 93 -8.31 -36.58 -80.36
N SER F 94 -7.47 -35.78 -79.69
CA SER F 94 -7.65 -34.33 -79.71
C SER F 94 -7.44 -33.77 -81.11
N VAL F 95 -6.42 -34.24 -81.82
CA VAL F 95 -6.16 -33.75 -83.17
C VAL F 95 -7.23 -34.24 -84.13
N ALA F 96 -7.67 -35.48 -83.99
CA ALA F 96 -8.57 -36.07 -84.98
C ALA F 96 -9.96 -35.45 -84.96
N LYS F 97 -10.47 -35.09 -83.79
CA LYS F 97 -11.83 -34.56 -83.71
C LYS F 97 -11.95 -33.22 -84.44
N THR F 98 -10.99 -32.32 -84.25
CA THR F 98 -11.05 -31.00 -84.86
C THR F 98 -10.74 -31.02 -86.35
N ARG F 99 -10.13 -32.09 -86.87
CA ARG F 99 -9.74 -32.17 -88.27
C ARG F 99 -10.82 -32.78 -89.15
N ARG F 100 -11.99 -33.08 -88.59
CA ARG F 100 -13.13 -33.62 -89.33
C ARG F 100 -12.76 -34.94 -90.02
N CYS F 101 -12.33 -35.91 -89.20
CA CYS F 101 -12.06 -37.26 -89.65
C CYS F 101 -12.88 -38.23 -88.83
N GLU F 102 -13.62 -39.11 -89.49
CA GLU F 102 -14.50 -40.07 -88.83
C GLU F 102 -13.96 -41.49 -88.86
N ASP F 103 -12.69 -41.66 -89.20
CA ASP F 103 -12.07 -42.98 -89.26
C ASP F 103 -11.12 -43.24 -88.10
N GLU F 104 -10.19 -42.32 -87.85
CA GLU F 104 -9.24 -42.50 -86.75
C GLU F 104 -9.87 -42.24 -85.38
N GLU F 105 -10.95 -41.46 -85.34
CA GLU F 105 -11.59 -41.17 -84.06
C GLU F 105 -12.13 -42.45 -83.41
N GLU F 106 -12.78 -43.30 -84.20
CA GLU F 106 -13.31 -44.55 -83.68
C GLU F 106 -12.20 -45.45 -83.17
N GLU F 107 -11.11 -45.55 -83.93
CA GLU F 107 -9.98 -46.39 -83.49
C GLU F 107 -9.38 -45.88 -82.19
N PHE F 108 -9.21 -44.55 -82.09
CA PHE F 108 -8.65 -43.97 -80.86
C PHE F 108 -9.57 -44.23 -79.67
N ARG F 109 -10.88 -44.04 -79.87
CA ARG F 109 -11.83 -44.29 -78.78
C ARG F 109 -11.81 -45.75 -78.35
N LYS F 110 -11.77 -46.67 -79.30
CA LYS F 110 -11.75 -48.09 -78.97
C LYS F 110 -10.48 -48.45 -78.22
N ILE F 111 -9.33 -47.93 -78.66
CA ILE F 111 -8.07 -48.22 -78.00
C ILE F 111 -8.09 -47.71 -76.56
N LEU F 112 -8.56 -46.48 -76.37
CA LEU F 112 -8.61 -45.92 -75.03
C LEU F 112 -9.55 -46.71 -74.13
N SER F 113 -10.72 -47.10 -74.65
CA SER F 113 -11.66 -47.87 -73.86
C SER F 113 -11.08 -49.23 -73.47
N SER F 114 -10.42 -49.90 -74.42
CA SER F 114 -9.84 -51.20 -74.12
C SER F 114 -8.74 -51.09 -73.08
N LEU F 115 -7.88 -50.07 -73.20
CA LEU F 115 -6.81 -49.88 -72.22
C LEU F 115 -7.38 -49.60 -70.83
N TYR F 116 -8.41 -48.75 -70.75
CA TYR F 116 -9.01 -48.45 -69.46
C TYR F 116 -9.66 -49.69 -68.86
N LYS F 117 -10.35 -50.49 -69.68
CA LYS F 117 -10.97 -51.71 -69.18
C LYS F 117 -9.92 -52.69 -68.66
N GLU F 118 -8.80 -52.82 -69.38
CA GLU F 118 -7.73 -53.69 -68.92
C GLU F 118 -7.14 -53.20 -67.60
N VAL F 119 -6.98 -51.88 -67.46
CA VAL F 119 -6.42 -51.33 -66.23
C VAL F 119 -7.37 -51.47 -65.05
N THR F 120 -8.69 -51.38 -65.28
CA THR F 120 -9.63 -51.38 -64.16
C THR F 120 -9.79 -52.77 -63.54
N LYS F 121 -9.66 -53.82 -64.35
CA LYS F 121 -9.97 -55.17 -63.87
C LYS F 121 -8.99 -55.67 -62.81
N ALA F 122 -7.82 -55.05 -62.68
CA ALA F 122 -6.84 -55.48 -61.69
C ALA F 122 -6.95 -54.73 -60.38
N ALA F 123 -7.85 -53.75 -60.28
CA ALA F 123 -7.96 -52.92 -59.09
C ALA F 123 -8.89 -53.51 -58.04
N LEU F 124 -9.64 -54.56 -58.37
CA LEU F 124 -10.53 -55.17 -57.39
C LEU F 124 -9.73 -55.81 -56.26
N LEU F 125 -8.64 -56.50 -56.59
CA LEU F 125 -7.69 -57.06 -55.64
C LEU F 125 -8.29 -58.22 -54.83
N THR F 126 -9.58 -58.48 -55.01
CA THR F 126 -10.22 -59.60 -54.32
C THR F 126 -11.23 -60.31 -55.21
N GLY F 127 -11.15 -60.13 -56.52
CA GLY F 127 -12.07 -60.78 -57.42
C GLY F 127 -13.43 -60.11 -57.44
N GLU F 128 -14.41 -60.86 -57.96
CA GLU F 128 -15.77 -60.36 -58.09
C GLU F 128 -16.50 -60.28 -56.75
N GLN F 129 -15.90 -60.79 -55.67
CA GLN F 129 -16.51 -60.80 -54.35
C GLN F 129 -16.30 -59.50 -53.59
N PHE F 130 -16.02 -58.40 -54.28
CA PHE F 130 -15.85 -57.10 -53.61
C PHE F 130 -17.14 -56.56 -53.03
N ARG F 131 -18.29 -57.13 -53.41
CA ARG F 131 -19.57 -56.65 -52.89
C ARG F 131 -19.70 -56.93 -51.40
N GLU F 132 -19.24 -58.09 -50.95
CA GLU F 132 -19.41 -58.49 -49.56
C GLU F 132 -18.62 -57.58 -48.63
N LYS F 133 -19.22 -57.26 -47.48
CA LYS F 133 -18.56 -56.46 -46.47
C LYS F 133 -17.60 -57.31 -45.64
N ASN F 134 -16.82 -56.64 -44.79
CA ASN F 134 -15.87 -57.30 -43.89
C ASN F 134 -14.86 -58.15 -44.65
N GLN F 135 -14.39 -57.66 -45.79
CA GLN F 135 -13.38 -58.34 -46.59
C GLN F 135 -11.96 -57.99 -46.17
N GLY F 136 -11.79 -57.30 -45.04
CA GLY F 136 -10.49 -56.93 -44.53
C GLY F 136 -9.97 -57.78 -43.40
N LYS F 137 -10.62 -58.90 -43.09
CA LYS F 137 -10.17 -59.81 -42.05
C LYS F 137 -9.42 -61.02 -42.61
N LYS F 138 -9.29 -61.13 -43.93
CA LYS F 138 -8.59 -62.26 -44.52
C LYS F 138 -7.09 -62.13 -44.29
N ASP F 139 -6.39 -63.26 -44.49
CA ASP F 139 -4.96 -63.33 -44.23
C ASP F 139 -4.13 -62.55 -45.24
N ALA F 140 -4.71 -62.13 -46.36
CA ALA F 140 -3.94 -61.41 -47.36
C ALA F 140 -3.44 -60.08 -46.82
N PHE F 141 -4.27 -59.36 -46.08
CA PHE F 141 -3.90 -58.08 -45.50
C PHE F 141 -3.49 -58.32 -44.05
N LYS F 142 -2.23 -58.72 -43.87
CA LYS F 142 -1.68 -58.99 -42.55
C LYS F 142 -0.48 -58.15 -42.19
N TYR F 143 0.25 -57.61 -43.18
CA TYR F 143 1.39 -56.76 -42.91
C TYR F 143 1.01 -55.28 -42.87
N HIS F 144 -0.02 -54.88 -43.61
CA HIS F 144 -0.48 -53.49 -43.55
C HIS F 144 -1.02 -53.15 -42.16
N LYS F 145 -1.78 -54.07 -41.55
CA LYS F 145 -2.26 -53.85 -40.19
C LYS F 145 -1.11 -53.74 -39.21
N GLU F 146 -0.08 -54.58 -39.37
CA GLU F 146 1.10 -54.48 -38.51
C GLU F 146 1.80 -53.15 -38.69
N LEU F 147 1.92 -52.68 -39.94
CA LEU F 147 2.56 -51.40 -40.20
C LEU F 147 1.80 -50.26 -39.52
N ILE F 148 0.47 -50.27 -39.66
CA ILE F 148 -0.35 -49.22 -39.04
C ILE F 148 -0.21 -49.27 -37.52
N SER F 149 -0.26 -50.46 -36.94
CA SER F 149 -0.17 -50.59 -35.49
C SER F 149 1.18 -50.14 -34.96
N LYS F 150 2.27 -50.55 -35.63
CA LYS F 150 3.60 -50.16 -35.19
C LYS F 150 3.89 -48.69 -35.42
N LEU F 151 3.25 -48.06 -36.41
CA LEU F 151 3.42 -46.63 -36.60
C LEU F 151 2.60 -45.81 -35.61
N ILE F 152 1.39 -46.26 -35.28
CA ILE F 152 0.58 -45.53 -34.30
C ILE F 152 1.17 -45.67 -32.90
N SER F 153 1.68 -46.86 -32.58
CA SER F 153 2.20 -47.09 -31.23
C SER F 153 3.43 -46.22 -30.94
N ASN F 154 4.34 -46.10 -31.90
CA ASN F 154 5.59 -45.39 -31.68
C ASN F 154 5.42 -43.90 -31.99
N ARG F 155 4.61 -43.25 -31.17
CA ARG F 155 4.39 -41.80 -31.24
C ARG F 155 4.21 -41.26 -29.84
N GLN F 156 5.07 -40.35 -29.44
CA GLN F 156 5.00 -39.80 -28.10
C GLN F 156 3.77 -38.88 -27.95
N PRO F 157 3.23 -38.77 -26.74
CA PRO F 157 2.09 -37.86 -26.54
C PRO F 157 2.46 -36.42 -26.82
N GLY F 158 1.51 -35.67 -27.35
CA GLY F 158 1.72 -34.28 -27.67
C GLY F 158 2.43 -33.99 -28.97
N GLN F 159 2.74 -35.02 -29.76
CA GLN F 159 3.44 -34.86 -31.02
C GLN F 159 2.48 -35.04 -32.19
N SER F 160 2.99 -34.80 -33.39
CA SER F 160 2.18 -34.96 -34.60
C SER F 160 1.89 -36.43 -34.87
N ALA F 161 0.76 -36.68 -35.52
CA ALA F 161 0.31 -38.04 -35.82
C ALA F 161 1.04 -38.57 -37.04
N PRO F 162 0.74 -39.80 -37.46
CA PRO F 162 1.42 -40.38 -38.62
C PRO F 162 0.95 -39.79 -39.95
N ALA F 163 1.51 -40.28 -41.05
CA ALA F 163 1.13 -39.82 -42.38
C ALA F 163 1.45 -40.93 -43.38
N ILE F 164 0.47 -41.34 -44.16
CA ILE F 164 0.63 -42.42 -45.14
C ILE F 164 0.18 -41.90 -46.50
N PHE F 165 1.02 -42.08 -47.51
CA PHE F 165 0.73 -41.68 -48.87
C PHE F 165 0.81 -42.90 -49.79
N THR F 166 -0.08 -42.95 -50.77
CA THR F 166 -0.16 -44.08 -51.68
C THR F 166 -0.37 -43.59 -53.09
N THR F 167 0.01 -44.43 -54.05
CA THR F 167 -0.17 -44.14 -55.46
C THR F 167 -1.00 -45.18 -56.20
N ASN F 168 -1.62 -46.12 -55.48
CA ASN F 168 -2.47 -47.14 -56.07
C ASN F 168 -3.94 -46.77 -55.87
N TYR F 169 -4.78 -47.25 -56.78
CA TYR F 169 -6.19 -46.90 -56.80
C TYR F 169 -7.07 -47.93 -56.10
N ASP F 170 -6.49 -48.98 -55.53
CA ASP F 170 -7.26 -50.01 -54.87
C ASP F 170 -7.53 -49.63 -53.41
N LEU F 171 -8.58 -50.21 -52.85
CA LEU F 171 -8.97 -49.95 -51.46
C LEU F 171 -8.37 -51.03 -50.56
N ALA F 172 -7.04 -51.06 -50.52
CA ALA F 172 -6.32 -52.05 -49.73
C ALA F 172 -6.04 -51.57 -48.31
N LEU F 173 -5.52 -50.34 -48.16
CA LEU F 173 -5.21 -49.83 -46.84
C LEU F 173 -6.48 -49.49 -46.05
N GLU F 174 -7.53 -49.04 -46.73
CA GLU F 174 -8.77 -48.67 -46.04
C GLU F 174 -9.39 -49.88 -45.36
N TRP F 175 -9.47 -51.00 -46.06
CA TRP F 175 -10.03 -52.21 -45.48
C TRP F 175 -9.18 -52.70 -44.32
N ALA F 176 -7.86 -52.59 -44.44
CA ALA F 176 -6.98 -53.00 -43.35
C ALA F 176 -7.21 -52.14 -42.12
N ALA F 177 -7.36 -50.83 -42.31
CA ALA F 177 -7.56 -49.93 -41.17
C ALA F 177 -8.93 -50.14 -40.52
N GLU F 178 -9.96 -50.41 -41.33
CA GLU F 178 -11.32 -50.47 -40.80
C GLU F 178 -11.58 -51.73 -39.99
N ASP F 179 -10.73 -52.75 -40.08
CA ASP F 179 -10.94 -54.01 -39.37
C ASP F 179 -10.37 -54.01 -37.97
N LEU F 180 -9.71 -52.94 -37.54
CA LEU F 180 -9.14 -52.83 -36.20
C LEU F 180 -9.81 -51.76 -35.36
N GLY F 181 -10.17 -50.63 -35.95
CA GLY F 181 -10.89 -49.60 -35.22
C GLY F 181 -10.42 -48.20 -35.50
N ILE F 182 -9.18 -48.04 -35.97
CA ILE F 182 -8.65 -46.71 -36.25
C ILE F 182 -9.32 -46.14 -37.49
N GLN F 183 -9.60 -44.84 -37.44
CA GLN F 183 -10.27 -44.14 -38.53
C GLN F 183 -9.28 -43.21 -39.21
N LEU F 184 -9.24 -43.26 -40.54
CA LEU F 184 -8.31 -42.45 -41.32
C LEU F 184 -9.06 -41.28 -41.95
N PHE F 185 -8.44 -40.11 -41.93
CA PHE F 185 -9.05 -38.89 -42.45
C PHE F 185 -8.70 -38.76 -43.93
N ASN F 186 -9.60 -39.24 -44.79
CA ASN F 186 -9.35 -39.26 -46.22
C ASN F 186 -9.54 -37.91 -46.89
N GLY F 187 -10.16 -36.96 -46.22
CA GLY F 187 -10.46 -35.67 -46.81
C GLY F 187 -11.88 -35.48 -47.29
N PHE F 188 -12.85 -36.17 -46.71
CA PHE F 188 -14.24 -36.02 -47.08
C PHE F 188 -15.09 -36.19 -45.82
N SER F 189 -16.27 -35.58 -45.83
CA SER F 189 -17.18 -35.63 -44.69
C SER F 189 -18.59 -35.89 -45.17
N GLY F 190 -19.39 -36.50 -44.29
CA GLY F 190 -20.77 -36.83 -44.59
C GLY F 190 -20.96 -38.27 -45.01
N LEU F 191 -22.17 -38.77 -44.82
CA LEU F 191 -22.52 -40.14 -45.18
C LEU F 191 -23.57 -40.18 -46.27
N HIS F 192 -24.73 -39.53 -46.08
CA HIS F 192 -25.77 -39.56 -47.10
C HIS F 192 -25.35 -38.83 -48.36
N THR F 193 -24.65 -37.70 -48.21
CA THR F 193 -24.09 -36.95 -49.34
C THR F 193 -22.65 -36.60 -48.97
N ARG F 194 -21.72 -37.49 -49.30
CA ARG F 194 -20.31 -37.28 -48.99
C ARG F 194 -19.68 -36.40 -50.06
N GLN F 195 -19.02 -35.33 -49.64
CA GLN F 195 -18.40 -34.39 -50.55
C GLN F 195 -17.04 -33.99 -50.02
N PHE F 196 -16.14 -33.60 -50.92
CA PHE F 196 -14.80 -33.21 -50.53
C PHE F 196 -14.81 -31.86 -49.83
N TYR F 197 -13.77 -31.62 -49.03
CA TYR F 197 -13.61 -30.35 -48.32
C TYR F 197 -12.12 -30.12 -48.12
N PRO F 198 -11.55 -29.14 -48.82
CA PRO F 198 -10.10 -28.91 -48.73
C PRO F 198 -9.69 -28.22 -47.43
N GLN F 199 -10.63 -28.12 -46.48
CA GLN F 199 -10.36 -27.55 -45.17
C GLN F 199 -10.64 -28.52 -44.03
N ASN F 200 -11.01 -29.77 -44.34
CA ASN F 200 -11.23 -30.80 -43.34
C ASN F 200 -10.02 -31.68 -43.11
N PHE F 201 -8.81 -31.12 -43.28
CA PHE F 201 -7.57 -31.83 -43.00
C PHE F 201 -6.68 -31.06 -42.04
N ASP F 202 -7.22 -30.03 -41.38
CA ASP F 202 -6.51 -29.25 -40.38
C ASP F 202 -7.12 -29.44 -38.99
N LEU F 203 -7.96 -30.45 -38.82
CA LEU F 203 -8.64 -30.70 -37.55
C LEU F 203 -8.31 -32.12 -37.09
N ALA F 204 -7.87 -32.23 -35.83
CA ALA F 204 -7.52 -33.52 -35.24
C ALA F 204 -8.36 -33.75 -34.00
N PHE F 205 -8.68 -35.02 -33.76
CA PHE F 205 -9.53 -35.38 -32.63
C PHE F 205 -8.79 -35.14 -31.31
N ARG F 206 -9.58 -34.81 -30.28
CA ARG F 206 -9.07 -34.65 -28.93
C ARG F 206 -10.17 -35.05 -27.96
N ASN F 207 -9.76 -35.41 -26.75
CA ASN F 207 -10.69 -35.95 -25.76
C ASN F 207 -11.22 -34.84 -24.87
N VAL F 208 -12.55 -34.79 -24.73
CA VAL F 208 -13.17 -33.81 -23.84
C VAL F 208 -12.80 -34.09 -22.39
N ASN F 209 -12.87 -35.36 -21.99
CA ASN F 209 -12.57 -35.75 -20.62
C ASN F 209 -11.96 -37.15 -20.57
N GLY F 217 -8.92 -40.96 -27.32
CA GLY F 217 -8.65 -41.70 -28.54
C GLY F 217 -7.17 -41.78 -28.88
N HIS F 218 -6.64 -40.69 -29.45
CA HIS F 218 -5.24 -40.56 -29.83
C HIS F 218 -4.79 -41.63 -30.83
N TYR F 219 -5.70 -42.09 -31.68
CA TYR F 219 -5.37 -43.07 -32.73
C TYR F 219 -5.97 -42.55 -34.04
N HIS F 220 -5.26 -41.63 -34.69
CA HIS F 220 -5.70 -41.03 -35.93
C HIS F 220 -4.53 -40.97 -36.91
N ALA F 221 -4.79 -41.28 -38.17
CA ALA F 221 -3.80 -41.18 -39.22
C ALA F 221 -4.40 -40.43 -40.40
N TYR F 222 -3.55 -39.67 -41.10
CA TYR F 222 -3.97 -38.89 -42.25
C TYR F 222 -3.48 -39.58 -43.52
N LEU F 223 -4.40 -39.89 -44.43
CA LEU F 223 -4.08 -40.56 -45.67
C LEU F 223 -4.32 -39.62 -46.85
N TYR F 224 -3.46 -39.71 -47.85
CA TYR F 224 -3.51 -38.83 -49.02
C TYR F 224 -3.31 -39.69 -50.28
N LYS F 225 -4.43 -40.10 -50.88
CA LYS F 225 -4.38 -40.86 -52.13
C LYS F 225 -4.04 -39.90 -53.26
N LEU F 226 -2.79 -39.93 -53.71
CA LEU F 226 -2.24 -38.96 -54.65
C LEU F 226 -2.43 -39.36 -56.10
N HIS F 227 -3.13 -40.45 -56.38
CA HIS F 227 -3.35 -40.88 -57.75
C HIS F 227 -4.81 -41.18 -58.06
N GLY F 228 -5.72 -40.96 -57.11
CA GLY F 228 -7.12 -41.24 -57.32
C GLY F 228 -7.55 -42.58 -56.77
N SER F 229 -8.85 -42.70 -56.51
CA SER F 229 -9.43 -43.92 -55.99
C SER F 229 -10.62 -44.33 -56.86
N LEU F 230 -10.87 -45.64 -56.92
CA LEU F 230 -11.95 -46.17 -57.73
C LEU F 230 -13.33 -45.81 -57.18
N THR F 231 -13.41 -45.32 -55.94
CA THR F 231 -14.67 -44.93 -55.32
C THR F 231 -14.85 -43.41 -55.31
N TRP F 232 -14.34 -42.72 -56.34
CA TRP F 232 -14.49 -41.29 -56.47
C TRP F 232 -15.05 -40.97 -57.84
N TYR F 233 -16.04 -40.08 -57.87
CA TYR F 233 -16.71 -39.71 -59.11
C TYR F 233 -17.00 -38.22 -59.10
N GLN F 234 -17.18 -37.66 -60.28
CA GLN F 234 -17.49 -36.25 -60.45
C GLN F 234 -18.98 -36.08 -60.76
N ASN F 235 -19.45 -34.84 -60.61
CA ASN F 235 -20.86 -34.53 -60.84
C ASN F 235 -21.07 -33.24 -61.62
N ASP F 236 -20.02 -32.63 -62.16
CA ASP F 236 -20.05 -31.41 -62.97
C ASP F 236 -20.45 -30.17 -62.16
N SER F 237 -20.72 -30.31 -60.86
CA SER F 237 -21.03 -29.19 -60.00
C SER F 237 -19.82 -28.73 -59.18
N LEU F 238 -18.61 -28.97 -59.70
CA LEU F 238 -17.37 -28.67 -59.01
C LEU F 238 -17.28 -29.40 -57.67
N THR F 239 -17.94 -30.56 -57.58
CA THR F 239 -17.97 -31.34 -56.36
C THR F 239 -17.81 -32.81 -56.70
N VAL F 240 -16.98 -33.51 -55.92
CA VAL F 240 -16.80 -34.93 -56.07
C VAL F 240 -17.59 -35.65 -54.99
N ASN F 241 -17.78 -36.95 -55.17
CA ASN F 241 -18.54 -37.76 -54.23
C ASN F 241 -17.75 -39.02 -53.91
N GLU F 242 -17.79 -39.42 -52.64
CA GLU F 242 -17.12 -40.64 -52.16
C GLU F 242 -18.20 -41.64 -51.76
N VAL F 243 -18.57 -42.52 -52.68
CA VAL F 243 -19.60 -43.52 -52.42
C VAL F 243 -18.93 -44.77 -51.85
N SER F 244 -19.75 -45.63 -51.25
CA SER F 244 -19.25 -46.89 -50.72
C SER F 244 -18.94 -47.86 -51.86
N ALA F 245 -18.29 -48.97 -51.48
CA ALA F 245 -17.87 -49.94 -52.48
C ALA F 245 -19.06 -50.62 -53.15
N SER F 246 -20.08 -50.98 -52.38
CA SER F 246 -21.21 -51.70 -52.93
C SER F 246 -21.95 -50.87 -53.98
N GLN F 247 -22.19 -49.60 -53.67
CA GLN F 247 -22.89 -48.72 -54.62
C GLN F 247 -22.09 -48.56 -55.90
N ALA F 248 -20.77 -48.37 -55.79
CA ALA F 248 -19.94 -48.25 -56.98
C ALA F 248 -19.97 -49.53 -57.80
N TYR F 249 -19.88 -50.69 -57.15
CA TYR F 249 -19.90 -51.96 -57.86
C TYR F 249 -21.22 -52.16 -58.59
N ASP F 250 -22.34 -51.79 -57.94
CA ASP F 250 -23.65 -51.98 -58.56
C ASP F 250 -23.99 -50.89 -59.57
N GLU F 251 -23.26 -49.77 -59.60
CA GLU F 251 -23.58 -48.67 -60.50
C GLU F 251 -22.64 -48.58 -61.70
N TYR F 252 -21.33 -48.48 -61.47
CA TYR F 252 -20.41 -48.17 -62.56
C TYR F 252 -19.36 -49.25 -62.81
N ILE F 253 -18.84 -49.90 -61.77
CA ILE F 253 -17.76 -50.86 -61.94
C ILE F 253 -18.22 -52.04 -62.78
N ASN F 254 -19.44 -52.55 -62.52
CA ASN F 254 -19.94 -53.67 -63.28
C ASN F 254 -20.10 -53.33 -64.76
N ASP F 255 -20.65 -52.14 -65.04
CA ASP F 255 -20.84 -51.72 -66.43
C ASP F 255 -19.49 -51.54 -67.14
N ILE F 256 -18.50 -50.98 -66.44
CA ILE F 256 -17.20 -50.73 -67.07
C ILE F 256 -16.34 -51.96 -67.18
N ILE F 257 -16.61 -53.01 -66.40
CA ILE F 257 -15.76 -54.19 -66.42
C ILE F 257 -16.44 -55.34 -67.16
N ASN F 258 -17.58 -55.80 -66.64
CA ASN F 258 -18.22 -57.01 -67.16
C ASN F 258 -18.93 -56.80 -68.48
N LYS F 259 -19.67 -55.69 -68.64
CA LYS F 259 -20.43 -55.48 -69.85
C LYS F 259 -19.56 -55.17 -71.06
N ASP F 260 -18.31 -54.74 -70.85
CA ASP F 260 -17.39 -54.41 -71.93
C ASP F 260 -17.99 -53.37 -72.87
N ASP F 261 -18.70 -52.40 -72.30
CA ASP F 261 -19.30 -51.32 -73.06
C ASP F 261 -18.44 -50.08 -72.97
N PHE F 262 -18.82 -49.06 -73.74
CA PHE F 262 -18.08 -47.81 -73.75
C PHE F 262 -18.13 -47.16 -72.37
N TYR F 263 -16.97 -46.72 -71.89
CA TYR F 263 -16.87 -46.14 -70.56
C TYR F 263 -17.37 -44.70 -70.56
N ARG F 264 -17.50 -44.15 -69.35
CA ARG F 264 -17.88 -42.76 -69.16
C ARG F 264 -16.81 -42.05 -68.33
N GLY F 265 -16.73 -40.74 -68.49
CA GLY F 265 -15.70 -39.96 -67.83
C GLY F 265 -16.03 -39.57 -66.40
N GLN F 266 -16.72 -40.45 -65.68
CA GLN F 266 -17.07 -40.22 -64.28
C GLN F 266 -16.14 -40.95 -63.32
N HIS F 267 -15.06 -41.54 -63.83
CA HIS F 267 -14.09 -42.25 -63.01
C HIS F 267 -12.92 -41.32 -62.71
N LEU F 268 -12.47 -41.32 -61.46
CA LEU F 268 -11.38 -40.45 -61.01
C LEU F 268 -10.03 -41.07 -61.38
N ILE F 269 -9.68 -40.94 -62.65
CA ILE F 269 -8.41 -41.44 -63.15
C ILE F 269 -7.69 -40.31 -63.88
N TYR F 270 -6.38 -40.46 -64.09
CA TYR F 270 -5.56 -39.41 -64.67
C TYR F 270 -5.36 -39.64 -66.17
N PRO F 271 -5.89 -38.76 -67.02
CA PRO F 271 -5.71 -38.96 -68.46
C PRO F 271 -4.41 -38.36 -68.97
N GLY F 272 -3.59 -39.18 -69.63
CA GLY F 272 -2.35 -38.72 -70.22
C GLY F 272 -1.20 -38.68 -69.24
N ALA F 273 -0.01 -38.42 -69.77
CA ALA F 273 1.19 -38.35 -68.94
C ALA F 273 1.13 -37.17 -67.98
N ASN F 274 0.62 -36.03 -68.45
CA ASN F 274 0.49 -34.86 -67.60
C ASN F 274 -0.76 -34.97 -66.74
N LYS F 275 -0.58 -34.93 -65.43
CA LYS F 275 -1.71 -35.07 -64.50
C LYS F 275 -2.63 -33.86 -64.52
N TYR F 276 -2.20 -32.76 -65.13
CA TYR F 276 -3.01 -31.55 -65.23
C TYR F 276 -3.76 -31.44 -66.55
N SER F 277 -3.80 -32.52 -67.33
CA SER F 277 -4.60 -32.51 -68.55
C SER F 277 -6.07 -32.28 -68.24
N HIS F 278 -6.59 -32.93 -67.19
CA HIS F 278 -7.92 -32.63 -66.67
C HIS F 278 -7.79 -31.39 -65.79
N THR F 279 -7.85 -30.23 -66.45
CA THR F 279 -7.53 -28.98 -65.76
C THR F 279 -8.58 -28.60 -64.73
N ILE F 280 -9.86 -28.90 -64.98
CA ILE F 280 -10.91 -28.53 -64.04
C ILE F 280 -10.73 -29.27 -62.72
N GLY F 281 -10.08 -30.43 -62.74
CA GLY F 281 -9.78 -31.15 -61.52
C GLY F 281 -8.52 -30.60 -60.87
N PHE F 282 -8.66 -30.20 -59.61
CA PHE F 282 -7.54 -29.63 -58.86
C PHE F 282 -7.23 -30.42 -57.59
N VAL F 283 -7.90 -31.55 -57.37
CA VAL F 283 -7.65 -32.36 -56.18
C VAL F 283 -6.22 -32.88 -56.19
N TYR F 284 -5.71 -33.28 -57.35
CA TYR F 284 -4.32 -33.71 -57.45
C TYR F 284 -3.37 -32.57 -57.07
N GLY F 285 -3.72 -31.34 -57.46
CA GLY F 285 -2.90 -30.20 -57.06
C GLY F 285 -2.84 -30.03 -55.56
N GLU F 286 -3.97 -30.21 -54.88
CA GLU F 286 -4.00 -30.05 -53.43
C GLU F 286 -3.15 -31.10 -52.74
N MET F 287 -3.29 -32.37 -53.16
CA MET F 287 -2.50 -33.44 -52.56
C MET F 287 -1.02 -33.23 -52.84
N PHE F 288 -0.68 -32.80 -54.04
CA PHE F 288 0.71 -32.49 -54.38
C PHE F 288 1.25 -31.38 -53.49
N ARG F 289 0.44 -30.35 -53.24
CA ARG F 289 0.86 -29.25 -52.37
C ARG F 289 1.06 -29.72 -50.94
N ARG F 290 0.17 -30.58 -50.43
CA ARG F 290 0.36 -31.10 -49.08
C ARG F 290 1.63 -31.95 -49.00
N PHE F 291 1.90 -32.75 -50.02
CA PHE F 291 3.13 -33.53 -50.07
C PHE F 291 4.35 -32.62 -50.03
N GLY F 292 4.33 -31.54 -50.82
CA GLY F 292 5.43 -30.59 -50.79
C GLY F 292 5.56 -29.88 -49.46
N GLU F 293 4.44 -29.63 -48.79
CA GLU F 293 4.47 -28.93 -47.51
C GLU F 293 5.02 -29.82 -46.40
N PHE F 294 4.76 -31.13 -46.46
CA PHE F 294 5.25 -32.03 -45.42
C PHE F 294 6.77 -32.13 -45.41
N ILE F 295 7.41 -31.87 -46.54
CA ILE F 295 8.84 -32.16 -46.70
C ILE F 295 9.69 -30.93 -46.42
N SER F 296 9.11 -29.91 -45.77
CA SER F 296 9.85 -28.73 -45.37
C SER F 296 9.96 -28.57 -43.86
N LYS F 297 9.21 -29.35 -43.08
CA LYS F 297 9.28 -29.23 -41.64
C LYS F 297 10.61 -29.77 -41.12
N PRO F 298 11.17 -29.14 -40.09
CA PRO F 298 12.39 -29.67 -39.48
C PRO F 298 12.15 -30.97 -38.74
N GLN F 299 13.21 -31.76 -38.63
CA GLN F 299 13.19 -33.05 -37.92
C GLN F 299 12.16 -34.00 -38.53
N THR F 300 12.40 -34.35 -39.79
CA THR F 300 11.50 -35.18 -40.57
C THR F 300 12.23 -36.43 -41.07
N ALA F 301 11.54 -37.56 -41.08
CA ALA F 301 12.06 -38.81 -41.60
C ALA F 301 11.03 -39.42 -42.55
N LEU F 302 11.53 -40.08 -43.60
CA LEU F 302 10.67 -40.64 -44.63
C LEU F 302 11.15 -42.03 -45.02
N PHE F 303 10.21 -42.86 -45.49
CA PHE F 303 10.50 -44.20 -45.98
C PHE F 303 9.81 -44.40 -47.32
N ILE F 304 10.52 -44.98 -48.27
CA ILE F 304 10.02 -45.20 -49.63
C ILE F 304 10.08 -46.69 -49.93
N ASN F 305 8.96 -47.23 -50.44
CA ASN F 305 8.89 -48.63 -50.82
C ASN F 305 7.99 -48.78 -52.03
N GLY F 306 8.36 -49.72 -52.91
CA GLY F 306 7.55 -50.05 -54.07
C GLY F 306 7.40 -48.93 -55.09
N PHE F 307 8.44 -48.13 -55.28
CA PHE F 307 8.39 -47.00 -56.19
C PHE F 307 9.43 -47.20 -57.28
N GLY F 308 9.00 -47.08 -58.54
CA GLY F 308 9.85 -47.33 -59.69
C GLY F 308 10.64 -46.14 -60.21
N PHE F 309 10.48 -44.97 -59.61
CA PHE F 309 11.22 -43.76 -60.00
C PHE F 309 11.03 -43.45 -61.49
N GLY F 310 9.78 -43.53 -61.94
CA GLY F 310 9.46 -43.24 -63.32
C GLY F 310 8.81 -41.89 -63.53
N ASP F 311 8.53 -41.17 -62.45
CA ASP F 311 7.83 -39.89 -62.51
C ASP F 311 8.79 -38.74 -62.30
N TYR F 312 8.63 -37.69 -63.12
CA TYR F 312 9.49 -36.52 -63.04
C TYR F 312 9.24 -35.71 -61.76
N HIS F 313 7.97 -35.56 -61.38
CA HIS F 313 7.61 -34.64 -60.31
C HIS F 313 8.20 -35.07 -58.96
N ILE F 314 8.09 -36.35 -58.64
CA ILE F 314 8.49 -36.81 -57.31
C ILE F 314 10.01 -36.76 -57.14
N ASN F 315 10.74 -37.24 -58.15
CA ASN F 315 12.20 -37.20 -58.06
C ASN F 315 12.74 -35.79 -58.25
N ARG F 316 11.96 -34.87 -58.81
CA ARG F 316 12.36 -33.47 -58.80
C ARG F 316 12.15 -32.85 -57.43
N ILE F 317 11.07 -33.23 -56.74
CA ILE F 317 10.83 -32.74 -55.39
C ILE F 317 11.91 -33.24 -54.43
N ILE F 318 12.25 -34.53 -54.52
CA ILE F 318 13.12 -35.15 -53.53
C ILE F 318 14.50 -34.50 -53.53
N LEU F 319 15.02 -34.14 -54.71
CA LEU F 319 16.34 -33.54 -54.79
C LEU F 319 16.39 -32.20 -54.05
N GLY F 320 15.35 -31.38 -54.20
CA GLY F 320 15.34 -30.09 -53.54
C GLY F 320 15.30 -30.19 -52.03
N ALA F 321 14.65 -31.21 -51.49
CA ALA F 321 14.49 -31.34 -50.05
C ALA F 321 15.80 -31.65 -49.35
N LEU F 322 16.81 -32.14 -50.06
CA LEU F 322 18.06 -32.53 -49.42
C LEU F 322 18.95 -31.35 -49.07
N LEU F 323 18.48 -30.12 -49.23
CA LEU F 323 19.23 -28.94 -48.79
C LEU F 323 18.83 -28.48 -47.39
N ASN F 324 17.95 -29.22 -46.72
CA ASN F 324 17.50 -28.90 -45.37
C ASN F 324 18.23 -29.79 -44.38
N PRO F 325 19.00 -29.24 -43.44
CA PRO F 325 19.80 -30.10 -42.55
C PRO F 325 19.01 -30.75 -41.43
N SER F 326 17.82 -31.25 -41.74
CA SER F 326 17.05 -32.03 -40.78
C SER F 326 16.24 -33.13 -41.47
N PHE F 327 16.60 -33.49 -42.70
CA PHE F 327 15.80 -34.38 -43.53
C PHE F 327 16.58 -35.68 -43.76
N HIS F 328 15.93 -36.81 -43.50
CA HIS F 328 16.52 -38.12 -43.68
C HIS F 328 15.57 -39.00 -44.48
N VAL F 329 16.13 -39.91 -45.27
CA VAL F 329 15.34 -40.75 -46.16
C VAL F 329 15.99 -42.13 -46.24
N VAL F 330 15.15 -43.16 -46.29
CA VAL F 330 15.58 -44.54 -46.53
C VAL F 330 14.87 -45.04 -47.78
N ILE F 331 15.63 -45.53 -48.74
CA ILE F 331 15.10 -45.94 -50.04
C ILE F 331 15.31 -47.43 -50.21
N TYR F 332 14.25 -48.15 -50.58
CA TYR F 332 14.28 -49.59 -50.77
C TYR F 332 14.19 -49.87 -52.26
N TYR F 333 15.32 -50.20 -52.88
CA TYR F 333 15.38 -50.46 -54.32
C TYR F 333 16.02 -51.82 -54.56
N PRO F 334 15.22 -52.88 -54.78
CA PRO F 334 15.76 -54.24 -54.83
C PRO F 334 16.82 -54.48 -55.90
N GLU F 335 16.49 -54.25 -57.16
CA GLU F 335 17.38 -54.57 -58.26
C GLU F 335 18.40 -53.44 -58.43
N LEU F 336 19.51 -53.53 -57.69
CA LEU F 336 20.47 -52.46 -57.59
C LEU F 336 21.74 -52.71 -58.39
N LYS F 337 22.34 -53.90 -58.24
CA LYS F 337 23.55 -54.22 -59.00
C LYS F 337 23.28 -54.30 -60.50
N GLU F 338 22.13 -54.88 -60.88
CA GLU F 338 21.76 -54.94 -62.29
C GLU F 338 21.50 -53.56 -62.89
N ALA F 339 21.29 -52.54 -62.07
CA ALA F 339 21.23 -51.17 -62.54
C ALA F 339 22.58 -50.48 -62.51
N ILE F 340 23.45 -50.86 -61.57
CA ILE F 340 24.79 -50.27 -61.52
C ILE F 340 25.61 -50.71 -62.71
N THR F 341 25.53 -51.99 -63.09
CA THR F 341 26.38 -52.51 -64.16
C THR F 341 26.10 -51.83 -65.49
N LYS F 342 24.85 -51.42 -65.72
CA LYS F 342 24.46 -50.82 -66.98
C LYS F 342 24.65 -49.31 -67.02
N VAL F 343 25.41 -48.74 -66.10
CA VAL F 343 25.67 -47.29 -66.07
C VAL F 343 27.00 -46.96 -66.73
N SER F 344 28.07 -47.67 -66.35
CA SER F 344 29.38 -47.39 -66.93
C SER F 344 29.43 -47.66 -68.43
N LYS F 345 28.54 -48.52 -68.94
CA LYS F 345 28.50 -48.79 -70.37
C LYS F 345 27.95 -47.62 -71.17
N GLY F 346 27.40 -46.60 -70.51
CA GLY F 346 26.79 -45.49 -71.21
C GLY F 346 25.52 -45.00 -70.55
N GLY F 347 24.88 -45.88 -69.77
CA GLY F 347 23.66 -45.53 -69.08
C GLY F 347 22.45 -46.28 -69.59
N GLY F 348 21.47 -46.49 -68.72
CA GLY F 348 20.25 -47.21 -69.04
C GLY F 348 19.05 -46.31 -69.16
N SER F 349 17.93 -46.76 -68.61
CA SER F 349 16.71 -45.98 -68.66
C SER F 349 16.82 -44.79 -67.69
N GLU F 350 15.83 -43.89 -67.81
CA GLU F 350 15.84 -42.68 -66.99
C GLU F 350 15.70 -43.01 -65.51
N ALA F 351 14.97 -44.09 -65.20
CA ALA F 351 14.84 -44.53 -63.81
C ALA F 351 16.11 -45.16 -63.26
N GLU F 352 17.08 -45.50 -64.11
CA GLU F 352 18.29 -46.17 -63.69
C GLU F 352 19.46 -45.22 -63.47
N LYS F 353 19.23 -43.91 -63.58
CA LYS F 353 20.26 -42.92 -63.32
C LYS F 353 20.00 -42.10 -62.07
N ALA F 354 18.75 -41.83 -61.73
CA ALA F 354 18.44 -41.04 -60.55
C ALA F 354 18.88 -41.75 -59.27
N ILE F 355 18.62 -43.05 -59.18
CA ILE F 355 18.99 -43.80 -57.98
C ILE F 355 20.52 -43.88 -57.86
N VAL F 356 21.22 -44.04 -58.98
CA VAL F 356 22.67 -44.06 -58.95
C VAL F 356 23.22 -42.71 -58.51
N THR F 357 22.65 -41.62 -59.02
CA THR F 357 23.07 -40.29 -58.62
C THR F 357 22.82 -40.06 -57.13
N LEU F 358 21.68 -40.54 -56.62
CA LEU F 358 21.39 -40.42 -55.20
C LEU F 358 22.41 -41.20 -54.36
N LYS F 359 22.79 -42.39 -54.83
CA LYS F 359 23.71 -43.24 -54.07
C LYS F 359 25.08 -42.60 -53.94
N ASN F 360 25.51 -41.85 -54.97
CA ASN F 360 26.88 -41.33 -55.02
C ASN F 360 27.04 -40.00 -54.28
N MET F 361 26.13 -39.66 -53.37
CA MET F 361 26.26 -38.43 -52.62
C MET F 361 27.17 -38.64 -51.41
N ALA F 362 27.60 -37.51 -50.81
CA ALA F 362 28.52 -37.51 -49.69
C ALA F 362 27.90 -36.93 -48.42
N PHE F 363 26.59 -37.16 -48.23
CA PHE F 363 25.88 -36.71 -47.05
C PHE F 363 25.39 -37.91 -46.26
N ASN F 364 25.51 -37.84 -44.93
CA ASN F 364 25.07 -38.94 -44.09
C ASN F 364 23.57 -38.83 -43.80
N GLN F 365 22.77 -38.71 -44.85
CA GLN F 365 21.32 -38.62 -44.70
C GLN F 365 20.55 -39.47 -45.70
N VAL F 366 21.22 -40.07 -46.69
CA VAL F 366 20.57 -40.85 -47.74
C VAL F 366 21.05 -42.28 -47.64
N THR F 367 20.11 -43.22 -47.53
CA THR F 367 20.40 -44.65 -47.45
C THR F 367 19.68 -45.38 -48.56
N VAL F 368 20.38 -46.33 -49.19
CA VAL F 368 19.82 -47.17 -50.24
C VAL F 368 20.00 -48.63 -49.85
N VAL F 369 18.92 -49.40 -49.92
CA VAL F 369 18.91 -50.80 -49.51
C VAL F 369 18.49 -51.66 -50.70
N GLY F 370 19.27 -52.70 -50.97
CA GLY F 370 18.93 -53.66 -52.00
C GLY F 370 19.23 -55.08 -51.56
N GLY F 371 19.08 -56.05 -52.47
CA GLY F 371 19.39 -57.42 -52.15
C GLY F 371 18.42 -58.45 -52.68
N GLY F 372 17.43 -58.00 -53.46
CA GLY F 372 16.48 -58.92 -54.07
C GLY F 372 15.30 -59.24 -53.18
N SER F 373 15.28 -60.45 -52.62
CA SER F 373 14.16 -60.91 -51.80
C SER F 373 14.23 -60.39 -50.37
N LYS F 374 15.32 -59.73 -49.98
CA LYS F 374 15.45 -59.19 -48.63
C LYS F 374 15.08 -57.70 -48.56
N ALA F 375 14.59 -57.12 -49.65
CA ALA F 375 14.13 -55.74 -49.67
C ALA F 375 12.67 -55.64 -50.10
N TYR F 376 11.89 -56.68 -49.86
CA TYR F 376 10.48 -56.70 -50.22
C TYR F 376 9.67 -55.95 -49.16
N PHE F 377 8.35 -55.99 -49.29
CA PHE F 377 7.48 -55.27 -48.35
C PHE F 377 7.53 -55.89 -46.96
N ASN F 378 7.51 -57.22 -46.89
CA ASN F 378 7.55 -57.91 -45.60
C ASN F 378 8.85 -57.62 -44.86
N SER F 379 9.97 -57.62 -45.59
CA SER F 379 11.25 -57.31 -44.98
C SER F 379 11.27 -55.89 -44.42
N PHE F 380 10.66 -54.95 -45.14
CA PHE F 380 10.56 -53.59 -44.65
C PHE F 380 9.73 -53.53 -43.37
N VAL F 381 8.62 -54.27 -43.34
CA VAL F 381 7.77 -54.24 -42.15
C VAL F 381 8.50 -54.83 -40.95
N GLU F 382 9.27 -55.90 -41.15
CA GLU F 382 9.94 -56.55 -40.03
C GLU F 382 10.99 -55.65 -39.39
N HIS F 383 11.58 -54.73 -40.15
CA HIS F 383 12.60 -53.85 -39.60
C HIS F 383 12.03 -52.87 -38.57
N LEU F 384 10.72 -52.61 -38.61
CA LEU F 384 10.15 -51.62 -37.71
C LEU F 384 10.23 -52.09 -36.26
N PRO F 385 10.54 -51.20 -35.32
CA PRO F 385 10.68 -51.61 -33.92
C PRO F 385 9.40 -51.45 -33.12
N TYR F 386 9.21 -52.38 -32.17
CA TYR F 386 8.13 -52.29 -31.20
C TYR F 386 8.46 -51.26 -30.12
N PRO F 387 7.45 -50.67 -29.50
CA PRO F 387 7.71 -49.77 -28.37
C PRO F 387 8.10 -50.56 -27.12
N VAL F 388 8.74 -49.84 -26.19
CA VAL F 388 9.13 -50.41 -24.90
C VAL F 388 8.26 -49.76 -23.83
N LEU F 389 7.50 -50.59 -23.12
CA LEU F 389 6.54 -50.06 -22.17
C LEU F 389 7.22 -49.68 -20.85
N PHE F 390 7.84 -50.65 -20.20
CA PHE F 390 8.44 -50.43 -18.89
C PHE F 390 9.94 -50.69 -18.95
N PRO F 391 10.79 -49.65 -18.94
CA PRO F 391 12.25 -49.80 -19.03
C PRO F 391 12.83 -50.55 -17.83
N SER G 2 -52.85 -22.18 -21.22
CA SER G 2 -52.59 -21.40 -20.01
C SER G 2 -51.17 -21.67 -19.50
N ILE G 3 -50.37 -20.61 -19.41
CA ILE G 3 -48.96 -20.72 -19.04
C ILE G 3 -48.87 -20.80 -17.52
N TYR G 4 -48.31 -21.90 -17.02
CA TYR G 4 -48.05 -22.09 -15.61
C TYR G 4 -46.55 -21.98 -15.37
N GLN G 5 -46.15 -21.04 -14.53
CA GLN G 5 -44.76 -20.85 -14.12
C GLN G 5 -44.75 -20.67 -12.61
N GLY G 6 -44.59 -21.78 -11.89
CA GLY G 6 -44.70 -21.76 -10.45
C GLY G 6 -46.12 -21.86 -9.93
N GLY G 7 -47.07 -22.30 -10.75
CA GLY G 7 -48.47 -22.33 -10.36
C GLY G 7 -49.29 -21.16 -10.85
N ASN G 8 -48.66 -20.06 -11.25
CA ASN G 8 -49.37 -18.83 -11.59
C ASN G 8 -49.40 -18.63 -13.10
N LYS G 9 -49.91 -17.49 -13.55
CA LYS G 9 -49.97 -17.16 -14.96
C LYS G 9 -49.15 -15.91 -15.23
N LEU G 10 -48.35 -15.94 -16.31
CA LEU G 10 -47.48 -14.84 -16.68
C LEU G 10 -47.60 -14.58 -18.18
N ASN G 11 -47.27 -13.35 -18.58
CA ASN G 11 -47.44 -12.90 -19.94
C ASN G 11 -46.15 -13.12 -20.73
N GLU G 12 -46.10 -12.56 -21.95
CA GLU G 12 -45.03 -12.88 -22.88
C GLU G 12 -43.65 -12.49 -22.36
N ASP G 13 -43.53 -11.30 -21.75
CA ASP G 13 -42.22 -10.76 -21.46
C ASP G 13 -41.47 -11.60 -20.42
N ASP G 14 -42.18 -12.08 -19.39
CA ASP G 14 -41.53 -12.86 -18.35
C ASP G 14 -40.91 -14.14 -18.92
N PHE G 15 -41.70 -14.89 -19.69
CA PHE G 15 -41.20 -16.10 -20.32
C PHE G 15 -40.07 -15.79 -21.31
N ARG G 16 -40.23 -14.70 -22.07
CA ARG G 16 -39.24 -14.39 -23.10
C ARG G 16 -37.88 -14.07 -22.47
N SER G 17 -37.88 -13.35 -21.36
CA SER G 17 -36.63 -13.12 -20.64
C SER G 17 -36.11 -14.39 -20.00
N HIS G 18 -37.00 -15.18 -19.37
CA HIS G 18 -36.56 -16.31 -18.57
C HIS G 18 -35.98 -17.44 -19.42
N VAL G 19 -36.57 -17.71 -20.58
CA VAL G 19 -36.04 -18.78 -21.43
C VAL G 19 -34.63 -18.43 -21.91
N TYR G 20 -34.41 -17.18 -22.31
CA TYR G 20 -33.07 -16.74 -22.68
C TYR G 20 -32.12 -16.85 -21.49
N SER G 21 -32.58 -16.48 -20.30
CA SER G 21 -31.69 -16.52 -19.13
C SER G 21 -31.28 -17.95 -18.78
N LEU G 22 -32.22 -18.90 -18.82
CA LEU G 22 -31.94 -20.28 -18.45
C LEU G 22 -31.43 -21.13 -19.61
N CYS G 23 -31.37 -20.60 -20.83
CA CYS G 23 -30.68 -21.33 -21.89
C CYS G 23 -29.16 -21.23 -21.78
N GLN G 24 -28.64 -20.52 -20.78
CA GLN G 24 -27.20 -20.27 -20.66
C GLN G 24 -26.54 -21.12 -19.58
N LEU G 25 -27.14 -22.26 -19.25
CA LEU G 25 -26.59 -23.11 -18.21
C LEU G 25 -25.43 -23.95 -18.74
N ASP G 26 -24.69 -24.55 -17.80
CA ASP G 26 -23.50 -25.32 -18.18
C ASP G 26 -23.86 -26.52 -19.04
N ASN G 27 -24.91 -27.24 -18.68
CA ASN G 27 -25.39 -28.37 -19.45
C ASN G 27 -26.77 -28.03 -20.03
N VAL G 28 -26.92 -28.22 -21.34
CA VAL G 28 -28.18 -27.92 -22.02
C VAL G 28 -28.62 -29.18 -22.76
N GLY G 29 -29.92 -29.22 -23.06
CA GLY G 29 -30.48 -30.35 -23.75
C GLY G 29 -31.87 -30.10 -24.29
N VAL G 30 -32.17 -30.67 -25.47
CA VAL G 30 -33.47 -30.52 -26.11
C VAL G 30 -34.02 -31.91 -26.40
N LEU G 31 -35.25 -32.16 -25.96
CA LEU G 31 -35.93 -33.42 -26.22
C LEU G 31 -37.07 -33.17 -27.20
N LEU G 32 -37.12 -33.95 -28.27
CA LEU G 32 -38.12 -33.80 -29.32
C LEU G 32 -38.93 -35.10 -29.43
N GLY G 33 -39.82 -35.13 -30.42
CA GLY G 33 -40.65 -36.28 -30.64
C GLY G 33 -41.37 -36.19 -31.96
N ALA G 34 -42.55 -36.81 -32.01
CA ALA G 34 -43.37 -36.75 -33.21
C ALA G 34 -43.94 -35.36 -33.47
N GLY G 35 -43.98 -34.50 -32.45
CA GLY G 35 -44.54 -33.17 -32.64
C GLY G 35 -43.78 -32.32 -33.63
N ALA G 36 -42.45 -32.42 -33.63
CA ALA G 36 -41.63 -31.65 -34.55
C ALA G 36 -41.53 -32.29 -35.93
N SER G 37 -42.03 -33.51 -36.10
CA SER G 37 -41.97 -34.20 -37.38
C SER G 37 -43.25 -34.04 -38.19
N VAL G 38 -44.38 -33.78 -37.56
CA VAL G 38 -45.63 -33.62 -38.29
C VAL G 38 -45.59 -32.40 -39.19
N GLY G 39 -44.74 -31.43 -38.88
CA GLY G 39 -44.62 -30.24 -39.70
C GLY G 39 -43.99 -30.47 -41.06
N CYS G 40 -43.38 -31.64 -41.27
CA CYS G 40 -42.80 -31.98 -42.56
C CYS G 40 -43.49 -33.15 -43.24
N GLY G 41 -44.60 -33.65 -42.67
CA GLY G 41 -45.29 -34.77 -43.25
C GLY G 41 -45.44 -35.95 -42.30
N GLY G 42 -45.18 -35.72 -41.02
CA GLY G 42 -45.24 -36.77 -40.02
C GLY G 42 -46.65 -37.04 -39.53
N LYS G 43 -46.78 -38.05 -38.68
CA LYS G 43 -48.07 -38.51 -38.18
C LYS G 43 -47.84 -39.42 -36.99
N THR G 44 -48.86 -39.53 -36.14
CA THR G 44 -48.74 -40.29 -34.89
C THR G 44 -49.38 -41.66 -35.03
N MET G 45 -49.32 -42.44 -33.95
CA MET G 45 -49.70 -43.84 -34.02
C MET G 45 -51.21 -44.03 -34.12
N LYS G 46 -52.00 -43.07 -33.63
CA LYS G 46 -53.45 -43.21 -33.78
C LYS G 46 -53.86 -43.13 -35.24
N ASP G 47 -53.22 -42.26 -36.03
CA ASP G 47 -53.53 -42.18 -37.45
C ASP G 47 -53.15 -43.48 -38.17
N VAL G 48 -51.98 -44.05 -37.86
CA VAL G 48 -51.60 -45.29 -38.52
C VAL G 48 -52.51 -46.44 -38.09
N TRP G 49 -52.97 -46.42 -36.83
CA TRP G 49 -53.95 -47.42 -36.40
C TRP G 49 -55.26 -47.27 -37.16
N LYS G 50 -55.71 -46.02 -37.36
CA LYS G 50 -56.92 -45.79 -38.13
C LYS G 50 -56.76 -46.26 -39.56
N SER G 51 -55.59 -46.02 -40.17
CA SER G 51 -55.33 -46.50 -41.51
C SER G 51 -55.32 -48.03 -41.56
N PHE G 52 -54.78 -48.67 -40.53
CA PHE G 52 -54.74 -50.13 -40.49
C PHE G 52 -56.13 -50.72 -40.33
N LYS G 53 -57.01 -50.04 -39.58
CA LYS G 53 -58.33 -50.58 -39.31
C LYS G 53 -59.19 -50.62 -40.56
N GLN G 54 -59.05 -49.64 -41.45
CA GLN G 54 -59.90 -49.52 -42.62
C GLN G 54 -59.28 -50.12 -43.88
N ASN G 55 -58.19 -50.87 -43.74
CA ASN G 55 -57.56 -51.55 -44.86
C ASN G 55 -57.55 -53.06 -44.74
N TYR G 56 -57.36 -53.61 -43.54
CA TYR G 56 -57.33 -55.05 -43.31
C TYR G 56 -58.26 -55.40 -42.15
N PRO G 57 -59.58 -55.34 -42.38
CA PRO G 57 -60.52 -55.73 -41.32
C PRO G 57 -60.79 -57.22 -41.27
N GLU G 58 -60.31 -57.99 -42.23
CA GLU G 58 -60.53 -59.44 -42.22
C GLU G 58 -59.80 -60.11 -41.07
N LEU G 59 -58.57 -59.68 -40.77
CA LEU G 59 -57.73 -60.31 -39.77
C LEU G 59 -57.83 -59.66 -38.40
N LEU G 60 -58.50 -58.51 -38.29
CA LEU G 60 -58.57 -57.83 -37.00
C LEU G 60 -59.37 -58.64 -35.98
N GLY G 61 -60.48 -59.24 -36.40
CA GLY G 61 -61.33 -59.95 -35.47
C GLY G 61 -60.76 -61.26 -34.98
N ALA G 62 -59.80 -61.83 -35.73
CA ALA G 62 -59.24 -63.12 -35.33
C ALA G 62 -58.45 -63.04 -34.03
N LEU G 63 -57.80 -61.89 -33.78
CA LEU G 63 -56.93 -61.75 -32.62
C LEU G 63 -57.68 -61.43 -31.34
N ILE G 64 -58.99 -61.24 -31.39
CA ILE G 64 -59.77 -60.85 -30.22
C ILE G 64 -60.21 -62.06 -29.40
N ASP G 65 -60.60 -63.15 -30.06
CA ASP G 65 -61.13 -64.33 -29.38
C ASP G 65 -60.12 -65.46 -29.28
N LYS G 66 -59.43 -65.78 -30.37
CA LYS G 66 -58.56 -66.95 -30.38
C LYS G 66 -57.38 -66.79 -29.42
N TYR G 67 -56.76 -65.61 -29.39
CA TYR G 67 -55.60 -65.38 -28.53
C TYR G 67 -55.82 -64.30 -27.48
N LEU G 68 -56.82 -63.44 -27.64
CA LEU G 68 -57.12 -62.37 -26.68
C LEU G 68 -55.94 -61.41 -26.55
N LEU G 69 -55.55 -60.84 -27.70
CA LEU G 69 -54.53 -59.80 -27.76
C LEU G 69 -55.11 -58.43 -28.08
N VAL G 70 -56.39 -58.36 -28.46
CA VAL G 70 -57.03 -57.10 -28.80
C VAL G 70 -58.22 -56.90 -27.89
N SER G 71 -58.30 -55.73 -27.27
CA SER G 71 -59.41 -55.38 -26.40
C SER G 71 -60.45 -54.58 -27.17
N GLN G 72 -61.71 -54.94 -26.98
CA GLN G 72 -62.80 -54.28 -27.71
C GLN G 72 -62.90 -52.81 -27.34
N ILE G 73 -62.77 -52.48 -26.05
CA ILE G 73 -62.81 -51.08 -25.64
C ILE G 73 -61.64 -50.32 -26.24
N ASP G 74 -60.45 -50.92 -26.20
CA ASP G 74 -59.27 -50.27 -26.77
C ASP G 74 -59.42 -50.09 -28.28
N SER G 75 -59.98 -51.09 -28.96
CA SER G 75 -60.21 -50.97 -30.40
C SER G 75 -61.22 -49.86 -30.70
N ASP G 76 -62.30 -49.78 -29.91
CA ASP G 76 -63.29 -48.73 -30.13
C ASP G 76 -62.73 -47.35 -29.88
N ASN G 77 -61.93 -47.18 -28.84
CA ASN G 77 -61.31 -45.90 -28.52
C ASN G 77 -60.02 -45.65 -29.29
N ASN G 78 -59.59 -46.61 -30.10
CA ASN G 78 -58.35 -46.55 -30.89
C ASN G 78 -57.21 -45.92 -30.09
N LEU G 79 -56.96 -46.52 -28.93
CA LEU G 79 -55.97 -46.04 -27.96
C LEU G 79 -55.02 -47.17 -27.58
N VAL G 80 -54.52 -47.88 -28.58
CA VAL G 80 -53.61 -48.99 -28.37
C VAL G 80 -52.19 -48.53 -28.65
N ASN G 81 -51.23 -49.30 -28.14
CA ASN G 81 -49.82 -49.05 -28.37
C ASN G 81 -49.32 -50.03 -29.42
N VAL G 82 -48.69 -49.51 -30.47
CA VAL G 82 -48.27 -50.31 -31.61
C VAL G 82 -46.88 -50.91 -31.37
N GLU G 83 -46.23 -50.55 -30.26
CA GLU G 83 -44.91 -51.10 -29.94
C GLU G 83 -45.03 -52.43 -29.19
N LEU G 84 -45.93 -52.51 -28.21
CA LEU G 84 -46.10 -53.73 -27.44
C LEU G 84 -46.64 -54.87 -28.30
N LEU G 85 -47.60 -54.57 -29.17
CA LEU G 85 -48.22 -55.61 -29.98
C LEU G 85 -47.23 -56.23 -30.96
N ILE G 86 -46.32 -55.41 -31.50
CA ILE G 86 -45.29 -55.95 -32.39
C ILE G 86 -44.41 -56.95 -31.64
N ASP G 87 -44.01 -56.61 -30.40
CA ASP G 87 -43.20 -57.52 -29.61
C ASP G 87 -43.95 -58.81 -29.30
N GLU G 88 -45.25 -58.69 -28.96
CA GLU G 88 -46.05 -59.88 -28.70
C GLU G 88 -46.14 -60.76 -29.94
N ALA G 89 -46.34 -60.15 -31.11
CA ALA G 89 -46.43 -60.91 -32.34
C ALA G 89 -45.12 -61.60 -32.67
N THR G 90 -43.99 -60.91 -32.46
CA THR G 90 -42.69 -61.54 -32.71
C THR G 90 -42.46 -62.71 -31.77
N LYS G 91 -42.80 -62.56 -30.49
CA LYS G 91 -42.67 -63.66 -29.54
C LYS G 91 -43.54 -64.84 -29.98
N PHE G 92 -44.77 -64.55 -30.39
CA PHE G 92 -45.68 -65.62 -30.80
C PHE G 92 -45.17 -66.35 -32.04
N LEU G 93 -44.64 -65.60 -33.01
CA LEU G 93 -44.09 -66.22 -34.21
C LEU G 93 -42.90 -67.11 -33.88
N SER G 94 -42.00 -66.63 -33.02
CA SER G 94 -40.84 -67.44 -32.63
C SER G 94 -41.29 -68.70 -31.90
N VAL G 95 -42.25 -68.57 -30.98
CA VAL G 95 -42.74 -69.74 -30.24
C VAL G 95 -43.38 -70.73 -31.18
N ALA G 96 -44.21 -70.26 -32.12
CA ALA G 96 -44.88 -71.15 -33.05
C ALA G 96 -43.88 -71.86 -33.94
N LYS G 97 -42.87 -71.14 -34.44
CA LYS G 97 -41.86 -71.77 -35.28
C LYS G 97 -41.05 -72.80 -34.51
N THR G 98 -40.78 -72.56 -33.22
CA THR G 98 -39.97 -73.49 -32.45
C THR G 98 -40.77 -74.72 -32.00
N ARG G 99 -42.05 -74.56 -31.68
CA ARG G 99 -42.84 -75.67 -31.14
C ARG G 99 -43.35 -76.62 -32.21
N ARG G 100 -42.82 -76.56 -33.44
CA ARG G 100 -43.22 -77.45 -34.52
C ARG G 100 -44.72 -77.33 -34.82
N CYS G 101 -45.10 -76.14 -35.29
CA CYS G 101 -46.48 -75.87 -35.72
C CYS G 101 -46.41 -74.94 -36.94
N GLU G 102 -46.44 -75.54 -38.14
CA GLU G 102 -46.33 -74.75 -39.36
C GLU G 102 -47.63 -74.00 -39.67
N ASP G 103 -48.78 -74.62 -39.37
CA ASP G 103 -50.06 -74.01 -39.73
C ASP G 103 -50.27 -72.69 -39.01
N GLU G 104 -49.96 -72.64 -37.72
CA GLU G 104 -50.04 -71.37 -36.99
C GLU G 104 -48.94 -70.41 -37.43
N GLU G 105 -47.77 -70.96 -37.81
CA GLU G 105 -46.67 -70.10 -38.26
C GLU G 105 -47.03 -69.36 -39.54
N GLU G 106 -47.70 -70.04 -40.47
CA GLU G 106 -48.07 -69.41 -41.74
C GLU G 106 -49.09 -68.29 -41.53
N GLU G 107 -49.89 -68.38 -40.46
CA GLU G 107 -50.90 -67.35 -40.20
C GLU G 107 -50.24 -66.01 -39.86
N PHE G 108 -49.13 -66.04 -39.12
CA PHE G 108 -48.53 -64.82 -38.61
C PHE G 108 -47.79 -64.02 -39.67
N ARG G 109 -47.57 -64.57 -40.86
CA ARG G 109 -46.90 -63.80 -41.91
C ARG G 109 -47.79 -62.70 -42.48
N LYS G 110 -49.11 -62.80 -42.32
CA LYS G 110 -50.00 -61.80 -42.87
C LYS G 110 -50.24 -60.63 -41.93
N ILE G 111 -49.68 -60.66 -40.72
CA ILE G 111 -49.92 -59.61 -39.73
C ILE G 111 -48.74 -58.66 -39.68
N LEU G 112 -47.56 -59.20 -39.36
CA LEU G 112 -46.38 -58.36 -39.17
C LEU G 112 -45.97 -57.68 -40.48
N SER G 113 -46.19 -58.35 -41.61
CA SER G 113 -45.87 -57.72 -42.90
C SER G 113 -46.68 -56.45 -43.10
N SER G 114 -47.99 -56.51 -42.87
CA SER G 114 -48.82 -55.32 -43.00
C SER G 114 -48.43 -54.27 -41.97
N LEU G 115 -48.20 -54.69 -40.72
CA LEU G 115 -47.84 -53.73 -39.68
C LEU G 115 -46.61 -52.94 -40.09
N TYR G 116 -45.56 -53.64 -40.53
CA TYR G 116 -44.36 -52.97 -40.99
C TYR G 116 -44.63 -52.16 -42.26
N LYS G 117 -45.60 -52.58 -43.08
CA LYS G 117 -45.93 -51.82 -44.28
C LYS G 117 -46.43 -50.42 -43.95
N GLU G 118 -47.44 -50.33 -43.08
CA GLU G 118 -47.89 -48.99 -42.70
C GLU G 118 -46.84 -48.25 -41.87
N VAL G 119 -46.03 -48.96 -41.08
CA VAL G 119 -44.96 -48.29 -40.34
C VAL G 119 -44.00 -47.58 -41.31
N THR G 120 -43.55 -48.31 -42.33
CA THR G 120 -42.63 -47.75 -43.31
C THR G 120 -43.28 -46.66 -44.14
N LYS G 121 -44.56 -46.84 -44.49
CA LYS G 121 -45.26 -45.80 -45.24
C LYS G 121 -45.34 -44.50 -44.45
N ALA G 122 -45.60 -44.60 -43.15
CA ALA G 122 -45.64 -43.40 -42.33
C ALA G 122 -44.25 -42.80 -42.16
N ALA G 123 -43.22 -43.63 -42.04
CA ALA G 123 -41.90 -43.15 -41.63
C ALA G 123 -41.04 -42.60 -42.77
N LEU G 124 -41.46 -42.73 -44.03
CA LEU G 124 -40.58 -42.36 -45.13
C LEU G 124 -40.30 -40.86 -45.15
N LEU G 125 -41.34 -40.04 -45.00
CA LEU G 125 -41.29 -38.58 -44.98
C LEU G 125 -40.90 -37.95 -46.31
N THR G 126 -40.65 -38.74 -47.35
CA THR G 126 -40.21 -38.18 -48.62
C THR G 126 -40.89 -38.80 -49.83
N GLY G 127 -41.49 -39.97 -49.70
CA GLY G 127 -42.10 -40.61 -50.86
C GLY G 127 -41.06 -41.32 -51.70
N GLU G 128 -41.17 -41.17 -53.01
CA GLU G 128 -40.25 -41.81 -53.96
C GLU G 128 -39.00 -40.99 -54.21
N GLN G 129 -38.85 -39.84 -53.56
CA GLN G 129 -37.63 -39.04 -53.63
C GLN G 129 -36.62 -39.42 -52.55
N PHE G 130 -36.90 -40.49 -51.79
CA PHE G 130 -36.05 -40.86 -50.65
C PHE G 130 -34.66 -41.29 -51.08
N ARG G 131 -34.47 -41.73 -52.32
CA ARG G 131 -33.18 -42.25 -52.77
C ARG G 131 -32.39 -41.22 -53.57
N GLU G 132 -32.56 -39.93 -53.27
CA GLU G 132 -31.83 -38.87 -53.94
C GLU G 132 -31.20 -37.96 -52.90
N LYS G 133 -30.05 -37.38 -53.27
CA LYS G 133 -29.27 -36.58 -52.35
C LYS G 133 -29.72 -35.12 -52.39
N ASN G 134 -29.17 -34.34 -51.46
CA ASN G 134 -29.47 -32.92 -51.30
C ASN G 134 -30.96 -32.70 -51.02
N GLN G 135 -31.43 -33.32 -49.94
CA GLN G 135 -32.83 -33.21 -49.54
C GLN G 135 -33.04 -32.24 -48.39
N GLY G 136 -31.98 -31.74 -47.77
CA GLY G 136 -32.13 -30.70 -46.78
C GLY G 136 -32.23 -29.31 -47.35
N LYS G 137 -32.04 -29.17 -48.68
CA LYS G 137 -32.16 -27.89 -49.35
C LYS G 137 -33.59 -27.53 -49.69
N LYS G 138 -34.53 -28.47 -49.53
CA LYS G 138 -35.93 -28.20 -49.84
C LYS G 138 -36.54 -27.31 -48.75
N ASP G 139 -37.67 -26.70 -49.10
CA ASP G 139 -38.32 -25.74 -48.21
C ASP G 139 -39.03 -26.39 -47.03
N ALA G 140 -39.31 -27.69 -47.11
CA ALA G 140 -39.97 -28.37 -46.00
C ALA G 140 -39.09 -28.36 -44.74
N PHE G 141 -37.79 -28.61 -44.91
CA PHE G 141 -36.86 -28.62 -43.79
C PHE G 141 -36.23 -27.24 -43.57
N LYS G 142 -37.07 -26.22 -43.41
CA LYS G 142 -36.60 -24.86 -43.15
C LYS G 142 -36.80 -24.43 -41.70
N TYR G 143 -37.02 -25.38 -40.80
CA TYR G 143 -37.23 -25.07 -39.39
C TYR G 143 -36.18 -25.67 -38.48
N HIS G 144 -35.70 -26.89 -38.78
CA HIS G 144 -34.68 -27.51 -37.93
C HIS G 144 -33.34 -26.81 -38.05
N LYS G 145 -33.05 -26.23 -39.22
CA LYS G 145 -31.80 -25.51 -39.40
C LYS G 145 -31.69 -24.35 -38.43
N GLU G 146 -32.78 -23.62 -38.22
CA GLU G 146 -32.79 -22.53 -37.26
C GLU G 146 -32.53 -23.04 -35.85
N LEU G 147 -33.13 -24.19 -35.49
CA LEU G 147 -32.92 -24.75 -34.16
C LEU G 147 -31.45 -25.10 -33.94
N ILE G 148 -30.84 -25.75 -34.94
CA ILE G 148 -29.43 -26.12 -34.81
C ILE G 148 -28.56 -24.86 -34.70
N SER G 149 -28.83 -23.87 -35.56
CA SER G 149 -28.01 -22.66 -35.57
C SER G 149 -28.12 -21.88 -34.26
N LYS G 150 -29.32 -21.78 -33.71
CA LYS G 150 -29.54 -21.01 -32.49
C LYS G 150 -29.23 -21.82 -31.23
N LEU G 151 -29.06 -23.13 -31.34
CA LEU G 151 -28.60 -23.93 -30.22
C LEU G 151 -27.09 -23.97 -30.14
N ILE G 152 -26.41 -24.06 -31.29
CA ILE G 152 -24.96 -24.13 -31.29
C ILE G 152 -24.35 -22.80 -30.83
N SER G 153 -24.86 -21.69 -31.38
CA SER G 153 -24.22 -20.39 -31.18
C SER G 153 -24.50 -19.78 -29.81
N ASN G 154 -25.50 -20.27 -29.08
CA ASN G 154 -25.83 -19.66 -27.80
C ASN G 154 -24.82 -20.00 -26.71
N ARG G 155 -24.12 -21.13 -26.84
CA ARG G 155 -23.14 -21.52 -25.83
C ARG G 155 -21.95 -20.59 -25.85
N GLN G 156 -21.39 -20.33 -24.67
CA GLN G 156 -20.23 -19.46 -24.56
C GLN G 156 -19.00 -20.14 -25.17
N PRO G 157 -18.08 -19.35 -25.73
CA PRO G 157 -16.89 -19.94 -26.35
C PRO G 157 -16.05 -20.70 -25.34
N GLY G 158 -15.50 -21.82 -25.80
CA GLY G 158 -14.69 -22.66 -24.93
C GLY G 158 -15.47 -23.48 -23.92
N GLN G 159 -16.68 -23.91 -24.26
CA GLN G 159 -17.52 -24.66 -23.33
C GLN G 159 -18.12 -25.85 -24.08
N SER G 160 -19.09 -26.50 -23.43
CA SER G 160 -19.63 -27.75 -23.95
C SER G 160 -20.53 -27.50 -25.15
N ALA G 161 -20.86 -28.62 -25.87
CA ALA G 161 -21.69 -28.73 -27.05
C ALA G 161 -23.07 -29.25 -26.69
N PRO G 162 -24.11 -28.86 -27.44
CA PRO G 162 -25.47 -29.28 -27.09
C PRO G 162 -25.69 -30.77 -27.26
N ALA G 163 -26.62 -31.30 -26.49
CA ALA G 163 -27.04 -32.70 -26.57
C ALA G 163 -28.49 -32.74 -27.03
N ILE G 164 -28.74 -33.46 -28.12
CA ILE G 164 -30.06 -33.53 -28.73
C ILE G 164 -30.54 -34.97 -28.65
N PHE G 165 -31.72 -35.16 -28.05
CA PHE G 165 -32.35 -36.46 -27.94
C PHE G 165 -33.47 -36.58 -28.97
N THR G 166 -33.81 -37.84 -29.30
CA THR G 166 -34.79 -38.08 -30.34
C THR G 166 -35.55 -39.37 -30.04
N THR G 167 -36.88 -39.31 -30.20
CA THR G 167 -37.71 -40.49 -30.14
C THR G 167 -38.13 -40.98 -31.52
N ASN G 168 -38.15 -40.09 -32.51
CA ASN G 168 -38.54 -40.45 -33.86
C ASN G 168 -37.50 -41.34 -34.50
N TYR G 169 -37.92 -42.08 -35.52
CA TYR G 169 -37.04 -42.93 -36.32
C TYR G 169 -37.10 -42.56 -37.79
N ASP G 170 -37.07 -41.26 -38.08
CA ASP G 170 -37.05 -40.76 -39.44
C ASP G 170 -35.78 -39.96 -39.67
N LEU G 171 -35.25 -40.03 -40.89
CA LEU G 171 -33.99 -39.37 -41.23
C LEU G 171 -34.21 -37.87 -41.47
N ALA G 172 -34.64 -37.19 -40.41
CA ALA G 172 -34.97 -35.78 -40.49
C ALA G 172 -33.79 -34.89 -40.10
N LEU G 173 -33.18 -35.15 -38.95
CA LEU G 173 -32.13 -34.30 -38.41
C LEU G 173 -30.79 -34.44 -39.14
N GLU G 174 -30.58 -35.52 -39.87
CA GLU G 174 -29.30 -35.71 -40.55
C GLU G 174 -29.16 -34.81 -41.77
N TRP G 175 -30.23 -34.68 -42.57
CA TRP G 175 -30.13 -33.90 -43.80
C TRP G 175 -29.88 -32.41 -43.51
N ALA G 176 -30.59 -31.85 -42.55
CA ALA G 176 -30.41 -30.43 -42.23
C ALA G 176 -29.00 -30.16 -41.72
N ALA G 177 -28.50 -31.00 -40.81
CA ALA G 177 -27.14 -30.83 -40.32
C ALA G 177 -26.12 -30.99 -41.43
N GLU G 178 -26.36 -31.94 -42.34
CA GLU G 178 -25.44 -32.17 -43.45
C GLU G 178 -25.37 -30.96 -44.36
N ASP G 179 -26.52 -30.37 -44.69
CA ASP G 179 -26.52 -29.23 -45.60
C ASP G 179 -26.13 -27.92 -44.95
N LEU G 180 -26.30 -27.77 -43.63
CA LEU G 180 -25.76 -26.60 -42.94
C LEU G 180 -24.24 -26.59 -42.99
N GLY G 181 -23.61 -27.76 -42.80
CA GLY G 181 -22.17 -27.85 -42.80
C GLY G 181 -21.57 -28.20 -41.45
N ILE G 182 -22.26 -29.04 -40.69
CA ILE G 182 -21.77 -29.50 -39.39
C ILE G 182 -21.75 -31.02 -39.39
N GLN G 183 -21.15 -31.59 -38.35
CA GLN G 183 -21.05 -33.03 -38.18
C GLN G 183 -21.71 -33.44 -36.89
N LEU G 184 -22.50 -34.51 -36.92
CA LEU G 184 -23.21 -35.03 -35.75
C LEU G 184 -22.60 -36.37 -35.35
N PHE G 185 -22.25 -36.49 -34.08
CA PHE G 185 -21.68 -37.72 -33.55
C PHE G 185 -22.82 -38.63 -33.12
N ASN G 186 -22.83 -39.86 -33.65
CA ASN G 186 -23.91 -40.81 -33.36
C ASN G 186 -23.38 -42.17 -32.93
N GLY G 187 -22.11 -42.28 -32.56
CA GLY G 187 -21.56 -43.50 -32.03
C GLY G 187 -21.13 -44.52 -33.06
N PHE G 188 -21.24 -44.22 -34.35
CA PHE G 188 -20.83 -45.13 -35.41
C PHE G 188 -19.56 -44.60 -36.07
N SER G 189 -18.67 -45.52 -36.43
CA SER G 189 -17.39 -45.17 -37.04
C SER G 189 -17.14 -46.05 -38.26
N GLY G 190 -16.44 -45.49 -39.23
CA GLY G 190 -16.11 -46.20 -40.45
C GLY G 190 -17.02 -45.82 -41.60
N LEU G 191 -16.59 -46.22 -42.80
CA LEU G 191 -17.39 -46.02 -44.01
C LEU G 191 -17.78 -47.32 -44.68
N HIS G 192 -16.82 -48.19 -44.99
CA HIS G 192 -17.13 -49.40 -45.74
C HIS G 192 -17.85 -50.43 -44.88
N THR G 193 -17.58 -50.43 -43.57
CA THR G 193 -18.27 -51.32 -42.65
C THR G 193 -18.39 -50.57 -41.32
N ARG G 194 -19.52 -49.91 -41.11
CA ARG G 194 -19.73 -49.12 -39.91
C ARG G 194 -20.11 -50.02 -38.74
N GLN G 195 -19.54 -49.72 -37.58
CA GLN G 195 -19.72 -50.55 -36.39
C GLN G 195 -20.03 -49.65 -35.20
N PHE G 196 -20.69 -50.23 -34.20
CA PHE G 196 -21.11 -49.49 -33.03
C PHE G 196 -20.07 -49.66 -31.91
N TYR G 197 -19.56 -48.54 -31.43
CA TYR G 197 -18.67 -48.52 -30.27
C TYR G 197 -19.27 -47.61 -29.21
N PRO G 198 -19.52 -48.10 -27.99
CA PRO G 198 -20.17 -47.26 -26.98
C PRO G 198 -19.36 -46.05 -26.55
N GLN G 199 -18.05 -46.05 -26.79
CA GLN G 199 -17.19 -44.97 -26.31
C GLN G 199 -17.02 -43.83 -27.31
N ASN G 200 -17.67 -43.91 -28.47
CA ASN G 200 -17.49 -42.87 -29.49
C ASN G 200 -18.12 -41.55 -29.11
N PHE G 201 -18.94 -41.50 -28.07
CA PHE G 201 -19.57 -40.25 -27.66
C PHE G 201 -18.65 -39.35 -26.84
N ASP G 202 -17.46 -39.81 -26.51
CA ASP G 202 -16.50 -39.00 -25.75
C ASP G 202 -15.57 -38.20 -26.64
N LEU G 203 -15.70 -38.31 -27.96
CA LEU G 203 -14.80 -37.64 -28.87
C LEU G 203 -15.17 -36.17 -29.03
N ALA G 204 -14.21 -35.38 -29.52
CA ALA G 204 -14.40 -33.96 -29.75
C ALA G 204 -13.37 -33.50 -30.77
N PHE G 205 -13.66 -32.36 -31.39
CA PHE G 205 -12.79 -31.79 -32.41
C PHE G 205 -11.93 -30.67 -31.84
N ARG G 206 -10.76 -30.49 -32.46
CA ARG G 206 -9.83 -29.44 -32.07
C ARG G 206 -9.04 -29.02 -33.30
N ASN G 207 -8.71 -27.73 -33.37
CA ASN G 207 -8.07 -27.17 -34.54
C ASN G 207 -6.58 -26.93 -34.28
N VAL G 208 -5.76 -27.30 -35.26
CA VAL G 208 -4.31 -27.14 -35.13
C VAL G 208 -3.79 -25.94 -35.90
N ASN G 209 -4.60 -25.33 -36.76
CA ASN G 209 -4.18 -24.14 -37.50
C ASN G 209 -5.38 -23.26 -37.83
N HIS G 218 -15.64 -27.08 -38.70
CA HIS G 218 -15.02 -27.24 -37.39
C HIS G 218 -16.09 -27.26 -36.30
N TYR G 219 -17.32 -27.56 -36.71
CA TYR G 219 -18.48 -27.50 -35.83
C TYR G 219 -19.04 -28.89 -35.60
N HIS G 220 -19.49 -29.14 -34.37
CA HIS G 220 -20.03 -30.45 -34.02
C HIS G 220 -21.10 -30.30 -32.95
N ALA G 221 -22.01 -31.26 -32.93
CA ALA G 221 -23.02 -31.38 -31.88
C ALA G 221 -23.12 -32.85 -31.50
N TYR G 222 -24.10 -33.19 -30.68
CA TYR G 222 -24.31 -34.57 -30.25
C TYR G 222 -25.76 -34.97 -30.48
N LEU G 223 -25.96 -36.19 -30.98
CA LEU G 223 -27.28 -36.72 -31.26
C LEU G 223 -27.42 -38.09 -30.63
N TYR G 224 -28.60 -38.36 -30.07
CA TYR G 224 -28.92 -39.63 -29.46
C TYR G 224 -30.28 -40.11 -29.98
N LYS G 225 -30.38 -41.41 -30.21
CA LYS G 225 -31.61 -42.03 -30.68
C LYS G 225 -32.01 -43.14 -29.71
N LEU G 226 -33.18 -43.00 -29.11
CA LEU G 226 -33.63 -43.94 -28.09
C LEU G 226 -34.54 -45.02 -28.62
N HIS G 227 -34.88 -45.01 -29.92
CA HIS G 227 -35.80 -46.00 -30.44
C HIS G 227 -35.39 -46.49 -31.83
N GLY G 228 -34.10 -46.46 -32.14
CA GLY G 228 -33.62 -47.00 -33.39
C GLY G 228 -33.77 -46.07 -34.57
N SER G 229 -33.55 -46.62 -35.75
CA SER G 229 -33.63 -45.86 -36.99
C SER G 229 -33.92 -46.80 -38.14
N LEU G 230 -34.33 -46.21 -39.27
CA LEU G 230 -34.64 -47.01 -40.45
C LEU G 230 -33.41 -47.65 -41.06
N THR G 231 -32.26 -46.97 -40.98
CA THR G 231 -31.05 -47.40 -41.68
C THR G 231 -30.19 -48.36 -40.87
N TRP G 232 -30.59 -48.72 -39.66
CA TRP G 232 -29.86 -49.69 -38.85
C TRP G 232 -30.50 -51.06 -39.00
N TYR G 233 -29.67 -52.08 -39.17
CA TYR G 233 -30.14 -53.45 -39.25
C TYR G 233 -29.03 -54.38 -38.79
N GLN G 234 -29.31 -55.68 -38.85
CA GLN G 234 -28.37 -56.72 -38.42
C GLN G 234 -28.26 -57.75 -39.53
N ASN G 235 -27.03 -58.01 -39.98
CA ASN G 235 -26.80 -58.99 -41.03
C ASN G 235 -26.79 -60.39 -40.42
N ASP G 236 -26.35 -61.40 -41.20
CA ASP G 236 -26.28 -62.75 -40.68
C ASP G 236 -25.32 -62.85 -39.51
N SER G 237 -24.21 -62.12 -39.58
CA SER G 237 -23.31 -62.02 -38.43
C SER G 237 -23.99 -61.27 -37.29
N LEU G 238 -23.55 -61.57 -36.06
CA LEU G 238 -24.13 -60.95 -34.87
C LEU G 238 -23.50 -59.57 -34.64
N THR G 239 -23.67 -58.70 -35.63
CA THR G 239 -23.14 -57.34 -35.58
C THR G 239 -24.20 -56.38 -36.12
N VAL G 240 -24.03 -55.10 -35.81
CA VAL G 240 -24.94 -54.05 -36.27
C VAL G 240 -24.19 -53.15 -37.24
N ASN G 241 -24.89 -52.77 -38.31
CA ASN G 241 -24.33 -51.95 -39.37
C ASN G 241 -25.10 -50.64 -39.48
N GLU G 242 -24.68 -49.81 -40.44
CA GLU G 242 -25.39 -48.59 -40.78
C GLU G 242 -25.15 -48.31 -42.26
N VAL G 243 -26.23 -48.04 -42.99
CA VAL G 243 -26.19 -47.93 -44.43
C VAL G 243 -26.82 -46.61 -44.84
N SER G 244 -26.30 -46.02 -45.91
CA SER G 244 -26.88 -44.82 -46.46
C SER G 244 -28.30 -45.10 -46.97
N ALA G 245 -29.03 -44.02 -47.24
CA ALA G 245 -30.45 -44.15 -47.57
C ALA G 245 -30.65 -44.93 -48.87
N SER G 246 -29.84 -44.63 -49.89
CA SER G 246 -30.06 -45.23 -51.21
C SER G 246 -29.84 -46.74 -51.18
N GLN G 247 -28.75 -47.19 -50.54
CA GLN G 247 -28.43 -48.61 -50.55
C GLN G 247 -29.44 -49.40 -49.71
N ALA G 248 -29.85 -48.85 -48.56
CA ALA G 248 -30.87 -49.53 -47.76
C ALA G 248 -32.20 -49.58 -48.48
N TYR G 249 -32.54 -48.51 -49.21
CA TYR G 249 -33.77 -48.50 -50.01
C TYR G 249 -33.72 -49.57 -51.10
N ASP G 250 -32.57 -49.71 -51.76
CA ASP G 250 -32.44 -50.76 -52.77
C ASP G 250 -32.46 -52.14 -52.13
N GLU G 251 -31.98 -52.25 -50.90
CA GLU G 251 -31.91 -53.57 -50.25
C GLU G 251 -33.28 -54.05 -49.80
N TYR G 252 -33.91 -53.34 -48.85
CA TYR G 252 -35.14 -53.84 -48.26
C TYR G 252 -36.30 -52.85 -48.18
N ILE G 253 -36.04 -51.54 -48.14
CA ILE G 253 -37.13 -50.59 -47.97
C ILE G 253 -38.07 -50.62 -49.17
N ASN G 254 -37.53 -50.69 -50.38
CA ASN G 254 -38.37 -50.73 -51.57
C ASN G 254 -39.21 -52.01 -51.60
N ASP G 255 -38.61 -53.14 -51.23
CA ASP G 255 -39.34 -54.41 -51.27
C ASP G 255 -40.41 -54.48 -50.19
N ILE G 256 -40.15 -53.87 -49.03
CA ILE G 256 -41.12 -53.96 -47.93
C ILE G 256 -42.39 -53.20 -48.23
N ILE G 257 -42.41 -52.38 -49.27
CA ILE G 257 -43.58 -51.60 -49.64
C ILE G 257 -44.30 -52.19 -50.85
N ASN G 258 -43.56 -52.65 -51.85
CA ASN G 258 -44.12 -53.06 -53.13
C ASN G 258 -44.01 -54.57 -53.34
N LYS G 259 -44.21 -55.34 -52.28
CA LYS G 259 -44.27 -56.79 -52.38
C LYS G 259 -45.46 -57.28 -51.56
N ASP G 260 -46.08 -58.37 -52.03
CA ASP G 260 -47.31 -58.84 -51.39
C ASP G 260 -47.04 -59.42 -50.00
N ASP G 261 -46.26 -60.50 -49.93
CA ASP G 261 -46.07 -61.22 -48.68
C ASP G 261 -44.63 -61.70 -48.59
N PHE G 262 -43.90 -61.20 -47.59
CA PHE G 262 -42.56 -61.69 -47.28
C PHE G 262 -42.20 -61.17 -45.89
N TYR G 263 -41.26 -61.86 -45.26
CA TYR G 263 -40.73 -61.43 -43.97
C TYR G 263 -39.34 -62.00 -43.77
N ARG G 264 -38.53 -61.30 -42.98
CA ARG G 264 -37.15 -61.70 -42.73
C ARG G 264 -36.92 -62.18 -41.30
N GLY G 265 -37.71 -61.69 -40.34
CA GLY G 265 -37.55 -62.11 -38.96
C GLY G 265 -36.77 -61.11 -38.14
N GLN G 266 -35.88 -61.61 -37.28
CA GLN G 266 -35.05 -60.74 -36.47
C GLN G 266 -33.95 -60.13 -37.32
N HIS G 267 -34.31 -59.13 -38.13
CA HIS G 267 -33.37 -58.52 -39.06
C HIS G 267 -33.38 -57.01 -38.95
N LEU G 268 -34.51 -56.44 -38.56
CA LEU G 268 -34.66 -55.01 -38.45
C LEU G 268 -34.47 -54.56 -37.00
N ILE G 269 -34.35 -53.25 -36.81
CA ILE G 269 -34.09 -52.67 -35.50
C ILE G 269 -35.23 -51.78 -35.02
N TYR G 270 -36.21 -51.49 -35.87
CA TYR G 270 -37.27 -50.54 -35.58
C TYR G 270 -38.64 -51.19 -35.78
N PRO G 271 -39.69 -50.66 -35.16
CA PRO G 271 -39.74 -49.48 -34.28
C PRO G 271 -39.63 -49.79 -32.78
N GLY G 272 -38.52 -49.39 -32.16
CA GLY G 272 -38.38 -49.28 -30.71
C GLY G 272 -38.96 -50.38 -29.85
N ALA G 273 -39.10 -51.59 -30.37
CA ALA G 273 -39.78 -52.65 -29.65
C ALA G 273 -38.87 -53.79 -29.23
N ASN G 274 -37.90 -54.17 -30.07
CA ASN G 274 -37.12 -55.38 -29.82
C ASN G 274 -36.24 -55.25 -28.60
N LYS G 275 -36.59 -55.99 -27.53
CA LYS G 275 -35.82 -55.96 -26.30
C LYS G 275 -35.61 -57.35 -25.70
N TYR G 276 -36.05 -58.41 -26.40
CA TYR G 276 -35.98 -59.76 -25.88
C TYR G 276 -34.65 -60.45 -26.15
N SER G 277 -33.76 -59.82 -26.92
CA SER G 277 -32.48 -60.41 -27.28
C SER G 277 -31.34 -59.54 -26.76
N HIS G 278 -30.34 -60.19 -26.16
CA HIS G 278 -29.14 -59.48 -25.75
C HIS G 278 -28.34 -58.96 -26.94
N THR G 279 -28.50 -59.58 -28.11
CA THR G 279 -27.87 -59.08 -29.31
C THR G 279 -28.53 -57.82 -29.84
N ILE G 280 -29.77 -57.53 -29.42
CA ILE G 280 -30.48 -56.37 -29.88
C ILE G 280 -30.62 -55.30 -28.80
N GLY G 281 -30.69 -55.69 -27.53
CA GLY G 281 -30.90 -54.74 -26.45
C GLY G 281 -29.66 -53.99 -25.99
N PHE G 282 -28.49 -54.33 -26.53
CA PHE G 282 -27.26 -53.65 -26.13
C PHE G 282 -27.32 -52.17 -26.48
N VAL G 283 -27.66 -51.86 -27.74
CA VAL G 283 -27.67 -50.47 -28.19
C VAL G 283 -28.73 -49.68 -27.44
N TYR G 284 -29.94 -50.23 -27.33
CA TYR G 284 -31.03 -49.53 -26.66
C TYR G 284 -30.70 -49.28 -25.20
N GLY G 285 -30.17 -50.30 -24.52
CA GLY G 285 -29.79 -50.13 -23.13
C GLY G 285 -28.71 -49.08 -22.97
N GLU G 286 -27.76 -49.03 -23.90
CA GLU G 286 -26.74 -47.99 -23.86
C GLU G 286 -27.35 -46.60 -23.97
N MET G 287 -28.31 -46.44 -24.91
CA MET G 287 -28.94 -45.13 -25.07
C MET G 287 -29.73 -44.73 -23.83
N PHE G 288 -30.52 -45.65 -23.28
CA PHE G 288 -31.29 -45.33 -22.07
C PHE G 288 -30.38 -45.02 -20.89
N ARG G 289 -29.28 -45.76 -20.74
CA ARG G 289 -28.37 -45.47 -19.63
C ARG G 289 -27.66 -44.14 -19.84
N ARG G 290 -27.35 -43.78 -21.09
CA ARG G 290 -26.76 -42.47 -21.34
C ARG G 290 -27.73 -41.37 -20.94
N PHE G 291 -29.00 -41.51 -21.32
CA PHE G 291 -29.99 -40.51 -20.93
C PHE G 291 -30.14 -40.44 -19.42
N GLY G 292 -30.19 -41.59 -18.75
CA GLY G 292 -30.36 -41.61 -17.30
C GLY G 292 -29.17 -41.00 -16.57
N GLU G 293 -27.96 -41.28 -17.06
CA GLU G 293 -26.78 -40.69 -16.45
C GLU G 293 -26.69 -39.19 -16.69
N PHE G 294 -27.15 -38.73 -17.87
CA PHE G 294 -27.13 -37.29 -18.12
C PHE G 294 -28.20 -36.56 -17.31
N ILE G 295 -29.34 -37.21 -17.06
CA ILE G 295 -30.48 -36.50 -16.48
C ILE G 295 -30.31 -36.27 -14.98
N SER G 296 -29.28 -36.85 -14.38
CA SER G 296 -29.03 -36.69 -12.95
C SER G 296 -27.72 -35.97 -12.70
N LYS G 297 -27.49 -34.89 -13.43
CA LYS G 297 -26.26 -34.11 -13.35
C LYS G 297 -26.57 -32.66 -13.00
N PRO G 298 -25.64 -31.96 -12.36
CA PRO G 298 -25.90 -30.56 -11.99
C PRO G 298 -25.83 -29.63 -13.20
N GLN G 299 -26.42 -28.45 -13.02
CA GLN G 299 -26.36 -27.37 -14.02
C GLN G 299 -26.95 -27.80 -15.36
N THR G 300 -28.13 -28.43 -15.32
CA THR G 300 -28.78 -28.94 -16.51
C THR G 300 -30.07 -28.20 -16.78
N ALA G 301 -30.50 -28.23 -18.05
CA ALA G 301 -31.76 -27.62 -18.47
C ALA G 301 -32.27 -28.38 -19.69
N LEU G 302 -33.23 -29.27 -19.47
CA LEU G 302 -33.78 -30.10 -20.54
C LEU G 302 -35.14 -29.55 -20.96
N PHE G 303 -35.35 -29.43 -22.27
CA PHE G 303 -36.59 -28.92 -22.84
C PHE G 303 -37.35 -30.07 -23.49
N ILE G 304 -38.63 -30.18 -23.16
CA ILE G 304 -39.49 -31.24 -23.68
C ILE G 304 -40.47 -30.62 -24.67
N ASN G 305 -40.51 -31.16 -25.89
CA ASN G 305 -41.42 -30.69 -26.92
C ASN G 305 -41.89 -31.88 -27.74
N GLY G 306 -43.12 -31.79 -28.24
CA GLY G 306 -43.66 -32.84 -29.08
C GLY G 306 -43.78 -34.18 -28.41
N PHE G 307 -43.80 -34.22 -27.09
CA PHE G 307 -43.87 -35.46 -26.32
C PHE G 307 -45.24 -35.56 -25.68
N GLY G 308 -45.94 -36.66 -25.96
CA GLY G 308 -47.24 -36.91 -25.38
C GLY G 308 -47.24 -37.57 -24.03
N PHE G 309 -46.06 -37.93 -23.51
CA PHE G 309 -45.92 -38.57 -22.20
C PHE G 309 -46.73 -39.86 -22.10
N GLY G 310 -46.76 -40.64 -23.17
CA GLY G 310 -47.47 -41.90 -23.18
C GLY G 310 -46.69 -43.09 -22.69
N ASP G 311 -45.44 -42.91 -22.28
CA ASP G 311 -44.59 -43.99 -21.82
C ASP G 311 -44.38 -43.90 -20.31
N TYR G 312 -43.78 -44.96 -19.76
CA TYR G 312 -43.63 -45.11 -18.31
C TYR G 312 -42.22 -44.84 -17.81
N HIS G 313 -41.20 -45.45 -18.42
CA HIS G 313 -39.86 -45.38 -17.87
C HIS G 313 -39.31 -43.96 -17.88
N ILE G 314 -39.56 -43.21 -18.96
CA ILE G 314 -39.08 -41.84 -19.04
C ILE G 314 -39.70 -41.00 -17.93
N ASN G 315 -41.01 -41.13 -17.72
CA ASN G 315 -41.67 -40.39 -16.67
C ASN G 315 -41.14 -40.79 -15.29
N ARG G 316 -40.93 -42.09 -15.07
CA ARG G 316 -40.43 -42.55 -13.78
C ARG G 316 -39.04 -41.99 -13.49
N ILE G 317 -38.15 -42.02 -14.49
CA ILE G 317 -36.80 -41.53 -14.30
C ILE G 317 -36.80 -40.03 -14.06
N ILE G 318 -37.62 -39.29 -14.82
CA ILE G 318 -37.69 -37.84 -14.63
C ILE G 318 -38.24 -37.52 -13.24
N LEU G 319 -39.27 -38.24 -12.80
CA LEU G 319 -39.85 -38.01 -11.49
C LEU G 319 -38.83 -38.29 -10.39
N GLY G 320 -38.05 -39.35 -10.54
CA GLY G 320 -37.01 -39.63 -9.56
C GLY G 320 -35.93 -38.58 -9.54
N ALA G 321 -35.51 -38.11 -10.71
CA ALA G 321 -34.41 -37.15 -10.80
C ALA G 321 -34.83 -35.71 -10.51
N LEU G 322 -36.13 -35.43 -10.41
CA LEU G 322 -36.57 -34.06 -10.19
C LEU G 322 -36.11 -33.49 -8.85
N LEU G 323 -35.67 -34.34 -7.91
CA LEU G 323 -35.25 -33.86 -6.60
C LEU G 323 -33.98 -33.01 -6.64
N ASN G 324 -33.28 -32.99 -7.77
CA ASN G 324 -32.04 -32.24 -7.84
C ASN G 324 -32.31 -30.74 -7.72
N PRO G 325 -31.46 -29.99 -7.02
CA PRO G 325 -31.62 -28.54 -6.91
C PRO G 325 -31.23 -27.76 -8.15
N SER G 326 -30.93 -28.43 -9.27
CA SER G 326 -30.59 -27.73 -10.50
C SER G 326 -31.28 -28.34 -11.72
N PHE G 327 -32.39 -29.04 -11.52
CA PHE G 327 -33.12 -29.68 -12.59
C PHE G 327 -34.27 -28.78 -13.03
N HIS G 328 -34.26 -28.38 -14.30
CA HIS G 328 -35.28 -27.51 -14.87
C HIS G 328 -35.94 -28.24 -16.04
N VAL G 329 -37.27 -28.30 -16.02
CA VAL G 329 -38.04 -29.00 -17.05
C VAL G 329 -39.08 -28.03 -17.62
N VAL G 330 -39.12 -27.93 -18.94
CA VAL G 330 -40.11 -27.13 -19.66
C VAL G 330 -40.92 -28.08 -20.52
N ILE G 331 -42.24 -28.04 -20.36
CA ILE G 331 -43.14 -29.00 -20.99
C ILE G 331 -44.08 -28.28 -21.94
N TYR G 332 -44.26 -28.83 -23.13
CA TYR G 332 -45.20 -28.33 -24.12
C TYR G 332 -46.31 -29.36 -24.30
N TYR G 333 -47.35 -29.25 -23.47
CA TYR G 333 -48.53 -30.11 -23.57
C TYR G 333 -49.73 -29.23 -23.90
N PRO G 334 -50.16 -29.18 -25.16
CA PRO G 334 -51.25 -28.26 -25.52
C PRO G 334 -52.58 -28.56 -24.85
N GLU G 335 -52.93 -29.83 -24.69
CA GLU G 335 -54.26 -30.19 -24.19
C GLU G 335 -54.24 -30.42 -22.67
N LEU G 336 -54.06 -29.32 -21.94
CA LEU G 336 -54.07 -29.39 -20.48
C LEU G 336 -55.48 -29.26 -19.93
N LYS G 337 -56.21 -28.24 -20.34
CA LYS G 337 -57.56 -28.01 -19.81
C LYS G 337 -58.51 -29.14 -20.20
N GLU G 338 -58.40 -29.63 -21.43
CA GLU G 338 -59.23 -30.77 -21.84
C GLU G 338 -58.95 -31.98 -20.99
N ALA G 339 -57.67 -32.26 -20.72
CA ALA G 339 -57.32 -33.38 -19.85
C ALA G 339 -57.85 -33.17 -18.44
N ILE G 340 -57.78 -31.94 -17.94
CA ILE G 340 -58.29 -31.64 -16.59
C ILE G 340 -59.79 -31.91 -16.52
N THR G 341 -60.53 -31.44 -17.54
CA THR G 341 -61.96 -31.67 -17.56
C THR G 341 -62.30 -33.15 -17.67
N LYS G 342 -61.54 -33.89 -18.49
CA LYS G 342 -61.78 -35.33 -18.61
C LYS G 342 -61.51 -36.04 -17.29
N VAL G 343 -60.45 -35.65 -16.58
CA VAL G 343 -60.15 -36.22 -15.28
C VAL G 343 -61.21 -35.84 -14.25
N SER G 344 -61.81 -34.67 -14.37
CA SER G 344 -62.88 -34.28 -13.46
C SER G 344 -64.05 -35.26 -13.52
N LYS G 345 -64.29 -35.85 -14.69
CA LYS G 345 -65.28 -36.92 -14.83
C LYS G 345 -64.71 -38.24 -14.31
N GLY G 346 -65.57 -39.26 -14.29
CA GLY G 346 -65.15 -40.55 -13.77
C GLY G 346 -64.04 -41.20 -14.59
N GLY G 347 -64.15 -41.13 -15.92
CA GLY G 347 -63.21 -41.79 -16.80
C GLY G 347 -61.90 -41.04 -16.94
N GLY G 348 -60.99 -41.64 -17.69
CA GLY G 348 -59.70 -41.06 -17.95
C GLY G 348 -58.64 -42.15 -18.09
N SER G 349 -57.39 -41.75 -18.02
CA SER G 349 -56.25 -42.64 -18.15
C SER G 349 -55.20 -42.29 -17.12
N GLU G 350 -54.34 -43.27 -16.80
CA GLU G 350 -53.32 -43.07 -15.79
C GLU G 350 -52.28 -42.05 -16.25
N ALA G 351 -52.03 -41.98 -17.56
CA ALA G 351 -51.08 -41.01 -18.08
C ALA G 351 -51.56 -39.59 -17.83
N GLU G 352 -52.86 -39.34 -18.01
CA GLU G 352 -53.40 -38.00 -17.75
C GLU G 352 -53.25 -37.63 -16.29
N LYS G 353 -53.54 -38.57 -15.38
CA LYS G 353 -53.37 -38.31 -13.96
C LYS G 353 -51.91 -38.01 -13.63
N ALA G 354 -50.98 -38.77 -14.22
CA ALA G 354 -49.57 -38.52 -13.98
C ALA G 354 -49.15 -37.14 -14.48
N ILE G 355 -49.59 -36.75 -15.67
CA ILE G 355 -49.12 -35.49 -16.24
C ILE G 355 -49.78 -34.30 -15.56
N VAL G 356 -50.98 -34.49 -14.98
CA VAL G 356 -51.58 -33.40 -14.21
C VAL G 356 -51.13 -33.41 -12.75
N THR G 357 -50.49 -34.49 -12.30
CA THR G 357 -49.96 -34.53 -10.94
C THR G 357 -48.88 -33.48 -10.74
N LEU G 358 -48.01 -33.29 -11.73
CA LEU G 358 -46.93 -32.32 -11.65
C LEU G 358 -47.43 -30.88 -11.77
N LYS G 359 -48.71 -30.68 -12.07
CA LYS G 359 -49.23 -29.33 -12.27
C LYS G 359 -49.21 -28.49 -10.99
N ASN G 360 -49.21 -29.13 -9.82
CA ASN G 360 -49.30 -28.44 -8.54
C ASN G 360 -47.99 -28.47 -7.76
N MET G 361 -46.84 -28.28 -8.42
CA MET G 361 -45.59 -28.23 -7.69
C MET G 361 -45.43 -26.88 -7.00
N ALA G 362 -44.46 -26.81 -6.09
CA ALA G 362 -44.26 -25.63 -5.24
C ALA G 362 -42.84 -25.10 -5.39
N PHE G 363 -42.36 -25.02 -6.63
CA PHE G 363 -41.06 -24.41 -6.89
C PHE G 363 -41.07 -23.83 -8.30
N ASN G 364 -40.20 -22.84 -8.51
CA ASN G 364 -40.14 -22.11 -9.79
C ASN G 364 -39.14 -22.76 -10.75
N GLN G 365 -39.40 -24.03 -11.05
CA GLN G 365 -38.65 -24.73 -12.08
C GLN G 365 -39.56 -25.41 -13.10
N VAL G 366 -40.70 -25.94 -12.68
CA VAL G 366 -41.63 -26.57 -13.60
C VAL G 366 -42.45 -25.49 -14.30
N THR G 367 -42.45 -25.52 -15.63
CA THR G 367 -43.17 -24.53 -16.44
C THR G 367 -43.99 -25.29 -17.49
N VAL G 368 -45.31 -25.30 -17.30
CA VAL G 368 -46.22 -25.95 -18.23
C VAL G 368 -46.85 -24.91 -19.13
N VAL G 369 -46.78 -25.13 -20.43
CA VAL G 369 -47.37 -24.25 -21.44
C VAL G 369 -48.40 -25.05 -22.23
N GLY G 370 -49.63 -24.54 -22.29
CA GLY G 370 -50.72 -25.25 -22.95
C GLY G 370 -51.55 -24.33 -23.82
N GLY G 371 -52.50 -24.94 -24.51
CA GLY G 371 -53.38 -24.21 -25.40
C GLY G 371 -53.62 -24.92 -26.72
N GLY G 372 -53.83 -24.15 -27.78
CA GLY G 372 -53.99 -24.72 -29.10
C GLY G 372 -52.76 -24.49 -29.94
N SER G 373 -52.76 -23.41 -30.73
CA SER G 373 -51.55 -23.00 -31.44
C SER G 373 -50.47 -22.50 -30.49
N LYS G 374 -50.80 -22.27 -29.21
CA LYS G 374 -49.81 -21.81 -28.25
C LYS G 374 -48.70 -22.84 -28.05
N ALA G 375 -49.04 -24.13 -28.09
CA ALA G 375 -48.06 -25.19 -27.87
C ALA G 375 -47.88 -25.97 -29.18
N TYR G 376 -47.02 -25.45 -30.04
CA TYR G 376 -46.56 -26.12 -31.25
C TYR G 376 -45.03 -26.11 -31.30
N PHE G 377 -44.49 -26.63 -32.40
CA PHE G 377 -43.06 -26.65 -32.61
C PHE G 377 -42.55 -25.39 -33.32
N ASN G 378 -43.33 -24.89 -34.28
CA ASN G 378 -42.90 -23.71 -35.04
C ASN G 378 -42.80 -22.48 -34.14
N SER G 379 -43.79 -22.28 -33.27
CA SER G 379 -43.72 -21.19 -32.31
C SER G 379 -42.62 -21.43 -31.28
N PHE G 380 -42.38 -22.70 -30.93
CA PHE G 380 -41.29 -23.03 -30.02
C PHE G 380 -39.95 -22.58 -30.58
N VAL G 381 -39.74 -22.81 -31.88
CA VAL G 381 -38.50 -22.38 -32.52
C VAL G 381 -38.46 -20.87 -32.68
N GLU G 382 -39.57 -20.28 -33.11
CA GLU G 382 -39.55 -18.87 -33.52
C GLU G 382 -39.25 -17.92 -32.36
N HIS G 383 -39.61 -18.30 -31.13
CA HIS G 383 -39.47 -17.39 -30.01
C HIS G 383 -38.03 -17.03 -29.72
N LEU G 384 -37.12 -18.00 -29.81
CA LEU G 384 -35.72 -17.73 -29.52
C LEU G 384 -35.10 -16.85 -30.60
N PRO G 385 -34.54 -15.71 -30.23
CA PRO G 385 -33.99 -14.78 -31.23
C PRO G 385 -32.73 -15.33 -31.90
N TYR G 386 -32.50 -14.87 -33.13
CA TYR G 386 -31.29 -15.16 -33.85
C TYR G 386 -30.15 -14.26 -33.40
N PRO G 387 -28.89 -14.71 -33.53
CA PRO G 387 -27.69 -13.92 -33.22
C PRO G 387 -27.72 -12.51 -33.78
N ILE G 395 -26.18 -14.74 -50.14
CA ILE G 395 -25.17 -14.17 -51.02
C ILE G 395 -24.32 -15.28 -51.63
N VAL G 396 -24.31 -16.45 -50.98
CA VAL G 396 -23.56 -17.59 -51.51
C VAL G 396 -24.20 -18.09 -52.81
N ASP G 397 -25.53 -18.06 -52.89
CA ASP G 397 -26.22 -18.54 -54.09
C ASP G 397 -25.86 -17.70 -55.31
N GLU G 398 -25.68 -16.39 -55.12
CA GLU G 398 -25.30 -15.53 -56.24
C GLU G 398 -23.94 -15.95 -56.80
N LEU G 399 -22.98 -16.20 -55.93
CA LEU G 399 -21.66 -16.63 -56.40
C LEU G 399 -21.74 -18.02 -57.04
N VAL G 400 -22.55 -18.92 -56.47
CA VAL G 400 -22.68 -20.25 -57.04
C VAL G 400 -23.26 -20.17 -58.45
N GLU G 401 -24.30 -19.36 -58.65
CA GLU G 401 -24.89 -19.24 -59.97
C GLU G 401 -23.97 -18.50 -60.94
N ALA G 402 -23.17 -17.56 -60.44
CA ALA G 402 -22.18 -16.92 -61.30
C ALA G 402 -21.12 -17.92 -61.76
N ILE G 403 -20.68 -18.81 -60.87
CA ILE G 403 -19.71 -19.83 -61.25
C ILE G 403 -20.33 -20.81 -62.24
N ALA G 404 -21.59 -21.18 -62.03
CA ALA G 404 -22.25 -22.11 -62.92
C ALA G 404 -22.60 -21.49 -64.27
N ASN G 405 -22.68 -20.16 -64.34
CA ASN G 405 -22.95 -19.49 -65.61
C ASN G 405 -21.82 -19.69 -66.59
N LEU G 406 -20.58 -19.55 -66.13
CA LEU G 406 -19.42 -19.58 -67.02
C LEU G 406 -19.17 -20.96 -67.60
N SER H 2 2.97 -71.93 -21.79
CA SER H 2 2.99 -71.15 -23.02
C SER H 2 2.38 -69.77 -22.79
N ILE H 3 3.18 -68.72 -22.99
CA ILE H 3 2.76 -67.35 -22.79
C ILE H 3 2.92 -66.60 -24.11
N TYR H 4 1.86 -65.92 -24.54
CA TYR H 4 1.85 -65.12 -25.76
C TYR H 4 1.63 -63.66 -25.41
N GLN H 5 2.36 -62.77 -26.08
CA GLN H 5 2.21 -61.33 -25.89
C GLN H 5 2.47 -60.64 -27.22
N GLY H 6 1.43 -60.05 -27.80
CA GLY H 6 1.58 -59.39 -29.08
C GLY H 6 1.72 -60.33 -30.26
N GLY H 7 1.27 -61.57 -30.12
CA GLY H 7 1.39 -62.57 -31.17
C GLY H 7 2.67 -63.37 -31.14
N ASN H 8 3.60 -63.05 -30.23
CA ASN H 8 4.88 -63.73 -30.12
C ASN H 8 4.95 -64.50 -28.80
N LYS H 9 5.97 -65.34 -28.69
CA LYS H 9 6.19 -66.14 -27.48
C LYS H 9 7.20 -65.45 -26.59
N LEU H 10 7.00 -65.57 -25.28
CA LEU H 10 7.90 -65.01 -24.30
C LEU H 10 8.03 -65.95 -23.10
N ASN H 11 9.10 -65.78 -22.35
CA ASN H 11 9.51 -66.70 -21.30
C ASN H 11 9.09 -66.19 -19.92
N GLU H 12 9.53 -66.92 -18.88
CA GLU H 12 9.07 -66.68 -17.52
C GLU H 12 9.57 -65.35 -16.97
N ASP H 13 10.85 -65.03 -17.21
CA ASP H 13 11.45 -63.87 -16.56
C ASP H 13 10.79 -62.57 -17.02
N ASP H 14 10.59 -62.43 -18.33
CA ASP H 14 9.93 -61.23 -18.84
C ASP H 14 8.49 -61.14 -18.34
N PHE H 15 7.80 -62.27 -18.26
CA PHE H 15 6.42 -62.25 -17.78
C PHE H 15 6.35 -61.81 -16.32
N ARG H 16 7.26 -62.31 -15.48
CA ARG H 16 7.25 -61.89 -14.08
C ARG H 16 7.62 -60.42 -13.94
N SER H 17 8.58 -59.94 -14.72
CA SER H 17 8.92 -58.51 -14.66
C SER H 17 7.74 -57.65 -15.10
N HIS H 18 7.03 -58.08 -16.15
CA HIS H 18 5.84 -57.36 -16.59
C HIS H 18 4.76 -57.35 -15.52
N VAL H 19 4.55 -58.48 -14.85
CA VAL H 19 3.54 -58.54 -13.79
C VAL H 19 3.92 -57.60 -12.65
N TYR H 20 5.20 -57.58 -12.27
CA TYR H 20 5.64 -56.69 -11.21
C TYR H 20 5.44 -55.23 -11.59
N SER H 21 5.76 -54.86 -12.84
CA SER H 21 5.53 -53.49 -13.28
C SER H 21 4.04 -53.16 -13.28
N LEU H 22 3.21 -54.11 -13.69
CA LEU H 22 1.76 -53.89 -13.73
C LEU H 22 1.20 -53.64 -12.33
N CYS H 23 1.66 -54.39 -11.34
CA CYS H 23 1.13 -54.23 -9.99
C CYS H 23 1.49 -52.90 -9.34
N GLN H 24 2.28 -52.05 -10.00
CA GLN H 24 2.65 -50.75 -9.47
C GLN H 24 1.93 -49.60 -10.16
N LEU H 25 0.88 -49.89 -10.93
CA LEU H 25 0.16 -48.87 -11.67
C LEU H 25 -0.79 -48.12 -10.73
N ASP H 26 -1.62 -47.24 -11.29
CA ASP H 26 -2.51 -46.41 -10.50
C ASP H 26 -3.89 -47.00 -10.30
N ASN H 27 -4.27 -48.03 -11.07
CA ASN H 27 -5.60 -48.63 -10.98
C ASN H 27 -5.46 -50.13 -11.19
N VAL H 28 -5.66 -50.90 -10.12
CA VAL H 28 -5.48 -52.35 -10.13
C VAL H 28 -6.80 -53.00 -9.76
N GLY H 29 -7.26 -53.93 -10.60
CA GLY H 29 -8.47 -54.66 -10.34
C GLY H 29 -8.45 -56.01 -11.03
N VAL H 30 -9.17 -56.96 -10.46
CA VAL H 30 -9.23 -58.32 -11.00
C VAL H 30 -10.68 -58.70 -11.21
N LEU H 31 -10.91 -59.56 -12.20
CA LEU H 31 -12.22 -60.10 -12.50
C LEU H 31 -12.19 -61.61 -12.27
N LEU H 32 -13.11 -62.10 -11.45
CA LEU H 32 -13.19 -63.51 -11.12
C LEU H 32 -14.45 -64.12 -11.72
N GLY H 33 -14.42 -65.44 -11.89
CA GLY H 33 -15.52 -66.12 -12.54
C GLY H 33 -15.98 -67.37 -11.81
N ALA H 34 -16.67 -68.25 -12.54
CA ALA H 34 -17.24 -69.45 -11.92
C ALA H 34 -16.17 -70.46 -11.57
N GLY H 35 -15.17 -70.64 -12.43
CA GLY H 35 -14.17 -71.66 -12.22
C GLY H 35 -13.17 -71.35 -11.12
N ALA H 36 -13.12 -70.11 -10.64
CA ALA H 36 -12.12 -69.73 -9.66
C ALA H 36 -12.39 -70.33 -8.28
N SER H 37 -13.56 -70.91 -8.05
CA SER H 37 -13.94 -71.38 -6.72
C SER H 37 -14.17 -72.89 -6.69
N VAL H 38 -13.61 -73.63 -7.66
CA VAL H 38 -13.74 -75.09 -7.63
C VAL H 38 -12.99 -75.67 -6.44
N GLY H 39 -11.86 -75.08 -6.06
CA GLY H 39 -11.12 -75.57 -4.92
C GLY H 39 -11.91 -75.47 -3.61
N CYS H 40 -12.74 -74.44 -3.47
CA CYS H 40 -13.51 -74.28 -2.24
C CYS H 40 -14.61 -75.33 -2.12
N GLY H 41 -15.13 -75.81 -3.24
CA GLY H 41 -16.19 -76.80 -3.21
C GLY H 41 -17.31 -76.57 -4.19
N GLY H 42 -17.14 -75.59 -5.09
CA GLY H 42 -18.16 -75.28 -6.06
C GLY H 42 -18.14 -76.19 -7.26
N LYS H 43 -19.13 -75.99 -8.13
CA LYS H 43 -19.25 -76.75 -9.37
C LYS H 43 -19.61 -75.80 -10.50
N THR H 44 -19.28 -76.23 -11.72
CA THR H 44 -19.49 -75.42 -12.92
C THR H 44 -20.87 -75.65 -13.52
N MET H 45 -21.21 -74.81 -14.49
CA MET H 45 -22.47 -74.98 -15.21
C MET H 45 -22.49 -76.29 -15.99
N LYS H 46 -21.32 -76.76 -16.43
CA LYS H 46 -21.24 -78.07 -17.08
C LYS H 46 -21.65 -79.17 -16.11
N ASP H 47 -21.18 -79.07 -14.85
CA ASP H 47 -21.57 -80.06 -13.86
C ASP H 47 -23.05 -79.95 -13.50
N VAL H 48 -23.63 -78.75 -13.62
CA VAL H 48 -25.04 -78.58 -13.34
C VAL H 48 -25.88 -79.36 -14.36
N TRP H 49 -25.51 -79.28 -15.63
CA TRP H 49 -26.23 -80.03 -16.65
C TRP H 49 -26.07 -81.54 -16.45
N LYS H 50 -24.88 -81.97 -16.04
CA LYS H 50 -24.67 -83.38 -15.75
C LYS H 50 -25.55 -83.85 -14.60
N SER H 51 -25.66 -83.03 -13.55
CA SER H 51 -26.53 -83.39 -12.44
C SER H 51 -28.00 -83.42 -12.86
N PHE H 52 -28.42 -82.48 -13.71
CA PHE H 52 -29.82 -82.43 -14.13
C PHE H 52 -30.17 -83.58 -15.07
N LYS H 53 -29.22 -84.03 -15.90
CA LYS H 53 -29.52 -85.04 -16.92
C LYS H 53 -29.69 -86.43 -16.36
N GLN H 54 -29.33 -86.68 -15.10
CA GLN H 54 -29.43 -88.01 -14.52
C GLN H 54 -30.18 -87.99 -13.19
N ASN H 55 -31.05 -87.01 -13.01
CA ASN H 55 -31.87 -86.92 -11.80
C ASN H 55 -33.36 -86.92 -12.08
N TYR H 56 -33.80 -86.27 -13.16
CA TYR H 56 -35.22 -86.15 -13.49
C TYR H 56 -35.43 -86.71 -14.90
N PRO H 57 -35.73 -88.00 -15.03
CA PRO H 57 -35.88 -88.60 -16.36
C PRO H 57 -37.09 -88.06 -17.13
N GLU H 58 -38.20 -87.85 -16.42
CA GLU H 58 -39.43 -87.43 -17.09
C GLU H 58 -39.29 -86.06 -17.73
N LEU H 59 -38.74 -85.10 -16.99
CA LEU H 59 -38.56 -83.76 -17.54
C LEU H 59 -37.56 -83.75 -18.68
N LEU H 60 -36.48 -84.53 -18.55
CA LEU H 60 -35.51 -84.63 -19.64
C LEU H 60 -36.15 -85.19 -20.89
N GLY H 61 -36.96 -86.24 -20.74
CA GLY H 61 -37.66 -86.79 -21.90
C GLY H 61 -38.63 -85.81 -22.51
N ALA H 62 -39.35 -85.06 -21.67
CA ALA H 62 -40.28 -84.06 -22.17
C ALA H 62 -39.56 -82.97 -22.93
N LEU H 63 -38.40 -82.54 -22.44
CA LEU H 63 -37.64 -81.50 -23.12
C LEU H 63 -36.99 -82.02 -24.39
N ILE H 64 -36.75 -83.33 -24.48
CA ILE H 64 -36.05 -83.92 -25.61
C ILE H 64 -37.01 -84.46 -26.66
N ASP H 65 -38.02 -85.22 -26.23
CA ASP H 65 -38.84 -85.98 -27.18
C ASP H 65 -39.85 -85.10 -27.91
N LYS H 66 -40.78 -84.49 -27.17
CA LYS H 66 -41.94 -83.87 -27.80
C LYS H 66 -41.64 -82.45 -28.28
N TYR H 67 -41.21 -81.58 -27.36
CA TYR H 67 -41.11 -80.16 -27.67
C TYR H 67 -40.05 -79.87 -28.73
N LEU H 68 -38.92 -80.57 -28.70
CA LEU H 68 -37.83 -80.39 -29.66
C LEU H 68 -37.28 -78.97 -29.61
N LEU H 69 -36.75 -78.60 -28.44
CA LEU H 69 -36.10 -77.31 -28.24
C LEU H 69 -34.60 -77.35 -28.40
N VAL H 70 -33.94 -78.40 -27.90
CA VAL H 70 -32.50 -78.54 -27.95
C VAL H 70 -32.19 -79.90 -28.57
N SER H 71 -31.17 -79.92 -29.42
CA SER H 71 -30.82 -81.14 -30.14
C SER H 71 -30.41 -82.24 -29.17
N GLN H 72 -30.61 -83.49 -29.60
CA GLN H 72 -30.35 -84.65 -28.76
C GLN H 72 -28.90 -85.09 -28.79
N ILE H 73 -28.03 -84.39 -29.53
CA ILE H 73 -26.61 -84.68 -29.54
C ILE H 73 -25.95 -83.99 -28.35
N ASP H 74 -26.49 -82.82 -27.98
CA ASP H 74 -25.90 -82.05 -26.88
C ASP H 74 -26.02 -82.76 -25.54
N SER H 75 -26.95 -83.70 -25.39
CA SER H 75 -27.09 -84.41 -24.12
C SER H 75 -25.82 -85.19 -23.79
N ASP H 76 -25.25 -85.87 -24.79
CA ASP H 76 -23.98 -86.54 -24.60
C ASP H 76 -22.79 -85.59 -24.63
N ASN H 77 -22.92 -84.44 -25.30
CA ASN H 77 -21.80 -83.53 -25.46
C ASN H 77 -21.72 -82.46 -24.37
N ASN H 78 -22.79 -82.26 -23.59
CA ASN H 78 -22.82 -81.31 -22.48
C ASN H 78 -22.56 -79.88 -22.96
N LEU H 79 -23.19 -79.50 -24.08
CA LEU H 79 -23.14 -78.13 -24.57
C LEU H 79 -24.42 -77.36 -24.27
N VAL H 80 -25.34 -77.94 -23.48
CA VAL H 80 -26.59 -77.28 -23.18
C VAL H 80 -26.36 -76.11 -22.24
N ASN H 81 -26.97 -74.98 -22.54
CA ASN H 81 -26.79 -73.75 -21.77
C ASN H 81 -27.98 -73.52 -20.86
N VAL H 82 -27.70 -73.20 -19.60
CA VAL H 82 -28.75 -72.90 -18.63
C VAL H 82 -29.50 -71.64 -19.03
N GLU H 83 -28.78 -70.64 -19.54
CA GLU H 83 -29.40 -69.36 -19.86
C GLU H 83 -30.44 -69.48 -20.97
N LEU H 84 -30.08 -70.17 -22.06
CA LEU H 84 -31.02 -70.34 -23.16
C LEU H 84 -32.24 -71.16 -22.73
N LEU H 85 -32.02 -72.21 -21.94
CA LEU H 85 -33.13 -73.02 -21.47
C LEU H 85 -34.07 -72.21 -20.59
N ILE H 86 -33.52 -71.41 -19.67
CA ILE H 86 -34.36 -70.59 -18.80
C ILE H 86 -35.13 -69.56 -19.63
N ASP H 87 -34.47 -68.93 -20.60
CA ASP H 87 -35.14 -67.93 -21.43
C ASP H 87 -36.29 -68.55 -22.21
N GLU H 88 -36.07 -69.72 -22.83
CA GLU H 88 -37.12 -70.37 -23.59
C GLU H 88 -38.27 -70.79 -22.68
N ALA H 89 -37.96 -71.35 -21.50
CA ALA H 89 -39.02 -71.75 -20.57
C ALA H 89 -39.84 -70.56 -20.11
N THR H 90 -39.18 -69.45 -19.80
CA THR H 90 -39.89 -68.25 -19.37
C THR H 90 -40.78 -67.70 -20.48
N LYS H 91 -40.27 -67.67 -21.71
CA LYS H 91 -41.08 -67.20 -22.84
C LYS H 91 -42.31 -68.08 -23.04
N PHE H 92 -42.12 -69.40 -22.96
CA PHE H 92 -43.25 -70.32 -23.13
C PHE H 92 -44.25 -70.19 -22.00
N LEU H 93 -43.79 -69.97 -20.76
CA LEU H 93 -44.73 -69.76 -19.67
C LEU H 93 -45.50 -68.47 -19.84
N SER H 94 -44.84 -67.42 -20.33
CA SER H 94 -45.53 -66.16 -20.57
C SER H 94 -46.62 -66.32 -21.63
N VAL H 95 -46.30 -67.00 -22.74
CA VAL H 95 -47.32 -67.16 -23.78
C VAL H 95 -48.43 -68.10 -23.30
N ALA H 96 -48.11 -69.09 -22.47
CA ALA H 96 -49.14 -69.96 -21.92
C ALA H 96 -50.08 -69.18 -21.02
N LYS H 97 -49.54 -68.29 -20.18
CA LYS H 97 -50.40 -67.43 -19.36
C LYS H 97 -51.24 -66.51 -20.24
N THR H 98 -50.67 -66.05 -21.36
CA THR H 98 -51.42 -65.20 -22.27
C THR H 98 -52.62 -65.94 -22.87
N ARG H 99 -52.43 -67.21 -23.26
CA ARG H 99 -53.50 -67.96 -23.91
C ARG H 99 -54.54 -68.52 -22.93
N ARG H 100 -54.31 -68.38 -21.62
CA ARG H 100 -55.21 -68.77 -20.52
C ARG H 100 -55.34 -70.28 -20.34
N CYS H 101 -54.63 -71.11 -21.11
CA CYS H 101 -54.62 -72.54 -20.82
C CYS H 101 -53.83 -72.82 -19.55
N GLU H 102 -54.26 -73.84 -18.80
CA GLU H 102 -53.68 -74.11 -17.48
C GLU H 102 -52.72 -75.30 -17.49
N ASP H 103 -52.98 -76.33 -18.30
CA ASP H 103 -52.17 -77.53 -18.23
C ASP H 103 -50.72 -77.27 -18.61
N GLU H 104 -50.50 -76.54 -19.71
CA GLU H 104 -49.14 -76.27 -20.15
C GLU H 104 -48.39 -75.36 -19.19
N GLU H 105 -49.10 -74.37 -18.61
CA GLU H 105 -48.48 -73.54 -17.58
C GLU H 105 -48.08 -74.36 -16.37
N GLU H 106 -48.93 -75.30 -15.96
CA GLU H 106 -48.60 -76.18 -14.85
C GLU H 106 -47.39 -77.04 -15.17
N GLU H 107 -47.30 -77.52 -16.41
CA GLU H 107 -46.14 -78.29 -16.83
C GLU H 107 -44.87 -77.45 -16.79
N PHE H 108 -44.95 -76.20 -17.25
CA PHE H 108 -43.77 -75.36 -17.34
C PHE H 108 -43.32 -74.84 -15.98
N ARG H 109 -44.24 -74.79 -15.00
CA ARG H 109 -43.85 -74.37 -13.67
C ARG H 109 -42.75 -75.26 -13.08
N LYS H 110 -42.88 -76.57 -13.27
CA LYS H 110 -41.91 -77.49 -12.71
C LYS H 110 -40.52 -77.27 -13.31
N ILE H 111 -40.43 -77.12 -14.62
CA ILE H 111 -39.12 -76.93 -15.24
C ILE H 111 -38.57 -75.54 -14.90
N LEU H 112 -39.43 -74.55 -14.73
CA LEU H 112 -38.95 -73.22 -14.35
C LEU H 112 -38.45 -73.19 -12.91
N SER H 113 -39.03 -74.00 -12.01
CA SER H 113 -38.68 -73.93 -10.60
C SER H 113 -37.56 -74.89 -10.22
N SER H 114 -37.60 -76.14 -10.70
CA SER H 114 -36.64 -77.15 -10.28
C SER H 114 -35.23 -76.87 -10.75
N LEU H 115 -35.05 -75.99 -11.73
CA LEU H 115 -33.71 -75.62 -12.17
C LEU H 115 -33.02 -74.68 -11.19
N TYR H 116 -33.77 -74.06 -10.28
CA TYR H 116 -33.18 -73.20 -9.27
C TYR H 116 -32.74 -73.95 -8.02
N LYS H 117 -33.16 -75.21 -7.86
CA LYS H 117 -32.72 -75.98 -6.71
C LYS H 117 -31.26 -76.42 -6.84
N GLU H 118 -30.87 -76.86 -8.04
CA GLU H 118 -29.54 -77.41 -8.27
C GLU H 118 -28.48 -76.34 -8.51
N VAL H 119 -28.87 -75.07 -8.58
CA VAL H 119 -27.92 -73.97 -8.58
C VAL H 119 -27.73 -73.38 -7.18
N THR H 120 -28.82 -73.25 -6.42
CA THR H 120 -28.70 -72.86 -5.02
C THR H 120 -27.96 -73.92 -4.21
N LYS H 121 -28.24 -75.19 -4.49
CA LYS H 121 -27.49 -76.28 -3.86
C LYS H 121 -26.04 -76.30 -4.29
N ALA H 122 -25.71 -75.67 -5.41
CA ALA H 122 -24.35 -75.62 -5.92
C ALA H 122 -23.56 -74.41 -5.44
N ALA H 123 -24.24 -73.34 -5.05
CA ALA H 123 -23.57 -72.13 -4.58
C ALA H 123 -23.31 -72.13 -3.08
N LEU H 124 -23.62 -73.21 -2.37
CA LEU H 124 -23.47 -73.23 -0.92
C LEU H 124 -22.00 -73.31 -0.51
N LEU H 125 -21.22 -74.14 -1.21
CA LEU H 125 -19.78 -74.31 -1.02
C LEU H 125 -19.42 -75.07 0.25
N THR H 126 -20.37 -75.31 1.14
CA THR H 126 -20.04 -76.07 2.33
C THR H 126 -21.01 -77.20 2.63
N GLY H 127 -22.30 -77.00 2.38
CA GLY H 127 -23.28 -78.03 2.66
C GLY H 127 -24.18 -77.71 3.83
N GLU H 128 -24.29 -78.64 4.78
CA GLU H 128 -25.14 -78.46 5.95
C GLU H 128 -24.60 -77.43 6.92
N GLN H 129 -23.35 -77.03 6.79
CA GLN H 129 -22.74 -76.04 7.66
C GLN H 129 -22.81 -74.63 7.09
N PHE H 130 -23.78 -74.36 6.20
CA PHE H 130 -23.92 -73.02 5.65
C PHE H 130 -24.41 -72.03 6.70
N ARG H 131 -25.22 -72.48 7.65
CA ARG H 131 -25.81 -71.59 8.66
C ARG H 131 -24.96 -71.53 9.93
N GLU H 132 -23.65 -71.33 9.78
CA GLU H 132 -22.77 -71.25 10.94
C GLU H 132 -21.67 -70.24 10.65
N LYS H 133 -21.08 -69.72 11.72
CA LYS H 133 -20.09 -68.67 11.61
C LYS H 133 -18.68 -69.25 11.52
N ASN H 134 -17.72 -68.40 11.20
CA ASN H 134 -16.31 -68.76 11.11
C ASN H 134 -16.08 -69.85 10.06
N GLN H 135 -16.37 -69.49 8.80
CA GLN H 135 -16.10 -70.39 7.68
C GLN H 135 -14.83 -70.02 6.91
N GLY H 136 -14.31 -68.81 7.10
CA GLY H 136 -13.09 -68.40 6.42
C GLY H 136 -11.80 -68.83 7.08
N LYS H 137 -11.89 -69.45 8.25
CA LYS H 137 -10.72 -69.91 9.00
C LYS H 137 -10.21 -71.27 8.55
N LYS H 138 -10.89 -71.92 7.62
CA LYS H 138 -10.46 -73.22 7.11
C LYS H 138 -9.42 -73.04 6.01
N ASP H 139 -8.99 -74.17 5.42
CA ASP H 139 -7.93 -74.17 4.44
C ASP H 139 -8.43 -74.06 3.01
N ALA H 140 -9.75 -73.96 2.80
CA ALA H 140 -10.29 -73.86 1.45
C ALA H 140 -10.23 -72.45 0.89
N PHE H 141 -9.84 -71.46 1.70
CA PHE H 141 -9.80 -70.06 1.28
C PHE H 141 -8.44 -69.44 1.51
N LYS H 142 -7.39 -70.26 1.63
CA LYS H 142 -6.05 -69.74 1.86
C LYS H 142 -5.59 -68.89 0.70
N TYR H 143 -5.85 -69.33 -0.53
CA TYR H 143 -5.46 -68.55 -1.70
C TYR H 143 -6.25 -67.26 -1.82
N HIS H 144 -7.54 -67.27 -1.46
CA HIS H 144 -8.31 -66.03 -1.45
C HIS H 144 -7.74 -65.04 -0.44
N LYS H 145 -7.40 -65.52 0.75
CA LYS H 145 -6.80 -64.65 1.77
C LYS H 145 -5.46 -64.10 1.29
N GLU H 146 -4.64 -64.95 0.68
CA GLU H 146 -3.35 -64.50 0.16
C GLU H 146 -3.54 -63.46 -0.94
N LEU H 147 -4.52 -63.67 -1.81
CA LEU H 147 -4.81 -62.70 -2.87
C LEU H 147 -5.20 -61.35 -2.29
N ILE H 148 -6.08 -61.34 -1.29
CA ILE H 148 -6.50 -60.09 -0.68
C ILE H 148 -5.31 -59.39 -0.05
N SER H 149 -4.47 -60.13 0.68
CA SER H 149 -3.30 -59.54 1.30
C SER H 149 -2.35 -58.97 0.25
N LYS H 150 -2.14 -59.70 -0.85
CA LYS H 150 -1.19 -59.26 -1.88
C LYS H 150 -1.66 -57.99 -2.56
N LEU H 151 -2.96 -57.89 -2.88
CA LEU H 151 -3.46 -56.65 -3.46
C LEU H 151 -3.41 -55.48 -2.48
N ILE H 152 -3.86 -55.68 -1.25
CA ILE H 152 -3.96 -54.55 -0.33
C ILE H 152 -2.58 -54.06 0.10
N SER H 153 -1.66 -54.97 0.39
CA SER H 153 -0.36 -54.57 0.93
C SER H 153 0.52 -53.84 -0.09
N ASN H 154 0.22 -53.94 -1.38
CA ASN H 154 1.08 -53.38 -2.41
C ASN H 154 0.76 -51.93 -2.74
N ARG H 155 -0.26 -51.34 -2.12
CA ARG H 155 -0.64 -49.97 -2.43
C ARG H 155 0.37 -48.99 -1.84
N GLN H 156 0.42 -47.80 -2.43
CA GLN H 156 1.25 -46.71 -1.96
C GLN H 156 0.37 -45.55 -1.50
N PRO H 157 0.86 -44.71 -0.58
CA PRO H 157 0.07 -43.56 -0.14
C PRO H 157 -0.24 -42.62 -1.29
N GLY H 158 -1.44 -42.04 -1.26
CA GLY H 158 -1.90 -41.16 -2.31
C GLY H 158 -2.65 -41.84 -3.44
N GLN H 159 -2.76 -43.16 -3.42
CA GLN H 159 -3.46 -43.91 -4.46
C GLN H 159 -4.82 -44.37 -3.95
N SER H 160 -5.58 -44.99 -4.85
CA SER H 160 -6.93 -45.46 -4.57
C SER H 160 -6.90 -46.93 -4.17
N ALA H 161 -8.01 -47.37 -3.60
CA ALA H 161 -8.17 -48.75 -3.18
C ALA H 161 -8.34 -49.65 -4.40
N PRO H 162 -8.06 -50.94 -4.27
CA PRO H 162 -8.30 -51.88 -5.37
C PRO H 162 -9.78 -52.12 -5.57
N ALA H 163 -10.09 -52.71 -6.73
CA ALA H 163 -11.46 -53.05 -7.10
C ALA H 163 -11.53 -54.55 -7.38
N ILE H 164 -12.60 -55.19 -6.89
CA ILE H 164 -12.82 -56.62 -7.10
C ILE H 164 -14.17 -56.81 -7.76
N PHE H 165 -14.19 -57.41 -8.94
CA PHE H 165 -15.40 -57.73 -9.67
C PHE H 165 -15.64 -59.23 -9.60
N THR H 166 -16.87 -59.63 -9.27
CA THR H 166 -17.21 -61.02 -9.07
C THR H 166 -18.49 -61.36 -9.81
N THR H 167 -18.57 -62.59 -10.29
CA THR H 167 -19.77 -63.14 -10.91
C THR H 167 -20.47 -64.17 -10.04
N ASN H 168 -19.73 -64.87 -9.19
CA ASN H 168 -20.31 -65.93 -8.37
C ASN H 168 -21.22 -65.36 -7.30
N TYR H 169 -22.19 -66.18 -6.87
CA TYR H 169 -23.14 -65.78 -5.85
C TYR H 169 -22.72 -66.17 -4.44
N ASP H 170 -21.63 -66.92 -4.31
CA ASP H 170 -21.24 -67.45 -3.01
C ASP H 170 -20.59 -66.36 -2.15
N LEU H 171 -20.38 -66.68 -0.89
CA LEU H 171 -19.77 -65.76 0.07
C LEU H 171 -18.31 -66.09 0.34
N ALA H 172 -17.58 -66.51 -0.69
CA ALA H 172 -16.17 -66.88 -0.51
C ALA H 172 -15.33 -65.67 -0.16
N LEU H 173 -15.51 -64.56 -0.89
CA LEU H 173 -14.69 -63.37 -0.63
C LEU H 173 -15.06 -62.73 0.70
N GLU H 174 -16.35 -62.66 1.03
CA GLU H 174 -16.76 -62.10 2.31
C GLU H 174 -16.25 -62.95 3.47
N TRP H 175 -16.34 -64.27 3.34
CA TRP H 175 -15.87 -65.15 4.41
C TRP H 175 -14.37 -65.03 4.63
N ALA H 176 -13.62 -64.57 3.63
CA ALA H 176 -12.17 -64.47 3.72
C ALA H 176 -11.72 -63.12 4.28
N ALA H 177 -12.25 -62.03 3.74
CA ALA H 177 -11.82 -60.70 4.19
C ALA H 177 -12.23 -60.43 5.63
N GLU H 178 -13.36 -60.99 6.06
CA GLU H 178 -13.80 -60.76 7.44
C GLU H 178 -12.83 -61.39 8.43
N ASP H 179 -12.32 -62.58 8.14
CA ASP H 179 -11.42 -63.26 9.08
C ASP H 179 -10.06 -62.59 9.19
N LEU H 180 -9.73 -61.67 8.29
CA LEU H 180 -8.49 -60.91 8.38
C LEU H 180 -8.67 -59.58 9.11
N GLY H 181 -9.80 -58.91 8.88
CA GLY H 181 -10.06 -57.59 9.44
C GLY H 181 -10.38 -56.53 8.41
N ILE H 182 -10.51 -56.88 7.13
CA ILE H 182 -10.81 -55.92 6.08
C ILE H 182 -12.33 -55.77 5.96
N GLN H 183 -12.76 -54.59 5.53
CA GLN H 183 -14.17 -54.28 5.33
C GLN H 183 -14.42 -54.06 3.84
N LEU H 184 -15.43 -54.74 3.33
CA LEU H 184 -15.80 -54.66 1.92
C LEU H 184 -16.99 -53.72 1.77
N PHE H 185 -16.84 -52.70 0.93
CA PHE H 185 -17.92 -51.75 0.66
C PHE H 185 -18.84 -52.38 -0.39
N ASN H 186 -19.84 -53.12 0.09
CA ASN H 186 -20.72 -53.88 -0.80
C ASN H 186 -21.93 -53.08 -1.27
N GLY H 187 -22.16 -51.89 -0.73
CA GLY H 187 -23.21 -51.01 -1.21
C GLY H 187 -24.41 -50.86 -0.29
N PHE H 188 -24.45 -51.55 0.84
CA PHE H 188 -25.57 -51.44 1.75
C PHE H 188 -25.17 -50.66 3.00
N SER H 189 -26.17 -50.36 3.83
CA SER H 189 -25.96 -49.62 5.07
C SER H 189 -27.04 -50.02 6.07
N GLY H 190 -26.65 -50.08 7.34
CA GLY H 190 -27.55 -50.45 8.41
C GLY H 190 -27.31 -51.86 8.91
N LEU H 191 -27.86 -52.13 10.09
CA LEU H 191 -27.80 -53.47 10.68
C LEU H 191 -29.19 -54.08 10.85
N HIS H 192 -30.10 -53.41 11.55
CA HIS H 192 -31.45 -53.92 11.74
C HIS H 192 -32.31 -53.78 10.49
N THR H 193 -31.89 -52.94 9.54
CA THR H 193 -32.62 -52.77 8.29
C THR H 193 -31.64 -52.26 7.25
N ARG H 194 -31.26 -53.12 6.31
CA ARG H 194 -30.31 -52.77 5.26
C ARG H 194 -31.07 -52.44 3.98
N GLN H 195 -30.56 -51.46 3.24
CA GLN H 195 -31.12 -51.12 1.94
C GLN H 195 -30.00 -50.64 1.03
N PHE H 196 -30.27 -50.64 -0.27
CA PHE H 196 -29.27 -50.34 -1.28
C PHE H 196 -29.40 -48.87 -1.69
N TYR H 197 -28.27 -48.16 -1.67
CA TYR H 197 -28.22 -46.76 -2.03
C TYR H 197 -27.15 -46.56 -3.10
N PRO H 198 -27.49 -45.94 -4.23
CA PRO H 198 -26.51 -45.81 -5.32
C PRO H 198 -25.27 -44.99 -4.95
N GLN H 199 -25.40 -44.01 -4.07
CA GLN H 199 -24.31 -43.07 -3.83
C GLN H 199 -23.37 -43.51 -2.72
N ASN H 200 -23.59 -44.66 -2.09
CA ASN H 200 -22.71 -45.11 -1.02
C ASN H 200 -21.48 -45.85 -1.53
N PHE H 201 -21.24 -45.83 -2.84
CA PHE H 201 -20.00 -46.32 -3.43
C PHE H 201 -18.94 -45.23 -3.55
N ASP H 202 -19.23 -44.03 -3.05
CA ASP H 202 -18.35 -42.88 -3.19
C ASP H 202 -17.86 -42.40 -1.83
N LEU H 203 -17.51 -43.34 -0.96
CA LEU H 203 -17.07 -43.03 0.39
C LEU H 203 -15.68 -43.63 0.64
N ALA H 204 -14.93 -42.99 1.53
CA ALA H 204 -13.61 -43.44 1.89
C ALA H 204 -13.30 -43.02 3.32
N PHE H 205 -12.58 -43.88 4.03
CA PHE H 205 -12.22 -43.57 5.41
C PHE H 205 -11.18 -42.47 5.49
N ARG H 206 -11.18 -41.78 6.63
CA ARG H 206 -10.19 -40.77 6.95
C ARG H 206 -9.90 -40.83 8.44
N ASN H 207 -8.62 -40.84 8.79
CA ASN H 207 -8.21 -40.86 10.18
C ASN H 207 -8.08 -39.42 10.68
N VAL H 208 -8.76 -39.11 11.78
CA VAL H 208 -8.75 -37.75 12.31
C VAL H 208 -7.36 -37.39 12.84
N ASN H 209 -6.69 -38.34 13.46
CA ASN H 209 -5.34 -38.11 13.99
C ASN H 209 -4.33 -38.38 12.90
N ALA H 210 -3.80 -37.31 12.31
CA ALA H 210 -2.84 -37.39 11.21
C ALA H 210 -3.40 -38.19 10.04
N GLY H 217 -8.01 -49.09 9.64
CA GLY H 217 -7.71 -47.67 9.63
C GLY H 217 -7.31 -47.18 8.26
N HIS H 218 -6.63 -48.04 7.50
CA HIS H 218 -6.21 -47.72 6.15
C HIS H 218 -6.50 -48.83 5.14
N TYR H 219 -6.83 -50.04 5.58
CA TYR H 219 -7.07 -51.17 4.67
C TYR H 219 -8.55 -51.32 4.41
N HIS H 220 -8.94 -51.16 3.15
CA HIS H 220 -10.31 -51.42 2.71
C HIS H 220 -10.29 -51.63 1.20
N ALA H 221 -11.36 -52.20 0.68
CA ALA H 221 -11.47 -52.47 -0.74
C ALA H 221 -12.94 -52.42 -1.17
N TYR H 222 -13.13 -52.23 -2.47
CA TYR H 222 -14.46 -52.18 -3.06
C TYR H 222 -14.83 -53.53 -3.65
N LEU H 223 -16.11 -53.88 -3.55
CA LEU H 223 -16.59 -55.18 -3.95
C LEU H 223 -17.85 -55.03 -4.78
N TYR H 224 -17.95 -55.81 -5.86
CA TYR H 224 -19.10 -55.79 -6.75
C TYR H 224 -19.65 -57.20 -6.90
N LYS H 225 -20.96 -57.28 -7.12
CA LYS H 225 -21.67 -58.55 -7.32
C LYS H 225 -22.65 -58.32 -8.47
N LEU H 226 -22.26 -58.76 -9.67
CA LEU H 226 -23.05 -58.43 -10.85
C LEU H 226 -24.34 -59.24 -10.91
N HIS H 227 -24.22 -60.57 -10.95
CA HIS H 227 -25.35 -61.42 -11.27
C HIS H 227 -26.23 -61.73 -10.06
N GLY H 228 -25.94 -61.15 -8.90
CA GLY H 228 -26.80 -61.31 -7.76
C GLY H 228 -26.11 -61.92 -6.55
N SER H 229 -26.91 -62.40 -5.59
CA SER H 229 -26.35 -62.98 -4.38
C SER H 229 -27.40 -63.90 -3.77
N LEU H 230 -26.96 -64.71 -2.82
CA LEU H 230 -27.83 -65.62 -2.09
C LEU H 230 -28.52 -64.95 -0.91
N THR H 231 -28.37 -63.64 -0.78
CA THR H 231 -28.96 -62.88 0.32
C THR H 231 -29.82 -61.70 -0.12
N TRP H 232 -29.81 -61.33 -1.39
CA TRP H 232 -30.59 -60.18 -1.85
C TRP H 232 -31.99 -60.61 -2.29
N TYR H 233 -32.97 -59.77 -1.96
CA TYR H 233 -34.35 -59.95 -2.41
C TYR H 233 -35.11 -58.65 -2.21
N GLN H 234 -36.12 -58.43 -3.03
CA GLN H 234 -36.96 -57.24 -2.97
C GLN H 234 -38.30 -57.57 -2.33
N ASN H 235 -38.82 -56.63 -1.55
CA ASN H 235 -40.09 -56.80 -0.86
C ASN H 235 -41.21 -56.24 -1.73
N ASP H 236 -42.42 -56.13 -1.17
CA ASP H 236 -43.55 -55.60 -1.91
C ASP H 236 -43.38 -54.12 -2.23
N SER H 237 -42.74 -53.38 -1.33
CA SER H 237 -42.60 -51.93 -1.45
C SER H 237 -41.45 -51.51 -2.36
N LEU H 238 -41.02 -52.37 -3.27
CA LEU H 238 -39.95 -52.05 -4.22
C LEU H 238 -38.64 -51.70 -3.50
N THR H 239 -38.35 -52.42 -2.42
CA THR H 239 -37.15 -52.21 -1.64
C THR H 239 -36.35 -53.51 -1.56
N VAL H 240 -35.07 -53.44 -1.90
CA VAL H 240 -34.18 -54.58 -1.81
C VAL H 240 -33.35 -54.45 -0.54
N ASN H 241 -33.02 -55.58 0.07
CA ASN H 241 -32.35 -55.59 1.36
C ASN H 241 -31.48 -56.83 1.51
N GLU H 242 -30.39 -56.69 2.24
CA GLU H 242 -29.47 -57.78 2.53
C GLU H 242 -29.61 -58.24 3.97
N VAL H 243 -29.43 -59.54 4.19
CA VAL H 243 -29.52 -60.14 5.51
C VAL H 243 -28.27 -60.97 5.76
N SER H 244 -28.25 -61.70 6.88
CA SER H 244 -27.15 -62.59 7.19
C SER H 244 -27.40 -63.97 6.60
N ALA H 245 -26.37 -64.83 6.70
CA ALA H 245 -26.48 -66.17 6.14
C ALA H 245 -27.51 -67.01 6.88
N SER H 246 -27.54 -66.91 8.21
CA SER H 246 -28.48 -67.71 8.99
C SER H 246 -29.92 -67.30 8.70
N GLN H 247 -30.19 -66.00 8.62
CA GLN H 247 -31.54 -65.54 8.31
C GLN H 247 -31.97 -65.98 6.92
N ALA H 248 -31.05 -65.90 5.95
CA ALA H 248 -31.36 -66.38 4.61
C ALA H 248 -31.65 -67.88 4.61
N TYR H 249 -30.87 -68.65 5.36
CA TYR H 249 -31.11 -70.09 5.41
C TYR H 249 -32.46 -70.41 6.04
N ASP H 250 -32.82 -69.72 7.11
CA ASP H 250 -34.07 -70.01 7.80
C ASP H 250 -35.28 -69.34 7.17
N GLU H 251 -35.07 -68.44 6.18
CA GLU H 251 -36.16 -67.65 5.64
C GLU H 251 -36.68 -68.18 4.31
N TYR H 252 -35.80 -68.30 3.29
CA TYR H 252 -36.31 -68.59 1.95
C TYR H 252 -35.45 -69.52 1.11
N ILE H 253 -34.48 -70.24 1.68
CA ILE H 253 -33.72 -71.22 0.92
C ILE H 253 -33.75 -72.61 1.53
N ASN H 254 -34.13 -72.75 2.80
CA ASN H 254 -34.33 -74.09 3.36
C ASN H 254 -35.47 -74.81 2.67
N ASP H 255 -36.53 -74.08 2.31
CA ASP H 255 -37.67 -74.69 1.62
C ASP H 255 -37.27 -75.16 0.22
N ILE H 256 -36.42 -74.41 -0.47
CA ILE H 256 -36.06 -74.75 -1.84
C ILE H 256 -35.28 -76.07 -1.88
N ILE H 257 -34.29 -76.21 -1.00
CA ILE H 257 -33.45 -77.41 -1.04
C ILE H 257 -34.23 -78.64 -0.58
N ASN H 258 -35.01 -78.51 0.48
CA ASN H 258 -35.67 -79.67 1.07
C ASN H 258 -37.07 -79.88 0.50
N LYS H 259 -37.96 -78.90 0.65
CA LYS H 259 -39.34 -79.08 0.24
C LYS H 259 -39.49 -78.83 -1.25
N ASP H 260 -40.57 -79.40 -1.81
CA ASP H 260 -40.87 -79.28 -3.23
C ASP H 260 -42.34 -78.94 -3.41
N ASP H 261 -42.66 -78.30 -4.53
CA ASP H 261 -44.03 -77.94 -4.90
C ASP H 261 -44.68 -77.06 -3.85
N PHE H 262 -43.88 -76.18 -3.24
CA PHE H 262 -44.39 -75.23 -2.25
C PHE H 262 -43.75 -73.86 -2.44
N TYR H 263 -43.43 -73.53 -3.68
CA TYR H 263 -42.86 -72.22 -4.04
C TYR H 263 -43.85 -71.50 -4.94
N ARG H 264 -44.51 -70.46 -4.40
CA ARG H 264 -45.50 -69.71 -5.18
C ARG H 264 -45.19 -68.22 -5.00
N GLY H 265 -44.32 -67.70 -5.86
CA GLY H 265 -44.06 -66.28 -5.93
C GLY H 265 -43.55 -65.66 -4.64
N GLN H 266 -42.72 -66.39 -3.90
CA GLN H 266 -42.19 -65.86 -2.64
C GLN H 266 -41.17 -64.76 -2.89
N HIS H 267 -40.26 -64.98 -3.83
CA HIS H 267 -39.23 -64.01 -4.15
C HIS H 267 -38.75 -64.24 -5.57
N LEU H 268 -38.11 -63.21 -6.14
CA LEU H 268 -37.69 -63.22 -7.54
C LEU H 268 -36.19 -62.91 -7.61
N ILE H 269 -35.40 -63.93 -7.93
CA ILE H 269 -33.99 -63.77 -8.25
C ILE H 269 -33.71 -64.50 -9.56
N TYR H 270 -32.65 -64.10 -10.24
CA TYR H 270 -32.37 -64.53 -11.61
C TYR H 270 -30.94 -65.02 -11.74
N PRO H 271 -30.65 -66.26 -11.29
CA PRO H 271 -29.36 -66.87 -11.63
C PRO H 271 -29.17 -67.06 -13.12
N GLY H 272 -30.25 -67.09 -13.89
CA GLY H 272 -30.16 -67.15 -15.34
C GLY H 272 -29.80 -65.81 -15.94
N ALA H 273 -29.54 -65.83 -17.25
CA ALA H 273 -29.16 -64.61 -17.95
C ALA H 273 -30.36 -63.69 -18.15
N ASN H 274 -31.57 -64.20 -17.92
CA ASN H 274 -32.78 -63.39 -18.11
C ASN H 274 -32.77 -62.22 -17.13
N LYS H 275 -32.83 -61.00 -17.66
CA LYS H 275 -32.76 -59.79 -16.86
C LYS H 275 -33.87 -58.80 -17.20
N TYR H 276 -34.78 -59.18 -18.09
CA TYR H 276 -35.80 -58.26 -18.60
C TYR H 276 -37.19 -58.88 -18.46
N SER H 277 -37.33 -59.84 -17.55
CA SER H 277 -38.65 -60.37 -17.24
C SER H 277 -39.38 -59.44 -16.26
N HIS H 278 -38.69 -59.06 -15.18
CA HIS H 278 -39.19 -58.07 -14.23
C HIS H 278 -38.22 -56.90 -14.22
N THR H 279 -38.62 -55.80 -14.86
CA THR H 279 -37.70 -54.73 -15.23
C THR H 279 -37.79 -53.51 -14.32
N ILE H 280 -38.00 -53.70 -13.01
CA ILE H 280 -37.94 -52.59 -12.08
C ILE H 280 -36.70 -52.61 -11.20
N GLY H 281 -36.03 -53.75 -11.06
CA GLY H 281 -34.78 -53.76 -10.31
C GLY H 281 -33.62 -53.27 -11.15
N PHE H 282 -32.94 -52.23 -10.64
CA PHE H 282 -31.81 -51.64 -11.33
C PHE H 282 -30.48 -51.88 -10.63
N VAL H 283 -30.45 -52.81 -9.68
CA VAL H 283 -29.19 -53.10 -8.97
C VAL H 283 -28.15 -53.61 -9.95
N TYR H 284 -28.53 -54.51 -10.86
CA TYR H 284 -27.58 -55.03 -11.85
C TYR H 284 -27.08 -53.92 -12.77
N GLY H 285 -27.98 -53.03 -13.20
CA GLY H 285 -27.56 -51.92 -14.04
C GLY H 285 -26.63 -50.96 -13.34
N GLU H 286 -26.82 -50.76 -12.03
CA GLU H 286 -25.92 -49.88 -11.28
C GLU H 286 -24.49 -50.40 -11.28
N MET H 287 -24.30 -51.70 -11.09
CA MET H 287 -22.96 -52.26 -11.00
C MET H 287 -22.26 -52.25 -12.36
N PHE H 288 -23.02 -52.37 -13.45
CA PHE H 288 -22.45 -52.36 -14.78
C PHE H 288 -21.80 -51.02 -15.09
N ARG H 289 -22.43 -49.91 -14.67
CA ARG H 289 -21.91 -48.59 -14.95
C ARG H 289 -20.53 -48.38 -14.31
N ARG H 290 -20.36 -48.86 -13.09
CA ARG H 290 -19.07 -48.72 -12.42
C ARG H 290 -17.98 -49.48 -13.17
N PHE H 291 -18.30 -50.68 -13.65
CA PHE H 291 -17.35 -51.45 -14.45
C PHE H 291 -16.98 -50.70 -15.73
N GLY H 292 -17.97 -50.10 -16.38
CA GLY H 292 -17.68 -49.32 -17.58
C GLY H 292 -16.81 -48.11 -17.29
N GLU H 293 -17.06 -47.43 -16.18
CA GLU H 293 -16.32 -46.22 -15.83
C GLU H 293 -14.90 -46.52 -15.38
N PHE H 294 -14.68 -47.64 -14.69
CA PHE H 294 -13.38 -47.91 -14.09
C PHE H 294 -12.29 -48.10 -15.14
N ILE H 295 -12.60 -48.77 -16.24
CA ILE H 295 -11.59 -49.16 -17.20
C ILE H 295 -11.41 -48.09 -18.27
N SER H 296 -12.00 -46.92 -18.04
CA SER H 296 -11.85 -45.79 -18.94
C SER H 296 -10.92 -44.71 -18.37
N LYS H 297 -10.13 -45.06 -17.36
CA LYS H 297 -9.20 -44.13 -16.76
C LYS H 297 -7.77 -44.44 -17.21
N PRO H 298 -6.92 -43.43 -17.30
CA PRO H 298 -5.51 -43.70 -17.65
C PRO H 298 -4.81 -44.50 -16.58
N GLN H 299 -3.78 -45.24 -17.00
CA GLN H 299 -2.95 -46.06 -16.11
C GLN H 299 -3.79 -47.12 -15.40
N THR H 300 -4.34 -48.03 -16.22
CA THR H 300 -5.24 -49.07 -15.74
C THR H 300 -4.60 -50.45 -15.93
N ALA H 301 -4.81 -51.32 -14.95
CA ALA H 301 -4.35 -52.70 -15.01
C ALA H 301 -5.50 -53.62 -14.66
N LEU H 302 -5.49 -54.81 -15.25
CA LEU H 302 -6.64 -55.71 -15.14
C LEU H 302 -6.18 -57.15 -15.39
N PHE H 303 -6.74 -58.07 -14.60
CA PHE H 303 -6.48 -59.50 -14.76
C PHE H 303 -7.80 -60.24 -14.83
N ILE H 304 -7.89 -61.21 -15.74
CA ILE H 304 -9.09 -62.03 -15.90
C ILE H 304 -8.71 -63.48 -15.62
N ASN H 305 -9.50 -64.15 -14.79
CA ASN H 305 -9.24 -65.54 -14.43
C ASN H 305 -10.57 -66.25 -14.22
N GLY H 306 -10.68 -67.46 -14.80
CA GLY H 306 -11.86 -68.26 -14.59
C GLY H 306 -13.09 -67.82 -15.32
N PHE H 307 -12.94 -67.08 -16.41
CA PHE H 307 -14.06 -66.59 -17.20
C PHE H 307 -14.14 -67.38 -18.49
N GLY H 308 -15.31 -67.96 -18.77
CA GLY H 308 -15.50 -68.77 -19.96
C GLY H 308 -15.76 -68.02 -21.24
N PHE H 309 -15.84 -66.69 -21.19
CA PHE H 309 -16.09 -65.85 -22.35
C PHE H 309 -17.37 -66.27 -23.08
N GLY H 310 -18.43 -66.46 -22.28
CA GLY H 310 -19.72 -66.85 -22.82
C GLY H 310 -20.75 -65.75 -22.74
N ASP H 311 -20.30 -64.51 -22.58
CA ASP H 311 -21.18 -63.36 -22.50
C ASP H 311 -20.76 -62.32 -23.53
N TYR H 312 -21.74 -61.56 -24.03
CA TYR H 312 -21.48 -60.64 -25.12
C TYR H 312 -21.08 -59.25 -24.62
N HIS H 313 -21.68 -58.82 -23.51
CA HIS H 313 -21.44 -57.47 -23.00
C HIS H 313 -19.97 -57.26 -22.63
N ILE H 314 -19.41 -58.22 -21.89
CA ILE H 314 -18.02 -58.10 -21.44
C ILE H 314 -17.08 -58.12 -22.63
N ASN H 315 -17.34 -58.99 -23.61
CA ASN H 315 -16.51 -59.05 -24.79
C ASN H 315 -16.52 -57.72 -25.54
N ARG H 316 -17.71 -57.15 -25.73
CA ARG H 316 -17.82 -55.89 -26.46
C ARG H 316 -17.08 -54.77 -25.73
N ILE H 317 -17.25 -54.70 -24.40
CA ILE H 317 -16.61 -53.64 -23.63
C ILE H 317 -15.09 -53.80 -23.67
N ILE H 318 -14.59 -55.03 -23.54
CA ILE H 318 -13.15 -55.27 -23.57
C ILE H 318 -12.57 -54.89 -24.93
N LEU H 319 -13.26 -55.27 -26.01
CA LEU H 319 -12.79 -54.90 -27.34
C LEU H 319 -12.78 -53.39 -27.52
N GLY H 320 -13.79 -52.70 -27.00
CA GLY H 320 -13.84 -51.26 -27.15
C GLY H 320 -12.84 -50.51 -26.30
N ALA H 321 -12.43 -51.10 -25.18
CA ALA H 321 -11.56 -50.42 -24.23
C ALA H 321 -10.08 -50.52 -24.57
N LEU H 322 -9.71 -51.26 -25.60
CA LEU H 322 -8.29 -51.42 -25.95
C LEU H 322 -7.73 -50.27 -26.76
N LEU H 323 -8.58 -49.34 -27.22
CA LEU H 323 -8.09 -48.19 -27.96
C LEU H 323 -7.53 -47.09 -27.05
N ASN H 324 -7.74 -47.21 -25.75
CA ASN H 324 -7.06 -46.34 -24.79
C ASN H 324 -5.60 -46.75 -24.73
N PRO H 325 -4.66 -45.82 -24.94
CA PRO H 325 -3.25 -46.22 -25.01
C PRO H 325 -2.62 -46.57 -23.66
N SER H 326 -3.44 -46.71 -22.62
CA SER H 326 -2.93 -47.03 -21.29
C SER H 326 -3.76 -48.13 -20.65
N PHE H 327 -4.00 -49.22 -21.40
CA PHE H 327 -4.76 -50.36 -20.91
C PHE H 327 -3.95 -51.63 -21.11
N HIS H 328 -3.77 -52.40 -20.04
CA HIS H 328 -3.05 -53.67 -20.08
C HIS H 328 -3.92 -54.77 -19.47
N VAL H 329 -3.75 -55.99 -19.95
CA VAL H 329 -4.60 -57.10 -19.57
C VAL H 329 -3.80 -58.40 -19.62
N VAL H 330 -4.13 -59.33 -18.72
CA VAL H 330 -3.54 -60.66 -18.70
C VAL H 330 -4.69 -61.66 -18.56
N ILE H 331 -4.86 -62.52 -19.55
CA ILE H 331 -6.00 -63.44 -19.62
C ILE H 331 -5.47 -64.86 -19.42
N TYR H 332 -6.16 -65.63 -18.58
CA TYR H 332 -5.79 -67.01 -18.28
C TYR H 332 -6.80 -67.93 -18.94
N TYR H 333 -6.31 -68.83 -19.79
CA TYR H 333 -7.17 -69.78 -20.49
C TYR H 333 -6.47 -71.14 -20.61
N PRO H 334 -6.96 -72.17 -19.90
CA PRO H 334 -6.30 -73.47 -19.95
C PRO H 334 -6.31 -74.13 -21.32
N GLU H 335 -7.49 -74.32 -21.91
CA GLU H 335 -7.62 -75.06 -23.16
C GLU H 335 -7.38 -74.12 -24.34
N LEU H 336 -6.14 -73.64 -24.45
CA LEU H 336 -5.76 -72.71 -25.51
C LEU H 336 -5.33 -73.41 -26.79
N LYS H 337 -5.02 -74.70 -26.75
CA LYS H 337 -4.54 -75.39 -27.95
C LYS H 337 -5.69 -75.94 -28.77
N GLU H 338 -6.70 -76.52 -28.10
CA GLU H 338 -7.87 -77.00 -28.80
C GLU H 338 -8.56 -75.87 -29.56
N ALA H 339 -8.64 -74.69 -28.94
CA ALA H 339 -9.27 -73.55 -29.60
C ALA H 339 -8.52 -73.16 -30.88
N ILE H 340 -7.18 -73.12 -30.80
CA ILE H 340 -6.38 -72.76 -31.95
C ILE H 340 -6.56 -73.79 -33.06
N THR H 341 -6.51 -75.07 -32.70
CA THR H 341 -6.64 -76.13 -33.70
C THR H 341 -8.01 -76.10 -34.37
N LYS H 342 -9.07 -75.90 -33.59
CA LYS H 342 -10.41 -75.89 -34.16
C LYS H 342 -10.65 -74.66 -35.03
N VAL H 343 -10.20 -73.49 -34.58
CA VAL H 343 -10.42 -72.27 -35.36
C VAL H 343 -9.63 -72.28 -36.65
N SER H 344 -8.36 -72.73 -36.59
CA SER H 344 -7.53 -72.75 -37.79
C SER H 344 -8.07 -73.70 -38.85
N LYS H 345 -8.90 -74.67 -38.48
CA LYS H 345 -9.45 -75.62 -39.44
C LYS H 345 -10.64 -75.07 -40.22
N GLY H 346 -11.22 -73.96 -39.79
CA GLY H 346 -12.37 -73.37 -40.44
C GLY H 346 -13.66 -73.39 -39.64
N GLY H 347 -13.69 -74.07 -38.49
CA GLY H 347 -14.88 -74.09 -37.68
C GLY H 347 -14.62 -73.78 -36.22
N GLY H 348 -15.56 -74.11 -35.35
CA GLY H 348 -15.39 -73.91 -33.93
C GLY H 348 -16.65 -73.37 -33.30
N SER H 349 -16.49 -72.75 -32.14
CA SER H 349 -17.59 -72.14 -31.39
C SER H 349 -17.25 -70.69 -31.10
N GLU H 350 -18.27 -69.94 -30.68
CA GLU H 350 -18.11 -68.50 -30.48
C GLU H 350 -17.14 -68.20 -29.33
N ALA H 351 -17.16 -69.02 -28.28
CA ALA H 351 -16.24 -68.81 -27.17
C ALA H 351 -14.79 -69.00 -27.61
N GLU H 352 -14.53 -70.01 -28.44
CA GLU H 352 -13.17 -70.28 -28.90
C GLU H 352 -12.70 -69.27 -29.94
N LYS H 353 -13.63 -68.60 -30.63
CA LYS H 353 -13.23 -67.64 -31.65
C LYS H 353 -12.77 -66.31 -31.07
N ALA H 354 -13.22 -65.94 -29.87
CA ALA H 354 -12.88 -64.64 -29.30
C ALA H 354 -11.43 -64.57 -28.86
N ILE H 355 -10.96 -65.57 -28.10
CA ILE H 355 -9.60 -65.55 -27.58
C ILE H 355 -8.58 -65.68 -28.71
N VAL H 356 -8.92 -66.46 -29.73
CA VAL H 356 -8.02 -66.58 -30.89
C VAL H 356 -7.89 -65.24 -31.60
N THR H 357 -8.99 -64.50 -31.75
CA THR H 357 -8.92 -63.17 -32.32
C THR H 357 -8.09 -62.23 -31.45
N LEU H 358 -8.26 -62.33 -30.13
CA LEU H 358 -7.50 -61.46 -29.23
C LEU H 358 -6.01 -61.74 -29.29
N LYS H 359 -5.63 -63.02 -29.44
CA LYS H 359 -4.22 -63.37 -29.41
C LYS H 359 -3.45 -62.78 -30.59
N ASN H 360 -4.12 -62.57 -31.72
CA ASN H 360 -3.47 -62.11 -32.95
C ASN H 360 -3.42 -60.60 -33.05
N MET H 361 -3.58 -59.88 -31.94
CA MET H 361 -3.41 -58.44 -31.96
C MET H 361 -1.96 -58.07 -32.28
N ALA H 362 -1.80 -56.96 -33.00
CA ALA H 362 -0.48 -56.43 -33.29
C ALA H 362 0.02 -55.48 -32.23
N PHE H 363 -0.78 -55.21 -31.20
CA PHE H 363 -0.41 -54.30 -30.12
C PHE H 363 0.29 -55.08 -29.00
N ASN H 364 1.01 -54.33 -28.16
CA ASN H 364 1.76 -54.89 -27.04
C ASN H 364 1.00 -54.73 -25.73
N GLN H 365 -0.33 -54.86 -25.77
CA GLN H 365 -1.16 -54.61 -24.60
C GLN H 365 -1.85 -55.87 -24.06
N VAL H 366 -1.84 -56.97 -24.80
CA VAL H 366 -2.54 -58.18 -24.42
C VAL H 366 -1.52 -59.28 -24.16
N THR H 367 -1.81 -60.12 -23.17
CA THR H 367 -0.96 -61.26 -22.85
C THR H 367 -1.86 -62.43 -22.46
N VAL H 368 -1.74 -63.54 -23.17
CA VAL H 368 -2.55 -64.73 -22.95
C VAL H 368 -1.68 -65.83 -22.39
N VAL H 369 -2.15 -66.45 -21.30
CA VAL H 369 -1.41 -67.51 -20.60
C VAL H 369 -2.23 -68.79 -20.66
N GLY H 370 -1.57 -69.88 -21.08
CA GLY H 370 -2.22 -71.18 -21.14
C GLY H 370 -1.25 -72.28 -20.75
N GLY H 371 -1.76 -73.51 -20.75
CA GLY H 371 -0.93 -74.66 -20.43
C GLY H 371 -1.63 -75.71 -19.62
N GLY H 372 -2.86 -75.45 -19.20
CA GLY H 372 -3.62 -76.42 -18.44
C GLY H 372 -3.51 -76.23 -16.95
N SER H 373 -2.71 -77.07 -16.28
CA SER H 373 -2.56 -76.98 -14.83
C SER H 373 -1.84 -75.71 -14.41
N LYS H 374 -1.09 -75.07 -15.30
CA LYS H 374 -0.35 -73.87 -14.96
C LYS H 374 -1.17 -72.60 -15.07
N ALA H 375 -2.44 -72.70 -15.47
CA ALA H 375 -3.33 -71.56 -15.59
C ALA H 375 -4.52 -71.69 -14.64
N TYR H 376 -4.26 -72.11 -13.41
CA TYR H 376 -5.30 -72.30 -12.42
C TYR H 376 -5.35 -71.11 -11.46
N PHE H 377 -6.31 -71.16 -10.55
CA PHE H 377 -6.45 -70.10 -9.55
C PHE H 377 -5.25 -70.06 -8.62
N ASN H 378 -4.78 -71.24 -8.19
CA ASN H 378 -3.67 -71.30 -7.24
C ASN H 378 -2.40 -70.76 -7.84
N SER H 379 -2.11 -71.09 -9.10
CA SER H 379 -0.92 -70.58 -9.76
C SER H 379 -1.03 -69.09 -10.08
N PHE H 380 -2.25 -68.59 -10.28
CA PHE H 380 -2.44 -67.17 -10.53
C PHE H 380 -2.01 -66.33 -9.33
N VAL H 381 -2.36 -66.78 -8.12
CA VAL H 381 -2.00 -66.03 -6.92
C VAL H 381 -0.49 -66.00 -6.73
N GLU H 382 0.19 -67.08 -7.09
CA GLU H 382 1.63 -67.18 -6.83
C GLU H 382 2.43 -66.14 -7.60
N HIS H 383 2.05 -65.85 -8.84
CA HIS H 383 2.83 -64.92 -9.67
C HIS H 383 2.81 -63.50 -9.14
N LEU H 384 1.82 -63.11 -8.35
CA LEU H 384 1.81 -61.78 -7.79
C LEU H 384 2.92 -61.64 -6.74
N PRO H 385 3.55 -60.47 -6.65
CA PRO H 385 4.69 -60.31 -5.75
C PRO H 385 4.31 -59.75 -4.39
N TYR H 386 5.19 -60.01 -3.42
CA TYR H 386 5.15 -59.42 -2.09
C TYR H 386 5.80 -58.04 -2.11
N PRO H 387 5.42 -57.16 -1.19
CA PRO H 387 6.00 -55.81 -1.19
C PRO H 387 7.45 -55.81 -0.70
N VAL H 388 8.23 -54.91 -1.28
CA VAL H 388 9.60 -54.67 -0.85
C VAL H 388 9.57 -53.48 0.11
N LEU H 389 9.79 -53.77 1.40
CA LEU H 389 9.52 -52.76 2.43
C LEU H 389 10.61 -51.69 2.46
N PHE H 390 11.83 -52.08 2.87
CA PHE H 390 12.89 -51.12 3.08
C PHE H 390 13.70 -50.80 1.82
N PRO H 391 14.18 -51.81 1.07
CA PRO H 391 14.99 -51.42 -0.10
C PRO H 391 14.19 -50.72 -1.19
N SER I 2 -36.14 -23.39 40.81
CA SER I 2 -36.12 -23.87 39.43
C SER I 2 -34.69 -24.02 38.92
N ILE I 3 -34.12 -22.92 38.42
CA ILE I 3 -32.79 -22.92 37.84
C ILE I 3 -31.85 -22.17 38.78
N TYR I 4 -30.79 -22.85 39.20
CA TYR I 4 -29.79 -22.27 40.09
C TYR I 4 -28.44 -22.29 39.40
N GLN I 5 -27.71 -21.18 39.49
CA GLN I 5 -26.36 -21.08 38.92
C GLN I 5 -25.48 -20.42 39.97
N GLY I 6 -24.75 -21.23 40.73
CA GLY I 6 -23.90 -20.71 41.78
C GLY I 6 -24.61 -20.31 43.04
N GLY I 7 -25.87 -20.69 43.21
CA GLY I 7 -26.67 -20.34 44.36
C GLY I 7 -27.72 -19.28 44.07
N ASN I 8 -27.49 -18.42 43.09
CA ASN I 8 -28.46 -17.41 42.71
C ASN I 8 -29.34 -17.92 41.59
N LYS I 9 -30.64 -17.67 41.71
CA LYS I 9 -31.63 -18.20 40.79
C LYS I 9 -31.68 -17.36 39.50
N LEU I 10 -32.14 -18.01 38.43
CA LEU I 10 -32.23 -17.37 37.12
C LEU I 10 -33.63 -17.54 36.53
N ASN I 11 -33.79 -17.18 35.26
CA ASN I 11 -35.07 -17.30 34.58
C ASN I 11 -34.81 -17.78 33.15
N GLU I 12 -35.85 -17.75 32.32
CA GLU I 12 -35.75 -18.33 30.98
C GLU I 12 -34.89 -17.48 30.05
N ASP I 13 -34.98 -16.16 30.16
CA ASP I 13 -34.28 -15.29 29.23
C ASP I 13 -32.77 -15.50 29.31
N ASP I 14 -32.24 -15.61 30.51
CA ASP I 14 -30.82 -15.89 30.67
C ASP I 14 -30.48 -17.35 30.37
N PHE I 15 -31.41 -18.26 30.67
CA PHE I 15 -31.16 -19.68 30.46
C PHE I 15 -31.00 -20.00 28.99
N ARG I 16 -31.80 -19.39 28.13
CA ARG I 16 -31.67 -19.63 26.69
C ARG I 16 -30.31 -19.20 26.17
N SER I 17 -29.84 -18.02 26.58
CA SER I 17 -28.52 -17.55 26.18
C SER I 17 -27.43 -18.46 26.73
N HIS I 18 -27.56 -18.88 27.98
CA HIS I 18 -26.53 -19.73 28.59
C HIS I 18 -26.45 -21.09 27.90
N VAL I 19 -27.60 -21.66 27.54
CA VAL I 19 -27.61 -22.94 26.85
C VAL I 19 -27.05 -22.78 25.44
N TYR I 20 -27.42 -21.71 24.75
CA TYR I 20 -26.87 -21.46 23.42
C TYR I 20 -25.37 -21.20 23.47
N SER I 21 -24.84 -20.70 24.59
CA SER I 21 -23.41 -20.52 24.74
C SER I 21 -22.67 -21.84 24.96
N LEU I 22 -23.39 -22.94 25.15
CA LEU I 22 -22.77 -24.23 25.43
C LEU I 22 -22.86 -25.21 24.26
N CYS I 23 -23.32 -24.76 23.09
CA CYS I 23 -23.45 -25.63 21.93
C CYS I 23 -22.56 -25.22 20.78
N GLN I 24 -21.59 -24.32 20.99
CA GLN I 24 -20.68 -23.89 19.95
C GLN I 24 -19.22 -24.09 20.29
N LEU I 25 -18.92 -24.69 21.44
CA LEU I 25 -17.53 -24.96 21.78
C LEU I 25 -17.02 -26.16 20.99
N ASP I 26 -15.78 -26.55 21.28
CA ASP I 26 -15.12 -27.59 20.50
C ASP I 26 -15.82 -28.94 20.64
N ASN I 27 -16.16 -29.32 21.87
CA ASN I 27 -16.70 -30.64 22.16
C ASN I 27 -18.04 -30.51 22.87
N VAL I 28 -19.04 -31.23 22.37
CA VAL I 28 -20.37 -31.29 22.99
C VAL I 28 -20.76 -32.76 23.12
N GLY I 29 -21.26 -33.13 24.30
CA GLY I 29 -21.69 -34.49 24.54
C GLY I 29 -22.90 -34.50 25.44
N VAL I 30 -23.66 -35.59 25.33
CA VAL I 30 -24.90 -35.77 26.08
C VAL I 30 -24.89 -37.11 26.78
N LEU I 31 -25.27 -37.13 28.05
CA LEU I 31 -25.37 -38.35 28.85
C LEU I 31 -26.83 -38.61 29.18
N LEU I 32 -27.28 -39.83 28.91
CA LEU I 32 -28.66 -40.24 29.12
C LEU I 32 -28.73 -41.22 30.28
N GLY I 33 -29.92 -41.78 30.50
CA GLY I 33 -30.11 -42.70 31.59
C GLY I 33 -31.37 -43.52 31.43
N ALA I 34 -31.86 -44.04 32.55
CA ALA I 34 -33.02 -44.93 32.55
C ALA I 34 -34.35 -44.18 32.49
N GLY I 35 -34.33 -42.86 32.61
CA GLY I 35 -35.56 -42.08 32.54
C GLY I 35 -35.95 -41.71 31.13
N ALA I 36 -35.00 -41.80 30.20
CA ALA I 36 -35.26 -41.40 28.83
C ALA I 36 -36.20 -42.36 28.09
N SER I 37 -36.43 -43.56 28.63
CA SER I 37 -37.30 -44.53 28.02
C SER I 37 -38.64 -44.67 28.73
N VAL I 38 -38.82 -43.98 29.86
CA VAL I 38 -40.08 -44.08 30.60
C VAL I 38 -41.23 -43.50 29.80
N GLY I 39 -40.96 -42.44 29.03
CA GLY I 39 -41.96 -41.82 28.20
C GLY I 39 -42.26 -42.50 26.89
N CYS I 40 -41.60 -43.64 26.61
CA CYS I 40 -41.82 -44.36 25.37
C CYS I 40 -42.27 -45.80 25.55
N GLY I 41 -42.30 -46.31 26.78
CA GLY I 41 -42.72 -47.68 27.00
C GLY I 41 -41.81 -48.44 27.93
N GLY I 42 -40.78 -47.78 28.44
CA GLY I 42 -39.85 -48.39 29.36
C GLY I 42 -40.35 -48.33 30.80
N LYS I 43 -39.51 -48.81 31.71
CA LYS I 43 -39.86 -48.85 33.12
C LYS I 43 -38.66 -48.45 33.96
N THR I 44 -38.94 -47.76 35.06
CA THR I 44 -37.93 -47.34 36.02
C THR I 44 -37.51 -48.55 36.88
N MET I 45 -36.29 -48.49 37.40
CA MET I 45 -35.78 -49.57 38.24
C MET I 45 -36.69 -49.84 39.42
N LYS I 46 -37.21 -48.79 40.05
CA LYS I 46 -38.14 -48.98 41.16
C LYS I 46 -39.44 -49.61 40.69
N ASP I 47 -39.87 -49.30 39.46
CA ASP I 47 -41.03 -49.98 38.88
C ASP I 47 -40.73 -51.45 38.62
N VAL I 48 -39.51 -51.77 38.18
CA VAL I 48 -39.13 -53.16 37.94
C VAL I 48 -39.13 -53.94 39.25
N TRP I 49 -38.51 -53.37 40.30
CA TRP I 49 -38.50 -54.04 41.60
C TRP I 49 -39.91 -54.14 42.18
N LYS I 50 -40.77 -53.17 41.90
CA LYS I 50 -42.14 -53.21 42.42
C LYS I 50 -42.90 -54.42 41.90
N SER I 51 -42.55 -54.91 40.71
CA SER I 51 -43.26 -56.01 40.09
C SER I 51 -42.62 -57.37 40.39
N PHE I 52 -41.53 -57.42 41.16
CA PHE I 52 -40.87 -58.68 41.46
C PHE I 52 -41.47 -59.35 42.70
N LYS I 53 -41.55 -58.62 43.81
CA LYS I 53 -42.08 -59.19 45.05
C LYS I 53 -43.56 -59.50 44.97
N GLN I 54 -44.27 -58.94 43.99
CA GLN I 54 -45.69 -59.22 43.86
C GLN I 54 -45.96 -60.59 43.25
N ASN I 55 -45.15 -61.02 42.29
CA ASN I 55 -45.40 -62.26 41.55
C ASN I 55 -44.65 -63.47 42.10
N TYR I 56 -43.56 -63.26 42.84
CA TYR I 56 -42.79 -64.35 43.44
C TYR I 56 -42.63 -64.06 44.93
N PRO I 57 -43.69 -64.26 45.71
CA PRO I 57 -43.61 -63.90 47.15
C PRO I 57 -42.72 -64.83 47.96
N GLU I 58 -42.65 -66.11 47.60
CA GLU I 58 -41.90 -67.06 48.42
C GLU I 58 -40.39 -66.91 48.23
N LEU I 59 -39.94 -66.34 47.11
CA LEU I 59 -38.51 -66.22 46.85
C LEU I 59 -37.86 -65.24 47.82
N LEU I 60 -38.57 -64.17 48.19
CA LEU I 60 -37.99 -63.16 49.07
C LEU I 60 -37.71 -63.71 50.47
N GLY I 61 -38.32 -64.84 50.84
CA GLY I 61 -38.04 -65.41 52.14
C GLY I 61 -36.60 -65.83 52.30
N ALA I 62 -36.03 -66.47 51.28
CA ALA I 62 -34.64 -66.90 51.33
C ALA I 62 -33.67 -65.74 51.10
N LEU I 63 -34.08 -64.73 50.32
CA LEU I 63 -33.20 -63.62 50.00
C LEU I 63 -33.00 -62.66 51.16
N ILE I 64 -33.82 -62.74 52.21
CA ILE I 64 -33.76 -61.81 53.33
C ILE I 64 -33.20 -62.48 54.58
N ASP I 65 -33.65 -63.68 54.90
CA ASP I 65 -33.34 -64.30 56.19
C ASP I 65 -32.26 -65.36 56.12
N LYS I 66 -32.08 -66.02 54.98
CA LYS I 66 -31.14 -67.15 54.87
C LYS I 66 -29.76 -66.69 54.41
N TYR I 67 -29.66 -66.11 53.22
CA TYR I 67 -28.38 -65.71 52.66
C TYR I 67 -27.99 -64.28 53.01
N LEU I 68 -28.88 -63.52 53.65
CA LEU I 68 -28.61 -62.15 54.08
C LEU I 68 -28.16 -61.27 52.91
N LEU I 69 -28.68 -61.53 51.71
CA LEU I 69 -28.26 -60.78 50.54
C LEU I 69 -28.90 -59.40 50.46
N VAL I 70 -30.16 -59.27 50.90
CA VAL I 70 -30.91 -58.02 50.78
C VAL I 70 -31.40 -57.60 52.16
N SER I 71 -31.23 -56.32 52.48
CA SER I 71 -31.72 -55.78 53.73
C SER I 71 -33.23 -55.58 53.68
N GLN I 72 -33.87 -55.69 54.85
CA GLN I 72 -35.31 -55.53 54.93
C GLN I 72 -35.73 -54.08 54.62
N ILE I 73 -34.91 -53.11 55.04
CA ILE I 73 -35.26 -51.71 54.88
C ILE I 73 -35.40 -51.34 53.41
N ASP I 74 -34.43 -51.77 52.59
CA ASP I 74 -34.48 -51.46 51.17
C ASP I 74 -35.68 -52.13 50.50
N SER I 75 -35.98 -53.37 50.91
CA SER I 75 -37.14 -54.06 50.35
C SER I 75 -38.43 -53.33 50.69
N ASP I 76 -38.56 -52.85 51.93
CA ASP I 76 -39.76 -52.10 52.30
C ASP I 76 -39.84 -50.76 51.58
N ASN I 77 -38.71 -50.07 51.44
CA ASN I 77 -38.67 -48.72 50.88
C ASN I 77 -38.60 -48.71 49.36
N ASN I 78 -38.43 -49.86 48.71
CA ASN I 78 -38.26 -49.97 47.26
C ASN I 78 -36.99 -49.22 46.80
N LEU I 79 -35.88 -49.55 47.46
CA LEU I 79 -34.56 -49.00 47.14
C LEU I 79 -33.54 -50.14 47.01
N VAL I 80 -33.89 -51.17 46.27
CA VAL I 80 -33.05 -52.35 46.09
C VAL I 80 -32.38 -52.27 44.72
N ASN I 81 -31.06 -52.40 44.70
CA ASN I 81 -30.29 -52.43 43.47
C ASN I 81 -30.34 -53.82 42.86
N VAL I 82 -30.45 -53.88 41.54
CA VAL I 82 -30.62 -55.16 40.85
C VAL I 82 -29.29 -55.70 40.30
N GLU I 83 -28.41 -54.82 39.81
CA GLU I 83 -27.16 -55.28 39.22
C GLU I 83 -26.29 -56.00 40.24
N LEU I 84 -26.15 -55.42 41.44
CA LEU I 84 -25.36 -56.06 42.49
C LEU I 84 -25.97 -57.40 42.90
N LEU I 85 -27.30 -57.45 43.00
CA LEU I 85 -27.98 -58.69 43.35
C LEU I 85 -27.69 -59.78 42.32
N ILE I 86 -27.78 -59.43 41.03
CA ILE I 86 -27.54 -60.40 39.97
C ILE I 86 -26.08 -60.86 40.00
N ASP I 87 -25.15 -59.94 40.22
CA ASP I 87 -23.73 -60.32 40.28
C ASP I 87 -23.46 -61.28 41.43
N GLU I 88 -24.00 -60.98 42.61
CA GLU I 88 -23.80 -61.88 43.75
C GLU I 88 -24.43 -63.23 43.50
N ALA I 89 -25.62 -63.25 42.90
CA ALA I 89 -26.27 -64.52 42.60
C ALA I 89 -25.45 -65.34 41.62
N THR I 90 -24.92 -64.70 40.58
CA THR I 90 -24.19 -65.42 39.56
C THR I 90 -22.79 -65.84 40.01
N LYS I 91 -22.26 -65.24 41.07
CA LYS I 91 -21.04 -65.79 41.64
C LYS I 91 -21.30 -66.90 42.66
N PHE I 92 -22.39 -66.80 43.43
CA PHE I 92 -22.76 -67.92 44.30
C PHE I 92 -23.08 -69.15 43.49
N LEU I 93 -23.74 -68.99 42.35
CA LEU I 93 -24.02 -70.12 41.48
C LEU I 93 -22.75 -70.80 41.02
N SER I 94 -21.76 -70.00 40.60
CA SER I 94 -20.49 -70.57 40.16
C SER I 94 -19.80 -71.32 41.28
N VAL I 95 -19.78 -70.75 42.49
CA VAL I 95 -19.12 -71.41 43.61
C VAL I 95 -19.82 -72.74 43.92
N ALA I 96 -21.15 -72.72 43.99
CA ALA I 96 -21.90 -73.93 44.31
C ALA I 96 -21.71 -75.00 43.25
N LYS I 97 -21.69 -74.60 41.98
CA LYS I 97 -21.43 -75.57 40.91
C LYS I 97 -20.02 -76.13 41.02
N THR I 98 -19.04 -75.30 41.36
CA THR I 98 -17.67 -75.77 41.50
C THR I 98 -17.54 -76.80 42.61
N ARG I 99 -18.15 -76.53 43.76
CA ARG I 99 -18.12 -77.53 44.84
C ARG I 99 -19.15 -78.64 44.63
N ARG I 100 -20.04 -78.49 43.66
CA ARG I 100 -20.98 -79.55 43.25
C ARG I 100 -21.92 -79.93 44.41
N CYS I 101 -22.73 -78.94 44.82
CA CYS I 101 -23.84 -79.15 45.73
C CYS I 101 -25.12 -78.83 44.99
N GLU I 102 -26.05 -79.78 44.93
CA GLU I 102 -27.16 -79.69 44.00
C GLU I 102 -28.24 -78.71 44.43
N ASP I 103 -28.60 -78.71 45.73
CA ASP I 103 -29.75 -77.93 46.18
C ASP I 103 -29.53 -76.44 45.98
N GLU I 104 -28.37 -75.93 46.39
CA GLU I 104 -28.07 -74.52 46.23
C GLU I 104 -28.03 -74.14 44.76
N GLU I 105 -27.47 -75.02 43.92
CA GLU I 105 -27.43 -74.75 42.49
C GLU I 105 -28.83 -74.60 41.92
N GLU I 106 -29.74 -75.51 42.28
CA GLU I 106 -31.11 -75.43 41.79
C GLU I 106 -31.79 -74.15 42.27
N GLU I 107 -31.61 -73.81 43.55
CA GLU I 107 -32.29 -72.64 44.11
C GLU I 107 -31.80 -71.36 43.45
N PHE I 108 -30.48 -71.25 43.24
CA PHE I 108 -29.95 -70.06 42.59
C PHE I 108 -30.28 -70.03 41.11
N ARG I 109 -30.40 -71.18 40.46
CA ARG I 109 -30.90 -71.21 39.08
C ARG I 109 -32.29 -70.62 39.00
N LYS I 110 -33.17 -71.01 39.94
CA LYS I 110 -34.52 -70.46 39.96
C LYS I 110 -34.49 -68.94 40.16
N ILE I 111 -33.69 -68.47 41.12
CA ILE I 111 -33.61 -67.03 41.38
C ILE I 111 -33.14 -66.28 40.14
N LEU I 112 -32.07 -66.76 39.51
CA LEU I 112 -31.50 -66.05 38.38
C LEU I 112 -32.46 -66.05 37.19
N SER I 113 -33.13 -67.18 36.94
CA SER I 113 -34.10 -67.21 35.86
C SER I 113 -35.21 -66.20 36.09
N SER I 114 -35.73 -66.14 37.33
CA SER I 114 -36.79 -65.17 37.63
C SER I 114 -36.31 -63.74 37.43
N LEU I 115 -35.11 -63.42 37.91
CA LEU I 115 -34.61 -62.06 37.80
C LEU I 115 -34.39 -61.65 36.35
N TYR I 116 -33.77 -62.53 35.55
CA TYR I 116 -33.57 -62.19 34.14
C TYR I 116 -34.89 -62.09 33.39
N LYS I 117 -35.89 -62.93 33.71
CA LYS I 117 -37.19 -62.77 33.08
C LYS I 117 -37.79 -61.41 33.40
N GLU I 118 -37.75 -61.03 34.68
CA GLU I 118 -38.34 -59.75 35.09
C GLU I 118 -37.63 -58.58 34.43
N VAL I 119 -36.30 -58.61 34.36
CA VAL I 119 -35.56 -57.50 33.76
C VAL I 119 -35.77 -57.46 32.26
N THR I 120 -35.78 -58.62 31.60
CA THR I 120 -35.89 -58.65 30.15
C THR I 120 -37.27 -58.24 29.67
N LYS I 121 -38.31 -58.47 30.48
CA LYS I 121 -39.67 -58.14 30.04
C LYS I 121 -39.84 -56.66 29.75
N ALA I 122 -39.09 -55.79 30.43
CA ALA I 122 -39.37 -54.36 30.38
C ALA I 122 -38.78 -53.68 29.15
N ALA I 123 -37.61 -54.11 28.70
CA ALA I 123 -36.81 -53.35 27.74
C ALA I 123 -37.08 -53.71 26.29
N LEU I 124 -38.28 -54.19 25.97
CA LEU I 124 -38.63 -54.44 24.57
C LEU I 124 -39.17 -53.18 23.89
N LEU I 125 -39.95 -52.39 24.64
CA LEU I 125 -40.47 -51.09 24.22
C LEU I 125 -41.57 -51.20 23.16
N THR I 126 -41.77 -52.39 22.59
CA THR I 126 -42.85 -52.57 21.63
C THR I 126 -43.56 -53.91 21.77
N GLY I 127 -43.11 -54.80 22.65
CA GLY I 127 -43.80 -56.06 22.83
C GLY I 127 -43.46 -57.03 21.72
N GLU I 128 -44.49 -57.72 21.21
CA GLU I 128 -44.29 -58.74 20.19
C GLU I 128 -43.79 -58.16 18.87
N GLN I 129 -43.96 -56.86 18.64
CA GLN I 129 -43.50 -56.21 17.41
C GLN I 129 -41.99 -55.94 17.43
N PHE I 130 -41.26 -56.57 18.34
CA PHE I 130 -39.81 -56.40 18.40
C PHE I 130 -39.10 -56.96 17.18
N ARG I 131 -39.76 -57.85 16.42
CA ARG I 131 -39.14 -58.54 15.31
C ARG I 131 -39.67 -58.07 13.96
N GLU I 132 -40.01 -56.79 13.84
CA GLU I 132 -40.49 -56.22 12.59
C GLU I 132 -39.64 -55.02 12.20
N LYS I 133 -39.66 -54.71 10.91
CA LYS I 133 -38.81 -53.68 10.33
C LYS I 133 -39.47 -52.31 10.39
N ASN I 134 -38.65 -51.27 10.30
CA ASN I 134 -39.08 -49.88 10.29
C ASN I 134 -39.87 -49.54 11.56
N GLN I 135 -39.20 -49.68 12.70
CA GLN I 135 -39.77 -49.36 14.00
C GLN I 135 -39.51 -47.92 14.43
N GLY I 136 -38.77 -47.14 13.65
CA GLY I 136 -38.52 -45.75 13.94
C GLY I 136 -39.48 -44.78 13.32
N LYS I 137 -40.46 -45.26 12.55
CA LYS I 137 -41.48 -44.41 11.95
C LYS I 137 -42.65 -44.14 12.87
N LYS I 138 -42.79 -44.89 13.97
CA LYS I 138 -43.90 -44.68 14.88
C LYS I 138 -43.76 -43.36 15.62
N ASP I 139 -44.91 -42.80 16.01
CA ASP I 139 -44.94 -41.47 16.60
C ASP I 139 -44.30 -41.40 17.97
N ALA I 140 -44.04 -42.54 18.61
CA ALA I 140 -43.46 -42.54 19.94
C ALA I 140 -41.97 -42.24 19.94
N PHE I 141 -41.31 -42.25 18.78
CA PHE I 141 -39.87 -42.02 18.70
C PHE I 141 -39.55 -40.68 18.04
N LYS I 142 -40.45 -39.70 18.14
CA LYS I 142 -40.24 -38.43 17.46
C LYS I 142 -39.23 -37.55 18.17
N TYR I 143 -39.16 -37.62 19.50
CA TYR I 143 -38.30 -36.70 20.24
C TYR I 143 -36.82 -37.02 20.03
N HIS I 144 -36.47 -38.31 19.95
CA HIS I 144 -35.09 -38.69 19.73
C HIS I 144 -34.58 -38.19 18.39
N LYS I 145 -35.44 -38.21 17.37
CA LYS I 145 -35.06 -37.69 16.07
C LYS I 145 -34.73 -36.20 16.16
N GLU I 146 -35.56 -35.45 16.89
CA GLU I 146 -35.28 -34.04 17.08
C GLU I 146 -33.97 -33.81 17.83
N LEU I 147 -33.70 -34.63 18.86
CA LEU I 147 -32.45 -34.50 19.60
C LEU I 147 -31.25 -34.69 18.69
N ILE I 148 -31.28 -35.76 17.90
CA ILE I 148 -30.16 -36.04 17.00
C ILE I 148 -30.00 -34.94 15.97
N SER I 149 -31.12 -34.46 15.41
CA SER I 149 -31.05 -33.39 14.42
C SER I 149 -30.49 -32.11 15.01
N LYS I 150 -30.91 -31.77 16.23
CA LYS I 150 -30.42 -30.56 16.88
C LYS I 150 -28.92 -30.65 17.17
N LEU I 151 -28.44 -31.82 17.59
CA LEU I 151 -27.02 -31.95 17.85
C LEU I 151 -26.21 -31.87 16.56
N ILE I 152 -26.64 -32.59 15.51
CA ILE I 152 -25.84 -32.66 14.29
C ILE I 152 -25.86 -31.33 13.53
N SER I 153 -27.04 -30.73 13.40
CA SER I 153 -27.22 -29.58 12.52
C SER I 153 -26.81 -28.26 13.16
N ASN I 154 -25.98 -28.29 14.21
CA ASN I 154 -25.55 -27.06 14.87
C ASN I 154 -24.03 -26.99 15.03
N ARG I 155 -23.28 -27.69 14.17
CA ARG I 155 -21.84 -27.73 14.25
C ARG I 155 -21.22 -27.06 13.04
N GLN I 156 -20.20 -26.24 13.27
CA GLN I 156 -19.49 -25.57 12.19
C GLN I 156 -18.74 -26.58 11.34
N PRO I 157 -18.48 -26.26 10.07
CA PRO I 157 -17.59 -27.11 9.27
C PRO I 157 -16.21 -27.16 9.89
N GLY I 158 -15.58 -28.33 9.77
CA GLY I 158 -14.31 -28.54 10.44
C GLY I 158 -14.43 -28.58 11.95
N GLN I 159 -15.45 -29.27 12.47
CA GLN I 159 -15.65 -29.38 13.91
C GLN I 159 -15.90 -30.85 14.27
N SER I 160 -15.64 -31.16 15.54
CA SER I 160 -15.76 -32.53 16.02
C SER I 160 -17.21 -33.00 16.03
N ALA I 161 -17.39 -34.30 15.80
CA ALA I 161 -18.70 -34.91 15.85
C ALA I 161 -19.19 -35.01 17.30
N PRO I 162 -20.50 -35.00 17.52
CA PRO I 162 -21.03 -35.11 18.89
C PRO I 162 -20.87 -36.52 19.42
N ALA I 163 -20.96 -36.63 20.74
CA ALA I 163 -20.83 -37.90 21.44
C ALA I 163 -22.04 -38.13 22.34
N ILE I 164 -22.44 -39.40 22.45
CA ILE I 164 -23.58 -39.79 23.26
C ILE I 164 -23.15 -40.93 24.19
N PHE I 165 -23.39 -40.76 25.48
CA PHE I 165 -23.15 -41.78 26.49
C PHE I 165 -24.47 -42.20 27.10
N THR I 166 -24.66 -43.50 27.26
CA THR I 166 -25.94 -44.04 27.72
C THR I 166 -25.69 -45.04 28.85
N THR I 167 -26.79 -45.43 29.50
CA THR I 167 -26.76 -46.46 30.52
C THR I 167 -27.79 -47.53 30.20
N ASN I 168 -28.92 -47.13 29.64
CA ASN I 168 -29.97 -48.07 29.28
C ASN I 168 -29.53 -48.93 28.10
N TYR I 169 -30.22 -50.06 27.93
CA TYR I 169 -29.87 -51.07 26.94
C TYR I 169 -31.03 -51.38 26.01
N ASP I 170 -31.67 -50.34 25.50
CA ASP I 170 -32.73 -50.47 24.52
C ASP I 170 -32.23 -50.04 23.15
N LEU I 171 -33.02 -50.35 22.12
CA LEU I 171 -32.69 -50.00 20.74
C LEU I 171 -33.35 -48.70 20.29
N ALA I 172 -33.66 -47.80 21.22
CA ALA I 172 -34.34 -46.57 20.85
C ALA I 172 -33.47 -45.66 20.00
N LEU I 173 -32.19 -45.54 20.35
CA LEU I 173 -31.29 -44.64 19.65
C LEU I 173 -30.77 -45.22 18.34
N GLU I 174 -31.03 -46.49 18.05
CA GLU I 174 -30.69 -47.08 16.76
C GLU I 174 -31.87 -47.10 15.80
N TRP I 175 -33.08 -47.35 16.29
CA TRP I 175 -34.25 -47.36 15.43
C TRP I 175 -34.54 -46.00 14.82
N ALA I 176 -34.09 -44.92 15.46
CA ALA I 176 -34.34 -43.57 14.96
C ALA I 176 -33.29 -43.12 13.95
N ALA I 177 -32.02 -43.41 14.23
CA ALA I 177 -30.95 -42.97 13.35
C ALA I 177 -31.07 -43.60 11.96
N GLU I 178 -31.48 -44.86 11.90
CA GLU I 178 -31.69 -45.49 10.59
C GLU I 178 -32.77 -44.76 9.80
N ASP I 179 -33.83 -44.34 10.48
CA ASP I 179 -34.87 -43.56 9.81
C ASP I 179 -34.33 -42.21 9.34
N LEU I 180 -33.51 -41.55 10.16
CA LEU I 180 -32.95 -40.26 9.76
C LEU I 180 -32.02 -40.41 8.56
N GLY I 181 -31.14 -41.41 8.58
CA GLY I 181 -30.16 -41.58 7.53
C GLY I 181 -28.76 -41.18 7.94
N ILE I 182 -28.38 -41.50 9.17
CA ILE I 182 -27.03 -41.23 9.66
C ILE I 182 -26.42 -42.54 10.16
N GLN I 183 -25.10 -42.54 10.31
CA GLN I 183 -24.35 -43.71 10.74
C GLN I 183 -23.84 -43.50 12.16
N LEU I 184 -24.09 -44.48 13.02
CA LEU I 184 -23.55 -44.50 14.37
C LEU I 184 -22.49 -45.58 14.49
N PHE I 185 -21.34 -45.21 15.04
CA PHE I 185 -20.21 -46.12 15.18
C PHE I 185 -20.17 -46.65 16.60
N ASN I 186 -20.29 -47.97 16.75
CA ASN I 186 -20.24 -48.61 18.05
C ASN I 186 -19.06 -49.58 18.17
N GLY I 187 -18.05 -49.43 17.31
CA GLY I 187 -16.84 -50.22 17.41
C GLY I 187 -16.91 -51.60 16.80
N PHE I 188 -18.05 -51.99 16.21
CA PHE I 188 -18.21 -53.30 15.61
C PHE I 188 -18.08 -53.19 14.09
N SER I 189 -17.63 -54.29 13.48
CA SER I 189 -17.46 -54.33 12.03
C SER I 189 -17.73 -55.74 11.55
N GLY I 190 -18.16 -55.84 10.30
CA GLY I 190 -18.52 -57.11 9.69
C GLY I 190 -20.02 -57.34 9.73
N LEU I 191 -20.48 -58.19 8.79
CA LEU I 191 -21.90 -58.48 8.66
C LEU I 191 -22.23 -59.93 8.99
N HIS I 192 -21.61 -60.89 8.31
CA HIS I 192 -21.87 -62.30 8.62
C HIS I 192 -21.20 -62.73 9.92
N THR I 193 -20.11 -62.06 10.30
CA THR I 193 -19.49 -62.29 11.61
C THR I 193 -18.99 -60.94 12.11
N ARG I 194 -19.78 -60.29 12.96
CA ARG I 194 -19.50 -58.95 13.45
C ARG I 194 -18.77 -59.05 14.77
N GLN I 195 -17.63 -58.36 14.88
CA GLN I 195 -16.73 -58.52 16.01
C GLN I 195 -16.37 -57.14 16.57
N PHE I 196 -15.58 -57.15 17.64
CA PHE I 196 -15.23 -55.95 18.39
C PHE I 196 -13.74 -55.67 18.26
N TYR I 197 -13.42 -54.42 17.92
CA TYR I 197 -12.04 -53.96 17.90
C TYR I 197 -11.97 -52.63 18.64
N PRO I 198 -11.00 -52.45 19.54
CA PRO I 198 -10.95 -51.21 20.33
C PRO I 198 -10.66 -49.96 19.52
N GLN I 199 -10.16 -50.09 18.29
CA GLN I 199 -9.71 -48.94 17.51
C GLN I 199 -10.66 -48.60 16.37
N ASN I 200 -11.93 -48.99 16.48
CA ASN I 200 -12.93 -48.53 15.53
C ASN I 200 -13.65 -47.27 15.97
N PHE I 201 -13.24 -46.67 17.08
CA PHE I 201 -13.77 -45.38 17.52
C PHE I 201 -12.88 -44.22 17.08
N ASP I 202 -12.25 -44.34 15.91
CA ASP I 202 -11.36 -43.30 15.42
C ASP I 202 -11.50 -43.07 13.91
N LEU I 203 -12.61 -43.47 13.30
CA LEU I 203 -12.81 -43.36 11.87
C LEU I 203 -13.85 -42.30 11.52
N ALA I 204 -13.85 -41.89 10.26
CA ALA I 204 -14.76 -40.87 9.76
C ALA I 204 -14.84 -40.88 8.25
N PHE I 205 -16.06 -40.84 7.70
CA PHE I 205 -16.24 -40.84 6.25
C PHE I 205 -15.69 -39.58 5.60
N ARG I 206 -15.20 -39.75 4.37
CA ARG I 206 -14.79 -38.63 3.53
C ARG I 206 -15.08 -39.01 2.08
N ASN I 207 -15.57 -38.05 1.30
CA ASN I 207 -15.95 -38.29 -0.08
C ASN I 207 -14.71 -38.36 -0.96
N VAL I 208 -14.64 -39.39 -1.81
CA VAL I 208 -13.53 -39.55 -2.73
C VAL I 208 -13.84 -39.03 -4.13
N ASN I 209 -15.12 -38.96 -4.51
CA ASN I 209 -15.54 -38.41 -5.80
C ASN I 209 -16.36 -37.17 -5.51
N ALA I 210 -15.68 -36.02 -5.42
CA ALA I 210 -16.34 -34.76 -5.14
C ALA I 210 -16.85 -34.10 -6.43
N HIS I 218 -25.75 -40.13 6.62
CA HIS I 218 -24.39 -40.08 6.08
C HIS I 218 -23.38 -39.64 7.12
N TYR I 219 -23.80 -38.72 7.99
CA TYR I 219 -22.91 -38.21 9.02
C TYR I 219 -22.67 -39.27 10.10
N HIS I 220 -21.90 -38.89 11.11
CA HIS I 220 -21.47 -39.84 12.12
C HIS I 220 -21.60 -39.23 13.52
N ALA I 221 -21.96 -40.06 14.47
CA ALA I 221 -22.07 -39.65 15.88
C ALA I 221 -21.81 -40.88 16.72
N TYR I 222 -20.71 -40.87 17.46
CA TYR I 222 -20.29 -42.06 18.21
C TYR I 222 -21.27 -42.34 19.33
N LEU I 223 -21.64 -43.62 19.47
CA LEU I 223 -22.58 -44.07 20.50
C LEU I 223 -21.84 -45.01 21.44
N TYR I 224 -21.91 -44.70 22.73
CA TYR I 224 -21.27 -45.50 23.77
C TYR I 224 -22.33 -46.15 24.65
N LYS I 225 -22.24 -47.46 24.82
CA LYS I 225 -23.11 -48.20 25.72
C LYS I 225 -22.26 -48.72 26.87
N LEU I 226 -22.43 -48.13 28.05
CA LEU I 226 -21.61 -48.46 29.20
C LEU I 226 -22.11 -49.66 29.97
N HIS I 227 -23.26 -50.23 29.61
CA HIS I 227 -23.79 -51.37 30.34
C HIS I 227 -24.36 -52.44 29.41
N GLY I 228 -23.89 -52.48 28.17
CA GLY I 228 -24.27 -53.54 27.26
C GLY I 228 -25.54 -53.25 26.49
N SER I 229 -26.07 -54.31 25.89
CA SER I 229 -27.26 -54.24 25.06
C SER I 229 -27.91 -55.61 25.01
N LEU I 230 -29.08 -55.66 24.37
CA LEU I 230 -29.85 -56.89 24.27
C LEU I 230 -29.45 -57.75 23.09
N THR I 231 -28.51 -57.31 22.26
CA THR I 231 -28.09 -58.06 21.09
C THR I 231 -26.59 -58.34 21.12
N TRP I 232 -26.00 -58.42 22.31
CA TRP I 232 -24.61 -58.79 22.49
C TRP I 232 -24.56 -60.08 23.31
N TYR I 233 -23.73 -61.03 22.88
CA TYR I 233 -23.59 -62.28 23.62
C TYR I 233 -22.26 -62.93 23.27
N GLN I 234 -21.87 -63.89 24.10
CA GLN I 234 -20.66 -64.69 23.91
C GLN I 234 -21.11 -66.13 23.66
N ASN I 235 -20.87 -66.61 22.44
CA ASN I 235 -21.36 -67.93 22.02
C ASN I 235 -20.32 -69.03 22.23
N ASP I 236 -19.74 -69.07 23.42
CA ASP I 236 -18.81 -70.13 23.82
C ASP I 236 -17.60 -70.22 22.90
N SER I 237 -17.43 -69.25 22.00
CA SER I 237 -16.27 -69.17 21.12
C SER I 237 -15.22 -68.21 21.64
N LEU I 238 -15.36 -67.74 22.88
CA LEU I 238 -14.44 -66.78 23.49
C LEU I 238 -14.39 -65.48 22.68
N THR I 239 -15.52 -65.13 22.06
CA THR I 239 -15.66 -63.92 21.28
C THR I 239 -17.03 -63.30 21.55
N VAL I 240 -17.22 -62.09 21.04
CA VAL I 240 -18.47 -61.35 21.21
C VAL I 240 -19.08 -61.08 19.84
N ASN I 241 -20.39 -61.27 19.73
CA ASN I 241 -21.10 -61.11 18.48
C ASN I 241 -22.25 -60.14 18.65
N GLU I 242 -22.49 -59.33 17.62
CA GLU I 242 -23.65 -58.44 17.55
C GLU I 242 -24.57 -58.95 16.45
N VAL I 243 -25.83 -59.20 16.80
CA VAL I 243 -26.80 -59.76 15.87
C VAL I 243 -28.00 -58.82 15.77
N SER I 244 -28.77 -59.01 14.71
CA SER I 244 -29.99 -58.23 14.52
C SER I 244 -31.06 -58.69 15.52
N ALA I 245 -32.10 -57.85 15.66
CA ALA I 245 -33.14 -58.11 16.65
C ALA I 245 -33.91 -59.39 16.33
N SER I 246 -34.19 -59.64 15.05
CA SER I 246 -34.94 -60.83 14.67
C SER I 246 -34.19 -62.10 15.06
N GLN I 247 -32.88 -62.13 14.79
CA GLN I 247 -32.09 -63.32 15.12
C GLN I 247 -32.03 -63.52 16.63
N ALA I 248 -31.88 -62.43 17.39
CA ALA I 248 -31.83 -62.55 18.85
C ALA I 248 -33.15 -63.07 19.40
N TYR I 249 -34.27 -62.57 18.87
CA TYR I 249 -35.57 -63.06 19.30
C TYR I 249 -35.76 -64.53 18.95
N ASP I 250 -35.29 -64.94 17.77
CA ASP I 250 -35.38 -66.34 17.40
C ASP I 250 -34.52 -67.21 18.32
N GLU I 251 -33.36 -66.71 18.73
CA GLU I 251 -32.39 -67.53 19.44
C GLU I 251 -32.72 -67.64 20.93
N TYR I 252 -32.72 -66.52 21.66
CA TYR I 252 -32.77 -66.66 23.11
C TYR I 252 -33.82 -65.80 23.80
N ILE I 253 -34.20 -64.67 23.20
CA ILE I 253 -35.14 -63.75 23.86
C ILE I 253 -36.49 -64.42 24.06
N ASN I 254 -36.99 -65.10 23.02
CA ASN I 254 -38.28 -65.78 23.13
C ASN I 254 -38.24 -66.88 24.19
N ASP I 255 -37.15 -67.65 24.22
CA ASP I 255 -37.04 -68.71 25.23
C ASP I 255 -37.01 -68.13 26.64
N ILE I 256 -36.30 -67.02 26.84
CA ILE I 256 -36.25 -66.39 28.16
C ILE I 256 -37.64 -65.90 28.56
N ILE I 257 -38.33 -65.23 27.64
CA ILE I 257 -39.59 -64.57 27.99
C ILE I 257 -40.71 -65.59 28.20
N ASN I 258 -40.85 -66.54 27.28
CA ASN I 258 -42.02 -67.42 27.27
C ASN I 258 -41.81 -68.71 28.04
N LYS I 259 -40.68 -69.39 27.84
CA LYS I 259 -40.47 -70.69 28.47
C LYS I 259 -40.35 -70.53 29.99
N ASP I 260 -40.82 -71.56 30.70
CA ASP I 260 -40.86 -71.51 32.15
C ASP I 260 -39.46 -71.52 32.75
N ASP I 261 -38.60 -72.42 32.29
CA ASP I 261 -37.28 -72.58 32.89
C ASP I 261 -36.28 -72.93 31.80
N PHE I 262 -35.38 -71.98 31.49
CA PHE I 262 -34.29 -72.23 30.55
C PHE I 262 -33.18 -71.24 30.88
N TYR I 263 -32.16 -71.71 31.57
CA TYR I 263 -31.00 -70.90 31.95
C TYR I 263 -29.74 -71.52 31.38
N ARG I 264 -28.92 -70.70 30.71
CA ARG I 264 -27.67 -71.18 30.14
C ARG I 264 -26.49 -70.90 31.06
N GLY I 265 -26.34 -69.64 31.47
CA GLY I 265 -25.29 -69.27 32.40
C GLY I 265 -24.58 -67.98 32.06
N GLN I 266 -23.25 -68.01 32.07
CA GLN I 266 -22.45 -66.82 31.76
C GLN I 266 -22.46 -66.55 30.26
N HIS I 267 -23.62 -66.15 29.74
CA HIS I 267 -23.85 -66.00 28.31
C HIS I 267 -24.20 -64.58 27.90
N LEU I 268 -25.12 -63.93 28.62
CA LEU I 268 -25.71 -62.67 28.19
C LEU I 268 -24.93 -61.50 28.77
N ILE I 269 -24.44 -60.62 27.91
CA ILE I 269 -23.70 -59.43 28.37
C ILE I 269 -24.73 -58.32 28.52
N TYR I 270 -25.46 -58.36 29.63
CA TYR I 270 -26.34 -57.32 30.16
C TYR I 270 -26.97 -57.84 31.45
N PRO I 271 -27.42 -56.98 32.37
CA PRO I 271 -27.47 -55.53 32.34
C PRO I 271 -26.31 -54.88 33.08
N GLY I 272 -25.08 -55.31 32.85
CA GLY I 272 -23.93 -54.72 33.51
C GLY I 272 -23.23 -55.62 34.50
N ALA I 273 -23.50 -56.92 34.50
CA ALA I 273 -22.87 -57.85 35.39
C ALA I 273 -21.82 -58.67 34.64
N ASN I 274 -21.32 -59.73 35.29
CA ASN I 274 -20.38 -60.68 34.68
C ASN I 274 -19.07 -60.01 34.26
N LYS I 275 -18.67 -58.96 34.98
CA LYS I 275 -17.39 -58.32 34.69
C LYS I 275 -16.19 -59.17 35.10
N TYR I 276 -16.41 -60.22 35.89
CA TYR I 276 -15.29 -61.05 36.33
C TYR I 276 -14.69 -61.85 35.19
N SER I 277 -15.48 -62.17 34.17
CA SER I 277 -14.96 -62.92 33.03
C SER I 277 -13.98 -62.06 32.24
N HIS I 278 -12.92 -62.70 31.75
CA HIS I 278 -11.90 -61.96 31.00
C HIS I 278 -12.40 -61.51 29.65
N THR I 279 -13.27 -62.29 29.01
CA THR I 279 -13.80 -61.90 27.71
C THR I 279 -14.81 -60.76 27.84
N ILE I 280 -15.53 -60.68 28.95
CA ILE I 280 -16.56 -59.67 29.13
C ILE I 280 -16.00 -58.38 29.71
N GLY I 281 -15.00 -58.47 30.58
CA GLY I 281 -14.45 -57.27 31.20
C GLY I 281 -13.78 -56.32 30.22
N PHE I 282 -13.33 -56.84 29.08
CA PHE I 282 -12.62 -56.03 28.10
C PHE I 282 -13.51 -54.91 27.56
N VAL I 283 -14.71 -55.26 27.11
CA VAL I 283 -15.58 -54.27 26.48
C VAL I 283 -16.05 -53.23 27.50
N TYR I 284 -16.47 -53.69 28.68
CA TYR I 284 -16.91 -52.76 29.71
C TYR I 284 -15.77 -51.82 30.12
N GLY I 285 -14.58 -52.37 30.33
CA GLY I 285 -13.45 -51.53 30.70
C GLY I 285 -13.09 -50.52 29.63
N GLU I 286 -13.11 -50.95 28.36
CA GLU I 286 -12.79 -50.02 27.28
C GLU I 286 -13.82 -48.91 27.17
N MET I 287 -15.11 -49.24 27.29
CA MET I 287 -16.14 -48.21 27.23
C MET I 287 -16.01 -47.21 28.38
N PHE I 288 -15.83 -47.73 29.59
CA PHE I 288 -15.69 -46.83 30.74
C PHE I 288 -14.44 -45.96 30.60
N ARG I 289 -13.33 -46.55 30.19
CA ARG I 289 -12.09 -45.79 30.04
C ARG I 289 -12.23 -44.70 28.99
N ARG I 290 -12.87 -45.02 27.85
CA ARG I 290 -13.07 -44.01 26.81
C ARG I 290 -14.02 -42.91 27.27
N PHE I 291 -15.04 -43.25 28.06
CA PHE I 291 -15.83 -42.21 28.70
C PHE I 291 -14.99 -41.37 29.65
N GLY I 292 -13.90 -41.95 30.16
CA GLY I 292 -13.06 -41.23 31.12
C GLY I 292 -12.45 -39.96 30.55
N GLU I 293 -11.87 -40.03 29.36
CA GLU I 293 -11.09 -38.89 28.87
C GLU I 293 -11.94 -37.87 28.10
N PHE I 294 -13.22 -38.17 27.84
CA PHE I 294 -14.03 -37.19 27.12
C PHE I 294 -14.24 -35.92 27.95
N ILE I 295 -14.31 -36.05 29.26
CA ILE I 295 -14.50 -34.90 30.14
C ILE I 295 -13.16 -34.34 30.61
N SER I 296 -12.07 -34.75 29.98
CA SER I 296 -10.75 -34.23 30.31
C SER I 296 -10.19 -33.26 29.27
N LYS I 297 -10.71 -33.29 28.04
CA LYS I 297 -10.22 -32.39 27.02
C LYS I 297 -10.67 -30.96 27.33
N PRO I 298 -9.88 -29.96 26.93
CA PRO I 298 -10.28 -28.56 27.13
C PRO I 298 -11.49 -28.19 26.28
N GLN I 299 -12.21 -27.16 26.73
CA GLN I 299 -13.38 -26.64 26.05
C GLN I 299 -14.47 -27.70 25.93
N THR I 300 -14.96 -28.15 27.09
CA THR I 300 -15.85 -29.30 27.18
C THR I 300 -17.20 -28.86 27.74
N ALA I 301 -18.27 -29.31 27.07
CA ALA I 301 -19.63 -29.09 27.53
C ALA I 301 -20.35 -30.43 27.60
N LEU I 302 -21.12 -30.63 28.67
CA LEU I 302 -21.81 -31.90 28.89
C LEU I 302 -23.21 -31.62 29.39
N PHE I 303 -24.13 -32.52 29.05
CA PHE I 303 -25.51 -32.47 29.50
C PHE I 303 -25.86 -33.79 30.19
N ILE I 304 -26.52 -33.71 31.33
CA ILE I 304 -26.89 -34.89 32.12
C ILE I 304 -28.41 -34.90 32.26
N ASN I 305 -29.00 -36.06 31.99
CA ASN I 305 -30.44 -36.20 32.01
C ASN I 305 -30.83 -37.61 32.40
N GLY I 306 -31.79 -37.73 33.32
CA GLY I 306 -32.37 -39.02 33.64
C GLY I 306 -31.52 -39.95 34.48
N PHE I 307 -30.45 -39.46 35.07
CA PHE I 307 -29.55 -40.29 35.88
C PHE I 307 -29.80 -40.02 37.36
N GLY I 308 -29.97 -41.09 38.12
CA GLY I 308 -30.26 -41.01 39.54
C GLY I 308 -29.08 -40.85 40.46
N PHE I 309 -27.86 -40.80 39.92
CA PHE I 309 -26.64 -40.59 40.70
C PHE I 309 -26.48 -41.64 41.79
N GLY I 310 -26.73 -42.90 41.43
CA GLY I 310 -26.53 -44.02 42.32
C GLY I 310 -25.25 -44.79 42.13
N ASP I 311 -24.32 -44.29 41.30
CA ASP I 311 -23.07 -44.98 41.00
C ASP I 311 -21.90 -44.17 41.54
N TYR I 312 -21.01 -44.83 42.29
CA TYR I 312 -19.86 -44.16 42.85
C TYR I 312 -18.87 -43.74 41.77
N HIS I 313 -18.67 -44.60 40.76
CA HIS I 313 -17.59 -44.39 39.80
C HIS I 313 -17.85 -43.15 38.95
N ILE I 314 -19.06 -43.05 38.37
CA ILE I 314 -19.37 -41.91 37.52
C ILE I 314 -19.40 -40.63 38.33
N ASN I 315 -19.92 -40.69 39.57
CA ASN I 315 -19.91 -39.51 40.43
C ASN I 315 -18.49 -39.03 40.68
N ARG I 316 -17.58 -39.95 40.99
CA ARG I 316 -16.19 -39.57 41.21
C ARG I 316 -15.58 -38.97 39.96
N ILE I 317 -15.80 -39.60 38.81
CA ILE I 317 -15.19 -39.14 37.57
C ILE I 317 -15.69 -37.75 37.21
N ILE I 318 -16.99 -37.50 37.36
CA ILE I 318 -17.54 -36.18 37.03
C ILE I 318 -17.06 -35.13 38.02
N LEU I 319 -17.12 -35.44 39.32
CA LEU I 319 -16.80 -34.44 40.34
C LEU I 319 -15.33 -34.07 40.33
N GLY I 320 -14.45 -35.01 40.03
CA GLY I 320 -13.03 -34.69 40.02
C GLY I 320 -12.56 -33.90 38.81
N ALA I 321 -13.40 -33.72 37.81
CA ALA I 321 -13.01 -33.04 36.58
C ALA I 321 -13.33 -31.55 36.58
N LEU I 322 -13.89 -31.02 37.68
CA LEU I 322 -14.18 -29.60 37.75
C LEU I 322 -12.96 -28.76 38.08
N LEU I 323 -11.83 -29.38 38.40
CA LEU I 323 -10.60 -28.63 38.63
C LEU I 323 -10.13 -27.94 37.36
N ASN I 324 -10.36 -28.57 36.20
CA ASN I 324 -10.07 -27.93 34.94
C ASN I 324 -10.97 -26.70 34.78
N PRO I 325 -10.42 -25.51 34.50
CA PRO I 325 -11.25 -24.30 34.50
C PRO I 325 -12.05 -24.09 33.22
N SER I 326 -12.23 -25.15 32.44
CA SER I 326 -12.99 -25.07 31.20
C SER I 326 -13.91 -26.28 31.06
N PHE I 327 -14.63 -26.61 32.13
CA PHE I 327 -15.54 -27.75 32.14
C PHE I 327 -16.87 -27.32 32.73
N HIS I 328 -17.91 -27.29 31.89
CA HIS I 328 -19.24 -26.85 32.29
C HIS I 328 -20.21 -28.02 32.22
N VAL I 329 -21.08 -28.13 33.22
CA VAL I 329 -22.00 -29.25 33.37
C VAL I 329 -23.39 -28.72 33.72
N VAL I 330 -24.41 -29.36 33.15
CA VAL I 330 -25.81 -29.03 33.40
C VAL I 330 -26.53 -30.30 33.82
N ILE I 331 -27.28 -30.23 34.93
CA ILE I 331 -27.89 -31.39 35.54
C ILE I 331 -29.40 -31.17 35.68
N TYR I 332 -30.18 -32.20 35.35
CA TYR I 332 -31.62 -32.20 35.52
C TYR I 332 -31.98 -33.14 36.67
N TYR I 333 -32.77 -32.65 37.61
CA TYR I 333 -33.16 -33.50 38.74
C TYR I 333 -34.53 -33.08 39.26
N PRO I 334 -35.58 -33.84 38.94
CA PRO I 334 -36.95 -33.38 39.23
C PRO I 334 -37.36 -33.44 40.69
N GLU I 335 -36.54 -33.96 41.59
CA GLU I 335 -36.94 -34.07 42.98
C GLU I 335 -36.02 -33.28 43.90
N LEU I 336 -35.75 -32.02 43.54
CA LEU I 336 -34.81 -31.20 44.29
C LEU I 336 -35.37 -30.80 45.65
N LYS I 337 -36.65 -30.43 45.71
CA LYS I 337 -37.21 -29.85 46.94
C LYS I 337 -37.24 -30.87 48.07
N GLU I 338 -37.72 -32.09 47.78
CA GLU I 338 -37.78 -33.12 48.80
C GLU I 338 -36.38 -33.48 49.29
N ALA I 339 -35.41 -33.56 48.38
CA ALA I 339 -34.05 -33.84 48.77
C ALA I 339 -33.49 -32.74 49.67
N ILE I 340 -33.77 -31.48 49.33
CA ILE I 340 -33.29 -30.36 50.13
C ILE I 340 -33.88 -30.44 51.54
N THR I 341 -35.19 -30.68 51.63
CA THR I 341 -35.83 -30.76 52.94
C THR I 341 -35.27 -31.92 53.76
N LYS I 342 -35.09 -33.09 53.13
CA LYS I 342 -34.58 -34.25 53.85
C LYS I 342 -33.14 -34.02 54.33
N VAL I 343 -32.31 -33.40 53.48
CA VAL I 343 -30.94 -33.11 53.88
C VAL I 343 -30.91 -32.11 55.03
N SER I 344 -31.77 -31.09 54.97
CA SER I 344 -31.83 -30.12 56.06
C SER I 344 -32.28 -30.78 57.35
N LYS I 345 -33.22 -31.72 57.28
CA LYS I 345 -33.67 -32.41 58.48
C LYS I 345 -32.59 -33.32 59.06
N GLY I 346 -31.59 -33.68 58.27
CA GLY I 346 -30.52 -34.53 58.77
C GLY I 346 -30.66 -36.00 58.41
N GLY I 347 -30.95 -36.28 57.16
CA GLY I 347 -31.07 -37.67 56.73
C GLY I 347 -31.18 -37.76 55.22
N GLY I 348 -31.24 -38.99 54.74
CA GLY I 348 -31.33 -39.27 53.32
C GLY I 348 -30.27 -40.26 52.86
N SER I 349 -30.40 -40.64 51.59
CA SER I 349 -29.46 -41.57 50.99
C SER I 349 -28.25 -40.82 50.44
N GLU I 350 -27.28 -41.59 49.93
CA GLU I 350 -26.03 -41.00 49.44
C GLU I 350 -26.27 -40.14 48.21
N ALA I 351 -27.20 -40.55 47.35
CA ALA I 351 -27.47 -39.79 46.13
C ALA I 351 -28.01 -38.40 46.45
N GLU I 352 -28.90 -38.30 47.44
CA GLU I 352 -29.47 -37.01 47.80
C GLU I 352 -28.39 -36.06 48.32
N LYS I 353 -27.53 -36.56 49.21
CA LYS I 353 -26.45 -35.73 49.73
C LYS I 353 -25.48 -35.35 48.63
N ALA I 354 -25.19 -36.27 47.72
CA ALA I 354 -24.28 -35.97 46.62
C ALA I 354 -24.83 -34.87 45.72
N ILE I 355 -26.13 -34.93 45.40
CA ILE I 355 -26.69 -33.91 44.54
C ILE I 355 -26.84 -32.58 45.27
N VAL I 356 -27.13 -32.62 46.59
CA VAL I 356 -27.29 -31.39 47.34
C VAL I 356 -25.96 -30.67 47.52
N THR I 357 -24.91 -31.41 47.87
CA THR I 357 -23.62 -30.78 48.19
C THR I 357 -23.01 -30.10 46.98
N LEU I 358 -23.42 -30.45 45.77
CA LEU I 358 -22.97 -29.76 44.57
C LEU I 358 -23.73 -28.45 44.33
N LYS I 359 -24.86 -28.25 44.99
CA LYS I 359 -25.69 -27.07 44.79
C LYS I 359 -25.31 -25.90 45.68
N ASN I 360 -24.80 -26.17 46.88
CA ASN I 360 -24.52 -25.15 47.87
C ASN I 360 -23.06 -24.70 47.86
N MET I 361 -22.40 -24.73 46.70
CA MET I 361 -21.04 -24.24 46.55
C MET I 361 -21.01 -23.05 45.61
N ALA I 362 -20.21 -22.04 45.96
CA ALA I 362 -20.08 -20.85 45.14
C ALA I 362 -19.29 -21.17 43.88
N PHE I 363 -19.89 -21.93 42.96
CA PHE I 363 -19.21 -22.43 41.78
C PHE I 363 -20.08 -22.12 40.58
N ASN I 364 -19.49 -21.49 39.56
CA ASN I 364 -20.24 -20.97 38.44
C ASN I 364 -20.31 -21.92 37.24
N GLN I 365 -19.73 -23.13 37.36
CA GLN I 365 -19.73 -24.07 36.25
C GLN I 365 -20.77 -25.16 36.39
N VAL I 366 -21.53 -25.19 37.49
CA VAL I 366 -22.56 -26.19 37.71
C VAL I 366 -23.92 -25.49 37.73
N THR I 367 -24.87 -26.04 36.98
CA THR I 367 -26.23 -25.54 36.93
C THR I 367 -27.19 -26.69 37.18
N VAL I 368 -28.16 -26.46 38.05
CA VAL I 368 -29.11 -27.49 38.46
C VAL I 368 -30.52 -27.03 38.10
N VAL I 369 -31.28 -27.90 37.45
CA VAL I 369 -32.67 -27.63 37.10
C VAL I 369 -33.54 -28.61 37.88
N GLY I 370 -34.44 -28.06 38.70
CA GLY I 370 -35.26 -28.88 39.58
C GLY I 370 -36.73 -28.53 39.49
N GLY I 371 -37.23 -28.30 38.28
CA GLY I 371 -38.58 -27.82 38.09
C GLY I 371 -39.68 -28.78 38.45
N GLY I 372 -39.34 -29.91 39.08
CA GLY I 372 -40.34 -30.84 39.56
C GLY I 372 -40.96 -31.68 38.46
N SER I 373 -41.58 -31.01 37.49
CA SER I 373 -42.16 -31.70 36.34
C SER I 373 -41.67 -31.15 35.01
N LYS I 374 -41.01 -29.99 34.99
CA LYS I 374 -40.44 -29.44 33.76
C LYS I 374 -39.05 -30.00 33.48
N ALA I 375 -38.55 -30.91 34.32
CA ALA I 375 -37.25 -31.55 34.12
C ALA I 375 -37.36 -32.89 33.41
N TYR I 376 -38.51 -33.18 32.80
CA TYR I 376 -38.72 -34.42 32.08
C TYR I 376 -37.90 -34.43 30.79
N PHE I 377 -37.87 -35.60 30.15
CA PHE I 377 -37.10 -35.74 28.92
C PHE I 377 -37.68 -34.90 27.78
N ASN I 378 -39.02 -34.81 27.72
CA ASN I 378 -39.64 -34.08 26.63
C ASN I 378 -39.29 -32.59 26.67
N SER I 379 -39.20 -32.02 27.86
CA SER I 379 -38.88 -30.60 27.96
C SER I 379 -37.41 -30.33 27.65
N PHE I 380 -36.55 -31.34 27.77
CA PHE I 380 -35.12 -31.13 27.54
C PHE I 380 -34.84 -30.74 26.10
N VAL I 381 -35.51 -31.37 25.15
CA VAL I 381 -35.23 -31.11 23.74
C VAL I 381 -35.57 -29.67 23.36
N GLU I 382 -36.57 -29.09 24.02
CA GLU I 382 -37.01 -27.74 23.67
C GLU I 382 -35.93 -26.70 23.95
N HIS I 383 -35.30 -26.77 25.12
CA HIS I 383 -34.30 -25.78 25.49
C HIS I 383 -33.03 -25.87 24.66
N LEU I 384 -32.84 -26.94 23.91
CA LEU I 384 -31.71 -27.01 22.99
C LEU I 384 -31.89 -25.97 21.89
N PRO I 385 -30.82 -25.29 21.47
CA PRO I 385 -30.97 -24.23 20.48
C PRO I 385 -31.56 -24.76 19.18
N TYR I 386 -32.35 -23.90 18.53
CA TYR I 386 -33.13 -24.25 17.36
C TYR I 386 -32.52 -23.66 16.11
N PRO I 387 -32.45 -24.43 15.03
CA PRO I 387 -31.88 -23.91 13.78
C PRO I 387 -32.75 -22.81 13.18
N VAL I 388 -32.11 -21.89 12.49
CA VAL I 388 -32.82 -20.79 11.85
C VAL I 388 -32.90 -21.02 10.35
N ASN I 394 -44.14 -33.46 5.39
CA ASN I 394 -44.43 -33.94 4.04
C ASN I 394 -44.19 -32.85 3.01
N ILE I 395 -43.10 -32.11 3.18
CA ILE I 395 -42.75 -31.05 2.22
C ILE I 395 -42.42 -31.66 0.86
N VAL I 396 -41.60 -32.71 0.84
CA VAL I 396 -41.23 -33.40 -0.39
C VAL I 396 -41.61 -34.87 -0.36
N ASP I 397 -42.35 -35.31 0.65
CA ASP I 397 -42.77 -36.71 0.71
C ASP I 397 -43.71 -37.06 -0.44
N GLU I 398 -44.52 -36.09 -0.88
CA GLU I 398 -45.51 -36.36 -1.92
C GLU I 398 -44.89 -36.76 -3.25
N LEU I 399 -43.63 -36.43 -3.48
CA LEU I 399 -42.94 -36.96 -4.66
C LEU I 399 -42.74 -38.47 -4.54
N VAL I 400 -42.32 -38.94 -3.36
CA VAL I 400 -42.21 -40.37 -3.12
C VAL I 400 -43.59 -41.03 -3.18
N GLU I 401 -44.61 -40.37 -2.66
CA GLU I 401 -45.97 -40.89 -2.75
C GLU I 401 -46.41 -40.98 -4.20
N ALA I 402 -46.10 -39.96 -5.00
CA ALA I 402 -46.45 -39.99 -6.42
C ALA I 402 -45.73 -41.13 -7.14
N ILE I 403 -44.46 -41.35 -6.82
CA ILE I 403 -43.74 -42.47 -7.42
C ILE I 403 -44.36 -43.80 -7.02
N ALA I 404 -44.71 -43.95 -5.74
CA ALA I 404 -45.25 -45.21 -5.26
C ALA I 404 -46.66 -45.46 -5.80
N ASN I 405 -47.38 -44.40 -6.17
CA ASN I 405 -48.73 -44.59 -6.70
C ASN I 405 -48.70 -45.36 -8.02
N LEU I 406 -47.73 -45.06 -8.88
CA LEU I 406 -47.66 -45.74 -10.16
C LEU I 406 -47.22 -47.19 -9.97
N SER I 407 -47.87 -48.09 -10.73
CA SER I 407 -47.60 -49.53 -10.66
C SER I 407 -47.73 -50.07 -9.23
N SER J 2 15.18 -71.82 12.31
CA SER J 2 13.73 -71.72 12.52
C SER J 2 13.29 -70.26 12.56
N ILE J 3 13.37 -69.58 11.41
CA ILE J 3 12.97 -68.19 11.29
C ILE J 3 11.96 -68.10 10.15
N TYR J 4 10.83 -67.43 10.41
CA TYR J 4 9.77 -67.29 9.44
C TYR J 4 9.37 -65.83 9.30
N GLN J 5 8.88 -65.47 8.10
CA GLN J 5 8.43 -64.12 7.82
C GLN J 5 7.33 -64.23 6.77
N GLY J 6 6.08 -64.17 7.22
CA GLY J 6 4.95 -64.25 6.30
C GLY J 6 4.65 -65.63 5.78
N GLY J 7 5.29 -66.67 6.31
CA GLY J 7 5.09 -68.05 5.88
C GLY J 7 6.32 -68.67 5.24
N ASN J 8 7.18 -67.85 4.63
CA ASN J 8 8.39 -68.34 3.99
C ASN J 8 9.49 -68.47 5.05
N LYS J 9 10.70 -68.83 4.62
CA LYS J 9 11.83 -69.02 5.53
C LYS J 9 12.89 -67.97 5.24
N LEU J 10 13.55 -67.51 6.31
CA LEU J 10 14.52 -66.44 6.21
C LEU J 10 15.86 -66.86 6.80
N ASN J 11 16.93 -66.51 6.11
CA ASN J 11 18.29 -66.79 6.57
C ASN J 11 18.76 -65.69 7.53
N GLU J 12 19.88 -65.96 8.20
CA GLU J 12 20.43 -65.01 9.16
C GLU J 12 20.96 -63.74 8.51
N ASP J 13 21.52 -63.85 7.31
CA ASP J 13 22.15 -62.70 6.67
C ASP J 13 21.14 -61.60 6.39
N ASP J 14 19.95 -61.96 5.88
CA ASP J 14 18.90 -60.97 5.67
C ASP J 14 18.25 -60.54 6.98
N PHE J 15 18.23 -61.44 7.98
CA PHE J 15 17.66 -61.08 9.28
C PHE J 15 18.46 -59.95 9.93
N ARG J 16 19.79 -60.02 9.85
CA ARG J 16 20.62 -58.95 10.40
C ARG J 16 20.33 -57.61 9.73
N SER J 17 20.20 -57.61 8.40
CA SER J 17 19.92 -56.37 7.70
C SER J 17 18.54 -55.83 8.07
N HIS J 18 17.55 -56.71 8.20
CA HIS J 18 16.22 -56.27 8.59
C HIS J 18 16.23 -55.66 9.99
N VAL J 19 16.91 -56.30 10.93
CA VAL J 19 16.99 -55.77 12.29
C VAL J 19 17.71 -54.43 12.30
N TYR J 20 18.79 -54.30 11.53
CA TYR J 20 19.51 -53.04 11.46
C TYR J 20 18.63 -51.93 10.89
N SER J 21 17.85 -52.25 9.87
CA SER J 21 16.99 -51.24 9.25
C SER J 21 15.78 -50.89 10.09
N LEU J 22 15.36 -51.77 11.00
CA LEU J 22 14.22 -51.46 11.86
C LEU J 22 14.55 -50.48 12.98
N CYS J 23 15.84 -50.19 13.23
CA CYS J 23 16.23 -49.33 14.33
C CYS J 23 16.40 -47.87 13.93
N GLN J 24 16.13 -47.51 12.67
CA GLN J 24 16.27 -46.15 12.19
C GLN J 24 14.93 -45.45 12.02
N LEU J 25 13.87 -45.98 12.61
CA LEU J 25 12.53 -45.40 12.49
C LEU J 25 12.33 -44.34 13.56
N ASP J 26 11.10 -43.88 13.72
CA ASP J 26 10.76 -42.83 14.68
C ASP J 26 10.29 -43.36 16.01
N ASN J 27 9.68 -44.55 16.05
CA ASN J 27 9.16 -45.12 17.29
C ASN J 27 9.76 -46.50 17.48
N VAL J 28 10.42 -46.71 18.62
CA VAL J 28 11.06 -47.98 18.95
C VAL J 28 10.76 -48.30 20.42
N GLY J 29 10.52 -49.58 20.69
CA GLY J 29 10.23 -50.00 22.05
C GLY J 29 10.43 -51.49 22.21
N VAL J 30 10.45 -51.92 23.47
CA VAL J 30 10.65 -53.31 23.83
C VAL J 30 9.59 -53.73 24.85
N LEU J 31 9.27 -55.02 24.87
CA LEU J 31 8.40 -55.61 25.88
C LEU J 31 9.07 -56.86 26.43
N LEU J 32 9.14 -56.96 27.76
CA LEU J 32 9.82 -58.05 28.44
C LEU J 32 8.82 -58.87 29.26
N GLY J 33 9.36 -59.84 29.99
CA GLY J 33 8.56 -60.71 30.84
C GLY J 33 9.38 -61.33 31.95
N ALA J 34 8.92 -62.46 32.48
CA ALA J 34 9.66 -63.13 33.54
C ALA J 34 10.85 -63.93 33.04
N GLY J 35 10.99 -64.10 31.73
CA GLY J 35 12.11 -64.84 31.18
C GLY J 35 13.34 -63.99 30.95
N ALA J 36 13.17 -62.67 30.97
CA ALA J 36 14.29 -61.77 30.74
C ALA J 36 15.18 -61.61 31.96
N SER J 37 14.72 -62.04 33.13
CA SER J 37 15.48 -61.92 34.37
C SER J 37 15.89 -63.27 34.94
N VAL J 38 15.70 -64.36 34.19
CA VAL J 38 16.14 -65.67 34.68
C VAL J 38 17.66 -65.72 34.76
N GLY J 39 18.36 -65.05 33.84
CA GLY J 39 19.80 -65.02 33.87
C GLY J 39 20.41 -64.16 34.96
N CYS J 40 19.57 -63.45 35.73
CA CYS J 40 20.04 -62.64 36.85
C CYS J 40 19.77 -63.27 38.20
N GLY J 41 19.01 -64.37 38.26
CA GLY J 41 18.70 -65.00 39.53
C GLY J 41 17.22 -65.08 39.81
N GLY J 42 16.40 -64.86 38.77
CA GLY J 42 14.96 -64.87 38.93
C GLY J 42 14.37 -66.26 38.88
N LYS J 43 13.06 -66.31 39.08
CA LYS J 43 12.30 -67.55 39.04
C LYS J 43 11.13 -67.40 38.08
N THR J 44 10.77 -68.49 37.41
CA THR J 44 9.58 -68.54 36.58
C THR J 44 8.43 -69.15 37.39
N MET J 45 7.22 -69.04 36.84
CA MET J 45 6.02 -69.47 37.55
C MET J 45 6.07 -70.95 37.93
N LYS J 46 6.67 -71.79 37.08
CA LYS J 46 6.78 -73.20 37.42
C LYS J 46 7.63 -73.40 38.67
N ASP J 47 8.67 -72.58 38.84
CA ASP J 47 9.52 -72.69 40.02
C ASP J 47 8.74 -72.37 41.29
N VAL J 48 7.91 -71.33 41.26
CA VAL J 48 7.13 -71.00 42.46
C VAL J 48 6.06 -72.06 42.70
N TRP J 49 5.52 -72.68 41.64
CA TRP J 49 4.61 -73.79 41.85
C TRP J 49 5.30 -74.95 42.54
N LYS J 50 6.52 -75.29 42.10
CA LYS J 50 7.27 -76.36 42.75
C LYS J 50 7.55 -76.03 44.20
N SER J 51 7.97 -74.79 44.48
CA SER J 51 8.29 -74.38 45.84
C SER J 51 7.05 -74.45 46.73
N PHE J 52 5.89 -74.03 46.22
CA PHE J 52 4.68 -74.09 47.02
C PHE J 52 4.24 -75.54 47.26
N LYS J 53 4.33 -76.38 46.23
CA LYS J 53 3.92 -77.78 46.41
C LYS J 53 4.84 -78.51 47.38
N GLN J 54 6.09 -78.07 47.49
CA GLN J 54 7.01 -78.72 48.43
C GLN J 54 6.86 -78.17 49.84
N ASN J 55 6.73 -76.85 49.98
CA ASN J 55 6.82 -76.20 51.28
C ASN J 55 5.60 -76.43 52.16
N TYR J 56 4.41 -76.61 51.59
CA TYR J 56 3.17 -76.73 52.35
C TYR J 56 2.43 -78.00 51.93
N PRO J 57 2.83 -79.15 52.47
CA PRO J 57 2.13 -80.40 52.15
C PRO J 57 0.82 -80.55 52.88
N GLU J 58 0.74 -80.02 54.11
CA GLU J 58 -0.46 -80.22 54.93
C GLU J 58 -1.65 -79.42 54.41
N LEU J 59 -1.42 -78.23 53.83
CA LEU J 59 -2.51 -77.44 53.29
C LEU J 59 -3.01 -77.97 51.97
N LEU J 60 -2.15 -78.66 51.20
CA LEU J 60 -2.55 -79.16 49.90
C LEU J 60 -3.63 -80.23 50.02
N GLY J 61 -3.72 -80.90 51.17
CA GLY J 61 -4.77 -81.88 51.38
C GLY J 61 -6.15 -81.27 51.39
N ALA J 62 -6.30 -80.07 51.97
CA ALA J 62 -7.58 -79.40 52.03
C ALA J 62 -8.00 -78.75 50.71
N LEU J 63 -7.09 -78.64 49.74
CA LEU J 63 -7.41 -78.00 48.47
C LEU J 63 -7.90 -78.98 47.42
N ILE J 64 -7.92 -80.28 47.71
CA ILE J 64 -8.37 -81.27 46.74
C ILE J 64 -9.52 -82.12 47.25
N ASP J 65 -9.75 -82.23 48.57
CA ASP J 65 -10.79 -83.09 49.10
C ASP J 65 -12.06 -82.31 49.45
N LYS J 66 -11.94 -81.31 50.32
CA LYS J 66 -13.12 -80.55 50.77
C LYS J 66 -13.56 -79.51 49.76
N TYR J 67 -12.62 -78.84 49.09
CA TYR J 67 -12.94 -77.72 48.22
C TYR J 67 -12.71 -78.00 46.74
N LEU J 68 -11.71 -78.82 46.41
CA LEU J 68 -11.46 -79.26 45.04
C LEU J 68 -11.20 -78.08 44.10
N LEU J 69 -10.12 -77.34 44.39
CA LEU J 69 -9.69 -76.26 43.52
C LEU J 69 -8.60 -76.68 42.53
N VAL J 70 -7.76 -77.64 42.91
CA VAL J 70 -6.67 -78.11 42.07
C VAL J 70 -6.73 -79.63 41.97
N SER J 71 -6.54 -80.15 40.76
CA SER J 71 -6.62 -81.59 40.53
C SER J 71 -5.33 -82.25 40.99
N GLN J 72 -5.20 -83.56 40.72
CA GLN J 72 -4.05 -84.34 41.14
C GLN J 72 -3.11 -84.69 39.99
N ILE J 73 -3.66 -85.15 38.86
CA ILE J 73 -2.82 -85.48 37.71
C ILE J 73 -2.11 -84.24 37.19
N ASP J 74 -2.85 -83.14 37.05
CA ASP J 74 -2.24 -81.90 36.56
C ASP J 74 -1.28 -81.30 37.57
N SER J 75 -1.57 -81.47 38.87
CA SER J 75 -0.62 -81.03 39.89
C SER J 75 0.69 -81.80 39.81
N ASP J 76 0.60 -83.12 39.64
CA ASP J 76 1.81 -83.93 39.52
C ASP J 76 2.58 -83.57 38.27
N ASN J 77 1.88 -83.38 37.14
CA ASN J 77 2.54 -82.94 35.92
C ASN J 77 2.99 -81.49 35.98
N ASN J 78 2.56 -80.74 36.99
CA ASN J 78 3.01 -79.36 37.22
C ASN J 78 2.66 -78.45 36.04
N LEU J 79 1.36 -78.38 35.75
CA LEU J 79 0.82 -77.52 34.70
C LEU J 79 -0.37 -76.73 35.22
N VAL J 80 -0.20 -76.08 36.38
CA VAL J 80 -1.26 -75.35 37.04
C VAL J 80 -0.94 -73.86 36.96
N ASN J 81 -1.91 -73.08 36.48
CA ASN J 81 -1.77 -71.63 36.40
C ASN J 81 -2.22 -71.03 37.73
N VAL J 82 -1.36 -70.20 38.34
CA VAL J 82 -1.60 -69.73 39.69
C VAL J 82 -2.54 -68.52 39.75
N GLU J 83 -2.62 -67.72 38.68
CA GLU J 83 -3.50 -66.55 38.69
C GLU J 83 -4.95 -66.97 38.83
N LEU J 84 -5.37 -68.00 38.10
CA LEU J 84 -6.73 -68.50 38.21
C LEU J 84 -7.00 -69.03 39.61
N LEU J 85 -6.03 -69.71 40.22
CA LEU J 85 -6.21 -70.20 41.59
C LEU J 85 -6.39 -69.04 42.55
N ILE J 86 -5.61 -67.96 42.39
CA ILE J 86 -5.77 -66.80 43.26
C ILE J 86 -7.15 -66.18 43.10
N ASP J 87 -7.61 -66.04 41.86
CA ASP J 87 -8.93 -65.46 41.62
C ASP J 87 -10.03 -66.32 42.23
N GLU J 88 -9.92 -67.64 42.08
CA GLU J 88 -10.93 -68.54 42.63
C GLU J 88 -10.93 -68.49 44.16
N ALA J 89 -9.74 -68.41 44.77
CA ALA J 89 -9.68 -68.26 46.23
C ALA J 89 -10.32 -66.96 46.67
N THR J 90 -10.11 -65.88 45.91
CA THR J 90 -10.75 -64.61 46.24
C THR J 90 -12.26 -64.72 46.17
N LYS J 91 -12.78 -65.40 45.14
CA LYS J 91 -14.23 -65.57 45.02
C LYS J 91 -14.78 -66.40 46.17
N PHE J 92 -14.08 -67.48 46.54
CA PHE J 92 -14.51 -68.28 47.68
C PHE J 92 -14.53 -67.46 48.96
N LEU J 93 -13.52 -66.62 49.17
CA LEU J 93 -13.47 -65.78 50.36
C LEU J 93 -14.61 -64.76 50.37
N SER J 94 -14.91 -64.18 49.21
CA SER J 94 -16.02 -63.24 49.14
C SER J 94 -17.34 -63.92 49.47
N VAL J 95 -17.54 -65.13 48.95
CA VAL J 95 -18.77 -65.87 49.26
C VAL J 95 -18.84 -66.17 50.75
N ALA J 96 -17.73 -66.61 51.35
CA ALA J 96 -17.73 -66.94 52.77
C ALA J 96 -18.01 -65.71 53.62
N LYS J 97 -17.43 -64.56 53.27
CA LYS J 97 -17.69 -63.34 54.03
C LYS J 97 -19.14 -62.91 53.90
N THR J 98 -19.71 -63.03 52.69
CA THR J 98 -21.12 -62.66 52.50
C THR J 98 -22.04 -63.56 53.33
N ARG J 99 -21.77 -64.87 53.34
CA ARG J 99 -22.60 -65.79 54.10
C ARG J 99 -22.31 -65.75 55.60
N ARG J 100 -21.20 -65.12 56.01
CA ARG J 100 -20.80 -65.00 57.42
C ARG J 100 -20.66 -66.38 58.09
N CYS J 101 -19.71 -67.15 57.58
CA CYS J 101 -19.26 -68.38 58.22
C CYS J 101 -17.82 -68.20 58.65
N GLU J 102 -17.54 -68.47 59.93
CA GLU J 102 -16.23 -68.15 60.49
C GLU J 102 -15.16 -69.16 60.04
N ASP J 103 -15.54 -70.43 59.90
CA ASP J 103 -14.54 -71.47 59.64
C ASP J 103 -13.92 -71.33 58.26
N GLU J 104 -14.73 -71.08 57.23
CA GLU J 104 -14.20 -70.97 55.88
C GLU J 104 -13.29 -69.77 55.73
N GLU J 105 -13.67 -68.63 56.31
CA GLU J 105 -12.83 -67.44 56.22
C GLU J 105 -11.50 -67.64 56.95
N GLU J 106 -11.53 -68.35 58.09
CA GLU J 106 -10.29 -68.64 58.81
C GLU J 106 -9.34 -69.47 57.96
N GLU J 107 -9.87 -70.47 57.26
CA GLU J 107 -9.01 -71.37 56.49
C GLU J 107 -8.39 -70.64 55.30
N PHE J 108 -9.17 -69.83 54.59
CA PHE J 108 -8.66 -69.18 53.39
C PHE J 108 -7.72 -68.02 53.67
N ARG J 109 -7.65 -67.55 54.91
CA ARG J 109 -6.61 -66.57 55.25
C ARG J 109 -5.26 -67.24 55.37
N LYS J 110 -5.23 -68.52 55.72
CA LYS J 110 -3.97 -69.25 55.79
C LYS J 110 -3.36 -69.46 54.40
N ILE J 111 -4.19 -69.87 53.43
CA ILE J 111 -3.67 -70.19 52.10
C ILE J 111 -3.33 -68.92 51.33
N LEU J 112 -4.18 -67.89 51.43
CA LEU J 112 -3.96 -66.67 50.66
C LEU J 112 -2.69 -65.96 51.11
N SER J 113 -2.45 -65.89 52.42
CA SER J 113 -1.20 -65.32 52.90
C SER J 113 -0.01 -66.17 52.51
N SER J 114 -0.21 -67.48 52.35
CA SER J 114 0.88 -68.36 51.94
C SER J 114 1.23 -68.17 50.47
N LEU J 115 0.25 -67.85 49.62
CA LEU J 115 0.52 -67.72 48.19
C LEU J 115 1.42 -66.53 47.90
N TYR J 116 1.08 -65.35 48.43
CA TYR J 116 1.88 -64.15 48.14
C TYR J 116 3.28 -64.25 48.70
N LYS J 117 3.45 -64.90 49.86
CA LYS J 117 4.77 -64.96 50.48
C LYS J 117 5.77 -65.73 49.61
N GLU J 118 5.29 -66.50 48.65
CA GLU J 118 6.17 -67.17 47.69
C GLU J 118 6.38 -66.38 46.42
N VAL J 119 5.38 -65.60 45.98
CA VAL J 119 5.56 -64.76 44.80
C VAL J 119 6.53 -63.62 45.07
N THR J 120 6.48 -63.03 46.26
CA THR J 120 7.36 -61.91 46.58
C THR J 120 8.82 -62.33 46.67
N LYS J 121 9.10 -63.55 47.15
CA LYS J 121 10.48 -64.00 47.28
C LYS J 121 11.17 -64.18 45.93
N ALA J 122 10.40 -64.40 44.86
CA ALA J 122 11.01 -64.51 43.54
C ALA J 122 11.44 -63.15 43.01
N ALA J 123 10.80 -62.08 43.46
CA ALA J 123 11.13 -60.75 42.96
C ALA J 123 12.55 -60.33 43.34
N LEU J 124 12.96 -60.63 44.56
CA LEU J 124 14.31 -60.29 45.01
C LEU J 124 15.32 -61.12 44.23
N LEU J 125 16.07 -60.47 43.34
CA LEU J 125 17.02 -61.16 42.49
C LEU J 125 18.35 -61.45 43.19
N THR J 126 18.55 -60.92 44.39
CA THR J 126 19.84 -61.10 45.06
C THR J 126 19.67 -61.62 46.49
N GLY J 127 18.46 -61.64 47.03
CA GLY J 127 18.25 -62.22 48.34
C GLY J 127 18.44 -61.19 49.44
N GLU J 128 19.28 -61.53 50.43
CA GLU J 128 19.53 -60.65 51.56
C GLU J 128 20.23 -59.35 51.17
N GLN J 129 20.83 -59.28 49.99
CA GLN J 129 21.49 -58.07 49.53
C GLN J 129 20.53 -57.05 48.95
N PHE J 130 19.22 -57.23 49.15
CA PHE J 130 18.24 -56.23 48.74
C PHE J 130 18.36 -54.93 49.51
N ARG J 131 19.07 -54.94 50.64
CA ARG J 131 19.21 -53.79 51.52
C ARG J 131 20.41 -52.91 51.18
N GLU J 132 21.30 -53.35 50.30
CA GLU J 132 22.57 -52.68 50.09
C GLU J 132 22.53 -51.77 48.86
N LYS J 133 23.59 -51.00 48.70
CA LYS J 133 23.76 -50.07 47.58
C LYS J 133 24.65 -50.68 46.50
N ASN J 134 24.74 -49.98 45.38
CA ASN J 134 25.67 -50.32 44.30
C ASN J 134 25.48 -51.75 43.82
N GLN J 135 24.23 -52.16 43.66
CA GLN J 135 23.92 -53.51 43.22
C GLN J 135 23.95 -53.67 41.71
N GLY J 136 24.19 -52.60 40.96
CA GLY J 136 24.34 -52.67 39.53
C GLY J 136 25.75 -52.89 39.04
N LYS J 137 26.71 -53.08 39.94
CA LYS J 137 28.09 -53.34 39.59
C LYS J 137 28.39 -54.82 39.39
N LYS J 138 27.43 -55.70 39.67
CA LYS J 138 27.66 -57.14 39.63
C LYS J 138 27.58 -57.66 38.20
N ASP J 139 27.97 -58.92 38.03
CA ASP J 139 28.14 -59.51 36.70
C ASP J 139 26.82 -59.87 36.04
N ALA J 140 25.79 -60.20 36.82
CA ALA J 140 24.52 -60.62 36.23
C ALA J 140 23.84 -59.52 35.44
N PHE J 141 24.22 -58.27 35.67
CA PHE J 141 23.61 -57.11 35.01
C PHE J 141 24.48 -56.55 33.89
N LYS J 142 25.31 -57.40 33.27
CA LYS J 142 26.17 -56.93 32.18
C LYS J 142 25.38 -56.70 30.90
N TYR J 143 24.40 -57.57 30.60
CA TYR J 143 23.64 -57.44 29.38
C TYR J 143 22.62 -56.31 29.41
N HIS J 144 22.14 -55.93 30.58
CA HIS J 144 21.15 -54.85 30.66
C HIS J 144 21.78 -53.51 30.30
N LYS J 145 23.01 -53.26 30.76
CA LYS J 145 23.72 -52.05 30.35
C LYS J 145 23.91 -52.02 28.85
N GLU J 146 24.27 -53.16 28.25
CA GLU J 146 24.45 -53.24 26.81
C GLU J 146 23.14 -52.96 26.08
N LEU J 147 22.03 -53.51 26.59
CA LEU J 147 20.74 -53.28 25.96
C LEU J 147 20.37 -51.81 25.98
N ILE J 148 20.54 -51.15 27.14
CA ILE J 148 20.18 -49.74 27.25
C ILE J 148 21.06 -48.89 26.35
N SER J 149 22.38 -49.17 26.33
CA SER J 149 23.29 -48.41 25.51
C SER J 149 22.97 -48.58 24.02
N LYS J 150 22.69 -49.81 23.61
CA LYS J 150 22.36 -50.06 22.21
C LYS J 150 21.07 -49.34 21.81
N LEU J 151 20.07 -49.35 22.69
CA LEU J 151 18.81 -48.68 22.38
C LEU J 151 18.99 -47.18 22.26
N ILE J 152 19.73 -46.58 23.20
CA ILE J 152 19.81 -45.12 23.24
C ILE J 152 20.76 -44.57 22.16
N SER J 153 21.92 -45.21 21.99
CA SER J 153 22.98 -44.60 21.19
C SER J 153 22.63 -44.51 19.70
N ASN J 154 21.59 -45.19 19.25
CA ASN J 154 21.25 -45.25 17.84
C ASN J 154 20.34 -44.11 17.39
N ARG J 155 19.96 -43.21 18.28
CA ARG J 155 19.00 -42.16 17.92
C ARG J 155 19.71 -41.00 17.22
N GLN J 156 18.90 -40.12 16.64
CA GLN J 156 19.35 -38.93 15.93
C GLN J 156 18.68 -37.69 16.51
N PRO J 157 19.30 -36.52 16.39
CA PRO J 157 18.69 -35.30 16.91
C PRO J 157 17.34 -35.03 16.24
N GLY J 158 16.40 -34.53 17.03
CA GLY J 158 15.07 -34.29 16.53
C GLY J 158 14.18 -35.52 16.47
N GLN J 159 14.50 -36.56 17.24
CA GLN J 159 13.75 -37.80 17.24
C GLN J 159 13.34 -38.14 18.66
N SER J 160 12.26 -38.91 18.79
CA SER J 160 11.72 -39.25 20.09
C SER J 160 12.64 -40.24 20.80
N ALA J 161 12.27 -40.57 22.03
CA ALA J 161 13.07 -41.41 22.91
C ALA J 161 12.52 -42.83 22.95
N PRO J 162 13.35 -43.81 23.28
CA PRO J 162 12.86 -45.19 23.40
C PRO J 162 11.97 -45.36 24.62
N ALA J 163 11.12 -46.39 24.55
CA ALA J 163 10.20 -46.71 25.61
C ALA J 163 10.39 -48.16 26.05
N ILE J 164 10.09 -48.43 27.32
CA ILE J 164 10.27 -49.75 27.91
C ILE J 164 8.98 -50.15 28.60
N PHE J 165 8.43 -51.31 28.22
CA PHE J 165 7.28 -51.90 28.88
C PHE J 165 7.69 -53.23 29.49
N THR J 166 7.41 -53.40 30.79
CA THR J 166 7.75 -54.63 31.49
C THR J 166 6.60 -55.03 32.40
N THR J 167 6.47 -56.35 32.61
CA THR J 167 5.49 -56.90 33.52
C THR J 167 6.13 -57.43 34.80
N ASN J 168 7.36 -57.03 35.10
CA ASN J 168 8.12 -57.56 36.21
C ASN J 168 7.99 -56.67 37.45
N TYR J 169 8.42 -57.23 38.59
CA TYR J 169 8.51 -56.49 39.85
C TYR J 169 9.93 -56.25 40.31
N ASP J 170 10.92 -56.87 39.67
CA ASP J 170 12.30 -56.73 40.11
C ASP J 170 12.89 -55.40 39.63
N LEU J 171 13.93 -54.96 40.32
CA LEU J 171 14.65 -53.74 39.96
C LEU J 171 15.83 -54.06 39.04
N ALA J 172 15.56 -54.80 37.96
CA ALA J 172 16.63 -55.24 37.07
C ALA J 172 17.06 -54.17 36.08
N LEU J 173 16.25 -53.12 35.90
CA LEU J 173 16.56 -52.05 34.96
C LEU J 173 16.98 -50.76 35.62
N GLU J 174 16.36 -50.42 36.75
CA GLU J 174 16.73 -49.21 37.47
C GLU J 174 18.19 -49.26 37.92
N TRP J 175 18.62 -50.40 38.45
CA TRP J 175 19.99 -50.53 38.92
C TRP J 175 21.00 -50.37 37.78
N ALA J 176 20.73 -51.00 36.64
CA ALA J 176 21.63 -50.88 35.50
C ALA J 176 21.67 -49.44 34.99
N ALA J 177 20.50 -48.81 34.86
CA ALA J 177 20.47 -47.44 34.37
C ALA J 177 21.17 -46.48 35.33
N GLU J 178 21.03 -46.69 36.64
CA GLU J 178 21.69 -45.84 37.62
C GLU J 178 23.18 -46.06 37.66
N ASP J 179 23.65 -47.29 37.46
CA ASP J 179 25.08 -47.52 37.33
C ASP J 179 25.63 -46.84 36.09
N LEU J 180 24.92 -46.96 34.97
CA LEU J 180 25.35 -46.25 33.76
C LEU J 180 25.32 -44.74 33.96
N GLY J 181 24.29 -44.23 34.62
CA GLY J 181 24.19 -42.81 34.87
C GLY J 181 23.19 -42.08 34.01
N ILE J 182 22.16 -42.79 33.54
CA ILE J 182 21.08 -42.18 32.79
C ILE J 182 19.86 -42.11 33.70
N GLN J 183 18.90 -41.28 33.30
CA GLN J 183 17.69 -41.06 34.08
C GLN J 183 16.48 -41.57 33.32
N LEU J 184 15.57 -42.21 34.06
CA LEU J 184 14.33 -42.73 33.50
C LEU J 184 13.15 -42.03 34.14
N PHE J 185 12.16 -41.70 33.32
CA PHE J 185 10.97 -40.98 33.79
C PHE J 185 9.95 -41.99 34.31
N ASN J 186 10.15 -42.38 35.57
CA ASN J 186 9.23 -43.31 36.22
C ASN J 186 7.85 -42.69 36.44
N GLY J 187 7.75 -41.37 36.45
CA GLY J 187 6.49 -40.69 36.65
C GLY J 187 6.34 -40.03 38.00
N PHE J 188 7.17 -40.39 38.98
CA PHE J 188 7.06 -39.86 40.32
C PHE J 188 7.95 -38.63 40.48
N SER J 189 7.56 -37.73 41.38
CA SER J 189 8.30 -36.50 41.62
C SER J 189 8.52 -36.31 43.11
N GLY J 190 9.65 -35.73 43.45
CA GLY J 190 10.01 -35.45 44.83
C GLY J 190 11.07 -36.40 45.36
N LEU J 191 11.59 -36.05 46.53
CA LEU J 191 12.49 -36.93 47.27
C LEU J 191 11.93 -37.34 48.63
N HIS J 192 11.54 -36.38 49.46
CA HIS J 192 10.97 -36.68 50.76
C HIS J 192 9.48 -37.03 50.69
N THR J 193 8.87 -36.87 49.53
CA THR J 193 7.50 -37.31 49.30
C THR J 193 7.35 -37.67 47.83
N ARG J 194 6.59 -38.72 47.56
CA ARG J 194 6.35 -39.19 46.20
C ARG J 194 4.86 -39.40 45.97
N GLN J 195 4.40 -38.99 44.79
CA GLN J 195 3.03 -39.24 44.36
C GLN J 195 3.05 -39.57 42.87
N PHE J 196 1.89 -39.93 42.34
CA PHE J 196 1.74 -40.28 40.93
C PHE J 196 0.94 -39.19 40.24
N TYR J 197 1.61 -38.45 39.36
CA TYR J 197 0.96 -37.44 38.54
C TYR J 197 0.92 -37.95 37.11
N PRO J 198 -0.25 -38.09 36.48
CA PRO J 198 -0.28 -38.55 35.09
C PRO J 198 0.42 -37.61 34.12
N GLN J 199 0.71 -36.39 34.51
CA GLN J 199 1.30 -35.39 33.61
C GLN J 199 2.82 -35.41 33.61
N ASN J 200 3.46 -36.33 34.30
CA ASN J 200 4.92 -36.47 34.22
C ASN J 200 5.35 -37.31 33.02
N PHE J 201 4.41 -37.82 32.24
CA PHE J 201 4.71 -38.61 31.05
C PHE J 201 4.77 -37.77 29.79
N ASP J 202 4.72 -36.45 29.92
CA ASP J 202 4.77 -35.52 28.80
C ASP J 202 5.86 -34.47 29.01
N LEU J 203 7.03 -34.93 29.43
CA LEU J 203 8.17 -34.06 29.71
C LEU J 203 9.38 -34.52 28.92
N ALA J 204 10.41 -33.67 28.90
CA ALA J 204 11.67 -33.98 28.21
C ALA J 204 12.77 -33.12 28.83
N PHE J 205 13.93 -33.12 28.20
CA PHE J 205 15.08 -32.33 28.63
C PHE J 205 15.51 -31.39 27.52
N ARG J 206 16.16 -30.29 27.94
CA ARG J 206 16.68 -29.31 27.00
C ARG J 206 17.87 -28.62 27.64
N ASN J 207 18.94 -28.45 26.86
CA ASN J 207 20.12 -27.72 27.32
C ASN J 207 19.92 -26.22 27.08
N VAL J 208 20.63 -25.41 27.86
CA VAL J 208 20.43 -23.96 27.80
C VAL J 208 20.85 -23.41 26.44
N ASN J 209 22.00 -23.85 25.94
CA ASN J 209 22.51 -23.37 24.65
C ASN J 209 22.11 -24.32 23.55
N ALA J 210 21.34 -23.84 22.58
CA ALA J 210 20.89 -24.66 21.46
C ALA J 210 20.54 -23.79 20.25
N HIS J 218 20.23 -35.70 24.49
CA HIS J 218 20.76 -36.17 25.77
C HIS J 218 20.43 -37.65 25.97
N TYR J 219 20.76 -38.18 27.15
CA TYR J 219 20.57 -39.59 27.47
C TYR J 219 19.48 -39.72 28.51
N HIS J 220 18.29 -40.17 28.07
CA HIS J 220 17.18 -40.44 28.96
C HIS J 220 16.20 -41.36 28.26
N ALA J 221 15.30 -41.96 29.03
CA ALA J 221 14.32 -42.88 28.49
C ALA J 221 13.11 -42.94 29.43
N TYR J 222 12.08 -43.63 28.98
CA TYR J 222 10.85 -43.80 29.75
C TYR J 222 10.69 -45.26 30.17
N LEU J 223 9.97 -45.47 31.27
CA LEU J 223 9.76 -46.80 31.80
C LEU J 223 8.30 -46.97 32.22
N TYR J 224 7.74 -48.14 31.92
CA TYR J 224 6.37 -48.50 32.30
C TYR J 224 6.39 -49.82 33.06
N LYS J 225 5.42 -50.00 33.95
CA LYS J 225 5.27 -51.22 34.74
C LYS J 225 3.79 -51.57 34.83
N LEU J 226 3.37 -52.63 34.13
CA LEU J 226 1.97 -52.97 34.03
C LEU J 226 1.46 -53.80 35.20
N HIS J 227 2.32 -54.19 36.15
CA HIS J 227 1.88 -54.99 37.29
C HIS J 227 2.29 -54.36 38.62
N GLY J 228 2.83 -53.15 38.59
CA GLY J 228 3.23 -52.48 39.81
C GLY J 228 4.59 -52.94 40.30
N SER J 229 5.15 -52.23 41.28
CA SER J 229 6.45 -52.53 41.83
C SER J 229 6.29 -53.19 43.19
N LEU J 230 7.42 -53.60 43.76
CA LEU J 230 7.45 -54.23 45.08
C LEU J 230 7.58 -53.20 46.20
N THR J 231 7.69 -51.91 45.87
CA THR J 231 7.84 -50.86 46.86
C THR J 231 6.76 -49.78 46.70
N TRP J 232 5.62 -50.16 46.10
CA TRP J 232 4.49 -49.26 45.92
C TRP J 232 3.34 -49.66 46.83
N TYR J 233 2.61 -48.66 47.31
CA TYR J 233 1.47 -48.89 48.20
C TYR J 233 0.58 -47.67 48.18
N GLN J 234 -0.72 -47.91 48.36
CA GLN J 234 -1.71 -46.85 48.45
C GLN J 234 -1.89 -46.42 49.91
N ASN J 235 -2.02 -45.12 50.12
CA ASN J 235 -2.10 -44.54 51.46
C ASN J 235 -3.54 -44.21 51.86
N ASP J 236 -4.48 -45.05 51.43
CA ASP J 236 -5.89 -44.99 51.83
C ASP J 236 -6.59 -43.69 51.42
N SER J 237 -5.97 -42.88 50.58
CA SER J 237 -6.59 -41.64 50.13
C SER J 237 -6.40 -41.42 48.63
N LEU J 238 -6.44 -42.50 47.85
CA LEU J 238 -6.29 -42.45 46.40
C LEU J 238 -4.96 -41.80 45.99
N THR J 239 -3.91 -42.11 46.74
CA THR J 239 -2.56 -41.64 46.43
C THR J 239 -1.58 -42.80 46.56
N VAL J 240 -0.57 -42.80 45.70
CA VAL J 240 0.42 -43.88 45.65
C VAL J 240 1.79 -43.29 45.90
N ASN J 241 2.54 -43.88 46.83
CA ASN J 241 3.84 -43.39 47.24
C ASN J 241 4.93 -44.38 46.84
N GLU J 242 6.10 -43.84 46.51
CA GLU J 242 7.27 -44.65 46.20
C GLU J 242 8.35 -44.44 47.25
N VAL J 243 8.95 -45.53 47.72
CA VAL J 243 9.98 -45.50 48.74
C VAL J 243 11.20 -46.22 48.20
N SER J 244 12.37 -45.79 48.66
CA SER J 244 13.62 -46.41 48.23
C SER J 244 13.70 -47.86 48.71
N ALA J 245 14.43 -48.67 47.95
CA ALA J 245 14.49 -50.10 48.22
C ALA J 245 15.16 -50.42 49.55
N SER J 246 15.93 -49.49 50.11
CA SER J 246 16.62 -49.72 51.38
C SER J 246 15.72 -49.49 52.58
N GLN J 247 14.48 -49.04 52.38
CA GLN J 247 13.56 -48.77 53.47
C GLN J 247 12.32 -49.64 53.46
N ALA J 248 11.88 -50.10 52.29
CA ALA J 248 10.75 -51.02 52.23
C ALA J 248 11.06 -52.34 52.93
N TYR J 249 12.32 -52.78 52.86
CA TYR J 249 12.73 -53.98 53.59
C TYR J 249 12.49 -53.81 55.09
N ASP J 250 12.90 -52.68 55.66
CA ASP J 250 12.67 -52.43 57.08
C ASP J 250 11.21 -52.18 57.39
N GLU J 251 10.42 -51.74 56.41
CA GLU J 251 9.02 -51.40 56.69
C GLU J 251 8.13 -52.64 56.68
N TYR J 252 8.06 -53.35 55.55
CA TYR J 252 7.06 -54.41 55.42
C TYR J 252 7.55 -55.72 54.83
N ILE J 253 8.69 -55.76 54.15
CA ILE J 253 9.12 -56.99 53.48
C ILE J 253 9.42 -58.08 54.50
N ASN J 254 10.13 -57.73 55.57
CA ASN J 254 10.42 -58.72 56.61
C ASN J 254 9.14 -59.22 57.27
N ASP J 255 8.16 -58.32 57.47
CA ASP J 255 6.90 -58.73 58.05
C ASP J 255 6.16 -59.72 57.15
N ILE J 256 6.19 -59.49 55.83
CA ILE J 256 5.50 -60.40 54.92
C ILE J 256 6.36 -61.59 54.51
N ILE J 257 7.59 -61.68 55.00
CA ILE J 257 8.48 -62.77 54.61
C ILE J 257 8.93 -63.64 55.78
N ASN J 258 8.93 -63.13 57.02
CA ASN J 258 9.46 -63.89 58.14
C ASN J 258 8.50 -64.00 59.30
N LYS J 259 7.75 -62.93 59.58
CA LYS J 259 6.90 -62.86 60.75
C LYS J 259 5.53 -63.51 60.55
N ASP J 260 5.32 -64.14 59.38
CA ASP J 260 4.06 -64.79 58.99
C ASP J 260 2.85 -63.94 59.34
N ASP J 261 2.98 -62.62 59.19
CA ASP J 261 1.86 -61.73 59.45
C ASP J 261 0.81 -61.87 58.36
N PHE J 262 -0.44 -61.60 58.73
CA PHE J 262 -1.53 -61.62 57.75
C PHE J 262 -1.34 -60.49 56.74
N TYR J 263 -1.69 -60.78 55.49
CA TYR J 263 -1.50 -59.81 54.42
C TYR J 263 -2.56 -58.72 54.55
N ARG J 264 -2.10 -57.47 54.67
CA ARG J 264 -2.97 -56.32 54.87
C ARG J 264 -2.43 -55.19 54.02
N GLY J 265 -2.90 -53.97 54.29
CA GLY J 265 -2.50 -52.81 53.51
C GLY J 265 -1.09 -52.33 53.76
N GLN J 266 -0.13 -53.26 53.75
CA GLN J 266 1.28 -52.86 53.78
C GLN J 266 1.72 -52.35 52.41
N HIS J 267 1.69 -53.23 51.42
CA HIS J 267 1.88 -52.89 50.02
C HIS J 267 1.04 -53.85 49.20
N LEU J 268 0.71 -53.44 47.99
CA LEU J 268 -0.12 -54.28 47.13
C LEU J 268 0.60 -54.56 45.83
N ILE J 269 0.77 -55.85 45.54
CA ILE J 269 1.19 -56.33 44.23
C ILE J 269 0.20 -57.42 43.83
N TYR J 270 0.01 -57.62 42.54
CA TYR J 270 -0.97 -58.57 42.03
C TYR J 270 -0.40 -59.38 40.87
N PRO J 271 0.11 -60.58 41.14
CA PRO J 271 0.67 -61.42 40.07
C PRO J 271 -0.38 -62.13 39.23
N GLY J 272 -1.66 -61.80 39.40
CA GLY J 272 -2.71 -62.40 38.62
C GLY J 272 -2.90 -61.69 37.29
N ALA J 273 -4.03 -61.98 36.65
CA ALA J 273 -4.39 -61.38 35.38
C ALA J 273 -5.50 -60.35 35.51
N ASN J 274 -6.61 -60.72 36.13
CA ASN J 274 -7.75 -59.83 36.31
C ASN J 274 -7.79 -59.35 37.76
N LYS J 275 -7.70 -58.04 37.94
CA LYS J 275 -7.78 -57.41 39.25
C LYS J 275 -8.94 -56.43 39.35
N TYR J 276 -10.04 -56.67 38.62
CA TYR J 276 -11.18 -55.77 38.65
C TYR J 276 -11.81 -55.66 40.02
N SER J 277 -11.58 -56.62 40.92
CA SER J 277 -12.08 -56.50 42.28
C SER J 277 -11.45 -55.33 43.03
N HIS J 278 -10.20 -54.99 42.74
CA HIS J 278 -9.57 -53.79 43.28
C HIS J 278 -9.62 -52.66 42.25
N THR J 279 -10.83 -52.17 42.01
CA THR J 279 -11.05 -51.11 41.04
C THR J 279 -10.59 -49.76 41.56
N ILE J 280 -10.26 -49.67 42.84
CA ILE J 280 -9.92 -48.41 43.49
C ILE J 280 -8.46 -48.05 43.20
N GLY J 281 -7.82 -48.82 42.31
CA GLY J 281 -6.48 -48.50 41.87
C GLY J 281 -6.48 -47.95 40.45
N PHE J 282 -6.00 -46.72 40.29
CA PHE J 282 -6.13 -45.97 39.05
C PHE J 282 -4.88 -45.98 38.19
N VAL J 283 -3.81 -46.65 38.62
CA VAL J 283 -2.61 -46.72 37.81
C VAL J 283 -2.76 -47.75 36.69
N TYR J 284 -3.59 -48.76 36.91
CA TYR J 284 -3.72 -49.87 35.96
C TYR J 284 -4.30 -49.43 34.62
N GLY J 285 -4.90 -48.24 34.54
CA GLY J 285 -5.52 -47.79 33.31
C GLY J 285 -4.65 -46.84 32.50
N GLU J 286 -3.90 -45.98 33.19
CA GLU J 286 -3.06 -45.00 32.51
C GLU J 286 -2.01 -45.67 31.65
N MET J 287 -1.39 -46.73 32.18
CA MET J 287 -0.29 -47.37 31.45
C MET J 287 -0.80 -48.20 30.28
N PHE J 288 -1.95 -48.85 30.44
CA PHE J 288 -2.57 -49.50 29.29
C PHE J 288 -2.97 -48.49 28.22
N ARG J 289 -3.45 -47.32 28.65
CA ARG J 289 -3.77 -46.27 27.68
C ARG J 289 -2.52 -45.82 26.93
N ARG J 290 -1.41 -45.63 27.65
CA ARG J 290 -0.17 -45.23 27.01
C ARG J 290 0.34 -46.31 26.05
N PHE J 291 0.24 -47.58 26.46
CA PHE J 291 0.65 -48.68 25.59
C PHE J 291 -0.18 -48.72 24.32
N GLY J 292 -1.51 -48.53 24.45
CA GLY J 292 -2.36 -48.51 23.29
C GLY J 292 -2.07 -47.33 22.36
N GLU J 293 -1.82 -46.15 22.94
CA GLU J 293 -1.58 -44.97 22.12
C GLU J 293 -0.23 -45.01 21.44
N PHE J 294 0.75 -45.70 22.03
CA PHE J 294 2.09 -45.73 21.45
C PHE J 294 2.11 -46.50 20.13
N ILE J 295 1.39 -47.61 20.05
CA ILE J 295 1.43 -48.47 18.88
C ILE J 295 0.39 -48.01 17.86
N SER J 296 -0.24 -46.87 18.14
CA SER J 296 -1.19 -46.27 17.21
C SER J 296 -0.55 -45.22 16.31
N LYS J 297 0.75 -45.01 16.41
CA LYS J 297 1.49 -44.03 15.63
C LYS J 297 2.16 -44.68 14.43
N PRO J 298 2.33 -43.93 13.34
CA PRO J 298 3.06 -44.45 12.18
C PRO J 298 4.54 -44.62 12.49
N GLN J 299 5.18 -45.49 11.70
CA GLN J 299 6.61 -45.75 11.78
C GLN J 299 7.00 -46.29 13.16
N THR J 300 6.44 -47.45 13.48
CA THR J 300 6.59 -48.06 14.80
C THR J 300 7.18 -49.46 14.67
N ALA J 301 8.11 -49.78 15.58
CA ALA J 301 8.68 -51.12 15.67
C ALA J 301 8.63 -51.56 17.13
N LEU J 302 8.46 -52.87 17.34
CA LEU J 302 8.37 -53.42 18.69
C LEU J 302 9.12 -54.73 18.76
N PHE J 303 9.91 -54.91 19.81
CA PHE J 303 10.67 -56.13 20.05
C PHE J 303 10.11 -56.81 21.29
N ILE J 304 9.78 -58.09 21.16
CA ILE J 304 9.17 -58.87 22.23
C ILE J 304 10.13 -59.98 22.64
N ASN J 305 10.27 -60.19 23.94
CA ASN J 305 11.19 -61.21 24.44
C ASN J 305 10.69 -61.73 25.78
N GLY J 306 10.70 -63.06 25.93
CA GLY J 306 10.40 -63.69 27.20
C GLY J 306 8.99 -63.48 27.71
N PHE J 307 8.00 -63.54 26.84
CA PHE J 307 6.60 -63.34 27.22
C PHE J 307 5.78 -64.51 26.72
N GLY J 308 5.28 -65.32 27.64
CA GLY J 308 4.32 -66.36 27.28
C GLY J 308 2.94 -65.75 27.14
N PHE J 309 2.31 -65.98 25.98
CA PHE J 309 1.05 -65.33 25.65
C PHE J 309 -0.07 -65.96 26.46
N GLY J 310 -0.38 -65.35 27.61
CA GLY J 310 -1.46 -65.82 28.45
C GLY J 310 -2.33 -64.71 28.99
N ASP J 311 -2.40 -63.59 28.25
CA ASP J 311 -3.16 -62.43 28.66
C ASP J 311 -4.09 -62.02 27.53
N TYR J 312 -5.37 -61.83 27.86
CA TYR J 312 -6.35 -61.48 26.84
C TYR J 312 -6.18 -60.04 26.35
N HIS J 313 -5.66 -59.15 27.20
CA HIS J 313 -5.48 -57.76 26.81
C HIS J 313 -4.48 -57.62 25.66
N ILE J 314 -3.25 -58.07 25.90
CA ILE J 314 -2.16 -57.81 24.97
C ILE J 314 -2.40 -58.53 23.64
N ASN J 315 -2.89 -59.76 23.69
CA ASN J 315 -3.14 -60.50 22.45
C ASN J 315 -4.13 -59.76 21.56
N ARG J 316 -5.26 -59.35 22.12
CA ARG J 316 -6.29 -58.67 21.33
C ARG J 316 -5.80 -57.31 20.85
N ILE J 317 -5.10 -56.57 21.70
CA ILE J 317 -4.63 -55.24 21.30
C ILE J 317 -3.63 -55.36 20.16
N ILE J 318 -2.71 -56.33 20.23
CA ILE J 318 -1.76 -56.53 19.14
C ILE J 318 -2.47 -56.98 17.87
N LEU J 319 -3.45 -57.89 18.01
CA LEU J 319 -4.18 -58.35 16.84
C LEU J 319 -4.92 -57.22 16.15
N GLY J 320 -5.45 -56.26 16.92
CA GLY J 320 -6.12 -55.13 16.33
C GLY J 320 -5.21 -54.05 15.79
N ALA J 321 -3.93 -54.08 16.15
CA ALA J 321 -2.97 -53.07 15.71
C ALA J 321 -2.29 -53.43 14.40
N LEU J 322 -2.62 -54.57 13.80
CA LEU J 322 -1.95 -55.01 12.58
C LEU J 322 -2.43 -54.24 11.35
N LEU J 323 -3.64 -53.67 11.41
CA LEU J 323 -4.22 -53.04 10.23
C LEU J 323 -3.52 -51.74 9.86
N ASN J 324 -2.72 -51.16 10.75
CA ASN J 324 -1.93 -49.99 10.41
C ASN J 324 -0.82 -50.41 9.47
N PRO J 325 -0.70 -49.81 8.29
CA PRO J 325 0.31 -50.28 7.31
C PRO J 325 1.73 -49.85 7.66
N SER J 326 1.97 -49.40 8.88
CA SER J 326 3.30 -49.00 9.32
C SER J 326 3.57 -49.53 10.72
N PHE J 327 3.22 -50.79 10.95
CA PHE J 327 3.46 -51.47 12.23
C PHE J 327 4.33 -52.70 11.96
N HIS J 328 5.44 -52.80 12.68
CA HIS J 328 6.39 -53.89 12.51
C HIS J 328 6.63 -54.56 13.85
N VAL J 329 6.49 -55.89 13.88
CA VAL J 329 6.57 -56.66 15.12
C VAL J 329 7.53 -57.83 14.92
N VAL J 330 8.35 -58.08 15.94
CA VAL J 330 9.28 -59.20 15.96
C VAL J 330 9.08 -59.95 17.27
N ILE J 331 8.89 -61.27 17.18
CA ILE J 331 8.52 -62.08 18.33
C ILE J 331 9.53 -63.20 18.51
N TYR J 332 9.85 -63.49 19.77
CA TYR J 332 10.83 -64.51 20.13
C TYR J 332 10.12 -65.61 20.91
N TYR J 333 10.20 -66.84 20.39
CA TYR J 333 9.55 -67.98 21.06
C TYR J 333 10.45 -69.20 21.04
N PRO J 334 10.93 -69.64 22.20
CA PRO J 334 11.83 -70.80 22.24
C PRO J 334 11.20 -72.10 21.77
N GLU J 335 10.02 -72.43 22.29
CA GLU J 335 9.38 -73.72 22.04
C GLU J 335 8.39 -73.64 20.89
N LEU J 336 8.90 -73.28 19.72
CA LEU J 336 8.03 -73.07 18.56
C LEU J 336 7.54 -74.39 17.97
N LYS J 337 8.41 -75.39 17.86
CA LYS J 337 8.06 -76.61 17.14
C LYS J 337 7.02 -77.43 17.91
N GLU J 338 7.18 -77.52 19.24
CA GLU J 338 6.23 -78.27 20.04
C GLU J 338 4.82 -77.71 19.91
N ALA J 339 4.71 -76.38 19.83
CA ALA J 339 3.39 -75.76 19.63
C ALA J 339 2.77 -76.20 18.32
N ILE J 340 3.57 -76.24 17.25
CA ILE J 340 3.04 -76.65 15.94
C ILE J 340 2.57 -78.09 16.00
N THR J 341 3.38 -78.98 16.60
CA THR J 341 2.99 -80.38 16.68
C THR J 341 1.71 -80.56 17.49
N LYS J 342 1.62 -79.87 18.63
CA LYS J 342 0.45 -80.02 19.48
C LYS J 342 -0.80 -79.46 18.81
N VAL J 343 -0.67 -78.33 18.11
CA VAL J 343 -1.83 -77.75 17.43
C VAL J 343 -2.29 -78.67 16.30
N SER J 344 -1.34 -79.23 15.54
CA SER J 344 -1.71 -80.14 14.47
C SER J 344 -2.35 -81.42 15.01
N LYS J 345 -1.93 -81.88 16.19
CA LYS J 345 -2.46 -83.12 16.73
C LYS J 345 -3.93 -83.04 17.13
N GLY J 346 -4.49 -81.84 17.30
CA GLY J 346 -5.88 -81.73 17.65
C GLY J 346 -6.23 -80.60 18.60
N GLY J 347 -5.23 -79.95 19.15
CA GLY J 347 -5.46 -78.81 20.01
C GLY J 347 -4.36 -78.66 21.05
N GLY J 348 -4.47 -77.59 21.81
CA GLY J 348 -3.50 -77.30 22.85
C GLY J 348 -4.04 -76.26 23.81
N SER J 349 -3.15 -75.39 24.27
CA SER J 349 -3.50 -74.33 25.21
C SER J 349 -3.77 -73.03 24.46
N GLU J 350 -4.10 -71.99 25.22
CA GLU J 350 -4.39 -70.68 24.62
C GLU J 350 -3.13 -70.06 24.01
N ALA J 351 -1.97 -70.25 24.66
CA ALA J 351 -0.73 -69.65 24.16
C ALA J 351 -0.35 -70.21 22.80
N GLU J 352 -0.48 -71.52 22.61
CA GLU J 352 -0.01 -72.14 21.37
C GLU J 352 -0.82 -71.67 20.17
N LYS J 353 -2.14 -71.59 20.31
CA LYS J 353 -2.98 -71.22 19.17
C LYS J 353 -2.67 -69.81 18.70
N ALA J 354 -2.50 -68.88 19.65
CA ALA J 354 -2.25 -67.49 19.28
C ALA J 354 -0.94 -67.34 18.53
N ILE J 355 0.12 -67.99 19.02
CA ILE J 355 1.43 -67.86 18.38
C ILE J 355 1.43 -68.55 17.02
N VAL J 356 0.72 -69.67 16.90
CA VAL J 356 0.62 -70.35 15.61
C VAL J 356 -0.08 -69.46 14.59
N THR J 357 -1.21 -68.85 15.00
CA THR J 357 -1.92 -67.96 14.10
C THR J 357 -1.09 -66.73 13.75
N LEU J 358 -0.30 -66.22 14.70
CA LEU J 358 0.61 -65.13 14.39
C LEU J 358 1.63 -65.54 13.34
N LYS J 359 2.17 -66.77 13.46
CA LYS J 359 3.14 -67.24 12.47
C LYS J 359 2.51 -67.42 11.10
N ASN J 360 1.26 -67.87 11.05
CA ASN J 360 0.65 -68.28 9.78
C ASN J 360 0.04 -67.13 8.98
N MET J 361 0.14 -65.89 9.44
CA MET J 361 -0.44 -64.77 8.72
C MET J 361 0.30 -64.54 7.40
N ALA J 362 -0.29 -63.70 6.55
CA ALA J 362 0.22 -63.44 5.22
C ALA J 362 0.75 -62.01 5.07
N PHE J 363 1.36 -61.46 6.13
CA PHE J 363 1.90 -60.12 6.11
C PHE J 363 3.40 -60.17 6.41
N ASN J 364 4.18 -59.34 5.71
CA ASN J 364 5.61 -59.26 5.97
C ASN J 364 5.92 -58.51 7.25
N GLN J 365 4.93 -57.86 7.87
CA GLN J 365 5.15 -57.08 9.07
C GLN J 365 5.37 -57.94 10.31
N VAL J 366 5.13 -59.24 10.22
CA VAL J 366 5.28 -60.15 11.36
C VAL J 366 6.46 -61.07 11.09
N THR J 367 7.38 -61.14 12.05
CA THR J 367 8.55 -62.00 11.96
C THR J 367 8.68 -62.79 13.25
N VAL J 368 8.85 -64.11 13.12
CA VAL J 368 8.92 -65.02 14.25
C VAL J 368 10.28 -65.69 14.26
N VAL J 369 10.95 -65.64 15.41
CA VAL J 369 12.25 -66.28 15.60
C VAL J 369 12.10 -67.34 16.68
N GLY J 370 12.41 -68.59 16.32
CA GLY J 370 12.36 -69.70 17.26
C GLY J 370 13.64 -70.51 17.20
N GLY J 371 13.68 -71.57 18.02
CA GLY J 371 14.82 -72.45 18.02
C GLY J 371 15.48 -72.67 19.36
N GLY J 372 14.73 -72.54 20.44
CA GLY J 372 15.23 -72.87 21.76
C GLY J 372 16.32 -71.95 22.28
N SER J 373 17.55 -72.46 22.39
CA SER J 373 18.62 -71.69 23.01
C SER J 373 19.02 -70.48 22.19
N LYS J 374 18.77 -70.52 20.88
CA LYS J 374 19.10 -69.39 20.02
C LYS J 374 18.16 -68.20 20.22
N ALA J 375 17.03 -68.40 20.90
CA ALA J 375 16.01 -67.38 21.07
C ALA J 375 15.87 -66.94 22.52
N TYR J 376 16.99 -66.74 23.21
CA TYR J 376 17.00 -66.27 24.59
C TYR J 376 17.37 -64.79 24.63
N PHE J 377 17.51 -64.27 25.85
CA PHE J 377 17.77 -62.85 26.04
C PHE J 377 19.13 -62.44 25.50
N ASN J 378 20.18 -63.22 25.79
CA ASN J 378 21.53 -62.84 25.38
C ASN J 378 21.67 -62.82 23.88
N SER J 379 21.13 -63.84 23.20
CA SER J 379 21.18 -63.88 21.75
C SER J 379 20.43 -62.70 21.15
N PHE J 380 19.30 -62.32 21.74
CA PHE J 380 18.58 -61.14 21.29
C PHE J 380 19.42 -59.88 21.44
N VAL J 381 20.10 -59.75 22.59
CA VAL J 381 20.91 -58.56 22.83
C VAL J 381 22.05 -58.46 21.82
N GLU J 382 22.68 -59.60 21.51
CA GLU J 382 23.80 -59.58 20.56
C GLU J 382 23.36 -59.21 19.16
N HIS J 383 22.07 -59.40 18.84
CA HIS J 383 21.60 -59.13 17.49
C HIS J 383 21.55 -57.65 17.17
N LEU J 384 21.27 -56.82 18.17
CA LEU J 384 21.17 -55.39 17.93
C LEU J 384 22.54 -54.82 17.55
N PRO J 385 22.60 -53.90 16.59
CA PRO J 385 23.88 -53.38 16.13
C PRO J 385 24.35 -52.17 16.95
N TYR J 386 25.62 -51.78 16.70
CA TYR J 386 26.32 -50.61 17.17
C TYR J 386 26.27 -49.50 16.12
N PRO J 387 26.28 -48.24 16.54
CA PRO J 387 26.25 -47.15 15.56
C PRO J 387 27.58 -47.00 14.84
N VAL J 388 27.51 -46.40 13.66
CA VAL J 388 28.69 -46.04 12.88
C VAL J 388 28.83 -44.52 12.96
N LEU J 389 29.99 -44.07 13.45
CA LEU J 389 30.16 -42.65 13.74
C LEU J 389 30.44 -41.86 12.48
N PHE J 390 31.41 -42.29 11.68
CA PHE J 390 31.86 -41.53 10.51
C PHE J 390 31.62 -42.37 9.26
N PRO J 391 30.55 -42.10 8.50
CA PRO J 391 30.25 -42.84 7.26
C PRO J 391 30.99 -42.28 6.06
N SER K 2 16.83 4.13 58.34
CA SER K 2 15.72 4.01 57.40
C SER K 2 16.20 3.41 56.08
N ILE K 3 16.08 4.19 54.99
CA ILE K 3 16.47 3.76 53.66
C ILE K 3 17.55 4.71 53.16
N TYR K 4 18.67 4.15 52.70
CA TYR K 4 19.80 4.92 52.20
C TYR K 4 20.16 4.47 50.80
N GLN K 5 20.49 5.43 49.94
CA GLN K 5 20.91 5.12 48.57
C GLN K 5 21.91 6.20 48.15
N GLY K 6 23.20 5.85 48.17
CA GLY K 6 24.22 6.82 47.85
C GLY K 6 24.45 7.86 48.91
N GLY K 7 24.07 7.58 50.15
CA GLY K 7 24.22 8.54 51.23
C GLY K 7 23.07 9.51 51.40
N ASN K 8 21.91 9.22 50.82
CA ASN K 8 20.75 10.09 50.89
C ASN K 8 19.54 9.30 51.35
N LYS K 9 18.72 9.92 52.18
CA LYS K 9 17.49 9.27 52.66
C LYS K 9 16.47 9.17 51.54
N LEU K 10 15.76 8.05 51.49
CA LEU K 10 14.76 7.79 50.46
C LEU K 10 13.46 7.33 51.12
N ASN K 11 12.34 7.72 50.54
CA ASN K 11 11.03 7.44 51.10
C ASN K 11 10.57 6.04 50.72
N GLU K 12 9.28 5.75 50.93
CA GLU K 12 8.76 4.39 50.78
C GLU K 12 8.43 4.08 49.32
N ASP K 13 7.61 4.91 48.68
CA ASP K 13 7.08 4.58 47.35
C ASP K 13 8.19 4.54 46.31
N ASP K 14 9.15 5.47 46.38
CA ASP K 14 10.26 5.44 45.44
C ASP K 14 11.08 4.16 45.60
N PHE K 15 11.29 3.73 46.85
CA PHE K 15 11.99 2.48 47.10
C PHE K 15 11.21 1.30 46.55
N ARG K 16 9.88 1.30 46.69
CA ARG K 16 9.07 0.21 46.16
C ARG K 16 9.16 0.15 44.64
N SER K 17 9.10 1.30 43.98
CA SER K 17 9.22 1.31 42.52
C SER K 17 10.60 0.87 42.09
N HIS K 18 11.64 1.27 42.82
CA HIS K 18 13.00 0.82 42.52
C HIS K 18 13.12 -0.69 42.65
N VAL K 19 12.50 -1.26 43.69
CA VAL K 19 12.51 -2.71 43.87
C VAL K 19 11.80 -3.39 42.72
N TYR K 20 10.63 -2.86 42.34
CA TYR K 20 9.87 -3.47 41.25
C TYR K 20 10.65 -3.44 39.95
N SER K 21 11.34 -2.32 39.67
CA SER K 21 12.06 -2.20 38.40
C SER K 21 13.22 -3.19 38.31
N LEU K 22 13.79 -3.58 39.45
CA LEU K 22 14.94 -4.49 39.44
C LEU K 22 14.53 -5.93 39.17
N CYS K 23 13.34 -6.35 39.60
CA CYS K 23 12.94 -7.75 39.50
C CYS K 23 12.72 -8.21 38.07
N GLN K 24 12.64 -7.30 37.11
CA GLN K 24 12.38 -7.64 35.72
C GLN K 24 13.64 -7.68 34.86
N LEU K 25 14.82 -7.72 35.49
CA LEU K 25 16.07 -7.78 34.74
C LEU K 25 16.30 -9.21 34.24
N ASP K 26 17.46 -9.44 33.62
CA ASP K 26 17.73 -10.75 33.04
C ASP K 26 18.02 -11.80 34.10
N ASN K 27 18.76 -11.43 35.14
CA ASN K 27 19.20 -12.36 36.17
C ASN K 27 18.70 -11.90 37.54
N VAL K 28 18.10 -12.82 38.29
CA VAL K 28 17.59 -12.55 39.63
C VAL K 28 18.14 -13.60 40.57
N GLY K 29 18.69 -13.16 41.70
CA GLY K 29 19.21 -14.07 42.69
C GLY K 29 18.97 -13.56 44.09
N VAL K 30 18.91 -14.51 45.03
CA VAL K 30 18.70 -14.21 46.44
C VAL K 30 19.75 -14.94 47.28
N LEU K 31 20.16 -14.32 48.37
CA LEU K 31 21.07 -14.92 49.35
C LEU K 31 20.43 -14.81 50.72
N LEU K 32 20.39 -15.92 51.45
CA LEU K 32 19.76 -15.98 52.76
C LEU K 32 20.67 -16.68 53.75
N GLY K 33 20.50 -16.34 55.03
CA GLY K 33 21.35 -16.87 56.07
C GLY K 33 20.60 -17.48 57.22
N ALA K 34 21.23 -17.51 58.40
CA ALA K 34 20.63 -18.17 59.56
C ALA K 34 19.44 -17.42 60.11
N GLY K 35 19.34 -16.12 59.88
CA GLY K 35 18.23 -15.34 60.40
C GLY K 35 16.90 -15.64 59.73
N ALA K 36 16.92 -16.18 58.51
CA ALA K 36 15.68 -16.45 57.80
C ALA K 36 14.90 -17.61 58.42
N SER K 37 15.54 -18.48 59.19
CA SER K 37 14.88 -19.60 59.81
C SER K 37 14.52 -19.35 61.27
N VAL K 38 14.76 -18.14 61.77
CA VAL K 38 14.44 -17.83 63.16
C VAL K 38 12.94 -17.87 63.40
N GLY K 39 12.14 -17.44 62.42
CA GLY K 39 10.71 -17.37 62.61
C GLY K 39 10.00 -18.71 62.57
N CYS K 40 10.72 -19.78 62.22
CA CYS K 40 10.14 -21.11 62.13
C CYS K 40 10.94 -22.12 62.94
N GLY K 41 11.42 -21.72 64.11
CA GLY K 41 12.04 -22.64 65.05
C GLY K 41 13.55 -22.73 65.01
N GLY K 42 14.22 -21.89 64.22
CA GLY K 42 15.67 -21.93 64.16
C GLY K 42 16.33 -21.21 65.31
N LYS K 43 17.65 -21.17 65.29
CA LYS K 43 18.41 -20.53 66.38
C LYS K 43 19.69 -19.90 65.86
N THR K 44 19.74 -18.59 65.72
CA THR K 44 21.00 -17.87 65.39
C THR K 44 22.10 -18.37 66.30
N MET K 45 23.35 -18.27 65.88
CA MET K 45 24.47 -18.90 66.63
C MET K 45 24.76 -18.31 68.00
N LYS K 46 24.66 -17.01 68.21
CA LYS K 46 25.03 -16.52 69.55
C LYS K 46 24.17 -17.26 70.57
N ASP K 47 23.05 -17.86 70.17
CA ASP K 47 22.26 -18.72 71.03
C ASP K 47 22.89 -20.10 71.17
N VAL K 48 23.42 -20.64 70.08
CA VAL K 48 24.07 -21.95 70.13
C VAL K 48 25.29 -21.91 71.04
N TRP K 49 26.11 -20.86 70.91
CA TRP K 49 27.30 -20.76 71.75
C TRP K 49 26.91 -20.58 73.22
N LYS K 50 25.88 -19.79 73.49
CA LYS K 50 25.42 -19.61 74.86
C LYS K 50 24.93 -20.93 75.45
N SER K 51 24.18 -21.71 74.68
CA SER K 51 23.71 -23.00 75.17
C SER K 51 24.87 -23.94 75.44
N PHE K 52 25.86 -23.98 74.54
CA PHE K 52 27.03 -24.83 74.77
C PHE K 52 27.79 -24.41 76.01
N LYS K 53 27.97 -23.10 76.22
CA LYS K 53 28.69 -22.63 77.39
C LYS K 53 27.92 -22.90 78.68
N GLN K 54 26.59 -22.79 78.64
CA GLN K 54 25.79 -23.01 79.83
C GLN K 54 25.72 -24.49 80.22
N ASN K 55 25.55 -25.38 79.23
CA ASN K 55 25.33 -26.79 79.51
C ASN K 55 26.61 -27.59 79.67
N TYR K 56 27.76 -27.06 79.28
CA TYR K 56 29.03 -27.77 79.36
C TYR K 56 30.08 -26.87 80.02
N PRO K 57 30.01 -26.70 81.33
CA PRO K 57 30.92 -25.75 81.99
C PRO K 57 32.33 -26.29 82.25
N GLU K 58 32.45 -27.58 82.55
CA GLU K 58 33.75 -28.13 82.92
C GLU K 58 34.66 -28.29 81.70
N LEU K 59 34.09 -28.43 80.50
CA LEU K 59 34.89 -28.65 79.31
C LEU K 59 35.51 -27.36 78.76
N LEU K 60 35.04 -26.20 79.21
CA LEU K 60 35.49 -24.94 78.63
C LEU K 60 36.89 -24.54 79.08
N GLY K 61 37.39 -25.12 80.18
CA GLY K 61 38.70 -24.72 80.68
C GLY K 61 39.84 -25.09 79.75
N ALA K 62 39.80 -26.31 79.21
CA ALA K 62 40.91 -26.79 78.37
C ALA K 62 41.05 -25.96 77.10
N LEU K 63 39.93 -25.66 76.45
CA LEU K 63 39.96 -24.97 75.15
C LEU K 63 40.56 -23.58 75.25
N ILE K 64 40.67 -23.02 76.45
CA ILE K 64 41.22 -21.69 76.65
C ILE K 64 42.61 -21.75 77.28
N ASP K 65 42.83 -22.67 78.21
CA ASP K 65 44.07 -22.69 78.97
C ASP K 65 45.12 -23.65 78.43
N LYS K 66 44.73 -24.78 77.83
CA LYS K 66 45.69 -25.81 77.44
C LYS K 66 45.88 -25.88 75.93
N TYR K 67 44.80 -26.06 75.17
CA TYR K 67 44.90 -26.18 73.72
C TYR K 67 44.82 -24.84 73.00
N LEU K 68 44.37 -23.78 73.66
CA LEU K 68 44.35 -22.42 73.12
C LEU K 68 43.57 -22.36 71.80
N LEU K 69 42.26 -22.65 71.90
CA LEU K 69 41.37 -22.58 70.76
C LEU K 69 40.60 -21.26 70.68
N VAL K 70 39.99 -20.85 71.79
CA VAL K 70 39.15 -19.65 71.83
C VAL K 70 39.71 -18.68 72.87
N SER K 71 39.78 -17.41 72.49
CA SER K 71 40.29 -16.39 73.38
C SER K 71 39.26 -16.06 74.47
N GLN K 72 39.78 -15.53 75.59
CA GLN K 72 38.91 -15.23 76.73
C GLN K 72 37.94 -14.11 76.41
N ILE K 73 38.40 -13.07 75.72
CA ILE K 73 37.52 -11.94 75.41
C ILE K 73 36.42 -12.34 74.45
N ASP K 74 36.67 -13.31 73.57
CA ASP K 74 35.67 -13.72 72.59
C ASP K 74 34.46 -14.34 73.27
N SER K 75 34.67 -15.20 74.27
CA SER K 75 33.55 -15.83 74.95
C SER K 75 32.81 -14.84 75.84
N ASP K 76 33.51 -13.85 76.38
CA ASP K 76 32.86 -12.83 77.21
C ASP K 76 31.87 -12.01 76.40
N ASN K 77 32.23 -11.62 75.18
CA ASN K 77 31.38 -10.82 74.32
C ASN K 77 30.53 -11.65 73.37
N ASN K 78 30.63 -12.98 73.45
CA ASN K 78 29.88 -13.90 72.58
C ASN K 78 30.20 -13.63 71.11
N LEU K 79 31.47 -13.83 70.76
CA LEU K 79 31.99 -13.54 69.43
C LEU K 79 32.86 -14.69 68.93
N VAL K 80 32.38 -15.92 69.07
CA VAL K 80 33.09 -17.12 68.67
C VAL K 80 32.42 -17.69 67.42
N ASN K 81 33.22 -17.94 66.38
CA ASN K 81 32.74 -18.59 65.17
C ASN K 81 32.89 -20.10 65.35
N VAL K 82 31.78 -20.82 65.17
CA VAL K 82 31.73 -22.24 65.52
C VAL K 82 32.22 -23.13 64.38
N GLU K 83 31.94 -22.73 63.13
CA GLU K 83 32.34 -23.57 61.99
C GLU K 83 33.86 -23.72 61.92
N LEU K 84 34.58 -22.60 62.06
CA LEU K 84 36.04 -22.67 62.10
C LEU K 84 36.54 -23.44 63.31
N LEU K 85 35.81 -23.37 64.42
CA LEU K 85 36.19 -24.13 65.61
C LEU K 85 36.11 -25.63 65.36
N ILE K 86 35.03 -26.07 64.70
CA ILE K 86 34.91 -27.49 64.36
C ILE K 86 35.98 -27.88 63.34
N ASP K 87 36.26 -26.98 62.39
CA ASP K 87 37.31 -27.25 61.40
C ASP K 87 38.66 -27.42 62.07
N GLU K 88 38.96 -26.62 63.09
CA GLU K 88 40.22 -26.77 63.80
C GLU K 88 40.22 -27.99 64.70
N ALA K 89 39.07 -28.36 65.27
CA ALA K 89 39.00 -29.50 66.16
C ALA K 89 39.10 -30.82 65.41
N THR K 90 38.67 -30.88 64.15
CA THR K 90 38.74 -32.11 63.37
C THR K 90 40.14 -32.36 62.78
N LYS K 91 41.16 -31.71 63.32
CA LYS K 91 42.54 -31.87 62.87
C LYS K 91 43.46 -32.34 63.99
N PHE K 92 43.27 -31.84 65.21
CA PHE K 92 44.05 -32.33 66.35
C PHE K 92 43.81 -33.81 66.59
N LEU K 93 42.55 -34.26 66.40
CA LEU K 93 42.25 -35.67 66.55
C LEU K 93 43.02 -36.51 65.55
N SER K 94 43.08 -36.07 64.29
CA SER K 94 43.83 -36.80 63.28
C SER K 94 45.31 -36.83 63.61
N VAL K 95 45.87 -35.71 64.05
CA VAL K 95 47.30 -35.66 64.37
C VAL K 95 47.62 -36.60 65.53
N ALA K 96 46.80 -36.56 66.59
CA ALA K 96 47.03 -37.41 67.74
C ALA K 96 46.85 -38.89 67.41
N LYS K 97 45.92 -39.19 66.49
CA LYS K 97 45.73 -40.58 66.08
C LYS K 97 46.90 -41.08 65.25
N THR K 98 47.40 -40.28 64.31
CA THR K 98 48.50 -40.71 63.48
C THR K 98 49.85 -40.67 64.20
N ARG K 99 49.96 -39.93 65.29
CA ARG K 99 51.15 -39.94 66.12
C ARG K 99 51.11 -41.01 67.20
N ARG K 100 49.96 -41.67 67.38
CA ARG K 100 49.77 -42.69 68.41
C ARG K 100 49.96 -42.12 69.80
N CYS K 101 49.39 -40.95 70.03
CA CYS K 101 49.36 -40.32 71.35
C CYS K 101 47.94 -40.49 71.88
N GLU K 102 47.76 -41.47 72.79
CA GLU K 102 46.42 -41.87 73.19
C GLU K 102 45.71 -40.78 73.98
N ASP K 103 46.46 -40.03 74.80
CA ASP K 103 45.82 -39.14 75.76
C ASP K 103 44.97 -38.07 75.08
N GLU K 104 45.46 -37.52 73.96
CA GLU K 104 44.66 -36.54 73.25
C GLU K 104 43.55 -37.16 72.42
N GLU K 105 43.56 -38.48 72.23
CA GLU K 105 42.53 -39.12 71.41
C GLU K 105 41.18 -39.08 72.09
N GLU K 106 41.11 -39.46 73.37
CA GLU K 106 39.83 -39.50 74.05
C GLU K 106 39.34 -38.12 74.48
N GLU K 107 40.23 -37.14 74.55
CA GLU K 107 39.82 -35.79 74.94
C GLU K 107 39.01 -35.10 73.85
N PHE K 108 39.37 -35.32 72.58
CA PHE K 108 38.74 -34.60 71.47
C PHE K 108 37.47 -35.26 70.97
N ARG K 109 37.33 -36.58 71.14
CA ARG K 109 36.11 -37.25 70.72
C ARG K 109 34.91 -36.72 71.51
N LYS K 110 35.08 -36.56 72.83
CA LYS K 110 34.01 -35.99 73.64
C LYS K 110 33.69 -34.56 73.23
N ILE K 111 34.73 -33.77 72.93
CA ILE K 111 34.51 -32.38 72.53
C ILE K 111 33.70 -32.31 71.24
N LEU K 112 34.08 -33.12 70.25
CA LEU K 112 33.35 -33.11 68.98
C LEU K 112 31.94 -33.63 69.15
N SER K 113 31.74 -34.66 69.98
CA SER K 113 30.40 -35.16 70.22
C SER K 113 29.51 -34.10 70.87
N SER K 114 30.04 -33.38 71.87
CA SER K 114 29.26 -32.33 72.51
C SER K 114 28.93 -31.21 71.53
N LEU K 115 29.92 -30.79 70.72
CA LEU K 115 29.68 -29.72 69.77
C LEU K 115 28.63 -30.13 68.74
N TYR K 116 28.69 -31.37 68.26
CA TYR K 116 27.72 -31.82 67.26
C TYR K 116 26.34 -31.98 67.86
N LYS K 117 26.25 -32.40 69.12
CA LYS K 117 24.95 -32.43 69.78
C LYS K 117 24.36 -31.04 69.93
N GLU K 118 25.19 -30.06 70.29
CA GLU K 118 24.68 -28.70 70.45
C GLU K 118 24.36 -28.04 69.11
N VAL K 119 25.02 -28.42 68.03
CA VAL K 119 24.76 -27.81 66.73
C VAL K 119 23.59 -28.48 66.00
N THR K 120 23.48 -29.80 66.07
CA THR K 120 22.45 -30.50 65.30
C THR K 120 21.05 -30.17 65.82
N LYS K 121 20.88 -30.06 67.13
CA LYS K 121 19.54 -29.91 67.70
C LYS K 121 18.87 -28.61 67.30
N ALA K 122 19.64 -27.58 66.93
CA ALA K 122 19.09 -26.29 66.53
C ALA K 122 18.85 -26.19 65.04
N ALA K 123 18.72 -27.31 64.34
CA ALA K 123 18.52 -27.29 62.89
C ALA K 123 17.46 -28.28 62.43
N LEU K 124 16.67 -28.83 63.35
CA LEU K 124 15.60 -29.76 62.98
C LEU K 124 14.32 -29.05 62.59
N LEU K 125 14.00 -27.96 63.29
CA LEU K 125 12.87 -27.08 63.00
C LEU K 125 11.52 -27.70 63.34
N THR K 126 11.49 -29.00 63.67
CA THR K 126 10.24 -29.64 64.02
C THR K 126 10.36 -30.64 65.17
N GLY K 127 11.57 -30.91 65.65
CA GLY K 127 11.71 -31.82 66.78
C GLY K 127 11.49 -33.26 66.38
N GLU K 128 10.69 -33.98 67.17
CA GLU K 128 10.49 -35.41 66.95
C GLU K 128 9.72 -35.70 65.66
N GLN K 129 8.98 -34.74 65.14
CA GLN K 129 8.20 -34.92 63.91
C GLN K 129 9.04 -34.76 62.65
N PHE K 130 10.36 -34.92 62.76
CA PHE K 130 11.25 -34.80 61.61
C PHE K 130 11.07 -35.92 60.60
N ARG K 131 10.63 -37.10 61.05
CA ARG K 131 10.56 -38.28 60.20
C ARG K 131 9.21 -38.47 59.53
N GLU K 132 8.24 -37.59 59.78
CA GLU K 132 6.90 -37.77 59.25
C GLU K 132 6.84 -37.24 57.82
N LYS K 133 5.66 -37.31 57.22
CA LYS K 133 5.45 -36.88 55.84
C LYS K 133 4.55 -35.64 55.80
N ASN K 134 4.61 -34.93 54.68
CA ASN K 134 3.80 -33.74 54.42
C ASN K 134 4.02 -32.70 55.52
N GLN K 135 5.26 -32.25 55.64
CA GLN K 135 5.63 -31.26 56.64
C GLN K 135 5.55 -29.83 56.12
N GLY K 136 5.26 -29.63 54.85
CA GLY K 136 5.11 -28.31 54.29
C GLY K 136 3.72 -27.74 54.38
N LYS K 137 2.76 -28.48 54.94
CA LYS K 137 1.40 -28.00 55.12
C LYS K 137 1.19 -27.31 56.45
N LYS K 138 2.23 -27.19 57.28
CA LYS K 138 2.13 -26.50 58.55
C LYS K 138 2.18 -25.00 58.32
N ASP K 139 1.86 -24.24 59.37
CA ASP K 139 1.74 -22.79 59.25
C ASP K 139 3.05 -22.04 59.47
N ALA K 140 4.09 -22.72 59.93
CA ALA K 140 5.37 -22.05 60.18
C ALA K 140 6.05 -21.64 58.88
N PHE K 141 5.83 -22.39 57.79
CA PHE K 141 6.49 -22.15 56.52
C PHE K 141 5.59 -21.40 55.53
N LYS K 142 4.75 -20.49 56.03
CA LYS K 142 3.79 -19.80 55.18
C LYS K 142 4.39 -18.67 54.36
N TYR K 143 5.64 -18.31 54.61
CA TYR K 143 6.28 -17.19 53.92
C TYR K 143 7.20 -17.63 52.79
N HIS K 144 7.84 -18.80 52.91
CA HIS K 144 8.71 -19.28 51.85
C HIS K 144 7.91 -19.59 50.58
N LYS K 145 6.67 -20.08 50.75
CA LYS K 145 5.80 -20.30 49.60
C LYS K 145 5.54 -18.99 48.85
N GLU K 146 5.23 -17.93 49.58
CA GLU K 146 5.02 -16.62 48.96
C GLU K 146 6.27 -16.13 48.27
N LEU K 147 7.44 -16.31 48.91
CA LEU K 147 8.69 -15.87 48.30
C LEU K 147 8.94 -16.57 46.98
N ILE K 148 8.79 -17.90 46.96
CA ILE K 148 9.04 -18.67 45.74
C ILE K 148 8.05 -18.30 44.65
N SER K 149 6.76 -18.18 45.00
CA SER K 149 5.75 -17.85 44.01
C SER K 149 5.99 -16.47 43.42
N LYS K 150 6.35 -15.50 44.27
CA LYS K 150 6.64 -14.15 43.79
C LYS K 150 7.84 -14.14 42.87
N LEU K 151 8.88 -14.91 43.22
CA LEU K 151 10.06 -14.97 42.36
C LEU K 151 9.74 -15.57 41.00
N ILE K 152 8.99 -16.67 40.99
CA ILE K 152 8.73 -17.38 39.73
C ILE K 152 7.79 -16.60 38.83
N SER K 153 6.70 -16.07 39.40
CA SER K 153 5.65 -15.51 38.56
C SER K 153 6.06 -14.20 37.90
N ASN K 154 7.08 -13.51 38.41
CA ASN K 154 7.50 -12.23 37.85
C ASN K 154 8.32 -12.37 36.57
N ARG K 155 8.65 -13.59 36.16
CA ARG K 155 9.51 -13.82 35.00
C ARG K 155 8.65 -14.05 33.75
N GLN K 156 8.91 -13.27 32.72
CA GLN K 156 8.20 -13.43 31.46
C GLN K 156 8.60 -14.74 30.79
N PRO K 157 7.73 -15.29 29.94
CA PRO K 157 8.09 -16.53 29.21
C PRO K 157 9.20 -16.28 28.20
N GLY K 158 10.37 -16.87 28.44
CA GLY K 158 11.53 -16.68 27.60
C GLY K 158 12.77 -16.16 28.32
N GLN K 159 12.74 -16.04 29.65
CA GLN K 159 13.85 -15.51 30.41
C GLN K 159 14.43 -16.58 31.33
N SER K 160 15.57 -16.26 31.93
CA SER K 160 16.29 -17.22 32.76
C SER K 160 15.55 -17.46 34.08
N ALA K 161 15.69 -18.69 34.58
CA ALA K 161 15.09 -19.06 35.85
C ALA K 161 15.85 -18.41 37.02
N PRO K 162 15.17 -18.20 38.15
CA PRO K 162 15.84 -17.61 39.31
C PRO K 162 16.84 -18.57 39.94
N ALA K 163 17.72 -18.00 40.77
CA ALA K 163 18.73 -18.76 41.48
C ALA K 163 18.69 -18.42 42.96
N ILE K 164 18.91 -19.42 43.81
CA ILE K 164 18.85 -19.26 45.26
C ILE K 164 20.14 -19.81 45.86
N PHE K 165 20.77 -19.02 46.73
CA PHE K 165 21.96 -19.43 47.46
C PHE K 165 21.68 -19.33 48.96
N THR K 166 22.09 -20.35 49.71
CA THR K 166 21.83 -20.40 51.14
C THR K 166 23.06 -20.93 51.88
N THR K 167 23.20 -20.52 53.13
CA THR K 167 24.25 -21.02 54.00
C THR K 167 23.74 -21.87 55.14
N ASN K 168 22.43 -21.92 55.36
CA ASN K 168 21.85 -22.82 56.34
C ASN K 168 21.92 -24.26 55.84
N TYR K 169 21.69 -25.20 56.76
CA TYR K 169 21.68 -26.62 56.41
C TYR K 169 20.40 -27.30 56.91
N ASP K 170 19.33 -26.54 57.13
CA ASP K 170 18.04 -27.09 57.48
C ASP K 170 17.29 -27.47 56.19
N LEU K 171 16.00 -27.75 56.32
CA LEU K 171 15.21 -28.28 55.21
C LEU K 171 14.00 -27.41 54.91
N ALA K 172 14.10 -26.10 55.11
CA ALA K 172 12.93 -25.24 54.97
C ALA K 172 12.50 -25.13 53.51
N LEU K 173 13.44 -24.80 52.61
CA LEU K 173 13.07 -24.49 51.24
C LEU K 173 12.58 -25.73 50.49
N GLU K 174 13.25 -26.88 50.69
CA GLU K 174 12.81 -28.09 50.01
C GLU K 174 11.41 -28.49 50.44
N TRP K 175 11.15 -28.46 51.75
CA TRP K 175 9.83 -28.79 52.25
C TRP K 175 8.77 -27.83 51.72
N ALA K 176 9.09 -26.54 51.69
CA ALA K 176 8.13 -25.55 51.22
C ALA K 176 7.83 -25.71 49.73
N ALA K 177 8.87 -25.93 48.92
CA ALA K 177 8.70 -26.01 47.48
C ALA K 177 8.08 -27.33 47.03
N GLU K 178 8.27 -28.42 47.77
CA GLU K 178 7.66 -29.68 47.39
C GLU K 178 6.14 -29.61 47.47
N ASP K 179 5.61 -28.90 48.47
CA ASP K 179 4.16 -28.80 48.64
C ASP K 179 3.50 -28.04 47.50
N LEU K 180 4.13 -26.98 47.00
CA LEU K 180 3.54 -26.20 45.92
C LEU K 180 3.40 -27.02 44.65
N GLY K 181 4.41 -27.83 44.33
CA GLY K 181 4.42 -28.58 43.09
C GLY K 181 5.49 -28.10 42.14
N ILE K 182 6.61 -27.64 42.69
CA ILE K 182 7.71 -27.09 41.92
C ILE K 182 8.95 -27.94 42.17
N GLN K 183 9.67 -28.24 41.09
CA GLN K 183 10.88 -29.04 41.17
C GLN K 183 12.10 -28.14 41.35
N LEU K 184 12.97 -28.53 42.28
CA LEU K 184 14.24 -27.84 42.51
C LEU K 184 15.39 -28.72 42.04
N PHE K 185 16.42 -28.08 41.49
CA PHE K 185 17.60 -28.77 40.97
C PHE K 185 18.79 -28.46 41.87
N ASN K 186 19.41 -29.51 42.40
CA ASN K 186 20.55 -29.36 43.29
C ASN K 186 21.78 -30.13 42.84
N GLY K 187 21.75 -30.76 41.68
CA GLY K 187 22.89 -31.47 41.12
C GLY K 187 22.87 -32.97 41.33
N PHE K 188 22.00 -33.48 42.19
CA PHE K 188 21.94 -34.91 42.45
C PHE K 188 20.93 -35.59 41.52
N SER K 189 21.04 -36.90 41.43
CA SER K 189 20.18 -37.68 40.54
C SER K 189 20.11 -39.12 41.02
N GLY K 190 18.95 -39.75 40.88
CA GLY K 190 18.75 -41.13 41.26
C GLY K 190 18.00 -41.27 42.57
N LEU K 191 17.39 -42.43 42.74
CA LEU K 191 16.59 -42.73 43.94
C LEU K 191 17.21 -43.82 44.80
N HIS K 192 17.46 -45.00 44.24
CA HIS K 192 18.08 -46.07 45.02
C HIS K 192 19.54 -45.77 45.32
N THR K 193 20.22 -45.07 44.41
CA THR K 193 21.60 -44.64 44.64
C THR K 193 21.76 -43.27 43.98
N ARG K 194 21.82 -42.22 44.78
CA ARG K 194 21.81 -40.85 44.30
C ARG K 194 23.22 -40.28 44.39
N GLN K 195 23.70 -39.69 43.30
CA GLN K 195 25.08 -39.27 43.17
C GLN K 195 25.15 -37.80 42.73
N PHE K 196 26.29 -37.18 43.00
CA PHE K 196 26.53 -35.79 42.65
C PHE K 196 27.22 -35.70 41.30
N TYR K 197 26.63 -34.96 40.36
CA TYR K 197 27.21 -34.72 39.05
C TYR K 197 27.35 -33.21 38.85
N PRO K 198 28.55 -32.70 38.57
CA PRO K 198 28.72 -31.24 38.49
C PRO K 198 28.14 -30.61 37.24
N GLN K 199 27.38 -31.37 36.44
CA GLN K 199 26.82 -30.86 35.20
C GLN K 199 25.30 -30.99 35.13
N ASN K 200 24.63 -31.06 36.28
CA ASN K 200 23.18 -31.06 36.31
C ASN K 200 22.59 -29.66 36.46
N PHE K 201 23.43 -28.63 36.50
CA PHE K 201 22.96 -27.25 36.61
C PHE K 201 22.65 -26.63 35.26
N ASP K 202 22.77 -27.38 34.17
CA ASP K 202 22.51 -26.87 32.83
C ASP K 202 21.30 -27.59 32.22
N LEU K 203 20.21 -27.70 32.97
CA LEU K 203 19.05 -28.45 32.54
C LEU K 203 17.79 -27.57 32.63
N ALA K 204 16.78 -27.96 31.87
CA ALA K 204 15.48 -27.30 31.88
C ALA K 204 14.41 -28.33 31.55
N PHE K 205 13.19 -27.84 31.29
CA PHE K 205 12.07 -28.68 30.91
C PHE K 205 11.40 -28.11 29.66
N ARG K 206 10.85 -29.02 28.85
CA ARG K 206 9.98 -28.60 27.75
C ARG K 206 8.94 -29.69 27.52
N ASN K 207 7.84 -29.31 26.87
CA ASN K 207 6.71 -30.20 26.65
C ASN K 207 6.81 -30.81 25.25
N VAL K 208 6.45 -32.09 25.15
CA VAL K 208 6.49 -32.82 23.89
C VAL K 208 5.08 -33.14 23.43
N ASN K 209 4.11 -32.31 23.83
CA ASN K 209 2.71 -32.54 23.52
C ASN K 209 2.10 -31.30 22.88
N ALA K 210 2.87 -30.62 22.04
CA ALA K 210 2.38 -29.45 21.33
C ALA K 210 1.50 -29.84 20.15
N HIS K 218 6.05 -28.46 36.33
CA HIS K 218 6.75 -28.22 35.08
C HIS K 218 7.83 -27.15 35.24
N TYR K 219 7.51 -26.10 35.99
CA TYR K 219 8.46 -25.02 36.23
C TYR K 219 9.56 -25.49 37.18
N HIS K 220 10.60 -24.68 37.29
CA HIS K 220 11.79 -25.09 38.03
C HIS K 220 12.53 -23.86 38.54
N ALA K 221 13.45 -24.12 39.46
CA ALA K 221 14.37 -23.10 39.98
C ALA K 221 15.73 -23.78 40.19
N TYR K 222 16.67 -23.06 40.79
CA TYR K 222 17.98 -23.62 41.09
C TYR K 222 18.32 -23.30 42.53
N LEU K 223 18.63 -24.35 43.31
CA LEU K 223 19.00 -24.20 44.72
C LEU K 223 20.46 -24.59 44.87
N TYR K 224 21.27 -23.65 45.37
CA TYR K 224 22.67 -23.89 45.67
C TYR K 224 22.83 -23.87 47.18
N LYS K 225 23.40 -24.94 47.74
CA LYS K 225 23.65 -25.02 49.17
C LYS K 225 25.15 -24.89 49.39
N LEU K 226 25.57 -23.76 49.97
CA LEU K 226 26.98 -23.46 50.15
C LEU K 226 27.58 -24.09 51.39
N HIS K 227 26.79 -24.79 52.21
CA HIS K 227 27.33 -25.40 53.42
C HIS K 227 26.75 -26.79 53.65
N GLY K 228 26.36 -27.49 52.59
CA GLY K 228 25.85 -28.83 52.73
C GLY K 228 24.45 -28.87 53.35
N SER K 229 24.08 -30.07 53.77
CA SER K 229 22.77 -30.31 54.36
C SER K 229 22.88 -31.44 55.36
N LEU K 230 21.83 -31.61 56.17
CA LEU K 230 21.79 -32.65 57.18
C LEU K 230 21.63 -34.04 56.59
N THR K 231 21.35 -34.16 55.29
CA THR K 231 21.03 -35.44 54.68
C THR K 231 22.05 -35.81 53.61
N TRP K 232 23.32 -35.50 53.87
CA TRP K 232 24.44 -35.86 53.01
C TRP K 232 25.49 -36.59 53.84
N TYR K 233 26.00 -37.70 53.31
CA TYR K 233 27.03 -38.44 54.05
C TYR K 233 27.86 -39.26 53.08
N GLN K 234 29.04 -39.68 53.55
CA GLN K 234 30.02 -40.41 52.77
C GLN K 234 30.28 -41.77 53.40
N ASN K 235 30.17 -42.84 52.61
CA ASN K 235 30.47 -44.18 53.11
C ASN K 235 30.73 -45.12 51.94
N ASP K 236 31.68 -46.05 52.15
CA ASP K 236 31.86 -47.25 51.35
C ASP K 236 32.36 -47.00 49.93
N SER K 237 32.47 -45.74 49.50
CA SER K 237 32.86 -45.47 48.14
C SER K 237 33.76 -44.25 47.96
N LEU K 238 34.16 -43.58 49.04
CA LEU K 238 34.89 -42.31 48.97
C LEU K 238 34.14 -41.25 48.17
N THR K 239 32.81 -41.35 48.13
CA THR K 239 31.96 -40.42 47.40
C THR K 239 30.78 -40.01 48.28
N VAL K 240 30.02 -39.03 47.80
CA VAL K 240 28.92 -38.45 48.56
C VAL K 240 27.61 -39.11 48.14
N ASN K 241 26.66 -39.14 49.07
CA ASN K 241 25.35 -39.72 48.82
C ASN K 241 24.27 -38.82 49.42
N GLU K 242 23.06 -38.94 48.90
CA GLU K 242 21.91 -38.22 49.41
C GLU K 242 20.77 -39.19 49.63
N VAL K 243 20.10 -39.04 50.78
CA VAL K 243 18.99 -39.92 51.16
C VAL K 243 17.79 -39.07 51.57
N SER K 244 16.75 -39.71 52.09
CA SER K 244 15.60 -39.00 52.62
C SER K 244 15.80 -38.66 54.10
N ALA K 245 14.92 -37.79 54.61
CA ALA K 245 15.02 -37.39 56.00
C ALA K 245 14.73 -38.55 56.95
N SER K 246 13.73 -39.37 56.62
CA SER K 246 13.38 -40.49 57.48
C SER K 246 14.52 -41.49 57.55
N GLN K 247 15.16 -41.78 56.42
CA GLN K 247 16.28 -42.72 56.40
C GLN K 247 17.45 -42.18 57.23
N ALA K 248 17.76 -40.88 57.10
CA ALA K 248 18.83 -40.30 57.89
C ALA K 248 18.52 -40.35 59.38
N TYR K 249 17.25 -40.09 59.74
CA TYR K 249 16.85 -40.18 61.14
C TYR K 249 17.01 -41.61 61.67
N ASP K 250 16.59 -42.60 60.88
CA ASP K 250 16.73 -43.98 61.30
C ASP K 250 18.19 -44.43 61.34
N GLU K 251 19.06 -43.78 60.58
CA GLU K 251 20.45 -44.22 60.50
C GLU K 251 21.34 -43.58 61.56
N TYR K 252 21.47 -42.24 61.54
CA TYR K 252 22.45 -41.60 62.42
C TYR K 252 21.96 -40.41 63.22
N ILE K 253 20.87 -39.74 62.84
CA ILE K 253 20.41 -38.58 63.59
C ILE K 253 19.98 -38.98 65.00
N ASN K 254 19.28 -40.11 65.11
CA ASN K 254 18.84 -40.58 66.42
C ASN K 254 20.02 -40.85 67.35
N ASP K 255 21.08 -41.47 66.82
CA ASP K 255 22.25 -41.75 67.63
C ASP K 255 23.02 -40.48 67.96
N ILE K 256 23.04 -39.50 67.05
CA ILE K 256 23.74 -38.26 67.35
C ILE K 256 23.03 -37.50 68.47
N ILE K 257 21.69 -37.44 68.43
CA ILE K 257 20.96 -36.61 69.38
C ILE K 257 20.67 -37.37 70.68
N ASN K 258 20.34 -38.65 70.60
CA ASN K 258 19.81 -39.40 71.74
C ASN K 258 20.75 -40.49 72.21
N LYS K 259 22.05 -40.22 72.23
CA LYS K 259 23.01 -41.19 72.74
C LYS K 259 24.13 -40.48 73.48
N ASP K 260 24.66 -41.15 74.50
CA ASP K 260 25.70 -40.56 75.34
C ASP K 260 27.04 -40.51 74.62
N ASP K 261 27.40 -41.59 73.92
CA ASP K 261 28.73 -41.69 73.31
C ASP K 261 28.59 -42.46 72.00
N PHE K 262 28.57 -41.72 70.88
CA PHE K 262 28.60 -42.31 69.55
C PHE K 262 29.12 -41.26 68.59
N TYR K 263 30.35 -41.44 68.12
CA TYR K 263 30.95 -40.48 67.20
C TYR K 263 31.66 -41.25 66.09
N ARG K 264 31.36 -40.93 64.84
CA ARG K 264 32.10 -41.42 63.70
C ARG K 264 32.99 -40.30 63.15
N GLY K 265 33.94 -40.68 62.30
CA GLY K 265 34.91 -39.72 61.80
C GLY K 265 34.41 -38.89 60.64
N GLN K 266 35.18 -38.83 59.56
CA GLN K 266 34.81 -38.01 58.40
C GLN K 266 33.65 -38.66 57.65
N HIS K 267 32.46 -38.59 58.22
CA HIS K 267 31.28 -39.25 57.70
C HIS K 267 30.16 -38.29 57.32
N LEU K 268 30.13 -37.08 57.87
CA LEU K 268 29.03 -36.14 57.69
C LEU K 268 29.53 -34.91 56.96
N ILE K 269 28.65 -34.30 56.18
CA ILE K 269 28.98 -33.08 55.45
C ILE K 269 28.06 -31.98 55.98
N TYR K 270 28.51 -31.33 57.07
CA TYR K 270 28.02 -30.04 57.57
C TYR K 270 28.83 -29.70 58.83
N PRO K 271 29.00 -28.41 59.15
CA PRO K 271 28.58 -27.21 58.43
C PRO K 271 29.68 -26.66 57.53
N GLY K 272 30.46 -27.52 56.88
CA GLY K 272 31.53 -27.06 56.02
C GLY K 272 32.88 -26.95 56.72
N ALA K 273 33.30 -28.05 57.35
CA ALA K 273 34.54 -28.07 58.11
C ALA K 273 35.61 -28.96 57.46
N ASN K 274 35.26 -30.19 57.12
CA ASN K 274 36.24 -31.15 56.58
C ASN K 274 36.52 -30.83 55.10
N LYS K 275 37.20 -29.72 54.89
CA LYS K 275 37.57 -29.29 53.54
C LYS K 275 38.92 -29.82 53.10
N TYR K 276 39.70 -30.42 54.00
CA TYR K 276 41.04 -30.86 53.64
C TYR K 276 41.00 -32.13 52.79
N SER K 277 39.99 -32.99 52.99
CA SER K 277 39.85 -34.16 52.15
C SER K 277 39.51 -33.75 50.72
N HIS K 278 40.05 -34.48 49.76
CA HIS K 278 39.86 -34.16 48.35
C HIS K 278 38.65 -34.87 47.74
N THR K 279 37.83 -35.53 48.56
CA THR K 279 36.57 -36.07 48.11
C THR K 279 35.37 -35.23 48.52
N ILE K 280 35.53 -34.36 49.50
CA ILE K 280 34.45 -33.48 49.94
C ILE K 280 34.63 -32.06 49.39
N GLY K 281 35.87 -31.60 49.28
CA GLY K 281 36.13 -30.25 48.84
C GLY K 281 35.67 -29.95 47.43
N PHE K 282 35.46 -30.99 46.62
CA PHE K 282 34.95 -30.80 45.27
C PHE K 282 33.61 -30.07 45.27
N VAL K 283 32.71 -30.48 46.17
CA VAL K 283 31.38 -29.87 46.23
C VAL K 283 31.49 -28.40 46.59
N TYR K 284 32.26 -28.08 47.64
CA TYR K 284 32.39 -26.70 48.08
C TYR K 284 33.04 -25.84 47.01
N GLY K 285 34.08 -26.37 46.35
CA GLY K 285 34.74 -25.61 45.31
C GLY K 285 33.81 -25.29 44.16
N GLU K 286 33.03 -26.28 43.71
CA GLU K 286 32.09 -26.04 42.63
C GLU K 286 31.01 -25.04 43.04
N MET K 287 30.50 -25.14 44.26
CA MET K 287 29.46 -24.20 44.70
C MET K 287 29.99 -22.77 44.74
N PHE K 288 31.16 -22.57 45.35
CA PHE K 288 31.73 -21.23 45.45
C PHE K 288 32.20 -20.71 44.12
N ARG K 289 32.46 -21.59 43.15
CA ARG K 289 32.77 -21.13 41.80
C ARG K 289 31.52 -20.71 41.06
N ARG K 290 30.42 -21.47 41.23
CA ARG K 290 29.18 -21.13 40.54
C ARG K 290 28.59 -19.82 41.05
N PHE K 291 28.66 -19.58 42.37
CA PHE K 291 28.16 -18.32 42.91
C PHE K 291 28.91 -17.13 42.30
N GLY K 292 30.24 -17.18 42.33
CA GLY K 292 31.03 -16.11 41.76
C GLY K 292 30.82 -15.95 40.26
N GLU K 293 30.61 -17.06 39.55
CA GLU K 293 30.31 -16.98 38.13
C GLU K 293 28.97 -16.28 37.90
N PHE K 294 27.99 -16.55 38.75
CA PHE K 294 26.69 -15.90 38.60
C PHE K 294 26.78 -14.41 38.85
N ILE K 295 27.52 -13.99 39.88
CA ILE K 295 27.50 -12.56 40.22
C ILE K 295 28.44 -11.77 39.33
N SER K 296 29.02 -12.41 38.31
CA SER K 296 29.95 -11.77 37.39
C SER K 296 29.41 -11.72 35.97
N LYS K 297 28.14 -11.34 35.83
CA LYS K 297 27.46 -11.30 34.55
C LYS K 297 26.82 -9.93 34.35
N PRO K 298 26.67 -9.49 33.10
CA PRO K 298 25.91 -8.26 32.85
C PRO K 298 24.44 -8.40 33.23
N GLN K 299 23.83 -7.27 33.59
CA GLN K 299 22.41 -7.19 33.92
C GLN K 299 22.04 -8.15 35.06
N THR K 300 22.59 -7.88 36.23
CA THR K 300 22.38 -8.73 37.39
C THR K 300 21.90 -7.92 38.58
N ALA K 301 21.01 -8.54 39.37
CA ALA K 301 20.53 -7.98 40.61
C ALA K 301 20.60 -9.05 41.70
N LEU K 302 20.84 -8.62 42.93
CA LEU K 302 21.01 -9.52 44.05
C LEU K 302 20.39 -8.92 45.30
N PHE K 303 19.70 -9.76 46.08
CA PHE K 303 19.13 -9.38 47.36
C PHE K 303 19.81 -10.18 48.47
N ILE K 304 20.14 -9.49 49.56
CA ILE K 304 20.81 -10.11 50.71
C ILE K 304 19.95 -9.88 51.95
N ASN K 305 19.67 -10.96 52.68
CA ASN K 305 18.84 -10.90 53.86
C ASN K 305 19.23 -12.02 54.81
N GLY K 306 19.32 -11.70 56.10
CA GLY K 306 19.69 -12.69 57.08
C GLY K 306 21.17 -12.98 57.18
N PHE K 307 22.00 -12.22 56.47
CA PHE K 307 23.45 -12.44 56.44
C PHE K 307 24.14 -11.41 57.32
N GLY K 308 24.96 -11.90 58.25
CA GLY K 308 25.64 -11.05 59.19
C GLY K 308 27.00 -10.53 58.76
N PHE K 309 27.42 -10.84 57.53
CA PHE K 309 28.71 -10.43 56.99
C PHE K 309 29.88 -10.88 57.87
N GLY K 310 29.70 -11.96 58.62
CA GLY K 310 30.79 -12.53 59.40
C GLY K 310 31.76 -13.37 58.59
N ASP K 311 31.41 -13.69 57.36
CA ASP K 311 32.29 -14.39 56.43
C ASP K 311 33.19 -13.39 55.72
N TYR K 312 34.28 -13.89 55.15
CA TYR K 312 35.27 -13.04 54.52
C TYR K 312 35.34 -13.19 53.01
N HIS K 313 35.33 -14.43 52.51
CA HIS K 313 35.42 -14.64 51.07
C HIS K 313 34.21 -14.06 50.35
N ILE K 314 33.01 -14.28 50.89
CA ILE K 314 31.80 -13.79 50.25
C ILE K 314 31.77 -12.27 50.23
N ASN K 315 32.15 -11.64 51.34
CA ASN K 315 32.20 -10.19 51.39
C ASN K 315 33.23 -9.64 50.40
N ARG K 316 34.39 -10.30 50.31
CA ARG K 316 35.42 -9.88 49.37
C ARG K 316 34.90 -9.92 47.94
N ILE K 317 34.26 -11.03 47.55
CA ILE K 317 33.77 -11.14 46.18
C ILE K 317 32.64 -10.15 45.93
N ILE K 318 31.77 -9.94 46.92
CA ILE K 318 30.68 -9.00 46.76
C ILE K 318 31.22 -7.59 46.53
N LEU K 319 32.21 -7.18 47.32
CA LEU K 319 32.81 -5.86 47.13
C LEU K 319 33.53 -5.76 45.80
N GLY K 320 34.20 -6.83 45.36
CA GLY K 320 34.93 -6.77 44.11
C GLY K 320 34.06 -6.78 42.87
N ALA K 321 32.85 -7.34 42.98
CA ALA K 321 32.02 -7.51 41.79
C ALA K 321 31.46 -6.20 41.25
N LEU K 322 31.42 -5.14 42.06
CA LEU K 322 30.74 -3.90 41.66
C LEU K 322 31.51 -3.09 40.63
N LEU K 323 32.63 -3.57 40.10
CA LEU K 323 33.41 -2.75 39.18
C LEU K 323 32.66 -2.49 37.88
N ASN K 324 32.01 -3.51 37.33
CA ASN K 324 31.26 -3.32 36.10
C ASN K 324 29.98 -2.53 36.38
N PRO K 325 29.53 -1.69 35.43
CA PRO K 325 28.35 -0.85 35.64
C PRO K 325 27.02 -1.56 35.35
N SER K 326 26.88 -2.80 35.87
CA SER K 326 25.62 -3.50 35.72
C SER K 326 25.26 -4.33 36.95
N PHE K 327 25.79 -4.01 38.13
CA PHE K 327 25.56 -4.78 39.34
C PHE K 327 24.76 -3.94 40.32
N HIS K 328 23.63 -4.48 40.77
CA HIS K 328 22.76 -3.82 41.74
C HIS K 328 22.52 -4.75 42.91
N VAL K 329 22.70 -4.23 44.13
CA VAL K 329 22.60 -5.02 45.35
C VAL K 329 21.79 -4.26 46.38
N VAL K 330 21.07 -5.01 47.22
CA VAL K 330 20.27 -4.47 48.31
C VAL K 330 20.58 -5.26 49.56
N ILE K 331 20.84 -4.57 50.67
CA ILE K 331 21.21 -5.21 51.92
C ILE K 331 20.13 -4.93 52.96
N TYR K 332 19.91 -5.92 53.82
CA TYR K 332 18.98 -5.82 54.95
C TYR K 332 19.77 -6.09 56.22
N TYR K 333 20.22 -5.02 56.87
CA TYR K 333 21.00 -5.14 58.11
C TYR K 333 20.27 -4.40 59.23
N PRO K 334 19.68 -5.11 60.20
CA PRO K 334 18.77 -4.48 61.16
C PRO K 334 19.44 -3.65 62.25
N GLU K 335 20.76 -3.67 62.37
CA GLU K 335 21.47 -2.94 63.43
C GLU K 335 22.42 -1.92 62.85
N LEU K 336 21.96 -1.11 61.89
CA LEU K 336 22.82 -0.09 61.31
C LEU K 336 23.16 1.01 62.31
N LYS K 337 22.19 1.42 63.12
CA LYS K 337 22.39 2.57 64.00
C LYS K 337 23.45 2.28 65.07
N GLU K 338 23.37 1.09 65.68
CA GLU K 338 24.37 0.74 66.70
C GLU K 338 25.75 0.63 66.09
N ALA K 339 25.86 0.09 64.88
CA ALA K 339 27.14 0.01 64.21
C ALA K 339 27.71 1.40 63.94
N ILE K 340 26.86 2.34 63.49
CA ILE K 340 27.33 3.70 63.25
C ILE K 340 27.81 4.34 64.55
N THR K 341 27.05 4.16 65.64
CA THR K 341 27.45 4.74 66.91
C THR K 341 28.78 4.17 67.38
N LYS K 342 28.98 2.85 67.23
CA LYS K 342 30.23 2.24 67.66
C LYS K 342 31.40 2.69 66.79
N VAL K 343 31.22 2.77 65.47
CA VAL K 343 32.32 3.15 64.60
C VAL K 343 32.62 4.64 64.67
N SER K 344 31.70 5.45 65.18
CA SER K 344 32.02 6.86 65.40
C SER K 344 33.14 7.01 66.43
N LYS K 345 33.06 6.25 67.53
CA LYS K 345 34.13 6.27 68.52
C LYS K 345 35.37 5.53 68.03
N GLY K 346 35.17 4.38 67.38
CA GLY K 346 36.30 3.64 66.83
C GLY K 346 36.31 2.16 67.15
N GLY K 347 35.21 1.64 67.68
CA GLY K 347 35.08 0.23 67.99
C GLY K 347 34.45 -0.56 66.87
N GLY K 348 34.00 -1.76 67.22
CA GLY K 348 33.30 -2.63 66.28
C GLY K 348 34.20 -3.70 65.70
N SER K 349 33.57 -4.55 64.88
CA SER K 349 34.21 -5.66 64.22
C SER K 349 34.38 -5.36 62.73
N GLU K 350 34.94 -6.32 62.00
CA GLU K 350 35.18 -6.13 60.57
C GLU K 350 33.88 -5.99 59.80
N ALA K 351 32.84 -6.74 60.19
CA ALA K 351 31.57 -6.69 59.50
C ALA K 351 30.94 -5.29 59.59
N GLU K 352 30.99 -4.69 60.78
CA GLU K 352 30.43 -3.35 60.95
C GLU K 352 31.20 -2.32 60.13
N LYS K 353 32.53 -2.43 60.10
CA LYS K 353 33.32 -1.52 59.27
C LYS K 353 32.95 -1.69 57.80
N ALA K 354 32.77 -2.93 57.35
CA ALA K 354 32.40 -3.17 55.96
C ALA K 354 31.04 -2.57 55.63
N ILE K 355 30.07 -2.75 56.53
CA ILE K 355 28.72 -2.24 56.25
C ILE K 355 28.69 -0.72 56.29
N VAL K 356 29.47 -0.11 57.18
CA VAL K 356 29.51 1.36 57.23
C VAL K 356 30.21 1.92 56.00
N THR K 357 31.29 1.26 55.56
CA THR K 357 31.94 1.69 54.33
C THR K 357 31.02 1.56 53.12
N LEU K 358 30.22 0.48 53.09
CA LEU K 358 29.21 0.35 52.04
C LEU K 358 28.19 1.47 52.11
N LYS K 359 27.77 1.85 53.31
CA LYS K 359 26.79 2.91 53.47
C LYS K 359 27.35 4.26 53.01
N ASN K 360 28.61 4.55 53.33
CA ASN K 360 29.14 5.89 53.11
C ASN K 360 29.44 6.18 51.65
N MET K 361 29.89 5.19 50.89
CA MET K 361 30.33 5.43 49.52
C MET K 361 29.18 5.92 48.65
N ALA K 362 29.50 6.81 47.72
CA ALA K 362 28.52 7.46 46.86
C ALA K 362 28.30 6.63 45.60
N PHE K 363 27.60 5.51 45.75
CA PHE K 363 27.20 4.67 44.62
C PHE K 363 25.68 4.59 44.55
N ASN K 364 25.15 4.66 43.34
CA ASN K 364 23.73 4.49 43.12
C ASN K 364 23.33 3.03 43.00
N GLN K 365 24.29 2.11 43.04
CA GLN K 365 24.05 0.68 42.88
C GLN K 365 23.92 -0.05 44.21
N VAL K 366 23.96 0.67 45.34
CA VAL K 366 23.84 0.07 46.66
C VAL K 366 22.69 0.73 47.40
N THR K 367 21.90 -0.09 48.09
CA THR K 367 20.75 0.40 48.84
C THR K 367 20.68 -0.38 50.15
N VAL K 368 21.14 0.25 51.23
CA VAL K 368 21.16 -0.38 52.54
C VAL K 368 19.89 0.00 53.29
N VAL K 369 19.16 -1.00 53.77
CA VAL K 369 17.89 -0.80 54.44
C VAL K 369 18.04 -1.27 55.89
N GLY K 370 17.95 -0.32 56.82
CA GLY K 370 18.01 -0.66 58.23
C GLY K 370 16.89 -0.01 59.02
N GLY K 371 16.04 -0.81 59.64
CA GLY K 371 14.92 -0.31 60.40
C GLY K 371 14.59 -1.08 61.65
N GLY K 372 15.58 -1.77 62.21
CA GLY K 372 15.37 -2.55 63.41
C GLY K 372 14.50 -3.76 63.15
N SER K 373 13.27 -3.73 63.65
CA SER K 373 12.33 -4.82 63.42
C SER K 373 11.65 -4.75 62.06
N LYS K 374 11.85 -3.66 61.32
CA LYS K 374 11.27 -3.52 59.99
C LYS K 374 12.13 -4.14 58.90
N ALA K 375 13.31 -4.66 59.23
CA ALA K 375 14.21 -5.29 58.28
C ALA K 375 14.35 -6.78 58.56
N TYR K 376 13.24 -7.42 58.94
CA TYR K 376 13.22 -8.85 59.19
C TYR K 376 12.92 -9.59 57.88
N PHE K 377 12.90 -10.92 57.95
CA PHE K 377 12.56 -11.71 56.77
C PHE K 377 11.11 -11.53 56.37
N ASN K 378 10.21 -11.37 57.36
CA ASN K 378 8.79 -11.23 57.06
C ASN K 378 8.52 -9.98 56.25
N SER K 379 9.16 -8.87 56.59
CA SER K 379 8.98 -7.64 55.84
C SER K 379 9.61 -7.72 54.45
N PHE K 380 10.65 -8.54 54.30
CA PHE K 380 11.32 -8.64 53.01
C PHE K 380 10.40 -9.23 51.94
N VAL K 381 9.61 -10.23 52.32
CA VAL K 381 8.69 -10.85 51.37
C VAL K 381 7.59 -9.88 50.95
N GLU K 382 7.26 -8.92 51.82
CA GLU K 382 6.11 -8.04 51.60
C GLU K 382 6.38 -6.92 50.61
N HIS K 383 7.62 -6.68 50.21
CA HIS K 383 7.94 -5.57 49.32
C HIS K 383 7.94 -5.97 47.84
N LEU K 384 7.70 -7.24 47.53
CA LEU K 384 7.69 -7.69 46.16
C LEU K 384 6.26 -7.72 45.61
N PRO K 385 6.09 -7.52 44.31
CA PRO K 385 4.74 -7.40 43.75
C PRO K 385 4.15 -8.71 43.27
N TYR K 386 2.84 -8.87 43.50
CA TYR K 386 2.09 -9.90 42.79
C TYR K 386 1.66 -9.37 41.43
N PRO K 387 1.62 -10.22 40.41
CA PRO K 387 0.98 -9.83 39.15
C PRO K 387 -0.51 -9.57 39.37
N VAL K 388 -1.05 -8.64 38.58
CA VAL K 388 -2.45 -8.27 38.74
C VAL K 388 -3.36 -9.43 38.37
N LEU K 389 -2.96 -10.22 37.38
CA LEU K 389 -3.77 -11.36 36.94
C LEU K 389 -3.41 -12.66 37.63
N PHE K 390 -2.50 -12.62 38.61
CA PHE K 390 -2.11 -13.83 39.32
C PHE K 390 -3.25 -14.29 40.22
N PRO K 391 -3.58 -15.59 40.25
CA PRO K 391 -4.70 -16.06 41.07
C PRO K 391 -4.42 -15.89 42.56
N ARG K 392 -5.51 -15.75 43.32
CA ARG K 392 -5.44 -15.62 44.76
C ARG K 392 -4.82 -16.85 45.41
N ASN K 394 -8.60 -21.53 47.93
CA ASN K 394 -9.69 -20.94 47.15
C ASN K 394 -10.68 -22.00 46.70
N ILE K 395 -10.65 -22.33 45.40
CA ILE K 395 -11.58 -23.30 44.83
C ILE K 395 -11.07 -24.73 44.96
N VAL K 396 -9.76 -24.95 44.89
CA VAL K 396 -9.22 -26.31 44.96
C VAL K 396 -9.53 -26.94 46.31
N ASP K 397 -9.42 -26.16 47.40
CA ASP K 397 -9.60 -26.72 48.74
C ASP K 397 -11.02 -27.24 48.93
N GLU K 398 -12.03 -26.48 48.51
CA GLU K 398 -13.41 -26.92 48.70
C GLU K 398 -13.71 -28.18 47.89
N LEU K 399 -13.25 -28.23 46.64
CA LEU K 399 -13.50 -29.40 45.81
C LEU K 399 -12.79 -30.63 46.35
N VAL K 400 -11.55 -30.46 46.83
CA VAL K 400 -10.83 -31.58 47.42
C VAL K 400 -11.52 -32.08 48.68
N GLU K 401 -11.99 -31.16 49.52
CA GLU K 401 -12.71 -31.56 50.72
C GLU K 401 -14.00 -32.30 50.37
N ALA K 402 -14.70 -31.83 49.33
CA ALA K 402 -15.90 -32.53 48.87
C ALA K 402 -15.57 -33.92 48.37
N ILE K 403 -14.46 -34.06 47.63
CA ILE K 403 -14.05 -35.36 47.11
C ILE K 403 -13.73 -36.32 48.26
N ALA K 404 -13.07 -35.82 49.29
CA ALA K 404 -12.65 -36.69 50.39
C ALA K 404 -13.85 -37.31 51.10
N ASN K 405 -14.91 -36.53 51.32
CA ASN K 405 -16.06 -37.00 52.06
C ASN K 405 -16.95 -37.95 51.27
N LEU K 406 -16.75 -38.07 49.96
CA LEU K 406 -17.60 -38.92 49.12
C LEU K 406 -17.11 -40.36 49.17
N SER K 407 -17.65 -41.11 50.14
CA SER K 407 -17.28 -42.51 50.32
C SER K 407 -18.39 -43.27 51.04
N SER L 2 47.84 -53.65 23.18
CA SER L 2 46.56 -53.97 22.54
C SER L 2 45.70 -52.72 22.42
N ILE L 3 44.77 -52.73 21.45
CA ILE L 3 43.89 -51.60 21.17
C ILE L 3 42.45 -52.05 21.38
N TYR L 4 41.69 -51.26 22.14
CA TYR L 4 40.31 -51.55 22.45
C TYR L 4 39.43 -50.36 22.08
N GLN L 5 38.18 -50.66 21.72
CA GLN L 5 37.20 -49.62 21.38
C GLN L 5 35.83 -50.15 21.78
N GLY L 6 35.40 -49.79 22.99
CA GLY L 6 34.12 -50.25 23.50
C GLY L 6 34.12 -51.66 24.04
N GLY L 7 35.27 -52.21 24.39
CA GLY L 7 35.39 -53.55 24.92
C GLY L 7 35.77 -54.59 23.89
N ASN L 8 35.69 -54.27 22.60
CA ASN L 8 36.11 -55.18 21.55
C ASN L 8 37.58 -54.89 21.20
N LYS L 9 38.06 -55.49 20.11
CA LYS L 9 39.43 -55.29 19.65
C LYS L 9 39.42 -54.71 18.24
N LEU L 10 40.41 -53.85 17.97
CA LEU L 10 40.51 -53.15 16.71
C LEU L 10 41.92 -53.28 16.16
N ASN L 11 42.03 -53.35 14.83
CA ASN L 11 43.32 -53.46 14.17
C ASN L 11 43.88 -52.08 13.84
N GLU L 12 45.12 -52.06 13.34
CA GLU L 12 45.88 -50.83 13.24
C GLU L 12 45.35 -49.92 12.13
N ASP L 13 44.95 -50.49 10.99
CA ASP L 13 44.48 -49.66 9.89
C ASP L 13 43.21 -48.90 10.26
N ASP L 14 42.27 -49.57 10.93
CA ASP L 14 41.06 -48.90 11.38
C ASP L 14 41.38 -47.82 12.40
N PHE L 15 42.35 -48.08 13.28
CA PHE L 15 42.75 -47.07 14.25
C PHE L 15 43.32 -45.84 13.57
N ARG L 16 44.16 -46.04 12.55
CA ARG L 16 44.74 -44.92 11.83
C ARG L 16 43.65 -44.12 11.11
N SER L 17 42.70 -44.81 10.47
CA SER L 17 41.61 -44.12 9.80
C SER L 17 40.76 -43.33 10.79
N HIS L 18 40.48 -43.92 11.95
CA HIS L 18 39.69 -43.24 12.98
C HIS L 18 40.41 -42.01 13.48
N VAL L 19 41.71 -42.11 13.73
CA VAL L 19 42.47 -40.96 14.19
C VAL L 19 42.49 -39.86 13.13
N TYR L 20 42.69 -40.24 11.87
CA TYR L 20 42.71 -39.25 10.80
C TYR L 20 41.38 -38.51 10.70
N SER L 21 40.28 -39.25 10.74
CA SER L 21 38.97 -38.62 10.65
C SER L 21 38.60 -37.87 11.91
N LEU L 22 39.26 -38.15 13.03
CA LEU L 22 38.94 -37.53 14.30
C LEU L 22 39.68 -36.20 14.51
N CYS L 23 40.50 -35.78 13.56
CA CYS L 23 41.22 -34.51 13.65
C CYS L 23 40.61 -33.43 12.77
N GLN L 24 39.38 -33.64 12.27
CA GLN L 24 38.69 -32.65 11.45
C GLN L 24 37.50 -32.03 12.14
N LEU L 25 37.30 -32.30 13.44
CA LEU L 25 36.15 -31.79 14.15
C LEU L 25 36.33 -30.31 14.48
N ASP L 26 35.27 -29.70 15.00
CA ASP L 26 35.29 -28.26 15.29
C ASP L 26 36.25 -27.93 16.42
N ASN L 27 36.41 -28.82 17.40
CA ASN L 27 37.24 -28.57 18.56
C ASN L 27 38.26 -29.70 18.71
N VAL L 28 39.52 -29.32 18.93
CA VAL L 28 40.60 -30.28 19.13
C VAL L 28 41.49 -29.78 20.26
N GLY L 29 42.09 -30.72 20.98
CA GLY L 29 42.92 -30.35 22.11
C GLY L 29 43.69 -31.55 22.64
N VAL L 30 44.68 -31.25 23.47
CA VAL L 30 45.55 -32.26 24.05
C VAL L 30 45.71 -31.99 25.55
N LEU L 31 46.09 -33.04 26.27
CA LEU L 31 46.40 -32.93 27.69
C LEU L 31 47.65 -33.77 27.97
N LEU L 32 48.74 -33.10 28.35
CA LEU L 32 50.02 -33.75 28.57
C LEU L 32 50.31 -33.88 30.05
N GLY L 33 50.94 -34.99 30.43
CA GLY L 33 51.33 -35.25 31.79
C GLY L 33 52.82 -35.04 32.01
N ALA L 34 53.34 -35.68 33.05
CA ALA L 34 54.76 -35.55 33.39
C ALA L 34 55.65 -36.48 32.58
N GLY L 35 55.07 -37.44 31.84
CA GLY L 35 55.87 -38.33 31.03
C GLY L 35 56.30 -37.77 29.70
N ALA L 36 55.69 -36.66 29.27
CA ALA L 36 56.03 -36.08 27.97
C ALA L 36 57.42 -35.45 27.98
N SER L 37 57.85 -34.92 29.12
CA SER L 37 59.15 -34.27 29.23
C SER L 37 60.25 -35.21 29.67
N VAL L 38 59.95 -36.50 29.83
CA VAL L 38 60.97 -37.47 30.21
C VAL L 38 62.05 -37.55 29.13
N GLY L 39 61.66 -37.47 27.87
CA GLY L 39 62.61 -37.55 26.78
C GLY L 39 63.44 -36.29 26.59
N CYS L 40 63.14 -35.23 27.32
CA CYS L 40 63.91 -33.99 27.24
C CYS L 40 64.84 -33.78 28.44
N GLY L 41 64.71 -34.59 29.49
CA GLY L 41 65.58 -34.44 30.65
C GLY L 41 64.84 -34.29 31.96
N GLY L 42 63.55 -34.60 31.96
CA GLY L 42 62.75 -34.51 33.16
C GLY L 42 62.90 -35.73 34.05
N LYS L 43 62.18 -35.69 35.17
CA LYS L 43 62.22 -36.77 36.16
C LYS L 43 60.83 -36.99 36.69
N THR L 44 60.45 -38.26 36.86
CA THR L 44 59.12 -38.61 37.35
C THR L 44 59.06 -38.47 38.88
N MET L 45 57.94 -38.94 39.44
CA MET L 45 57.74 -38.81 40.88
C MET L 45 58.65 -39.73 41.67
N LYS L 46 58.97 -40.91 41.12
CA LYS L 46 59.86 -41.84 41.81
C LYS L 46 61.28 -41.31 41.91
N ASP L 47 61.74 -40.57 40.89
CA ASP L 47 63.08 -39.99 40.94
C ASP L 47 63.23 -39.02 42.09
N VAL L 48 62.19 -38.23 42.38
CA VAL L 48 62.23 -37.30 43.50
C VAL L 48 62.39 -38.06 44.81
N TRP L 49 61.63 -39.15 44.98
CA TRP L 49 61.76 -39.96 46.18
C TRP L 49 63.16 -40.56 46.30
N LYS L 50 63.70 -41.06 45.20
CA LYS L 50 65.05 -41.64 45.23
C LYS L 50 66.08 -40.59 45.65
N SER L 51 65.99 -39.40 45.05
CA SER L 51 66.94 -38.34 45.36
C SER L 51 66.82 -37.87 46.81
N PHE L 52 65.59 -37.74 47.30
CA PHE L 52 65.39 -37.31 48.68
C PHE L 52 65.92 -38.36 49.64
N LYS L 53 65.70 -39.65 49.34
CA LYS L 53 66.20 -40.71 50.19
C LYS L 53 67.72 -40.73 50.23
N GLN L 54 68.36 -40.57 49.07
CA GLN L 54 69.82 -40.68 49.03
C GLN L 54 70.52 -39.44 49.54
N ASN L 55 69.90 -38.26 49.41
CA ASN L 55 70.55 -37.02 49.83
C ASN L 55 70.45 -36.77 51.33
N TYR L 56 69.30 -37.03 51.95
CA TYR L 56 69.05 -36.68 53.34
C TYR L 56 68.70 -37.94 54.14
N PRO L 57 69.68 -38.57 54.80
CA PRO L 57 69.37 -39.76 55.60
C PRO L 57 68.79 -39.44 56.98
N GLU L 58 69.25 -38.35 57.58
CA GLU L 58 68.81 -38.02 58.95
C GLU L 58 67.32 -37.72 58.99
N LEU L 59 66.82 -36.92 58.04
CA LEU L 59 65.40 -36.62 58.00
C LEU L 59 64.58 -37.85 57.71
N LEU L 60 65.07 -38.72 56.83
CA LEU L 60 64.37 -39.98 56.57
C LEU L 60 64.26 -40.82 57.83
N GLY L 61 65.34 -40.93 58.59
CA GLY L 61 65.28 -41.67 59.84
C GLY L 61 64.31 -41.05 60.84
N ALA L 62 64.38 -39.73 61.00
CA ALA L 62 63.52 -39.05 61.96
C ALA L 62 62.05 -39.20 61.58
N LEU L 63 61.75 -39.16 60.29
CA LEU L 63 60.37 -39.35 59.85
C LEU L 63 59.93 -40.80 59.91
N ILE L 64 60.87 -41.74 59.84
CA ILE L 64 60.50 -43.15 59.78
C ILE L 64 60.38 -43.78 61.15
N ASP L 65 61.05 -43.25 62.18
CA ASP L 65 61.00 -43.91 63.48
C ASP L 65 60.21 -43.15 64.53
N LYS L 66 60.12 -41.82 64.45
CA LYS L 66 59.49 -41.03 65.50
C LYS L 66 58.04 -40.67 65.18
N TYR L 67 57.77 -40.16 63.99
CA TYR L 67 56.43 -39.66 63.67
C TYR L 67 55.55 -40.68 62.98
N LEU L 68 56.14 -41.68 62.30
CA LEU L 68 55.41 -42.79 61.72
C LEU L 68 54.44 -42.36 60.62
N LEU L 69 54.80 -41.35 59.82
CA LEU L 69 54.00 -41.05 58.64
C LEU L 69 54.10 -42.15 57.59
N VAL L 70 55.26 -42.80 57.48
CA VAL L 70 55.53 -43.77 56.41
C VAL L 70 55.96 -45.08 57.05
N SER L 71 55.57 -46.18 56.42
CA SER L 71 56.01 -47.51 56.83
C SER L 71 57.40 -47.78 56.28
N GLN L 72 58.15 -48.62 57.01
CA GLN L 72 59.54 -48.90 56.62
C GLN L 72 59.60 -49.65 55.30
N ILE L 73 58.69 -50.60 55.07
CA ILE L 73 58.74 -51.41 53.86
C ILE L 73 58.50 -50.58 52.61
N ASP L 74 57.73 -49.49 52.72
CA ASP L 74 57.38 -48.72 51.53
C ASP L 74 58.57 -47.96 50.97
N SER L 75 59.45 -47.48 51.84
CA SER L 75 60.60 -46.70 51.38
C SER L 75 61.54 -47.52 50.54
N ASP L 76 61.74 -48.80 50.88
CA ASP L 76 62.63 -49.66 50.11
C ASP L 76 62.09 -49.92 48.72
N ASN L 77 60.79 -50.14 48.60
CA ASN L 77 60.17 -50.55 47.33
C ASN L 77 59.65 -49.36 46.53
N ASN L 78 59.95 -48.13 46.95
CA ASN L 78 59.53 -46.91 46.24
C ASN L 78 58.01 -46.85 46.10
N LEU L 79 57.32 -47.20 47.19
CA LEU L 79 55.85 -47.13 47.25
C LEU L 79 55.39 -45.89 48.01
N VAL L 80 56.12 -44.78 47.85
CA VAL L 80 55.86 -43.55 48.61
C VAL L 80 55.36 -42.49 47.65
N ASN L 81 54.23 -41.87 47.99
CA ASN L 81 53.67 -40.78 47.19
C ASN L 81 54.13 -39.45 47.77
N VAL L 82 54.80 -38.64 46.95
CA VAL L 82 55.30 -37.36 47.40
C VAL L 82 54.16 -36.40 47.71
N GLU L 83 53.07 -36.48 46.94
CA GLU L 83 51.97 -35.53 47.12
C GLU L 83 51.36 -35.63 48.51
N LEU L 84 51.21 -36.84 49.03
CA LEU L 84 50.57 -37.02 50.33
C LEU L 84 51.43 -36.51 51.48
N LEU L 85 52.76 -36.51 51.33
CA LEU L 85 53.62 -36.12 52.44
C LEU L 85 53.55 -34.63 52.72
N ILE L 86 53.42 -33.81 51.66
CA ILE L 86 53.44 -32.35 51.84
C ILE L 86 52.24 -31.90 52.66
N ASP L 87 51.06 -32.42 52.34
CA ASP L 87 49.85 -32.02 53.07
C ASP L 87 49.94 -32.42 54.54
N GLU L 88 50.45 -33.62 54.82
CA GLU L 88 50.60 -34.06 56.20
C GLU L 88 51.62 -33.21 56.95
N ALA L 89 52.71 -32.84 56.29
CA ALA L 89 53.69 -31.95 56.91
C ALA L 89 53.10 -30.59 57.22
N THR L 90 52.29 -30.04 56.30
CA THR L 90 51.63 -28.77 56.57
C THR L 90 50.68 -28.89 57.75
N LYS L 91 49.93 -29.99 57.83
CA LYS L 91 49.02 -30.20 58.94
C LYS L 91 49.77 -30.26 60.27
N PHE L 92 50.88 -31.00 60.30
CA PHE L 92 51.68 -31.09 61.53
C PHE L 92 52.23 -29.73 61.91
N LEU L 93 52.73 -28.97 60.93
CA LEU L 93 53.26 -27.65 61.24
C LEU L 93 52.18 -26.73 61.78
N SER L 94 50.99 -26.76 61.21
CA SER L 94 49.90 -25.91 61.69
C SER L 94 49.53 -26.27 63.11
N VAL L 95 49.39 -27.57 63.40
CA VAL L 95 49.04 -28.01 64.74
C VAL L 95 50.11 -27.60 65.75
N ALA L 96 51.39 -27.76 65.39
CA ALA L 96 52.46 -27.38 66.29
C ALA L 96 52.50 -25.88 66.52
N LYS L 97 52.30 -25.09 65.46
CA LYS L 97 52.39 -23.64 65.56
C LYS L 97 51.24 -23.04 66.36
N THR L 98 50.05 -23.64 66.28
CA THR L 98 48.93 -23.13 67.06
C THR L 98 49.17 -23.28 68.55
N ARG L 99 49.76 -24.41 68.97
CA ARG L 99 49.92 -24.74 70.39
C ARG L 99 51.25 -24.27 70.96
N ARG L 100 52.05 -23.54 70.19
CA ARG L 100 53.31 -22.96 70.65
C ARG L 100 54.31 -24.02 71.10
N CYS L 101 54.74 -24.84 70.14
CA CYS L 101 55.83 -25.77 70.34
C CYS L 101 56.99 -25.32 69.44
N GLU L 102 58.05 -24.82 70.07
CA GLU L 102 59.17 -24.26 69.33
C GLU L 102 60.08 -25.31 68.71
N ASP L 103 60.19 -26.49 69.32
CA ASP L 103 61.02 -27.55 68.77
C ASP L 103 60.49 -28.01 67.42
N GLU L 104 59.17 -28.10 67.27
CA GLU L 104 58.53 -28.58 66.06
C GLU L 104 58.34 -27.49 65.01
N GLU L 105 58.72 -26.26 65.30
CA GLU L 105 58.50 -25.14 64.38
C GLU L 105 59.62 -24.99 63.35
N GLU L 106 60.68 -25.78 63.44
CA GLU L 106 61.83 -25.63 62.56
C GLU L 106 62.18 -26.90 61.78
N GLU L 107 62.06 -28.07 62.41
CA GLU L 107 62.37 -29.32 61.71
C GLU L 107 61.43 -29.54 60.53
N PHE L 108 60.13 -29.28 60.72
CA PHE L 108 59.19 -29.45 59.63
C PHE L 108 59.42 -28.42 58.53
N ARG L 109 59.81 -27.20 58.92
CA ARG L 109 60.19 -26.19 57.94
C ARG L 109 61.36 -26.69 57.09
N LYS L 110 62.36 -27.29 57.74
CA LYS L 110 63.51 -27.83 57.02
C LYS L 110 63.10 -28.95 56.07
N ILE L 111 62.22 -29.85 56.53
CA ILE L 111 61.77 -30.95 55.68
C ILE L 111 61.07 -30.42 54.45
N LEU L 112 60.15 -29.47 54.64
CA LEU L 112 59.41 -28.90 53.52
C LEU L 112 60.35 -28.15 52.56
N SER L 113 61.32 -27.43 53.11
CA SER L 113 62.28 -26.72 52.26
C SER L 113 63.09 -27.70 51.41
N SER L 114 63.53 -28.81 52.01
CA SER L 114 64.28 -29.80 51.25
C SER L 114 63.43 -30.42 50.14
N LEU L 115 62.17 -30.76 50.47
CA LEU L 115 61.29 -31.33 49.46
C LEU L 115 61.08 -30.36 48.30
N TYR L 116 60.82 -29.09 48.62
CA TYR L 116 60.61 -28.09 47.58
C TYR L 116 61.87 -27.89 46.75
N LYS L 117 63.04 -27.89 47.39
CA LYS L 117 64.29 -27.73 46.65
C LYS L 117 64.49 -28.86 45.66
N GLU L 118 64.22 -30.10 46.08
CA GLU L 118 64.38 -31.23 45.16
C GLU L 118 63.39 -31.15 44.01
N VAL L 119 62.13 -30.81 44.31
CA VAL L 119 61.13 -30.71 43.24
C VAL L 119 61.51 -29.62 42.25
N THR L 120 62.01 -28.48 42.75
CA THR L 120 62.44 -27.42 41.85
C THR L 120 63.63 -27.86 41.00
N LYS L 121 64.58 -28.57 41.60
CA LYS L 121 65.76 -29.02 40.86
C LYS L 121 65.36 -29.97 39.75
N ALA L 122 64.36 -30.81 39.98
CA ALA L 122 64.00 -31.83 39.00
C ALA L 122 63.23 -31.29 37.80
N ALA L 123 63.19 -29.97 37.59
CA ALA L 123 62.39 -29.39 36.51
C ALA L 123 63.12 -28.34 35.68
N LEU L 124 64.45 -28.22 35.81
CA LEU L 124 65.17 -27.23 35.02
C LEU L 124 65.35 -27.67 33.57
N LEU L 125 65.52 -28.98 33.36
CA LEU L 125 65.58 -29.62 32.04
C LEU L 125 66.87 -29.33 31.28
N THR L 126 67.70 -28.41 31.77
CA THR L 126 68.95 -28.12 31.07
C THR L 126 70.16 -27.97 31.99
N GLY L 127 70.00 -27.64 33.25
CA GLY L 127 71.13 -27.49 34.15
C GLY L 127 71.47 -26.02 34.39
N GLU L 128 72.70 -25.64 34.05
CA GLU L 128 73.15 -24.26 34.21
C GLU L 128 72.82 -23.38 33.01
N GLN L 129 72.33 -23.95 31.92
CA GLN L 129 71.97 -23.20 30.73
C GLN L 129 70.54 -22.68 30.77
N PHE L 130 69.88 -22.79 31.92
CA PHE L 130 68.51 -22.31 32.08
C PHE L 130 68.40 -20.80 31.92
N ARG L 131 69.52 -20.08 32.02
CA ARG L 131 69.55 -18.63 31.96
C ARG L 131 70.20 -18.12 30.66
N GLU L 132 69.94 -18.81 29.55
CA GLU L 132 70.52 -18.40 28.27
C GLU L 132 69.46 -18.36 27.18
N LYS L 133 69.88 -18.15 25.94
CA LYS L 133 68.97 -17.90 24.84
C LYS L 133 69.14 -18.96 23.75
N ASN L 134 68.13 -19.03 22.87
CA ASN L 134 68.09 -19.99 21.77
C ASN L 134 68.18 -21.43 22.29
N GLN L 135 67.28 -21.78 23.20
CA GLN L 135 67.23 -23.11 23.78
C GLN L 135 66.27 -24.04 23.06
N GLY L 136 65.62 -23.57 22.00
CA GLY L 136 64.73 -24.41 21.22
C GLY L 136 65.40 -25.00 19.99
N LYS L 137 66.63 -24.60 19.74
CA LYS L 137 67.40 -25.10 18.62
C LYS L 137 68.01 -26.47 18.87
N LYS L 138 68.02 -26.93 20.11
CA LYS L 138 68.63 -28.21 20.45
C LYS L 138 67.80 -29.37 19.92
N ASP L 139 68.46 -30.53 19.80
CA ASP L 139 67.81 -31.70 19.22
C ASP L 139 66.87 -32.40 20.19
N ALA L 140 66.97 -32.11 21.49
CA ALA L 140 66.09 -32.75 22.47
C ALA L 140 64.64 -32.32 22.31
N PHE L 141 64.38 -31.17 21.68
CA PHE L 141 63.05 -30.62 21.52
C PHE L 141 62.53 -30.80 20.10
N LYS L 142 62.79 -31.95 19.48
CA LYS L 142 62.50 -32.17 18.06
C LYS L 142 61.11 -32.74 17.80
N TYR L 143 60.34 -33.05 18.84
CA TYR L 143 58.99 -33.59 18.66
C TYR L 143 57.89 -32.63 19.08
N HIS L 144 58.17 -31.71 20.01
CA HIS L 144 57.20 -30.67 20.34
C HIS L 144 56.91 -29.79 19.14
N LYS L 145 57.96 -29.48 18.34
CA LYS L 145 57.76 -28.72 17.12
C LYS L 145 56.83 -29.45 16.16
N GLU L 146 57.03 -30.76 16.01
CA GLU L 146 56.17 -31.56 15.14
C GLU L 146 54.73 -31.55 15.65
N LEU L 147 54.55 -31.70 16.96
CA LEU L 147 53.19 -31.69 17.52
C LEU L 147 52.50 -30.36 17.24
N ILE L 148 53.18 -29.25 17.54
CA ILE L 148 52.58 -27.93 17.32
C ILE L 148 52.25 -27.71 15.85
N SER L 149 53.19 -28.07 14.97
CA SER L 149 52.99 -27.83 13.54
C SER L 149 51.82 -28.65 13.02
N LYS L 150 51.74 -29.93 13.40
CA LYS L 150 50.67 -30.77 12.89
C LYS L 150 49.31 -30.34 13.42
N LEU L 151 49.23 -29.96 14.71
CA LEU L 151 47.95 -29.49 15.22
C LEU L 151 47.53 -28.18 14.56
N ILE L 152 48.46 -27.23 14.42
CA ILE L 152 48.08 -25.91 13.93
C ILE L 152 47.73 -25.95 12.44
N SER L 153 48.53 -26.67 11.64
CA SER L 153 48.39 -26.64 10.19
C SER L 153 47.34 -27.61 9.67
N ASN L 154 46.39 -28.03 10.50
CA ASN L 154 45.36 -28.98 10.09
C ASN L 154 43.96 -28.44 10.35
N ARG L 155 43.82 -27.11 10.39
CA ARG L 155 42.56 -26.46 10.72
C ARG L 155 42.05 -25.72 9.49
N GLN L 156 40.82 -26.01 9.09
CA GLN L 156 40.20 -25.28 8.00
C GLN L 156 39.88 -23.85 8.45
N PRO L 157 39.86 -22.90 7.50
CA PRO L 157 39.61 -21.50 7.89
C PRO L 157 38.23 -21.32 8.51
N GLY L 158 38.15 -20.40 9.46
CA GLY L 158 36.93 -20.16 10.19
C GLY L 158 36.70 -21.03 11.39
N GLN L 159 37.61 -21.98 11.68
CA GLN L 159 37.46 -22.86 12.81
C GLN L 159 38.17 -22.25 14.03
N SER L 160 38.34 -23.05 15.09
CA SER L 160 38.89 -22.57 16.34
C SER L 160 40.37 -22.94 16.47
N ALA L 161 41.11 -22.11 17.19
CA ALA L 161 42.50 -22.39 17.46
C ALA L 161 42.64 -23.56 18.45
N PRO L 162 43.72 -24.33 18.36
CA PRO L 162 43.87 -25.47 19.26
C PRO L 162 44.11 -25.05 20.69
N ALA L 163 43.72 -25.93 21.60
CA ALA L 163 43.90 -25.73 23.04
C ALA L 163 44.82 -26.79 23.60
N ILE L 164 45.74 -26.38 24.47
CA ILE L 164 46.71 -27.27 25.08
C ILE L 164 46.64 -27.10 26.59
N PHE L 165 46.37 -28.20 27.30
CA PHE L 165 46.34 -28.21 28.76
C PHE L 165 47.50 -29.06 29.26
N THR L 166 48.21 -28.55 30.26
CA THR L 166 49.38 -29.24 30.80
C THR L 166 49.26 -29.35 32.32
N THR L 167 50.19 -30.10 32.91
CA THR L 167 50.26 -30.26 34.35
C THR L 167 51.70 -30.17 34.85
N ASN L 168 52.57 -29.47 34.13
CA ASN L 168 53.99 -29.41 34.41
C ASN L 168 54.40 -27.98 34.74
N TYR L 169 55.63 -27.84 35.22
CA TYR L 169 56.22 -26.54 35.48
C TYR L 169 57.24 -26.11 34.44
N ASP L 170 57.76 -27.04 33.64
CA ASP L 170 58.90 -26.76 32.80
C ASP L 170 58.51 -25.94 31.58
N LEU L 171 59.53 -25.38 30.94
CA LEU L 171 59.35 -24.56 29.74
C LEU L 171 59.78 -25.41 28.54
N ALA L 172 58.84 -26.21 28.04
CA ALA L 172 59.09 -27.09 26.91
C ALA L 172 58.37 -26.65 25.65
N LEU L 173 57.05 -26.46 25.73
CA LEU L 173 56.30 -26.00 24.57
C LEU L 173 56.63 -24.56 24.23
N GLU L 174 56.93 -23.74 25.24
CA GLU L 174 57.19 -22.33 25.02
C GLU L 174 58.42 -22.10 24.14
N TRP L 175 59.51 -22.80 24.45
CA TRP L 175 60.75 -22.64 23.68
C TRP L 175 60.57 -23.12 22.25
N ALA L 176 59.88 -24.26 22.07
CA ALA L 176 59.63 -24.76 20.74
C ALA L 176 58.78 -23.79 19.93
N ALA L 177 57.74 -23.21 20.55
CA ALA L 177 56.92 -22.24 19.85
C ALA L 177 57.70 -20.99 19.49
N GLU L 178 58.55 -20.51 20.41
CA GLU L 178 59.33 -19.32 20.13
C GLU L 178 60.37 -19.57 19.05
N ASP L 179 60.85 -20.81 18.93
CA ASP L 179 61.75 -21.14 17.83
C ASP L 179 61.00 -21.25 16.50
N LEU L 180 59.77 -21.79 16.55
CA LEU L 180 59.00 -21.94 15.32
C LEU L 180 58.45 -20.61 14.82
N GLY L 181 58.15 -19.68 15.72
CA GLY L 181 57.57 -18.41 15.36
C GLY L 181 56.10 -18.24 15.69
N ILE L 182 55.51 -19.16 16.45
CA ILE L 182 54.09 -19.10 16.78
C ILE L 182 53.91 -18.24 18.02
N GLN L 183 52.69 -17.69 18.16
CA GLN L 183 52.30 -16.88 19.31
C GLN L 183 51.36 -17.68 20.19
N LEU L 184 51.64 -17.70 21.50
CA LEU L 184 50.83 -18.44 22.46
C LEU L 184 50.24 -17.50 23.49
N PHE L 185 49.04 -17.82 23.97
CA PHE L 185 48.29 -16.99 24.90
C PHE L 185 48.18 -17.71 26.24
N ASN L 186 48.65 -17.07 27.31
CA ASN L 186 48.62 -17.67 28.63
C ASN L 186 47.96 -16.77 29.67
N GLY L 187 47.29 -15.71 29.25
CA GLY L 187 46.58 -14.85 30.18
C GLY L 187 47.38 -13.68 30.73
N PHE L 188 48.41 -13.24 30.03
CA PHE L 188 49.23 -12.14 30.49
C PHE L 188 49.35 -11.09 29.40
N SER L 189 49.52 -9.83 29.83
CA SER L 189 49.66 -8.71 28.91
C SER L 189 50.71 -7.75 29.47
N GLY L 190 51.62 -7.28 28.61
CA GLY L 190 52.63 -6.34 29.02
C GLY L 190 54.05 -6.85 28.89
N LEU L 191 55.02 -5.95 28.87
CA LEU L 191 56.43 -6.32 28.80
C LEU L 191 57.21 -5.85 30.03
N HIS L 192 57.16 -4.56 30.35
CA HIS L 192 57.86 -4.05 31.52
C HIS L 192 57.15 -4.40 32.82
N THR L 193 55.85 -4.72 32.77
CA THR L 193 55.13 -5.17 33.96
C THR L 193 53.99 -6.06 33.48
N ARG L 194 54.18 -7.37 33.57
CA ARG L 194 53.16 -8.33 33.18
C ARG L 194 52.18 -8.55 34.32
N GLN L 195 50.93 -8.80 33.95
CA GLN L 195 49.87 -9.01 34.93
C GLN L 195 48.88 -10.02 34.39
N PHE L 196 48.13 -10.62 35.30
CA PHE L 196 47.17 -11.68 34.95
C PHE L 196 45.78 -11.07 34.87
N TYR L 197 45.12 -11.27 33.72
CA TYR L 197 43.76 -10.83 33.52
C TYR L 197 43.03 -11.96 32.83
N PRO L 198 41.89 -12.42 33.37
CA PRO L 198 41.16 -13.50 32.70
C PRO L 198 40.65 -13.15 31.33
N GLN L 199 40.52 -11.86 31.01
CA GLN L 199 39.98 -11.44 29.72
C GLN L 199 40.96 -11.67 28.57
N ASN L 200 42.20 -12.03 28.86
CA ASN L 200 43.21 -12.20 27.81
C ASN L 200 43.10 -13.54 27.09
N PHE L 201 42.21 -14.43 27.55
CA PHE L 201 41.95 -15.69 26.87
C PHE L 201 40.85 -15.58 25.83
N ASP L 202 40.32 -14.37 25.60
CA ASP L 202 39.23 -14.18 24.66
C ASP L 202 39.61 -13.20 23.56
N LEU L 203 40.81 -13.35 23.01
CA LEU L 203 41.30 -12.49 21.94
C LEU L 203 41.70 -13.34 20.75
N ALA L 204 41.99 -12.68 19.63
CA ALA L 204 42.34 -13.37 18.40
C ALA L 204 43.13 -12.41 17.52
N PHE L 205 43.29 -12.78 16.25
CA PHE L 205 44.04 -11.98 15.28
C PHE L 205 43.20 -11.76 14.04
N ARG L 206 43.45 -10.63 13.38
CA ARG L 206 42.83 -10.35 12.09
C ARG L 206 43.72 -9.39 11.32
N ASN L 207 43.77 -9.57 9.99
CA ASN L 207 44.56 -8.70 9.14
C ASN L 207 43.71 -7.55 8.62
N VAL L 208 44.37 -6.44 8.28
CA VAL L 208 43.65 -5.32 7.71
C VAL L 208 43.42 -5.50 6.21
N ASN L 209 44.15 -6.41 5.56
CA ASN L 209 43.96 -6.69 4.15
C ASN L 209 42.92 -7.77 3.90
N ALA L 210 42.43 -8.43 4.94
CA ALA L 210 41.45 -9.52 4.81
C ALA L 210 41.94 -10.62 3.87
N HIS L 218 46.17 -17.36 9.97
CA HIS L 218 47.37 -17.12 10.75
C HIS L 218 47.49 -18.15 11.87
N TYR L 219 48.72 -18.41 12.30
CA TYR L 219 48.98 -19.45 13.29
C TYR L 219 49.07 -18.87 14.69
N HIS L 220 48.28 -19.43 15.61
CA HIS L 220 48.38 -19.13 17.04
C HIS L 220 47.62 -20.21 17.79
N ALA L 221 47.84 -20.26 19.10
CA ALA L 221 47.21 -21.28 19.93
C ALA L 221 47.17 -20.79 21.37
N TYR L 222 46.40 -21.49 22.19
CA TYR L 222 46.18 -21.13 23.59
C TYR L 222 46.81 -22.18 24.50
N LEU L 223 47.52 -21.71 25.53
CA LEU L 223 48.17 -22.57 26.51
C LEU L 223 47.58 -22.32 27.89
N TYR L 224 47.17 -23.40 28.57
CA TYR L 224 46.65 -23.34 29.92
C TYR L 224 47.55 -24.12 30.86
N LYS L 225 47.87 -23.52 32.01
CA LYS L 225 48.70 -24.14 33.03
C LYS L 225 47.84 -24.40 34.26
N LEU L 226 47.68 -25.68 34.61
CA LEU L 226 46.87 -26.07 35.76
C LEU L 226 47.67 -26.17 37.05
N HIS L 227 49.00 -26.02 37.00
CA HIS L 227 49.80 -26.10 38.20
C HIS L 227 50.91 -25.06 38.27
N GLY L 228 50.77 -23.93 37.58
CA GLY L 228 51.71 -22.83 37.74
C GLY L 228 52.99 -23.01 36.95
N SER L 229 53.96 -22.17 37.28
CA SER L 229 55.26 -22.18 36.61
C SER L 229 56.31 -21.63 37.58
N LEU L 230 57.57 -21.85 37.22
CA LEU L 230 58.70 -21.36 38.01
C LEU L 230 59.05 -19.91 37.70
N THR L 231 58.41 -19.30 36.72
CA THR L 231 58.68 -17.93 36.33
C THR L 231 57.62 -16.94 36.83
N TRP L 232 56.61 -17.42 37.57
CA TRP L 232 55.56 -16.57 38.09
C TRP L 232 55.78 -16.39 39.59
N TYR L 233 55.92 -15.13 40.03
CA TYR L 233 56.09 -14.82 41.44
C TYR L 233 55.05 -13.80 41.86
N GLN L 234 54.59 -13.92 43.10
CA GLN L 234 53.59 -13.04 43.66
C GLN L 234 54.25 -12.08 44.65
N ASN L 235 53.88 -10.80 44.56
CA ASN L 235 54.39 -9.78 45.46
C ASN L 235 53.53 -9.64 46.71
N ASP L 236 52.58 -10.54 46.92
CA ASP L 236 51.70 -10.60 48.08
C ASP L 236 50.77 -9.39 48.16
N SER L 237 50.58 -8.66 47.06
CA SER L 237 49.62 -7.56 46.98
C SER L 237 48.43 -7.95 46.12
N LEU L 238 48.04 -9.22 46.17
CA LEU L 238 46.93 -9.77 45.37
C LEU L 238 47.15 -9.58 43.88
N THR L 239 48.41 -9.60 43.43
CA THR L 239 48.76 -9.44 42.03
C THR L 239 49.86 -10.43 41.66
N VAL L 240 49.77 -10.98 40.47
CA VAL L 240 50.71 -11.99 39.99
C VAL L 240 51.55 -11.38 38.87
N ASN L 241 52.87 -11.48 39.01
CA ASN L 241 53.81 -10.92 38.06
C ASN L 241 54.60 -12.04 37.39
N GLU L 242 55.01 -11.81 36.15
CA GLU L 242 55.72 -12.79 35.34
C GLU L 242 57.00 -12.17 34.80
N VAL L 243 58.09 -12.93 34.85
CA VAL L 243 59.40 -12.46 34.42
C VAL L 243 59.98 -13.47 33.42
N SER L 244 61.20 -13.19 32.98
CA SER L 244 61.92 -14.06 32.06
C SER L 244 62.71 -15.11 32.85
N ALA L 245 63.36 -16.02 32.12
CA ALA L 245 64.15 -17.05 32.78
C ALA L 245 65.38 -16.47 33.47
N SER L 246 66.06 -15.52 32.79
CA SER L 246 67.24 -14.91 33.38
C SER L 246 66.90 -14.15 34.65
N GLN L 247 65.80 -13.40 34.63
CA GLN L 247 65.40 -12.65 35.82
C GLN L 247 65.09 -13.60 36.97
N ALA L 248 64.37 -14.69 36.70
CA ALA L 248 64.03 -15.64 37.75
C ALA L 248 65.28 -16.29 38.33
N TYR L 249 66.22 -16.70 37.47
CA TYR L 249 67.44 -17.34 37.96
C TYR L 249 68.29 -16.37 38.77
N ASP L 250 68.43 -15.13 38.31
CA ASP L 250 69.23 -14.17 39.05
C ASP L 250 68.52 -13.64 40.28
N GLU L 251 67.21 -13.82 40.39
CA GLU L 251 66.45 -13.31 41.53
C GLU L 251 66.29 -14.33 42.64
N TYR L 252 65.68 -15.48 42.35
CA TYR L 252 65.36 -16.39 43.45
C TYR L 252 65.78 -17.84 43.22
N ILE L 253 65.87 -18.26 41.96
CA ILE L 253 66.16 -19.67 41.68
C ILE L 253 67.56 -20.04 42.13
N ASN L 254 68.53 -19.16 41.90
CA ASN L 254 69.90 -19.44 42.33
C ASN L 254 69.97 -19.57 43.85
N ASP L 255 69.29 -18.69 44.58
CA ASP L 255 69.31 -18.76 46.03
C ASP L 255 68.58 -20.00 46.53
N ILE L 256 67.51 -20.42 45.85
CA ILE L 256 66.81 -21.61 46.28
C ILE L 256 67.66 -22.86 46.06
N ILE L 257 68.37 -22.92 44.93
CA ILE L 257 69.05 -24.15 44.55
C ILE L 257 70.45 -24.25 45.16
N ASN L 258 71.32 -23.26 44.95
CA ASN L 258 72.71 -23.35 45.33
C ASN L 258 73.12 -22.36 46.42
N LYS L 259 72.27 -22.20 47.44
CA LYS L 259 72.61 -21.35 48.57
C LYS L 259 72.37 -22.06 49.89
N ASP L 260 71.43 -23.02 49.90
CA ASP L 260 70.99 -23.71 51.11
C ASP L 260 70.55 -22.69 52.17
N ASP L 261 69.57 -21.88 51.79
CA ASP L 261 69.06 -20.79 52.61
C ASP L 261 67.69 -21.17 53.16
N PHE L 262 67.10 -20.25 53.92
CA PHE L 262 65.77 -20.46 54.46
C PHE L 262 64.72 -20.33 53.35
N TYR L 263 63.51 -20.75 53.66
CA TYR L 263 62.40 -20.71 52.71
C TYR L 263 61.30 -19.79 53.20
N ARG L 264 60.84 -18.92 52.31
CA ARG L 264 59.64 -18.11 52.53
C ARG L 264 58.88 -18.07 51.20
N GLY L 265 57.98 -17.10 51.08
CA GLY L 265 57.19 -16.98 49.88
C GLY L 265 57.86 -16.15 48.80
N GLN L 266 59.10 -16.52 48.45
CA GLN L 266 59.81 -15.85 47.37
C GLN L 266 59.10 -16.07 46.03
N HIS L 267 58.73 -17.32 45.76
CA HIS L 267 57.88 -17.63 44.61
C HIS L 267 57.06 -18.87 44.94
N LEU L 268 55.83 -18.90 44.46
CA LEU L 268 54.86 -19.91 44.86
C LEU L 268 54.68 -20.94 43.76
N ILE L 269 54.68 -22.22 44.15
CA ILE L 269 54.50 -23.34 43.23
C ILE L 269 53.16 -23.98 43.58
N TYR L 270 52.64 -24.80 42.65
CA TYR L 270 51.42 -25.56 42.87
C TYR L 270 51.71 -27.06 42.91
N PRO L 271 52.32 -27.56 43.99
CA PRO L 271 52.41 -29.01 44.19
C PRO L 271 51.36 -29.52 45.18
N GLY L 272 50.95 -30.76 44.98
CA GLY L 272 49.96 -31.37 45.84
C GLY L 272 48.57 -31.36 45.22
N ALA L 273 47.78 -32.36 45.61
CA ALA L 273 46.48 -32.56 44.97
C ALA L 273 45.46 -31.51 45.40
N ASN L 274 45.39 -31.22 46.69
CA ASN L 274 44.28 -30.44 47.25
C ASN L 274 44.70 -28.98 47.42
N LYS L 275 43.95 -28.07 46.81
CA LYS L 275 44.17 -26.63 46.98
C LYS L 275 42.89 -25.86 47.29
N TYR L 276 41.82 -26.53 47.70
CA TYR L 276 40.52 -25.88 47.91
C TYR L 276 40.41 -25.15 49.25
N SER L 277 41.33 -25.42 50.18
CA SER L 277 41.36 -24.65 51.41
C SER L 277 41.80 -23.21 51.14
N HIS L 278 42.79 -23.05 50.26
CA HIS L 278 43.34 -21.74 49.90
C HIS L 278 42.81 -21.37 48.52
N THR L 279 41.58 -20.84 48.47
CA THR L 279 40.95 -20.50 47.20
C THR L 279 41.04 -19.02 46.87
N ILE L 280 41.81 -18.24 47.63
CA ILE L 280 41.94 -16.81 47.34
C ILE L 280 42.74 -16.55 46.07
N GLY L 281 43.51 -17.54 45.60
CA GLY L 281 44.13 -17.46 44.29
C GLY L 281 43.18 -17.91 43.21
N PHE L 282 42.93 -17.05 42.22
CA PHE L 282 41.92 -17.28 41.20
C PHE L 282 42.47 -17.82 39.90
N VAL L 283 43.79 -18.01 39.78
CA VAL L 283 44.34 -18.60 38.57
C VAL L 283 43.92 -20.06 38.46
N TYR L 284 44.00 -20.80 39.58
CA TYR L 284 43.62 -22.20 39.63
C TYR L 284 42.17 -22.40 39.19
N GLY L 285 41.26 -21.64 39.79
CA GLY L 285 39.85 -21.80 39.51
C GLY L 285 39.51 -21.46 38.07
N GLU L 286 40.11 -20.40 37.54
CA GLU L 286 39.86 -20.03 36.14
C GLU L 286 40.31 -21.13 35.19
N MET L 287 41.48 -21.72 35.43
CA MET L 287 41.96 -22.78 34.56
C MET L 287 41.03 -23.98 34.59
N PHE L 288 40.62 -24.41 35.78
CA PHE L 288 39.72 -25.57 35.83
C PHE L 288 38.35 -25.25 35.25
N ARG L 289 37.86 -24.02 35.43
CA ARG L 289 36.58 -23.65 34.84
C ARG L 289 36.66 -23.65 33.32
N ARG L 290 37.75 -23.15 32.75
CA ARG L 290 37.92 -23.18 31.30
C ARG L 290 38.01 -24.61 30.79
N PHE L 291 38.73 -25.49 31.50
CA PHE L 291 38.81 -26.89 31.08
C PHE L 291 37.44 -27.54 31.07
N GLY L 292 36.68 -27.38 32.17
CA GLY L 292 35.36 -27.96 32.25
C GLY L 292 34.40 -27.41 31.21
N GLU L 293 34.53 -26.11 30.92
CA GLU L 293 33.73 -25.51 29.85
C GLU L 293 34.10 -26.09 28.49
N PHE L 294 35.39 -26.34 28.28
CA PHE L 294 35.83 -26.91 27.00
C PHE L 294 35.25 -28.30 26.79
N ILE L 295 35.33 -29.17 27.80
CA ILE L 295 34.91 -30.55 27.56
C ILE L 295 33.41 -30.65 27.32
N SER L 296 32.62 -29.77 27.95
CA SER L 296 31.17 -29.77 27.77
C SER L 296 30.82 -28.88 26.58
N LYS L 297 30.89 -29.46 25.38
CA LYS L 297 30.70 -28.75 24.12
C LYS L 297 30.57 -29.79 23.01
N PRO L 298 29.72 -29.56 22.01
CA PRO L 298 29.56 -30.55 20.95
C PRO L 298 30.73 -30.56 19.98
N GLN L 299 30.94 -31.74 19.38
CA GLN L 299 31.95 -31.97 18.34
C GLN L 299 33.34 -31.59 18.85
N THR L 300 33.79 -32.34 19.86
CA THR L 300 35.10 -32.15 20.46
C THR L 300 35.89 -33.45 20.44
N ALA L 301 37.21 -33.30 20.41
CA ALA L 301 38.14 -34.41 20.47
C ALA L 301 39.19 -34.12 21.52
N LEU L 302 39.58 -35.15 22.27
CA LEU L 302 40.56 -34.99 23.35
C LEU L 302 41.60 -36.10 23.27
N PHE L 303 42.86 -35.72 23.37
CA PHE L 303 43.98 -36.66 23.40
C PHE L 303 44.68 -36.55 24.75
N ILE L 304 44.89 -37.69 25.41
CA ILE L 304 45.55 -37.74 26.71
C ILE L 304 46.83 -38.55 26.56
N ASN L 305 47.94 -38.01 27.04
CA ASN L 305 49.24 -38.63 26.87
C ASN L 305 50.13 -38.24 28.04
N GLY L 306 50.74 -39.24 28.68
CA GLY L 306 51.63 -39.00 29.78
C GLY L 306 50.98 -38.78 31.13
N PHE L 307 49.65 -38.94 31.21
CA PHE L 307 48.92 -38.69 32.44
C PHE L 307 48.78 -40.00 33.22
N GLY L 308 49.22 -39.97 34.48
CA GLY L 308 49.21 -41.13 35.34
C GLY L 308 47.95 -41.34 36.14
N PHE L 309 46.94 -40.48 35.97
CA PHE L 309 45.64 -40.62 36.62
C PHE L 309 45.76 -40.65 38.15
N GLY L 310 46.27 -39.54 38.69
CA GLY L 310 46.43 -39.41 40.12
C GLY L 310 45.72 -38.22 40.72
N ASP L 311 44.74 -37.67 40.00
CA ASP L 311 44.00 -36.51 40.46
C ASP L 311 42.50 -36.81 40.43
N TYR L 312 41.82 -36.51 41.54
CA TYR L 312 40.40 -36.84 41.64
C TYR L 312 39.54 -35.91 40.80
N HIS L 313 39.87 -34.61 40.76
CA HIS L 313 39.08 -33.64 40.03
C HIS L 313 39.01 -33.98 38.54
N ILE L 314 40.17 -34.20 37.92
CA ILE L 314 40.20 -34.49 36.49
C ILE L 314 39.47 -35.81 36.20
N ASN L 315 39.70 -36.82 37.04
CA ASN L 315 39.05 -38.11 36.84
C ASN L 315 37.54 -37.96 36.86
N ARG L 316 37.01 -37.28 37.89
CA ARG L 316 35.56 -37.15 38.02
C ARG L 316 34.97 -36.34 36.88
N ILE L 317 35.62 -35.23 36.50
CA ILE L 317 35.04 -34.40 35.45
C ILE L 317 35.09 -35.12 34.10
N ILE L 318 36.17 -35.84 33.83
CA ILE L 318 36.27 -36.58 32.58
C ILE L 318 35.22 -37.67 32.52
N LEU L 319 35.04 -38.42 33.61
CA LEU L 319 34.05 -39.49 33.61
C LEU L 319 32.64 -38.94 33.47
N GLY L 320 32.36 -37.81 34.11
CA GLY L 320 31.04 -37.22 34.01
C GLY L 320 30.74 -36.58 32.67
N ALA L 321 31.78 -36.18 31.92
CA ALA L 321 31.55 -35.56 30.63
C ALA L 321 31.22 -36.56 29.51
N LEU L 322 31.00 -37.83 29.84
CA LEU L 322 30.72 -38.86 28.85
C LEU L 322 29.23 -39.02 28.55
N LEU L 323 28.41 -38.03 28.89
CA LEU L 323 26.99 -38.05 28.56
C LEU L 323 26.64 -37.17 27.38
N ASN L 324 27.62 -36.54 26.74
CA ASN L 324 27.39 -35.79 25.51
C ASN L 324 27.57 -36.71 24.31
N PRO L 325 26.58 -36.81 23.41
CA PRO L 325 26.71 -37.73 22.27
C PRO L 325 27.76 -37.32 21.26
N SER L 326 28.51 -36.25 21.49
CA SER L 326 29.50 -35.76 20.53
C SER L 326 30.82 -35.48 21.25
N PHE L 327 31.26 -36.42 22.08
CA PHE L 327 32.51 -36.29 22.83
C PHE L 327 33.34 -37.55 22.57
N HIS L 328 34.48 -37.38 21.89
CA HIS L 328 35.37 -38.48 21.57
C HIS L 328 36.67 -38.33 22.35
N VAL L 329 37.07 -39.38 23.05
CA VAL L 329 38.25 -39.36 23.90
C VAL L 329 39.18 -40.49 23.50
N VAL L 330 40.48 -40.23 23.59
CA VAL L 330 41.53 -41.20 23.28
C VAL L 330 42.55 -41.16 24.42
N ILE L 331 42.83 -42.32 25.00
CA ILE L 331 43.70 -42.44 26.16
C ILE L 331 44.83 -43.40 25.83
N TYR L 332 46.06 -43.01 26.15
CA TYR L 332 47.24 -43.84 25.99
C TYR L 332 47.73 -44.25 27.37
N TYR L 333 47.83 -45.56 27.62
CA TYR L 333 48.27 -46.09 28.90
C TYR L 333 49.31 -47.17 28.66
N PRO L 334 50.54 -47.00 29.14
CA PRO L 334 51.61 -47.96 28.82
C PRO L 334 51.37 -49.36 29.35
N GLU L 335 51.18 -49.50 30.66
CA GLU L 335 51.06 -50.81 31.30
C GLU L 335 49.58 -51.08 31.61
N LEU L 336 48.89 -51.62 30.61
CA LEU L 336 47.48 -51.99 30.74
C LEU L 336 47.29 -53.43 31.22
N LYS L 337 48.18 -54.33 30.79
CA LYS L 337 48.05 -55.75 31.17
C LYS L 337 48.24 -55.93 32.66
N GLU L 338 49.19 -55.21 33.26
CA GLU L 338 49.38 -55.29 34.71
C GLU L 338 48.13 -54.83 35.45
N ALA L 339 47.50 -53.74 34.99
CA ALA L 339 46.27 -53.28 35.60
C ALA L 339 45.18 -54.33 35.47
N ILE L 340 45.06 -54.94 34.30
CA ILE L 340 44.03 -55.95 34.08
C ILE L 340 44.23 -57.12 35.04
N THR L 341 45.46 -57.62 35.14
CA THR L 341 45.70 -58.81 35.96
C THR L 341 45.63 -58.51 37.45
N LYS L 342 45.93 -57.27 37.86
CA LYS L 342 45.84 -56.93 39.28
C LYS L 342 44.42 -56.60 39.70
N VAL L 343 43.59 -56.08 38.79
CA VAL L 343 42.21 -55.78 39.13
C VAL L 343 41.35 -57.03 39.01
N SER L 344 41.70 -57.97 38.13
CA SER L 344 40.93 -59.19 37.96
C SER L 344 40.82 -59.99 39.27
N LYS L 345 41.85 -59.98 40.09
CA LYS L 345 41.81 -60.63 41.41
C LYS L 345 42.35 -59.65 42.44
N GLY L 346 41.54 -59.34 43.44
CA GLY L 346 41.95 -58.41 44.48
C GLY L 346 41.75 -56.96 44.09
N GLY L 347 42.85 -56.20 44.05
CA GLY L 347 42.77 -54.79 43.72
C GLY L 347 44.12 -54.11 43.68
N GLY L 348 44.17 -52.83 44.06
CA GLY L 348 45.40 -52.07 44.03
C GLY L 348 45.17 -50.62 44.39
N SER L 349 45.66 -49.71 43.55
CA SER L 349 45.40 -48.29 43.70
C SER L 349 44.23 -47.89 42.81
N GLU L 350 43.77 -46.65 43.00
CA GLU L 350 42.56 -46.19 42.30
C GLU L 350 42.82 -45.96 40.82
N ALA L 351 44.07 -45.70 40.42
CA ALA L 351 44.37 -45.46 39.02
C ALA L 351 44.05 -46.69 38.17
N GLU L 352 44.44 -47.88 38.64
CA GLU L 352 44.13 -49.10 37.90
C GLU L 352 42.63 -49.31 37.80
N LYS L 353 41.89 -49.06 38.88
CA LYS L 353 40.44 -49.22 38.85
C LYS L 353 39.80 -48.27 37.85
N ALA L 354 40.24 -47.01 37.83
CA ALA L 354 39.68 -46.03 36.91
C ALA L 354 39.98 -46.40 35.46
N ILE L 355 41.22 -46.81 35.18
CA ILE L 355 41.57 -47.19 33.81
C ILE L 355 40.76 -48.41 33.36
N VAL L 356 40.64 -49.40 34.25
CA VAL L 356 39.87 -50.60 33.90
C VAL L 356 38.40 -50.23 33.66
N THR L 357 37.85 -49.34 34.49
CA THR L 357 36.46 -48.92 34.31
C THR L 357 36.27 -48.22 32.96
N LEU L 358 37.20 -47.34 32.59
CA LEU L 358 37.12 -46.72 31.27
C LEU L 358 37.36 -47.71 30.14
N LYS L 359 38.01 -48.83 30.43
CA LYS L 359 38.28 -49.83 29.39
C LYS L 359 37.03 -50.64 29.03
N ASN L 360 36.10 -50.83 29.97
CA ASN L 360 34.99 -51.76 29.81
C ASN L 360 33.64 -51.05 29.74
N MET L 361 33.57 -49.95 28.99
CA MET L 361 32.30 -49.26 28.75
C MET L 361 31.60 -49.91 27.56
N ALA L 362 30.46 -49.35 27.15
CA ALA L 362 29.68 -49.88 26.04
C ALA L 362 29.34 -48.78 25.02
N PHE L 363 30.25 -47.82 24.83
CA PHE L 363 30.05 -46.74 23.89
C PHE L 363 31.24 -46.67 22.94
N ASN L 364 31.00 -46.13 21.75
CA ASN L 364 32.02 -45.99 20.73
C ASN L 364 32.76 -44.66 20.82
N GLN L 365 32.77 -44.03 21.99
CA GLN L 365 33.40 -42.72 22.18
C GLN L 365 34.63 -42.80 23.08
N VAL L 366 35.17 -43.99 23.29
CA VAL L 366 36.37 -44.17 24.10
C VAL L 366 37.36 -45.06 23.35
N THR L 367 38.63 -44.96 23.73
CA THR L 367 39.67 -45.77 23.15
C THR L 367 40.87 -45.78 24.08
N VAL L 368 41.34 -46.97 24.44
CA VAL L 368 42.50 -47.15 25.31
C VAL L 368 43.56 -47.94 24.56
N VAL L 369 44.79 -47.43 24.56
CA VAL L 369 45.90 -48.02 23.83
C VAL L 369 47.00 -48.39 24.81
N GLY L 370 47.46 -49.63 24.74
CA GLY L 370 48.56 -50.08 25.58
C GLY L 370 49.69 -50.69 24.79
N GLY L 371 50.67 -51.28 25.47
CA GLY L 371 51.77 -51.92 24.79
C GLY L 371 53.15 -51.41 25.17
N GLY L 372 53.27 -50.82 26.35
CA GLY L 372 54.57 -50.41 26.84
C GLY L 372 55.20 -49.35 25.96
N SER L 373 56.39 -49.65 25.42
CA SER L 373 57.12 -48.72 24.58
C SER L 373 56.41 -48.44 23.26
N LYS L 374 55.41 -49.24 22.90
CA LYS L 374 54.60 -48.96 21.72
C LYS L 374 53.67 -47.78 21.93
N ALA L 375 53.46 -47.35 23.17
CA ALA L 375 52.55 -46.27 23.51
C ALA L 375 53.27 -45.14 24.23
N TYR L 376 54.45 -44.76 23.72
CA TYR L 376 55.20 -43.65 24.30
C TYR L 376 54.77 -42.34 23.64
N PHE L 377 55.47 -41.25 23.94
CA PHE L 377 55.11 -39.96 23.38
C PHE L 377 55.39 -39.92 21.87
N ASN L 378 56.54 -40.46 21.45
CA ASN L 378 56.89 -40.43 20.04
C ASN L 378 55.92 -41.26 19.20
N SER L 379 55.47 -42.39 19.72
CA SER L 379 54.51 -43.21 19.00
C SER L 379 53.21 -42.45 18.77
N PHE L 380 52.74 -41.73 19.79
CA PHE L 380 51.54 -40.90 19.63
C PHE L 380 51.77 -39.78 18.62
N VAL L 381 52.94 -39.13 18.68
CA VAL L 381 53.19 -38.01 17.79
C VAL L 381 53.27 -38.47 16.34
N GLU L 382 53.81 -39.66 16.09
CA GLU L 382 53.93 -40.17 14.72
C GLU L 382 52.61 -40.68 14.17
N HIS L 383 51.54 -40.71 14.97
CA HIS L 383 50.24 -41.19 14.51
C HIS L 383 49.34 -40.10 13.96
N LEU L 384 49.64 -38.83 14.20
CA LEU L 384 48.82 -37.75 13.67
C LEU L 384 49.06 -37.60 12.17
N PRO L 385 48.04 -37.20 11.42
CA PRO L 385 48.18 -37.16 9.95
C PRO L 385 48.57 -35.79 9.41
N TYR L 386 49.37 -35.79 8.33
CA TYR L 386 49.68 -34.58 7.60
C TYR L 386 48.51 -34.18 6.70
N PRO L 387 48.35 -32.89 6.41
CA PRO L 387 47.26 -32.46 5.54
C PRO L 387 47.50 -32.83 4.09
N VAL L 388 46.40 -32.92 3.34
CA VAL L 388 46.43 -33.10 1.89
C VAL L 388 46.26 -31.74 1.26
N LEU L 389 47.30 -31.27 0.56
CA LEU L 389 47.29 -29.90 0.04
C LEU L 389 46.30 -29.75 -1.11
N PHE L 390 46.30 -30.68 -2.06
CA PHE L 390 45.48 -30.59 -3.26
C PHE L 390 44.70 -31.89 -3.42
N PRO L 391 43.51 -32.00 -2.79
CA PRO L 391 42.67 -33.19 -2.91
C PRO L 391 42.17 -33.43 -4.33
N LEU M 3 24.56 2.27 -50.35
CA LEU M 3 24.00 2.96 -51.51
C LEU M 3 22.82 3.83 -51.12
N PHE M 4 21.61 3.29 -51.25
CA PHE M 4 20.39 3.99 -50.92
C PHE M 4 19.71 3.33 -49.73
N LYS M 5 19.43 4.13 -48.69
CA LYS M 5 18.75 3.66 -47.50
C LYS M 5 17.33 4.20 -47.50
N LEU M 6 16.40 3.45 -46.90
CA LEU M 6 14.99 3.85 -46.92
C LEU M 6 14.79 5.18 -46.19
N THR M 7 15.48 5.39 -45.07
CA THR M 7 15.32 6.59 -44.26
C THR M 7 16.57 7.44 -44.42
N GLU M 8 16.38 8.73 -44.69
CA GLU M 8 17.47 9.68 -44.82
C GLU M 8 18.03 10.12 -43.46
N ILE M 9 17.40 9.70 -42.37
CA ILE M 9 17.82 10.04 -41.02
C ILE M 9 18.29 8.77 -40.32
N SER M 10 19.38 8.89 -39.56
CA SER M 10 20.01 7.76 -38.92
C SER M 10 19.17 7.24 -37.77
N ALA M 11 18.85 5.95 -37.80
CA ALA M 11 18.14 5.33 -36.69
C ALA M 11 19.00 5.32 -35.43
N ILE M 12 18.35 5.44 -34.27
CA ILE M 12 19.02 5.50 -32.99
C ILE M 12 18.79 4.23 -32.17
N GLY M 13 17.53 3.88 -31.94
CA GLY M 13 17.22 2.70 -31.14
C GLY M 13 16.17 1.81 -31.76
N TYR M 14 15.54 0.96 -30.95
CA TYR M 14 14.49 0.09 -31.43
C TYR M 14 13.52 -0.19 -30.28
N VAL M 15 12.23 -0.27 -30.61
CA VAL M 15 11.22 -0.59 -29.60
C VAL M 15 11.36 -2.05 -29.21
N VAL M 16 11.38 -2.31 -27.90
CA VAL M 16 11.64 -3.66 -27.40
C VAL M 16 10.38 -4.20 -26.74
N GLY M 17 9.54 -3.32 -26.23
CA GLY M 17 8.37 -3.75 -25.49
C GLY M 17 7.29 -2.68 -25.52
N LEU M 18 6.04 -3.13 -25.45
CA LEU M 18 4.89 -2.25 -25.52
C LEU M 18 3.82 -2.75 -24.57
N GLU M 19 3.07 -1.82 -24.00
CA GLU M 19 1.97 -2.17 -23.10
C GLU M 19 0.70 -1.39 -23.42
N GLY M 20 0.69 -0.61 -24.50
CA GLY M 20 -0.43 0.27 -24.75
C GLY M 20 -0.07 1.73 -24.60
N GLU M 21 -0.49 2.32 -23.48
CA GLU M 21 -0.37 3.75 -23.23
C GLU M 21 1.06 4.27 -23.25
N ARG M 22 2.05 3.46 -22.89
CA ARG M 22 3.44 3.92 -22.84
C ARG M 22 4.33 3.03 -23.70
N ILE M 23 5.46 3.60 -24.11
CA ILE M 23 6.38 2.97 -25.05
C ILE M 23 7.77 2.88 -24.42
N ARG M 24 8.43 1.74 -24.60
CA ARG M 24 9.76 1.51 -24.07
C ARG M 24 10.76 1.32 -25.20
N ILE M 25 11.92 1.97 -25.07
CA ILE M 25 12.92 2.03 -26.14
C ILE M 25 14.29 1.74 -25.55
N ASN M 26 15.06 0.91 -26.25
CA ASN M 26 16.48 0.71 -25.95
C ASN M 26 17.33 1.23 -27.09
N LEU M 27 18.53 1.68 -26.76
CA LEU M 27 19.42 2.33 -27.70
C LEU M 27 20.55 1.39 -28.10
N HIS M 28 21.19 1.71 -29.23
CA HIS M 28 22.39 1.00 -29.63
C HIS M 28 23.54 1.38 -28.71
N GLU M 29 24.53 0.48 -28.62
CA GLU M 29 25.61 0.63 -27.66
C GLU M 29 26.61 1.71 -28.04
N GLY M 30 26.52 2.28 -29.24
CA GLY M 30 27.46 3.28 -29.70
C GLY M 30 27.08 4.72 -29.42
N LEU M 31 26.03 4.98 -28.64
CA LEU M 31 25.60 6.32 -28.33
C LEU M 31 25.75 6.58 -26.83
N GLN M 32 26.57 7.55 -26.48
CA GLN M 32 26.76 7.93 -25.08
C GLN M 32 26.67 9.45 -24.92
N GLY M 33 26.90 10.18 -26.00
CA GLY M 33 27.00 11.63 -25.98
C GLY M 33 25.70 12.39 -26.10
N ARG M 34 24.55 11.72 -26.11
CA ARG M 34 23.21 12.32 -26.12
C ARG M 34 23.00 13.30 -27.29
N LEU M 35 23.85 13.25 -28.31
CA LEU M 35 23.70 14.07 -29.50
C LEU M 35 23.61 13.16 -30.72
N ALA M 36 22.58 13.38 -31.54
CA ALA M 36 22.38 12.65 -32.78
C ALA M 36 22.50 13.62 -33.94
N SER M 37 23.19 13.20 -35.00
CA SER M 37 23.44 14.04 -36.15
C SER M 37 22.65 13.56 -37.37
N HIS M 38 22.23 14.52 -38.19
CA HIS M 38 21.51 14.24 -39.42
C HIS M 38 22.03 15.18 -40.50
N ARG M 39 21.33 15.22 -41.63
CA ARG M 39 21.80 16.04 -42.75
C ARG M 39 21.68 17.52 -42.46
N LYS M 40 20.77 17.92 -41.56
CA LYS M 40 20.60 19.33 -41.23
C LYS M 40 21.59 19.79 -40.17
N GLY M 41 21.67 19.09 -39.05
CA GLY M 41 22.56 19.51 -37.97
C GLY M 41 22.64 18.51 -36.82
N VAL M 42 22.64 19.04 -35.60
CA VAL M 42 22.75 18.24 -34.40
C VAL M 42 21.53 18.49 -33.51
N SER M 43 21.06 17.44 -32.85
CA SER M 43 19.85 17.52 -32.04
C SER M 43 20.04 16.73 -30.75
N SER M 44 19.24 17.07 -29.75
CA SER M 44 19.23 16.39 -28.47
C SER M 44 18.02 15.47 -28.39
N VAL M 45 18.21 14.26 -27.88
CA VAL M 45 17.16 13.25 -27.91
C VAL M 45 16.89 12.70 -26.50
N THR M 46 17.90 12.72 -25.64
CA THR M 46 17.83 11.98 -24.39
C THR M 46 17.24 12.77 -23.24
N GLN M 47 17.36 14.09 -23.24
CA GLN M 47 16.91 14.88 -22.11
C GLN M 47 15.39 14.83 -21.98
N PRO M 48 14.87 14.89 -20.75
CA PRO M 48 13.42 14.86 -20.57
C PRO M 48 12.75 16.08 -21.19
N GLY M 49 11.52 15.89 -21.65
CA GLY M 49 10.75 16.98 -22.24
C GLY M 49 11.01 17.24 -23.70
N ASP M 50 11.78 16.39 -24.39
CA ASP M 50 12.06 16.56 -25.80
C ASP M 50 11.08 15.75 -26.64
N LEU M 51 11.21 15.88 -27.95
CA LEU M 51 10.31 15.22 -28.89
C LEU M 51 11.08 14.28 -29.81
N ILE M 52 10.56 13.07 -29.99
CA ILE M 52 11.16 12.07 -30.86
C ILE M 52 10.07 11.49 -31.76
N GLY M 53 10.48 10.63 -32.69
CA GLY M 53 9.54 10.04 -33.61
C GLY M 53 9.92 8.62 -33.99
N PHE M 54 8.98 7.94 -34.65
CA PHE M 54 9.19 6.58 -35.12
C PHE M 54 8.71 6.47 -36.56
N ASP M 55 9.35 5.57 -37.32
CA ASP M 55 8.97 5.31 -38.70
C ASP M 55 8.00 4.13 -38.72
N ALA M 56 6.74 4.39 -39.10
CA ALA M 56 5.70 3.37 -39.12
C ALA M 56 4.86 3.57 -40.37
N GLY M 57 5.06 2.73 -41.36
CA GLY M 57 4.25 2.78 -42.57
C GLY M 57 4.41 4.09 -43.30
N ASN M 58 3.28 4.71 -43.65
CA ASN M 58 3.27 5.98 -44.38
C ASN M 58 2.89 7.16 -43.48
N ILE M 59 3.07 7.02 -42.17
CA ILE M 59 2.80 8.09 -41.22
C ILE M 59 3.95 8.16 -40.23
N LEU M 60 4.09 9.32 -39.59
CA LEU M 60 5.12 9.57 -38.59
C LEU M 60 4.47 9.91 -37.26
N VAL M 61 4.89 9.23 -36.21
CA VAL M 61 4.33 9.42 -34.87
C VAL M 61 5.29 10.26 -34.04
N VAL M 62 4.74 11.15 -33.21
CA VAL M 62 5.51 12.05 -32.38
C VAL M 62 5.29 11.69 -30.91
N ALA M 63 6.37 11.59 -30.15
CA ALA M 63 6.32 11.23 -28.74
C ALA M 63 7.16 12.20 -27.93
N ARG M 64 7.05 12.11 -26.60
CA ARG M 64 7.76 12.99 -25.69
C ARG M 64 8.51 12.17 -24.64
N VAL M 65 9.76 12.56 -24.39
CA VAL M 65 10.62 11.82 -23.46
C VAL M 65 10.29 12.22 -22.03
N THR M 66 10.13 11.22 -21.17
CA THR M 66 9.81 11.46 -19.77
C THR M 66 10.80 10.83 -18.79
N ASP M 67 11.38 9.69 -19.13
CA ASP M 67 12.19 8.92 -18.20
C ASP M 67 13.51 8.52 -18.82
N MET M 68 14.54 8.43 -17.98
CA MET M 68 15.87 7.95 -18.35
C MET M 68 16.38 7.10 -17.18
N ALA M 69 16.20 5.78 -17.28
CA ALA M 69 16.56 4.87 -16.20
C ALA M 69 17.37 3.72 -16.75
N PHE M 70 18.37 3.29 -15.98
CA PHE M 70 19.21 2.17 -16.37
C PHE M 70 18.41 0.87 -16.40
N VAL M 71 18.84 -0.05 -17.24
CA VAL M 71 18.20 -1.34 -17.38
C VAL M 71 18.40 -2.18 -16.12
N ILE M 89 29.27 -2.73 -20.54
CA ILE M 89 28.34 -1.75 -21.09
C ILE M 89 26.90 -2.18 -20.83
N PRO M 90 26.19 -1.41 -20.01
CA PRO M 90 24.77 -1.69 -19.74
C PRO M 90 23.90 -1.15 -20.87
N LEU M 91 22.59 -1.22 -20.65
CA LEU M 91 21.62 -0.75 -21.62
C LEU M 91 20.86 0.45 -21.06
N ARG M 92 20.34 1.27 -21.95
CA ARG M 92 19.61 2.48 -21.60
C ARG M 92 18.15 2.30 -21.99
N GLN M 93 17.25 2.82 -21.15
CA GLN M 93 15.82 2.69 -21.37
C GLN M 93 15.18 4.07 -21.43
N ILE M 94 14.18 4.19 -22.29
CA ILE M 94 13.44 5.44 -22.48
C ILE M 94 11.96 5.13 -22.51
N ILE M 95 11.17 5.92 -21.78
CA ILE M 95 9.72 5.79 -21.77
C ILE M 95 9.13 7.06 -22.36
N ALA M 96 8.20 6.90 -23.30
CA ALA M 96 7.61 8.03 -24.00
C ALA M 96 6.12 7.77 -24.21
N TYR M 97 5.39 8.84 -24.46
CA TYR M 97 3.96 8.78 -24.73
C TYR M 97 3.65 9.52 -26.02
N ALA M 98 2.62 9.06 -26.71
CA ALA M 98 2.27 9.59 -28.03
C ALA M 98 1.34 10.79 -27.91
N ILE M 99 1.50 11.74 -28.85
CA ILE M 99 0.66 12.92 -28.87
C ILE M 99 0.01 13.18 -30.22
N GLY M 100 0.51 12.62 -31.32
CA GLY M 100 -0.09 12.89 -32.62
C GLY M 100 0.71 12.24 -33.73
N PHE M 101 0.30 12.53 -34.97
CA PHE M 101 0.96 11.98 -36.14
C PHE M 101 0.92 12.99 -37.27
N VAL M 102 1.81 12.77 -38.25
CA VAL M 102 1.99 13.67 -39.38
C VAL M 102 1.62 12.92 -40.66
N LYS M 103 0.82 13.56 -41.52
CA LYS M 103 0.36 12.95 -42.76
C LYS M 103 0.60 13.89 -43.94
N ARG M 104 0.73 13.29 -45.11
CA ARG M 104 0.87 14.00 -46.38
C ARG M 104 -0.33 13.69 -47.25
N GLU M 105 -0.93 14.71 -47.87
CA GLU M 105 -2.09 14.52 -48.72
C GLU M 105 -1.82 14.82 -50.19
N LEU M 106 -1.46 16.06 -50.54
CA LEU M 106 -1.24 16.41 -51.93
C LEU M 106 0.19 16.86 -52.21
N ASN M 107 0.66 17.93 -51.57
CA ASN M 107 2.02 18.40 -51.78
C ASN M 107 2.71 18.92 -50.53
N GLY M 108 2.08 18.83 -49.36
CA GLY M 108 2.64 19.37 -48.14
C GLY M 108 2.49 18.39 -47.00
N TYR M 109 2.31 18.93 -45.80
CA TYR M 109 2.23 18.14 -44.58
C TYR M 109 1.14 18.70 -43.69
N VAL M 110 0.39 17.81 -43.04
CA VAL M 110 -0.65 18.19 -42.10
C VAL M 110 -0.40 17.45 -40.79
N PHE M 111 -0.70 18.13 -39.68
CA PHE M 111 -0.51 17.57 -38.35
C PHE M 111 -1.88 17.34 -37.72
N ILE M 112 -2.21 16.08 -37.47
CA ILE M 112 -3.47 15.71 -36.86
C ILE M 112 -3.23 15.51 -35.36
N SER M 113 -4.24 15.84 -34.56
CA SER M 113 -4.10 15.92 -33.11
C SER M 113 -4.79 14.75 -32.40
N GLU M 114 -4.70 13.56 -32.97
CA GLU M 114 -5.19 12.34 -32.34
C GLU M 114 -4.06 11.32 -32.27
N ASP M 115 -4.06 10.52 -31.21
CA ASP M 115 -3.00 9.55 -30.94
C ASP M 115 -3.59 8.20 -30.57
N TRP M 116 -4.54 7.71 -31.38
CA TRP M 116 -5.16 6.42 -31.14
C TRP M 116 -4.44 5.28 -31.85
N ARG M 117 -3.32 5.56 -32.51
CA ARG M 117 -2.51 4.55 -33.17
C ARG M 117 -1.15 4.43 -32.49
N LEU M 118 -0.62 3.22 -32.46
CA LEU M 118 0.65 2.92 -31.83
C LEU M 118 1.55 2.16 -32.80
N PRO M 119 2.86 2.31 -32.69
CA PRO M 119 3.79 1.57 -33.55
C PRO M 119 3.92 0.12 -33.11
N ALA M 120 4.59 -0.66 -33.95
CA ALA M 120 4.83 -2.08 -33.72
C ALA M 120 6.22 -2.29 -33.13
N LEU M 121 6.46 -3.53 -32.67
CA LEU M 121 7.74 -3.88 -32.09
C LEU M 121 8.83 -3.87 -33.14
N GLY M 122 10.05 -3.53 -32.71
CA GLY M 122 11.19 -3.49 -33.59
C GLY M 122 11.32 -2.23 -34.43
N SER M 123 10.40 -1.29 -34.30
CA SER M 123 10.47 -0.06 -35.06
C SER M 123 11.59 0.84 -34.55
N SER M 124 12.07 1.72 -35.43
CA SER M 124 13.17 2.61 -35.11
C SER M 124 12.68 3.90 -34.47
N ALA M 125 13.51 4.47 -33.62
CA ALA M 125 13.26 5.78 -33.02
C ALA M 125 14.18 6.79 -33.69
N VAL M 126 13.60 7.89 -34.19
CA VAL M 126 14.37 8.87 -34.95
C VAL M 126 14.17 10.25 -34.34
N PRO M 127 15.15 11.14 -34.41
CA PRO M 127 14.98 12.51 -33.96
C PRO M 127 14.17 13.31 -34.97
N LEU M 128 13.77 14.52 -34.56
CA LEU M 128 13.00 15.42 -35.39
C LEU M 128 13.85 16.62 -35.75
N THR M 129 13.99 16.89 -37.05
CA THR M 129 14.82 17.98 -37.51
C THR M 129 14.06 19.30 -37.38
N SER M 130 14.72 20.39 -37.77
CA SER M 130 14.10 21.71 -37.71
C SER M 130 12.99 21.87 -38.75
N ASP M 131 13.05 21.13 -39.85
CA ASP M 131 12.00 21.23 -40.86
C ASP M 131 10.67 20.68 -40.33
N PHE M 132 10.70 19.52 -39.68
CA PHE M 132 9.48 18.95 -39.15
C PHE M 132 9.01 19.64 -37.87
N LEU M 133 9.91 20.35 -37.19
CA LEU M 133 9.48 21.13 -36.03
C LEU M 133 8.76 22.40 -36.44
N ASN M 134 9.10 22.95 -37.60
CA ASN M 134 8.37 24.11 -38.12
C ASN M 134 6.93 23.77 -38.45
N ILE M 135 6.71 22.57 -39.02
CA ILE M 135 5.36 22.19 -39.46
C ILE M 135 4.44 22.00 -38.25
N ILE M 136 4.95 21.45 -37.16
CA ILE M 136 4.12 21.20 -35.98
C ILE M 136 3.57 22.50 -35.43
N TYR M 137 4.43 23.52 -35.33
CA TYR M 137 4.04 24.82 -34.78
C TYR M 137 3.74 25.81 -35.91
N SER M 138 2.78 25.45 -36.75
CA SER M 138 2.46 26.27 -37.92
C SER M 138 0.95 26.30 -38.14
N ILE M 139 0.54 27.13 -39.09
CA ILE M 139 -0.88 27.30 -39.45
C ILE M 139 -1.03 27.25 -40.96
N ASP M 140 -2.22 27.57 -41.46
CA ASP M 140 -2.49 27.55 -42.89
C ASP M 140 -1.67 28.61 -43.62
N LYS M 141 -1.34 28.32 -44.88
CA LYS M 141 -0.55 29.24 -45.69
C LYS M 141 -1.31 30.53 -45.97
N GLU M 142 -2.60 30.44 -46.32
CA GLU M 142 -3.35 31.63 -46.70
C GLU M 142 -3.59 32.55 -45.51
N GLU M 143 -3.54 32.04 -44.30
CA GLU M 143 -3.66 32.85 -43.11
C GLU M 143 -2.33 33.46 -42.68
N LEU M 144 -1.22 33.03 -43.29
CA LEU M 144 0.07 33.63 -42.98
C LEU M 144 0.15 35.12 -43.32
N PRO M 145 -0.34 35.60 -44.48
CA PRO M 145 -0.23 37.05 -44.75
C PRO M 145 -0.93 37.92 -43.72
N LYS M 146 -2.01 37.45 -43.09
CA LYS M 146 -2.72 38.22 -42.09
C LYS M 146 -2.32 37.86 -40.66
N ALA M 147 -1.07 37.44 -40.45
CA ALA M 147 -0.59 37.09 -39.13
C ALA M 147 0.65 37.90 -38.79
N VAL M 148 0.87 38.10 -37.50
CA VAL M 148 2.03 38.83 -37.00
C VAL M 148 2.78 37.96 -36.01
N GLU M 149 4.11 38.07 -36.04
CA GLU M 149 4.97 37.24 -35.21
C GLU M 149 4.85 37.63 -33.73
N LEU M 150 5.11 36.64 -32.88
CA LEU M 150 5.15 36.84 -31.44
C LEU M 150 6.52 36.57 -30.85
N GLY M 151 7.22 35.55 -31.34
CA GLY M 151 8.54 35.23 -30.83
C GLY M 151 9.08 33.90 -31.32
N VAL M 152 9.92 33.26 -30.51
CA VAL M 152 10.59 32.02 -30.87
C VAL M 152 10.41 31.01 -29.75
N ASP M 153 10.62 29.73 -30.10
CA ASP M 153 10.62 28.68 -29.09
C ASP M 153 11.83 28.84 -28.17
N SER M 154 11.70 28.34 -26.95
CA SER M 154 12.73 28.55 -25.93
C SER M 154 13.74 27.41 -25.84
N ARG M 155 13.35 26.18 -26.22
CA ARG M 155 14.30 25.07 -26.16
C ARG M 155 15.35 25.16 -27.26
N THR M 156 14.95 25.60 -28.46
CA THR M 156 15.84 25.61 -29.61
C THR M 156 16.16 27.00 -30.13
N LYS M 157 15.30 27.99 -29.90
CA LYS M 157 15.52 29.36 -30.36
C LYS M 157 15.70 29.43 -31.88
N THR M 158 14.88 28.69 -32.60
CA THR M 158 14.92 28.71 -34.07
C THR M 158 13.56 28.78 -34.74
N VAL M 159 12.47 28.38 -34.09
CA VAL M 159 11.16 28.36 -34.72
C VAL M 159 10.48 29.70 -34.49
N LYS M 160 9.68 30.13 -35.46
CA LYS M 160 8.94 31.37 -35.38
C LYS M 160 7.45 31.07 -35.26
N ILE M 161 6.81 31.66 -34.26
CA ILE M 161 5.42 31.39 -33.93
C ILE M 161 4.56 32.55 -34.41
N PHE M 162 3.50 32.23 -35.15
CA PHE M 162 2.57 33.21 -35.68
C PHE M 162 1.21 33.08 -35.00
N ALA M 163 0.36 34.08 -35.23
CA ALA M 163 -0.98 34.08 -34.63
C ALA M 163 -1.94 34.82 -35.55
N SER M 164 -3.11 34.24 -35.79
CA SER M 164 -4.13 34.87 -36.62
C SER M 164 -4.94 35.83 -35.77
N VAL M 165 -4.99 37.10 -36.20
CA VAL M 165 -5.75 38.10 -35.46
C VAL M 165 -7.24 37.82 -35.53
N ASP M 166 -7.68 37.07 -36.55
CA ASP M 166 -9.09 36.76 -36.70
C ASP M 166 -9.61 35.92 -35.53
N LYS M 167 -8.78 35.03 -34.99
CA LYS M 167 -9.20 34.15 -33.91
C LYS M 167 -8.83 34.68 -32.53
N LEU M 168 -7.77 35.49 -32.42
CA LEU M 168 -7.41 36.07 -31.13
C LEU M 168 -8.47 37.06 -30.66
N LEU M 169 -8.84 38.00 -31.52
CA LEU M 169 -9.80 39.04 -31.16
C LEU M 169 -11.22 38.68 -31.56
N SER M 170 -11.66 37.48 -31.16
CA SER M 170 -13.04 37.06 -31.37
C SER M 170 -13.74 36.86 -30.02
N ARG M 171 -13.18 36.04 -29.14
CA ARG M 171 -13.64 35.93 -27.78
C ARG M 171 -12.73 36.78 -26.89
N HIS M 172 -12.95 36.72 -25.58
CA HIS M 172 -12.10 37.48 -24.67
C HIS M 172 -10.73 36.82 -24.55
N LEU M 173 -9.71 37.66 -24.33
CA LEU M 173 -8.33 37.21 -24.19
C LEU M 173 -7.85 37.54 -22.79
N ALA M 174 -7.22 36.55 -22.13
CA ALA M 174 -6.79 36.69 -20.75
C ALA M 174 -5.26 36.69 -20.68
N VAL M 175 -4.70 37.68 -20.00
CA VAL M 175 -3.26 37.80 -19.80
C VAL M 175 -2.99 37.85 -18.30
N LEU M 176 -2.14 36.94 -17.83
CA LEU M 176 -1.81 36.84 -16.42
C LEU M 176 -0.30 36.85 -16.24
N GLY M 177 0.13 37.26 -15.05
CA GLY M 177 1.54 37.33 -14.74
C GLY M 177 1.82 38.09 -13.45
N SER M 178 2.93 37.77 -12.78
CA SER M 178 3.25 38.38 -11.50
C SER M 178 3.95 39.71 -11.72
N THR M 179 4.39 40.32 -10.63
CA THR M 179 4.93 41.68 -10.66
C THR M 179 6.40 41.64 -11.06
N GLY M 180 6.71 42.22 -12.21
CA GLY M 180 8.09 42.37 -12.63
C GLY M 180 8.57 41.30 -13.59
N TYR M 181 7.68 40.84 -14.48
CA TYR M 181 8.05 39.80 -15.42
C TYR M 181 7.47 40.01 -16.82
N GLY M 182 7.15 41.24 -17.19
CA GLY M 182 6.87 41.58 -18.57
C GLY M 182 5.49 41.28 -19.11
N LYS M 183 4.46 41.91 -18.52
CA LYS M 183 3.12 41.86 -19.10
C LYS M 183 2.74 43.13 -19.84
N SER M 184 3.15 44.30 -19.33
CA SER M 184 2.91 45.55 -20.03
C SER M 184 3.64 45.58 -21.37
N ASN M 185 4.85 45.02 -21.42
CA ASN M 185 5.57 44.92 -22.68
C ASN M 185 4.81 44.09 -23.69
N PHE M 186 4.27 42.95 -23.27
CA PHE M 186 3.47 42.13 -24.16
C PHE M 186 2.22 42.87 -24.62
N ASN M 187 1.57 43.59 -23.69
CA ASN M 187 0.38 44.35 -24.05
C ASN M 187 0.70 45.40 -25.12
N ALA M 188 1.79 46.14 -24.92
CA ALA M 188 2.17 47.18 -25.88
C ALA M 188 2.50 46.56 -27.23
N LEU M 189 3.26 45.46 -27.23
CA LEU M 189 3.64 44.83 -28.49
C LEU M 189 2.42 44.31 -29.23
N LEU M 190 1.47 43.69 -28.52
CA LEU M 190 0.29 43.15 -29.17
C LEU M 190 -0.62 44.26 -29.70
N THR M 191 -0.80 45.33 -28.91
CA THR M 191 -1.73 46.37 -29.32
C THR M 191 -1.17 47.22 -30.46
N ARG M 192 0.13 47.53 -30.42
CA ARG M 192 0.70 48.40 -31.44
C ARG M 192 0.74 47.74 -32.81
N LYS M 193 0.95 46.42 -32.86
CA LYS M 193 1.09 45.74 -34.15
C LYS M 193 -0.21 45.79 -34.95
N VAL M 194 -1.36 45.60 -34.29
CA VAL M 194 -2.63 45.61 -34.99
C VAL M 194 -2.92 47.00 -35.55
N SER M 195 -2.56 48.05 -34.80
CA SER M 195 -2.79 49.41 -35.27
C SER M 195 -1.99 49.70 -36.54
N GLU M 196 -0.74 49.25 -36.59
CA GLU M 196 0.06 49.40 -37.81
C GLU M 196 -0.40 48.46 -38.92
N LYS M 197 -1.29 47.51 -38.63
CA LYS M 197 -1.76 46.55 -39.62
C LYS M 197 -3.08 46.98 -40.24
N TYR M 198 -4.08 47.28 -39.43
CA TYR M 198 -5.40 47.68 -39.89
C TYR M 198 -5.67 49.11 -39.42
N PRO M 199 -5.51 50.10 -40.29
CA PRO M 199 -5.74 51.49 -39.87
C PRO M 199 -7.15 51.76 -39.38
N ASN M 200 -8.16 51.08 -39.94
CA ASN M 200 -9.55 51.32 -39.59
C ASN M 200 -10.01 50.29 -38.56
N SER M 201 -9.66 50.56 -37.31
CA SER M 201 -10.09 49.73 -36.19
C SER M 201 -10.17 50.60 -34.95
N ARG M 202 -10.99 50.17 -33.99
CA ARG M 202 -11.20 50.89 -32.75
C ARG M 202 -10.69 50.07 -31.57
N ILE M 203 -9.81 50.68 -30.78
CA ILE M 203 -9.35 50.13 -29.51
C ILE M 203 -9.33 51.26 -28.48
N VAL M 204 -9.92 51.01 -27.32
CA VAL M 204 -9.97 51.98 -26.24
C VAL M 204 -9.29 51.38 -25.02
N ILE M 205 -8.41 52.15 -24.39
CA ILE M 205 -7.49 51.65 -23.38
C ILE M 205 -7.79 52.33 -22.06
N PHE M 206 -7.97 51.53 -21.01
CA PHE M 206 -8.04 52.03 -19.64
C PHE M 206 -6.64 51.92 -19.04
N ASP M 207 -6.09 53.05 -18.62
CA ASP M 207 -4.73 53.10 -18.08
C ASP M 207 -4.77 53.76 -16.71
N ILE M 208 -4.25 53.08 -15.70
CA ILE M 208 -4.31 53.56 -14.32
C ILE M 208 -2.98 54.19 -13.88
N ASN M 209 -1.92 53.99 -14.63
CA ASN M 209 -0.64 54.56 -14.24
C ASN M 209 -0.10 55.58 -15.23
N GLY M 210 -0.35 55.40 -16.52
CA GLY M 210 0.26 56.26 -17.53
C GLY M 210 1.40 55.57 -18.25
N GLU M 211 1.31 54.25 -18.43
CA GLU M 211 2.41 53.46 -19.03
C GLU M 211 2.43 53.61 -20.54
N TYR M 212 1.28 53.65 -21.21
CA TYR M 212 1.23 53.64 -22.67
C TYR M 212 1.45 55.01 -23.30
N ALA M 213 1.95 55.99 -22.54
CA ALA M 213 2.18 57.31 -23.08
C ALA M 213 3.26 57.30 -24.16
N GLN M 214 4.35 56.57 -23.92
CA GLN M 214 5.47 56.57 -24.85
C GLN M 214 5.33 55.50 -25.93
N ALA M 215 4.50 54.47 -25.69
CA ALA M 215 4.48 53.31 -26.58
C ALA M 215 3.91 53.61 -27.96
N PHE M 216 3.10 54.66 -28.10
CA PHE M 216 2.41 54.95 -29.35
C PHE M 216 3.02 56.15 -30.07
N THR M 217 4.34 56.26 -30.05
CA THR M 217 5.04 57.34 -30.74
C THR M 217 5.12 57.02 -32.23
N GLY M 218 4.63 57.94 -33.06
CA GLY M 218 4.69 57.82 -34.49
C GLY M 218 3.42 57.34 -35.16
N ILE M 219 2.54 56.69 -34.41
CA ILE M 219 1.30 56.16 -34.98
C ILE M 219 0.29 57.30 -35.07
N PRO M 220 -0.26 57.58 -36.26
CA PRO M 220 -1.25 58.66 -36.39
C PRO M 220 -2.61 58.25 -35.85
N ASN M 221 -3.52 59.23 -35.83
CA ASN M 221 -4.90 59.03 -35.42
C ASN M 221 -4.99 58.54 -33.97
N VAL M 222 -4.51 59.38 -33.05
CA VAL M 222 -4.45 59.04 -31.63
C VAL M 222 -4.91 60.24 -30.81
N LYS M 223 -5.67 59.98 -29.75
CA LYS M 223 -6.16 61.00 -28.84
C LYS M 223 -5.69 60.69 -27.42
N HIS M 224 -5.18 61.71 -26.74
CA HIS M 224 -4.65 61.56 -25.39
C HIS M 224 -5.49 62.40 -24.43
N THR M 225 -5.90 61.79 -23.32
CA THR M 225 -6.71 62.46 -22.31
C THR M 225 -6.09 62.24 -20.95
N ILE M 226 -5.91 63.32 -20.19
CA ILE M 226 -5.40 63.26 -18.82
C ILE M 226 -6.52 63.66 -17.87
N LEU M 227 -6.74 62.84 -16.85
CA LEU M 227 -7.83 63.07 -15.90
C LEU M 227 -7.33 64.01 -14.80
N GLY M 228 -7.92 65.19 -14.72
CA GLY M 228 -7.51 66.19 -13.76
C GLY M 228 -7.91 67.57 -14.24
N GLU M 229 -7.21 68.57 -13.70
CA GLU M 229 -7.42 69.96 -14.06
C GLU M 229 -6.10 70.63 -14.36
N SER M 230 -6.14 71.61 -15.25
CA SER M 230 -4.94 72.31 -15.69
C SER M 230 -4.42 73.21 -14.57
N PRO M 231 -3.17 73.03 -14.13
CA PRO M 231 -2.65 73.92 -13.08
C PRO M 231 -2.39 75.33 -13.55
N ASN M 232 -2.26 75.55 -14.85
CA ASN M 232 -2.02 76.87 -15.40
C ASN M 232 -3.33 77.53 -15.83
N VAL M 233 -3.51 78.77 -15.39
CA VAL M 233 -4.74 79.49 -15.70
C VAL M 233 -4.83 79.81 -17.19
N ASP M 234 -3.73 80.31 -17.75
CA ASP M 234 -3.68 80.65 -19.17
C ASP M 234 -2.26 80.47 -19.68
N SER M 235 -2.15 79.87 -20.86
CA SER M 235 -0.85 79.60 -21.46
C SER M 235 -1.05 79.49 -22.98
N LEU M 236 0.00 79.05 -23.66
CA LEU M 236 -0.01 78.88 -25.12
C LEU M 236 0.15 77.40 -25.45
N GLU M 237 -0.83 76.84 -26.14
CA GLU M 237 -0.79 75.46 -26.59
C GLU M 237 -0.65 75.42 -28.10
N LYS M 238 -0.21 74.27 -28.62
CA LYS M 238 -0.01 74.06 -30.05
C LYS M 238 -1.29 73.50 -30.66
N LYS M 239 -1.22 73.20 -31.95
CA LYS M 239 -2.36 72.71 -32.71
C LYS M 239 -1.96 71.43 -33.45
N GLN M 240 -2.92 70.86 -34.18
CA GLN M 240 -2.72 69.64 -34.93
C GLN M 240 -2.53 69.97 -36.40
N GLN M 241 -1.51 69.37 -37.02
CA GLN M 241 -1.15 69.66 -38.40
C GLN M 241 -1.88 68.76 -39.38
N LYS M 242 -3.04 68.28 -38.95
CA LYS M 242 -3.97 67.51 -39.79
C LYS M 242 -3.28 66.31 -40.45
N GLY M 243 -2.79 65.41 -39.60
CA GLY M 243 -2.32 64.13 -40.10
C GLY M 243 -0.83 63.87 -39.95
N GLU M 244 -0.19 64.52 -38.98
CA GLU M 244 1.22 64.28 -38.70
C GLU M 244 1.37 63.19 -37.64
N LEU M 245 2.59 63.02 -37.16
CA LEU M 245 2.90 62.00 -36.16
C LEU M 245 2.43 62.45 -34.78
N TYR M 246 2.74 61.62 -33.78
CA TYR M 246 2.34 61.88 -32.40
C TYR M 246 3.56 62.00 -31.51
N SER M 247 3.45 62.83 -30.49
CA SER M 247 4.53 63.08 -29.55
C SER M 247 3.91 63.47 -28.21
N GLU M 248 4.71 64.06 -27.33
CA GLU M 248 4.30 64.37 -25.96
C GLU M 248 3.73 65.78 -25.82
N GLU M 249 3.22 66.36 -26.91
CA GLU M 249 2.75 67.74 -26.89
C GLU M 249 1.24 67.88 -27.07
N TYR M 250 0.50 66.78 -27.15
CA TYR M 250 -0.95 66.82 -27.31
C TYR M 250 -1.62 66.09 -26.15
N TYR M 251 -2.44 66.83 -25.40
CA TYR M 251 -3.24 66.24 -24.33
C TYR M 251 -4.37 67.20 -23.98
N CYS M 252 -5.41 66.64 -23.34
CA CYS M 252 -6.60 67.40 -22.99
C CYS M 252 -7.09 66.97 -21.61
N TYR M 253 -7.90 67.84 -21.01
CA TYR M 253 -8.52 67.56 -19.71
C TYR M 253 -10.03 67.52 -19.87
N LYS M 254 -10.68 66.68 -19.06
CA LYS M 254 -12.12 66.57 -19.07
C LYS M 254 -12.61 66.00 -17.75
N LYS M 255 -13.86 66.31 -17.42
CA LYS M 255 -14.51 65.87 -16.20
C LYS M 255 -15.72 65.01 -16.55
N ILE M 256 -16.39 64.50 -15.51
CA ILE M 256 -17.56 63.66 -15.65
C ILE M 256 -18.73 64.34 -14.95
N PRO M 257 -19.68 64.89 -15.71
CA PRO M 257 -20.88 65.47 -15.08
C PRO M 257 -21.65 64.40 -14.30
N TYR M 258 -22.18 64.82 -13.14
CA TYR M 258 -22.79 63.87 -12.22
C TYR M 258 -24.19 63.44 -12.65
N GLN M 259 -24.83 64.17 -13.56
CA GLN M 259 -26.18 63.81 -13.98
C GLN M 259 -26.20 62.67 -14.97
N ALA M 260 -25.05 62.23 -15.47
CA ALA M 260 -24.98 61.20 -16.50
C ALA M 260 -24.97 59.78 -15.93
N LEU M 261 -24.99 59.62 -14.61
CA LEU M 261 -24.93 58.30 -14.01
C LEU M 261 -26.25 57.55 -14.07
N GLY M 262 -27.34 58.20 -14.45
CA GLY M 262 -28.60 57.52 -14.63
C GLY M 262 -29.44 57.49 -13.36
N PHE M 263 -30.70 57.08 -13.54
CA PHE M 263 -31.63 56.99 -12.42
C PHE M 263 -31.18 55.94 -11.41
N ALA M 264 -30.89 54.72 -11.88
CA ALA M 264 -30.50 53.65 -10.98
C ALA M 264 -29.04 53.72 -10.56
N GLY M 265 -28.22 54.50 -11.28
CA GLY M 265 -26.82 54.59 -10.92
C GLY M 265 -26.60 55.20 -9.54
N LEU M 266 -27.30 56.30 -9.27
CA LEU M 266 -27.18 56.94 -7.96
C LEU M 266 -27.80 56.08 -6.86
N ILE M 267 -28.87 55.36 -7.16
CA ILE M 267 -29.47 54.46 -6.18
C ILE M 267 -28.48 53.36 -5.80
N LYS M 268 -27.83 52.77 -6.81
CA LYS M 268 -26.82 51.76 -6.54
C LYS M 268 -25.63 52.34 -5.77
N LEU M 269 -25.22 53.56 -6.13
CA LEU M 269 -24.06 54.18 -5.47
C LEU M 269 -24.35 54.46 -4.00
N LEU M 270 -25.53 54.97 -3.69
CA LEU M 270 -25.85 55.33 -2.31
C LEU M 270 -26.12 54.10 -1.44
N ARG M 271 -26.71 53.05 -2.01
CA ARG M 271 -27.11 51.86 -1.28
C ARG M 271 -28.02 52.23 -0.11
N PRO M 272 -29.26 52.64 -0.36
CA PRO M 272 -30.18 52.96 0.73
C PRO M 272 -30.86 51.72 1.28
N SER M 273 -31.27 51.82 2.54
CA SER M 273 -32.04 50.76 3.17
C SER M 273 -33.45 50.69 2.58
N ASP M 274 -33.98 49.49 2.50
CA ASP M 274 -35.30 49.25 1.93
C ASP M 274 -36.43 49.41 2.96
N LYS M 275 -36.11 49.83 4.18
CA LYS M 275 -37.14 50.00 5.20
C LYS M 275 -37.76 51.39 5.16
N THR M 276 -36.95 52.43 5.32
CA THR M 276 -37.44 53.80 5.33
C THR M 276 -36.74 54.74 4.37
N GLN M 277 -35.59 54.36 3.81
CA GLN M 277 -34.83 55.27 2.96
C GLN M 277 -35.08 55.07 1.48
N LEU M 278 -35.46 53.88 1.04
CA LEU M 278 -35.74 53.65 -0.37
C LEU M 278 -36.91 54.49 -0.88
N PRO M 279 -38.07 54.55 -0.19
CA PRO M 279 -39.12 55.47 -0.67
C PRO M 279 -38.68 56.92 -0.67
N ALA M 280 -37.90 57.33 0.33
CA ALA M 280 -37.44 58.71 0.38
C ALA M 280 -36.56 59.03 -0.82
N LEU M 281 -35.65 58.12 -1.16
CA LEU M 281 -34.78 58.34 -2.31
C LEU M 281 -35.55 58.30 -3.62
N ARG M 282 -36.54 57.41 -3.72
CA ARG M 282 -37.36 57.38 -4.94
C ARG M 282 -38.09 58.70 -5.13
N ASN M 283 -38.68 59.22 -4.05
CA ASN M 283 -39.36 60.51 -4.13
C ASN M 283 -38.38 61.65 -4.45
N ALA M 284 -37.20 61.63 -3.81
CA ALA M 284 -36.25 62.72 -4.00
C ALA M 284 -35.74 62.74 -5.44
N LEU M 285 -35.39 61.58 -5.99
CA LEU M 285 -34.96 61.53 -7.37
C LEU M 285 -36.11 61.85 -8.33
N SER M 286 -37.34 61.51 -7.95
CA SER M 286 -38.49 61.88 -8.76
C SER M 286 -38.83 63.35 -8.66
N ALA M 287 -38.21 64.10 -7.75
CA ALA M 287 -38.54 65.49 -7.49
C ALA M 287 -37.38 66.43 -7.80
N ILE M 288 -36.71 66.21 -8.94
CA ILE M 288 -35.61 67.09 -9.35
C ILE M 288 -36.05 68.11 -10.39
N ASN M 289 -37.10 67.83 -11.17
CA ASN M 289 -37.53 68.72 -12.22
C ASN M 289 -38.37 69.89 -11.72
N ARG M 290 -38.72 69.92 -10.43
CA ARG M 290 -39.50 71.00 -9.86
C ARG M 290 -38.73 71.72 -8.76
N THR M 291 -37.41 71.80 -8.91
CA THR M 291 -36.53 72.38 -7.89
C THR M 291 -35.72 73.50 -8.50
N HIS M 292 -35.71 74.66 -7.84
CA HIS M 292 -34.94 75.81 -8.27
C HIS M 292 -33.93 76.18 -7.18
N PHE M 293 -32.70 76.48 -7.61
CA PHE M 293 -31.60 76.76 -6.69
C PHE M 293 -30.93 78.08 -7.06
N LYS M 294 -30.73 78.94 -6.05
CA LYS M 294 -29.96 80.16 -6.20
C LYS M 294 -29.74 80.75 -4.81
N SER M 295 -28.72 81.59 -4.71
CA SER M 295 -28.45 82.35 -3.48
C SER M 295 -28.28 81.45 -2.26
N ARG M 296 -27.65 80.29 -2.49
CA ARG M 296 -27.26 79.38 -1.41
C ARG M 296 -28.47 78.87 -0.60
N ASN M 297 -29.63 78.77 -1.24
CA ASN M 297 -30.78 78.12 -0.61
C ASN M 297 -31.71 77.63 -1.70
N ILE M 298 -32.57 76.68 -1.33
CA ILE M 298 -33.45 75.99 -2.27
C ILE M 298 -34.89 76.41 -1.97
N TYR M 299 -35.61 76.79 -3.01
CA TYR M 299 -36.98 77.27 -2.89
C TYR M 299 -37.84 76.62 -3.96
N LEU M 300 -39.14 76.49 -3.66
CA LEU M 300 -40.11 75.93 -4.59
C LEU M 300 -41.00 77.06 -5.09
N GLU M 301 -41.14 77.16 -6.41
CA GLU M 301 -41.84 78.27 -7.04
C GLU M 301 -43.05 77.74 -7.81
N LYS M 302 -44.13 78.52 -7.76
CA LYS M 302 -45.33 78.23 -8.53
C LYS M 302 -45.22 78.94 -9.88
N ASP M 303 -46.31 78.95 -10.65
CA ASP M 303 -46.32 79.66 -11.92
C ASP M 303 -46.14 81.16 -11.69
N ASP M 304 -46.92 81.73 -10.76
CA ASP M 304 -46.74 83.13 -10.37
C ASP M 304 -47.35 83.29 -8.98
N GLY M 305 -46.50 83.37 -7.96
CA GLY M 305 -46.99 83.49 -6.60
C GLY M 305 -45.88 83.30 -5.59
N GLU M 306 -46.28 83.08 -4.34
CA GLU M 306 -45.33 82.97 -3.24
C GLU M 306 -44.57 81.66 -3.31
N THR M 307 -43.34 81.69 -2.78
CA THR M 307 -42.44 80.55 -2.76
C THR M 307 -42.44 79.91 -1.37
N PHE M 308 -41.58 78.91 -1.20
CA PHE M 308 -41.45 78.23 0.09
C PHE M 308 -40.01 77.77 0.25
N LEU M 309 -39.30 78.35 1.21
CA LEU M 309 -37.91 77.99 1.48
C LEU M 309 -37.83 76.62 2.14
N LEU M 310 -36.74 75.92 1.89
CA LEU M 310 -36.53 74.56 2.39
C LEU M 310 -35.53 74.58 3.53
N TYR M 311 -35.85 73.87 4.61
CA TYR M 311 -35.02 73.82 5.81
C TYR M 311 -34.58 72.38 6.04
N ASP M 312 -33.29 72.10 5.80
CA ASP M 312 -32.78 70.75 5.93
C ASP M 312 -32.64 70.32 7.39
N ASP M 313 -32.55 71.27 8.31
CA ASP M 313 -32.37 70.95 9.73
C ASP M 313 -33.72 70.60 10.35
N CYS M 314 -33.76 70.51 11.67
CA CYS M 314 -35.00 70.28 12.42
C CYS M 314 -35.36 71.52 13.24
N ARG M 315 -35.21 72.70 12.63
CA ARG M 315 -35.48 73.96 13.30
C ARG M 315 -36.99 74.18 13.44
N ASP M 316 -37.34 75.30 14.05
CA ASP M 316 -38.74 75.66 14.33
C ASP M 316 -39.02 77.00 13.65
N THR M 317 -39.38 76.96 12.38
CA THR M 317 -39.69 78.18 11.64
C THR M 317 -40.53 77.81 10.41
N ASN M 318 -41.77 78.30 10.37
CA ASN M 318 -42.66 78.13 9.24
C ASN M 318 -42.81 76.65 8.86
N GLN M 319 -43.19 75.85 9.85
CA GLN M 319 -43.33 74.41 9.68
C GLN M 319 -44.75 73.90 9.75
N SER M 320 -45.70 74.74 10.17
CA SER M 320 -47.08 74.27 10.32
C SER M 320 -47.73 73.95 8.99
N LYS M 321 -47.38 74.69 7.94
CA LYS M 321 -48.01 74.55 6.63
C LYS M 321 -47.07 73.90 5.63
N LEU M 322 -46.30 72.91 6.10
CA LEU M 322 -45.36 72.21 5.24
C LEU M 322 -45.99 71.01 4.52
N ALA M 323 -46.94 70.34 5.17
CA ALA M 323 -47.52 69.13 4.58
C ALA M 323 -48.26 69.45 3.29
N GLU M 324 -49.01 70.54 3.27
CA GLU M 324 -49.75 70.92 2.07
C GLU M 324 -48.80 71.18 0.90
N TRP M 325 -47.74 71.95 1.15
CA TRP M 325 -46.75 72.18 0.10
C TRP M 325 -46.07 70.88 -0.31
N LEU M 326 -45.76 70.03 0.66
CA LEU M 326 -45.05 68.78 0.34
C LEU M 326 -45.88 67.90 -0.58
N ASP M 327 -47.14 67.63 -0.21
CA ASP M 327 -47.94 66.75 -1.04
C ASP M 327 -48.54 67.45 -2.26
N LEU M 328 -48.41 68.78 -2.35
CA LEU M 328 -48.76 69.44 -3.60
C LEU M 328 -47.59 69.41 -4.58
N LEU M 329 -46.35 69.46 -4.09
CA LEU M 329 -45.20 69.14 -4.93
C LEU M 329 -45.24 67.67 -5.37
N ARG M 330 -45.61 66.76 -4.47
CA ARG M 330 -45.61 65.34 -4.79
C ARG M 330 -46.62 65.01 -5.88
N ARG M 331 -47.62 65.86 -6.07
CA ARG M 331 -48.67 65.60 -7.05
C ARG M 331 -48.39 66.24 -8.41
N ARG M 332 -47.22 66.83 -8.61
CA ARG M 332 -46.84 67.47 -9.87
C ARG M 332 -47.83 68.59 -10.23
N ARG M 333 -47.83 69.62 -9.39
CA ARG M 333 -48.73 70.75 -9.53
C ARG M 333 -47.97 72.07 -9.44
N LEU M 334 -46.77 72.13 -10.01
CA LEU M 334 -45.96 73.34 -10.00
C LEU M 334 -45.27 73.48 -11.36
N LYS M 335 -44.34 74.42 -11.42
CA LYS M 335 -43.67 74.78 -12.66
C LYS M 335 -42.51 73.83 -12.94
N ARG M 336 -41.71 74.17 -13.95
CA ARG M 336 -40.54 73.38 -14.34
C ARG M 336 -39.30 74.26 -14.28
N THR M 337 -38.20 73.69 -13.78
CA THR M 337 -36.93 74.39 -13.74
C THR M 337 -36.26 74.32 -15.11
N ASN M 338 -35.22 75.14 -15.29
CA ASN M 338 -34.51 75.18 -16.56
C ASN M 338 -33.00 75.07 -16.42
N VAL M 339 -32.47 74.89 -15.20
CA VAL M 339 -31.04 74.78 -14.96
C VAL M 339 -30.79 73.56 -14.09
N TRP M 340 -29.52 73.16 -14.01
CA TRP M 340 -29.13 71.96 -13.28
C TRP M 340 -28.89 72.31 -11.82
N PRO M 341 -29.62 71.70 -10.88
CA PRO M 341 -29.36 71.94 -9.46
C PRO M 341 -28.09 71.22 -9.02
N PRO M 342 -27.47 71.66 -7.94
CA PRO M 342 -26.27 70.99 -7.44
C PRO M 342 -26.61 69.65 -6.79
N PHE M 343 -25.56 68.83 -6.63
CA PHE M 343 -25.73 67.51 -6.05
C PHE M 343 -26.11 67.54 -4.58
N LYS M 344 -25.83 68.65 -3.89
CA LYS M 344 -26.14 68.75 -2.47
C LYS M 344 -27.63 68.87 -2.19
N SER M 345 -28.44 69.23 -3.18
CA SER M 345 -29.88 69.39 -2.98
C SER M 345 -30.57 68.08 -2.63
N LEU M 346 -30.01 66.95 -3.05
CA LEU M 346 -30.65 65.66 -2.79
C LEU M 346 -30.73 65.39 -1.30
N ALA M 347 -29.66 65.70 -0.55
CA ALA M 347 -29.67 65.51 0.89
C ALA M 347 -30.77 66.35 1.54
N THR M 348 -30.89 67.61 1.12
CA THR M 348 -31.92 68.47 1.68
C THR M 348 -33.32 67.95 1.37
N LEU M 349 -33.54 67.49 0.13
CA LEU M 349 -34.86 66.99 -0.23
C LEU M 349 -35.20 65.72 0.56
N VAL M 350 -34.23 64.82 0.72
CA VAL M 350 -34.46 63.62 1.51
C VAL M 350 -34.76 63.99 2.96
N ALA M 351 -34.04 64.98 3.50
CA ALA M 351 -34.30 65.42 4.87
C ALA M 351 -35.71 65.98 5.00
N GLU M 352 -36.15 66.77 4.01
CA GLU M 352 -37.51 67.31 4.06
C GLU M 352 -38.54 66.19 4.02
N PHE M 353 -38.32 65.19 3.17
CA PHE M 353 -39.28 64.09 3.06
C PHE M 353 -39.31 63.23 4.33
N GLY M 354 -38.16 63.06 4.98
CA GLY M 354 -38.10 62.15 6.11
C GLY M 354 -38.27 62.77 7.48
N CYS M 355 -38.19 64.09 7.56
CA CYS M 355 -38.26 64.79 8.85
C CYS M 355 -39.69 65.17 9.22
N VAL M 356 -40.64 64.98 8.33
CA VAL M 356 -42.05 65.28 8.61
C VAL M 356 -42.79 63.98 8.87
N ALA M 357 -43.77 64.04 9.76
CA ALA M 357 -44.62 62.89 10.04
C ALA M 357 -46.07 63.38 10.10
N ALA M 358 -46.99 62.45 10.27
CA ALA M 358 -48.41 62.76 10.35
C ALA M 358 -49.04 62.02 11.52
N ASP M 359 -50.02 62.65 12.14
CA ASP M 359 -50.78 62.07 13.24
C ASP M 359 -52.20 61.77 12.78
N ARG M 360 -52.86 60.88 13.52
CA ARG M 360 -54.23 60.51 13.19
C ARG M 360 -55.19 61.67 13.42
N SER M 361 -54.98 62.45 14.48
CA SER M 361 -55.87 63.54 14.82
C SER M 361 -55.44 64.86 14.18
N ASN M 362 -55.20 64.82 12.87
CA ASN M 362 -54.95 66.02 12.06
C ASN M 362 -53.82 66.88 12.63
N GLY M 363 -52.70 66.23 12.94
CA GLY M 363 -51.56 66.95 13.47
C GLY M 363 -50.36 66.96 12.54
N SER M 364 -49.49 67.95 12.71
CA SER M 364 -48.26 68.05 11.92
C SER M 364 -47.12 68.45 12.86
N LYS M 365 -46.02 67.69 12.82
CA LYS M 365 -44.87 67.94 13.66
C LYS M 365 -43.60 67.46 12.97
N ARG M 366 -42.52 68.21 13.13
CA ARG M 366 -41.20 67.82 12.62
C ARG M 366 -40.55 66.94 13.68
N ASP M 367 -41.13 65.76 13.88
CA ASP M 367 -40.67 64.84 14.91
C ASP M 367 -39.28 64.31 14.59
N ALA M 368 -38.46 64.16 15.63
CA ALA M 368 -37.12 63.63 15.48
C ALA M 368 -37.11 62.10 15.37
N PHE M 369 -38.21 61.42 15.65
CA PHE M 369 -38.24 59.97 15.51
C PHE M 369 -38.07 59.55 14.07
N GLY M 370 -38.71 60.25 13.13
CA GLY M 370 -38.48 60.01 11.72
C GLY M 370 -37.15 60.51 11.22
N PHE M 371 -36.56 61.51 11.90
CA PHE M 371 -35.26 62.03 11.51
C PHE M 371 -34.16 61.00 11.74
N SER M 372 -34.24 60.25 12.84
CA SER M 372 -33.23 59.25 13.13
C SER M 372 -33.29 58.10 12.15
N ASN M 373 -34.47 57.80 11.61
CA ASN M 373 -34.60 56.70 10.65
C ASN M 373 -34.00 57.04 9.30
N VAL M 374 -33.71 58.31 9.02
CA VAL M 374 -33.15 58.74 7.75
C VAL M 374 -31.78 59.37 7.90
N LEU M 375 -31.33 59.58 9.14
CA LEU M 375 -30.02 60.20 9.36
C LEU M 375 -28.85 59.49 8.66
N PRO M 376 -28.75 58.15 8.61
CA PRO M 376 -27.58 57.53 7.97
C PRO M 376 -27.30 58.02 6.55
N LEU M 377 -28.31 58.08 5.69
CA LEU M 377 -28.06 58.38 4.29
C LEU M 377 -27.71 59.85 4.08
N VAL M 378 -28.42 60.75 4.76
CA VAL M 378 -28.06 62.16 4.65
C VAL M 378 -26.68 62.40 5.24
N LYS M 379 -26.29 61.63 6.27
CA LYS M 379 -24.92 61.69 6.76
C LYS M 379 -23.92 61.25 5.70
N ILE M 380 -24.24 60.17 4.99
CA ILE M 380 -23.32 59.62 4.00
C ILE M 380 -23.13 60.60 2.84
N ILE M 381 -24.24 61.14 2.32
CA ILE M 381 -24.13 62.00 1.13
C ILE M 381 -23.42 63.30 1.46
N GLN M 382 -23.65 63.86 2.65
CA GLN M 382 -23.03 65.14 3.00
C GLN M 382 -21.51 65.03 3.01
N GLN M 383 -20.97 63.98 3.62
CA GLN M 383 -19.52 63.85 3.71
C GLN M 383 -18.90 63.64 2.34
N LEU M 384 -19.54 62.83 1.49
CA LEU M 384 -19.04 62.61 0.14
C LEU M 384 -19.07 63.90 -0.68
N ALA M 385 -19.99 64.81 -0.36
CA ALA M 385 -20.11 66.08 -1.07
C ALA M 385 -19.12 67.13 -0.58
N GLU M 386 -18.35 66.82 0.48
CA GLU M 386 -17.35 67.73 1.00
C GLU M 386 -15.92 67.25 0.82
N ASP M 387 -15.71 65.95 0.63
CA ASP M 387 -14.35 65.43 0.52
C ASP M 387 -13.66 65.97 -0.73
N ILE M 388 -12.35 66.07 -0.67
CA ILE M 388 -11.56 66.69 -1.73
C ILE M 388 -11.10 65.63 -2.72
N ARG M 389 -11.65 64.42 -2.59
CA ARG M 389 -11.29 63.32 -3.49
C ARG M 389 -12.36 62.97 -4.51
N PHE M 390 -13.61 63.32 -4.26
CA PHE M 390 -14.69 63.00 -5.20
C PHE M 390 -14.99 64.16 -6.14
N LYS M 391 -15.16 65.37 -5.59
CA LYS M 391 -15.42 66.53 -6.42
C LYS M 391 -14.22 66.93 -7.26
N SER M 392 -13.03 66.40 -6.95
CA SER M 392 -11.84 66.71 -7.72
C SER M 392 -11.88 66.15 -9.14
N ILE M 393 -12.73 65.16 -9.41
CA ILE M 393 -12.84 64.56 -10.74
C ILE M 393 -14.27 64.65 -11.26
N VAL M 394 -15.24 64.15 -10.48
CA VAL M 394 -16.63 64.19 -10.89
C VAL M 394 -17.20 65.58 -10.65
N ASN M 395 -17.82 66.15 -11.68
CA ASN M 395 -18.33 67.51 -11.63
C ASN M 395 -19.69 67.54 -10.96
N LEU M 396 -19.85 68.40 -9.94
CA LEU M 396 -21.08 68.46 -9.18
C LEU M 396 -21.56 69.88 -8.92
N ASN M 397 -21.06 70.87 -9.66
CA ASN M 397 -21.47 72.25 -9.48
C ASN M 397 -22.74 72.60 -10.24
N GLY M 398 -23.25 71.70 -11.08
CA GLY M 398 -24.47 71.99 -11.81
C GLY M 398 -24.26 73.14 -12.79
N GLY M 399 -25.33 73.93 -12.97
CA GLY M 399 -25.26 75.11 -13.81
C GLY M 399 -25.39 74.87 -15.29
N GLY M 400 -25.66 73.63 -15.71
CA GLY M 400 -25.80 73.32 -17.11
C GLY M 400 -27.17 73.68 -17.65
N GLU M 401 -27.36 73.40 -18.94
CA GLU M 401 -28.60 73.71 -19.63
C GLU M 401 -29.50 72.48 -19.67
N LEU M 402 -30.79 72.73 -19.86
CA LEU M 402 -31.78 71.66 -19.93
C LEU M 402 -32.97 72.13 -20.74
N ALA M 403 -33.50 71.22 -21.54
CA ALA M 403 -34.66 71.49 -22.39
C ALA M 403 -35.68 70.37 -22.24
N ASP M 404 -36.95 70.72 -22.46
CA ASP M 404 -38.01 69.73 -22.38
C ASP M 404 -37.93 68.75 -23.55
N GLY M 405 -38.55 67.59 -23.37
CA GLY M 405 -38.51 66.55 -24.37
C GLY M 405 -38.50 65.16 -23.76
N GLY M 406 -38.27 65.09 -22.44
CA GLY M 406 -38.27 63.84 -21.73
C GLY M 406 -36.97 63.07 -21.76
N THR M 407 -35.95 63.56 -22.48
CA THR M 407 -34.66 62.91 -22.56
C THR M 407 -33.57 63.67 -21.80
N HIS M 408 -33.94 64.32 -20.69
CA HIS M 408 -32.94 65.03 -19.89
C HIS M 408 -31.91 64.08 -19.29
N TRP M 409 -32.35 62.93 -18.78
CA TRP M 409 -31.40 61.93 -18.28
C TRP M 409 -30.55 61.36 -19.40
N ASP M 410 -31.15 61.14 -20.58
CA ASP M 410 -30.49 60.34 -21.61
C ASP M 410 -29.39 61.13 -22.33
N LYS M 411 -29.59 62.43 -22.51
CA LYS M 411 -28.69 63.20 -23.38
C LYS M 411 -27.27 63.24 -22.81
N ALA M 412 -27.13 63.52 -21.52
CA ALA M 412 -25.81 63.66 -20.92
C ALA M 412 -25.04 62.34 -20.96
N MET M 413 -25.70 61.24 -20.57
CA MET M 413 -25.04 59.95 -20.57
C MET M 413 -24.69 59.51 -21.98
N SER M 414 -25.58 59.77 -22.95
CA SER M 414 -25.28 59.41 -24.33
C SER M 414 -24.09 60.20 -24.86
N ASP M 415 -24.02 61.50 -24.55
CA ASP M 415 -22.89 62.31 -24.99
C ASP M 415 -21.59 61.84 -24.34
N GLU M 416 -21.64 61.50 -23.04
CA GLU M 416 -20.43 61.04 -22.37
C GLU M 416 -19.95 59.71 -22.95
N VAL M 417 -20.88 58.80 -23.25
CA VAL M 417 -20.51 57.54 -23.89
C VAL M 417 -19.94 57.79 -25.27
N ASP M 418 -20.55 58.70 -26.04
CA ASP M 418 -20.02 59.02 -27.35
C ASP M 418 -18.62 59.58 -27.26
N TYR M 419 -18.32 60.35 -26.22
CA TYR M 419 -16.98 60.90 -26.07
C TYR M 419 -15.97 59.83 -25.69
N PHE M 420 -16.29 58.98 -24.71
CA PHE M 420 -15.32 58.00 -24.24
C PHE M 420 -15.11 56.88 -25.25
N PHE M 421 -16.20 56.30 -25.77
CA PHE M 421 -16.14 55.09 -26.58
C PHE M 421 -16.54 55.34 -28.02
N GLY M 422 -16.47 56.57 -28.49
CA GLY M 422 -16.70 56.87 -29.90
C GLY M 422 -18.17 56.94 -30.26
N LYS M 423 -18.43 57.30 -31.51
CA LYS M 423 -19.77 57.40 -32.04
C LYS M 423 -20.21 56.04 -32.60
N GLU M 424 -21.46 55.98 -33.04
CA GLU M 424 -22.03 54.76 -33.58
C GLU M 424 -21.82 54.71 -35.09
N LYS M 425 -22.46 53.74 -35.74
CA LYS M 425 -22.26 53.52 -37.16
C LYS M 425 -22.80 54.70 -37.98
N GLY M 426 -22.15 54.95 -39.12
CA GLY M 426 -22.59 56.01 -40.01
C GLY M 426 -21.90 57.34 -39.73
N GLN M 427 -22.05 57.86 -38.52
CA GLN M 427 -21.47 59.14 -38.17
C GLN M 427 -19.95 59.07 -38.23
N GLU M 428 -19.34 60.06 -38.85
CA GLU M 428 -17.88 60.11 -38.96
C GLU M 428 -17.28 60.50 -37.61
N ASN M 429 -16.37 59.67 -37.11
CA ASN M 429 -15.72 59.89 -35.84
C ASN M 429 -14.29 60.39 -36.06
N ASP M 430 -13.85 61.29 -35.18
CA ASP M 430 -12.56 61.94 -35.37
C ASP M 430 -11.40 60.96 -35.21
N TRP M 431 -11.43 60.14 -34.16
CA TRP M 431 -10.30 59.29 -33.82
C TRP M 431 -10.69 57.82 -33.91
N ASN M 432 -9.66 56.96 -33.85
CA ASN M 432 -9.85 55.51 -33.88
C ASN M 432 -9.23 54.77 -32.70
N VAL M 433 -8.26 55.37 -32.00
CA VAL M 433 -7.72 54.80 -30.77
C VAL M 433 -7.86 55.86 -29.68
N HIS M 434 -8.30 55.43 -28.50
CA HIS M 434 -8.55 56.35 -27.41
C HIS M 434 -7.82 55.87 -26.16
N ILE M 435 -7.13 56.79 -25.49
CA ILE M 435 -6.35 56.50 -24.30
C ILE M 435 -6.80 57.43 -23.19
N VAL M 436 -7.08 56.87 -22.02
CA VAL M 436 -7.47 57.64 -20.84
C VAL M 436 -6.40 57.46 -19.78
N ASN M 437 -5.92 58.59 -19.23
CA ASN M 437 -4.91 58.57 -18.18
C ASN M 437 -5.63 58.65 -16.84
N MET M 438 -6.08 57.49 -16.35
CA MET M 438 -6.83 57.41 -15.10
C MET M 438 -5.87 57.23 -13.92
N LYS M 439 -4.97 58.19 -13.77
CA LYS M 439 -3.92 58.09 -12.76
C LYS M 439 -4.25 58.80 -11.46
N ASN M 440 -5.17 59.75 -11.48
CA ASN M 440 -5.51 60.51 -10.29
C ASN M 440 -6.71 59.95 -9.54
N LEU M 441 -7.28 58.85 -10.02
CA LEU M 441 -8.37 58.19 -9.31
C LEU M 441 -7.84 57.49 -8.07
N ALA M 442 -8.54 57.64 -6.96
CA ALA M 442 -8.12 57.00 -5.71
C ALA M 442 -8.38 55.50 -5.78
N GLN M 443 -7.60 54.76 -5.02
CA GLN M 443 -7.78 53.31 -4.95
C GLN M 443 -9.08 52.92 -4.26
N ASP M 444 -9.72 53.85 -3.56
CA ASP M 444 -11.01 53.60 -2.92
C ASP M 444 -12.19 54.02 -3.78
N HIS M 445 -12.03 55.02 -4.64
CA HIS M 445 -13.08 55.45 -5.55
C HIS M 445 -13.10 54.66 -6.85
N ALA M 446 -12.09 53.83 -7.10
CA ALA M 446 -12.07 53.04 -8.33
C ALA M 446 -13.23 52.07 -8.45
N PRO M 447 -13.60 51.29 -7.41
CA PRO M 447 -14.72 50.35 -7.59
C PRO M 447 -16.04 51.00 -7.91
N MET M 448 -16.25 52.26 -7.53
CA MET M 448 -17.50 52.95 -7.80
C MET M 448 -17.46 53.83 -9.04
N LEU M 449 -16.32 54.46 -9.32
CA LEU M 449 -16.21 55.36 -10.46
C LEU M 449 -15.85 54.65 -11.75
N LEU M 450 -15.66 53.33 -11.73
CA LEU M 450 -15.44 52.55 -12.94
C LEU M 450 -16.54 51.56 -13.23
N SER M 451 -17.10 50.92 -12.21
CA SER M 451 -18.23 50.02 -12.43
C SER M 451 -19.47 50.76 -12.90
N ALA M 452 -19.53 52.08 -12.69
CA ALA M 452 -20.64 52.87 -13.20
C ALA M 452 -20.54 53.09 -14.70
N LEU M 453 -19.33 53.25 -15.23
CA LEU M 453 -19.16 53.48 -16.66
C LEU M 453 -19.57 52.26 -17.47
N LEU M 454 -19.22 51.06 -17.01
CA LEU M 454 -19.59 49.86 -17.76
C LEU M 454 -21.10 49.69 -17.84
N GLU M 455 -21.81 50.02 -16.75
CA GLU M 455 -23.27 49.90 -16.77
C GLU M 455 -23.87 50.84 -17.81
N MET M 456 -23.41 52.09 -17.85
CA MET M 456 -23.98 53.03 -18.81
C MET M 456 -23.59 52.67 -20.24
N PHE M 457 -22.37 52.15 -20.43
CA PHE M 457 -21.98 51.72 -21.77
C PHE M 457 -22.82 50.55 -22.24
N ALA M 458 -23.07 49.58 -21.37
CA ALA M 458 -23.94 48.47 -21.74
C ALA M 458 -25.36 48.95 -22.02
N GLU M 459 -25.87 49.86 -21.18
CA GLU M 459 -27.22 50.35 -21.36
C GLU M 459 -27.38 51.06 -22.71
N ILE M 460 -26.43 51.93 -23.06
CA ILE M 460 -26.53 52.62 -24.33
C ILE M 460 -26.30 51.65 -25.50
N LEU M 461 -25.38 50.69 -25.34
CA LEU M 461 -25.08 49.77 -26.43
C LEU M 461 -26.26 48.87 -26.75
N PHE M 462 -27.03 48.46 -25.73
CA PHE M 462 -28.21 47.64 -25.98
C PHE M 462 -29.23 48.42 -26.81
N ARG M 463 -29.40 49.70 -26.53
CA ARG M 463 -30.33 50.52 -27.30
C ARG M 463 -29.80 50.87 -28.68
N ARG M 464 -28.47 50.90 -28.86
CA ARG M 464 -27.92 51.18 -30.19
C ARG M 464 -28.28 50.09 -31.18
N GLY M 465 -28.20 48.82 -30.75
CA GLY M 465 -28.52 47.71 -31.63
C GLY M 465 -27.30 47.21 -32.39
N GLN M 466 -27.33 45.94 -32.81
CA GLN M 466 -26.22 45.38 -33.56
C GLN M 466 -26.12 45.94 -34.96
N GLU M 467 -27.19 46.53 -35.48
CA GLU M 467 -27.19 47.09 -36.82
C GLU M 467 -26.63 48.50 -36.90
N ARG M 468 -26.27 49.09 -35.75
CA ARG M 468 -25.72 50.44 -35.72
C ARG M 468 -24.47 50.56 -34.85
N SER M 469 -23.97 49.46 -34.30
CA SER M 469 -22.86 49.48 -33.36
C SER M 469 -21.57 49.07 -34.06
N TYR M 470 -20.56 49.93 -33.99
CA TYR M 470 -19.24 49.59 -34.48
C TYR M 470 -18.60 48.52 -33.60
N PRO M 471 -17.97 47.50 -34.18
CA PRO M 471 -17.28 46.48 -33.38
C PRO M 471 -15.97 47.02 -32.84
N THR M 472 -15.88 47.17 -31.52
CA THR M 472 -14.72 47.75 -30.87
C THR M 472 -14.23 46.84 -29.77
N VAL M 473 -12.93 46.93 -29.48
CA VAL M 473 -12.29 46.15 -28.43
C VAL M 473 -11.86 47.11 -27.33
N LEU M 474 -12.06 46.71 -26.09
CA LEU M 474 -11.71 47.51 -24.93
C LEU M 474 -10.61 46.81 -24.13
N LEU M 475 -9.59 47.57 -23.75
CA LEU M 475 -8.45 47.05 -23.01
C LEU M 475 -8.62 47.36 -21.53
N LEU M 476 -8.46 46.34 -20.70
CA LEU M 476 -8.57 46.47 -19.25
C LEU M 476 -7.22 46.19 -18.61
N GLU M 477 -6.79 47.09 -17.73
CA GLU M 477 -5.54 46.96 -16.99
C GLU M 477 -5.84 47.03 -15.49
N GLU M 478 -5.26 46.09 -14.74
CA GLU M 478 -5.52 45.95 -13.30
C GLU M 478 -7.02 45.75 -13.04
N ALA M 479 -7.54 44.67 -13.63
CA ALA M 479 -8.98 44.44 -13.67
C ALA M 479 -9.54 43.88 -12.37
N HIS M 480 -8.70 43.40 -11.45
CA HIS M 480 -9.21 42.86 -10.20
C HIS M 480 -9.80 43.93 -9.30
N HIS M 481 -9.43 45.20 -9.51
CA HIS M 481 -9.95 46.27 -8.66
C HIS M 481 -11.45 46.48 -8.87
N TYR M 482 -11.91 46.40 -10.12
CA TYR M 482 -13.26 46.83 -10.47
C TYR M 482 -14.10 45.69 -11.05
N LEU M 483 -13.76 44.45 -10.72
CA LEU M 483 -14.64 43.31 -10.99
C LEU M 483 -14.69 42.37 -9.78
N ARG M 484 -14.51 42.90 -8.59
CA ARG M 484 -14.53 42.11 -7.37
C ARG M 484 -15.96 41.84 -6.91
N GLU M 498 -19.19 42.20 -14.86
CA GLU M 498 -20.20 42.64 -15.80
C GLU M 498 -20.80 41.48 -16.57
N ARG M 499 -22.08 41.59 -16.90
CA ARG M 499 -22.78 40.58 -17.69
C ARG M 499 -22.63 40.81 -19.18
N LEU M 500 -21.83 41.80 -19.57
CA LEU M 500 -21.58 42.06 -20.99
C LEU M 500 -20.92 40.87 -21.67
N ALA M 501 -20.06 40.17 -20.94
CA ALA M 501 -19.28 39.08 -21.55
C ALA M 501 -20.19 37.98 -22.08
N LYS M 502 -21.23 37.62 -21.32
CA LYS M 502 -22.17 36.60 -21.78
C LYS M 502 -22.93 37.09 -23.01
N GLU M 503 -23.32 38.36 -23.03
CA GLU M 503 -24.11 38.92 -24.12
C GLU M 503 -23.29 39.81 -25.05
N GLY M 504 -21.97 39.65 -25.04
CA GLY M 504 -21.12 40.36 -25.99
C GLY M 504 -20.99 39.71 -27.34
N ARG M 505 -21.68 38.59 -27.56
CA ARG M 505 -21.57 37.88 -28.84
C ARG M 505 -22.27 38.65 -29.95
N LYS M 506 -23.49 39.12 -29.70
CA LYS M 506 -24.26 39.78 -30.76
C LYS M 506 -23.70 41.16 -31.08
N PHE M 507 -23.23 41.87 -30.07
CA PHE M 507 -22.83 43.28 -30.21
C PHE M 507 -21.42 43.45 -30.73
N LYS M 508 -20.69 42.36 -30.96
CA LYS M 508 -19.30 42.40 -31.40
C LYS M 508 -18.43 43.17 -30.41
N CYS M 509 -18.40 42.67 -29.17
CA CYS M 509 -17.58 43.23 -28.11
C CYS M 509 -16.65 42.16 -27.57
N SER M 510 -15.37 42.49 -27.47
CA SER M 510 -14.36 41.60 -26.93
C SER M 510 -13.50 42.35 -25.92
N LEU M 511 -13.02 41.63 -24.91
CA LEU M 511 -12.28 42.24 -23.81
C LEU M 511 -10.94 41.57 -23.63
N ILE M 512 -10.00 42.30 -23.02
CA ILE M 512 -8.71 41.79 -22.62
C ILE M 512 -8.54 42.04 -21.12
N VAL M 513 -8.21 40.99 -20.37
CA VAL M 513 -8.18 41.05 -18.92
C VAL M 513 -6.72 40.90 -18.47
N SER M 514 -6.25 41.84 -17.66
CA SER M 514 -4.91 41.81 -17.10
C SER M 514 -5.00 41.92 -15.58
N THR M 515 -4.32 41.02 -14.88
CA THR M 515 -4.31 41.03 -13.42
C THR M 515 -3.13 40.21 -12.94
N GLN M 516 -2.83 40.36 -11.64
CA GLN M 516 -1.83 39.54 -10.98
C GLN M 516 -2.43 38.68 -9.87
N ARG M 517 -3.73 38.81 -9.62
CA ARG M 517 -4.45 38.01 -8.63
C ARG M 517 -5.67 37.41 -9.30
N PRO M 518 -5.51 36.31 -10.04
CA PRO M 518 -6.66 35.71 -10.73
C PRO M 518 -7.74 35.20 -9.80
N SER M 519 -7.43 34.99 -8.52
CA SER M 519 -8.44 34.52 -7.57
C SER M 519 -9.53 35.56 -7.33
N GLU M 520 -9.24 36.84 -7.58
CA GLU M 520 -10.23 37.91 -7.38
C GLU M 520 -11.04 38.17 -8.64
N LEU M 521 -11.56 37.11 -9.24
CA LEU M 521 -12.42 37.24 -10.41
C LEU M 521 -13.49 36.16 -10.35
N SER M 522 -14.63 36.43 -10.95
CA SER M 522 -15.73 35.48 -10.94
C SER M 522 -15.38 34.25 -11.77
N PRO M 523 -15.93 33.09 -11.43
CA PRO M 523 -15.74 31.92 -12.30
C PRO M 523 -16.28 32.13 -13.70
N THR M 524 -17.33 32.95 -13.84
CA THR M 524 -17.92 33.21 -15.15
C THR M 524 -17.03 34.11 -16.01
N VAL M 525 -16.44 35.15 -15.40
CA VAL M 525 -15.71 36.13 -16.19
C VAL M 525 -14.42 35.54 -16.78
N LEU M 526 -13.73 34.67 -16.03
CA LEU M 526 -12.50 34.07 -16.53
C LEU M 526 -12.76 32.93 -17.50
N ALA M 527 -13.87 32.21 -17.34
CA ALA M 527 -14.17 31.07 -18.20
C ALA M 527 -14.63 31.47 -19.59
N MET M 528 -14.98 32.74 -19.80
CA MET M 528 -15.44 33.17 -21.12
C MET M 528 -14.31 33.18 -22.13
N CYS M 529 -13.08 33.36 -21.66
CA CYS M 529 -11.93 33.40 -22.56
C CYS M 529 -11.70 32.03 -23.21
N SER M 530 -11.26 32.05 -24.46
CA SER M 530 -10.82 30.86 -25.16
C SER M 530 -9.31 30.76 -25.23
N ASN M 531 -8.59 31.77 -24.75
CA ASN M 531 -7.13 31.79 -24.72
C ASN M 531 -6.67 32.16 -23.32
N TRP M 532 -5.45 31.71 -22.98
CA TRP M 532 -4.89 31.98 -21.66
C TRP M 532 -3.37 32.12 -21.81
N PHE M 533 -2.89 33.36 -21.81
CA PHE M 533 -1.46 33.64 -21.76
C PHE M 533 -1.04 33.76 -20.31
N SER M 534 -0.39 32.72 -19.79
CA SER M 534 -0.02 32.66 -18.38
C SER M 534 1.48 32.83 -18.24
N LEU M 535 1.89 33.87 -17.54
CA LEU M 535 3.28 34.12 -17.23
C LEU M 535 3.63 33.50 -15.89
N ARG M 536 4.78 33.85 -15.33
CA ARG M 536 5.22 33.30 -14.07
C ARG M 536 4.23 33.64 -12.95
N LEU M 537 3.86 32.63 -12.16
CA LEU M 537 2.99 32.80 -11.01
C LEU M 537 3.46 31.89 -9.90
N THR M 538 3.63 32.45 -8.70
CA THR M 538 4.12 31.70 -7.54
C THR M 538 3.21 31.93 -6.32
N ASN M 539 2.11 31.17 -6.25
CA ASN M 539 1.24 31.18 -5.08
C ASN M 539 0.26 30.02 -5.19
N GLU M 540 0.01 29.32 -4.08
CA GLU M 540 -0.87 28.16 -4.13
C GLU M 540 -2.31 28.56 -4.45
N ARG M 541 -2.79 29.66 -3.87
CA ARG M 541 -4.18 30.05 -4.09
C ARG M 541 -4.41 30.64 -5.47
N ASP M 542 -3.36 31.07 -6.15
CA ASP M 542 -3.51 31.67 -7.48
C ASP M 542 -3.50 30.66 -8.61
N LEU M 543 -3.14 29.41 -8.33
CA LEU M 543 -3.01 28.40 -9.38
C LEU M 543 -4.24 27.52 -9.56
N GLN M 544 -5.22 27.62 -8.66
CA GLN M 544 -6.40 26.78 -8.78
C GLN M 544 -7.35 27.27 -9.87
N ALA M 545 -7.41 28.59 -10.09
CA ALA M 545 -8.35 29.14 -11.06
C ALA M 545 -8.04 28.66 -12.48
N LEU M 546 -6.76 28.67 -12.85
CA LEU M 546 -6.37 28.22 -14.18
C LEU M 546 -6.73 26.75 -14.40
N ARG M 547 -6.49 25.91 -13.38
CA ARG M 547 -6.84 24.51 -13.48
C ARG M 547 -8.36 24.32 -13.58
N TYR M 548 -9.12 25.09 -12.80
CA TYR M 548 -10.57 24.93 -12.77
C TYR M 548 -11.26 25.54 -13.99
N ALA M 549 -10.57 26.40 -14.75
CA ALA M 549 -11.21 27.04 -15.89
C ALA M 549 -11.61 26.02 -16.95
N MET M 550 -10.82 24.96 -17.11
CA MET M 550 -11.11 23.91 -18.07
C MET M 550 -11.06 22.55 -17.38
N GLU M 551 -11.75 21.58 -17.96
CA GLU M 551 -11.72 20.21 -17.43
C GLU M 551 -10.36 19.58 -17.72
N SER M 552 -10.21 18.30 -17.34
CA SER M 552 -8.92 17.65 -17.35
C SER M 552 -8.43 17.42 -18.78
N GLY M 553 -7.25 16.80 -18.88
CA GLY M 553 -6.59 16.58 -20.15
C GLY M 553 -5.41 17.50 -20.41
N ASN M 554 -5.11 18.44 -19.51
CA ASN M 554 -3.96 19.31 -19.64
C ASN M 554 -3.33 19.50 -18.28
N GLU M 555 -2.24 18.78 -18.02
CA GLU M 555 -1.56 18.86 -16.73
C GLU M 555 -0.07 19.10 -16.91
N GLN M 556 0.50 18.62 -18.02
CA GLN M 556 1.94 18.72 -18.25
C GLN M 556 2.40 20.17 -18.44
N ILE M 557 1.50 21.07 -18.83
CA ILE M 557 1.88 22.46 -19.09
C ILE M 557 1.73 23.34 -17.86
N LEU M 558 1.09 22.87 -16.81
CA LEU M 558 0.84 23.67 -15.62
C LEU M 558 1.97 23.61 -14.61
N LYS M 559 2.79 22.55 -14.64
CA LYS M 559 3.85 22.42 -13.65
C LYS M 559 5.05 23.29 -13.97
N GLN M 560 5.17 23.74 -15.23
CA GLN M 560 6.31 24.57 -15.61
C GLN M 560 6.19 26.00 -15.09
N ILE M 561 4.97 26.45 -14.83
CA ILE M 561 4.71 27.87 -14.56
C ILE M 561 5.43 28.37 -13.32
N SER M 562 5.75 27.48 -12.38
CA SER M 562 6.40 27.92 -11.14
C SER M 562 7.79 28.50 -11.41
N GLY M 563 8.54 27.89 -12.32
CA GLY M 563 9.92 28.28 -12.53
C GLY M 563 10.26 28.83 -13.90
N LEU M 564 9.37 29.64 -14.46
CA LEU M 564 9.64 30.27 -15.74
C LEU M 564 10.61 31.44 -15.56
N PRO M 565 11.37 31.77 -16.61
CA PRO M 565 12.28 32.93 -16.51
C PRO M 565 11.58 34.24 -16.86
N ARG M 566 12.33 35.34 -16.85
CA ARG M 566 11.78 36.66 -17.14
C ARG M 566 11.85 36.91 -18.63
N GLY M 567 10.70 37.03 -19.28
CA GLY M 567 10.65 37.29 -20.71
C GLY M 567 9.81 36.28 -21.48
N ASP M 568 9.78 35.04 -21.02
CA ASP M 568 9.07 33.97 -21.70
C ASP M 568 7.64 33.85 -21.17
N ALA M 569 6.83 33.07 -21.87
CA ALA M 569 5.43 32.89 -21.50
C ALA M 569 4.93 31.57 -22.05
N VAL M 570 3.80 31.13 -21.52
CA VAL M 570 3.13 29.90 -21.94
C VAL M 570 1.75 30.27 -22.47
N ALA M 571 1.44 29.83 -23.68
CA ALA M 571 0.19 30.19 -24.33
C ALA M 571 -0.49 28.94 -24.86
N PHE M 572 -1.80 28.83 -24.63
CA PHE M 572 -2.61 27.74 -25.15
C PHE M 572 -4.04 28.23 -25.34
N GLY M 573 -4.73 27.64 -26.31
CA GLY M 573 -6.09 28.04 -26.61
C GLY M 573 -6.48 27.58 -28.02
N SER M 574 -7.52 28.23 -28.54
CA SER M 574 -8.01 27.91 -29.87
C SER M 574 -7.15 28.49 -30.98
N ALA M 575 -6.25 29.42 -30.65
CA ALA M 575 -5.34 30.00 -31.62
C ALA M 575 -4.10 29.15 -31.87
N PHE M 576 -3.95 28.05 -31.14
CA PHE M 576 -2.79 27.17 -31.26
C PHE M 576 -3.26 25.73 -31.47
N ASN M 577 -2.68 25.06 -32.46
CA ASN M 577 -2.97 23.63 -32.66
C ASN M 577 -2.51 22.81 -31.47
N LEU M 578 -1.32 23.13 -30.93
CA LEU M 578 -0.76 22.50 -29.74
C LEU M 578 -0.20 23.61 -28.86
N PRO M 579 -0.22 23.43 -27.54
CA PRO M 579 0.35 24.47 -26.66
C PRO M 579 1.81 24.75 -26.97
N VAL M 580 2.17 26.03 -26.91
CA VAL M 580 3.51 26.50 -27.27
C VAL M 580 4.07 27.35 -26.14
N ARG M 581 5.35 27.15 -25.85
CA ARG M 581 6.11 27.98 -24.93
C ARG M 581 6.90 28.99 -25.76
N ILE M 582 6.61 30.27 -25.56
CA ILE M 582 7.08 31.32 -26.46
C ILE M 582 8.03 32.24 -25.74
N SER M 583 8.99 32.79 -26.49
CA SER M 583 9.93 33.81 -26.01
C SER M 583 9.55 35.13 -26.70
N ILE M 584 8.92 36.02 -25.93
CA ILE M 584 8.39 37.26 -26.51
C ILE M 584 9.53 38.21 -26.85
N ASN M 585 9.33 38.98 -27.92
CA ASN M 585 10.28 40.01 -28.34
C ASN M 585 10.23 41.17 -27.36
N GLN M 586 11.04 42.19 -27.63
CA GLN M 586 11.06 43.42 -26.84
C GLN M 586 10.73 44.58 -27.77
N ALA M 587 9.57 45.20 -27.55
CA ALA M 587 9.11 46.27 -28.43
C ALA M 587 9.90 47.55 -28.17
N ARG M 588 10.19 48.28 -29.24
CA ARG M 588 10.94 49.53 -29.14
C ARG M 588 10.29 50.60 -29.99
N PRO M 589 9.88 51.73 -29.40
CA PRO M 589 9.97 52.09 -27.97
C PRO M 589 8.89 51.42 -27.13
N GLY M 590 9.18 51.16 -25.85
CA GLY M 590 8.23 50.56 -24.96
C GLY M 590 7.65 51.54 -23.97
N PRO M 591 7.02 51.03 -22.91
CA PRO M 591 6.45 51.92 -21.89
C PRO M 591 7.52 52.64 -21.08
N LYS M 592 7.09 53.43 -20.10
CA LYS M 592 8.03 54.16 -19.26
C LYS M 592 8.91 53.21 -18.47
N SER M 593 10.18 53.58 -18.33
CA SER M 593 11.17 52.68 -17.74
C SER M 593 10.86 52.41 -16.27
N SER M 594 10.70 53.46 -15.47
CA SER M 594 10.50 53.30 -14.03
C SER M 594 10.07 54.65 -13.45
N ASP M 595 9.78 54.64 -12.14
CA ASP M 595 9.45 55.85 -11.41
C ASP M 595 10.73 56.42 -10.78
N ALA M 596 10.57 57.32 -9.81
CA ALA M 596 11.71 58.00 -9.22
C ALA M 596 12.61 57.03 -8.48
N VAL M 597 13.91 57.31 -8.50
CA VAL M 597 14.91 56.51 -7.82
C VAL M 597 15.57 57.36 -6.74
N PHE M 598 15.74 56.79 -5.56
CA PHE M 598 16.12 57.55 -4.37
C PHE M 598 17.58 58.00 -4.38
N SER M 599 18.49 57.15 -4.88
CA SER M 599 19.91 57.43 -4.72
C SER M 599 20.32 58.71 -5.42
N GLU M 600 19.86 58.92 -6.66
CA GLU M 600 20.27 60.09 -7.42
C GLU M 600 19.79 61.38 -6.76
N GLU M 601 18.53 61.40 -6.30
CA GLU M 601 18.00 62.62 -5.68
C GLU M 601 18.70 62.91 -4.36
N TRP M 602 18.97 61.88 -3.55
CA TRP M 602 19.69 62.08 -2.31
C TRP M 602 21.16 62.41 -2.52
N ALA M 603 21.70 62.14 -3.71
CA ALA M 603 23.11 62.38 -3.99
C ALA M 603 23.31 63.30 -5.19
N ASN M 604 22.50 64.36 -5.30
CA ASN M 604 22.72 65.38 -6.31
C ASN M 604 23.83 66.35 -5.95
N CYS M 605 24.32 66.31 -4.71
CA CYS M 605 25.38 67.21 -4.27
C CYS M 605 26.61 66.43 -3.83
N LEU N 3 51.33 12.42 -13.68
CA LEU N 3 51.32 13.78 -13.17
C LEU N 3 50.18 14.60 -13.79
N PHE N 4 49.77 14.20 -14.99
CA PHE N 4 48.66 14.86 -15.66
C PHE N 4 47.34 14.53 -14.99
N LYS N 5 46.68 15.54 -14.42
CA LYS N 5 45.42 15.35 -13.72
C LYS N 5 44.32 16.19 -14.40
N LEU N 6 43.27 15.51 -14.84
CA LEU N 6 42.15 16.19 -15.50
C LEU N 6 41.24 16.91 -14.51
N THR N 7 41.03 16.34 -13.33
CA THR N 7 40.11 16.89 -12.35
C THR N 7 40.82 16.96 -11.00
N GLU N 8 41.00 18.17 -10.48
CA GLU N 8 41.68 18.38 -9.21
C GLU N 8 40.75 18.31 -8.01
N ILE N 9 39.46 18.05 -8.23
CA ILE N 9 38.48 17.92 -7.15
C ILE N 9 37.93 16.50 -7.18
N SER N 10 37.82 15.88 -6.01
CA SER N 10 37.48 14.47 -5.92
C SER N 10 36.00 14.25 -6.25
N ALA N 11 35.71 13.05 -6.73
CA ALA N 11 34.36 12.65 -7.09
C ALA N 11 33.70 11.88 -5.95
N ILE N 12 32.37 11.81 -5.98
CA ILE N 12 31.58 11.19 -4.92
C ILE N 12 30.70 10.07 -5.45
N GLY N 13 30.00 10.29 -6.56
CA GLY N 13 29.08 9.29 -7.06
C GLY N 13 28.77 9.50 -8.53
N TYR N 14 27.73 8.79 -8.99
CA TYR N 14 27.33 8.85 -10.39
C TYR N 14 25.82 8.73 -10.51
N VAL N 15 25.30 9.22 -11.61
CA VAL N 15 23.85 9.29 -11.85
C VAL N 15 23.36 7.93 -12.33
N VAL N 16 22.26 7.47 -11.75
CA VAL N 16 21.73 6.14 -12.05
C VAL N 16 20.30 6.23 -12.57
N GLY N 17 19.56 7.26 -12.17
CA GLY N 17 18.18 7.40 -12.56
C GLY N 17 17.77 8.86 -12.71
N LEU N 18 16.81 9.09 -13.60
CA LEU N 18 16.20 10.40 -13.82
C LEU N 18 14.69 10.17 -13.95
N GLU N 19 13.98 10.26 -12.83
CA GLU N 19 12.54 10.02 -12.80
C GLU N 19 11.83 11.37 -12.81
N GLY N 20 11.82 12.00 -13.98
CA GLY N 20 11.18 13.29 -14.14
C GLY N 20 12.04 14.45 -13.68
N GLU N 21 11.71 15.01 -12.51
CA GLU N 21 12.45 16.13 -11.94
C GLU N 21 13.42 15.67 -10.87
N ARG N 22 13.52 14.37 -10.62
CA ARG N 22 14.33 13.83 -9.55
C ARG N 22 15.64 13.26 -10.11
N ILE N 23 16.71 13.39 -9.32
CA ILE N 23 18.03 12.90 -9.68
C ILE N 23 18.44 11.86 -8.65
N ARG N 24 18.85 10.68 -9.12
CA ARG N 24 19.27 9.59 -8.26
C ARG N 24 20.78 9.39 -8.37
N ILE N 25 21.43 9.22 -7.22
CA ILE N 25 22.88 9.15 -7.13
C ILE N 25 23.26 7.95 -6.28
N ASN N 26 24.27 7.20 -6.74
CA ASN N 26 24.86 6.13 -5.94
C ASN N 26 26.24 6.55 -5.45
N LEU N 27 26.46 6.39 -4.15
CA LEU N 27 27.74 6.75 -3.55
C LEU N 27 28.80 5.69 -3.85
N HIS N 28 30.05 6.11 -3.83
CA HIS N 28 31.15 5.20 -4.15
C HIS N 28 31.54 4.38 -2.93
N GLU N 29 32.41 3.40 -3.17
CA GLU N 29 32.87 2.51 -2.11
C GLU N 29 33.71 3.26 -1.10
N GLY N 30 33.65 2.81 0.15
CA GLY N 30 34.37 3.46 1.23
C GLY N 30 33.57 4.59 1.84
N LEU N 31 34.16 5.20 2.87
CA LEU N 31 33.54 6.31 3.57
C LEU N 31 33.93 7.67 2.98
N GLN N 32 34.66 7.66 1.85
CA GLN N 32 35.03 8.91 1.20
C GLN N 32 33.83 9.68 0.68
N GLY N 33 32.68 9.01 0.52
CA GLY N 33 31.47 9.69 0.10
C GLY N 33 30.80 10.51 1.18
N ARG N 34 31.25 10.40 2.42
CA ARG N 34 30.74 11.20 3.53
C ARG N 34 31.45 12.53 3.66
N LEU N 35 32.79 12.53 3.57
CA LEU N 35 33.58 13.74 3.71
C LEU N 35 34.64 13.74 2.62
N ALA N 36 34.94 14.93 2.11
CA ALA N 36 35.93 15.10 1.06
C ALA N 36 36.85 16.25 1.40
N SER N 37 38.09 16.16 0.92
CA SER N 37 39.11 17.17 1.18
C SER N 37 39.75 17.60 -0.13
N HIS N 38 40.06 18.88 -0.23
CA HIS N 38 40.63 19.46 -1.45
C HIS N 38 41.72 20.44 -1.06
N ARG N 39 42.17 21.23 -2.04
CA ARG N 39 43.29 22.14 -1.84
C ARG N 39 42.94 23.26 -0.86
N LYS N 40 41.71 23.75 -0.89
CA LYS N 40 41.30 24.90 -0.08
C LYS N 40 40.91 24.53 1.34
N GLY N 41 40.15 23.44 1.52
CA GLY N 41 39.71 23.07 2.85
C GLY N 41 38.99 21.74 2.92
N VAL N 42 38.06 21.61 3.87
CA VAL N 42 37.31 20.39 4.11
C VAL N 42 35.82 20.69 3.97
N SER N 43 35.13 19.93 3.14
CA SER N 43 33.69 20.07 2.91
C SER N 43 33.02 18.73 3.18
N SER N 44 31.69 18.71 3.11
CA SER N 44 30.96 17.49 3.42
C SER N 44 29.59 17.53 2.77
N VAL N 45 29.02 16.33 2.58
CA VAL N 45 27.63 16.17 2.19
C VAL N 45 27.01 15.05 3.03
N THR N 46 26.33 15.42 4.11
CA THR N 46 25.85 14.46 5.08
C THR N 46 24.43 14.69 5.57
N GLN N 47 23.83 15.85 5.32
CA GLN N 47 22.50 16.17 5.82
C GLN N 47 21.66 16.73 4.69
N PRO N 48 20.36 16.46 4.69
CA PRO N 48 19.48 17.09 3.69
C PRO N 48 19.54 18.61 3.78
N GLY N 49 19.52 19.25 2.62
CA GLY N 49 19.65 20.69 2.54
C GLY N 49 21.01 21.20 2.10
N ASP N 50 21.93 20.33 1.74
CA ASP N 50 23.24 20.73 1.25
C ASP N 50 23.19 20.92 -0.26
N LEU N 51 24.32 21.35 -0.83
CA LEU N 51 24.43 21.62 -2.26
C LEU N 51 25.54 20.78 -2.87
N ILE N 52 25.26 20.18 -4.02
CA ILE N 52 26.22 19.38 -4.76
C ILE N 52 26.15 19.77 -6.23
N GLY N 53 27.24 19.48 -6.94
CA GLY N 53 27.37 19.88 -8.33
C GLY N 53 27.58 18.70 -9.25
N PHE N 54 27.13 18.86 -10.49
CA PHE N 54 27.31 17.86 -11.54
C PHE N 54 28.10 18.48 -12.68
N ASP N 55 29.15 17.79 -13.11
CA ASP N 55 29.99 18.28 -14.20
C ASP N 55 29.40 17.90 -15.54
N ALA N 56 29.16 18.89 -16.39
CA ALA N 56 28.58 18.67 -17.72
C ALA N 56 29.26 19.54 -18.76
N GLY N 57 30.58 19.72 -18.64
CA GLY N 57 31.33 20.45 -19.63
C GLY N 57 31.38 21.95 -19.42
N ASN N 58 30.56 22.70 -20.15
CA ASN N 58 30.53 24.15 -20.07
C ASN N 58 29.67 24.67 -18.93
N ILE N 59 28.97 23.79 -18.22
CA ILE N 59 28.06 24.19 -17.16
C ILE N 59 28.34 23.34 -15.93
N LEU N 60 27.92 23.85 -14.77
CA LEU N 60 28.00 23.13 -13.51
C LEU N 60 26.62 23.22 -12.85
N VAL N 61 25.85 22.14 -12.94
CA VAL N 61 24.49 22.15 -12.41
C VAL N 61 24.55 22.05 -10.89
N VAL N 62 23.83 22.94 -10.21
CA VAL N 62 23.81 23.00 -8.76
C VAL N 62 22.48 22.44 -8.28
N ALA N 63 22.54 21.54 -7.30
CA ALA N 63 21.36 20.84 -6.80
C ALA N 63 21.35 20.87 -5.28
N ARG N 64 20.17 20.59 -4.71
CA ARG N 64 19.99 20.52 -3.27
C ARG N 64 19.47 19.13 -2.91
N VAL N 65 20.10 18.51 -1.90
CA VAL N 65 19.78 17.15 -1.52
C VAL N 65 18.59 17.14 -0.58
N THR N 66 17.81 16.06 -0.62
CA THR N 66 16.64 15.95 0.23
C THR N 66 16.56 14.64 1.02
N ASP N 67 17.03 13.54 0.45
CA ASP N 67 16.86 12.22 1.07
C ASP N 67 18.20 11.49 1.11
N MET N 68 18.24 10.44 1.94
CA MET N 68 19.40 9.57 2.08
C MET N 68 19.03 8.30 2.83
N ALA N 69 19.33 7.14 2.26
CA ALA N 69 18.95 5.87 2.88
C ALA N 69 19.76 4.74 2.29
N PHE N 70 19.80 3.62 3.02
CA PHE N 70 20.36 2.38 2.48
C PHE N 70 19.45 1.81 1.41
N VAL N 71 20.01 0.97 0.54
CA VAL N 71 19.22 0.26 -0.46
C VAL N 71 18.89 -1.14 0.03
N ILE N 89 28.11 -4.66 3.21
CA ILE N 89 27.88 -3.23 3.00
C ILE N 89 27.04 -3.02 1.74
N PRO N 90 25.78 -2.62 1.93
CA PRO N 90 24.89 -2.44 0.79
C PRO N 90 25.10 -1.12 0.05
N LEU N 91 24.27 -0.86 -0.95
CA LEU N 91 24.38 0.33 -1.77
C LEU N 91 23.63 1.49 -1.13
N ARG N 92 24.08 2.71 -1.43
CA ARG N 92 23.53 3.92 -0.84
C ARG N 92 23.10 4.89 -1.93
N GLN N 93 22.03 5.63 -1.68
CA GLN N 93 21.42 6.47 -2.70
C GLN N 93 21.11 7.86 -2.16
N ILE N 94 21.06 8.83 -3.06
CA ILE N 94 20.75 10.22 -2.74
C ILE N 94 19.81 10.77 -3.81
N ILE N 95 18.78 11.48 -3.38
CA ILE N 95 17.84 12.16 -4.27
C ILE N 95 17.99 13.65 -4.09
N ALA N 96 17.84 14.41 -5.17
CA ALA N 96 18.07 15.85 -5.12
C ALA N 96 17.20 16.53 -6.17
N TYR N 97 17.20 17.87 -6.13
CA TYR N 97 16.47 18.70 -7.07
C TYR N 97 17.38 19.83 -7.54
N ALA N 98 17.09 20.37 -8.72
CA ALA N 98 17.97 21.33 -9.37
C ALA N 98 17.53 22.76 -9.11
N ILE N 99 18.47 23.69 -9.25
CA ILE N 99 18.22 25.11 -9.07
C ILE N 99 18.59 25.88 -10.34
N GLY N 100 19.85 25.82 -10.71
CA GLY N 100 20.34 26.55 -11.87
C GLY N 100 21.63 25.97 -12.39
N PHE N 101 22.47 26.82 -12.97
CA PHE N 101 23.77 26.38 -13.46
C PHE N 101 24.76 27.54 -13.42
N VAL N 102 26.04 27.21 -13.48
CA VAL N 102 27.13 28.17 -13.40
C VAL N 102 27.98 28.04 -14.66
N LYS N 103 28.37 29.18 -15.23
CA LYS N 103 29.16 29.20 -16.45
C LYS N 103 30.11 30.39 -16.45
N ARG N 104 31.15 30.30 -17.29
CA ARG N 104 32.06 31.40 -17.49
C ARG N 104 31.52 32.39 -18.51
N GLU N 105 31.85 33.67 -18.34
CA GLU N 105 31.48 34.68 -19.33
C GLU N 105 32.69 35.31 -20.02
N LEU N 106 33.59 35.96 -19.27
CA LEU N 106 34.78 36.56 -19.86
C LEU N 106 36.06 36.02 -19.22
N ASN N 107 36.21 36.17 -17.91
CA ASN N 107 37.33 35.58 -17.19
C ASN N 107 36.92 35.01 -15.84
N GLY N 108 35.63 35.01 -15.51
CA GLY N 108 35.16 34.51 -14.23
C GLY N 108 33.98 33.59 -14.36
N TYR N 109 32.92 33.84 -13.58
CA TYR N 109 31.75 32.99 -13.59
C TYR N 109 30.49 33.84 -13.38
N VAL N 110 29.37 33.29 -13.83
CA VAL N 110 28.06 33.93 -13.67
C VAL N 110 27.04 32.87 -13.28
N PHE N 111 26.21 33.21 -12.30
CA PHE N 111 25.16 32.32 -11.80
C PHE N 111 23.81 32.68 -12.41
N ILE N 112 23.06 31.67 -12.82
CA ILE N 112 21.72 31.82 -13.36
C ILE N 112 20.79 30.92 -12.56
N SER N 113 19.53 31.35 -12.43
CA SER N 113 18.55 30.68 -11.59
C SER N 113 17.41 30.09 -12.42
N GLU N 114 17.75 29.44 -13.53
CA GLU N 114 16.77 28.78 -14.39
C GLU N 114 16.98 27.27 -14.29
N ASP N 115 15.89 26.54 -14.09
CA ASP N 115 15.99 25.12 -13.77
C ASP N 115 15.30 24.22 -14.79
N TRP N 116 15.49 24.47 -16.08
CA TRP N 116 15.02 23.58 -17.13
C TRP N 116 16.10 22.63 -17.61
N ARG N 117 17.27 22.64 -16.97
CA ARG N 117 18.42 21.88 -17.43
C ARG N 117 18.76 20.76 -16.46
N LEU N 118 19.04 19.57 -16.99
CA LEU N 118 19.42 18.41 -16.20
C LEU N 118 20.66 17.76 -16.81
N PRO N 119 21.48 17.11 -15.98
CA PRO N 119 22.67 16.44 -16.50
C PRO N 119 22.31 15.12 -17.17
N ALA N 120 23.31 14.49 -17.76
CA ALA N 120 23.14 13.22 -18.45
C ALA N 120 23.55 12.06 -17.54
N LEU N 121 23.19 10.85 -17.97
CA LEU N 121 23.49 9.66 -17.19
C LEU N 121 24.98 9.37 -17.19
N GLY N 122 25.51 8.97 -16.03
CA GLY N 122 26.90 8.58 -15.91
C GLY N 122 27.86 9.66 -15.45
N SER N 123 27.37 10.86 -15.16
CA SER N 123 28.25 11.94 -14.72
C SER N 123 28.75 11.69 -13.30
N SER N 124 29.50 12.64 -12.77
CA SER N 124 30.08 12.54 -11.43
C SER N 124 29.67 13.75 -10.60
N ALA N 125 29.44 13.53 -9.31
CA ALA N 125 29.04 14.58 -8.39
C ALA N 125 30.21 14.93 -7.48
N VAL N 126 30.46 16.23 -7.33
CA VAL N 126 31.57 16.71 -6.50
C VAL N 126 31.05 17.70 -5.48
N PRO N 127 31.67 17.81 -4.30
CA PRO N 127 31.28 18.86 -3.36
C PRO N 127 31.67 20.23 -3.87
N LEU N 128 30.94 21.24 -3.40
CA LEU N 128 31.17 22.62 -3.80
C LEU N 128 32.05 23.32 -2.78
N THR N 129 33.12 23.93 -3.24
CA THR N 129 34.05 24.62 -2.37
C THR N 129 33.50 25.99 -1.97
N SER N 130 34.23 26.66 -1.07
CA SER N 130 33.83 27.99 -0.65
C SER N 130 33.96 29.00 -1.79
N ASP N 131 34.83 28.72 -2.76
CA ASP N 131 34.99 29.60 -3.91
C ASP N 131 33.82 29.56 -4.86
N PHE N 132 32.92 28.58 -4.73
CA PHE N 132 31.74 28.48 -5.57
C PHE N 132 30.45 28.84 -4.84
N LEU N 133 30.44 28.85 -3.51
CA LEU N 133 29.30 29.37 -2.77
C LEU N 133 29.23 30.89 -2.82
N ASN N 134 30.38 31.55 -3.01
CA ASN N 134 30.42 33.00 -3.07
C ASN N 134 29.67 33.53 -4.28
N ILE N 135 29.90 32.92 -5.46
CA ILE N 135 29.27 33.38 -6.68
C ILE N 135 27.76 33.15 -6.66
N ILE N 136 27.31 32.11 -5.95
CA ILE N 136 25.88 31.85 -5.84
C ILE N 136 25.16 33.00 -5.14
N TYR N 137 25.82 33.64 -4.17
CA TYR N 137 25.19 34.69 -3.37
C TYR N 137 25.85 36.04 -3.53
N SER N 138 26.07 36.47 -4.78
CA SER N 138 26.68 37.77 -5.06
C SER N 138 25.71 38.63 -5.88
N ILE N 139 26.15 39.86 -6.17
CA ILE N 139 25.34 40.81 -6.91
C ILE N 139 25.88 40.94 -8.33
N ASP N 140 25.23 41.77 -9.14
CA ASP N 140 25.54 41.83 -10.56
C ASP N 140 26.66 42.82 -10.87
N LYS N 141 27.79 42.68 -10.16
CA LYS N 141 29.07 43.30 -10.48
C LYS N 141 29.04 44.81 -10.69
N GLU N 142 27.93 45.47 -10.39
CA GLU N 142 27.84 46.92 -10.55
C GLU N 142 27.21 47.63 -9.35
N GLU N 143 26.61 46.92 -8.41
CA GLU N 143 25.89 47.52 -7.30
C GLU N 143 26.75 47.66 -6.05
N LEU N 144 28.07 47.48 -6.19
CA LEU N 144 28.97 47.64 -5.04
C LEU N 144 28.91 49.03 -4.41
N PRO N 145 28.85 50.15 -5.16
CA PRO N 145 28.84 51.45 -4.49
C PRO N 145 27.68 51.66 -3.55
N LYS N 146 26.54 51.01 -3.79
CA LYS N 146 25.38 51.08 -2.89
C LYS N 146 25.20 49.79 -2.12
N ALA N 147 26.30 49.15 -1.73
CA ALA N 147 26.23 47.89 -0.99
C ALA N 147 26.04 48.13 0.50
N VAL N 148 25.13 47.38 1.10
CA VAL N 148 24.84 47.45 2.52
C VAL N 148 25.01 46.06 3.11
N GLU N 149 25.85 45.95 4.14
CA GLU N 149 26.20 44.65 4.72
C GLU N 149 25.19 44.27 5.80
N LEU N 150 24.77 43.00 5.78
CA LEU N 150 23.81 42.51 6.76
C LEU N 150 24.43 41.46 7.68
N GLY N 151 25.00 40.40 7.13
CA GLY N 151 25.55 39.34 7.97
C GLY N 151 26.14 38.23 7.14
N VAL N 152 26.26 37.06 7.77
CA VAL N 152 26.83 35.87 7.13
C VAL N 152 25.78 34.78 7.12
N ASP N 153 25.96 33.84 6.18
CA ASP N 153 25.05 32.70 6.09
C ASP N 153 25.22 31.79 7.30
N SER N 154 24.13 31.13 7.68
CA SER N 154 24.09 30.37 8.92
C SER N 154 24.68 28.97 8.78
N ARG N 155 24.48 28.32 7.64
CA ARG N 155 24.87 26.93 7.49
C ARG N 155 26.38 26.74 7.59
N THR N 156 27.15 27.63 6.95
CA THR N 156 28.60 27.50 6.91
C THR N 156 29.35 28.65 7.57
N LYS N 157 28.80 29.86 7.55
CA LYS N 157 29.44 31.06 8.09
C LYS N 157 30.74 31.37 7.34
N THR N 158 30.61 31.50 6.02
CA THR N 158 31.73 31.91 5.18
C THR N 158 31.36 32.91 4.09
N VAL N 159 30.08 33.16 3.84
CA VAL N 159 29.63 34.02 2.74
C VAL N 159 28.99 35.28 3.32
N LYS N 160 29.39 36.43 2.79
CA LYS N 160 28.92 37.72 3.26
C LYS N 160 27.79 38.22 2.37
N ILE N 161 26.68 38.65 2.98
CA ILE N 161 25.48 39.05 2.27
C ILE N 161 25.43 40.57 2.18
N PHE N 162 25.07 41.09 1.00
CA PHE N 162 24.92 42.51 0.76
C PHE N 162 23.53 42.80 0.20
N ALA N 163 23.24 44.08 0.01
CA ALA N 163 21.96 44.51 -0.52
C ALA N 163 22.14 45.86 -1.21
N SER N 164 21.16 46.21 -2.05
CA SER N 164 21.21 47.43 -2.84
C SER N 164 20.25 48.47 -2.29
N VAL N 165 20.73 49.69 -2.14
CA VAL N 165 19.89 50.79 -1.64
C VAL N 165 18.77 51.09 -2.62
N ASP N 166 19.08 51.14 -3.92
CA ASP N 166 18.09 51.49 -4.92
C ASP N 166 16.98 50.45 -5.05
N LYS N 167 17.16 49.26 -4.49
CA LYS N 167 16.17 48.20 -4.63
C LYS N 167 15.64 47.67 -3.31
N LEU N 168 16.32 47.91 -2.18
CA LEU N 168 15.77 47.46 -0.90
C LEU N 168 14.78 48.47 -0.35
N LEU N 169 15.25 49.66 -0.02
CA LEU N 169 14.40 50.71 0.54
C LEU N 169 13.88 51.64 -0.56
N SER N 170 13.29 51.03 -1.58
CA SER N 170 12.61 51.76 -2.64
C SER N 170 11.09 51.68 -2.48
N ARG N 171 10.56 50.47 -2.38
CA ARG N 171 9.17 50.25 -2.02
C ARG N 171 9.09 50.04 -0.51
N HIS N 172 7.93 49.59 -0.02
CA HIS N 172 7.77 49.30 1.40
C HIS N 172 8.57 48.05 1.77
N LEU N 173 8.55 47.71 3.05
CA LEU N 173 9.33 46.58 3.55
C LEU N 173 8.64 46.05 4.80
N ALA N 174 8.89 44.78 5.10
CA ALA N 174 8.23 44.10 6.21
C ALA N 174 9.27 43.44 7.11
N VAL N 175 9.15 43.70 8.42
CA VAL N 175 9.94 43.02 9.44
C VAL N 175 8.96 42.36 10.41
N LEU N 176 8.99 41.04 10.47
CA LEU N 176 8.05 40.27 11.27
C LEU N 176 8.82 39.54 12.37
N GLY N 177 8.11 38.69 13.11
CA GLY N 177 8.72 37.90 14.17
C GLY N 177 7.97 38.05 15.47
N SER N 178 8.30 37.14 16.40
CA SER N 178 7.67 37.10 17.71
C SER N 178 8.31 38.15 18.62
N THR N 179 8.03 38.06 19.91
CA THR N 179 8.56 39.02 20.87
C THR N 179 9.87 38.52 21.48
N GLY N 180 10.77 39.47 21.72
CA GLY N 180 12.07 39.14 22.30
C GLY N 180 12.95 38.30 21.40
N TYR N 181 13.01 38.62 20.10
CA TYR N 181 13.84 37.87 19.16
C TYR N 181 14.65 38.75 18.23
N GLY N 182 14.70 40.06 18.47
CA GLY N 182 15.66 40.91 17.79
C GLY N 182 15.17 41.76 16.64
N LYS N 183 13.95 42.29 16.74
CA LYS N 183 13.47 43.20 15.70
C LYS N 183 14.14 44.56 15.79
N SER N 184 14.25 45.09 17.00
CA SER N 184 14.79 46.44 17.18
C SER N 184 16.25 46.51 16.77
N ASN N 185 17.01 45.44 17.01
CA ASN N 185 18.41 45.41 16.62
C ASN N 185 18.56 45.55 15.11
N PHE N 186 17.75 44.80 14.35
CA PHE N 186 17.78 44.91 12.89
C PHE N 186 17.37 46.31 12.45
N ASN N 187 16.31 46.86 13.05
CA ASN N 187 15.88 48.20 12.69
C ASN N 187 17.00 49.21 12.90
N ALA N 188 17.64 49.17 14.07
CA ALA N 188 18.69 50.13 14.39
C ALA N 188 19.88 49.98 13.45
N LEU N 189 20.29 48.73 13.18
CA LEU N 189 21.41 48.50 12.28
C LEU N 189 21.13 49.07 10.89
N LEU N 190 19.95 48.75 10.34
CA LEU N 190 19.63 49.23 9.00
C LEU N 190 19.57 50.74 8.96
N THR N 191 18.92 51.36 9.95
CA THR N 191 18.77 52.81 9.94
C THR N 191 20.13 53.51 10.03
N ARG N 192 20.98 53.07 10.97
CA ARG N 192 22.27 53.72 11.11
C ARG N 192 23.14 53.52 9.88
N LYS N 193 23.13 52.31 9.31
CA LYS N 193 23.97 52.05 8.14
C LYS N 193 23.49 52.86 6.93
N VAL N 194 22.18 53.03 6.77
CA VAL N 194 21.69 53.87 5.68
C VAL N 194 22.04 55.33 5.91
N SER N 195 22.00 55.79 7.16
CA SER N 195 22.27 57.20 7.43
C SER N 195 23.70 57.60 7.06
N GLU N 196 24.67 56.72 7.35
CA GLU N 196 26.07 57.08 7.14
C GLU N 196 26.47 57.11 5.68
N LYS N 197 25.85 56.30 4.82
CA LYS N 197 26.29 56.21 3.43
C LYS N 197 26.09 57.54 2.70
N TYR N 198 24.95 58.19 2.92
CA TYR N 198 24.69 59.52 2.37
C TYR N 198 24.22 60.41 3.50
N PRO N 199 24.96 61.48 3.84
CA PRO N 199 24.57 62.35 4.95
C PRO N 199 23.39 63.27 4.65
N ASN N 200 22.71 63.08 3.52
CA ASN N 200 21.58 63.94 3.16
C ASN N 200 20.30 63.12 3.00
N SER N 201 20.02 62.25 3.97
CA SER N 201 18.83 61.40 3.93
C SER N 201 17.91 61.77 5.09
N ARG N 202 16.61 61.58 4.86
CA ARG N 202 15.57 61.92 5.83
C ARG N 202 14.90 60.65 6.32
N ILE N 203 14.88 60.46 7.64
CA ILE N 203 14.21 59.32 8.27
C ILE N 203 13.44 59.82 9.48
N VAL N 204 12.23 59.30 9.66
CA VAL N 204 11.36 59.67 10.78
C VAL N 204 10.93 58.40 11.50
N ILE N 205 11.02 58.42 12.84
CA ILE N 205 10.79 57.25 13.67
C ILE N 205 9.68 57.55 14.67
N PHE N 206 8.76 56.61 14.82
CA PHE N 206 7.72 56.66 15.86
C PHE N 206 8.08 55.68 16.96
N ASP N 207 8.86 56.15 17.93
CA ASP N 207 9.20 55.33 19.08
C ASP N 207 8.03 55.23 20.04
N ILE N 208 7.77 54.03 20.53
CA ILE N 208 6.68 53.76 21.46
C ILE N 208 7.20 53.61 22.89
N ASN N 209 8.22 52.79 23.09
CA ASN N 209 8.75 52.49 24.41
C ASN N 209 9.91 53.39 24.82
N GLY N 210 10.35 54.28 23.93
CA GLY N 210 11.45 55.17 24.25
C GLY N 210 12.79 54.46 24.36
N GLU N 211 13.32 54.00 23.23
CA GLU N 211 14.55 53.21 23.24
C GLU N 211 15.56 53.61 22.18
N TYR N 212 15.25 54.57 21.30
CA TYR N 212 16.14 54.94 20.20
C TYR N 212 16.93 56.21 20.46
N ALA N 213 16.89 56.72 21.69
CA ALA N 213 17.72 57.88 22.03
C ALA N 213 19.20 57.52 22.00
N GLN N 214 19.54 56.30 22.40
CA GLN N 214 20.92 55.83 22.47
C GLN N 214 21.45 55.35 21.13
N ALA N 215 20.58 54.99 20.19
CA ALA N 215 21.00 54.30 18.98
C ALA N 215 21.65 55.20 17.94
N PHE N 216 21.62 56.52 18.14
CA PHE N 216 22.12 57.46 17.14
C PHE N 216 23.11 58.43 17.76
N THR N 217 24.08 57.89 18.50
CA THR N 217 25.15 58.71 19.09
C THR N 217 26.32 58.75 18.11
N GLY N 218 26.55 59.91 17.51
CA GLY N 218 27.67 60.07 16.60
C GLY N 218 27.30 60.66 15.25
N ILE N 219 26.02 60.86 15.01
CA ILE N 219 25.54 61.39 13.73
C ILE N 219 25.05 62.81 13.96
N PRO N 220 25.31 63.74 13.04
CA PRO N 220 24.76 65.09 13.16
C PRO N 220 23.29 65.14 12.72
N ASN N 221 22.68 66.29 12.96
CA ASN N 221 21.31 66.59 12.53
C ASN N 221 20.31 65.61 13.14
N VAL N 222 20.25 65.61 14.47
CA VAL N 222 19.38 64.73 15.23
C VAL N 222 18.42 65.58 16.06
N LYS N 223 17.14 65.26 15.98
CA LYS N 223 16.10 65.95 16.73
C LYS N 223 15.39 64.96 17.64
N HIS N 224 15.24 65.32 18.91
CA HIS N 224 14.56 64.48 19.90
C HIS N 224 13.40 65.29 20.47
N THR N 225 12.18 64.80 20.27
CA THR N 225 10.97 65.48 20.70
C THR N 225 10.13 64.54 21.56
N ILE N 226 9.58 65.07 22.64
CA ILE N 226 8.79 64.29 23.60
C ILE N 226 7.40 64.90 23.71
N LEU N 227 6.39 64.04 23.69
CA LEU N 227 5.01 64.46 23.89
C LEU N 227 4.69 64.38 25.37
N GLY N 228 4.24 65.49 25.94
CA GLY N 228 3.95 65.57 27.35
C GLY N 228 4.18 66.97 27.87
N GLU N 229 4.32 67.07 29.18
CA GLU N 229 4.52 68.35 29.87
C GLU N 229 5.84 68.32 30.60
N SER N 230 6.46 69.50 30.75
CA SER N 230 7.69 69.62 31.50
C SER N 230 7.45 69.30 32.96
N PRO N 231 8.38 68.58 33.61
CA PRO N 231 8.18 68.22 35.02
C PRO N 231 8.01 69.44 35.92
N ASN N 232 8.72 70.52 35.64
CA ASN N 232 8.57 71.76 36.39
C ASN N 232 9.12 72.90 35.57
N VAL N 233 8.67 74.12 35.90
CA VAL N 233 9.21 75.31 35.25
C VAL N 233 10.64 75.57 35.69
N ASP N 234 11.06 74.99 36.82
CA ASP N 234 12.42 75.13 37.32
C ASP N 234 13.45 74.48 36.42
N SER N 235 13.03 73.65 35.46
CA SER N 235 13.97 73.01 34.55
C SER N 235 14.67 74.06 33.69
N LEU N 236 15.98 73.88 33.51
CA LEU N 236 16.78 74.86 32.79
C LEU N 236 16.51 74.80 31.30
N GLU N 237 17.04 75.77 30.57
CA GLU N 237 16.81 75.90 29.14
C GLU N 237 18.14 75.77 28.42
N LYS N 238 18.12 75.09 27.27
CA LYS N 238 19.34 74.77 26.55
C LYS N 238 19.05 74.78 25.05
N LYS N 239 20.11 74.93 24.26
CA LYS N 239 20.02 74.97 22.81
C LYS N 239 20.53 73.66 22.22
N GLN N 240 20.55 73.61 20.88
CA GLN N 240 21.14 72.52 20.14
C GLN N 240 22.17 73.09 19.17
N GLN N 241 23.26 72.36 19.00
CA GLN N 241 24.38 72.85 18.18
C GLN N 241 24.38 72.19 16.81
N LYS N 242 24.35 73.01 15.77
CA LYS N 242 24.33 72.51 14.41
C LYS N 242 25.71 71.99 14.01
N GLY N 243 25.73 70.88 13.28
CA GLY N 243 26.94 70.32 12.74
C GLY N 243 27.70 69.39 13.66
N GLU N 244 27.35 69.35 14.94
CA GLU N 244 28.06 68.49 15.88
C GLU N 244 27.37 67.14 16.01
N LEU N 245 27.96 66.29 16.86
CA LEU N 245 27.48 64.92 17.05
C LEU N 245 26.49 64.88 18.21
N TYR N 246 25.40 64.15 18.01
CA TYR N 246 24.34 64.05 19.01
C TYR N 246 24.82 63.32 20.26
N SER N 247 24.27 63.73 21.39
CA SER N 247 24.52 63.08 22.68
C SER N 247 23.22 62.97 23.44
N GLU N 248 23.23 62.17 24.51
CA GLU N 248 22.03 61.86 25.27
C GLU N 248 21.58 62.99 26.20
N GLU N 249 22.10 64.21 26.10
CA GLU N 249 21.75 65.29 27.01
C GLU N 249 20.79 66.30 26.39
N TYR N 250 20.14 65.96 25.27
CA TYR N 250 19.28 66.90 24.57
C TYR N 250 17.91 66.28 24.35
N TYR N 251 16.87 67.07 24.64
CA TYR N 251 15.50 66.71 24.30
C TYR N 251 14.67 67.99 24.26
N CYS N 252 13.38 67.85 23.94
CA CYS N 252 12.48 68.99 23.83
C CYS N 252 11.07 68.51 24.09
N TYR N 253 10.18 69.47 24.38
CA TYR N 253 8.81 69.18 24.74
C TYR N 253 7.87 69.91 23.78
N LYS N 254 6.74 69.27 23.46
CA LYS N 254 5.82 69.83 22.48
C LYS N 254 4.42 69.28 22.73
N LYS N 255 3.42 70.11 22.43
CA LYS N 255 2.02 69.73 22.48
C LYS N 255 1.40 69.88 21.10
N ILE N 256 0.17 69.42 20.97
CA ILE N 256 -0.55 69.42 19.69
C ILE N 256 -1.77 70.34 19.83
N PRO N 257 -1.83 71.43 19.07
CA PRO N 257 -3.07 72.23 19.06
C PRO N 257 -4.24 71.44 18.51
N TYR N 258 -5.43 71.72 19.06
CA TYR N 258 -6.62 71.00 18.63
C TYR N 258 -7.22 71.54 17.34
N GLN N 259 -6.81 72.72 16.90
CA GLN N 259 -7.34 73.29 15.67
C GLN N 259 -6.65 72.77 14.42
N ALA N 260 -5.54 72.05 14.57
CA ALA N 260 -4.87 71.44 13.44
C ALA N 260 -5.59 70.19 12.94
N LEU N 261 -6.45 69.59 13.76
CA LEU N 261 -7.14 68.38 13.35
C LEU N 261 -8.14 68.64 12.23
N GLY N 262 -8.59 69.86 12.07
CA GLY N 262 -9.43 70.23 10.94
C GLY N 262 -10.91 70.01 11.17
N PHE N 263 -11.68 70.28 10.11
CA PHE N 263 -13.13 70.18 10.17
C PHE N 263 -13.58 68.73 10.33
N ALA N 264 -13.14 67.86 9.40
CA ALA N 264 -13.53 66.46 9.47
C ALA N 264 -12.77 65.69 10.52
N GLY N 265 -11.56 66.14 10.88
CA GLY N 265 -10.80 65.44 11.90
C GLY N 265 -11.46 65.48 13.26
N LEU N 266 -12.03 66.63 13.64
CA LEU N 266 -12.69 66.75 14.93
C LEU N 266 -14.00 65.98 14.95
N ILE N 267 -14.70 65.91 13.82
CA ILE N 267 -16.00 65.24 13.78
C ILE N 267 -15.85 63.76 14.10
N LYS N 268 -14.82 63.12 13.54
CA LYS N 268 -14.60 61.69 13.80
C LYS N 268 -14.30 61.42 15.27
N LEU N 269 -13.70 62.40 15.96
CA LEU N 269 -13.28 62.20 17.34
C LEU N 269 -14.45 62.18 18.31
N LEU N 270 -15.56 62.85 17.99
CA LEU N 270 -16.68 62.95 18.93
C LEU N 270 -17.85 62.03 18.59
N ARG N 271 -17.91 61.61 17.34
CA ARG N 271 -18.92 60.61 16.99
C ARG N 271 -20.30 61.22 17.18
N PRO N 272 -20.83 61.92 16.18
CA PRO N 272 -22.17 62.39 16.26
C PRO N 272 -23.11 61.28 15.79
N SER N 273 -24.11 60.89 16.57
CA SER N 273 -25.14 59.90 16.17
C SER N 273 -26.47 60.27 16.82
N ASP N 274 -27.17 59.34 17.47
CA ASP N 274 -28.41 59.61 18.26
C ASP N 274 -29.56 60.09 17.36
N LYS N 275 -30.28 61.16 17.73
CA LYS N 275 -31.50 61.58 17.00
C LYS N 275 -31.28 62.81 16.12
N THR N 276 -31.12 63.98 16.72
CA THR N 276 -30.91 65.23 15.96
C THR N 276 -29.65 65.93 16.46
N GLN N 277 -28.52 65.28 16.31
CA GLN N 277 -27.24 65.86 16.78
C GLN N 277 -26.41 66.33 15.60
N LEU N 278 -26.08 65.41 14.71
CA LEU N 278 -25.26 65.71 13.55
C LEU N 278 -25.48 67.12 12.98
N PRO N 279 -26.71 67.56 12.66
CA PRO N 279 -26.85 68.90 12.06
C PRO N 279 -26.40 70.02 12.99
N ALA N 280 -26.58 69.87 14.30
CA ALA N 280 -26.21 70.93 15.22
C ALA N 280 -24.70 71.15 15.25
N LEU N 281 -23.94 70.06 15.32
CA LEU N 281 -22.48 70.18 15.44
C LEU N 281 -21.88 70.84 14.22
N ARG N 282 -22.48 70.66 13.04
CA ARG N 282 -21.95 71.24 11.82
C ARG N 282 -21.83 72.76 11.93
N ASN N 283 -22.97 73.44 12.09
CA ASN N 283 -22.90 74.89 12.20
C ASN N 283 -22.34 75.35 13.53
N ALA N 284 -22.39 74.52 14.58
CA ALA N 284 -21.73 74.89 15.83
C ALA N 284 -20.23 75.02 15.64
N LEU N 285 -19.63 74.11 14.88
CA LEU N 285 -18.21 74.22 14.57
C LEU N 285 -17.97 75.32 13.55
N SER N 286 -18.90 75.52 12.62
CA SER N 286 -18.74 76.57 11.62
C SER N 286 -18.74 77.96 12.24
N ALA N 287 -19.44 78.15 13.35
CA ALA N 287 -19.53 79.46 13.99
C ALA N 287 -18.39 79.73 14.97
N ILE N 288 -17.29 78.97 14.88
CA ILE N 288 -16.17 79.17 15.80
C ILE N 288 -15.49 80.51 15.54
N ASN N 289 -15.35 80.88 14.27
CA ASN N 289 -14.59 82.07 13.90
C ASN N 289 -15.30 83.37 14.27
N ARG N 290 -16.48 83.31 14.87
CA ARG N 290 -17.24 84.50 15.25
C ARG N 290 -17.65 84.43 16.72
N THR N 291 -16.71 84.04 17.58
CA THR N 291 -16.96 83.90 19.01
C THR N 291 -15.86 84.61 19.79
N HIS N 292 -16.25 85.27 20.89
CA HIS N 292 -15.32 86.02 21.72
C HIS N 292 -15.28 85.44 23.12
N PHE N 293 -14.16 85.66 23.80
CA PHE N 293 -13.97 85.16 25.16
C PHE N 293 -13.04 86.12 25.90
N LYS N 294 -13.49 86.61 27.05
CA LYS N 294 -12.71 87.55 27.83
C LYS N 294 -12.24 86.98 29.17
N SER N 295 -13.16 86.69 30.09
CA SER N 295 -12.76 86.17 31.40
C SER N 295 -13.26 84.78 31.68
N ARG N 296 -14.58 84.57 31.70
CA ARG N 296 -15.13 83.25 32.01
C ARG N 296 -16.38 82.89 31.22
N ASN N 297 -16.81 83.73 30.27
CA ASN N 297 -18.09 83.50 29.60
C ASN N 297 -17.91 83.55 28.10
N ILE N 298 -18.80 82.86 27.40
CA ILE N 298 -18.83 82.81 25.94
C ILE N 298 -20.00 83.67 25.47
N TYR N 299 -19.71 84.64 24.61
CA TYR N 299 -20.73 85.62 24.21
C TYR N 299 -20.42 86.14 22.81
N LEU N 300 -21.46 86.67 22.18
CA LEU N 300 -21.34 87.32 20.88
C LEU N 300 -21.25 88.83 21.07
N GLU N 301 -21.13 89.55 19.94
CA GLU N 301 -21.05 91.00 19.98
C GLU N 301 -21.48 91.55 18.63
N LYS N 302 -22.23 92.65 18.65
CA LYS N 302 -22.68 93.29 17.43
C LYS N 302 -21.66 94.36 16.99
N ASP N 303 -21.79 94.79 15.74
CA ASP N 303 -20.86 95.77 15.20
C ASP N 303 -20.96 97.10 15.93
N ASP N 304 -22.17 97.54 16.27
CA ASP N 304 -22.33 98.77 17.03
C ASP N 304 -21.77 98.63 18.44
N GLY N 305 -21.96 97.47 19.06
CA GLY N 305 -21.45 97.23 20.40
C GLY N 305 -22.36 96.39 21.26
N GLU N 306 -23.56 96.10 20.76
CA GLU N 306 -24.52 95.32 21.52
C GLU N 306 -24.02 93.89 21.69
N THR N 307 -24.20 93.35 22.89
CA THR N 307 -23.72 92.02 23.24
C THR N 307 -24.88 91.13 23.68
N PHE N 308 -24.65 89.82 23.63
CA PHE N 308 -25.62 88.84 24.09
C PHE N 308 -24.86 87.70 24.77
N LEU N 309 -25.26 87.31 25.96
CA LEU N 309 -24.44 86.31 26.66
C LEU N 309 -25.17 84.99 26.58
N LEU N 310 -24.50 83.85 26.48
CA LEU N 310 -25.30 82.60 26.42
C LEU N 310 -24.94 81.69 27.58
N TYR N 311 -24.73 80.41 27.25
CA TYR N 311 -24.26 79.42 28.25
C TYR N 311 -25.42 78.99 29.08
N ASP N 312 -25.20 77.98 29.92
CA ASP N 312 -26.27 77.59 30.87
C ASP N 312 -26.28 78.65 31.97
N ASP N 313 -26.40 79.94 31.59
CA ASP N 313 -26.33 81.06 32.55
C ASP N 313 -27.34 80.84 33.68
N CYS N 314 -28.62 80.80 33.34
CA CYS N 314 -29.69 80.60 34.35
C CYS N 314 -30.91 79.98 33.66
N ARG N 315 -30.93 79.98 32.32
CA ARG N 315 -32.04 79.39 31.53
C ARG N 315 -33.23 80.36 31.44
N ASP N 316 -33.94 80.40 30.31
CA ASP N 316 -35.13 81.28 30.10
C ASP N 316 -34.72 82.75 29.99
N THR N 317 -33.84 83.20 30.88
CA THR N 317 -33.46 84.62 30.89
C THR N 317 -33.21 85.04 29.44
N ASN N 318 -34.00 86.00 28.93
CA ASN N 318 -33.81 86.53 27.55
C ASN N 318 -34.34 85.57 26.49
N GLN N 319 -35.06 84.51 26.87
CA GLN N 319 -35.66 83.65 25.82
C GLN N 319 -36.19 84.57 24.74
N SER N 320 -36.60 85.77 25.13
CA SER N 320 -37.14 86.74 24.16
C SER N 320 -36.11 87.13 23.09
N LYS N 321 -35.08 87.88 23.46
CA LYS N 321 -34.22 88.41 22.41
C LYS N 321 -33.08 87.45 22.07
N LEU N 322 -33.44 86.21 21.75
CA LEU N 322 -32.45 85.15 21.54
C LEU N 322 -32.52 84.54 20.14
N ALA N 323 -33.72 84.27 19.63
CA ALA N 323 -33.85 83.59 18.35
C ALA N 323 -33.29 84.44 17.21
N GLU N 324 -33.57 85.74 17.21
CA GLU N 324 -33.12 86.58 16.11
C GLU N 324 -31.60 86.70 16.10
N TRP N 325 -30.96 86.68 17.26
CA TRP N 325 -29.50 86.72 17.31
C TRP N 325 -28.89 85.48 16.66
N LEU N 326 -29.42 84.30 16.98
CA LEU N 326 -28.93 83.08 16.36
C LEU N 326 -29.20 83.06 14.86
N ASP N 327 -30.37 83.55 14.45
CA ASP N 327 -30.68 83.62 13.02
C ASP N 327 -29.74 84.55 12.29
N LEU N 328 -29.39 85.69 12.91
CA LEU N 328 -28.40 86.58 12.30
C LEU N 328 -27.02 85.95 12.27
N LEU N 329 -26.68 85.16 13.29
CA LEU N 329 -25.41 84.44 13.28
C LEU N 329 -25.35 83.43 12.14
N ARG N 330 -26.46 82.73 11.89
CA ARG N 330 -26.50 81.79 10.77
C ARG N 330 -26.39 82.47 9.42
N ARG N 331 -26.60 83.78 9.36
CA ARG N 331 -26.46 84.55 8.13
C ARG N 331 -25.18 85.37 8.08
N ARG N 332 -24.23 85.09 8.98
CA ARG N 332 -22.86 85.62 8.93
C ARG N 332 -22.84 87.15 8.80
N ARG N 333 -23.78 87.82 9.46
CA ARG N 333 -23.86 89.27 9.42
C ARG N 333 -23.17 89.96 10.58
N LEU N 334 -22.69 89.21 11.58
CA LEU N 334 -22.07 89.81 12.75
C LEU N 334 -20.61 90.12 12.47
N LYS N 335 -19.88 90.57 13.50
CA LYS N 335 -18.46 90.84 13.37
C LYS N 335 -17.67 89.54 13.52
N ARG N 336 -16.34 89.66 13.50
CA ARG N 336 -15.44 88.52 13.59
C ARG N 336 -14.38 88.76 14.65
N THR N 337 -13.87 87.66 15.20
CA THR N 337 -12.83 87.69 16.22
C THR N 337 -11.47 87.43 15.58
N ASN N 338 -10.43 87.52 16.39
CA ASN N 338 -9.05 87.25 15.94
C ASN N 338 -8.30 86.46 17.00
N VAL N 339 -8.96 85.50 17.63
CA VAL N 339 -8.33 84.67 18.65
C VAL N 339 -9.11 83.36 18.70
N TRP N 340 -8.41 82.28 19.10
CA TRP N 340 -9.02 80.96 19.17
C TRP N 340 -9.82 80.82 20.46
N PRO N 341 -11.10 80.49 20.39
CA PRO N 341 -11.90 80.37 21.61
C PRO N 341 -11.52 79.14 22.41
N PRO N 342 -11.88 79.08 23.70
CA PRO N 342 -11.58 77.89 24.50
C PRO N 342 -12.30 76.65 23.96
N PHE N 343 -11.71 75.49 24.23
CA PHE N 343 -12.23 74.25 23.68
C PHE N 343 -13.62 73.94 24.22
N LYS N 344 -13.86 74.21 25.50
CA LYS N 344 -15.15 73.90 26.10
C LYS N 344 -16.29 74.75 25.55
N SER N 345 -15.97 75.82 24.80
CA SER N 345 -17.01 76.68 24.24
C SER N 345 -17.88 75.94 23.23
N LEU N 346 -17.39 74.84 22.66
CA LEU N 346 -18.21 74.07 21.73
C LEU N 346 -19.42 73.45 22.42
N ALA N 347 -19.32 73.21 23.73
CA ALA N 347 -20.45 72.65 24.46
C ALA N 347 -21.58 73.67 24.60
N THR N 348 -21.26 74.96 24.63
CA THR N 348 -22.30 75.98 24.75
C THR N 348 -23.05 76.17 23.43
N LEU N 349 -22.32 76.17 22.32
CA LEU N 349 -22.95 76.45 21.03
C LEU N 349 -23.97 75.38 20.66
N VAL N 350 -23.66 74.11 20.92
CA VAL N 350 -24.60 73.05 20.59
C VAL N 350 -25.85 73.16 21.44
N ALA N 351 -25.69 73.49 22.73
CA ALA N 351 -26.85 73.66 23.61
C ALA N 351 -27.72 74.82 23.13
N GLU N 352 -27.10 75.94 22.78
CA GLU N 352 -27.88 77.08 22.29
C GLU N 352 -28.59 76.74 20.98
N PHE N 353 -27.91 76.04 20.07
CA PHE N 353 -28.51 75.73 18.78
C PHE N 353 -29.57 74.64 18.87
N GLY N 354 -29.55 73.82 19.92
CA GLY N 354 -30.55 72.79 20.07
C GLY N 354 -31.66 73.13 21.04
N CYS N 355 -31.51 74.24 21.77
CA CYS N 355 -32.51 74.62 22.77
C CYS N 355 -33.50 75.67 22.26
N VAL N 356 -33.15 76.43 21.22
CA VAL N 356 -34.00 77.52 20.77
C VAL N 356 -35.24 76.96 20.07
N ALA N 357 -36.40 77.47 20.45
CA ALA N 357 -37.65 77.11 19.79
C ALA N 357 -38.63 78.27 19.91
N ALA N 358 -38.93 78.91 18.78
CA ALA N 358 -39.84 80.05 18.77
C ALA N 358 -41.27 79.57 18.96
N ASP N 359 -42.01 80.28 19.81
CA ASP N 359 -43.40 79.93 20.06
C ASP N 359 -44.29 80.35 18.89
N ARG N 360 -45.41 79.64 18.74
CA ARG N 360 -46.38 79.99 17.70
C ARG N 360 -47.05 81.33 17.99
N SER N 361 -47.32 81.64 19.25
CA SER N 361 -48.02 82.87 19.62
C SER N 361 -47.05 84.03 19.82
N ASN N 362 -46.16 84.24 18.86
CA ASN N 362 -45.24 85.37 18.83
C ASN N 362 -44.40 85.44 20.11
N GLY N 363 -43.60 84.41 20.32
CA GLY N 363 -42.72 84.36 21.47
C GLY N 363 -41.50 83.48 21.26
N SER N 364 -40.87 83.07 22.36
CA SER N 364 -39.69 82.22 22.31
C SER N 364 -39.63 81.41 23.61
N LYS N 365 -38.87 80.32 23.57
CA LYS N 365 -38.74 79.46 24.73
C LYS N 365 -37.49 78.61 24.62
N ARG N 366 -36.97 78.19 25.76
CA ARG N 366 -35.89 77.20 25.86
C ARG N 366 -36.54 75.88 26.25
N ASP N 367 -36.94 75.11 25.24
CA ASP N 367 -37.67 73.87 25.50
C ASP N 367 -36.79 72.86 26.23
N ALA N 368 -37.36 72.25 27.27
CA ALA N 368 -36.64 71.18 27.97
C ALA N 368 -36.57 69.92 27.12
N PHE N 369 -37.64 69.62 26.38
CA PHE N 369 -37.63 68.44 25.52
C PHE N 369 -36.68 68.60 24.35
N GLY N 370 -36.51 69.82 23.86
CA GLY N 370 -35.55 70.06 22.78
C GLY N 370 -34.11 69.91 23.21
N PHE N 371 -33.84 70.00 24.51
CA PHE N 371 -32.52 69.76 25.06
C PHE N 371 -32.26 68.29 25.38
N SER N 372 -33.29 67.44 25.34
CA SER N 372 -33.13 66.03 25.67
C SER N 372 -32.54 65.21 24.53
N ASN N 373 -32.46 65.76 23.32
CA ASN N 373 -31.93 65.04 22.17
C ASN N 373 -30.48 65.38 21.87
N VAL N 374 -29.84 66.24 22.68
CA VAL N 374 -28.46 66.63 22.45
C VAL N 374 -27.60 66.42 23.70
N LEU N 375 -28.18 65.87 24.77
CA LEU N 375 -27.44 65.74 26.03
C LEU N 375 -26.19 64.87 25.93
N PRO N 376 -26.20 63.68 25.30
CA PRO N 376 -24.99 62.84 25.34
C PRO N 376 -23.75 63.53 24.77
N LEU N 377 -23.90 64.29 23.69
CA LEU N 377 -22.76 64.96 23.10
C LEU N 377 -22.17 65.99 24.06
N VAL N 378 -23.02 66.72 24.78
CA VAL N 378 -22.53 67.74 25.69
C VAL N 378 -21.71 67.12 26.81
N LYS N 379 -22.19 66.02 27.40
CA LYS N 379 -21.45 65.40 28.50
C LYS N 379 -20.19 64.73 27.99
N ILE N 380 -20.23 64.15 26.79
CA ILE N 380 -19.03 63.54 26.22
C ILE N 380 -17.96 64.60 25.98
N ILE N 381 -18.36 65.76 25.45
CA ILE N 381 -17.40 66.85 25.25
C ILE N 381 -16.88 67.34 26.59
N GLN N 382 -17.76 67.46 27.59
CA GLN N 382 -17.33 68.00 28.88
C GLN N 382 -16.31 67.09 29.55
N GLN N 383 -16.54 65.78 29.55
CA GLN N 383 -15.64 64.88 30.26
C GLN N 383 -14.30 64.76 29.55
N LEU N 384 -14.25 65.00 28.24
CA LEU N 384 -12.99 64.91 27.52
C LEU N 384 -12.06 66.06 27.89
N ALA N 385 -12.62 67.25 28.14
CA ALA N 385 -11.80 68.42 28.43
C ALA N 385 -11.34 68.49 29.88
N GLU N 386 -11.86 67.63 30.75
CA GLU N 386 -11.46 67.59 32.15
C GLU N 386 -10.72 66.28 32.48
N ASP N 387 -9.96 65.78 31.52
CA ASP N 387 -9.22 64.54 31.66
C ASP N 387 -7.75 64.87 31.92
N ILE N 388 -7.22 64.38 33.05
CA ILE N 388 -5.82 64.60 33.38
C ILE N 388 -4.92 63.91 32.37
N ARG N 389 -5.27 62.68 32.00
CA ARG N 389 -4.49 61.88 31.05
C ARG N 389 -4.49 62.48 29.64
N PHE N 390 -5.40 63.39 29.35
CA PHE N 390 -5.53 64.00 28.03
C PHE N 390 -5.03 65.43 27.98
N LYS N 391 -5.30 66.23 29.02
CA LYS N 391 -4.96 67.64 29.01
C LYS N 391 -3.46 67.89 29.00
N SER N 392 -2.66 66.89 29.33
CA SER N 392 -1.21 67.02 29.31
C SER N 392 -0.59 66.77 27.95
N ILE N 393 -1.39 66.40 26.95
CA ILE N 393 -0.85 66.08 25.63
C ILE N 393 -1.38 67.06 24.59
N VAL N 394 -2.70 67.11 24.44
CA VAL N 394 -3.33 67.97 23.45
C VAL N 394 -3.71 69.29 24.10
N ASN N 395 -3.43 70.39 23.41
CA ASN N 395 -3.68 71.72 23.94
C ASN N 395 -5.17 72.04 23.86
N LEU N 396 -5.77 72.36 25.02
CA LEU N 396 -7.17 72.73 25.08
C LEU N 396 -7.40 74.13 25.61
N ASN N 397 -6.33 74.89 25.91
CA ASN N 397 -6.49 76.24 26.43
C ASN N 397 -7.01 77.20 25.37
N GLY N 398 -6.67 76.96 24.10
CA GLY N 398 -7.08 77.89 23.08
C GLY N 398 -6.29 79.19 23.16
N GLY N 399 -6.87 80.23 22.56
CA GLY N 399 -6.26 81.54 22.61
C GLY N 399 -4.98 81.64 21.80
N GLY N 400 -5.11 81.55 20.47
CA GLY N 400 -3.96 81.69 19.61
C GLY N 400 -4.12 82.82 18.61
N GLU N 401 -3.90 82.53 17.34
CA GLU N 401 -4.08 83.51 16.27
C GLU N 401 -5.07 82.97 15.25
N LEU N 402 -5.93 83.86 14.74
CA LEU N 402 -6.91 83.51 13.73
C LEU N 402 -6.60 84.32 12.48
N ALA N 403 -6.07 83.64 11.46
CA ALA N 403 -5.74 84.32 10.21
C ALA N 403 -7.01 84.77 9.50
N ASP N 404 -6.96 85.98 8.94
CA ASP N 404 -8.10 86.52 8.24
C ASP N 404 -8.30 85.80 6.90
N GLY N 405 -9.54 85.84 6.41
CA GLY N 405 -9.91 85.19 5.16
C GLY N 405 -10.74 83.94 5.31
N GLY N 406 -10.87 83.40 6.52
CA GLY N 406 -11.70 82.23 6.72
C GLY N 406 -11.06 80.90 6.36
N THR N 407 -9.74 80.82 6.38
CA THR N 407 -9.01 79.58 6.07
C THR N 407 -8.06 79.23 7.20
N HIS N 408 -8.56 79.28 8.44
CA HIS N 408 -7.73 78.98 9.60
C HIS N 408 -7.34 77.51 9.65
N TRP N 409 -8.25 76.62 9.24
CA TRP N 409 -7.97 75.19 9.30
C TRP N 409 -6.75 74.82 8.45
N ASP N 410 -6.66 75.38 7.25
CA ASP N 410 -5.61 75.00 6.32
C ASP N 410 -4.23 75.35 6.87
N LYS N 411 -4.06 76.60 7.32
CA LYS N 411 -2.78 77.00 7.89
C LYS N 411 -2.48 76.23 9.16
N ALA N 412 -3.49 76.03 10.02
CA ALA N 412 -3.27 75.34 11.29
C ALA N 412 -2.77 73.92 11.07
N MET N 413 -3.35 73.21 10.09
CA MET N 413 -2.91 71.84 9.82
C MET N 413 -1.56 71.82 9.09
N SER N 414 -1.39 72.73 8.12
CA SER N 414 -0.18 72.71 7.28
C SER N 414 1.06 73.01 8.10
N ASP N 415 0.98 73.97 9.03
CA ASP N 415 2.16 74.31 9.82
C ASP N 415 2.60 73.13 10.67
N GLU N 416 1.65 72.45 11.32
CA GLU N 416 2.00 71.29 12.14
C GLU N 416 2.56 70.15 11.31
N VAL N 417 1.96 69.89 10.14
CA VAL N 417 2.46 68.82 9.28
C VAL N 417 3.88 69.14 8.81
N ASP N 418 4.13 70.39 8.44
CA ASP N 418 5.49 70.80 8.08
C ASP N 418 6.45 70.62 9.25
N TYR N 419 5.99 70.90 10.47
CA TYR N 419 6.86 70.73 11.63
C TYR N 419 7.22 69.27 11.84
N PHE N 420 6.24 68.37 11.76
CA PHE N 420 6.50 66.98 12.14
C PHE N 420 7.35 66.25 11.10
N PHE N 421 7.05 66.42 9.82
CA PHE N 421 7.67 65.61 8.76
C PHE N 421 8.49 66.45 7.79
N GLY N 422 9.01 67.59 8.25
CA GLY N 422 9.88 68.41 7.44
C GLY N 422 9.13 69.31 6.47
N LYS N 423 9.88 70.17 5.82
CA LYS N 423 9.34 71.13 4.86
C LYS N 423 9.47 70.61 3.44
N GLU N 424 8.80 71.30 2.52
CA GLU N 424 8.76 70.90 1.12
C GLU N 424 10.13 71.11 0.47
N LYS N 425 10.24 70.71 -0.80
CA LYS N 425 11.48 70.87 -1.54
C LYS N 425 11.76 72.34 -1.79
N GLY N 426 13.04 72.71 -1.66
CA GLY N 426 13.45 74.08 -1.89
C GLY N 426 13.68 74.82 -0.58
N GLN N 427 12.81 74.60 0.39
CA GLN N 427 12.93 75.27 1.68
C GLN N 427 14.04 74.62 2.51
N GLU N 428 14.48 75.34 3.53
CA GLU N 428 15.56 74.87 4.38
C GLU N 428 15.00 74.06 5.55
N ASN N 429 15.61 72.91 5.79
CA ASN N 429 15.23 72.03 6.90
C ASN N 429 16.39 71.94 7.86
N ASP N 430 16.11 72.05 9.16
CA ASP N 430 17.14 72.11 10.17
C ASP N 430 17.47 70.75 10.78
N TRP N 431 16.82 69.68 10.33
CA TRP N 431 17.10 68.35 10.85
C TRP N 431 17.07 67.34 9.71
N ASN N 432 17.77 66.23 9.90
CA ASN N 432 17.82 65.14 8.94
C ASN N 432 17.23 63.84 9.46
N VAL N 433 17.52 63.49 10.71
CA VAL N 433 16.93 62.31 11.35
C VAL N 433 16.03 62.80 12.48
N HIS N 434 14.86 62.18 12.60
CA HIS N 434 13.85 62.61 13.56
C HIS N 434 13.46 61.44 14.45
N ILE N 435 13.46 61.66 15.77
CA ILE N 435 13.07 60.67 16.74
C ILE N 435 11.96 61.25 17.60
N VAL N 436 10.84 60.53 17.69
CA VAL N 436 9.66 60.97 18.42
C VAL N 436 9.40 59.97 19.53
N ASN N 437 9.36 60.46 20.77
CA ASN N 437 9.14 59.60 21.93
C ASN N 437 7.71 59.74 22.42
N MET N 438 7.06 58.60 22.66
CA MET N 438 5.66 58.55 23.09
C MET N 438 5.53 57.66 24.30
N LYS N 439 6.38 57.88 25.30
CA LYS N 439 6.34 57.11 26.55
C LYS N 439 5.40 57.71 27.58
N ASN N 440 4.77 58.84 27.28
CA ASN N 440 3.89 59.53 28.22
C ASN N 440 2.44 59.53 27.77
N LEU N 441 2.07 58.64 26.86
CA LEU N 441 0.77 58.67 26.20
C LEU N 441 -0.07 57.48 26.67
N ALA N 442 -1.30 57.76 27.09
CA ALA N 442 -2.18 56.72 27.59
C ALA N 442 -2.57 55.75 26.49
N GLN N 443 -2.69 54.47 26.84
CA GLN N 443 -2.92 53.43 25.84
C GLN N 443 -4.26 53.62 25.12
N ASP N 444 -5.26 54.16 25.81
CA ASP N 444 -6.59 54.27 25.22
C ASP N 444 -6.60 55.19 24.01
N HIS N 445 -5.89 56.33 24.09
CA HIS N 445 -6.01 57.39 23.09
C HIS N 445 -4.99 57.30 21.96
N ALA N 446 -4.13 56.29 21.95
CA ALA N 446 -3.13 56.18 20.90
C ALA N 446 -3.72 55.99 19.51
N PRO N 447 -4.67 55.05 19.28
CA PRO N 447 -5.13 54.82 17.90
C PRO N 447 -5.71 56.05 17.23
N MET N 448 -6.58 56.79 17.93
CA MET N 448 -7.24 57.94 17.30
C MET N 448 -6.23 59.01 16.91
N LEU N 449 -5.31 59.33 17.83
CA LEU N 449 -4.33 60.38 17.54
C LEU N 449 -3.41 59.97 16.40
N LEU N 450 -2.90 58.74 16.42
CA LEU N 450 -1.95 58.34 15.38
C LEU N 450 -2.64 58.23 14.02
N SER N 451 -3.89 57.75 14.00
CA SER N 451 -4.64 57.77 12.76
C SER N 451 -4.84 59.20 12.27
N ALA N 452 -5.08 60.14 13.19
CA ALA N 452 -5.26 61.53 12.80
C ALA N 452 -3.99 62.09 12.17
N LEU N 453 -2.82 61.81 12.75
CA LEU N 453 -1.58 62.27 12.13
C LEU N 453 -1.35 61.64 10.77
N LEU N 454 -1.65 60.34 10.62
CA LEU N 454 -1.49 59.72 9.30
C LEU N 454 -2.42 60.36 8.27
N GLU N 455 -3.66 60.63 8.66
CA GLU N 455 -4.60 61.29 7.77
C GLU N 455 -4.09 62.68 7.37
N MET N 456 -3.57 63.43 8.35
CA MET N 456 -3.07 64.77 8.07
C MET N 456 -1.90 64.72 7.09
N PHE N 457 -0.98 63.78 7.29
CA PHE N 457 0.16 63.67 6.39
C PHE N 457 -0.29 63.32 4.98
N ALA N 458 -1.24 62.37 4.86
CA ALA N 458 -1.72 62.00 3.53
C ALA N 458 -2.39 63.17 2.84
N GLU N 459 -3.24 63.91 3.56
CA GLU N 459 -3.94 65.04 2.95
C GLU N 459 -2.97 66.13 2.53
N ILE N 460 -1.97 66.44 3.37
CA ILE N 460 -1.02 67.47 3.02
C ILE N 460 -0.15 67.04 1.84
N LEU N 461 0.20 65.75 1.79
CA LEU N 461 0.96 65.25 0.65
C LEU N 461 0.15 65.37 -0.64
N PHE N 462 -1.15 65.08 -0.57
CA PHE N 462 -2.00 65.28 -1.75
C PHE N 462 -2.03 66.75 -2.14
N ARG N 463 -2.12 67.65 -1.17
CA ARG N 463 -2.11 69.08 -1.48
C ARG N 463 -0.77 69.52 -2.07
N ARG N 464 0.31 68.82 -1.74
CA ARG N 464 1.63 69.23 -2.19
C ARG N 464 1.82 69.01 -3.69
N GLY N 465 1.33 67.88 -4.20
CA GLY N 465 1.48 67.57 -5.61
C GLY N 465 2.53 66.52 -5.90
N GLN N 466 3.09 66.54 -7.11
CA GLN N 466 4.09 65.56 -7.52
C GLN N 466 5.39 66.21 -7.97
N GLU N 467 5.65 67.45 -7.59
CA GLU N 467 6.87 68.12 -8.04
C GLU N 467 7.68 68.66 -6.86
N ARG N 468 6.99 69.17 -5.84
CA ARG N 468 7.67 69.74 -4.68
C ARG N 468 7.83 68.74 -3.53
N SER N 469 7.50 67.47 -3.76
CA SER N 469 7.65 66.45 -2.74
C SER N 469 9.13 66.09 -2.57
N TYR N 470 9.42 65.42 -1.45
CA TYR N 470 10.77 64.99 -1.13
C TYR N 470 10.69 63.57 -0.57
N PRO N 471 11.50 62.64 -1.08
CA PRO N 471 11.41 61.25 -0.61
C PRO N 471 11.86 61.12 0.84
N THR N 472 11.01 60.48 1.64
CA THR N 472 11.25 60.31 3.06
C THR N 472 11.07 58.85 3.44
N VAL N 473 11.77 58.44 4.49
CA VAL N 473 11.69 57.08 5.02
C VAL N 473 10.99 57.16 6.37
N LEU N 474 9.83 56.52 6.48
CA LEU N 474 9.08 56.48 7.73
C LEU N 474 9.27 55.13 8.39
N LEU N 475 9.63 55.14 9.66
CA LEU N 475 9.78 53.93 10.45
C LEU N 475 8.68 53.91 11.50
N LEU N 476 7.91 52.82 11.53
CA LEU N 476 6.82 52.67 12.47
C LEU N 476 7.01 51.39 13.27
N GLU N 477 6.62 51.43 14.54
CA GLU N 477 6.77 50.31 15.45
C GLU N 477 5.44 49.98 16.09
N GLU N 478 5.13 48.69 16.18
CA GLU N 478 3.85 48.20 16.69
C GLU N 478 2.69 48.75 15.87
N ALA N 479 2.70 48.41 14.58
CA ALA N 479 1.78 49.03 13.63
C ALA N 479 0.33 48.61 13.87
N HIS N 480 0.09 47.36 14.29
CA HIS N 480 -1.27 46.88 14.40
C HIS N 480 -2.10 47.62 15.45
N HIS N 481 -1.45 48.37 16.34
CA HIS N 481 -2.20 49.19 17.30
C HIS N 481 -2.97 50.29 16.60
N TYR N 482 -2.38 50.93 15.59
CA TYR N 482 -2.91 52.18 15.06
C TYR N 482 -2.92 52.18 13.54
N LEU N 483 -3.39 51.09 12.93
CA LEU N 483 -3.53 51.07 11.48
C LEU N 483 -4.86 50.45 11.05
N ARG N 484 -5.83 50.35 11.95
CA ARG N 484 -7.13 49.79 11.64
C ARG N 484 -8.10 50.89 11.22
N LYS N 495 -13.62 54.82 5.63
CA LYS N 495 -12.52 53.91 5.32
C LYS N 495 -11.40 54.66 4.58
N ALA N 496 -10.66 55.47 5.32
CA ALA N 496 -9.57 56.26 4.73
C ALA N 496 -8.27 56.21 5.52
N TYR N 497 -8.21 55.47 6.64
CA TYR N 497 -7.02 55.48 7.48
C TYR N 497 -5.80 54.90 6.76
N GLU N 498 -5.98 54.14 5.69
CA GLU N 498 -4.88 53.58 4.93
C GLU N 498 -4.66 54.34 3.61
N ARG N 499 -5.00 55.63 3.58
CA ARG N 499 -4.72 56.44 2.38
C ARG N 499 -3.22 56.53 2.14
N LEU N 500 -2.44 56.69 3.20
CA LEU N 500 -0.99 56.74 3.05
C LEU N 500 -0.44 55.40 2.58
N ALA N 501 -0.96 54.30 3.12
CA ALA N 501 -0.47 52.99 2.74
C ALA N 501 -0.80 52.68 1.27
N LYS N 502 -2.01 52.98 0.83
CA LYS N 502 -2.39 52.71 -0.55
C LYS N 502 -1.80 53.75 -1.50
N GLU N 503 -2.05 55.03 -1.23
CA GLU N 503 -1.53 56.11 -2.07
C GLU N 503 -0.26 56.67 -1.45
N GLY N 504 0.78 55.83 -1.46
CA GLY N 504 2.08 56.23 -0.94
C GLY N 504 3.18 56.06 -1.96
N ARG N 505 2.95 55.17 -2.93
CA ARG N 505 3.96 54.92 -3.96
C ARG N 505 4.18 56.15 -4.84
N LYS N 506 3.10 56.82 -5.22
CA LYS N 506 3.21 57.97 -6.11
C LYS N 506 3.76 59.20 -5.38
N PHE N 507 3.52 59.30 -4.08
CA PHE N 507 3.99 60.43 -3.30
C PHE N 507 5.40 60.24 -2.76
N LYS N 508 6.07 59.14 -3.11
CA LYS N 508 7.47 58.91 -2.76
C LYS N 508 7.65 58.80 -1.24
N CYS N 509 6.91 57.88 -0.65
CA CYS N 509 7.04 57.56 0.77
C CYS N 509 7.08 56.05 0.94
N SER N 510 8.11 55.56 1.63
CA SER N 510 8.29 54.14 1.87
C SER N 510 8.24 53.89 3.37
N LEU N 511 7.40 52.93 3.77
CA LEU N 511 7.20 52.64 5.18
C LEU N 511 7.92 51.35 5.56
N ILE N 512 8.13 51.19 6.87
CA ILE N 512 8.69 49.97 7.44
C ILE N 512 7.78 49.55 8.59
N VAL N 513 7.34 48.30 8.58
CA VAL N 513 6.45 47.78 9.60
C VAL N 513 7.23 46.86 10.53
N SER N 514 6.84 46.84 11.81
CA SER N 514 7.46 45.98 12.81
C SER N 514 6.39 45.59 13.82
N THR N 515 5.79 44.42 13.63
CA THR N 515 4.72 43.93 14.48
C THR N 515 5.05 42.53 14.95
N GLN N 516 4.25 42.03 15.90
CA GLN N 516 4.35 40.66 16.37
C GLN N 516 3.11 39.82 16.09
N ARG N 517 2.02 40.44 15.60
CA ARG N 517 0.83 39.71 15.16
C ARG N 517 0.47 40.21 13.77
N PRO N 518 1.12 39.70 12.73
CA PRO N 518 0.82 40.14 11.36
C PRO N 518 -0.59 39.81 10.91
N SER N 519 -1.26 38.85 11.54
CA SER N 519 -2.60 38.46 11.10
C SER N 519 -3.62 39.55 11.35
N GLU N 520 -3.40 40.39 12.37
CA GLU N 520 -4.37 41.42 12.70
C GLU N 520 -4.33 42.62 11.76
N LEU N 521 -3.26 42.77 10.98
CA LEU N 521 -3.19 43.84 10.00
C LEU N 521 -4.15 43.59 8.85
N SER N 522 -4.45 44.64 8.10
CA SER N 522 -5.30 44.49 6.93
C SER N 522 -4.53 43.76 5.82
N PRO N 523 -5.20 42.87 5.09
CA PRO N 523 -4.50 42.13 4.03
C PRO N 523 -3.92 43.02 2.94
N THR N 524 -4.58 44.14 2.61
CA THR N 524 -4.13 44.95 1.49
C THR N 524 -2.79 45.61 1.76
N VAL N 525 -2.53 46.01 3.01
CA VAL N 525 -1.22 46.58 3.32
C VAL N 525 -0.14 45.51 3.28
N LEU N 526 -0.44 44.32 3.81
CA LEU N 526 0.53 43.23 3.80
C LEU N 526 0.85 42.79 2.38
N ALA N 527 -0.10 42.91 1.46
CA ALA N 527 0.12 42.58 0.07
C ALA N 527 0.89 43.66 -0.68
N MET N 528 1.11 44.82 -0.07
CA MET N 528 1.83 45.91 -0.71
C MET N 528 3.33 45.88 -0.41
N CYS N 529 3.80 44.95 0.42
CA CYS N 529 5.21 44.87 0.74
C CYS N 529 5.97 44.14 -0.37
N SER N 530 7.26 44.42 -0.45
CA SER N 530 8.13 43.83 -1.47
C SER N 530 9.14 42.85 -0.87
N ASN N 531 9.89 43.28 0.15
CA ASN N 531 10.88 42.44 0.81
C ASN N 531 10.31 41.99 2.15
N TRP N 532 10.37 40.68 2.41
CA TRP N 532 9.80 40.09 3.61
C TRP N 532 10.92 39.56 4.50
N PHE N 533 10.93 39.99 5.75
CA PHE N 533 11.84 39.50 6.77
C PHE N 533 11.03 38.88 7.89
N SER N 534 11.35 37.65 8.27
CA SER N 534 10.55 36.90 9.22
C SER N 534 11.47 36.22 10.24
N LEU N 535 11.43 36.71 11.47
CA LEU N 535 12.05 36.01 12.59
C LEU N 535 11.09 34.92 13.06
N ARG N 536 11.35 34.36 14.25
CA ARG N 536 10.58 33.23 14.75
C ARG N 536 9.09 33.58 14.83
N LEU N 537 8.26 32.70 14.27
CA LEU N 537 6.81 32.83 14.33
C LEU N 537 6.21 31.47 14.70
N THR N 538 5.22 31.49 15.58
CA THR N 538 4.71 30.25 16.17
C THR N 538 3.25 29.98 15.87
N ASN N 539 2.37 30.95 16.07
CA ASN N 539 0.94 30.71 15.95
C ASN N 539 0.56 30.39 14.52
N GLU N 540 -0.37 29.44 14.36
CA GLU N 540 -0.78 29.03 13.02
C GLU N 540 -1.58 30.11 12.32
N ARG N 541 -2.24 30.99 13.07
CA ARG N 541 -2.96 32.11 12.45
C ARG N 541 -1.98 33.03 11.73
N ASP N 542 -0.85 33.34 12.36
CA ASP N 542 0.15 34.19 11.73
C ASP N 542 0.72 33.55 10.48
N LEU N 543 1.02 32.25 10.55
CA LEU N 543 1.56 31.55 9.38
C LEU N 543 0.54 31.53 8.24
N GLN N 544 -0.73 31.28 8.56
CA GLN N 544 -1.76 31.28 7.53
C GLN N 544 -1.91 32.65 6.89
N ALA N 545 -1.87 33.72 7.71
CA ALA N 545 -1.96 35.07 7.15
C ALA N 545 -0.79 35.37 6.24
N LEU N 546 0.43 35.02 6.67
CA LEU N 546 1.61 35.25 5.85
C LEU N 546 1.53 34.47 4.54
N ARG N 547 1.07 33.22 4.60
CA ARG N 547 0.95 32.41 3.38
C ARG N 547 -0.09 32.99 2.44
N TYR N 548 -1.23 33.40 2.96
CA TYR N 548 -2.30 33.94 2.12
C TYR N 548 -1.87 35.25 1.46
N ALA N 549 -1.18 36.11 2.21
CA ALA N 549 -0.71 37.36 1.65
C ALA N 549 0.57 37.22 0.84
N MET N 550 1.15 36.02 0.79
CA MET N 550 2.43 35.81 0.11
C MET N 550 2.26 35.89 -1.41
N GLU N 551 3.25 36.50 -2.06
CA GLU N 551 3.28 36.57 -3.51
C GLU N 551 4.64 36.25 -4.12
N SER N 552 5.65 35.94 -3.30
CA SER N 552 7.00 35.73 -3.81
C SER N 552 7.75 34.76 -2.90
N GLY N 553 8.85 34.25 -3.41
CA GLY N 553 9.69 33.34 -2.66
C GLY N 553 9.47 31.90 -3.04
N ASN N 554 9.76 31.02 -2.08
CA ASN N 554 9.57 29.59 -2.23
C ASN N 554 8.63 29.09 -1.15
N GLU N 555 7.72 28.20 -1.54
CA GLU N 555 6.68 27.72 -0.65
C GLU N 555 7.14 26.57 0.25
N GLN N 556 8.34 26.04 0.03
CA GLN N 556 8.90 25.02 0.90
C GLN N 556 9.86 25.58 1.94
N ILE N 557 10.03 26.90 1.99
CA ILE N 557 10.89 27.54 3.00
C ILE N 557 10.10 28.00 4.22
N LEU N 558 8.76 27.95 4.17
CA LEU N 558 7.97 28.29 5.35
C LEU N 558 8.25 27.33 6.50
N LYS N 559 8.65 26.09 6.20
CA LYS N 559 8.88 25.09 7.22
C LYS N 559 10.02 25.48 8.17
N GLN N 560 10.91 26.37 7.73
CA GLN N 560 12.09 26.69 8.53
C GLN N 560 11.79 27.68 9.65
N ILE N 561 10.76 28.51 9.49
CA ILE N 561 10.53 29.61 10.44
C ILE N 561 10.12 29.08 11.81
N SER N 562 9.45 27.93 11.86
CA SER N 562 8.85 27.46 13.09
C SER N 562 9.87 27.07 14.16
N GLY N 563 11.15 26.95 13.82
CA GLY N 563 12.14 26.54 14.79
C GLY N 563 13.46 27.29 14.70
N LEU N 564 13.43 28.52 14.23
CA LEU N 564 14.65 29.30 14.10
C LEU N 564 15.19 29.68 15.48
N PRO N 565 16.50 29.59 15.69
CA PRO N 565 17.09 30.13 16.92
C PRO N 565 17.25 31.64 16.82
N ARG N 566 17.55 32.25 17.97
CA ARG N 566 17.63 33.71 18.05
C ARG N 566 18.73 34.25 17.16
N GLY N 567 18.42 35.31 16.42
CA GLY N 567 19.39 36.00 15.59
C GLY N 567 19.38 35.64 14.12
N ASP N 568 18.57 34.68 13.70
CA ASP N 568 18.54 34.22 12.31
C ASP N 568 17.25 34.68 11.65
N ALA N 569 17.37 35.18 10.43
CA ALA N 569 16.23 35.70 9.67
C ALA N 569 16.19 35.07 8.29
N VAL N 570 14.98 34.80 7.82
CA VAL N 570 14.75 34.25 6.48
C VAL N 570 14.25 35.38 5.59
N ALA N 571 14.96 35.64 4.49
CA ALA N 571 14.69 36.78 3.64
C ALA N 571 14.46 36.36 2.19
N PHE N 572 13.61 37.10 1.51
CA PHE N 572 13.38 36.96 0.07
C PHE N 572 12.81 38.27 -0.44
N GLY N 573 12.41 38.29 -1.71
CA GLY N 573 11.79 39.46 -2.27
C GLY N 573 12.31 39.86 -3.65
N SER N 574 12.26 41.17 -3.94
CA SER N 574 12.69 41.69 -5.23
C SER N 574 14.14 42.13 -5.24
N ALA N 575 14.84 42.01 -4.11
CA ALA N 575 16.25 42.37 -4.04
C ALA N 575 17.18 41.18 -3.81
N PHE N 576 16.64 40.05 -3.35
CA PHE N 576 17.43 38.85 -3.13
C PHE N 576 17.16 37.87 -4.26
N ASN N 577 18.22 37.43 -4.93
CA ASN N 577 18.06 36.55 -6.09
C ASN N 577 17.43 35.22 -5.68
N LEU N 578 17.89 34.64 -4.58
CA LEU N 578 17.34 33.41 -4.06
C LEU N 578 17.31 33.49 -2.54
N PRO N 579 16.34 32.84 -1.90
CA PRO N 579 16.20 32.96 -0.44
C PRO N 579 17.46 32.50 0.29
N VAL N 580 17.81 33.23 1.35
CA VAL N 580 19.02 32.98 2.12
C VAL N 580 18.66 33.01 3.60
N ARG N 581 19.22 32.05 4.34
CA ARG N 581 19.07 31.99 5.80
C ARG N 581 20.16 32.85 6.42
N ILE N 582 19.87 34.13 6.59
CA ILE N 582 20.85 35.10 7.05
C ILE N 582 20.93 35.08 8.56
N SER N 583 22.14 35.17 9.09
CA SER N 583 22.38 35.35 10.52
C SER N 583 22.78 36.80 10.73
N ILE N 584 21.90 37.58 11.38
CA ILE N 584 22.13 39.00 11.54
C ILE N 584 23.25 39.23 12.55
N ASN N 585 24.05 40.27 12.29
CA ASN N 585 25.08 40.68 13.23
C ASN N 585 24.46 41.56 14.31
N GLN N 586 25.30 42.16 15.15
CA GLN N 586 24.85 42.98 16.27
C GLN N 586 25.32 44.41 16.08
N ALA N 587 24.40 45.36 16.23
CA ALA N 587 24.71 46.77 16.08
C ALA N 587 25.13 47.35 17.43
N ARG N 588 26.23 48.10 17.43
CA ARG N 588 26.78 48.68 18.64
C ARG N 588 26.95 50.18 18.44
N PRO N 589 26.40 51.01 19.34
CA PRO N 589 25.62 50.67 20.53
C PRO N 589 24.17 50.34 20.21
N GLY N 590 23.49 49.62 21.08
CA GLY N 590 22.11 49.25 20.86
C GLY N 590 21.17 49.88 21.86
N PRO N 591 19.87 49.61 21.71
CA PRO N 591 18.89 50.15 22.65
C PRO N 591 19.12 49.65 24.08
N LYS N 592 18.78 50.50 25.04
CA LYS N 592 18.97 50.19 26.45
C LYS N 592 17.80 49.43 27.06
N SER N 593 16.74 49.19 26.28
CA SER N 593 15.56 48.50 26.81
C SER N 593 15.94 47.13 27.36
N SER N 594 15.45 46.82 28.55
CA SER N 594 15.73 45.56 29.20
C SER N 594 14.64 45.30 30.25
N ASP N 595 14.78 44.18 30.94
CA ASP N 595 13.81 43.76 31.95
C ASP N 595 14.14 44.44 33.27
N ALA N 596 13.10 45.00 33.91
CA ALA N 596 13.28 45.60 35.22
C ALA N 596 13.56 44.53 36.27
N VAL N 597 14.19 44.94 37.36
CA VAL N 597 14.63 44.02 38.40
C VAL N 597 13.86 44.32 39.68
N PHE N 598 13.20 43.30 40.22
CA PHE N 598 12.50 43.40 41.49
C PHE N 598 13.42 43.13 42.67
N SER N 599 14.40 42.24 42.50
CA SER N 599 15.24 41.80 43.61
C SER N 599 16.24 42.84 44.07
N GLU N 600 16.64 43.76 43.18
CA GLU N 600 17.62 44.78 43.57
C GLU N 600 17.07 45.70 44.65
N GLU N 601 15.81 46.10 44.53
CA GLU N 601 15.18 47.01 45.48
C GLU N 601 14.53 46.27 46.65
N TRP N 602 14.52 44.94 46.64
CA TRP N 602 13.90 44.17 47.71
C TRP N 602 14.87 43.84 48.85
N ALA N 603 16.12 44.29 48.76
CA ALA N 603 17.08 44.07 49.83
C ALA N 603 17.75 45.38 50.23
N PHE O 4 39.74 -0.17 30.76
CA PHE O 4 39.47 0.86 29.77
C PHE O 4 38.05 0.75 29.23
N LYS O 5 37.35 1.88 29.14
CA LYS O 5 36.00 1.94 28.61
C LYS O 5 35.85 3.18 27.75
N LEU O 6 35.25 3.01 26.56
CA LEU O 6 35.01 4.14 25.67
C LEU O 6 33.74 4.89 26.04
N THR O 7 32.61 4.20 26.08
CA THR O 7 31.33 4.78 26.47
C THR O 7 30.73 3.96 27.59
N GLU O 8 30.14 4.64 28.57
CA GLU O 8 29.57 4.00 29.73
C GLU O 8 28.08 3.74 29.58
N ILE O 9 27.48 4.13 28.46
CA ILE O 9 26.06 3.94 28.20
C ILE O 9 25.91 3.07 26.96
N SER O 10 25.06 2.07 27.03
CA SER O 10 24.96 1.04 26.00
C SER O 10 24.22 1.57 24.77
N ALA O 11 24.44 0.90 23.64
CA ALA O 11 23.81 1.24 22.39
C ALA O 11 22.63 0.32 22.11
N ILE O 12 21.67 0.83 21.33
CA ILE O 12 20.44 0.09 21.05
C ILE O 12 20.17 0.00 19.55
N GLY O 13 20.56 1.03 18.79
CA GLY O 13 20.21 1.05 17.39
C GLY O 13 21.16 1.81 16.49
N TYR O 14 20.74 2.05 15.25
CA TYR O 14 21.56 2.77 14.28
C TYR O 14 20.66 3.36 13.19
N VAL O 15 21.01 4.57 12.76
CA VAL O 15 20.23 5.26 11.74
C VAL O 15 20.29 4.50 10.43
N VAL O 16 19.13 4.35 9.78
CA VAL O 16 19.05 3.54 8.57
C VAL O 16 18.34 4.30 7.45
N GLY O 17 17.97 5.54 7.71
CA GLY O 17 17.32 6.33 6.68
C GLY O 17 16.99 7.73 7.16
N LEU O 18 16.84 8.63 6.18
CA LEU O 18 16.47 10.01 6.42
C LEU O 18 15.45 10.42 5.36
N GLU O 19 14.41 11.15 5.80
CA GLU O 19 13.41 11.66 4.87
C GLU O 19 13.06 13.08 5.32
N GLY O 20 13.76 14.06 4.77
CA GLY O 20 13.58 15.44 5.18
C GLY O 20 13.99 15.66 6.62
N GLU O 21 13.00 15.83 7.50
CA GLU O 21 13.24 15.98 8.93
C GLU O 21 12.91 14.72 9.72
N ARG O 22 12.57 13.62 9.05
CA ARG O 22 12.29 12.36 9.70
C ARG O 22 13.55 11.49 9.75
N ILE O 23 13.65 10.68 10.81
CA ILE O 23 14.75 9.75 11.00
C ILE O 23 14.18 8.38 11.27
N ARG O 24 14.89 7.34 10.81
CA ARG O 24 14.47 5.96 10.97
C ARG O 24 15.56 5.16 11.69
N ILE O 25 15.15 4.36 12.66
CA ILE O 25 16.06 3.61 13.51
C ILE O 25 15.63 2.16 13.57
N ASN O 26 16.60 1.25 13.50
CA ASN O 26 16.38 -0.18 13.65
C ASN O 26 16.83 -0.62 15.03
N LEU O 27 15.96 -1.32 15.74
CA LEU O 27 16.28 -1.77 17.10
C LEU O 27 17.16 -3.01 17.04
N HIS O 28 17.65 -3.42 18.21
CA HIS O 28 18.42 -4.65 18.32
C HIS O 28 17.47 -5.82 18.53
N GLU O 29 18.01 -7.00 18.77
CA GLU O 29 17.23 -8.23 18.83
C GLU O 29 17.21 -8.73 20.27
N GLY O 30 16.01 -8.94 20.80
CA GLY O 30 15.88 -9.37 22.17
C GLY O 30 15.61 -8.24 23.14
N LEU O 31 16.17 -8.32 24.34
CA LEU O 31 15.97 -7.30 25.37
C LEU O 31 16.92 -6.12 25.21
N GLN O 32 17.84 -6.17 24.24
CA GLN O 32 18.79 -5.09 24.04
C GLN O 32 18.09 -3.85 23.50
N GLY O 33 17.41 -3.12 24.37
CA GLY O 33 16.70 -1.92 23.97
C GLY O 33 15.38 -1.71 24.68
N ARG O 34 14.87 -2.76 25.33
CA ARG O 34 13.70 -2.63 26.18
C ARG O 34 14.03 -2.22 27.60
N LEU O 35 15.29 -2.35 28.01
CA LEU O 35 15.74 -1.88 29.31
C LEU O 35 17.26 -1.77 29.28
N ALA O 36 17.78 -0.76 29.96
CA ALA O 36 19.21 -0.55 30.03
C ALA O 36 19.59 -0.15 31.45
N SER O 37 20.78 -0.55 31.87
CA SER O 37 21.27 -0.30 33.22
C SER O 37 22.63 0.35 33.15
N HIS O 38 22.84 1.36 34.01
CA HIS O 38 24.12 2.06 34.09
C HIS O 38 24.32 2.52 35.52
N ARG O 39 25.37 3.31 35.74
CA ARG O 39 25.76 3.70 37.09
C ARG O 39 24.71 4.53 37.80
N LYS O 40 23.86 5.25 37.07
CA LYS O 40 22.87 6.12 37.69
C LYS O 40 21.61 5.34 38.08
N GLY O 41 21.04 4.58 37.14
CA GLY O 41 19.84 3.82 37.40
C GLY O 41 19.38 3.00 36.22
N VAL O 42 18.08 3.01 35.95
CA VAL O 42 17.51 2.26 34.84
C VAL O 42 16.73 3.22 33.94
N SER O 43 16.71 2.89 32.65
CA SER O 43 15.98 3.69 31.67
C SER O 43 15.48 2.75 30.57
N SER O 44 14.46 3.21 29.84
CA SER O 44 13.86 2.40 28.81
C SER O 44 13.11 3.26 27.82
N VAL O 45 12.99 2.75 26.59
CA VAL O 45 12.10 3.31 25.58
C VAL O 45 11.03 2.24 25.31
N THR O 46 9.78 2.55 25.67
CA THR O 46 8.71 1.58 25.61
C THR O 46 7.41 2.11 25.02
N GLN O 47 7.28 3.40 24.76
CA GLN O 47 6.05 3.95 24.21
C GLN O 47 6.40 5.23 23.47
N PRO O 48 5.53 5.68 22.56
CA PRO O 48 5.77 6.98 21.89
C PRO O 48 5.78 8.12 22.89
N GLY O 49 6.60 9.13 22.59
CA GLY O 49 6.70 10.32 23.41
C GLY O 49 7.94 10.40 24.28
N ASP O 50 8.73 9.33 24.34
CA ASP O 50 9.93 9.31 25.18
C ASP O 50 11.04 10.08 24.46
N LEU O 51 12.26 10.01 25.01
CA LEU O 51 13.41 10.74 24.46
C LEU O 51 14.53 9.76 24.18
N ILE O 52 15.18 9.93 23.03
CA ILE O 52 16.35 9.14 22.65
C ILE O 52 17.44 10.09 22.18
N GLY O 53 18.68 9.65 22.28
CA GLY O 53 19.81 10.49 21.96
C GLY O 53 20.81 9.80 21.06
N PHE O 54 21.24 10.51 20.03
CA PHE O 54 22.26 10.03 19.11
C PHE O 54 23.64 10.43 19.61
N ASP O 55 24.66 9.75 19.09
CA ASP O 55 26.04 10.00 19.46
C ASP O 55 26.81 10.52 18.26
N ALA O 56 27.43 11.69 18.42
CA ALA O 56 28.21 12.28 17.33
C ALA O 56 29.54 12.84 17.82
N GLY O 57 29.99 12.45 19.00
CA GLY O 57 31.28 12.88 19.51
C GLY O 57 31.28 14.24 20.18
N ASN O 58 31.25 15.30 19.39
CA ASN O 58 31.30 16.66 19.93
C ASN O 58 29.92 17.26 20.17
N ILE O 59 28.86 16.60 19.69
CA ILE O 59 27.49 17.07 19.89
C ILE O 59 26.62 15.86 20.27
N LEU O 60 25.39 16.15 20.67
CA LEU O 60 24.46 15.10 21.10
C LEU O 60 23.06 15.53 20.68
N VAL O 61 22.58 14.95 19.57
CA VAL O 61 21.23 15.23 19.11
C VAL O 61 20.22 14.64 20.09
N VAL O 62 19.19 15.42 20.40
CA VAL O 62 18.10 14.98 21.27
C VAL O 62 16.84 14.85 20.42
N ALA O 63 16.23 13.67 20.46
CA ALA O 63 15.07 13.37 19.63
C ALA O 63 13.93 12.81 20.49
N ARG O 64 12.70 13.01 20.01
CA ARG O 64 11.51 12.52 20.68
C ARG O 64 10.82 11.47 19.82
N VAL O 65 10.50 10.33 20.44
CA VAL O 65 9.92 9.19 19.74
C VAL O 65 8.48 9.50 19.32
N THR O 66 8.10 9.02 18.15
CA THR O 66 6.74 9.21 17.64
C THR O 66 6.01 7.91 17.34
N ASP O 67 6.67 6.95 16.69
CA ASP O 67 6.01 5.73 16.24
C ASP O 67 6.87 4.51 16.55
N MET O 68 6.20 3.39 16.80
CA MET O 68 6.83 2.09 17.00
C MET O 68 5.96 1.03 16.35
N ALA O 69 6.57 0.18 15.50
CA ALA O 69 5.80 -0.85 14.84
C ALA O 69 6.71 -1.98 14.37
N PHE O 70 6.10 -3.15 14.18
CA PHE O 70 6.73 -4.26 13.48
C PHE O 70 6.69 -3.97 11.98
N VAL O 71 7.64 -4.53 11.23
CA VAL O 71 7.58 -4.40 9.78
C VAL O 71 6.44 -5.23 9.20
N GLU O 72 6.00 -6.27 9.91
CA GLU O 72 4.97 -7.17 9.42
C GLU O 72 3.73 -7.11 10.31
N ILE O 89 13.44 -13.82 14.56
CA ILE O 89 12.60 -13.04 15.47
C ILE O 89 12.29 -11.67 14.86
N PRO O 90 11.11 -11.14 15.15
CA PRO O 90 10.65 -9.91 14.48
C PRO O 90 11.53 -8.72 14.80
N LEU O 91 11.57 -7.78 13.87
CA LEU O 91 12.34 -6.55 14.01
C LEU O 91 11.41 -5.35 14.02
N ARG O 92 11.86 -4.28 14.67
CA ARG O 92 11.05 -3.10 14.94
C ARG O 92 11.71 -1.85 14.36
N GLN O 93 10.89 -0.90 13.92
CA GLN O 93 11.37 0.34 13.34
C GLN O 93 10.74 1.52 14.08
N ILE O 94 11.51 2.61 14.20
CA ILE O 94 11.12 3.76 15.00
C ILE O 94 11.28 5.03 14.17
N ILE O 95 10.55 6.08 14.55
CA ILE O 95 10.61 7.39 13.90
C ILE O 95 10.73 8.46 14.98
N ALA O 96 11.56 9.47 14.75
CA ALA O 96 11.76 10.52 15.73
C ALA O 96 12.10 11.84 15.03
N TYR O 97 11.94 12.93 15.78
CA TYR O 97 12.22 14.28 15.32
C TYR O 97 13.29 14.93 16.20
N ALA O 98 14.08 15.81 15.62
CA ALA O 98 15.18 16.46 16.32
C ALA O 98 14.72 17.76 16.96
N ILE O 99 15.14 17.99 18.21
CA ILE O 99 14.68 19.16 18.97
C ILE O 99 15.83 19.91 19.63
N GLY O 100 17.06 19.58 19.30
CA GLY O 100 18.20 20.33 19.82
C GLY O 100 19.43 19.47 19.95
N PHE O 101 20.49 20.11 20.44
CA PHE O 101 21.77 19.43 20.65
C PHE O 101 22.44 19.98 21.90
N VAL O 102 23.40 19.21 22.42
CA VAL O 102 24.07 19.49 23.69
C VAL O 102 25.58 19.56 23.47
N LYS O 103 26.23 20.51 24.12
CA LYS O 103 27.67 20.70 24.00
C LYS O 103 28.25 21.20 25.32
N ARG O 104 29.57 21.11 25.43
CA ARG O 104 30.32 21.61 26.58
C ARG O 104 30.62 23.09 26.41
N GLU O 105 30.71 23.81 27.54
CA GLU O 105 31.07 25.22 27.52
C GLU O 105 32.40 25.49 28.20
N LEU O 106 32.49 25.32 29.53
CA LEU O 106 33.76 25.53 30.23
C LEU O 106 34.15 24.29 31.03
N ASN O 107 33.26 23.91 31.95
CA ASN O 107 33.43 22.69 32.72
C ASN O 107 32.13 21.91 32.85
N GLY O 108 31.03 22.42 32.31
CA GLY O 108 29.75 21.74 32.32
C GLY O 108 29.17 21.70 30.92
N TYR O 109 27.84 21.61 30.87
CA TYR O 109 27.12 21.37 29.62
C TYR O 109 26.04 22.43 29.48
N VAL O 110 25.63 22.69 28.24
CA VAL O 110 24.57 23.64 27.94
C VAL O 110 23.56 22.98 27.00
N PHE O 111 22.48 23.70 26.72
CA PHE O 111 21.44 23.24 25.80
C PHE O 111 21.09 24.35 24.83
N ILE O 112 21.22 24.07 23.54
CA ILE O 112 20.87 25.00 22.48
C ILE O 112 19.82 24.32 21.61
N SER O 113 18.71 25.02 21.35
CA SER O 113 17.55 24.43 20.71
C SER O 113 17.43 24.93 19.28
N GLU O 114 17.41 24.00 18.33
CA GLU O 114 17.09 24.25 16.93
C GLU O 114 16.86 22.90 16.26
N ASP O 115 15.90 22.86 15.35
CA ASP O 115 15.35 21.61 14.83
C ASP O 115 15.75 21.36 13.38
N TRP O 116 17.00 21.67 13.03
CA TRP O 116 17.48 21.43 11.68
C TRP O 116 18.75 20.59 11.61
N ARG O 117 19.22 20.04 12.73
CA ARG O 117 20.43 19.23 12.76
C ARG O 117 20.07 17.75 12.88
N LEU O 118 20.70 16.95 12.04
CA LEU O 118 20.39 15.53 11.94
C LEU O 118 21.66 14.69 12.02
N PRO O 119 21.56 13.45 12.50
CA PRO O 119 22.73 12.57 12.54
C PRO O 119 23.06 11.94 11.19
N ALA O 120 24.05 11.07 11.17
CA ALA O 120 24.48 10.35 9.98
C ALA O 120 24.07 8.88 10.07
N LEU O 121 24.33 8.14 9.00
CA LEU O 121 23.94 6.74 8.93
C LEU O 121 24.91 5.88 9.73
N GLY O 122 24.36 4.93 10.48
CA GLY O 122 25.15 4.01 11.27
C GLY O 122 25.47 4.48 12.67
N SER O 123 25.13 5.72 13.02
CA SER O 123 25.44 6.24 14.35
C SER O 123 24.61 5.53 15.41
N SER O 124 25.20 5.36 16.58
CA SER O 124 24.59 4.58 17.66
C SER O 124 23.54 5.42 18.38
N ALA O 125 22.43 4.77 18.74
CA ALA O 125 21.34 5.40 19.48
C ALA O 125 21.40 4.94 20.93
N VAL O 126 21.46 5.89 21.85
CA VAL O 126 21.61 5.61 23.27
C VAL O 126 20.51 6.34 24.03
N PRO O 127 20.12 5.84 25.20
CA PRO O 127 19.05 6.48 25.98
C PRO O 127 19.61 7.66 26.76
N LEU O 128 18.72 8.33 27.48
CA LEU O 128 19.06 9.51 28.26
C LEU O 128 19.01 9.19 29.74
N THR O 129 20.06 9.60 30.46
CA THR O 129 20.16 9.35 31.89
C THR O 129 19.49 10.49 32.66
N SER O 130 19.67 10.49 33.99
CA SER O 130 19.11 11.56 34.80
C SER O 130 19.85 12.88 34.59
N ASP O 131 21.17 12.81 34.40
CA ASP O 131 21.97 14.03 34.32
C ASP O 131 21.64 14.83 33.07
N PHE O 132 21.58 14.17 31.91
CA PHE O 132 21.29 14.87 30.67
C PHE O 132 19.88 15.45 30.67
N LEU O 133 18.90 14.68 31.16
CA LEU O 133 17.53 15.17 31.22
C LEU O 133 17.39 16.30 32.22
N ASN O 134 18.22 16.31 33.28
CA ASN O 134 18.26 17.44 34.18
C ASN O 134 18.86 18.67 33.53
N ILE O 135 19.89 18.48 32.71
CA ILE O 135 20.52 19.60 32.01
C ILE O 135 19.55 20.21 31.00
N ILE O 136 18.73 19.36 30.36
CA ILE O 136 17.78 19.86 29.37
C ILE O 136 16.76 20.79 30.02
N TYR O 137 16.24 20.42 31.18
CA TYR O 137 15.17 21.15 31.84
C TYR O 137 15.67 22.16 32.86
N SER O 138 16.91 22.64 32.73
CA SER O 138 17.53 23.51 33.71
C SER O 138 17.57 24.95 33.21
N ILE O 139 18.08 25.83 34.06
CA ILE O 139 18.16 27.26 33.77
C ILE O 139 19.62 27.69 33.82
N ASP O 140 19.86 28.99 33.63
CA ASP O 140 21.22 29.50 33.64
C ASP O 140 21.84 29.39 35.04
N LYS O 141 23.17 29.33 35.07
CA LYS O 141 23.87 29.27 36.35
C LYS O 141 23.83 30.61 37.09
N GLU O 142 23.69 31.72 36.35
CA GLU O 142 23.62 33.03 36.98
C GLU O 142 22.32 33.28 37.72
N GLU O 143 21.22 32.68 37.28
CA GLU O 143 19.90 32.90 37.87
C GLU O 143 19.57 31.90 38.97
N LEU O 144 20.50 31.01 39.32
CA LEU O 144 20.25 30.09 40.41
C LEU O 144 19.96 30.76 41.75
N PRO O 145 20.68 31.80 42.18
CA PRO O 145 20.36 32.42 43.48
C PRO O 145 18.97 33.04 43.55
N LYS O 146 18.33 33.30 42.41
CA LYS O 146 17.04 33.98 42.37
C LYS O 146 15.93 33.04 41.90
N ALA O 147 15.93 31.82 42.43
CA ALA O 147 15.01 30.77 41.98
C ALA O 147 14.13 30.28 43.12
N VAL O 148 12.89 29.93 42.79
CA VAL O 148 11.96 29.29 43.70
C VAL O 148 11.52 27.96 43.09
N GLU O 149 11.36 26.95 43.93
CA GLU O 149 11.05 25.60 43.47
C GLU O 149 9.56 25.36 43.45
N LEU O 150 9.09 24.61 42.45
CA LEU O 150 7.67 24.34 42.26
C LEU O 150 7.33 22.87 42.49
N GLY O 151 7.95 21.95 41.76
CA GLY O 151 7.60 20.55 41.85
C GLY O 151 8.56 19.64 41.12
N VAL O 152 8.04 18.54 40.60
CA VAL O 152 8.82 17.55 39.88
C VAL O 152 8.16 17.29 38.53
N ASP O 153 8.97 16.77 37.60
CA ASP O 153 8.44 16.38 36.30
C ASP O 153 7.53 15.16 36.46
N SER O 154 6.64 14.97 35.50
CA SER O 154 5.56 14.00 35.64
C SER O 154 5.95 12.62 35.14
N ARG O 155 6.59 12.53 33.97
CA ARG O 155 6.83 11.25 33.34
C ARG O 155 7.92 10.43 34.02
N THR O 156 8.77 11.05 34.83
CA THR O 156 9.84 10.32 35.50
C THR O 156 9.88 10.53 37.00
N LYS O 157 9.56 11.75 37.48
CA LYS O 157 9.51 12.07 38.91
C LYS O 157 10.87 11.91 39.58
N THR O 158 11.93 12.40 38.92
CA THR O 158 13.26 12.40 39.50
C THR O 158 13.97 13.75 39.33
N VAL O 159 13.32 14.74 38.72
CA VAL O 159 13.93 16.03 38.44
C VAL O 159 13.11 17.13 39.07
N LYS O 160 13.80 18.14 39.60
CA LYS O 160 13.17 19.26 40.30
C LYS O 160 13.22 20.49 39.41
N ILE O 161 12.05 21.03 39.08
CA ILE O 161 11.94 22.19 38.20
C ILE O 161 12.03 23.46 39.03
N PHE O 162 12.76 24.44 38.53
CA PHE O 162 12.94 25.73 39.18
C PHE O 162 12.37 26.83 38.29
N ALA O 163 12.32 28.04 38.84
CA ALA O 163 11.85 29.20 38.10
C ALA O 163 12.48 30.45 38.71
N SER O 164 12.77 31.43 37.86
CA SER O 164 13.41 32.66 38.26
C SER O 164 12.36 33.71 38.58
N VAL O 165 12.43 34.28 39.80
CA VAL O 165 11.46 35.27 40.21
C VAL O 165 11.58 36.54 39.38
N ASP O 166 12.81 37.00 39.13
CA ASP O 166 13.01 38.21 38.36
C ASP O 166 12.55 38.04 36.92
N LYS O 167 12.44 36.80 36.46
CA LYS O 167 11.99 36.53 35.10
C LYS O 167 10.50 36.17 35.03
N LEU O 168 9.93 35.64 36.10
CA LEU O 168 8.54 35.22 36.12
C LEU O 168 7.59 36.28 36.65
N LEU O 169 7.94 36.95 37.74
CA LEU O 169 7.05 37.92 38.37
C LEU O 169 7.37 39.36 38.00
N SER O 170 8.22 39.57 37.00
CA SER O 170 8.44 40.89 36.43
C SER O 170 7.43 41.20 35.34
N ARG O 171 6.53 40.28 35.03
CA ARG O 171 5.52 40.46 33.99
C ARG O 171 4.22 39.84 34.49
N HIS O 172 3.29 39.61 33.57
CA HIS O 172 1.96 39.12 33.89
C HIS O 172 1.91 37.61 33.76
N LEU O 173 1.26 36.96 34.73
CA LEU O 173 1.01 35.53 34.71
C LEU O 173 -0.44 35.27 34.32
N ALA O 174 -0.79 33.98 34.25
CA ALA O 174 -2.15 33.57 33.94
C ALA O 174 -2.34 32.15 34.42
N VAL O 175 -3.32 31.93 35.30
CA VAL O 175 -3.62 30.62 35.86
C VAL O 175 -5.03 30.24 35.45
N LEU O 176 -5.18 29.10 34.80
CA LEU O 176 -6.47 28.62 34.32
C LEU O 176 -6.68 27.18 34.77
N GLY O 177 -7.94 26.79 34.83
CA GLY O 177 -8.30 25.43 35.22
C GLY O 177 -9.61 25.38 35.96
N SER O 178 -10.24 24.21 35.95
CA SER O 178 -11.52 24.04 36.60
C SER O 178 -11.37 24.09 38.11
N THR O 179 -12.48 24.35 38.79
CA THR O 179 -12.47 24.52 40.23
C THR O 179 -12.10 23.22 40.94
N GLY O 180 -11.40 23.36 42.07
CA GLY O 180 -11.04 22.22 42.88
C GLY O 180 -9.90 21.38 42.36
N TYR O 181 -9.21 21.83 41.30
CA TYR O 181 -8.12 21.07 40.72
C TYR O 181 -6.75 21.47 41.26
N GLY O 182 -6.68 22.45 42.14
CA GLY O 182 -5.42 22.85 42.72
C GLY O 182 -4.97 24.24 42.36
N LYS O 183 -5.90 25.07 41.86
CA LYS O 183 -5.58 26.45 41.55
C LYS O 183 -5.22 27.24 42.81
N SER O 184 -6.06 27.13 43.84
CA SER O 184 -5.79 27.82 45.09
C SER O 184 -4.50 27.31 45.72
N ASN O 185 -4.25 26.01 45.64
CA ASN O 185 -3.01 25.45 46.16
C ASN O 185 -1.80 26.02 45.44
N PHE O 186 -1.88 26.15 44.12
CA PHE O 186 -0.78 26.72 43.36
C PHE O 186 -0.51 28.17 43.75
N ASN O 187 -1.58 28.96 43.86
CA ASN O 187 -1.40 30.36 44.24
C ASN O 187 -0.81 30.47 45.65
N ALA O 188 -1.31 29.66 46.58
CA ALA O 188 -0.80 29.70 47.95
C ALA O 188 0.67 29.31 48.00
N LEU O 189 1.05 28.26 47.28
CA LEU O 189 2.45 27.83 47.27
C LEU O 189 3.34 28.91 46.69
N LEU O 190 2.93 29.50 45.57
CA LEU O 190 3.76 30.54 44.94
C LEU O 190 3.94 31.73 45.87
N THR O 191 2.83 32.23 46.44
CA THR O 191 2.92 33.39 47.31
C THR O 191 3.75 33.10 48.56
N ARG O 192 3.55 31.93 49.16
CA ARG O 192 4.28 31.60 50.37
C ARG O 192 5.77 31.46 50.10
N LYS O 193 6.15 30.80 49.01
CA LYS O 193 7.56 30.66 48.69
C LYS O 193 8.20 32.01 48.39
N VAL O 194 7.51 32.87 47.64
CA VAL O 194 8.06 34.20 47.38
C VAL O 194 8.22 34.99 48.67
N SER O 195 7.23 34.90 49.56
CA SER O 195 7.32 35.63 50.83
C SER O 195 8.46 35.12 51.69
N GLU O 196 8.62 33.80 51.79
CA GLU O 196 9.67 33.24 52.63
C GLU O 196 11.06 33.53 52.07
N LYS O 197 11.22 33.49 50.74
CA LYS O 197 12.55 33.74 50.17
C LYS O 197 13.01 35.17 50.43
N TYR O 198 12.14 36.15 50.21
CA TYR O 198 12.48 37.56 50.40
C TYR O 198 11.54 38.17 51.43
N PRO O 199 11.96 38.34 52.68
CA PRO O 199 11.06 38.94 53.68
C PRO O 199 10.64 40.36 53.35
N ASN O 200 11.50 41.15 52.70
CA ASN O 200 11.18 42.53 52.38
C ASN O 200 10.45 42.60 51.04
N SER O 201 9.22 42.08 51.06
CA SER O 201 8.39 42.01 49.86
C SER O 201 6.98 42.48 50.20
N ARG O 202 6.28 42.98 49.17
CA ARG O 202 4.93 43.50 49.31
C ARG O 202 3.99 42.68 48.42
N ILE O 203 2.94 42.15 49.03
CA ILE O 203 1.94 41.34 48.33
C ILE O 203 0.57 41.88 48.67
N VAL O 204 -0.28 42.05 47.65
CA VAL O 204 -1.66 42.48 47.83
C VAL O 204 -2.56 41.39 47.26
N ILE O 205 -3.47 40.88 48.08
CA ILE O 205 -4.34 39.77 47.71
C ILE O 205 -5.79 40.24 47.76
N PHE O 206 -6.49 40.12 46.63
CA PHE O 206 -7.90 40.48 46.56
C PHE O 206 -8.72 39.19 46.63
N ASP O 207 -8.83 38.66 47.85
CA ASP O 207 -9.61 37.45 48.06
C ASP O 207 -11.10 37.76 47.96
N ILE O 208 -11.88 36.78 47.52
CA ILE O 208 -13.31 36.90 47.42
C ILE O 208 -14.04 35.97 48.38
N ASN O 209 -13.66 34.70 48.41
CA ASN O 209 -14.35 33.72 49.23
C ASN O 209 -13.76 33.58 50.63
N GLY O 210 -12.70 34.34 50.94
CA GLY O 210 -12.15 34.37 52.28
C GLY O 210 -11.63 33.04 52.80
N GLU O 211 -10.85 32.32 51.98
CA GLU O 211 -10.28 31.04 52.38
C GLU O 211 -8.76 31.07 52.31
N TYR O 212 -8.17 32.26 52.44
CA TYR O 212 -6.73 32.42 52.28
C TYR O 212 -6.00 32.84 53.55
N ALA O 213 -6.72 33.22 54.60
CA ALA O 213 -6.05 33.71 55.81
C ALA O 213 -5.28 32.61 56.51
N GLN O 214 -5.79 31.38 56.44
CA GLN O 214 -5.14 30.25 57.08
C GLN O 214 -3.77 29.93 56.48
N ALA O 215 -3.53 30.31 55.23
CA ALA O 215 -2.32 29.92 54.53
C ALA O 215 -1.08 30.73 54.92
N PHE O 216 -1.25 31.82 55.67
CA PHE O 216 -0.11 32.67 56.06
C PHE O 216 0.16 32.64 57.56
N THR O 217 -0.19 31.56 58.24
CA THR O 217 0.14 31.43 59.65
C THR O 217 1.63 31.22 59.84
N GLY O 218 2.20 31.90 60.82
CA GLY O 218 3.61 31.79 61.14
C GLY O 218 4.52 32.77 60.42
N ILE O 219 4.01 33.51 59.45
CA ILE O 219 4.80 34.50 58.72
C ILE O 219 4.65 35.85 59.41
N PRO O 220 5.74 36.54 59.71
CA PRO O 220 5.64 37.84 60.39
C PRO O 220 5.09 38.92 59.47
N ASN O 221 4.65 40.02 60.09
CA ASN O 221 4.21 41.23 59.41
C ASN O 221 2.93 41.05 58.61
N VAL O 222 2.11 40.05 58.94
CA VAL O 222 0.89 39.80 58.18
C VAL O 222 -0.24 40.66 58.75
N LYS O 223 -0.91 41.41 57.87
CA LYS O 223 -2.02 42.26 58.25
C LYS O 223 -3.30 41.77 57.59
N HIS O 224 -4.35 41.65 58.39
CA HIS O 224 -5.64 41.16 57.93
C HIS O 224 -6.69 42.27 58.00
N THR O 225 -7.65 42.22 57.09
CA THR O 225 -8.71 43.22 57.02
C THR O 225 -9.97 42.58 56.48
N ILE O 226 -11.12 42.97 57.06
CA ILE O 226 -12.42 42.44 56.66
C ILE O 226 -13.34 43.62 56.37
N LEU O 227 -14.32 43.38 55.51
CA LEU O 227 -15.27 44.40 55.08
C LEU O 227 -16.66 44.09 55.60
N GLY O 228 -17.32 45.10 56.16
CA GLY O 228 -18.68 44.98 56.67
C GLY O 228 -18.83 45.72 57.98
N GLU O 229 -19.93 45.43 58.67
CA GLU O 229 -20.23 46.03 59.95
C GLU O 229 -20.19 44.97 61.04
N SER O 230 -19.73 45.38 62.22
CA SER O 230 -19.52 44.43 63.31
C SER O 230 -20.86 43.85 63.77
N PRO O 231 -21.02 42.53 63.76
CA PRO O 231 -22.31 41.95 64.16
C PRO O 231 -22.69 42.20 65.61
N ASN O 232 -21.71 42.28 66.51
CA ASN O 232 -21.95 42.50 67.93
C ASN O 232 -21.61 43.94 68.29
N VAL O 233 -22.51 44.60 69.02
CA VAL O 233 -22.28 45.99 69.41
C VAL O 233 -21.07 46.09 70.33
N ASP O 234 -20.97 45.20 71.31
CA ASP O 234 -19.83 45.16 72.22
C ASP O 234 -18.65 44.42 71.58
N SER O 235 -18.06 45.08 70.58
CA SER O 235 -16.95 44.53 69.82
C SER O 235 -15.67 45.27 70.18
N LEU O 236 -14.60 44.51 70.37
CA LEU O 236 -13.30 45.06 70.74
C LEU O 236 -12.29 44.73 69.64
N GLU O 237 -11.60 45.75 69.16
CA GLU O 237 -10.57 45.58 68.14
C GLU O 237 -9.20 45.55 68.81
N LYS O 238 -8.45 44.49 68.57
CA LYS O 238 -7.11 44.32 69.13
C LYS O 238 -6.10 44.17 68.01
N LYS O 239 -5.08 45.03 68.04
CA LYS O 239 -3.97 44.91 67.10
C LYS O 239 -2.88 44.04 67.69
N GLN O 240 -1.75 43.96 67.00
CA GLN O 240 -0.62 43.16 67.47
C GLN O 240 0.66 43.94 67.24
N GLN O 241 1.67 43.65 68.06
CA GLN O 241 2.90 44.43 68.07
C GLN O 241 3.72 44.17 66.79
N LYS O 242 4.62 45.10 66.51
CA LYS O 242 5.44 45.04 65.32
C LYS O 242 6.45 43.89 65.40
N GLY O 243 6.64 43.19 64.28
CA GLY O 243 7.60 42.12 64.22
C GLY O 243 7.18 40.84 64.90
N GLU O 244 5.89 40.61 65.06
CA GLU O 244 5.37 39.42 65.72
C GLU O 244 4.82 38.45 64.67
N LEU O 245 4.97 37.16 64.93
CA LEU O 245 4.45 36.14 64.02
C LEU O 245 2.92 36.18 64.02
N TYR O 246 2.36 36.07 62.82
CA TYR O 246 0.91 36.20 62.65
C TYR O 246 0.18 34.96 63.14
N SER O 247 -1.04 35.18 63.61
CA SER O 247 -1.98 34.12 63.92
C SER O 247 -3.37 34.59 63.54
N GLU O 248 -4.35 33.70 63.62
CA GLU O 248 -5.72 34.04 63.27
C GLU O 248 -6.34 34.87 64.38
N GLU O 249 -7.67 35.02 64.32
CA GLU O 249 -8.47 35.77 65.31
C GLU O 249 -7.87 37.13 65.65
N TYR O 250 -7.16 37.73 64.68
CA TYR O 250 -6.62 39.09 64.79
C TYR O 250 -7.02 39.83 63.51
N TYR O 251 -8.20 40.44 63.52
CA TYR O 251 -8.77 41.06 62.33
C TYR O 251 -9.29 42.45 62.67
N CYS O 252 -9.55 43.23 61.62
CA CYS O 252 -10.05 44.60 61.74
C CYS O 252 -11.17 44.81 60.73
N TYR O 253 -11.94 45.87 60.93
CA TYR O 253 -13.11 46.17 60.12
C TYR O 253 -12.93 47.52 59.43
N LYS O 254 -13.56 47.67 58.27
CA LYS O 254 -13.43 48.89 57.49
C LYS O 254 -14.70 49.12 56.67
N LYS O 255 -15.04 50.40 56.49
CA LYS O 255 -16.17 50.81 55.67
C LYS O 255 -15.71 51.98 54.81
N ILE O 256 -15.73 51.81 53.49
CA ILE O 256 -15.09 52.78 52.60
C ILE O 256 -15.90 54.08 52.62
N PRO O 257 -15.24 55.23 52.79
CA PRO O 257 -15.97 56.50 52.69
C PRO O 257 -16.40 56.80 51.27
N TYR O 258 -17.46 57.59 51.14
CA TYR O 258 -18.00 57.96 49.84
C TYR O 258 -17.35 59.20 49.26
N GLN O 259 -16.43 59.84 49.99
CA GLN O 259 -15.75 61.02 49.47
C GLN O 259 -14.69 60.66 48.44
N ALA O 260 -14.19 59.43 48.46
CA ALA O 260 -13.12 59.01 47.55
C ALA O 260 -13.68 58.40 46.27
N LEU O 261 -14.60 59.11 45.64
CA LEU O 261 -15.13 58.73 44.33
C LEU O 261 -15.19 59.88 43.35
N GLY O 262 -15.17 61.13 43.82
CA GLY O 262 -15.13 62.28 42.96
C GLY O 262 -16.28 62.37 41.97
N PHE O 263 -16.11 63.33 41.06
CA PHE O 263 -17.10 63.56 40.02
C PHE O 263 -17.35 62.28 39.23
N ALA O 264 -16.28 61.55 38.90
CA ALA O 264 -16.40 60.36 38.08
C ALA O 264 -17.32 59.33 38.72
N GLY O 265 -16.94 58.82 39.90
CA GLY O 265 -17.74 57.79 40.53
C GLY O 265 -19.14 58.26 40.87
N LEU O 266 -19.28 59.50 41.34
CA LEU O 266 -20.61 59.97 41.72
C LEU O 266 -21.54 60.05 40.51
N ILE O 267 -21.04 60.61 39.39
CA ILE O 267 -21.84 60.70 38.19
C ILE O 267 -22.17 59.32 37.65
N LYS O 268 -21.18 58.42 37.64
CA LYS O 268 -21.43 57.06 37.15
C LYS O 268 -22.45 56.32 38.01
N LEU O 269 -22.43 56.53 39.32
CA LEU O 269 -23.38 55.87 40.19
C LEU O 269 -24.79 56.45 40.03
N LEU O 270 -24.89 57.78 39.95
CA LEU O 270 -26.20 58.40 39.86
C LEU O 270 -26.84 58.16 38.50
N ARG O 271 -26.03 58.09 37.43
CA ARG O 271 -26.50 57.83 36.07
C ARG O 271 -27.50 58.88 35.61
N PRO O 272 -27.10 60.14 35.39
CA PRO O 272 -28.04 61.14 34.87
C PRO O 272 -28.35 60.92 33.40
N SER O 273 -29.59 60.53 33.10
CA SER O 273 -30.02 60.24 31.73
C SER O 273 -31.39 60.84 31.46
N ASP O 274 -31.56 62.11 31.80
CA ASP O 274 -32.86 62.75 31.68
C ASP O 274 -32.68 64.14 31.07
N LYS O 275 -33.70 64.98 31.18
CA LYS O 275 -33.76 66.21 30.39
C LYS O 275 -32.73 67.24 30.86
N THR O 276 -32.88 67.72 32.09
CA THR O 276 -32.09 68.84 32.58
C THR O 276 -31.33 68.47 33.85
N GLN O 277 -31.16 67.17 34.12
CA GLN O 277 -30.54 66.73 35.36
C GLN O 277 -29.04 66.98 35.35
N LEU O 278 -28.41 66.91 34.17
CA LEU O 278 -26.95 67.05 34.11
C LEU O 278 -26.46 68.40 34.63
N PRO O 279 -26.96 69.55 34.16
CA PRO O 279 -26.41 70.82 34.67
C PRO O 279 -26.76 71.07 36.13
N ALA O 280 -27.96 70.70 36.55
CA ALA O 280 -28.35 70.88 37.95
C ALA O 280 -27.48 70.03 38.86
N LEU O 281 -27.25 68.77 38.48
CA LEU O 281 -26.39 67.90 39.28
C LEU O 281 -24.96 68.40 39.29
N ARG O 282 -24.48 68.92 38.15
CA ARG O 282 -23.14 69.48 38.11
C ARG O 282 -23.00 70.66 39.08
N ASN O 283 -23.99 71.55 39.08
CA ASN O 283 -23.94 72.69 39.98
C ASN O 283 -24.04 72.24 41.44
N ALA O 284 -24.89 71.26 41.72
CA ALA O 284 -25.03 70.78 43.08
C ALA O 284 -23.74 70.15 43.59
N LEU O 285 -23.07 69.40 42.71
CA LEU O 285 -21.76 68.85 43.06
C LEU O 285 -20.75 69.97 43.29
N SER O 286 -20.79 71.01 42.46
CA SER O 286 -19.91 72.15 42.65
C SER O 286 -20.22 72.92 43.93
N ALA O 287 -21.42 72.76 44.48
CA ALA O 287 -21.84 73.48 45.69
C ALA O 287 -21.75 72.62 46.94
N ILE O 288 -20.73 71.78 47.05
CA ILE O 288 -20.57 70.94 48.23
C ILE O 288 -19.67 71.59 49.27
N ASN O 289 -18.65 72.36 48.84
CA ASN O 289 -17.66 72.92 49.75
C ASN O 289 -18.23 73.99 50.68
N ARG O 290 -19.44 74.47 50.44
CA ARG O 290 -20.02 75.56 51.22
C ARG O 290 -21.43 75.20 51.71
N THR O 291 -21.57 74.03 52.31
CA THR O 291 -22.85 73.60 52.88
C THR O 291 -22.70 73.28 54.37
N HIS O 292 -23.53 73.94 55.16
CA HIS O 292 -23.49 73.75 56.63
C HIS O 292 -24.82 73.10 57.03
N PHE O 293 -24.78 72.10 57.90
CA PHE O 293 -26.02 71.37 58.25
C PHE O 293 -26.24 71.38 59.75
N LYS O 294 -27.48 71.20 60.20
CA LYS O 294 -27.73 71.09 61.66
C LYS O 294 -28.44 69.77 61.90
N SER O 295 -29.67 69.79 62.43
CA SER O 295 -30.39 68.51 62.58
C SER O 295 -31.57 68.47 61.60
N ARG O 296 -31.38 67.91 60.42
CA ARG O 296 -32.45 67.83 59.38
C ARG O 296 -32.65 69.23 58.80
N ASN O 297 -31.91 70.21 59.31
CA ASN O 297 -32.00 71.59 58.75
C ASN O 297 -30.67 72.04 58.15
N ILE O 298 -30.51 71.90 56.83
CA ILE O 298 -29.28 72.40 56.15
C ILE O 298 -29.36 73.91 56.19
N TYR O 299 -28.40 74.57 56.84
CA TYR O 299 -28.53 76.05 56.96
C TYR O 299 -27.42 76.75 56.22
N LEU O 300 -27.75 77.59 55.25
CA LEU O 300 -26.65 78.34 54.66
C LEU O 300 -26.17 79.40 55.64
N GLU O 301 -25.15 80.15 55.25
CA GLU O 301 -24.57 81.16 56.13
C GLU O 301 -23.93 82.25 55.29
N LYS O 302 -24.18 83.50 55.64
CA LYS O 302 -23.53 84.64 55.02
C LYS O 302 -22.31 85.04 55.82
N ASP O 303 -21.64 86.11 55.39
CA ASP O 303 -20.48 86.60 56.11
C ASP O 303 -20.86 87.32 57.40
N ASP O 304 -22.05 87.92 57.45
CA ASP O 304 -22.51 88.63 58.63
C ASP O 304 -23.37 87.78 59.55
N GLY O 305 -23.52 86.49 59.25
CA GLY O 305 -24.24 85.57 60.10
C GLY O 305 -25.67 85.26 59.68
N GLU O 306 -26.20 85.95 58.67
CA GLU O 306 -27.53 85.66 58.18
C GLU O 306 -27.57 84.28 57.55
N THR O 307 -28.62 83.51 57.87
CA THR O 307 -28.76 82.14 57.41
C THR O 307 -29.96 82.02 56.48
N PHE O 308 -30.14 80.81 55.94
CA PHE O 308 -31.27 80.52 55.06
C PHE O 308 -31.71 79.09 55.33
N LEU O 309 -33.03 78.87 55.26
CA LEU O 309 -33.61 77.55 55.47
C LEU O 309 -33.93 76.92 54.12
N LEU O 310 -33.37 75.74 53.87
CA LEU O 310 -33.57 75.02 52.62
C LEU O 310 -34.40 73.77 52.85
N TYR O 311 -35.31 73.49 51.93
CA TYR O 311 -36.24 72.37 52.06
C TYR O 311 -36.36 71.62 50.75
N ASP O 312 -36.81 70.37 50.85
CA ASP O 312 -36.89 69.44 49.73
C ASP O 312 -38.34 69.11 49.38
N ASP O 313 -39.22 70.10 49.45
CA ASP O 313 -40.64 69.85 49.14
C ASP O 313 -41.30 70.93 48.31
N CYS O 314 -40.55 71.94 47.85
CA CYS O 314 -41.10 73.03 47.03
C CYS O 314 -42.24 73.74 47.75
N ARG O 315 -41.91 74.31 48.90
CA ARG O 315 -42.90 75.00 49.73
C ARG O 315 -43.05 76.44 49.26
N ASP O 316 -43.72 77.27 50.06
CA ASP O 316 -44.02 78.65 49.70
C ASP O 316 -43.24 79.67 50.51
N THR O 317 -42.32 79.24 51.39
CA THR O 317 -41.59 80.19 52.21
C THR O 317 -40.50 80.90 51.40
N ASN O 318 -40.39 82.21 51.61
CA ASN O 318 -39.32 83.03 51.04
C ASN O 318 -39.20 82.83 49.53
N GLN O 319 -40.35 82.80 48.86
CA GLN O 319 -40.38 82.49 47.43
C GLN O 319 -39.64 83.54 46.59
N SER O 320 -39.69 84.81 46.98
CA SER O 320 -39.06 85.88 46.23
C SER O 320 -37.69 86.26 46.77
N LYS O 321 -37.11 85.41 47.61
CA LYS O 321 -35.81 85.67 48.24
C LYS O 321 -34.86 84.49 48.04
N LEU O 322 -34.80 83.98 46.80
CA LEU O 322 -33.98 82.81 46.52
C LEU O 322 -33.01 83.05 45.37
N ALA O 323 -33.43 83.85 44.39
CA ALA O 323 -32.59 84.06 43.20
C ALA O 323 -31.28 84.74 43.55
N GLU O 324 -31.33 85.76 44.40
CA GLU O 324 -30.10 86.46 44.79
C GLU O 324 -29.18 85.55 45.58
N TRP O 325 -29.74 84.74 46.48
CA TRP O 325 -28.93 83.79 47.25
C TRP O 325 -28.24 82.80 46.33
N LEU O 326 -28.98 82.26 45.36
CA LEU O 326 -28.39 81.30 44.43
C LEU O 326 -27.32 81.94 43.56
N ASP O 327 -27.55 83.18 43.12
CA ASP O 327 -26.55 83.89 42.32
C ASP O 327 -25.27 84.09 43.13
N LEU O 328 -25.40 84.50 44.39
CA LEU O 328 -24.24 84.69 45.23
C LEU O 328 -23.49 83.38 45.46
N LEU O 329 -24.24 82.30 45.67
CA LEU O 329 -23.61 80.98 45.85
C LEU O 329 -22.85 80.56 44.61
N ARG O 330 -23.43 80.74 43.43
CA ARG O 330 -22.60 80.32 42.26
C ARG O 330 -21.37 81.22 42.24
N ARG O 331 -21.55 82.54 42.41
CA ARG O 331 -20.40 83.41 42.28
C ARG O 331 -19.24 83.01 43.19
N ARG O 332 -19.46 82.11 44.14
CA ARG O 332 -18.43 81.59 45.03
C ARG O 332 -17.76 82.71 45.82
N ARG O 333 -18.57 83.37 46.67
CA ARG O 333 -18.04 84.37 47.59
C ARG O 333 -18.64 84.23 48.98
N LEU O 334 -19.18 83.07 49.33
CA LEU O 334 -19.80 82.86 50.63
C LEU O 334 -18.80 82.27 51.61
N LYS O 335 -19.27 81.86 52.78
CA LYS O 335 -18.41 81.31 53.81
C LYS O 335 -18.03 79.86 53.50
N ARG O 336 -16.83 79.48 53.91
CA ARG O 336 -16.31 78.14 53.70
C ARG O 336 -16.70 77.21 54.84
N THR O 337 -16.53 75.91 54.61
CA THR O 337 -16.87 74.87 55.57
C THR O 337 -15.62 74.08 55.95
N ASN O 338 -15.79 73.19 56.93
CA ASN O 338 -14.68 72.33 57.34
C ASN O 338 -15.11 70.91 57.66
N VAL O 339 -16.38 70.55 57.42
CA VAL O 339 -16.88 69.21 57.68
C VAL O 339 -17.61 68.71 56.44
N TRP O 340 -17.47 67.42 56.17
CA TRP O 340 -18.15 66.82 55.03
C TRP O 340 -19.62 66.59 55.36
N PRO O 341 -20.55 67.09 54.57
CA PRO O 341 -21.97 66.92 54.88
C PRO O 341 -22.40 65.49 54.67
N PRO O 342 -23.51 65.06 55.28
CA PRO O 342 -24.01 63.70 55.05
C PRO O 342 -24.50 63.53 53.63
N PHE O 343 -24.60 62.27 53.21
CA PHE O 343 -24.90 61.96 51.82
C PHE O 343 -26.29 62.44 51.42
N LYS O 344 -27.21 62.56 52.37
CA LYS O 344 -28.54 63.07 52.06
C LYS O 344 -28.53 64.56 51.73
N SER O 345 -27.43 65.26 52.02
CA SER O 345 -27.40 66.71 51.82
C SER O 345 -27.39 67.07 50.34
N LEU O 346 -26.92 66.15 49.48
CA LEU O 346 -26.83 66.45 48.06
C LEU O 346 -28.20 66.65 47.43
N ALA O 347 -29.18 65.82 47.83
CA ALA O 347 -30.49 65.85 47.18
C ALA O 347 -31.18 67.19 47.38
N THR O 348 -31.03 67.80 48.56
CA THR O 348 -31.65 69.09 48.82
C THR O 348 -31.10 70.16 47.87
N LEU O 349 -29.79 70.15 47.64
CA LEU O 349 -29.20 71.11 46.71
C LEU O 349 -29.70 70.89 45.29
N VAL O 350 -29.81 69.62 44.88
CA VAL O 350 -30.30 69.31 43.55
C VAL O 350 -31.72 69.83 43.38
N ALA O 351 -32.56 69.63 44.41
CA ALA O 351 -33.92 70.17 44.35
C ALA O 351 -33.90 71.70 44.31
N GLU O 352 -33.03 72.32 45.11
CA GLU O 352 -32.99 73.78 45.17
C GLU O 352 -32.63 74.38 43.81
N PHE O 353 -31.62 73.83 43.14
CA PHE O 353 -31.32 74.27 41.78
C PHE O 353 -32.43 73.88 40.82
N GLY O 354 -33.14 72.78 41.09
CA GLY O 354 -34.18 72.31 40.20
C GLY O 354 -35.57 72.85 40.46
N CYS O 355 -35.79 73.51 41.60
CA CYS O 355 -37.12 74.00 41.96
C CYS O 355 -37.22 75.52 41.87
N VAL O 356 -36.25 76.17 41.23
CA VAL O 356 -36.23 77.62 41.10
C VAL O 356 -36.55 77.99 39.66
N ALA O 357 -37.50 78.90 39.48
CA ALA O 357 -37.86 79.39 38.16
C ALA O 357 -37.89 80.92 38.22
N ALA O 358 -38.11 81.56 37.07
CA ALA O 358 -38.13 83.01 36.96
C ALA O 358 -39.35 83.44 36.17
N ASP O 359 -40.34 84.00 36.86
CA ASP O 359 -41.53 84.50 36.20
C ASP O 359 -41.30 85.90 35.64
N ARG O 360 -42.25 86.36 34.83
CA ARG O 360 -42.18 87.72 34.29
C ARG O 360 -42.27 88.76 35.40
N SER O 361 -43.11 88.51 36.40
CA SER O 361 -43.26 89.46 37.50
C SER O 361 -41.99 89.52 38.33
N ASN O 362 -41.83 90.62 39.07
CA ASN O 362 -40.64 90.83 39.87
C ASN O 362 -40.57 89.81 41.01
N GLY O 363 -39.40 89.24 41.20
CA GLY O 363 -39.16 88.24 42.22
C GLY O 363 -38.90 86.87 41.64
N SER O 364 -39.11 85.86 42.47
CA SER O 364 -38.92 84.47 42.08
C SER O 364 -40.05 83.62 42.64
N LYS O 365 -40.19 82.42 42.08
CA LYS O 365 -41.22 81.49 42.51
C LYS O 365 -40.72 80.06 42.31
N ARG O 366 -41.31 79.14 43.07
CA ARG O 366 -40.98 77.73 43.01
C ARG O 366 -42.17 76.97 42.44
N ASP O 367 -41.92 76.13 41.44
CA ASP O 367 -42.97 75.41 40.74
C ASP O 367 -42.70 73.92 40.80
N ALA O 368 -43.78 73.13 40.66
CA ALA O 368 -43.67 71.69 40.66
C ALA O 368 -43.19 71.13 39.32
N PHE O 369 -43.19 71.95 38.26
CA PHE O 369 -42.69 71.48 36.97
C PHE O 369 -41.21 71.11 37.05
N GLY O 370 -40.40 72.01 37.59
CA GLY O 370 -39.02 71.66 37.87
C GLY O 370 -38.90 70.55 38.89
N PHE O 371 -39.80 70.53 39.87
CA PHE O 371 -39.87 69.41 40.81
C PHE O 371 -40.18 68.12 40.08
N SER O 372 -41.11 68.16 39.11
CA SER O 372 -41.41 66.97 38.32
C SER O 372 -40.20 66.51 37.54
N ASN O 373 -39.43 67.46 36.99
CA ASN O 373 -38.23 67.09 36.24
C ASN O 373 -37.19 66.44 37.15
N VAL O 374 -36.96 67.01 38.33
CA VAL O 374 -35.86 66.57 39.19
C VAL O 374 -36.25 65.38 40.07
N LEU O 375 -37.55 65.06 40.17
CA LEU O 375 -38.00 64.02 41.10
C LEU O 375 -37.29 62.67 40.97
N PRO O 376 -37.06 62.10 39.79
CA PRO O 376 -36.41 60.78 39.74
C PRO O 376 -35.04 60.74 40.39
N LEU O 377 -34.23 61.79 40.23
CA LEU O 377 -32.89 61.79 40.81
C LEU O 377 -32.94 61.90 42.33
N VAL O 378 -33.84 62.74 42.85
CA VAL O 378 -34.01 62.81 44.30
C VAL O 378 -34.49 61.47 44.84
N LYS O 379 -35.38 60.81 44.11
CA LYS O 379 -35.89 59.51 44.54
C LYS O 379 -34.79 58.45 44.54
N ILE O 380 -33.94 58.44 43.51
CA ILE O 380 -32.86 57.45 43.49
C ILE O 380 -31.86 57.73 44.60
N ILE O 381 -31.62 59.01 44.92
CA ILE O 381 -30.78 59.33 46.07
C ILE O 381 -31.41 58.80 47.35
N GLN O 382 -32.71 59.03 47.52
CA GLN O 382 -33.40 58.59 48.73
C GLN O 382 -33.33 57.08 48.89
N GLN O 383 -33.55 56.33 47.81
CA GLN O 383 -33.61 54.88 47.94
C GLN O 383 -32.22 54.25 47.93
N LEU O 384 -31.20 54.96 47.43
CA LEU O 384 -29.83 54.46 47.57
C LEU O 384 -29.30 54.73 48.96
N ALA O 385 -29.77 55.81 49.61
CA ALA O 385 -29.37 56.09 50.98
C ALA O 385 -30.07 55.19 51.98
N GLU O 386 -31.01 54.35 51.54
CA GLU O 386 -31.74 53.42 52.41
C GLU O 386 -31.72 52.06 51.73
N ASP O 387 -30.74 51.24 52.10
CA ASP O 387 -30.64 49.88 51.59
C ASP O 387 -29.73 49.09 52.51
N ILE O 388 -30.16 47.87 52.84
CA ILE O 388 -29.37 47.02 53.73
C ILE O 388 -28.05 46.63 53.07
N ARG O 389 -28.08 46.30 51.78
CA ARG O 389 -26.89 45.80 51.10
C ARG O 389 -25.89 46.92 50.80
N PHE O 390 -26.37 48.07 50.32
CA PHE O 390 -25.44 49.12 49.90
C PHE O 390 -24.75 49.76 51.10
N LYS O 391 -25.51 50.05 52.16
CA LYS O 391 -24.98 50.80 53.30
C LYS O 391 -23.96 50.01 54.10
N SER O 392 -23.86 48.69 53.89
CA SER O 392 -22.95 47.87 54.67
C SER O 392 -21.49 47.97 54.21
N ILE O 393 -21.24 48.60 53.07
CA ILE O 393 -19.89 48.71 52.53
C ILE O 393 -19.40 50.16 52.49
N VAL O 394 -20.25 51.08 52.01
CA VAL O 394 -19.89 52.49 51.90
C VAL O 394 -20.38 53.23 53.15
N ASN O 395 -19.51 54.09 53.69
CA ASN O 395 -19.83 54.86 54.88
C ASN O 395 -20.43 56.20 54.45
N LEU O 396 -21.73 56.17 54.18
CA LEU O 396 -22.46 57.39 53.82
C LEU O 396 -23.07 58.07 55.05
N ASN O 397 -22.25 58.28 56.06
CA ASN O 397 -22.68 58.91 57.31
C ASN O 397 -22.19 60.33 57.48
N GLY O 398 -21.08 60.70 56.83
CA GLY O 398 -20.58 62.05 56.92
C GLY O 398 -19.70 62.27 58.13
N GLY O 399 -19.11 63.45 58.19
CA GLY O 399 -18.24 63.83 59.28
C GLY O 399 -16.78 63.54 59.00
N GLY O 400 -16.01 64.59 58.77
CA GLY O 400 -14.59 64.42 58.49
C GLY O 400 -13.95 65.74 58.16
N GLU O 401 -12.63 65.73 58.10
CA GLU O 401 -11.88 66.93 57.76
C GLU O 401 -12.04 67.28 56.29
N LEU O 402 -12.24 68.57 56.02
CA LEU O 402 -12.39 69.10 54.66
C LEU O 402 -11.53 70.33 54.52
N ALA O 403 -10.24 70.20 54.86
CA ALA O 403 -9.31 71.31 54.79
C ALA O 403 -9.29 71.92 53.40
N ASP O 404 -9.37 73.25 53.36
CA ASP O 404 -9.53 73.97 52.10
C ASP O 404 -8.19 74.10 51.38
N GLY O 405 -8.22 74.71 50.20
CA GLY O 405 -7.04 74.89 49.39
C GLY O 405 -7.20 74.33 47.99
N GLY O 406 -8.43 73.95 47.64
CA GLY O 406 -8.71 73.38 46.34
C GLY O 406 -8.45 71.91 46.21
N THR O 407 -7.99 71.25 47.28
CA THR O 407 -7.68 69.82 47.26
C THR O 407 -8.70 69.01 48.06
N HIS O 408 -9.96 69.44 48.05
CA HIS O 408 -10.99 68.75 48.82
C HIS O 408 -11.44 67.45 48.17
N TRP O 409 -11.09 67.22 46.91
CA TRP O 409 -11.48 66.01 46.19
C TRP O 409 -10.32 65.02 46.07
N ASP O 410 -9.18 65.48 45.56
CA ASP O 410 -8.07 64.58 45.28
C ASP O 410 -7.50 63.96 46.55
N LYS O 411 -7.56 64.68 47.67
CA LYS O 411 -6.97 64.19 48.91
C LYS O 411 -7.67 62.92 49.40
N ALA O 412 -8.98 62.84 49.23
CA ALA O 412 -9.72 61.68 49.70
C ALA O 412 -9.30 60.42 48.97
N MET O 413 -9.29 60.46 47.63
CA MET O 413 -8.87 59.31 46.86
C MET O 413 -7.37 59.05 47.01
N SER O 414 -6.60 60.08 47.38
CA SER O 414 -5.18 59.87 47.63
C SER O 414 -4.95 59.10 48.92
N ASP O 415 -5.67 59.45 49.99
CA ASP O 415 -5.49 58.77 51.26
C ASP O 415 -6.15 57.40 51.28
N GLU O 416 -7.25 57.23 50.54
CA GLU O 416 -7.93 55.93 50.52
C GLU O 416 -7.05 54.87 49.89
N VAL O 417 -6.32 55.22 48.82
CA VAL O 417 -5.40 54.28 48.20
C VAL O 417 -4.25 53.94 49.15
N ASP O 418 -3.75 54.94 49.88
CA ASP O 418 -2.60 54.72 50.75
C ASP O 418 -2.90 53.75 51.88
N TYR O 419 -4.17 53.56 52.24
CA TYR O 419 -4.50 52.62 53.30
C TYR O 419 -4.41 51.17 52.82
N PHE O 420 -4.78 50.91 51.57
CA PHE O 420 -4.84 49.54 51.09
C PHE O 420 -3.51 49.07 50.50
N PHE O 421 -2.87 49.90 49.67
CA PHE O 421 -1.75 49.45 48.86
C PHE O 421 -0.39 49.75 49.46
N GLY O 422 -0.14 50.99 49.85
CA GLY O 422 1.14 51.32 50.44
C GLY O 422 1.45 52.80 50.30
N LYS O 423 2.72 53.12 50.59
CA LYS O 423 3.21 54.50 50.64
C LYS O 423 4.33 54.69 49.62
N GLU O 424 4.96 55.86 49.68
CA GLU O 424 6.04 56.17 48.76
C GLU O 424 7.32 55.43 49.16
N LYS O 425 8.37 55.64 48.37
CA LYS O 425 9.68 55.07 48.67
C LYS O 425 10.41 55.94 49.69
N GLY O 426 10.93 55.31 50.74
CA GLY O 426 11.60 56.01 51.82
C GLY O 426 10.75 56.24 53.04
N GLN O 427 9.43 56.05 52.93
CA GLN O 427 8.54 56.21 54.07
C GLN O 427 8.57 54.94 54.92
N GLU O 428 7.68 54.87 55.91
CA GLU O 428 7.54 53.70 56.76
C GLU O 428 6.16 53.08 56.55
N ASN O 429 6.14 51.78 56.27
CA ASN O 429 4.90 51.02 56.20
C ASN O 429 5.09 49.74 57.02
N ASP O 430 4.32 49.61 58.09
CA ASP O 430 4.59 48.57 59.09
C ASP O 430 4.42 47.18 58.52
N TRP O 431 3.37 46.95 57.73
CA TRP O 431 3.08 45.61 57.24
C TRP O 431 3.77 45.37 55.90
N ASN O 432 3.79 44.10 55.51
CA ASN O 432 4.33 43.68 54.22
C ASN O 432 3.33 42.97 53.32
N VAL O 433 2.37 42.25 53.89
CA VAL O 433 1.33 41.60 53.10
C VAL O 433 -0.03 42.12 53.58
N HIS O 434 -0.99 42.10 52.67
CA HIS O 434 -2.32 42.68 52.94
C HIS O 434 -3.38 41.78 52.34
N ILE O 435 -4.38 41.44 53.14
CA ILE O 435 -5.50 40.62 52.70
C ILE O 435 -6.78 41.42 52.92
N VAL O 436 -7.58 41.55 51.86
CA VAL O 436 -8.85 42.26 51.96
C VAL O 436 -9.99 41.26 51.75
N ASN O 437 -10.58 40.81 52.85
CA ASN O 437 -11.65 39.82 52.79
C ASN O 437 -12.93 40.45 52.29
N MET O 438 -13.62 39.75 51.38
CA MET O 438 -14.84 40.26 50.77
C MET O 438 -15.90 39.17 50.74
N LYS O 439 -16.06 38.44 51.84
CA LYS O 439 -16.97 37.31 51.86
C LYS O 439 -18.43 37.76 51.89
N ASN O 440 -18.73 38.91 52.50
CA ASN O 440 -20.09 39.41 52.63
C ASN O 440 -20.22 40.65 51.74
N LEU O 441 -20.67 40.43 50.50
CA LEU O 441 -20.85 41.49 49.53
C LEU O 441 -21.74 40.94 48.42
N ALA O 442 -22.65 41.77 47.92
CA ALA O 442 -23.66 41.32 46.98
C ALA O 442 -23.04 41.09 45.60
N GLN O 443 -23.88 40.68 44.66
CA GLN O 443 -23.43 40.39 43.30
C GLN O 443 -23.62 41.56 42.36
N ASP O 444 -24.08 42.70 42.86
CA ASP O 444 -24.30 43.88 42.04
C ASP O 444 -23.53 45.09 42.56
N HIS O 445 -22.56 44.89 43.44
CA HIS O 445 -21.80 45.97 44.04
C HIS O 445 -20.31 45.89 43.77
N ALA O 446 -19.75 44.69 43.69
CA ALA O 446 -18.32 44.54 43.43
C ALA O 446 -17.87 45.19 42.12
N PRO O 447 -18.55 45.01 40.97
CA PRO O 447 -18.04 45.56 39.72
C PRO O 447 -17.89 47.08 39.70
N MET O 448 -18.53 47.80 40.63
CA MET O 448 -18.40 49.25 40.68
C MET O 448 -17.29 49.69 41.63
N LEU O 449 -17.31 49.22 42.87
CA LEU O 449 -16.28 49.59 43.83
C LEU O 449 -14.91 49.12 43.37
N LEU O 450 -14.83 47.90 42.84
CA LEU O 450 -13.54 47.38 42.39
C LEU O 450 -13.00 48.18 41.21
N SER O 451 -13.87 48.54 40.26
CA SER O 451 -13.44 49.35 39.12
C SER O 451 -12.97 50.72 39.57
N ALA O 452 -13.70 51.35 40.49
CA ALA O 452 -13.27 52.64 41.00
C ALA O 452 -11.93 52.54 41.72
N LEU O 453 -11.74 51.48 42.51
CA LEU O 453 -10.48 51.28 43.21
C LEU O 453 -9.33 51.11 42.23
N LEU O 454 -9.54 50.32 41.17
CA LEU O 454 -8.50 50.14 40.17
C LEU O 454 -8.17 51.45 39.47
N GLU O 455 -9.19 52.24 39.12
CA GLU O 455 -8.95 53.51 38.45
C GLU O 455 -8.17 54.46 39.35
N MET O 456 -8.53 54.51 40.63
CA MET O 456 -7.81 55.36 41.58
C MET O 456 -6.36 54.91 41.72
N PHE O 457 -6.14 53.59 41.78
CA PHE O 457 -4.77 53.09 41.90
C PHE O 457 -3.96 53.43 40.67
N ALA O 458 -4.54 53.31 39.48
CA ALA O 458 -3.82 53.66 38.26
C ALA O 458 -3.47 55.15 38.25
N GLU O 459 -4.42 56.00 38.64
CA GLU O 459 -4.15 57.43 38.65
C GLU O 459 -3.03 57.79 39.62
N ILE O 460 -3.09 57.23 40.84
CA ILE O 460 -2.07 57.57 41.83
C ILE O 460 -0.72 56.97 41.47
N LEU O 461 -0.72 55.80 40.81
CA LEU O 461 0.54 55.22 40.37
C LEU O 461 1.19 56.07 39.29
N PHE O 462 0.40 56.58 38.35
CA PHE O 462 0.96 57.50 37.36
C PHE O 462 1.46 58.78 38.01
N ARG O 463 0.70 59.32 38.97
CA ARG O 463 1.11 60.55 39.62
C ARG O 463 2.42 60.36 40.40
N ARG O 464 2.59 59.17 41.01
CA ARG O 464 3.78 58.91 41.80
C ARG O 464 5.04 58.86 40.93
N GLY O 465 4.91 58.56 39.64
CA GLY O 465 6.08 58.58 38.78
C GLY O 465 6.97 57.37 38.99
N GLN O 466 8.22 57.51 38.56
CA GLN O 466 9.19 56.41 38.60
C GLN O 466 10.10 56.48 39.80
N GLU O 467 10.46 57.69 40.26
CA GLU O 467 11.48 57.84 41.29
C GLU O 467 11.02 57.38 42.67
N ARG O 468 9.71 57.34 42.92
CA ARG O 468 9.20 57.03 44.26
C ARG O 468 8.12 55.95 44.18
N SER O 469 8.41 54.89 43.41
CA SER O 469 7.52 53.75 43.28
C SER O 469 8.19 52.51 43.86
N TYR O 470 7.38 51.59 44.35
CA TYR O 470 7.86 50.39 45.00
C TYR O 470 7.27 49.16 44.33
N PRO O 471 8.04 48.07 44.26
CA PRO O 471 7.50 46.82 43.68
C PRO O 471 6.31 46.32 44.47
N THR O 472 5.32 45.78 43.75
CA THR O 472 4.12 45.24 44.36
C THR O 472 3.57 44.15 43.46
N VAL O 473 3.18 43.03 44.05
CA VAL O 473 2.55 41.92 43.34
C VAL O 473 1.09 41.85 43.78
N LEU O 474 0.20 41.77 42.81
CA LEU O 474 -1.24 41.81 43.04
C LEU O 474 -1.87 40.53 42.52
N LEU O 475 -2.64 39.85 43.36
CA LEU O 475 -3.31 38.61 42.99
C LEU O 475 -4.80 38.88 42.86
N LEU O 476 -5.39 38.44 41.75
CA LEU O 476 -6.81 38.61 41.48
C LEU O 476 -7.44 37.24 41.31
N GLU O 477 -8.29 36.86 42.27
CA GLU O 477 -8.99 35.59 42.24
C GLU O 477 -10.38 35.77 41.69
N GLU O 478 -10.78 34.92 40.75
CA GLU O 478 -12.07 35.02 40.06
C GLU O 478 -12.23 36.41 39.43
N ALA O 479 -11.24 36.79 38.61
CA ALA O 479 -11.19 38.13 38.05
C ALA O 479 -12.24 38.38 36.97
N HIS O 480 -12.83 37.34 36.41
CA HIS O 480 -13.80 37.52 35.34
C HIS O 480 -15.16 38.02 35.83
N HIS O 481 -15.36 38.08 37.15
CA HIS O 481 -16.62 38.60 37.68
C HIS O 481 -16.71 40.11 37.54
N TYR O 482 -15.63 40.82 37.85
CA TYR O 482 -15.68 42.28 37.97
C TYR O 482 -14.91 43.02 36.89
N LEU O 483 -14.33 42.32 35.91
CA LEU O 483 -13.68 43.03 34.82
C LEU O 483 -14.67 43.53 33.78
N ARG O 484 -15.95 43.19 33.89
CA ARG O 484 -16.98 43.71 33.03
C ARG O 484 -18.19 44.14 33.87
N ASP O 485 -18.86 45.19 33.42
CA ASP O 485 -20.02 45.71 34.14
C ASP O 485 -21.26 44.85 33.89
N PRO O 486 -22.13 44.72 34.89
CA PRO O 486 -23.40 44.01 34.65
C PRO O 486 -24.28 44.68 33.62
N TYR O 487 -24.42 46.00 33.68
CA TYR O 487 -25.17 46.77 32.69
C TYR O 487 -24.23 47.39 31.66
N ALA O 488 -23.63 46.54 30.83
CA ALA O 488 -22.62 46.94 29.85
C ALA O 488 -23.04 46.51 28.45
N GLU O 489 -24.26 46.90 28.06
CA GLU O 489 -24.76 46.55 26.74
C GLU O 489 -23.86 47.09 25.64
N ILE O 490 -23.26 48.26 25.84
CA ILE O 490 -22.31 48.80 24.89
C ILE O 490 -20.97 48.11 25.08
N ASP O 491 -20.41 47.59 23.99
CA ASP O 491 -19.18 46.81 24.05
C ASP O 491 -17.93 47.68 24.03
N SER O 492 -18.07 48.98 24.21
CA SER O 492 -16.95 49.92 24.21
C SER O 492 -16.71 50.48 25.62
N GLN O 493 -16.94 49.66 26.64
CA GLN O 493 -16.82 50.09 28.03
C GLN O 493 -15.88 49.18 28.80
N ILE O 494 -14.91 48.59 28.10
CA ILE O 494 -13.84 47.85 28.76
C ILE O 494 -12.52 48.52 28.40
N LYS O 495 -12.14 49.53 29.16
CA LYS O 495 -10.92 50.30 28.88
C LYS O 495 -10.16 50.70 30.12
N ALA O 496 -10.58 50.27 31.31
CA ALA O 496 -9.92 50.66 32.55
C ALA O 496 -8.74 49.77 32.90
N TYR O 497 -8.82 48.47 32.57
CA TYR O 497 -7.74 47.56 32.90
C TYR O 497 -6.52 47.73 32.03
N GLU O 498 -6.67 48.17 30.78
CA GLU O 498 -5.53 48.32 29.89
C GLU O 498 -4.56 49.37 30.41
N ARG O 499 -5.11 50.50 30.90
CA ARG O 499 -4.27 51.54 31.48
C ARG O 499 -3.52 51.01 32.69
N LEU O 500 -4.22 50.27 33.56
CA LEU O 500 -3.57 49.70 34.74
C LEU O 500 -2.46 48.74 34.34
N ALA O 501 -2.70 47.91 33.33
CA ALA O 501 -1.69 46.94 32.89
C ALA O 501 -0.45 47.65 32.34
N LYS O 502 -0.66 48.64 31.47
CA LYS O 502 0.49 49.36 30.91
C LYS O 502 1.27 50.09 31.99
N GLU O 503 0.58 50.77 32.91
CA GLU O 503 1.25 51.48 33.98
C GLU O 503 1.95 50.52 34.93
N GLY O 504 1.38 49.33 35.15
CA GLY O 504 2.06 48.34 35.96
C GLY O 504 3.32 47.81 35.33
N ARG O 505 3.28 47.57 34.01
CA ARG O 505 4.49 47.16 33.31
C ARG O 505 5.56 48.23 33.40
N LYS O 506 5.17 49.49 33.24
CA LYS O 506 6.17 50.56 33.21
C LYS O 506 6.69 50.93 34.60
N PHE O 507 5.85 50.89 35.63
CA PHE O 507 6.14 51.51 36.92
C PHE O 507 6.16 50.51 38.07
N LYS O 508 6.76 49.33 37.83
CA LYS O 508 7.14 48.40 38.90
C LYS O 508 5.95 47.92 39.72
N CYS O 509 5.05 47.19 39.07
CA CYS O 509 4.07 46.36 39.77
C CYS O 509 3.47 45.36 38.79
N SER O 510 3.51 44.09 39.14
CA SER O 510 3.06 43.01 38.28
C SER O 510 1.68 42.53 38.71
N LEU O 511 1.13 41.58 37.95
CA LEU O 511 -0.23 41.11 38.15
C LEU O 511 -0.28 39.60 38.02
N ILE O 512 -1.27 39.00 38.69
CA ILE O 512 -1.55 37.57 38.61
C ILE O 512 -3.04 37.38 38.45
N VAL O 513 -3.45 36.49 37.56
CA VAL O 513 -4.85 36.25 37.23
C VAL O 513 -5.19 34.79 37.53
N SER O 514 -6.25 34.58 38.31
CA SER O 514 -6.80 33.26 38.57
C SER O 514 -8.28 33.25 38.22
N THR O 515 -8.69 32.24 37.46
CA THR O 515 -10.08 32.14 37.01
C THR O 515 -10.34 30.71 36.56
N GLN O 516 -11.60 30.45 36.20
CA GLN O 516 -12.01 29.14 35.71
C GLN O 516 -12.84 29.22 34.42
N ARG O 517 -13.08 30.41 33.89
CA ARG O 517 -13.78 30.59 32.61
C ARG O 517 -12.99 31.57 31.76
N PRO O 518 -11.94 31.10 31.08
CA PRO O 518 -11.17 32.00 30.21
C PRO O 518 -11.98 32.57 29.06
N SER O 519 -12.99 31.83 28.57
CA SER O 519 -13.78 32.32 27.44
C SER O 519 -14.56 33.57 27.79
N GLU O 520 -15.10 33.64 29.00
CA GLU O 520 -15.85 34.82 29.43
C GLU O 520 -14.97 36.05 29.56
N LEU O 521 -13.65 35.89 29.55
CA LEU O 521 -12.73 37.00 29.73
C LEU O 521 -12.47 37.69 28.39
N SER O 522 -12.12 38.97 28.47
CA SER O 522 -11.89 39.76 27.27
C SER O 522 -10.69 39.21 26.51
N PRO O 523 -10.70 39.28 25.17
CA PRO O 523 -9.55 38.76 24.41
C PRO O 523 -8.30 39.61 24.56
N THR O 524 -8.43 40.89 24.91
CA THR O 524 -7.27 41.76 24.96
C THR O 524 -6.36 41.44 26.14
N VAL O 525 -6.96 41.16 27.30
CA VAL O 525 -6.17 40.96 28.52
C VAL O 525 -5.31 39.72 28.41
N LEU O 526 -5.80 38.68 27.74
CA LEU O 526 -5.01 37.45 27.58
C LEU O 526 -3.75 37.70 26.77
N ALA O 527 -3.75 38.72 25.90
CA ALA O 527 -2.60 38.98 25.06
C ALA O 527 -1.43 39.60 25.81
N MET O 528 -1.67 40.22 26.96
CA MET O 528 -0.61 40.88 27.71
C MET O 528 0.09 39.97 28.70
N CYS O 529 -0.33 38.72 28.83
CA CYS O 529 0.31 37.79 29.73
C CYS O 529 1.59 37.23 29.11
N SER O 530 2.63 37.09 29.93
CA SER O 530 3.93 36.60 29.48
C SER O 530 4.18 35.15 29.87
N ASN O 531 3.28 34.52 30.62
CA ASN O 531 3.41 33.12 30.99
C ASN O 531 2.03 32.53 31.17
N TRP O 532 1.93 31.21 31.03
CA TRP O 532 0.66 30.52 31.07
C TRP O 532 0.75 29.24 31.87
N PHE O 533 -0.27 29.00 32.69
CA PHE O 533 -0.48 27.71 33.35
C PHE O 533 -1.90 27.25 33.06
N SER O 534 -2.04 25.99 32.64
CA SER O 534 -3.33 25.46 32.23
C SER O 534 -3.52 24.08 32.84
N LEU O 535 -4.44 23.97 33.80
CA LEU O 535 -4.85 22.69 34.34
C LEU O 535 -5.89 22.09 33.39
N ARG O 536 -6.61 21.06 33.84
CA ARG O 536 -7.60 20.43 32.98
C ARG O 536 -8.69 21.43 32.59
N LEU O 537 -8.99 21.47 31.29
CA LEU O 537 -10.08 22.27 30.77
C LEU O 537 -11.06 21.32 30.08
N THR O 538 -12.31 21.32 30.56
CA THR O 538 -13.29 20.35 30.08
C THR O 538 -14.10 20.85 28.89
N ASN O 539 -14.39 22.14 28.82
CA ASN O 539 -15.27 22.67 27.79
C ASN O 539 -14.47 23.05 26.55
N GLU O 540 -15.10 22.90 25.39
CA GLU O 540 -14.42 23.13 24.13
C GLU O 540 -14.18 24.61 23.88
N ARG O 541 -15.17 25.46 24.15
CA ARG O 541 -15.04 26.88 23.83
C ARG O 541 -13.97 27.57 24.69
N ASP O 542 -13.62 26.98 25.84
CA ASP O 542 -12.50 27.51 26.61
C ASP O 542 -11.17 27.28 25.90
N LEU O 543 -11.04 26.16 25.19
CA LEU O 543 -9.79 25.86 24.49
C LEU O 543 -9.58 26.78 23.30
N GLN O 544 -10.66 27.15 22.61
CA GLN O 544 -10.55 28.08 21.49
C GLN O 544 -10.09 29.45 21.93
N ALA O 545 -10.34 29.83 23.19
CA ALA O 545 -9.83 31.10 23.69
C ALA O 545 -8.33 31.01 23.97
N LEU O 546 -7.85 29.86 24.44
CA LEU O 546 -6.43 29.69 24.72
C LEU O 546 -5.62 29.56 23.44
N ARG O 547 -6.16 28.85 22.44
CA ARG O 547 -5.48 28.74 21.15
C ARG O 547 -5.41 30.07 20.42
N TYR O 548 -6.34 30.98 20.72
CA TYR O 548 -6.36 32.29 20.05
C TYR O 548 -5.29 33.23 20.59
N ALA O 549 -4.87 33.06 21.84
CA ALA O 549 -3.99 34.02 22.50
C ALA O 549 -2.59 33.52 22.78
N MET O 550 -2.29 32.25 22.51
CA MET O 550 -0.98 31.71 22.82
C MET O 550 0.08 32.28 21.88
N GLU O 551 1.31 32.38 22.39
CA GLU O 551 2.47 32.80 21.60
C GLU O 551 3.65 31.85 21.71
N SER O 552 3.90 31.26 22.87
CA SER O 552 5.11 30.50 23.14
C SER O 552 4.80 29.03 23.39
N GLY O 553 3.86 28.47 22.64
CA GLY O 553 3.53 27.06 22.76
C GLY O 553 3.74 26.30 21.48
N ASN O 554 3.12 25.12 21.38
CA ASN O 554 3.15 24.33 20.15
C ASN O 554 1.88 23.49 20.09
N GLU O 555 1.59 22.97 18.90
CA GLU O 555 0.35 22.24 18.68
C GLU O 555 0.33 20.93 19.47
N GLN O 556 1.47 20.28 19.65
CA GLN O 556 1.50 18.95 20.25
C GLN O 556 1.23 18.97 21.75
N ILE O 557 1.35 20.13 22.40
CA ILE O 557 1.18 20.18 23.85
C ILE O 557 -0.25 20.52 24.28
N LEU O 558 -1.07 21.05 23.37
CA LEU O 558 -2.44 21.40 23.69
C LEU O 558 -3.40 20.22 23.60
N LYS O 559 -2.92 19.06 23.14
CA LYS O 559 -3.77 17.88 22.96
C LYS O 559 -3.88 17.03 24.21
N GLN O 560 -3.10 17.31 25.26
CA GLN O 560 -3.14 16.54 26.49
C GLN O 560 -3.70 17.32 27.67
N ILE O 561 -4.12 18.57 27.45
CA ILE O 561 -4.69 19.37 28.53
C ILE O 561 -5.99 18.76 29.03
N SER O 562 -6.77 18.16 28.13
CA SER O 562 -8.08 17.63 28.49
C SER O 562 -8.01 16.40 29.38
N GLY O 563 -6.83 15.81 29.58
CA GLY O 563 -6.73 14.61 30.39
C GLY O 563 -5.79 14.72 31.59
N LEU O 564 -5.42 15.94 31.96
CA LEU O 564 -4.48 16.14 33.06
C LEU O 564 -5.12 15.76 34.39
N PRO O 565 -4.49 14.92 35.19
CA PRO O 565 -5.09 14.55 36.49
C PRO O 565 -5.02 15.68 37.52
N ARG O 566 -5.42 15.40 38.75
CA ARG O 566 -5.53 16.41 39.79
C ARG O 566 -4.13 16.79 40.27
N GLY O 567 -3.66 17.97 39.86
CA GLY O 567 -2.41 18.48 40.37
C GLY O 567 -1.32 18.65 39.32
N ASP O 568 -1.68 18.61 38.04
CA ASP O 568 -0.73 18.76 36.96
C ASP O 568 -1.07 19.98 36.13
N ALA O 569 -0.04 20.57 35.51
CA ALA O 569 -0.20 21.79 34.74
C ALA O 569 0.80 21.78 33.58
N VAL O 570 0.46 22.52 32.54
CA VAL O 570 1.32 22.70 31.36
C VAL O 570 1.77 24.15 31.35
N ALA O 571 3.08 24.36 31.40
CA ALA O 571 3.66 25.69 31.54
C ALA O 571 4.55 25.99 30.34
N PHE O 572 4.28 27.13 29.70
CA PHE O 572 5.10 27.60 28.60
C PHE O 572 5.08 29.12 28.57
N GLY O 573 6.14 29.70 28.03
CA GLY O 573 6.28 31.14 27.98
C GLY O 573 7.72 31.59 27.87
N SER O 574 8.09 32.63 28.61
CA SER O 574 9.46 33.13 28.59
C SER O 574 10.30 32.63 29.75
N ALA O 575 9.69 32.10 30.81
CA ALA O 575 10.41 31.60 31.95
C ALA O 575 10.70 30.10 31.85
N PHE O 576 10.32 29.46 30.74
CA PHE O 576 10.57 28.04 30.54
C PHE O 576 11.27 27.88 29.20
N ASN O 577 12.44 27.23 29.21
CA ASN O 577 13.20 27.06 27.99
C ASN O 577 12.43 26.21 26.97
N LEU O 578 11.81 25.14 27.43
CA LEU O 578 10.96 24.31 26.59
C LEU O 578 9.72 23.90 27.37
N PRO O 579 8.59 23.69 26.69
CA PRO O 579 7.36 23.32 27.40
C PRO O 579 7.53 22.02 28.17
N VAL O 580 6.92 21.97 29.36
CA VAL O 580 7.10 20.85 30.28
C VAL O 580 5.80 20.59 31.01
N ARG O 581 5.61 19.34 31.43
CA ARG O 581 4.47 18.93 32.23
C ARG O 581 4.94 18.74 33.67
N ILE O 582 4.38 19.54 34.58
CA ILE O 582 4.91 19.67 35.93
C ILE O 582 3.88 19.18 36.93
N SER O 583 4.35 18.48 37.96
CA SER O 583 3.51 18.01 39.06
C SER O 583 3.78 18.90 40.27
N ILE O 584 2.83 19.78 40.58
CA ILE O 584 3.05 20.78 41.62
C ILE O 584 3.05 20.11 42.99
N ASN O 585 3.83 20.69 43.90
CA ASN O 585 3.93 20.18 45.27
C ASN O 585 2.68 20.57 46.05
N GLN O 586 2.65 20.22 47.33
CA GLN O 586 1.53 20.54 48.21
C GLN O 586 2.00 21.53 49.27
N ALA O 587 1.34 22.67 49.35
CA ALA O 587 1.70 23.69 50.33
C ALA O 587 1.16 23.32 51.71
N ARG O 588 1.94 23.65 52.74
CA ARG O 588 1.56 23.35 54.11
C ARG O 588 1.85 24.55 54.99
N PRO O 589 0.85 25.08 55.72
CA PRO O 589 -0.55 24.64 55.76
C PRO O 589 -1.32 25.05 54.52
N GLY O 590 -2.35 24.29 54.14
CA GLY O 590 -3.08 24.57 52.93
C GLY O 590 -4.26 25.50 53.16
N PRO O 591 -5.05 25.73 52.11
CA PRO O 591 -6.25 26.54 52.25
C PRO O 591 -7.32 25.81 53.05
N LYS O 592 -8.23 26.57 53.62
CA LYS O 592 -9.34 26.04 54.39
C LYS O 592 -10.58 25.99 53.50
N SER O 593 -11.27 24.84 53.52
CA SER O 593 -12.43 24.64 52.67
C SER O 593 -13.58 25.52 53.13
N SER O 594 -14.40 25.96 52.17
CA SER O 594 -15.53 26.84 52.44
C SER O 594 -16.78 26.35 51.72
N ASP O 595 -17.00 25.04 51.74
CA ASP O 595 -18.18 24.43 51.13
C ASP O 595 -19.08 23.86 52.22
N ALA O 596 -20.35 24.25 52.20
CA ALA O 596 -21.31 23.74 53.17
C ALA O 596 -21.60 22.27 52.90
N VAL O 597 -21.62 21.48 53.97
CA VAL O 597 -21.92 20.05 53.89
C VAL O 597 -23.27 19.82 54.55
N PHE O 598 -24.22 19.30 53.77
CA PHE O 598 -25.59 19.16 54.24
C PHE O 598 -25.76 18.00 55.22
N SER O 599 -24.89 16.99 55.15
CA SER O 599 -24.99 15.87 56.08
C SER O 599 -24.76 16.33 57.52
N GLU O 600 -23.86 17.28 57.73
CA GLU O 600 -23.64 17.82 59.07
C GLU O 600 -24.90 18.48 59.61
N GLU O 601 -25.61 19.23 58.76
CA GLU O 601 -26.83 19.90 59.20
C GLU O 601 -27.95 18.89 59.47
N TRP O 602 -28.10 17.92 58.57
CA TRP O 602 -29.21 16.97 58.67
C TRP O 602 -28.96 15.86 59.68
N ALA O 603 -27.73 15.69 60.17
CA ALA O 603 -27.43 14.65 61.14
C ALA O 603 -27.84 15.02 62.56
N ASN O 604 -28.16 16.29 62.81
CA ASN O 604 -28.54 16.78 64.14
C ASN O 604 -27.46 16.47 65.18
N LEU P 3 -2.25 -27.30 40.13
CA LEU P 3 -0.88 -27.44 40.59
C LEU P 3 -0.28 -26.05 40.82
N PHE P 4 0.09 -25.39 39.73
CA PHE P 4 0.62 -24.03 39.82
C PHE P 4 0.38 -23.35 38.47
N LYS P 5 -0.60 -22.45 38.42
CA LYS P 5 -0.92 -21.72 37.20
C LYS P 5 -0.69 -20.23 37.42
N LEU P 6 0.01 -19.60 36.47
CA LEU P 6 0.22 -18.15 36.50
C LEU P 6 -1.06 -17.38 36.22
N THR P 7 -1.91 -17.87 35.32
CA THR P 7 -3.15 -17.18 34.98
C THR P 7 -4.14 -18.20 34.44
N GLU P 8 -5.42 -17.81 34.43
CA GLU P 8 -6.49 -18.67 33.96
C GLU P 8 -7.25 -18.10 32.77
N ILE P 9 -6.89 -16.93 32.27
CA ILE P 9 -7.59 -16.27 31.18
C ILE P 9 -6.67 -16.26 29.96
N SER P 10 -7.15 -16.76 28.84
CA SER P 10 -6.33 -16.90 27.64
C SER P 10 -6.33 -15.57 26.87
N ALA P 11 -5.81 -15.60 25.66
CA ALA P 11 -5.64 -14.42 24.84
C ALA P 11 -6.44 -14.54 23.55
N ILE P 12 -6.62 -13.40 22.88
CA ILE P 12 -7.39 -13.33 21.64
C ILE P 12 -6.53 -12.73 20.53
N GLY P 13 -5.54 -11.93 20.90
CA GLY P 13 -4.69 -11.30 19.91
C GLY P 13 -3.44 -10.71 20.52
N TYR P 14 -2.66 -10.05 19.67
CA TYR P 14 -1.40 -9.45 20.08
C TYR P 14 -1.22 -8.10 19.40
N VAL P 15 -0.46 -7.22 20.06
CA VAL P 15 -0.27 -5.86 19.55
C VAL P 15 0.75 -5.86 18.42
N VAL P 16 0.53 -5.00 17.44
CA VAL P 16 1.41 -4.94 16.27
C VAL P 16 2.03 -3.57 16.04
N GLY P 17 1.47 -2.48 16.55
CA GLY P 17 2.05 -1.17 16.29
C GLY P 17 1.41 -0.10 17.12
N LEU P 18 2.07 1.06 17.14
CA LEU P 18 1.61 2.23 17.89
C LEU P 18 1.80 3.47 17.02
N GLU P 19 0.74 4.28 16.91
CA GLU P 19 0.78 5.52 16.13
C GLU P 19 0.11 6.61 16.96
N GLY P 20 0.90 7.32 17.76
CA GLY P 20 0.37 8.34 18.64
C GLY P 20 -0.53 7.77 19.72
N GLU P 21 -1.83 8.06 19.64
CA GLU P 21 -2.81 7.52 20.55
C GLU P 21 -3.57 6.33 19.95
N ARG P 22 -3.11 5.81 18.82
CA ARG P 22 -3.78 4.72 18.14
C ARG P 22 -3.02 3.41 18.37
N ILE P 23 -3.79 2.34 18.59
CA ILE P 23 -3.24 1.02 18.83
C ILE P 23 -3.87 0.05 17.83
N ARG P 24 -3.03 -0.77 17.20
CA ARG P 24 -3.48 -1.78 16.26
C ARG P 24 -3.28 -3.17 16.84
N ILE P 25 -4.30 -4.02 16.69
CA ILE P 25 -4.32 -5.35 17.29
C ILE P 25 -4.57 -6.39 16.20
N ASN P 26 -3.81 -7.46 16.23
CA ASN P 26 -4.04 -8.62 15.38
C ASN P 26 -4.93 -9.62 16.10
N LEU P 27 -5.43 -10.60 15.35
CA LEU P 27 -6.33 -11.60 15.90
C LEU P 27 -5.80 -13.00 15.61
N HIS P 28 -6.07 -13.91 16.53
CA HIS P 28 -5.60 -15.29 16.41
C HIS P 28 -6.43 -16.05 15.38
N GLU P 29 -6.05 -17.29 15.14
CA GLU P 29 -6.63 -18.11 14.07
C GLU P 29 -7.51 -19.19 14.70
N GLY P 30 -8.79 -19.20 14.33
CA GLY P 30 -9.69 -20.23 14.79
C GLY P 30 -10.77 -19.73 15.75
N LEU P 31 -11.03 -20.50 16.80
CA LEU P 31 -12.04 -20.16 17.79
C LEU P 31 -11.46 -19.57 19.06
N GLN P 32 -10.13 -19.63 19.24
CA GLN P 32 -9.51 -18.99 20.39
C GLN P 32 -9.74 -17.48 20.37
N GLY P 33 -9.90 -16.90 19.18
CA GLY P 33 -10.09 -15.48 19.03
C GLY P 33 -11.51 -14.98 19.26
N ARG P 34 -12.45 -15.87 19.59
CA ARG P 34 -13.81 -15.46 19.94
C ARG P 34 -14.12 -15.74 21.41
N LEU P 35 -14.04 -17.00 21.83
CA LEU P 35 -14.46 -17.40 23.17
C LEU P 35 -13.26 -17.87 23.98
N ALA P 36 -13.10 -17.29 25.16
CA ALA P 36 -12.05 -17.68 26.11
C ALA P 36 -12.75 -18.16 27.37
N SER P 37 -13.09 -19.44 27.41
CA SER P 37 -13.83 -20.01 28.52
C SER P 37 -13.03 -19.91 29.81
N HIS P 38 -13.71 -19.53 30.89
CA HIS P 38 -13.06 -19.29 32.16
C HIS P 38 -14.04 -19.66 33.27
N ARG P 39 -13.72 -19.26 34.51
CA ARG P 39 -14.43 -19.73 35.68
C ARG P 39 -15.87 -19.23 35.77
N LYS P 40 -16.25 -18.24 34.97
CA LYS P 40 -17.58 -17.64 35.06
C LYS P 40 -18.50 -18.07 33.92
N GLY P 41 -18.03 -17.98 32.68
CA GLY P 41 -18.86 -18.33 31.54
C GLY P 41 -18.16 -18.19 30.21
N VAL P 42 -18.84 -17.60 29.23
CA VAL P 42 -18.33 -17.42 27.88
C VAL P 42 -18.33 -15.94 27.55
N SER P 43 -17.21 -15.45 27.00
CA SER P 43 -17.06 -14.05 26.66
C SER P 43 -16.55 -13.92 25.23
N SER P 44 -16.86 -12.79 24.61
CA SER P 44 -16.41 -12.53 23.24
C SER P 44 -16.42 -11.02 23.00
N VAL P 45 -15.50 -10.57 22.15
CA VAL P 45 -15.42 -9.19 21.71
C VAL P 45 -15.43 -9.20 20.18
N THR P 46 -16.49 -8.66 19.59
CA THR P 46 -16.63 -8.70 18.14
C THR P 46 -17.10 -7.38 17.52
N GLN P 47 -17.42 -6.36 18.31
CA GLN P 47 -17.96 -5.13 17.75
C GLN P 47 -17.50 -3.96 18.60
N PRO P 48 -17.46 -2.75 18.05
CA PRO P 48 -17.18 -1.57 18.87
C PRO P 48 -18.22 -1.39 19.95
N GLY P 49 -17.76 -0.96 21.12
CA GLY P 49 -18.58 -0.88 22.32
C GLY P 49 -18.19 -1.85 23.40
N ASP P 50 -17.43 -2.89 23.07
CA ASP P 50 -16.93 -3.82 24.07
C ASP P 50 -15.68 -3.24 24.73
N LEU P 51 -15.25 -3.90 25.81
CA LEU P 51 -14.08 -3.48 26.57
C LEU P 51 -13.02 -4.57 26.57
N ILE P 52 -11.76 -4.16 26.33
CA ILE P 52 -10.63 -5.07 26.39
C ILE P 52 -9.50 -4.37 27.15
N GLY P 53 -8.59 -5.20 27.68
CA GLY P 53 -7.46 -4.71 28.43
C GLY P 53 -6.18 -5.49 28.17
N PHE P 54 -5.10 -4.76 27.87
CA PHE P 54 -3.81 -5.38 27.65
C PHE P 54 -3.08 -5.61 28.96
N ASP P 55 -2.51 -6.80 29.12
CA ASP P 55 -1.71 -7.11 30.29
C ASP P 55 -0.32 -6.50 30.13
N ALA P 56 0.12 -5.77 31.15
CA ALA P 56 1.39 -5.04 31.10
C ALA P 56 2.16 -5.19 32.39
N GLY P 57 2.13 -6.38 32.97
CA GLY P 57 2.91 -6.67 34.18
C GLY P 57 2.09 -6.46 35.44
N ASN P 58 2.41 -5.40 36.18
CA ASN P 58 1.72 -5.07 37.42
C ASN P 58 0.53 -4.15 37.22
N ILE P 59 0.34 -3.62 36.01
CA ILE P 59 -0.81 -2.78 35.68
C ILE P 59 -1.53 -3.37 34.48
N LEU P 60 -2.73 -2.86 34.22
CA LEU P 60 -3.60 -3.40 33.19
C LEU P 60 -4.31 -2.25 32.49
N VAL P 61 -3.78 -1.81 31.36
CA VAL P 61 -4.36 -0.70 30.63
C VAL P 61 -5.71 -1.11 30.07
N VAL P 62 -6.74 -0.31 30.34
CA VAL P 62 -8.08 -0.58 29.85
C VAL P 62 -8.37 0.34 28.68
N ALA P 63 -8.83 -0.24 27.57
CA ALA P 63 -9.04 0.50 26.34
C ALA P 63 -10.43 0.22 25.79
N ARG P 64 -10.95 1.18 25.01
CA ARG P 64 -12.25 1.07 24.38
C ARG P 64 -12.08 0.84 22.89
N VAL P 65 -12.79 -0.15 22.36
CA VAL P 65 -12.63 -0.57 20.98
C VAL P 65 -13.33 0.42 20.06
N THR P 66 -12.72 0.68 18.90
CA THR P 66 -13.24 1.69 17.98
C THR P 66 -13.74 1.09 16.66
N ASP P 67 -12.93 0.29 15.96
CA ASP P 67 -13.29 -0.14 14.62
C ASP P 67 -12.81 -1.55 14.34
N MET P 68 -13.53 -2.23 13.43
CA MET P 68 -13.16 -3.52 12.87
C MET P 68 -12.58 -3.35 11.48
N ALA P 69 -11.73 -4.30 11.08
CA ALA P 69 -11.13 -4.24 9.75
C ALA P 69 -10.44 -5.55 9.43
N PHE P 70 -10.52 -5.96 8.16
CA PHE P 70 -9.62 -6.97 7.63
C PHE P 70 -8.31 -6.30 7.17
N VAL P 71 -7.49 -7.07 6.47
CA VAL P 71 -6.23 -6.57 5.95
C VAL P 71 -6.40 -6.07 4.51
N ILE P 89 -7.67 -19.17 5.55
CA ILE P 89 -8.23 -18.35 6.62
C ILE P 89 -7.66 -16.93 6.54
N PRO P 90 -8.55 -15.94 6.48
CA PRO P 90 -8.11 -14.54 6.39
C PRO P 90 -7.65 -14.02 7.75
N LEU P 91 -7.19 -12.78 7.74
CA LEU P 91 -6.67 -12.11 8.93
C LEU P 91 -7.58 -10.95 9.33
N ARG P 92 -7.54 -10.61 10.62
CA ARG P 92 -8.43 -9.61 11.20
C ARG P 92 -7.62 -8.57 11.95
N GLN P 93 -8.14 -7.35 11.99
CA GLN P 93 -7.49 -6.25 12.69
C GLN P 93 -8.53 -5.45 13.48
N ILE P 94 -8.08 -4.86 14.58
CA ILE P 94 -8.94 -4.08 15.48
C ILE P 94 -8.15 -2.88 15.98
N ILE P 95 -8.83 -1.74 16.10
CA ILE P 95 -8.24 -0.49 16.56
C ILE P 95 -8.94 -0.08 17.85
N ALA P 96 -8.14 0.26 18.87
CA ALA P 96 -8.68 0.61 20.18
C ALA P 96 -7.97 1.84 20.73
N TYR P 97 -8.65 2.53 21.65
CA TYR P 97 -8.14 3.72 22.32
C TYR P 97 -8.14 3.49 23.82
N ALA P 98 -7.04 3.88 24.48
CA ALA P 98 -6.92 3.68 25.92
C ALA P 98 -7.71 4.72 26.70
N ILE P 99 -8.16 4.32 27.89
CA ILE P 99 -8.87 5.23 28.78
C ILE P 99 -8.31 5.27 30.20
N GLY P 100 -7.54 4.28 30.62
CA GLY P 100 -7.02 4.27 31.97
C GLY P 100 -6.38 2.93 32.28
N PHE P 101 -6.06 2.73 33.55
CA PHE P 101 -5.40 1.51 33.99
C PHE P 101 -5.83 1.16 35.41
N VAL P 102 -5.79 -0.13 35.72
CA VAL P 102 -6.24 -0.66 37.00
C VAL P 102 -5.02 -1.15 37.76
N LYS P 103 -4.73 -0.51 38.88
CA LYS P 103 -3.60 -0.88 39.74
C LYS P 103 -4.12 -1.45 41.05
N ARG P 104 -3.23 -2.16 41.75
CA ARG P 104 -3.59 -2.85 42.98
C ARG P 104 -3.64 -1.87 44.14
N GLU P 105 -3.93 -2.38 45.33
CA GLU P 105 -4.08 -1.56 46.52
C GLU P 105 -3.62 -2.39 47.73
N LEU P 106 -4.00 -1.94 48.93
CA LEU P 106 -3.58 -2.62 50.14
C LEU P 106 -4.12 -4.05 50.20
N ASN P 107 -5.41 -4.21 49.89
CA ASN P 107 -6.05 -5.52 49.85
C ASN P 107 -6.63 -5.86 48.49
N GLY P 108 -7.38 -4.94 47.87
CA GLY P 108 -8.02 -5.23 46.61
C GLY P 108 -7.44 -4.45 45.44
N TYR P 109 -8.31 -3.75 44.72
CA TYR P 109 -7.90 -3.03 43.52
C TYR P 109 -8.52 -1.64 43.56
N VAL P 110 -7.93 -0.73 42.77
CA VAL P 110 -8.50 0.59 42.55
C VAL P 110 -8.37 0.92 41.06
N PHE P 111 -9.42 1.52 40.50
CA PHE P 111 -9.37 2.04 39.14
C PHE P 111 -8.93 3.50 39.19
N ILE P 112 -7.85 3.82 38.47
CA ILE P 112 -7.30 5.17 38.42
C ILE P 112 -7.26 5.59 36.96
N SER P 113 -7.77 6.78 36.67
CA SER P 113 -7.92 7.28 35.31
C SER P 113 -6.84 8.33 35.05
N GLU P 114 -5.71 7.88 34.48
CA GLU P 114 -4.62 8.77 34.05
C GLU P 114 -4.16 8.24 32.69
N ASP P 115 -4.80 8.75 31.63
CA ASP P 115 -4.67 8.17 30.30
C ASP P 115 -3.48 8.80 29.58
N TRP P 116 -2.28 8.30 29.87
CA TRP P 116 -1.10 8.67 29.10
C TRP P 116 -0.14 7.50 28.89
N ARG P 117 -0.62 6.26 29.04
CA ARG P 117 0.22 5.08 28.94
C ARG P 117 -0.35 4.13 27.91
N LEU P 118 0.53 3.54 27.09
CA LEU P 118 0.17 2.52 26.12
C LEU P 118 1.16 1.38 26.24
N PRO P 119 0.74 0.14 26.01
CA PRO P 119 1.65 -0.99 26.18
C PRO P 119 2.66 -1.09 25.05
N ALA P 120 3.71 -1.86 25.30
CA ALA P 120 4.78 -2.05 24.33
C ALA P 120 4.34 -3.05 23.27
N LEU P 121 5.22 -3.33 22.31
CA LEU P 121 4.90 -4.20 21.20
C LEU P 121 4.87 -5.65 21.63
N GLY P 122 3.96 -6.42 21.06
CA GLY P 122 3.84 -7.83 21.35
C GLY P 122 3.04 -8.19 22.59
N SER P 123 2.23 -7.27 23.10
CA SER P 123 1.47 -7.55 24.31
C SER P 123 0.31 -8.51 24.01
N SER P 124 -0.29 -9.02 25.08
CA SER P 124 -1.39 -9.96 24.99
C SER P 124 -2.70 -9.27 25.37
N ALA P 125 -3.75 -9.57 24.62
CA ALA P 125 -5.07 -8.97 24.84
C ALA P 125 -6.01 -10.00 25.45
N VAL P 126 -6.72 -9.60 26.50
CA VAL P 126 -7.63 -10.51 27.21
C VAL P 126 -9.01 -9.86 27.31
N PRO P 127 -10.08 -10.65 27.31
CA PRO P 127 -11.40 -10.08 27.58
C PRO P 127 -11.58 -9.72 29.04
N LEU P 128 -12.52 -8.82 29.31
CA LEU P 128 -12.78 -8.33 30.64
C LEU P 128 -13.91 -9.12 31.28
N THR P 129 -13.69 -9.61 32.49
CA THR P 129 -14.68 -10.40 33.21
C THR P 129 -15.59 -9.47 34.02
N SER P 130 -16.40 -10.07 34.89
CA SER P 130 -17.37 -9.29 35.66
C SER P 130 -16.73 -8.53 36.81
N ASP P 131 -15.70 -9.10 37.44
CA ASP P 131 -15.08 -8.44 38.59
C ASP P 131 -14.44 -7.12 38.20
N PHE P 132 -13.76 -7.09 37.05
CA PHE P 132 -13.11 -5.85 36.62
C PHE P 132 -14.13 -4.80 36.18
N LEU P 133 -15.25 -5.23 35.59
CA LEU P 133 -16.32 -4.29 35.30
C LEU P 133 -16.92 -3.73 36.59
N ASN P 134 -17.04 -4.57 37.62
CA ASN P 134 -17.49 -4.08 38.92
C ASN P 134 -16.53 -3.06 39.49
N ILE P 135 -15.23 -3.31 39.36
CA ILE P 135 -14.24 -2.39 39.92
C ILE P 135 -14.24 -1.07 39.15
N ILE P 136 -14.37 -1.13 37.83
CA ILE P 136 -14.29 0.09 37.01
C ILE P 136 -15.44 1.04 37.33
N TYR P 137 -16.65 0.50 37.45
CA TYR P 137 -17.84 1.32 37.62
C TYR P 137 -18.20 1.56 39.08
N SER P 138 -17.37 1.08 40.02
CA SER P 138 -17.65 1.25 41.43
C SER P 138 -17.23 2.65 41.90
N ILE P 139 -17.61 2.98 43.13
CA ILE P 139 -17.26 4.24 43.76
C ILE P 139 -16.35 3.96 44.95
N ASP P 140 -15.98 5.01 45.68
CA ASP P 140 -15.15 4.83 46.85
C ASP P 140 -15.87 3.98 47.90
N LYS P 141 -15.14 3.06 48.52
CA LYS P 141 -15.74 2.17 49.51
C LYS P 141 -16.08 2.90 50.80
N GLU P 142 -15.31 3.95 51.14
CA GLU P 142 -15.57 4.69 52.37
C GLU P 142 -16.91 5.42 52.32
N GLU P 143 -17.28 5.96 51.16
CA GLU P 143 -18.51 6.73 50.99
C GLU P 143 -19.72 5.86 50.67
N LEU P 144 -19.64 4.56 50.95
CA LEU P 144 -20.80 3.68 50.81
C LEU P 144 -22.01 4.13 51.62
N PRO P 145 -21.89 4.55 52.90
CA PRO P 145 -23.09 4.92 53.65
C PRO P 145 -23.89 6.06 53.04
N LYS P 146 -23.25 6.94 52.28
CA LYS P 146 -23.93 8.09 51.66
C LYS P 146 -24.31 7.82 50.22
N ALA P 147 -24.67 6.59 49.89
CA ALA P 147 -24.95 6.19 48.52
C ALA P 147 -26.41 5.75 48.36
N VAL P 148 -26.94 5.93 47.16
CA VAL P 148 -28.29 5.50 46.81
C VAL P 148 -28.23 4.75 45.49
N GLU P 149 -28.93 3.61 45.43
CA GLU P 149 -28.96 2.82 44.21
C GLU P 149 -29.81 3.52 43.14
N LEU P 150 -29.40 3.38 41.88
CA LEU P 150 -30.13 4.02 40.80
C LEU P 150 -30.36 3.14 39.58
N GLY P 151 -29.58 2.09 39.36
CA GLY P 151 -29.81 1.21 38.24
C GLY P 151 -28.66 0.25 38.05
N VAL P 152 -28.76 -0.52 36.97
CA VAL P 152 -27.72 -1.47 36.58
C VAL P 152 -27.24 -1.12 35.18
N ASP P 153 -26.06 -1.60 34.85
CA ASP P 153 -25.47 -1.31 33.54
C ASP P 153 -26.34 -1.89 32.42
N SER P 154 -26.40 -1.17 31.30
CA SER P 154 -27.39 -1.45 30.29
C SER P 154 -26.95 -2.51 29.27
N ARG P 155 -25.65 -2.64 29.01
CA ARG P 155 -25.20 -3.57 27.99
C ARG P 155 -25.21 -5.02 28.47
N THR P 156 -25.01 -5.27 29.76
CA THR P 156 -24.92 -6.63 30.27
C THR P 156 -25.77 -6.90 31.50
N LYS P 157 -26.23 -5.88 32.23
CA LYS P 157 -27.11 -6.05 33.38
C LYS P 157 -26.49 -6.96 34.45
N THR P 158 -25.20 -6.74 34.73
CA THR P 158 -24.51 -7.52 35.76
C THR P 158 -23.91 -6.68 36.87
N VAL P 159 -23.80 -5.37 36.72
CA VAL P 159 -23.17 -4.50 37.69
C VAL P 159 -24.15 -3.44 38.13
N LYS P 160 -24.28 -3.25 39.44
CA LYS P 160 -25.11 -2.19 40.00
C LYS P 160 -24.29 -0.91 40.17
N ILE P 161 -24.99 0.22 40.22
CA ILE P 161 -24.37 1.54 40.25
C ILE P 161 -24.88 2.33 41.45
N PHE P 162 -23.97 3.02 42.13
CA PHE P 162 -24.28 3.88 43.26
C PHE P 162 -23.95 5.33 42.93
N ALA P 163 -24.19 6.22 43.89
CA ALA P 163 -23.90 7.64 43.74
C ALA P 163 -23.90 8.32 45.10
N SER P 164 -22.89 9.15 45.36
CA SER P 164 -22.76 9.80 46.65
C SER P 164 -23.75 10.96 46.78
N VAL P 165 -24.50 10.97 47.86
CA VAL P 165 -25.56 11.97 48.04
C VAL P 165 -24.95 13.35 48.22
N ASP P 166 -23.92 13.46 49.07
CA ASP P 166 -23.31 14.76 49.34
C ASP P 166 -22.69 15.36 48.09
N LYS P 167 -22.21 14.52 47.18
CA LYS P 167 -21.66 14.97 45.91
C LYS P 167 -22.72 15.14 44.84
N LEU P 168 -23.98 14.82 45.14
CA LEU P 168 -25.06 14.91 44.18
C LEU P 168 -26.11 15.97 44.51
N LEU P 169 -26.20 16.37 45.79
CA LEU P 169 -27.23 17.30 46.22
C LEU P 169 -26.69 18.68 46.59
N SER P 170 -25.37 18.82 46.77
CA SER P 170 -24.82 20.11 47.14
C SER P 170 -25.00 21.13 46.02
N ARG P 171 -24.93 20.71 44.76
CA ARG P 171 -25.04 21.59 43.63
C ARG P 171 -26.35 21.33 42.89
N HIS P 172 -26.53 22.00 41.75
CA HIS P 172 -27.74 21.85 40.97
C HIS P 172 -27.74 20.53 40.19
N LEU P 173 -28.87 20.23 39.57
CA LEU P 173 -29.04 19.00 38.80
C LEU P 173 -30.01 19.28 37.66
N ALA P 174 -29.76 18.66 36.52
CA ALA P 174 -30.57 18.87 35.32
C ALA P 174 -31.02 17.52 34.76
N VAL P 175 -32.28 17.46 34.36
CA VAL P 175 -32.85 16.29 33.70
C VAL P 175 -33.48 16.75 32.38
N LEU P 176 -33.10 16.11 31.29
CA LEU P 176 -33.58 16.48 29.97
C LEU P 176 -34.08 15.23 29.24
N GLY P 177 -35.05 15.44 28.36
CA GLY P 177 -35.62 14.34 27.60
C GLY P 177 -36.91 14.75 26.95
N SER P 178 -37.53 13.77 26.28
CA SER P 178 -38.77 13.99 25.54
C SER P 178 -39.97 13.69 26.44
N THR P 179 -41.15 13.59 25.83
CA THR P 179 -42.40 13.39 26.54
C THR P 179 -42.67 11.89 26.68
N GLY P 180 -43.03 11.47 27.89
CA GLY P 180 -43.31 10.08 28.15
C GLY P 180 -42.14 9.14 28.07
N TYR P 181 -40.99 9.53 28.64
CA TYR P 181 -39.80 8.68 28.65
C TYR P 181 -39.20 8.45 30.04
N GLY P 182 -39.78 9.03 31.10
CA GLY P 182 -39.35 8.66 32.44
C GLY P 182 -38.85 9.77 33.33
N LYS P 183 -39.37 10.98 33.18
CA LYS P 183 -38.95 12.09 34.02
C LYS P 183 -39.47 11.93 35.44
N SER P 184 -40.80 11.91 35.59
CA SER P 184 -41.41 11.91 36.91
C SER P 184 -41.07 10.65 37.70
N ASN P 185 -40.95 9.50 37.03
CA ASN P 185 -40.60 8.27 37.74
C ASN P 185 -39.23 8.39 38.39
N PHE P 186 -38.24 8.89 37.63
CA PHE P 186 -36.90 9.06 38.19
C PHE P 186 -36.91 10.08 39.32
N ASN P 187 -37.62 11.20 39.13
CA ASN P 187 -37.67 12.21 40.19
C ASN P 187 -38.30 11.65 41.46
N ALA P 188 -39.40 10.90 41.32
CA ALA P 188 -40.08 10.33 42.48
C ALA P 188 -39.21 9.31 43.19
N LEU P 189 -38.51 8.45 42.43
CA LEU P 189 -37.63 7.47 43.05
C LEU P 189 -36.51 8.15 43.83
N LEU P 190 -35.88 9.17 43.23
CA LEU P 190 -34.80 9.87 43.91
C LEU P 190 -35.31 10.56 45.17
N THR P 191 -36.45 11.24 45.08
CA THR P 191 -36.98 11.94 46.25
C THR P 191 -37.36 10.97 47.36
N ARG P 192 -37.96 9.82 47.01
CA ARG P 192 -38.32 8.83 48.02
C ARG P 192 -37.09 8.28 48.70
N LYS P 193 -36.04 7.96 47.93
CA LYS P 193 -34.83 7.42 48.53
C LYS P 193 -34.16 8.45 49.43
N VAL P 194 -34.12 9.71 49.01
CA VAL P 194 -33.52 10.75 49.84
C VAL P 194 -34.32 10.93 51.13
N SER P 195 -35.65 10.93 51.01
CA SER P 195 -36.50 11.11 52.20
C SER P 195 -36.32 9.97 53.18
N GLU P 196 -36.25 8.73 52.69
CA GLU P 196 -36.04 7.60 53.58
C GLU P 196 -34.64 7.61 54.18
N LYS P 197 -33.64 8.08 53.43
CA LYS P 197 -32.27 8.09 53.95
C LYS P 197 -32.11 9.07 55.09
N TYR P 198 -32.60 10.30 54.92
CA TYR P 198 -32.46 11.34 55.92
C TYR P 198 -33.83 11.80 56.40
N PRO P 199 -34.22 11.50 57.64
CA PRO P 199 -35.53 11.93 58.13
C PRO P 199 -35.70 13.44 58.20
N ASN P 200 -34.62 14.20 58.31
CA ASN P 200 -34.69 15.65 58.48
C ASN P 200 -34.64 16.41 57.16
N SER P 201 -34.55 15.72 56.03
CA SER P 201 -34.49 16.40 54.74
C SER P 201 -35.85 16.99 54.41
N ARG P 202 -35.87 18.29 54.10
CA ARG P 202 -37.11 18.99 53.78
C ARG P 202 -37.13 19.30 52.29
N ILE P 203 -38.26 19.02 51.64
CA ILE P 203 -38.39 19.08 50.20
C ILE P 203 -39.63 19.88 49.84
N VAL P 204 -39.48 20.80 48.89
CA VAL P 204 -40.58 21.59 48.35
C VAL P 204 -40.71 21.25 46.87
N ILE P 205 -41.92 20.84 46.46
CA ILE P 205 -42.17 20.41 45.10
C ILE P 205 -43.24 21.32 44.50
N PHE P 206 -42.96 21.86 43.31
CA PHE P 206 -43.90 22.72 42.60
C PHE P 206 -44.61 21.87 41.55
N ASP P 207 -45.55 21.06 42.02
CA ASP P 207 -46.28 20.16 41.14
C ASP P 207 -47.25 20.94 40.25
N ILE P 208 -47.25 20.61 38.97
CA ILE P 208 -48.14 21.27 38.02
C ILE P 208 -49.26 20.36 37.52
N ASN P 209 -49.14 19.05 37.70
CA ASN P 209 -50.19 18.12 37.29
C ASN P 209 -50.76 17.32 38.45
N GLY P 210 -50.18 17.44 39.64
CA GLY P 210 -50.71 16.75 40.81
C GLY P 210 -50.63 15.25 40.73
N GLU P 211 -49.41 14.70 40.74
CA GLU P 211 -49.22 13.26 40.64
C GLU P 211 -48.33 12.69 41.73
N TYR P 212 -47.73 13.51 42.57
CA TYR P 212 -46.73 13.04 43.53
C TYR P 212 -47.34 12.68 44.88
N ALA P 213 -48.63 12.90 45.08
CA ALA P 213 -49.27 12.49 46.32
C ALA P 213 -49.47 10.99 46.38
N GLN P 214 -49.63 10.34 45.22
CA GLN P 214 -49.79 8.88 45.20
C GLN P 214 -48.50 8.17 45.59
N ALA P 215 -47.35 8.73 45.20
CA ALA P 215 -46.07 8.09 45.43
C ALA P 215 -45.45 8.41 46.79
N PHE P 216 -46.10 9.25 47.60
CA PHE P 216 -45.57 9.63 48.90
C PHE P 216 -46.40 9.06 50.04
N THR P 217 -46.87 7.83 49.89
CA THR P 217 -47.61 7.15 50.96
C THR P 217 -46.62 6.34 51.79
N GLY P 218 -46.41 6.75 53.03
CA GLY P 218 -45.53 6.03 53.92
C GLY P 218 -44.57 6.89 54.72
N ILE P 219 -44.68 8.21 54.57
CA ILE P 219 -43.82 9.16 55.26
C ILE P 219 -44.66 9.89 56.30
N PRO P 220 -44.31 9.80 57.59
CA PRO P 220 -45.18 10.34 58.64
C PRO P 220 -45.47 11.84 58.57
N ASN P 221 -44.49 12.63 58.15
CA ASN P 221 -44.54 14.09 58.29
C ASN P 221 -44.84 14.80 56.98
N VAL P 222 -45.75 14.25 56.17
CA VAL P 222 -46.09 14.86 54.89
C VAL P 222 -47.18 15.91 55.10
N LYS P 223 -46.96 17.11 54.56
CA LYS P 223 -47.94 18.19 54.56
C LYS P 223 -48.37 18.47 53.13
N HIS P 224 -49.69 18.61 52.93
CA HIS P 224 -50.26 18.75 51.60
C HIS P 224 -51.06 20.03 51.51
N THR P 225 -51.04 20.65 50.32
CA THR P 225 -51.76 21.89 50.08
C THR P 225 -52.11 21.97 48.60
N ILE P 226 -53.38 22.23 48.31
CA ILE P 226 -53.88 22.30 46.94
C ILE P 226 -54.45 23.69 46.69
N LEU P 227 -54.05 24.29 45.57
CA LEU P 227 -54.49 25.63 45.20
C LEU P 227 -55.84 25.57 44.49
N GLY P 228 -56.64 26.61 44.68
CA GLY P 228 -57.94 26.70 44.05
C GLY P 228 -59.06 27.00 45.04
N GLU P 229 -60.24 27.32 44.53
CA GLU P 229 -61.38 27.56 45.39
C GLU P 229 -61.85 26.26 46.03
N SER P 230 -62.33 26.37 47.26
CA SER P 230 -62.83 25.20 47.99
C SER P 230 -64.18 24.77 47.43
N PRO P 231 -64.33 23.52 47.00
CA PRO P 231 -65.65 23.05 46.55
C PRO P 231 -66.64 22.99 47.71
N ASN P 232 -66.29 22.29 48.78
CA ASN P 232 -67.10 22.23 49.99
C ASN P 232 -66.26 22.65 51.19
N VAL P 233 -66.63 23.78 51.79
CA VAL P 233 -65.87 24.32 52.91
C VAL P 233 -66.20 23.56 54.19
N ASP P 234 -67.44 23.07 54.31
CA ASP P 234 -67.90 22.47 55.56
C ASP P 234 -67.22 21.14 55.87
N SER P 235 -66.42 20.59 54.96
CA SER P 235 -65.67 19.38 55.25
C SER P 235 -64.70 19.62 56.40
N LEU P 236 -64.56 18.63 57.27
CA LEU P 236 -63.76 18.75 58.48
C LEU P 236 -62.65 17.71 58.50
N GLU P 237 -61.58 18.02 59.21
CA GLU P 237 -60.44 17.13 59.38
C GLU P 237 -60.49 16.49 60.75
N LYS P 238 -60.15 15.21 60.83
CA LYS P 238 -60.20 14.46 62.07
C LYS P 238 -58.79 14.34 62.65
N LYS P 239 -58.71 14.10 63.96
CA LYS P 239 -57.44 13.98 64.66
C LYS P 239 -57.26 12.55 65.15
N GLN P 240 -56.04 12.03 64.94
CA GLN P 240 -55.63 10.73 65.42
C GLN P 240 -54.18 10.81 65.85
N GLN P 241 -53.73 9.80 66.60
CA GLN P 241 -52.37 9.77 67.08
C GLN P 241 -51.38 9.69 65.92
N LYS P 242 -50.18 10.18 66.15
CA LYS P 242 -49.13 10.10 65.15
C LYS P 242 -48.58 8.67 65.08
N GLY P 243 -48.01 8.31 63.94
CA GLY P 243 -47.51 6.97 63.74
C GLY P 243 -48.01 6.34 62.46
N GLU P 244 -49.24 6.66 62.09
CA GLU P 244 -49.79 6.16 60.83
C GLU P 244 -49.14 6.86 59.65
N LEU P 245 -49.07 6.14 58.54
CA LEU P 245 -48.48 6.68 57.32
C LEU P 245 -49.42 7.70 56.68
N TYR P 246 -48.83 8.65 55.96
CA TYR P 246 -49.61 9.64 55.23
C TYR P 246 -50.42 8.98 54.13
N SER P 247 -51.63 9.51 53.91
CA SER P 247 -52.52 9.01 52.87
C SER P 247 -53.04 10.18 52.05
N GLU P 248 -53.46 9.88 50.82
CA GLU P 248 -53.83 10.93 49.87
C GLU P 248 -55.12 11.65 50.24
N GLU P 249 -55.92 11.08 51.15
CA GLU P 249 -57.23 11.67 51.45
C GLU P 249 -57.13 12.97 52.22
N TYR P 250 -55.99 13.23 52.86
CA TYR P 250 -55.85 14.38 53.75
C TYR P 250 -55.22 15.54 52.98
N TYR P 251 -55.84 16.71 53.06
CA TYR P 251 -55.36 17.89 52.35
C TYR P 251 -55.89 19.15 53.03
N CYS P 252 -55.50 20.30 52.49
CA CYS P 252 -55.92 21.60 52.99
C CYS P 252 -55.93 22.58 51.84
N TYR P 253 -56.65 23.69 52.03
CA TYR P 253 -56.83 24.71 51.00
C TYR P 253 -56.28 26.05 51.47
N LYS P 254 -55.93 26.89 50.49
CA LYS P 254 -55.37 28.20 50.76
C LYS P 254 -55.49 29.07 49.52
N LYS P 255 -55.82 30.35 49.73
CA LYS P 255 -55.88 31.34 48.66
C LYS P 255 -54.90 32.46 48.97
N ILE P 256 -54.12 32.84 47.97
CA ILE P 256 -53.02 33.78 48.19
C ILE P 256 -53.55 35.21 48.22
N PRO P 257 -53.21 36.00 49.25
CA PRO P 257 -53.55 37.42 49.21
C PRO P 257 -52.69 38.16 48.19
N TYR P 258 -53.20 39.30 47.73
CA TYR P 258 -52.50 40.06 46.70
C TYR P 258 -51.58 41.13 47.27
N GLN P 259 -51.77 41.52 48.53
CA GLN P 259 -50.97 42.58 49.12
C GLN P 259 -49.57 42.11 49.52
N ALA P 260 -49.28 40.81 49.44
CA ALA P 260 -47.99 40.28 49.83
C ALA P 260 -47.04 40.12 48.65
N LEU P 261 -47.44 40.56 47.45
CA LEU P 261 -46.54 40.47 46.31
C LEU P 261 -45.37 41.42 46.40
N GLY P 262 -45.46 42.48 47.20
CA GLY P 262 -44.39 43.44 47.34
C GLY P 262 -44.58 44.64 46.42
N PHE P 263 -43.80 45.69 46.71
CA PHE P 263 -43.88 46.91 45.93
C PHE P 263 -43.59 46.65 44.47
N ALA P 264 -42.47 45.98 44.18
CA ALA P 264 -42.16 45.59 42.81
C ALA P 264 -43.03 44.43 42.33
N GLY P 265 -43.53 43.62 43.26
CA GLY P 265 -44.41 42.53 42.87
C GLY P 265 -45.67 43.02 42.21
N LEU P 266 -46.28 44.06 42.78
CA LEU P 266 -47.43 44.69 42.13
C LEU P 266 -47.04 45.49 40.90
N ILE P 267 -45.76 45.79 40.70
CA ILE P 267 -45.33 46.63 39.59
C ILE P 267 -45.07 45.81 38.34
N LYS P 268 -44.31 44.71 38.46
CA LYS P 268 -43.87 43.99 37.28
C LYS P 268 -44.95 43.10 36.68
N LEU P 269 -46.05 42.88 37.40
CA LEU P 269 -47.11 42.04 36.85
C LEU P 269 -47.81 42.70 35.67
N LEU P 270 -47.89 44.04 35.65
CA LEU P 270 -48.47 44.77 34.53
C LEU P 270 -47.41 45.56 33.77
N ARG P 271 -46.20 45.68 34.31
CA ARG P 271 -44.98 46.21 33.70
C ARG P 271 -45.24 47.38 32.74
N PRO P 272 -45.70 48.52 33.23
CA PRO P 272 -45.88 49.67 32.35
C PRO P 272 -44.55 50.27 31.92
N SER P 273 -44.62 51.18 30.95
CA SER P 273 -43.42 51.83 30.45
C SER P 273 -42.70 52.58 31.56
N ASP P 274 -41.37 52.44 31.60
CA ASP P 274 -40.54 53.01 32.65
C ASP P 274 -39.90 54.34 32.25
N LYS P 275 -40.48 55.06 31.30
CA LYS P 275 -39.94 56.33 30.83
C LYS P 275 -40.75 57.52 31.32
N THR P 276 -42.07 57.44 31.25
CA THR P 276 -42.95 58.46 31.82
C THR P 276 -44.03 57.91 32.74
N GLN P 277 -44.50 56.68 32.53
CA GLN P 277 -45.59 56.14 33.32
C GLN P 277 -45.12 55.67 34.69
N LEU P 278 -43.82 55.44 34.87
CA LEU P 278 -43.32 54.92 36.14
C LEU P 278 -43.60 55.85 37.31
N PRO P 279 -43.37 57.17 37.22
CA PRO P 279 -43.81 58.04 38.33
C PRO P 279 -45.30 57.99 38.57
N ALA P 280 -46.12 57.82 37.52
CA ALA P 280 -47.56 57.70 37.71
C ALA P 280 -47.91 56.47 38.54
N LEU P 281 -47.29 55.33 38.21
CA LEU P 281 -47.55 54.12 38.99
C LEU P 281 -47.03 54.25 40.41
N ARG P 282 -45.88 54.92 40.59
CA ARG P 282 -45.36 55.15 41.93
C ARG P 282 -46.32 56.02 42.75
N ASN P 283 -46.87 57.06 42.12
CA ASN P 283 -47.87 57.88 42.79
C ASN P 283 -49.11 57.07 43.16
N ALA P 284 -49.58 56.22 42.25
CA ALA P 284 -50.76 55.42 42.51
C ALA P 284 -50.53 54.47 43.68
N LEU P 285 -49.37 53.81 43.70
CA LEU P 285 -49.07 52.87 44.78
C LEU P 285 -48.68 53.57 46.08
N SER P 286 -48.31 54.85 46.01
CA SER P 286 -47.98 55.59 47.23
C SER P 286 -49.20 55.75 48.12
N ALA P 287 -50.33 56.11 47.52
CA ALA P 287 -51.57 56.30 48.27
C ALA P 287 -52.41 55.02 48.26
N ILE P 288 -51.78 53.93 48.68
CA ILE P 288 -52.51 52.69 48.89
C ILE P 288 -52.76 52.45 50.38
N ASN P 289 -51.90 53.02 51.23
CA ASN P 289 -52.03 52.87 52.67
C ASN P 289 -53.23 53.63 53.25
N ARG P 290 -53.52 54.82 52.74
CA ARG P 290 -54.64 55.62 53.23
C ARG P 290 -55.68 55.79 52.12
N THR P 291 -56.89 55.31 52.37
CA THR P 291 -58.01 55.43 51.45
C THR P 291 -59.30 55.07 52.18
N HIS P 292 -60.32 55.90 52.05
CA HIS P 292 -61.58 55.73 52.77
C HIS P 292 -62.60 55.06 51.87
N PHE P 293 -63.26 54.03 52.40
CA PHE P 293 -64.24 53.26 51.65
C PHE P 293 -65.20 52.64 52.64
N LYS P 294 -66.49 52.93 52.49
CA LYS P 294 -67.51 52.43 53.41
C LYS P 294 -68.40 51.37 52.76
N SER P 295 -69.17 51.74 51.73
CA SER P 295 -69.99 50.78 51.02
C SER P 295 -69.59 50.66 49.55
N ARG P 296 -69.59 51.76 48.80
CA ARG P 296 -69.25 51.73 47.39
C ARG P 296 -68.40 52.91 46.93
N ASN P 297 -68.13 53.88 47.78
CA ASN P 297 -67.46 55.12 47.37
C ASN P 297 -65.98 55.04 47.71
N ILE P 298 -65.15 55.42 46.73
CA ILE P 298 -63.70 55.43 46.89
C ILE P 298 -63.23 56.88 47.00
N TYR P 299 -62.63 57.22 48.13
CA TYR P 299 -62.18 58.58 48.40
C TYR P 299 -61.12 58.50 49.50
N LEU P 300 -60.48 59.64 49.78
CA LEU P 300 -59.33 59.67 50.68
C LEU P 300 -59.58 60.66 51.81
N GLU P 301 -59.00 60.36 52.97
CA GLU P 301 -59.05 61.24 54.13
C GLU P 301 -57.68 61.28 54.77
N LYS P 302 -57.20 62.49 55.08
CA LYS P 302 -55.90 62.68 55.70
C LYS P 302 -56.00 63.11 57.16
N ASP P 303 -56.99 63.92 57.49
CA ASP P 303 -57.13 64.46 58.84
C ASP P 303 -58.61 64.57 59.18
N ASP P 304 -58.90 64.81 60.46
CA ASP P 304 -60.30 64.94 60.89
C ASP P 304 -60.91 66.23 60.37
N GLY P 305 -60.21 67.36 60.53
CA GLY P 305 -60.70 68.62 60.05
C GLY P 305 -60.63 68.74 58.54
N GLU P 306 -61.48 69.61 58.00
CA GLU P 306 -61.62 69.77 56.55
C GLU P 306 -61.95 68.42 55.90
N THR P 307 -63.17 67.95 56.16
CA THR P 307 -63.66 66.69 55.61
C THR P 307 -64.47 66.96 54.36
N PHE P 308 -64.26 66.14 53.34
CA PHE P 308 -64.91 66.33 52.05
C PHE P 308 -65.33 64.97 51.50
N LEU P 309 -66.44 64.96 50.76
CA LEU P 309 -66.90 63.78 50.05
C LEU P 309 -66.41 63.88 48.61
N LEU P 310 -65.43 63.04 48.26
CA LEU P 310 -64.76 63.11 46.97
C LEU P 310 -65.55 62.28 45.96
N TYR P 311 -66.31 62.97 45.11
CA TYR P 311 -67.17 62.34 44.10
C TYR P 311 -66.73 62.85 42.73
N ASP P 312 -65.84 62.10 42.08
CA ASP P 312 -65.31 62.49 40.77
C ASP P 312 -66.19 61.88 39.67
N ASP P 313 -67.22 62.64 39.31
CA ASP P 313 -68.16 62.23 38.27
C ASP P 313 -68.30 63.29 37.18
N CYS P 314 -67.24 64.06 36.91
CA CYS P 314 -67.26 65.19 35.97
C CYS P 314 -68.28 66.24 36.39
N ARG P 315 -68.41 66.44 37.71
CA ARG P 315 -69.32 67.44 38.26
C ARG P 315 -68.62 68.36 39.24
N ASP P 316 -67.72 67.80 40.07
CA ASP P 316 -67.21 68.54 41.21
C ASP P 316 -66.04 69.47 40.86
N THR P 317 -65.45 69.31 39.68
CA THR P 317 -64.30 70.08 39.19
C THR P 317 -63.36 70.54 40.31
N ASN P 318 -63.13 71.84 40.44
CA ASN P 318 -62.29 72.42 41.49
C ASN P 318 -60.90 71.80 41.49
N GLN P 319 -60.20 71.98 40.38
CA GLN P 319 -58.91 71.34 40.16
C GLN P 319 -57.75 72.10 40.82
N SER P 320 -58.01 73.30 41.36
CA SER P 320 -56.97 74.08 42.02
C SER P 320 -56.93 73.89 43.53
N LYS P 321 -57.86 73.14 44.10
CA LYS P 321 -57.92 72.99 45.56
C LYS P 321 -57.98 71.53 45.98
N LEU P 322 -57.23 70.67 45.29
CA LEU P 322 -57.10 69.27 45.67
C LEU P 322 -55.64 68.89 45.83
N ALA P 323 -54.85 69.80 46.39
CA ALA P 323 -53.41 69.59 46.57
C ALA P 323 -52.98 70.05 47.96
N GLU P 324 -53.77 69.76 48.97
CA GLU P 324 -53.41 70.17 50.32
C GLU P 324 -53.24 68.99 51.27
N TRP P 325 -54.15 68.01 51.23
CA TRP P 325 -54.02 66.80 52.05
C TRP P 325 -53.25 65.69 51.35
N LEU P 326 -52.42 66.03 50.35
CA LEU P 326 -51.70 65.07 49.54
C LEU P 326 -50.30 64.76 50.06
N ASP P 327 -49.93 65.25 51.25
CA ASP P 327 -48.54 65.19 51.68
C ASP P 327 -48.29 64.22 52.84
N LEU P 328 -49.31 63.60 53.41
CA LEU P 328 -49.11 62.60 54.46
C LEU P 328 -50.12 61.46 54.33
N ARG P 336 -56.40 56.66 60.93
CA ARG P 336 -56.87 55.51 61.69
C ARG P 336 -57.26 54.37 60.76
N THR P 337 -56.60 54.28 59.61
CA THR P 337 -56.89 53.22 58.66
C THR P 337 -56.44 51.87 59.22
N ASN P 338 -57.36 50.91 59.25
CA ASN P 338 -57.08 49.58 59.75
C ASN P 338 -57.57 48.48 58.81
N VAL P 339 -57.89 48.82 57.56
CA VAL P 339 -58.43 47.86 56.61
C VAL P 339 -57.62 47.93 55.32
N TRP P 340 -57.65 46.82 54.58
CA TRP P 340 -56.97 46.75 53.29
C TRP P 340 -57.98 47.02 52.18
N PRO P 341 -57.79 48.07 51.38
CA PRO P 341 -58.76 48.39 50.33
C PRO P 341 -58.81 47.30 49.27
N PRO P 342 -59.94 47.14 48.59
CA PRO P 342 -60.05 46.11 47.56
C PRO P 342 -59.16 46.44 46.35
N PHE P 343 -59.04 45.44 45.48
CA PHE P 343 -58.05 45.50 44.40
C PHE P 343 -58.33 46.61 43.39
N LYS P 344 -59.58 47.08 43.29
CA LYS P 344 -59.92 48.15 42.35
C LYS P 344 -59.37 49.51 42.74
N SER P 345 -58.72 49.61 43.91
CA SER P 345 -58.19 50.89 44.36
C SER P 345 -57.17 51.44 43.38
N LEU P 346 -56.31 50.58 42.84
CA LEU P 346 -55.32 51.05 41.87
C LEU P 346 -55.99 51.63 40.64
N ALA P 347 -57.03 50.96 40.14
CA ALA P 347 -57.75 51.47 38.97
C ALA P 347 -58.41 52.81 39.28
N THR P 348 -59.04 52.93 40.45
CA THR P 348 -59.69 54.19 40.80
C THR P 348 -58.66 55.32 40.91
N LEU P 349 -57.51 55.05 41.53
CA LEU P 349 -56.51 56.09 41.68
C LEU P 349 -55.90 56.49 40.35
N VAL P 350 -55.62 55.52 39.47
CA VAL P 350 -55.05 55.87 38.18
C VAL P 350 -56.09 56.60 37.33
N ALA P 351 -57.37 56.33 37.55
CA ALA P 351 -58.42 57.14 36.94
C ALA P 351 -58.40 58.57 37.48
N GLU P 352 -58.17 58.73 38.78
CA GLU P 352 -58.09 60.06 39.37
C GLU P 352 -56.83 60.79 38.90
N PHE P 353 -55.69 60.11 38.94
CA PHE P 353 -54.45 60.74 38.48
C PHE P 353 -54.36 60.82 36.97
N GLY P 354 -55.27 60.14 36.25
CA GLY P 354 -55.22 60.12 34.81
C GLY P 354 -55.71 61.36 34.11
N CYS P 355 -56.24 62.34 34.85
CA CYS P 355 -56.71 63.58 34.26
C CYS P 355 -55.69 64.70 34.44
N VAL P 374 -51.52 56.57 27.57
CA VAL P 374 -51.96 56.25 28.92
C VAL P 374 -53.17 55.33 28.89
N LEU P 375 -53.77 55.20 27.71
CA LEU P 375 -54.92 54.33 27.50
C LEU P 375 -54.60 52.86 27.78
N PRO P 376 -53.50 52.28 27.27
CA PRO P 376 -53.26 50.85 27.51
C PRO P 376 -53.04 50.48 28.96
N LEU P 377 -52.72 51.46 29.83
CA LEU P 377 -52.42 51.13 31.22
C LEU P 377 -53.66 50.66 31.99
N VAL P 378 -54.84 51.12 31.59
CA VAL P 378 -56.04 50.84 32.36
C VAL P 378 -56.81 49.68 31.75
N LYS P 379 -56.65 49.47 30.44
CA LYS P 379 -57.38 48.39 29.79
C LYS P 379 -56.95 47.02 30.31
N ILE P 380 -55.66 46.85 30.59
CA ILE P 380 -55.18 45.60 31.14
C ILE P 380 -55.78 45.36 32.52
N ILE P 381 -55.81 46.41 33.34
CA ILE P 381 -56.41 46.29 34.68
C ILE P 381 -57.88 45.90 34.56
N GLN P 382 -58.60 46.53 33.64
CA GLN P 382 -60.02 46.23 33.48
C GLN P 382 -60.25 44.81 32.97
N GLN P 383 -59.42 44.37 32.03
CA GLN P 383 -59.53 43.00 31.54
C GLN P 383 -59.27 41.99 32.64
N LEU P 384 -58.22 42.23 33.45
CA LEU P 384 -57.91 41.31 34.54
C LEU P 384 -59.01 41.32 35.60
N ALA P 385 -59.61 42.49 35.85
CA ALA P 385 -60.74 42.56 36.77
C ALA P 385 -61.92 41.76 36.23
N GLU P 386 -62.17 41.85 34.92
CA GLU P 386 -63.20 41.03 34.29
C GLU P 386 -62.78 39.59 34.10
N ASP P 387 -61.51 39.28 34.31
CA ASP P 387 -61.04 37.90 34.17
C ASP P 387 -61.59 37.03 35.29
N ILE P 388 -61.76 35.75 34.99
CA ILE P 388 -62.30 34.78 35.93
C ILE P 388 -61.22 33.84 36.45
N ARG P 389 -60.22 33.51 35.62
CA ARG P 389 -59.19 32.57 36.02
C ARG P 389 -58.33 33.13 37.14
N PHE P 390 -57.86 34.37 36.98
CA PHE P 390 -56.91 34.94 37.93
C PHE P 390 -57.53 35.10 39.31
N LYS P 391 -58.79 35.54 39.37
CA LYS P 391 -59.42 35.79 40.67
C LYS P 391 -59.69 34.51 41.43
N SER P 392 -59.67 33.35 40.77
CA SER P 392 -59.96 32.08 41.44
C SER P 392 -58.78 31.57 42.24
N ILE P 393 -57.60 32.15 42.08
CA ILE P 393 -56.40 31.70 42.79
C ILE P 393 -55.96 32.72 43.82
N VAL P 394 -56.09 34.01 43.52
CA VAL P 394 -55.69 35.08 44.42
C VAL P 394 -56.91 35.63 45.13
N ASN P 395 -56.80 35.80 46.45
CA ASN P 395 -57.84 36.43 47.25
C ASN P 395 -57.68 37.94 47.14
N LEU P 396 -58.49 38.56 46.29
CA LEU P 396 -58.35 39.98 45.96
C LEU P 396 -59.56 40.81 46.36
N ASN P 397 -60.45 40.27 47.21
CA ASN P 397 -61.58 41.05 47.68
C ASN P 397 -61.19 42.15 48.66
N GLY P 398 -59.97 42.12 49.19
CA GLY P 398 -59.56 43.12 50.15
C GLY P 398 -60.15 42.89 51.52
N GLY P 399 -60.05 43.92 52.36
CA GLY P 399 -60.62 43.87 53.69
C GLY P 399 -59.82 43.03 54.67
N GLY P 400 -58.60 43.47 54.99
CA GLY P 400 -57.81 42.82 56.00
C GLY P 400 -57.26 43.84 56.98
N GLU P 401 -56.98 43.36 58.19
CA GLU P 401 -56.50 44.24 59.25
C GLU P 401 -55.17 44.86 58.88
N LEU P 402 -55.04 46.16 59.11
CA LEU P 402 -53.86 46.92 58.72
C LEU P 402 -53.24 47.56 59.96
N ALA P 403 -51.92 47.47 60.06
CA ALA P 403 -51.19 47.94 61.22
C ALA P 403 -50.59 49.31 60.99
N ASP P 404 -49.92 49.84 62.02
CA ASP P 404 -49.31 51.15 61.99
C ASP P 404 -47.82 51.03 61.69
N GLY P 405 -47.15 52.17 61.56
CA GLY P 405 -45.73 52.23 61.31
C GLY P 405 -45.34 52.33 59.85
N GLY P 406 -46.26 52.05 58.93
CA GLY P 406 -45.98 52.14 57.52
C GLY P 406 -45.16 51.00 56.95
N THR P 407 -44.91 49.94 57.73
CA THR P 407 -44.09 48.82 57.32
C THR P 407 -44.87 47.52 57.30
N HIS P 408 -46.18 47.60 57.01
CA HIS P 408 -47.03 46.42 56.97
C HIS P 408 -46.62 45.45 55.86
N TRP P 409 -45.99 45.96 54.81
CA TRP P 409 -45.50 45.09 53.74
C TRP P 409 -44.51 44.07 54.29
N ASP P 410 -43.71 44.45 55.28
CA ASP P 410 -42.74 43.53 55.85
C ASP P 410 -43.43 42.34 56.51
N LYS P 411 -44.46 42.61 57.33
CA LYS P 411 -45.19 41.53 57.97
C LYS P 411 -45.93 40.67 56.95
N ALA P 412 -46.54 41.31 55.95
CA ALA P 412 -47.25 40.56 54.92
C ALA P 412 -46.32 39.62 54.17
N MET P 413 -45.14 40.12 53.78
CA MET P 413 -44.17 39.28 53.08
C MET P 413 -43.62 38.19 53.98
N SER P 414 -43.36 38.50 55.25
CA SER P 414 -42.86 37.49 56.17
C SER P 414 -43.88 36.38 56.38
N ASP P 415 -45.17 36.72 56.38
CA ASP P 415 -46.19 35.68 56.48
C ASP P 415 -46.32 34.89 55.17
N GLU P 416 -46.18 35.58 54.03
CA GLU P 416 -46.39 34.90 52.75
C GLU P 416 -45.25 33.94 52.42
N VAL P 417 -44.00 34.34 52.70
CA VAL P 417 -42.87 33.48 52.39
C VAL P 417 -42.92 32.21 53.23
N ASP P 418 -43.40 32.30 54.46
CA ASP P 418 -43.63 31.11 55.27
C ASP P 418 -44.82 30.34 54.70
N TYR P 419 -45.11 29.18 55.30
CA TYR P 419 -46.19 28.28 54.91
C TYR P 419 -45.96 27.65 53.54
N PHE P 420 -44.89 27.99 52.85
CA PHE P 420 -44.53 27.41 51.57
C PHE P 420 -43.12 26.86 51.49
N PHE P 421 -42.16 27.51 52.13
CA PHE P 421 -40.75 27.17 52.01
C PHE P 421 -40.04 26.89 53.32
N GLY P 422 -40.66 27.18 54.46
CA GLY P 422 -40.04 26.90 55.74
C GLY P 422 -39.99 28.09 56.67
N LYS P 423 -39.99 27.82 57.97
CA LYS P 423 -39.94 28.86 58.97
C LYS P 423 -38.49 29.27 59.23
N GLU P 424 -38.28 30.06 60.27
CA GLU P 424 -36.96 30.38 60.78
C GLU P 424 -36.42 29.19 61.59
N LYS P 425 -35.09 29.05 61.61
CA LYS P 425 -34.51 27.95 62.36
C LYS P 425 -34.64 28.14 63.87
N GLY P 426 -34.89 29.36 64.32
CA GLY P 426 -35.15 29.57 65.74
C GLY P 426 -36.44 28.91 66.19
N GLN P 427 -37.47 28.96 65.36
CA GLN P 427 -38.75 28.34 65.67
C GLN P 427 -38.73 26.88 65.23
N GLU P 428 -39.87 26.21 65.33
CA GLU P 428 -39.99 24.79 64.99
C GLU P 428 -41.01 24.59 63.89
N ASN P 429 -40.65 23.78 62.91
CA ASN P 429 -41.53 23.44 61.79
C ASN P 429 -42.02 22.01 61.98
N ASP P 430 -43.33 21.83 61.89
CA ASP P 430 -43.93 20.53 62.15
C ASP P 430 -43.96 19.61 60.93
N TRP P 431 -43.63 20.13 59.74
CA TRP P 431 -43.70 19.36 58.52
C TRP P 431 -42.33 19.28 57.85
N ASN P 432 -42.08 18.16 57.18
CA ASN P 432 -40.85 17.95 56.44
C ASN P 432 -41.07 17.75 54.95
N VAL P 433 -42.31 17.52 54.51
CA VAL P 433 -42.65 17.41 53.10
C VAL P 433 -43.77 18.40 52.79
N HIS P 434 -43.60 19.14 51.69
CA HIS P 434 -44.58 20.16 51.30
C HIS P 434 -44.83 20.03 49.81
N ILE P 435 -46.06 19.67 49.44
CA ILE P 435 -46.45 19.49 48.05
C ILE P 435 -47.45 20.58 47.68
N VAL P 436 -47.19 21.26 46.57
CA VAL P 436 -48.07 22.30 46.05
C VAL P 436 -48.76 21.75 44.82
N ASN P 437 -50.07 21.56 44.92
CA ASN P 437 -50.86 21.02 43.81
C ASN P 437 -51.53 22.16 43.06
N MET P 438 -51.32 22.20 41.74
CA MET P 438 -51.78 23.30 40.90
C MET P 438 -52.51 22.76 39.68
N LYS P 439 -53.50 21.90 39.90
CA LYS P 439 -54.23 21.32 38.78
C LYS P 439 -55.06 22.37 38.04
N ASN P 440 -55.52 23.40 38.74
CA ASN P 440 -56.38 24.44 38.17
C ASN P 440 -55.61 25.76 38.09
N LEU P 441 -55.11 26.08 36.91
CA LEU P 441 -54.34 27.29 36.69
C LEU P 441 -54.30 27.60 35.20
N ALA P 442 -54.48 28.87 34.86
CA ALA P 442 -54.42 29.28 33.46
C ALA P 442 -53.02 29.13 32.91
N GLN P 443 -52.92 28.88 31.61
CA GLN P 443 -51.64 28.66 30.97
C GLN P 443 -51.01 29.92 30.40
N ASP P 444 -51.83 30.94 30.09
CA ASP P 444 -51.32 32.22 29.60
C ASP P 444 -51.01 33.20 30.73
N HIS P 445 -51.27 32.82 31.99
CA HIS P 445 -51.04 33.70 33.13
C HIS P 445 -50.11 33.11 34.16
N ALA P 446 -49.73 31.83 34.04
CA ALA P 446 -48.84 31.20 35.01
C ALA P 446 -47.47 31.87 35.12
N PRO P 447 -46.78 32.23 34.03
CA PRO P 447 -45.42 32.77 34.18
C PRO P 447 -45.33 33.97 35.10
N MET P 448 -46.31 34.88 35.05
CA MET P 448 -46.27 36.07 35.89
C MET P 448 -46.30 35.70 37.37
N LEU P 449 -47.27 34.88 37.77
CA LEU P 449 -47.39 34.52 39.18
C LEU P 449 -46.20 33.69 39.65
N LEU P 450 -45.74 32.75 38.82
CA LEU P 450 -44.62 31.91 39.21
C LEU P 450 -43.33 32.73 39.35
N SER P 451 -43.08 33.64 38.40
CA SER P 451 -41.93 34.53 38.52
C SER P 451 -42.06 35.44 39.73
N ALA P 452 -43.29 35.86 40.06
CA ALA P 452 -43.50 36.67 41.26
C ALA P 452 -43.12 35.89 42.51
N LEU P 453 -43.52 34.61 42.58
CA LEU P 453 -43.14 33.79 43.73
C LEU P 453 -41.63 33.62 43.80
N LEU P 454 -40.98 33.39 42.66
CA LEU P 454 -39.53 33.25 42.65
C LEU P 454 -38.86 34.53 43.11
N GLU P 455 -39.34 35.69 42.66
CA GLU P 455 -38.78 36.96 43.07
C GLU P 455 -38.98 37.19 44.56
N MET P 456 -40.14 36.81 45.09
CA MET P 456 -40.39 36.94 46.51
C MET P 456 -39.41 36.09 47.31
N PHE P 457 -39.16 34.86 46.85
CA PHE P 457 -38.19 34.00 47.53
C PHE P 457 -36.79 34.60 47.48
N ALA P 458 -36.41 35.14 46.31
CA ALA P 458 -35.09 35.75 46.18
C ALA P 458 -34.93 36.95 47.10
N GLU P 459 -35.98 37.77 47.21
CA GLU P 459 -35.93 38.92 48.10
C GLU P 459 -35.87 38.49 49.56
N ILE P 460 -36.62 37.44 49.93
CA ILE P 460 -36.64 37.04 51.33
C ILE P 460 -35.33 36.37 51.76
N LEU P 461 -34.65 35.65 50.86
CA LEU P 461 -33.35 35.07 51.23
C LEU P 461 -32.32 36.15 51.53
N PHE P 462 -32.51 37.36 51.00
CA PHE P 462 -31.56 38.43 51.29
C PHE P 462 -31.52 38.77 52.78
N ARG P 463 -32.68 38.77 53.44
CA ARG P 463 -32.72 39.14 54.84
C ARG P 463 -32.17 38.05 55.76
N ARG P 464 -32.47 36.78 55.47
CA ARG P 464 -32.15 35.71 56.41
C ARG P 464 -30.65 35.53 56.60
N GLY P 465 -29.86 35.92 55.60
CA GLY P 465 -28.41 35.84 55.78
C GLY P 465 -27.87 34.42 55.71
N GLN P 466 -26.70 34.25 56.31
CA GLN P 466 -25.96 32.99 56.28
C GLN P 466 -26.19 32.14 57.53
N GLU P 467 -26.06 32.72 58.72
CA GLU P 467 -26.20 31.94 59.95
C GLU P 467 -27.62 31.42 60.12
N ARG P 468 -28.61 32.20 59.74
CA ARG P 468 -30.02 31.88 60.00
C ARG P 468 -30.72 31.16 58.86
N SER P 469 -30.03 30.87 57.77
CA SER P 469 -30.63 30.08 56.70
C SER P 469 -30.51 28.59 56.98
N TYR P 470 -31.46 27.82 56.45
CA TYR P 470 -31.51 26.39 56.68
C TYR P 470 -31.51 25.64 55.35
N PRO P 471 -30.78 24.54 55.24
CA PRO P 471 -30.68 23.84 53.95
C PRO P 471 -32.04 23.38 53.45
N THR P 472 -32.29 23.60 52.16
CA THR P 472 -33.54 23.25 51.50
C THR P 472 -33.24 22.76 50.10
N VAL P 473 -34.20 22.01 49.54
CA VAL P 473 -34.13 21.55 48.16
C VAL P 473 -35.48 21.80 47.50
N LEU P 474 -35.44 22.31 46.27
CA LEU P 474 -36.64 22.60 45.50
C LEU P 474 -36.67 21.75 44.24
N LEU P 475 -37.85 21.26 43.88
CA LEU P 475 -38.04 20.46 42.68
C LEU P 475 -38.99 21.20 41.75
N LEU P 476 -38.61 21.32 40.48
CA LEU P 476 -39.36 22.07 39.49
C LEU P 476 -39.65 21.17 38.30
N GLU P 477 -40.90 21.17 37.85
CA GLU P 477 -41.33 20.29 36.76
C GLU P 477 -41.98 21.12 35.67
N GLU P 478 -41.64 20.82 34.42
CA GLU P 478 -41.85 21.72 33.28
C GLU P 478 -41.40 23.14 33.63
N ALA P 479 -40.11 23.24 33.96
CA ALA P 479 -39.52 24.50 34.42
C ALA P 479 -38.97 25.34 33.27
N HIS P 480 -39.45 25.12 32.05
CA HIS P 480 -39.05 25.93 30.90
C HIS P 480 -40.02 27.07 30.63
N HIS P 481 -41.04 27.24 31.47
CA HIS P 481 -41.99 28.34 31.33
C HIS P 481 -41.60 29.52 32.23
N TYR P 482 -41.47 29.28 33.53
CA TYR P 482 -41.14 30.31 34.50
C TYR P 482 -39.64 30.35 34.80
N LEU P 483 -38.81 29.91 33.85
CA LEU P 483 -37.37 30.08 33.95
C LEU P 483 -36.75 30.48 32.61
N ARG P 484 -37.50 31.18 31.76
CA ARG P 484 -37.03 31.53 30.43
C ARG P 484 -36.43 32.93 30.40
N LYS P 495 -32.22 38.53 36.78
CA LYS P 495 -32.54 39.64 37.68
C LYS P 495 -33.76 39.32 38.54
N ALA P 496 -34.59 38.39 38.07
CA ALA P 496 -35.78 37.98 38.82
C ALA P 496 -35.51 36.71 39.60
N TYR P 497 -35.27 35.60 38.90
CA TYR P 497 -34.89 34.34 39.52
C TYR P 497 -33.41 34.02 39.38
N GLU P 498 -32.67 34.83 38.62
CA GLU P 498 -31.24 34.58 38.42
C GLU P 498 -30.45 34.69 39.70
N ARG P 499 -30.95 35.44 40.69
CA ARG P 499 -30.24 35.56 41.96
C ARG P 499 -30.14 34.22 42.66
N LEU P 500 -31.20 33.40 42.60
CA LEU P 500 -31.15 32.08 43.21
C LEU P 500 -30.07 31.22 42.57
N ALA P 501 -30.05 31.17 41.24
CA ALA P 501 -29.07 30.33 40.55
C ALA P 501 -27.65 30.82 40.79
N LYS P 502 -27.45 32.14 40.78
CA LYS P 502 -26.10 32.68 40.85
C LYS P 502 -25.56 32.76 42.28
N GLU P 503 -26.44 32.80 43.28
CA GLU P 503 -26.01 33.00 44.66
C GLU P 503 -26.70 32.08 45.66
N GLY P 504 -27.71 31.31 45.25
CA GLY P 504 -28.41 30.46 46.19
C GLY P 504 -27.57 29.32 46.73
N ARG P 505 -26.42 29.05 46.11
CA ARG P 505 -25.53 28.02 46.62
C ARG P 505 -24.99 28.39 48.01
N LYS P 506 -24.63 29.67 48.20
CA LYS P 506 -24.08 30.09 49.49
C LYS P 506 -25.16 30.18 50.56
N PHE P 507 -26.43 30.26 50.16
CA PHE P 507 -27.55 30.39 51.10
C PHE P 507 -28.20 29.04 51.40
N LYS P 508 -27.52 27.94 51.01
CA LYS P 508 -28.03 26.59 51.21
C LYS P 508 -29.36 26.39 50.47
N CYS P 509 -29.29 26.51 49.15
CA CYS P 509 -30.43 26.27 48.29
C CYS P 509 -29.99 25.45 47.09
N SER P 510 -30.81 24.46 46.72
CA SER P 510 -30.53 23.58 45.59
C SER P 510 -31.78 23.46 44.74
N LEU P 511 -31.58 23.23 43.44
CA LEU P 511 -32.67 23.17 42.49
C LEU P 511 -32.52 21.94 41.60
N ILE P 512 -33.67 21.44 41.14
CA ILE P 512 -33.71 20.35 40.17
C ILE P 512 -34.58 20.82 39.01
N VAL P 513 -34.02 20.79 37.80
CA VAL P 513 -34.73 21.27 36.61
C VAL P 513 -35.24 20.06 35.84
N SER P 514 -36.55 20.03 35.62
CA SER P 514 -37.19 19.04 34.75
C SER P 514 -37.83 19.78 33.59
N THR P 515 -37.52 19.36 32.36
CA THR P 515 -38.00 20.05 31.17
C THR P 515 -37.87 19.12 29.99
N GLN P 516 -38.47 19.55 28.88
CA GLN P 516 -38.38 18.83 27.61
C GLN P 516 -37.84 19.69 26.48
N ARG P 517 -37.62 20.98 26.72
CA ARG P 517 -37.12 21.88 25.69
C ARG P 517 -35.92 22.64 26.23
N PRO P 518 -34.70 22.13 26.02
CA PRO P 518 -33.52 22.85 26.49
C PRO P 518 -33.39 24.24 25.91
N SER P 519 -33.89 24.47 24.69
CA SER P 519 -33.85 25.79 24.10
C SER P 519 -34.79 26.79 24.78
N GLU P 520 -35.77 26.30 25.55
CA GLU P 520 -36.68 27.17 26.28
C GLU P 520 -36.19 27.50 27.68
N LEU P 521 -35.04 26.96 28.10
CA LEU P 521 -34.43 27.32 29.37
C LEU P 521 -33.61 28.60 29.22
N SER P 522 -33.39 29.26 30.34
CA SER P 522 -32.48 30.39 30.34
C SER P 522 -31.06 29.89 30.19
N PRO P 523 -30.28 30.41 29.23
CA PRO P 523 -28.99 29.79 28.92
C PRO P 523 -27.97 29.84 30.05
N THR P 524 -28.15 30.72 31.03
CA THR P 524 -27.16 30.87 32.10
C THR P 524 -27.44 29.96 33.29
N VAL P 525 -28.54 29.21 33.29
CA VAL P 525 -28.82 28.31 34.41
C VAL P 525 -28.43 26.87 34.10
N LEU P 526 -28.42 26.48 32.82
CA LEU P 526 -28.03 25.12 32.47
C LEU P 526 -26.54 24.90 32.67
N ALA P 527 -25.72 25.91 32.36
CA ALA P 527 -24.28 25.80 32.55
C ALA P 527 -23.91 25.76 34.02
N MET P 528 -24.76 26.28 34.91
CA MET P 528 -24.47 26.27 36.33
C MET P 528 -24.66 24.90 36.95
N CYS P 529 -25.36 23.99 36.27
CA CYS P 529 -25.63 22.66 36.82
C CYS P 529 -24.35 21.83 36.77
N SER P 530 -23.90 21.39 37.94
CA SER P 530 -22.68 20.58 38.00
C SER P 530 -22.88 19.23 37.31
N ASN P 531 -24.02 18.59 37.52
CA ASN P 531 -24.31 17.30 36.91
C ASN P 531 -25.23 17.48 35.71
N TRP P 532 -25.44 16.38 34.98
CA TRP P 532 -26.30 16.42 33.81
C TRP P 532 -26.96 15.07 33.62
N PHE P 533 -28.05 15.08 32.86
CA PHE P 533 -28.75 13.88 32.41
C PHE P 533 -29.30 14.15 31.01
N SER P 534 -29.51 13.07 30.27
CA SER P 534 -30.01 13.21 28.90
C SER P 534 -30.66 11.91 28.46
N LEU P 535 -31.97 11.96 28.23
CA LEU P 535 -32.71 10.86 27.64
C LEU P 535 -32.91 11.13 26.15
N ARG P 536 -33.72 10.30 25.49
CA ARG P 536 -33.87 10.38 24.04
C ARG P 536 -34.38 11.75 23.63
N LEU P 537 -33.70 12.35 22.65
CA LEU P 537 -34.03 13.67 22.13
C LEU P 537 -33.68 13.70 20.65
N THR P 538 -34.68 13.87 19.81
CA THR P 538 -34.47 13.80 18.36
C THR P 538 -34.44 15.17 17.69
N ASN P 539 -34.93 16.21 18.35
CA ASN P 539 -34.86 17.54 17.75
C ASN P 539 -33.41 18.03 17.79
N GLU P 540 -32.88 18.41 16.63
CA GLU P 540 -31.46 18.74 16.53
C GLU P 540 -31.12 20.03 17.26
N ARG P 541 -32.07 20.97 17.31
CA ARG P 541 -31.82 22.25 17.97
C ARG P 541 -31.67 22.10 19.48
N ASP P 542 -32.31 21.10 20.08
CA ASP P 542 -32.10 20.83 21.50
C ASP P 542 -30.76 20.15 21.74
N LEU P 543 -30.40 19.18 20.89
CA LEU P 543 -29.13 18.49 21.04
C LEU P 543 -27.96 19.44 20.85
N GLN P 544 -28.06 20.36 19.90
CA GLN P 544 -27.00 21.35 19.70
C GLN P 544 -26.88 22.26 20.93
N ALA P 545 -28.01 22.67 21.51
CA ALA P 545 -27.96 23.48 22.72
C ALA P 545 -27.29 22.73 23.86
N LEU P 546 -27.57 21.43 23.99
CA LEU P 546 -26.89 20.63 25.01
C LEU P 546 -25.41 20.53 24.72
N ARG P 547 -25.03 20.29 23.45
CA ARG P 547 -23.63 20.16 23.10
C ARG P 547 -22.87 21.46 23.33
N TYR P 548 -23.57 22.59 23.28
CA TYR P 548 -22.95 23.86 23.65
C TYR P 548 -22.46 23.84 25.10
N ALA P 549 -22.98 22.95 25.93
CA ALA P 549 -22.52 22.75 27.29
C ALA P 549 -22.21 21.27 27.54
N MET P 550 -21.50 20.65 26.61
CA MET P 550 -21.17 19.23 26.67
C MET P 550 -19.69 19.06 26.99
N GLU P 551 -19.38 18.02 27.78
CA GLU P 551 -18.01 17.73 28.12
C GLU P 551 -17.25 17.26 26.87
N SER P 552 -16.04 17.76 26.69
CA SER P 552 -15.25 17.40 25.52
C SER P 552 -14.64 16.01 25.69
N GLY P 553 -14.42 15.34 24.56
CA GLY P 553 -13.82 14.03 24.54
C GLY P 553 -14.81 12.88 24.61
N ASN P 554 -16.09 13.17 24.87
CA ASN P 554 -17.13 12.15 24.98
C ASN P 554 -18.07 12.29 23.79
N GLU P 555 -17.87 11.44 22.78
CA GLU P 555 -18.66 11.48 21.56
C GLU P 555 -19.41 10.19 21.27
N GLN P 556 -18.86 9.04 21.65
CA GLN P 556 -19.54 7.77 21.39
C GLN P 556 -20.85 7.67 22.15
N ILE P 557 -20.88 8.14 23.40
CA ILE P 557 -22.11 8.07 24.18
C ILE P 557 -23.13 9.07 23.65
N LEU P 558 -22.69 10.15 23.00
CA LEU P 558 -23.61 11.13 22.46
C LEU P 558 -24.47 10.54 21.35
N LYS P 559 -23.92 9.62 20.57
CA LYS P 559 -24.69 8.95 19.53
C LYS P 559 -25.80 8.08 20.10
N GLN P 560 -25.66 7.58 21.33
CA GLN P 560 -26.78 6.89 21.95
C GLN P 560 -27.90 7.84 22.32
N ILE P 561 -27.56 9.09 22.65
CA ILE P 561 -28.56 10.04 23.12
C ILE P 561 -29.63 10.28 22.06
N SER P 562 -29.22 10.37 20.80
CA SER P 562 -30.18 10.49 19.71
C SER P 562 -31.01 9.23 19.54
N GLY P 563 -30.58 8.09 20.07
CA GLY P 563 -31.31 6.85 19.91
C GLY P 563 -31.44 6.02 21.18
N LEU P 564 -31.51 6.66 22.33
CA LEU P 564 -31.69 5.91 23.58
C LEU P 564 -33.08 5.31 23.63
N PRO P 565 -33.21 4.01 23.89
CA PRO P 565 -34.53 3.39 23.96
C PRO P 565 -35.33 3.83 25.18
N ARG P 566 -36.48 3.19 25.39
CA ARG P 566 -37.37 3.57 26.50
C ARG P 566 -36.66 3.38 27.83
N GLY P 567 -36.61 4.46 28.62
CA GLY P 567 -36.09 4.39 29.98
C GLY P 567 -34.60 4.21 30.11
N ASP P 568 -33.80 4.84 29.25
CA ASP P 568 -32.35 4.77 29.33
C ASP P 568 -31.79 6.17 29.50
N ALA P 569 -30.77 6.30 30.37
CA ALA P 569 -30.20 7.58 30.71
C ALA P 569 -28.68 7.54 30.58
N VAL P 570 -28.10 8.70 30.31
CA VAL P 570 -26.66 8.87 30.19
C VAL P 570 -26.22 9.81 31.30
N ALA P 571 -25.28 9.36 32.14
CA ALA P 571 -24.84 10.10 33.31
C ALA P 571 -23.40 10.54 33.12
N PHE P 572 -23.16 11.85 33.16
CA PHE P 572 -21.82 12.40 33.06
C PHE P 572 -21.75 13.67 33.89
N GLY P 573 -20.73 13.79 34.73
CA GLY P 573 -20.63 14.93 35.61
C GLY P 573 -19.55 14.73 36.65
N SER P 574 -19.65 15.52 37.73
CA SER P 574 -18.64 15.55 38.78
C SER P 574 -18.96 14.61 39.94
N ALA P 575 -20.04 13.83 39.85
CA ALA P 575 -20.39 12.88 40.89
C ALA P 575 -20.28 11.43 40.43
N PHE P 576 -19.81 11.19 39.22
CA PHE P 576 -19.67 9.84 38.67
C PHE P 576 -18.20 9.58 38.33
N ASN P 577 -17.79 8.32 38.48
CA ASN P 577 -16.41 7.96 38.14
C ASN P 577 -16.14 8.17 36.65
N LEU P 578 -17.07 7.76 35.80
CA LEU P 578 -16.96 7.93 34.36
C LEU P 578 -18.34 7.74 33.76
N PRO P 579 -18.59 8.27 32.55
CA PRO P 579 -19.92 8.16 31.96
C PRO P 579 -20.38 6.72 31.80
N VAL P 580 -21.68 6.50 31.99
CA VAL P 580 -22.26 5.17 31.98
C VAL P 580 -23.70 5.26 31.49
N ARG P 581 -24.12 4.25 30.73
CA ARG P 581 -25.51 4.14 30.26
C ARG P 581 -26.30 3.37 31.31
N ILE P 582 -27.10 4.07 32.09
CA ILE P 582 -27.78 3.49 33.24
C ILE P 582 -29.15 2.97 32.82
N SER P 583 -29.53 1.80 33.34
CA SER P 583 -30.87 1.26 33.18
C SER P 583 -31.65 1.58 34.45
N ILE P 584 -32.45 2.65 34.41
CA ILE P 584 -33.23 3.05 35.57
C ILE P 584 -34.29 2.00 35.87
N ASN P 585 -34.44 1.68 37.16
CA ASN P 585 -35.38 0.67 37.60
C ASN P 585 -36.66 1.30 38.14
N GLN P 586 -37.78 0.65 37.87
CA GLN P 586 -39.08 1.21 38.24
C GLN P 586 -39.29 1.18 39.75
N ALA P 587 -39.88 2.25 40.27
CA ALA P 587 -40.20 2.37 41.68
C ALA P 587 -41.70 2.21 41.89
N ARG P 588 -42.07 1.50 42.95
CA ARG P 588 -43.46 1.25 43.28
C ARG P 588 -43.77 1.79 44.67
N PRO P 589 -44.82 2.60 44.83
CA PRO P 589 -45.77 3.08 43.82
C PRO P 589 -45.20 4.22 42.99
N GLY P 590 -45.77 4.50 41.82
CA GLY P 590 -45.26 5.53 40.96
C GLY P 590 -46.13 6.78 40.93
N PRO P 591 -46.09 7.50 39.82
CA PRO P 591 -46.88 8.72 39.67
C PRO P 591 -48.34 8.38 39.38
N LYS P 592 -49.13 9.44 39.15
CA LYS P 592 -50.55 9.26 38.86
C LYS P 592 -50.74 8.47 37.58
N SER P 593 -50.06 8.87 36.51
CA SER P 593 -50.16 8.23 35.20
C SER P 593 -51.62 8.11 34.76
N SER P 594 -52.28 9.27 34.71
CA SER P 594 -53.68 9.33 34.33
C SER P 594 -53.89 8.76 32.94
N ASP P 595 -53.44 9.49 31.91
CA ASP P 595 -53.55 9.08 30.52
C ASP P 595 -54.98 8.63 30.20
N ALA P 596 -55.89 9.58 30.26
CA ALA P 596 -57.30 9.28 30.08
C ALA P 596 -57.54 8.61 28.73
N VAL P 597 -58.35 7.56 28.73
CA VAL P 597 -58.61 6.75 27.55
C VAL P 597 -60.07 6.92 27.15
N PHE P 598 -60.29 7.20 25.88
CA PHE P 598 -61.63 7.53 25.39
C PHE P 598 -62.46 6.30 25.06
N SER P 599 -61.83 5.13 24.92
CA SER P 599 -62.57 3.91 24.64
C SER P 599 -63.43 3.48 25.83
N GLU P 600 -62.91 3.66 27.04
CA GLU P 600 -63.62 3.16 28.23
C GLU P 600 -64.91 3.92 28.50
N GLU P 601 -64.93 5.22 28.19
CA GLU P 601 -66.12 6.04 28.39
C GLU P 601 -67.04 6.05 27.18
N TRP P 602 -66.67 5.37 26.09
CA TRP P 602 -67.48 5.30 24.89
C TRP P 602 -68.00 3.89 24.64
N ALA P 603 -68.03 3.06 25.68
CA ALA P 603 -68.49 1.69 25.56
C ALA P 603 -69.99 1.61 25.32
N MET Q 1 -23.86 -34.92 -3.57
CA MET Q 1 -23.42 -34.88 -2.18
C MET Q 1 -24.08 -35.99 -1.35
N SER Q 2 -24.85 -35.60 -0.35
CA SER Q 2 -25.52 -36.53 0.54
C SER Q 2 -27.02 -36.24 0.55
N LEU Q 3 -27.78 -37.18 1.12
CA LEU Q 3 -29.23 -37.01 1.24
C LEU Q 3 -29.59 -36.02 2.35
N PHE Q 4 -28.79 -35.93 3.39
CA PHE Q 4 -29.07 -35.04 4.52
C PHE Q 4 -28.59 -33.64 4.18
N LYS Q 5 -29.51 -32.68 4.17
CA LYS Q 5 -29.21 -31.30 3.80
C LYS Q 5 -29.68 -30.37 4.91
N LEU Q 6 -28.88 -29.35 5.19
CA LEU Q 6 -29.18 -28.38 6.24
C LEU Q 6 -29.47 -26.99 5.69
N THR Q 7 -28.57 -26.41 4.91
CA THR Q 7 -28.70 -25.03 4.46
C THR Q 7 -29.30 -25.00 3.06
N GLU Q 8 -30.28 -24.13 2.85
CA GLU Q 8 -30.87 -23.88 1.53
C GLU Q 8 -31.22 -22.39 1.47
N ILE Q 9 -30.31 -21.61 0.90
CA ILE Q 9 -30.43 -20.15 0.92
C ILE Q 9 -29.54 -19.60 -0.19
N SER Q 10 -29.73 -18.31 -0.49
CA SER Q 10 -28.94 -17.64 -1.54
C SER Q 10 -28.50 -16.29 -0.99
N ALA Q 11 -27.29 -16.26 -0.42
CA ALA Q 11 -26.76 -15.05 0.18
C ALA Q 11 -26.40 -14.03 -0.91
N ILE Q 12 -26.54 -12.75 -0.56
CA ILE Q 12 -26.26 -11.67 -1.50
C ILE Q 12 -24.94 -10.98 -1.19
N GLY Q 13 -24.40 -11.13 0.02
CA GLY Q 13 -23.14 -10.50 0.36
C GLY Q 13 -22.70 -10.93 1.74
N TYR Q 14 -21.51 -10.46 2.12
CA TYR Q 14 -20.93 -10.78 3.42
C TYR Q 14 -20.34 -9.53 4.05
N VAL Q 15 -20.31 -9.50 5.37
CA VAL Q 15 -19.80 -8.36 6.12
C VAL Q 15 -18.28 -8.36 6.08
N VAL Q 16 -17.69 -7.17 5.93
CA VAL Q 16 -16.24 -7.07 5.80
C VAL Q 16 -15.68 -6.09 6.83
N GLY Q 17 -16.53 -5.24 7.40
CA GLY Q 17 -16.05 -4.27 8.36
C GLY Q 17 -17.17 -3.63 9.14
N LEU Q 18 -16.79 -3.05 10.28
CA LEU Q 18 -17.69 -2.28 11.12
C LEU Q 18 -17.01 -0.95 11.46
N GLU Q 19 -17.75 0.15 11.34
CA GLU Q 19 -17.19 1.48 11.52
C GLU Q 19 -18.10 2.34 12.38
N GLY Q 20 -18.53 1.81 13.52
CA GLY Q 20 -19.34 2.60 14.43
C GLY Q 20 -20.73 2.87 13.90
N GLU Q 21 -21.59 1.85 13.89
CA GLU Q 21 -22.92 1.91 13.31
C GLU Q 21 -22.87 2.04 11.78
N ARG Q 22 -21.74 1.65 11.20
CA ARG Q 22 -21.56 1.61 9.75
C ARG Q 22 -21.07 0.22 9.39
N ILE Q 23 -21.78 -0.44 8.46
CA ILE Q 23 -21.46 -1.80 8.05
C ILE Q 23 -21.13 -1.79 6.56
N ARG Q 24 -20.03 -2.43 6.19
CA ARG Q 24 -19.58 -2.53 4.81
C ARG Q 24 -19.85 -3.94 4.30
N ILE Q 25 -20.50 -4.03 3.14
CA ILE Q 25 -20.92 -5.30 2.57
C ILE Q 25 -20.36 -5.41 1.15
N ASN Q 26 -19.79 -6.57 0.84
CA ASN Q 26 -19.28 -6.87 -0.50
C ASN Q 26 -20.23 -7.88 -1.15
N LEU Q 27 -20.70 -7.55 -2.35
CA LEU Q 27 -21.71 -8.36 -3.04
C LEU Q 27 -21.04 -9.34 -4.00
N HIS Q 28 -21.65 -10.51 -4.16
CA HIS Q 28 -21.14 -11.49 -5.10
C HIS Q 28 -21.33 -11.01 -6.54
N GLU Q 29 -20.47 -11.51 -7.42
CA GLU Q 29 -20.48 -11.13 -8.82
C GLU Q 29 -21.11 -12.16 -9.74
N GLY Q 30 -21.04 -13.44 -9.39
CA GLY Q 30 -21.49 -14.48 -10.32
C GLY Q 30 -23.00 -14.60 -10.41
N LEU Q 31 -23.73 -13.85 -9.57
CA LEU Q 31 -25.18 -13.92 -9.56
C LEU Q 31 -25.76 -13.50 -10.90
N GLN Q 32 -26.40 -14.45 -11.60
CA GLN Q 32 -26.98 -14.17 -12.91
C GLN Q 32 -28.45 -13.81 -12.83
N GLY Q 33 -29.03 -13.75 -11.64
CA GLY Q 33 -30.42 -13.39 -11.47
C GLY Q 33 -30.82 -13.53 -10.02
N ARG Q 34 -32.14 -13.63 -9.83
CA ARG Q 34 -32.69 -13.78 -8.49
C ARG Q 34 -32.26 -15.09 -7.84
N LEU Q 35 -32.21 -16.18 -8.61
CA LEU Q 35 -31.83 -17.48 -8.08
C LEU Q 35 -30.33 -17.52 -7.80
N ALA Q 36 -29.90 -18.59 -7.16
CA ALA Q 36 -28.49 -18.78 -6.85
C ALA Q 36 -27.79 -19.54 -7.98
N VAL Q 42 -35.14 -12.17 -2.27
CA VAL Q 42 -36.45 -12.05 -2.89
C VAL Q 42 -36.35 -11.29 -4.21
N SER Q 43 -36.21 -9.97 -4.11
CA SER Q 43 -36.11 -9.10 -5.27
C SER Q 43 -34.65 -8.73 -5.52
N SER Q 44 -34.45 -7.80 -6.45
CA SER Q 44 -33.13 -7.29 -6.77
C SER Q 44 -32.88 -6.08 -5.88
N VAL Q 45 -31.82 -6.15 -5.08
CA VAL Q 45 -31.54 -5.08 -4.13
C VAL Q 45 -30.31 -4.32 -4.60
N THR Q 46 -30.53 -3.23 -5.33
CA THR Q 46 -29.47 -2.33 -5.75
C THR Q 46 -29.98 -0.89 -5.69
N GLN Q 47 -30.76 -0.56 -4.66
CA GLN Q 47 -31.35 0.75 -4.51
C GLN Q 47 -31.26 1.20 -3.07
N PRO Q 48 -30.81 2.43 -2.83
CA PRO Q 48 -30.82 2.97 -1.47
C PRO Q 48 -32.24 3.06 -0.93
N GLY Q 49 -32.37 2.91 0.38
CA GLY Q 49 -33.66 2.88 1.02
C GLY Q 49 -34.27 1.49 1.14
N ASP Q 50 -33.60 0.46 0.63
CA ASP Q 50 -34.10 -0.90 0.68
C ASP Q 50 -33.76 -1.53 2.03
N LEU Q 51 -34.33 -2.70 2.29
CA LEU Q 51 -34.16 -3.39 3.55
C LEU Q 51 -33.43 -4.71 3.36
N ILE Q 52 -32.46 -4.97 4.24
CA ILE Q 52 -31.70 -6.21 4.24
C ILE Q 52 -31.59 -6.72 5.68
N GLY Q 53 -31.26 -7.99 5.81
CA GLY Q 53 -31.15 -8.61 7.11
C GLY Q 53 -29.84 -9.36 7.26
N PHE Q 54 -29.41 -9.53 8.51
CA PHE Q 54 -28.15 -10.17 8.85
C PHE Q 54 -28.42 -11.38 9.74
N ASP Q 55 -27.90 -12.54 9.33
CA ASP Q 55 -28.06 -13.77 10.11
C ASP Q 55 -26.91 -13.88 11.10
N ALA Q 56 -27.23 -13.86 12.39
CA ALA Q 56 -26.24 -13.93 13.45
C ALA Q 56 -26.26 -15.28 14.18
N GLY Q 57 -26.88 -16.29 13.61
CA GLY Q 57 -26.96 -17.60 14.24
C GLY Q 57 -28.16 -17.82 15.13
N ASN Q 58 -28.39 -16.91 16.08
CA ASN Q 58 -29.53 -16.97 16.98
C ASN Q 58 -30.54 -15.86 16.74
N ILE Q 59 -30.08 -14.65 16.41
CA ILE Q 59 -30.96 -13.51 16.15
C ILE Q 59 -30.72 -13.03 14.72
N LEU Q 60 -31.68 -12.26 14.21
CA LEU Q 60 -31.65 -11.74 12.85
C LEU Q 60 -31.71 -10.22 12.92
N VAL Q 61 -30.56 -9.57 12.79
CA VAL Q 61 -30.50 -8.12 12.82
C VAL Q 61 -30.92 -7.57 11.46
N VAL Q 62 -31.83 -6.60 11.48
CA VAL Q 62 -32.30 -5.95 10.27
C VAL Q 62 -31.69 -4.56 10.17
N ALA Q 63 -31.58 -4.06 8.95
CA ALA Q 63 -30.90 -2.79 8.70
C ALA Q 63 -31.64 -2.05 7.59
N ARG Q 64 -31.03 -0.97 7.10
CA ARG Q 64 -31.64 -0.16 6.04
C ARG Q 64 -30.53 0.33 5.12
N VAL Q 65 -30.67 0.02 3.83
CA VAL Q 65 -29.66 0.41 2.84
C VAL Q 65 -29.62 1.93 2.73
N THR Q 66 -28.40 2.49 2.72
CA THR Q 66 -28.20 3.93 2.66
C THR Q 66 -27.55 4.40 1.37
N ASP Q 67 -26.38 3.87 1.03
CA ASP Q 67 -25.63 4.33 -0.13
C ASP Q 67 -25.22 3.12 -0.98
N MET Q 68 -24.61 3.42 -2.13
CA MET Q 68 -24.15 2.42 -3.09
C MET Q 68 -22.71 2.72 -3.47
N ALA Q 69 -22.13 1.82 -4.26
CA ALA Q 69 -20.75 2.00 -4.73
C ALA Q 69 -20.55 1.19 -5.99
N PHE Q 70 -19.57 1.61 -6.78
CA PHE Q 70 -19.21 0.92 -8.02
C PHE Q 70 -17.74 1.18 -8.32
N VAL Q 71 -17.16 0.27 -9.10
CA VAL Q 71 -15.75 0.39 -9.47
C VAL Q 71 -15.58 0.09 -10.96
N ILE Q 89 -11.33 -7.50 -12.13
CA ILE Q 89 -12.69 -7.85 -11.77
C ILE Q 89 -13.35 -6.73 -10.98
N PRO Q 90 -14.44 -6.18 -11.50
CA PRO Q 90 -15.13 -5.09 -10.81
C PRO Q 90 -15.79 -5.56 -9.53
N LEU Q 91 -15.99 -4.62 -8.61
CA LEU Q 91 -16.65 -4.89 -7.34
C LEU Q 91 -17.60 -3.76 -6.99
N ARG Q 92 -18.61 -4.08 -6.19
CA ARG Q 92 -19.61 -3.12 -5.74
C ARG Q 92 -19.87 -3.32 -4.25
N GLN Q 93 -20.30 -2.24 -3.60
CA GLN Q 93 -20.46 -2.24 -2.15
C GLN Q 93 -21.79 -1.60 -1.76
N ILE Q 94 -22.27 -1.95 -0.58
CA ILE Q 94 -23.48 -1.38 0.01
C ILE Q 94 -23.19 -0.99 1.45
N ILE Q 95 -23.69 0.18 1.86
CA ILE Q 95 -23.60 0.64 3.23
C ILE Q 95 -25.00 0.64 3.84
N ALA Q 96 -25.11 0.09 5.05
CA ALA Q 96 -26.40 -0.02 5.72
C ALA Q 96 -26.26 0.38 7.17
N TYR Q 97 -27.39 0.78 7.77
CA TYR Q 97 -27.44 1.26 9.14
C TYR Q 97 -28.36 0.36 9.96
N ALA Q 98 -27.96 0.09 11.20
CA ALA Q 98 -28.70 -0.80 12.07
C ALA Q 98 -30.00 -0.17 12.52
N ILE Q 99 -31.09 -0.94 12.48
CA ILE Q 99 -32.40 -0.45 12.87
C ILE Q 99 -33.11 -1.35 13.88
N GLY Q 100 -32.73 -2.61 14.03
CA GLY Q 100 -33.40 -3.49 14.97
C GLY Q 100 -33.06 -4.94 14.68
N PHE Q 101 -33.84 -5.83 15.30
CA PHE Q 101 -33.63 -7.26 15.15
C PHE Q 101 -34.91 -7.99 15.51
N VAL Q 102 -35.01 -9.25 15.06
CA VAL Q 102 -36.17 -10.10 15.27
C VAL Q 102 -35.73 -11.38 15.96
N LYS Q 103 -36.46 -11.77 17.00
CA LYS Q 103 -36.16 -12.97 17.77
C LYS Q 103 -37.39 -13.88 17.82
N ARG Q 104 -37.14 -15.17 17.99
CA ARG Q 104 -38.19 -16.18 18.04
C ARG Q 104 -38.31 -16.76 19.44
N GLU Q 105 -39.51 -16.73 20.00
CA GLU Q 105 -39.81 -17.33 21.29
C GLU Q 105 -40.33 -18.76 21.05
N LEU Q 106 -40.77 -19.41 22.12
CA LEU Q 106 -41.31 -20.76 21.98
C LEU Q 106 -42.65 -20.74 21.23
N ASN Q 107 -43.45 -19.70 21.45
CA ASN Q 107 -44.76 -19.61 20.81
C ASN Q 107 -45.13 -18.20 20.37
N GLY Q 108 -44.14 -17.32 20.14
CA GLY Q 108 -44.47 -15.98 19.72
C GLY Q 108 -43.30 -15.28 19.05
N TYR Q 109 -43.64 -14.28 18.23
CA TYR Q 109 -42.69 -13.45 17.52
C TYR Q 109 -42.87 -11.99 17.94
N VAL Q 110 -41.77 -11.24 17.90
CA VAL Q 110 -41.77 -9.87 18.40
C VAL Q 110 -40.63 -9.11 17.74
N PHE Q 111 -40.75 -7.78 17.70
CA PHE Q 111 -39.72 -6.89 17.21
C PHE Q 111 -39.25 -6.01 18.37
N ILE Q 112 -37.95 -5.88 18.53
CA ILE Q 112 -37.35 -5.18 19.66
C ILE Q 112 -36.64 -3.92 19.16
N SER Q 113 -36.89 -2.80 19.83
CA SER Q 113 -36.44 -1.50 19.36
C SER Q 113 -35.10 -1.16 20.01
N GLU Q 114 -34.03 -1.69 19.40
CA GLU Q 114 -32.67 -1.34 19.79
C GLU Q 114 -31.79 -1.39 18.54
N ASP Q 115 -30.86 -0.45 18.44
CA ASP Q 115 -30.01 -0.33 17.26
C ASP Q 115 -28.55 -0.14 17.65
N TRP Q 116 -28.08 -0.93 18.63
CA TRP Q 116 -26.69 -0.91 19.04
C TRP Q 116 -26.01 -2.26 18.88
N ARG Q 117 -26.63 -3.20 18.18
CA ARG Q 117 -26.05 -4.52 17.91
C ARG Q 117 -25.71 -4.62 16.44
N LEU Q 118 -24.53 -5.16 16.14
CA LEU Q 118 -24.02 -5.25 14.79
C LEU Q 118 -23.52 -6.66 14.51
N PRO Q 119 -23.57 -7.11 13.26
CA PRO Q 119 -23.15 -8.48 12.93
C PRO Q 119 -21.62 -8.60 12.92
N ALA Q 120 -21.17 -9.85 12.94
CA ALA Q 120 -19.76 -10.17 12.94
C ALA Q 120 -19.18 -9.98 11.53
N LEU Q 121 -17.91 -10.35 11.38
CA LEU Q 121 -17.22 -10.21 10.10
C LEU Q 121 -17.35 -11.51 9.32
N GLY Q 122 -17.78 -11.40 8.06
CA GLY Q 122 -17.99 -12.57 7.23
C GLY Q 122 -19.35 -13.21 7.35
N SER Q 123 -20.33 -12.52 7.93
CA SER Q 123 -21.67 -13.07 8.09
C SER Q 123 -22.38 -13.11 6.74
N SER Q 124 -23.66 -13.45 6.76
CA SER Q 124 -24.45 -13.60 5.54
C SER Q 124 -25.54 -12.54 5.49
N ALA Q 125 -25.74 -11.97 4.30
CA ALA Q 125 -26.77 -10.97 4.05
C ALA Q 125 -27.83 -11.56 3.12
N VAL Q 126 -29.10 -11.46 3.54
CA VAL Q 126 -30.21 -12.01 2.78
C VAL Q 126 -31.34 -10.99 2.80
N PRO Q 127 -31.95 -10.66 1.65
CA PRO Q 127 -33.07 -9.72 1.66
C PRO Q 127 -34.26 -10.27 2.43
N LEU Q 128 -35.03 -9.35 3.03
CA LEU Q 128 -36.17 -9.73 3.84
C LEU Q 128 -37.29 -10.30 2.99
N THR Q 129 -38.07 -11.19 3.60
CA THR Q 129 -39.21 -11.82 2.96
C THR Q 129 -40.49 -11.09 3.37
N SER Q 130 -41.63 -11.59 2.91
CA SER Q 130 -42.92 -10.98 3.25
C SER Q 130 -43.27 -11.20 4.71
N ASP Q 131 -42.91 -12.36 5.27
CA ASP Q 131 -43.25 -12.65 6.65
C ASP Q 131 -42.61 -11.67 7.60
N PHE Q 132 -41.33 -11.33 7.37
CA PHE Q 132 -40.67 -10.37 8.25
C PHE Q 132 -41.21 -8.96 8.05
N LEU Q 133 -41.66 -8.63 6.83
CA LEU Q 133 -42.34 -7.36 6.62
C LEU Q 133 -43.63 -7.28 7.41
N ASN Q 134 -44.38 -8.38 7.48
CA ASN Q 134 -45.58 -8.42 8.31
C ASN Q 134 -45.27 -8.42 9.79
N ILE Q 135 -44.13 -9.00 10.20
CA ILE Q 135 -43.76 -9.05 11.61
C ILE Q 135 -43.27 -7.69 12.13
N ILE Q 136 -42.50 -6.96 11.33
CA ILE Q 136 -41.90 -5.71 11.80
C ILE Q 136 -42.97 -4.68 12.15
N TYR Q 137 -43.92 -4.47 11.23
CA TYR Q 137 -44.91 -3.42 11.41
C TYR Q 137 -46.07 -3.80 12.33
N SER Q 138 -46.16 -5.06 12.73
CA SER Q 138 -47.29 -5.51 13.52
C SER Q 138 -47.25 -4.90 14.92
N ILE Q 139 -48.36 -5.04 15.64
CA ILE Q 139 -48.49 -4.51 17.00
C ILE Q 139 -48.76 -5.67 17.96
N ASP Q 140 -48.79 -5.37 19.25
CA ASP Q 140 -49.04 -6.39 20.25
C ASP Q 140 -50.47 -6.89 20.17
N LYS Q 141 -50.70 -8.09 20.72
CA LYS Q 141 -52.00 -8.74 20.63
C LYS Q 141 -53.10 -8.01 21.39
N GLU Q 142 -52.74 -7.14 22.33
CA GLU Q 142 -53.73 -6.47 23.16
C GLU Q 142 -54.43 -5.31 22.47
N GLU Q 143 -53.79 -4.69 21.47
CA GLU Q 143 -54.32 -3.49 20.83
C GLU Q 143 -55.18 -3.78 19.62
N LEU Q 144 -55.42 -5.05 19.30
CA LEU Q 144 -56.35 -5.37 18.22
C LEU Q 144 -57.75 -4.80 18.43
N PRO Q 145 -58.36 -4.86 19.62
CA PRO Q 145 -59.69 -4.25 19.78
C PRO Q 145 -59.74 -2.77 19.47
N LYS Q 146 -58.65 -2.03 19.69
CA LYS Q 146 -58.61 -0.59 19.42
C LYS Q 146 -57.82 -0.28 18.15
N ALA Q 147 -57.91 -1.15 17.14
CA ALA Q 147 -57.14 -1.00 15.92
C ALA Q 147 -58.08 -0.75 14.74
N VAL Q 148 -57.71 0.21 13.89
CA VAL Q 148 -58.46 0.54 12.69
C VAL Q 148 -57.51 0.49 11.49
N GLU Q 149 -57.98 -0.13 10.40
CA GLU Q 149 -57.16 -0.25 9.20
C GLU Q 149 -57.18 1.06 8.41
N LEU Q 150 -56.03 1.41 7.83
CA LEU Q 150 -55.91 2.65 7.08
C LEU Q 150 -55.53 2.45 5.61
N GLY Q 151 -54.49 1.68 5.33
CA GLY Q 151 -54.03 1.58 3.96
C GLY Q 151 -52.88 0.60 3.84
N VAL Q 152 -52.27 0.59 2.65
CA VAL Q 152 -51.23 -0.37 2.30
C VAL Q 152 -50.01 0.38 1.79
N ASP Q 153 -48.84 -0.07 2.21
CA ASP Q 153 -47.58 0.58 1.84
C ASP Q 153 -47.33 0.48 0.33
N SER Q 154 -46.58 1.45 -0.18
CA SER Q 154 -46.38 1.58 -1.62
C SER Q 154 -45.23 0.72 -2.15
N ARG Q 155 -44.34 0.25 -1.27
CA ARG Q 155 -43.18 -0.50 -1.73
C ARG Q 155 -43.55 -1.82 -2.38
N THR Q 156 -44.34 -2.65 -1.71
CA THR Q 156 -44.67 -3.99 -2.18
C THR Q 156 -46.16 -4.27 -2.25
N LYS Q 157 -46.98 -3.51 -1.51
CA LYS Q 157 -48.43 -3.66 -1.51
C LYS Q 157 -48.85 -5.05 -1.03
N THR Q 158 -48.35 -5.43 0.14
CA THR Q 158 -48.73 -6.69 0.77
C THR Q 158 -49.07 -6.56 2.25
N VAL Q 159 -48.56 -5.56 2.96
CA VAL Q 159 -48.71 -5.45 4.41
C VAL Q 159 -49.78 -4.43 4.73
N LYS Q 160 -50.70 -4.77 5.64
CA LYS Q 160 -51.77 -3.89 6.06
C LYS Q 160 -51.32 -3.08 7.28
N ILE Q 161 -51.56 -1.77 7.26
CA ILE Q 161 -51.14 -0.86 8.32
C ILE Q 161 -52.33 -0.59 9.24
N PHE Q 162 -52.13 -0.75 10.53
CA PHE Q 162 -53.15 -0.53 11.54
C PHE Q 162 -52.76 0.64 12.42
N ALA Q 163 -53.78 1.31 12.97
CA ALA Q 163 -53.57 2.45 13.85
C ALA Q 163 -54.27 2.21 15.17
N SER Q 164 -53.70 2.78 16.24
CA SER Q 164 -54.20 2.59 17.60
C SER Q 164 -55.11 3.76 17.97
N VAL Q 165 -56.35 3.46 18.35
CA VAL Q 165 -57.31 4.50 18.68
C VAL Q 165 -56.92 5.20 19.98
N ASP Q 166 -56.39 4.44 20.95
CA ASP Q 166 -56.15 5.00 22.28
C ASP Q 166 -55.12 6.12 22.23
N LYS Q 167 -54.03 5.93 21.52
CA LYS Q 167 -52.93 6.90 21.50
C LYS Q 167 -53.05 7.92 20.39
N LEU Q 168 -54.03 7.78 19.49
CA LEU Q 168 -54.22 8.74 18.41
C LEU Q 168 -55.27 9.80 18.74
N LEU Q 169 -56.36 9.42 19.42
CA LEU Q 169 -57.41 10.37 19.77
C LEU Q 169 -57.19 11.06 21.10
N SER Q 170 -56.30 10.55 21.94
CA SER Q 170 -56.02 11.24 23.20
C SER Q 170 -55.35 12.58 22.97
N ARG Q 171 -54.43 12.66 22.02
CA ARG Q 171 -53.78 13.91 21.64
C ARG Q 171 -54.31 14.38 20.29
N HIS Q 172 -53.75 15.48 19.81
CA HIS Q 172 -54.21 16.11 18.58
C HIS Q 172 -53.66 15.36 17.37
N LEU Q 173 -53.95 15.88 16.18
CA LEU Q 173 -53.47 15.31 14.93
C LEU Q 173 -53.56 16.38 13.86
N ALA Q 174 -52.67 16.29 12.86
CA ALA Q 174 -52.64 17.27 11.78
C ALA Q 174 -52.51 16.56 10.44
N VAL Q 175 -53.22 17.07 9.44
CA VAL Q 175 -53.13 16.61 8.07
C VAL Q 175 -52.71 17.78 7.20
N LEU Q 176 -51.66 17.59 6.41
CA LEU Q 176 -51.05 18.69 5.66
C LEU Q 176 -50.85 18.27 4.22
N GLY Q 177 -50.20 19.14 3.45
CA GLY Q 177 -49.91 18.93 2.05
C GLY Q 177 -50.23 20.16 1.24
N SER Q 178 -50.16 20.01 -0.08
CA SER Q 178 -50.46 21.10 -0.99
C SER Q 178 -51.95 21.10 -1.33
N THR Q 179 -52.34 21.89 -2.33
CA THR Q 179 -53.73 22.00 -2.74
C THR Q 179 -54.06 20.90 -3.74
N GLY Q 180 -55.21 20.26 -3.53
CA GLY Q 180 -55.68 19.22 -4.41
C GLY Q 180 -54.80 17.98 -4.45
N TYR Q 181 -54.40 17.48 -3.27
CA TYR Q 181 -53.54 16.30 -3.21
C TYR Q 181 -54.09 15.15 -2.37
N GLY Q 182 -55.21 15.31 -1.68
CA GLY Q 182 -55.84 14.18 -1.03
C GLY Q 182 -56.12 14.30 0.46
N LYS Q 183 -56.23 15.53 0.97
CA LYS Q 183 -56.60 15.71 2.37
C LYS Q 183 -58.02 15.21 2.63
N SER Q 184 -58.94 15.53 1.72
CA SER Q 184 -60.35 15.22 1.94
C SER Q 184 -60.59 13.72 2.01
N ASN Q 185 -59.89 12.95 1.16
CA ASN Q 185 -60.09 11.50 1.14
C ASN Q 185 -59.73 10.88 2.49
N PHE Q 186 -58.55 11.23 3.01
CA PHE Q 186 -58.13 10.69 4.30
C PHE Q 186 -59.05 11.17 5.42
N ASN Q 187 -59.43 12.46 5.39
CA ASN Q 187 -60.31 12.97 6.42
C ASN Q 187 -61.63 12.20 6.44
N ALA Q 188 -62.23 12.01 5.27
CA ALA Q 188 -63.51 11.30 5.18
C ALA Q 188 -63.36 9.85 5.62
N LEU Q 189 -62.30 9.18 5.20
CA LEU Q 189 -62.11 7.78 5.57
C LEU Q 189 -61.95 7.64 7.08
N LEU Q 190 -61.10 8.47 7.69
CA LEU Q 190 -60.87 8.38 9.13
C LEU Q 190 -62.13 8.71 9.91
N THR Q 191 -62.85 9.76 9.50
CA THR Q 191 -64.07 10.12 10.21
C THR Q 191 -65.13 9.04 10.07
N ARG Q 192 -65.25 8.45 8.87
CA ARG Q 192 -66.21 7.36 8.67
C ARG Q 192 -65.88 6.17 9.55
N LYS Q 193 -64.60 5.80 9.64
CA LYS Q 193 -64.20 4.67 10.47
C LYS Q 193 -64.45 4.96 11.95
N VAL Q 194 -64.12 6.16 12.41
CA VAL Q 194 -64.29 6.45 13.83
C VAL Q 194 -65.77 6.55 14.18
N SER Q 195 -66.61 6.99 13.23
CA SER Q 195 -68.05 7.00 13.48
C SER Q 195 -68.62 5.60 13.49
N GLU Q 196 -68.17 4.73 12.58
CA GLU Q 196 -68.71 3.38 12.51
C GLU Q 196 -68.26 2.52 13.69
N LYS Q 197 -67.03 2.71 14.16
CA LYS Q 197 -66.49 1.82 15.19
C LYS Q 197 -67.27 1.92 16.49
N TYR Q 198 -67.48 3.14 16.98
CA TYR Q 198 -68.10 3.34 18.28
C TYR Q 198 -69.42 4.10 18.12
N PRO Q 199 -70.56 3.43 18.24
CA PRO Q 199 -71.85 4.11 18.08
C PRO Q 199 -72.29 4.95 19.27
N ASN Q 200 -71.40 5.21 20.23
CA ASN Q 200 -71.71 6.00 21.40
C ASN Q 200 -70.75 7.18 21.54
N SER Q 201 -70.52 7.89 20.44
CA SER Q 201 -69.60 9.02 20.42
C SER Q 201 -70.23 10.17 19.66
N ARG Q 202 -69.78 11.38 19.95
CA ARG Q 202 -70.22 12.57 19.25
C ARG Q 202 -69.06 13.20 18.50
N ILE Q 203 -69.35 13.75 17.32
CA ILE Q 203 -68.37 14.43 16.49
C ILE Q 203 -68.91 15.80 16.12
N VAL Q 204 -68.10 16.83 16.31
CA VAL Q 204 -68.43 18.19 15.89
C VAL Q 204 -67.50 18.54 14.74
N ILE Q 205 -68.07 18.91 13.60
CA ILE Q 205 -67.32 19.12 12.37
C ILE Q 205 -67.68 20.47 11.79
N PHE Q 206 -66.66 21.22 11.35
CA PHE Q 206 -66.84 22.55 10.78
C PHE Q 206 -66.47 22.48 9.29
N ASP Q 207 -67.48 22.17 8.47
CA ASP Q 207 -67.28 22.06 7.03
C ASP Q 207 -67.26 23.45 6.42
N ILE Q 208 -66.05 24.03 6.34
CA ILE Q 208 -65.89 25.34 5.73
C ILE Q 208 -66.19 25.28 4.24
N ASN Q 209 -65.69 24.26 3.55
CA ASN Q 209 -65.94 24.09 2.13
C ASN Q 209 -67.27 23.43 1.82
N GLY Q 210 -67.93 22.86 2.83
CA GLY Q 210 -69.24 22.25 2.64
C GLY Q 210 -69.24 21.07 1.69
N GLU Q 211 -68.25 20.19 1.83
CA GLU Q 211 -68.11 19.04 0.95
C GLU Q 211 -68.26 17.71 1.65
N TYR Q 212 -68.48 17.69 2.96
CA TYR Q 212 -68.55 16.45 3.72
C TYR Q 212 -69.97 16.02 4.03
N ALA Q 213 -70.97 16.70 3.46
CA ALA Q 213 -72.35 16.28 3.63
C ALA Q 213 -72.63 14.95 2.93
N GLN Q 214 -72.03 14.76 1.75
CA GLN Q 214 -72.32 13.57 0.97
C GLN Q 214 -71.65 12.32 1.55
N ALA Q 215 -70.49 12.49 2.21
CA ALA Q 215 -69.71 11.34 2.66
C ALA Q 215 -70.44 10.53 3.71
N PHE Q 216 -71.34 11.17 4.48
CA PHE Q 216 -72.00 10.52 5.60
C PHE Q 216 -73.31 9.85 5.21
N THR Q 217 -73.38 9.24 4.03
CA THR Q 217 -74.58 8.54 3.61
C THR Q 217 -74.68 7.21 4.37
N GLY Q 218 -75.72 7.07 5.18
CA GLY Q 218 -75.97 5.82 5.89
C GLY Q 218 -75.46 5.80 7.31
N ILE Q 219 -75.69 6.88 8.06
CA ILE Q 219 -75.29 6.95 9.46
C ILE Q 219 -76.45 7.50 10.29
N PRO Q 220 -76.87 6.80 11.34
CA PRO Q 220 -77.95 7.33 12.18
C PRO Q 220 -77.52 8.54 12.99
N ASN Q 221 -78.52 9.25 13.51
CA ASN Q 221 -78.34 10.37 14.44
C ASN Q 221 -77.57 11.54 13.84
N VAL Q 222 -77.65 11.73 12.52
CA VAL Q 222 -76.92 12.81 11.86
C VAL Q 222 -77.77 14.07 11.86
N LYS Q 223 -77.17 15.18 12.29
CA LYS Q 223 -77.78 16.51 12.23
C LYS Q 223 -77.16 17.28 11.06
N HIS Q 224 -77.88 18.31 10.62
CA HIS Q 224 -77.41 19.18 9.55
C HIS Q 224 -77.80 20.61 9.86
N THR Q 225 -77.02 21.55 9.34
CA THR Q 225 -77.28 22.97 9.54
C THR Q 225 -76.57 23.76 8.46
N ILE Q 226 -77.32 24.59 7.73
CA ILE Q 226 -76.78 25.45 6.69
C ILE Q 226 -77.23 26.88 6.98
N LEU Q 227 -76.28 27.81 6.89
CA LEU Q 227 -76.51 29.20 7.22
C LEU Q 227 -76.93 29.97 5.98
N GLY Q 228 -78.06 30.66 6.08
CA GLY Q 228 -78.59 31.43 4.97
C GLY Q 228 -80.09 31.62 5.13
N GLU Q 229 -80.75 31.89 4.01
CA GLU Q 229 -82.20 32.08 4.00
C GLU Q 229 -82.88 31.07 3.07
N LYS Q 238 -89.72 16.95 11.32
CA LYS Q 238 -88.56 17.74 11.74
C LYS Q 238 -87.66 16.94 12.66
N LYS Q 239 -88.02 15.67 12.90
CA LYS Q 239 -87.24 14.83 13.80
C LYS Q 239 -87.11 13.41 13.24
N GLN Q 240 -86.43 12.55 13.98
CA GLN Q 240 -86.13 11.19 13.54
C GLN Q 240 -86.54 10.18 14.60
N GLN Q 241 -86.53 8.90 14.21
CA GLN Q 241 -86.86 7.81 15.11
C GLN Q 241 -85.62 6.96 15.37
N LYS Q 242 -85.81 5.74 15.88
CA LYS Q 242 -84.70 4.83 16.07
C LYS Q 242 -84.71 3.74 14.99
N GLY Q 243 -83.56 3.54 14.36
CA GLY Q 243 -83.41 2.48 13.39
C GLY Q 243 -83.54 2.87 11.94
N GLU Q 244 -82.91 3.96 11.50
CA GLU Q 244 -83.10 4.45 10.15
C GLU Q 244 -81.77 5.01 9.62
N LEU Q 245 -81.69 5.11 8.30
CA LEU Q 245 -80.55 5.73 7.65
C LEU Q 245 -80.75 7.25 7.55
N TYR Q 246 -79.75 7.92 6.98
CA TYR Q 246 -79.78 9.37 6.80
C TYR Q 246 -79.71 9.69 5.31
N SER Q 247 -80.39 10.77 4.91
CA SER Q 247 -80.47 11.17 3.52
C SER Q 247 -80.09 12.63 3.38
N GLU Q 248 -79.69 13.00 2.16
CA GLU Q 248 -79.17 14.34 1.90
C GLU Q 248 -80.25 15.41 1.97
N GLU Q 249 -81.47 15.09 1.53
CA GLU Q 249 -82.50 16.10 1.34
C GLU Q 249 -83.06 16.65 2.65
N TYR Q 250 -82.73 16.05 3.79
CA TYR Q 250 -83.27 16.51 5.06
C TYR Q 250 -82.27 17.42 5.77
N TYR Q 251 -82.70 18.64 6.12
CA TYR Q 251 -81.83 19.59 6.78
C TYR Q 251 -82.68 20.64 7.50
N CYS Q 252 -82.02 21.37 8.41
CA CYS Q 252 -82.64 22.42 9.19
C CYS Q 252 -81.87 23.73 9.01
N TYR Q 253 -82.34 24.77 9.69
CA TYR Q 253 -81.75 26.11 9.58
C TYR Q 253 -81.58 26.72 10.96
N LYS Q 254 -80.62 27.64 11.07
CA LYS Q 254 -80.35 28.35 12.31
C LYS Q 254 -79.67 29.67 12.00
N LYS Q 255 -79.87 30.64 12.89
CA LYS Q 255 -79.25 31.96 12.76
C LYS Q 255 -78.74 32.39 14.13
N ILE Q 256 -77.43 32.54 14.25
CA ILE Q 256 -76.83 32.85 15.56
C ILE Q 256 -77.17 34.28 15.95
N PRO Q 257 -77.55 34.53 17.20
CA PRO Q 257 -77.89 35.89 17.63
C PRO Q 257 -76.65 36.70 18.00
N TYR Q 258 -76.88 38.01 18.18
CA TYR Q 258 -75.82 38.91 18.60
C TYR Q 258 -75.75 39.07 20.12
N GLN Q 259 -76.78 38.62 20.85
CA GLN Q 259 -76.79 38.80 22.30
C GLN Q 259 -75.90 37.80 23.02
N ALA Q 260 -75.52 36.71 22.36
CA ALA Q 260 -74.64 35.72 22.95
C ALA Q 260 -73.17 35.99 22.69
N LEU Q 261 -72.85 37.08 21.98
CA LEU Q 261 -71.46 37.40 21.67
C LEU Q 261 -70.62 37.67 22.92
N GLY Q 262 -71.25 38.05 24.03
CA GLY Q 262 -70.55 38.26 25.27
C GLY Q 262 -69.95 39.65 25.37
N PHE Q 263 -69.65 40.04 26.60
CA PHE Q 263 -69.11 41.37 26.86
C PHE Q 263 -67.72 41.53 26.26
N ALA Q 264 -66.82 40.58 26.55
CA ALA Q 264 -65.46 40.68 26.06
C ALA Q 264 -65.40 40.58 24.54
N GLY Q 265 -66.17 39.66 23.96
CA GLY Q 265 -66.19 39.53 22.51
C GLY Q 265 -66.72 40.77 21.82
N LEU Q 266 -67.81 41.34 22.36
CA LEU Q 266 -68.36 42.57 21.79
C LEU Q 266 -67.36 43.71 21.89
N ILE Q 267 -66.69 43.84 23.05
CA ILE Q 267 -65.66 44.87 23.20
C ILE Q 267 -64.54 44.67 22.19
N LYS Q 268 -64.13 43.42 21.98
CA LYS Q 268 -63.09 43.13 21.00
C LYS Q 268 -63.53 43.52 19.59
N LEU Q 269 -64.78 43.24 19.23
CA LEU Q 269 -65.26 43.62 17.91
C LEU Q 269 -65.32 45.13 17.73
N LEU Q 270 -65.45 45.88 18.82
CA LEU Q 270 -65.49 47.34 18.78
C LEU Q 270 -64.25 47.94 19.44
N ARG Q 271 -63.09 47.31 19.23
CA ARG Q 271 -61.87 47.77 19.85
C ARG Q 271 -61.55 49.19 19.43
N PRO Q 272 -61.34 50.11 20.37
CA PRO Q 272 -61.00 51.50 20.01
C PRO Q 272 -59.51 51.68 19.77
N SER Q 273 -59.21 52.74 19.01
CA SER Q 273 -57.83 53.06 18.63
C SER Q 273 -57.59 54.56 18.74
N ASP Q 274 -58.23 55.22 19.69
CA ASP Q 274 -58.09 56.66 19.83
C ASP Q 274 -57.68 57.06 21.23
N LYS Q 275 -57.63 58.36 21.51
CA LYS Q 275 -57.29 58.88 22.83
C LYS Q 275 -58.31 58.46 23.88
N THR Q 276 -59.58 58.84 23.67
CA THR Q 276 -60.62 58.60 24.66
C THR Q 276 -61.87 58.07 23.96
N GLN Q 277 -61.94 56.74 23.83
CA GLN Q 277 -63.14 56.05 23.42
C GLN Q 277 -63.60 55.00 24.42
N LEU Q 278 -62.67 54.41 25.18
CA LEU Q 278 -63.03 53.36 26.11
C LEU Q 278 -64.02 53.78 27.19
N PRO Q 279 -63.89 54.95 27.85
CA PRO Q 279 -64.86 55.27 28.90
C PRO Q 279 -66.30 55.35 28.40
N ALA Q 280 -66.51 55.91 27.23
CA ALA Q 280 -67.87 56.02 26.68
C ALA Q 280 -68.46 54.65 26.43
N LEU Q 281 -67.69 53.75 25.82
CA LEU Q 281 -68.19 52.41 25.52
C LEU Q 281 -68.43 51.64 26.82
N ARG Q 282 -67.56 51.79 27.81
CA ARG Q 282 -67.75 51.13 29.08
C ARG Q 282 -69.05 51.59 29.74
N ASN Q 283 -69.29 52.90 29.75
CA ASN Q 283 -70.53 53.41 30.36
C ASN Q 283 -71.76 52.97 29.57
N ALA Q 284 -71.66 52.94 28.24
CA ALA Q 284 -72.79 52.54 27.42
C ALA Q 284 -73.15 51.06 27.64
N LEU Q 285 -72.15 50.19 27.65
CA LEU Q 285 -72.42 48.77 27.85
C LEU Q 285 -72.73 48.42 29.30
N SER Q 286 -72.33 49.25 30.26
CA SER Q 286 -72.63 48.98 31.66
C SER Q 286 -74.07 49.29 32.03
N ALA Q 287 -74.83 49.93 31.15
CA ALA Q 287 -76.19 50.33 31.44
C ALA Q 287 -77.18 49.87 30.37
N ILE Q 288 -76.96 48.66 29.82
CA ILE Q 288 -77.82 48.15 28.76
C ILE Q 288 -79.11 47.53 29.30
N ASN Q 289 -79.13 47.15 30.58
CA ASN Q 289 -80.32 46.50 31.12
C ASN Q 289 -81.52 47.46 31.21
N ARG Q 290 -81.26 48.74 31.46
CA ARG Q 290 -82.33 49.74 31.56
C ARG Q 290 -82.32 50.58 30.29
N THR Q 291 -82.95 50.05 29.24
CA THR Q 291 -83.15 50.79 28.00
C THR Q 291 -84.51 50.36 27.46
N HIS Q 292 -85.52 51.22 27.63
CA HIS Q 292 -86.91 50.83 27.45
C HIS Q 292 -87.32 50.91 25.99
N PHE Q 293 -88.11 49.93 25.56
CA PHE Q 293 -88.57 49.83 24.18
C PHE Q 293 -90.02 49.37 24.18
N LYS Q 294 -90.83 49.99 23.33
CA LYS Q 294 -92.26 49.69 23.24
C LYS Q 294 -92.62 49.11 21.88
N SER Q 295 -91.66 48.46 21.22
CA SER Q 295 -91.82 47.86 19.90
C SER Q 295 -92.09 48.91 18.83
N ARG Q 296 -92.03 50.19 19.20
CA ARG Q 296 -92.21 51.29 18.25
C ARG Q 296 -91.00 52.19 18.15
N ASN Q 297 -90.54 52.74 19.27
CA ASN Q 297 -89.39 53.63 19.28
C ASN Q 297 -88.81 53.66 20.69
N ILE Q 298 -87.57 54.17 20.78
CA ILE Q 298 -86.88 54.21 22.06
C ILE Q 298 -87.50 55.28 22.95
N TYR Q 299 -87.83 54.88 24.18
CA TYR Q 299 -88.40 55.78 25.17
C TYR Q 299 -87.79 55.47 26.54
N LEU Q 300 -87.83 56.45 27.43
CA LEU Q 300 -87.27 56.32 28.77
C LEU Q 300 -88.27 56.83 29.79
N GLU Q 301 -88.35 56.14 30.93
CA GLU Q 301 -89.25 56.52 32.00
C GLU Q 301 -88.64 56.14 33.33
N LYS Q 302 -89.13 56.76 34.40
CA LYS Q 302 -88.63 56.56 35.74
C LYS Q 302 -89.79 56.21 36.68
N ASP Q 303 -89.47 56.09 37.97
CA ASP Q 303 -90.50 55.79 38.95
C ASP Q 303 -91.49 56.94 39.08
N ASP Q 304 -91.02 58.18 38.90
CA ASP Q 304 -91.90 59.34 38.96
C ASP Q 304 -92.89 59.35 37.80
N GLY Q 305 -92.53 58.72 36.68
CA GLY Q 305 -93.39 58.67 35.51
C GLY Q 305 -93.03 59.63 34.41
N GLU Q 306 -92.07 60.53 34.64
CA GLU Q 306 -91.64 61.45 33.60
C GLU Q 306 -91.03 60.69 32.43
N THR Q 307 -91.35 61.11 31.22
CA THR Q 307 -90.93 60.42 30.01
C THR Q 307 -89.90 61.25 29.25
N PHE Q 308 -88.84 60.57 28.81
CA PHE Q 308 -87.80 61.17 28.00
C PHE Q 308 -87.47 60.23 26.85
N LEU Q 309 -87.07 60.82 25.73
CA LEU Q 309 -86.67 60.05 24.56
C LEU Q 309 -85.30 60.52 24.08
N LEU Q 310 -84.49 59.58 23.62
CA LEU Q 310 -83.18 59.87 23.04
C LEU Q 310 -83.34 60.09 21.54
N TYR Q 311 -82.63 61.09 21.03
CA TYR Q 311 -82.79 61.52 19.64
C TYR Q 311 -81.63 61.01 18.79
N ASP Q 312 -81.70 61.31 17.50
CA ASP Q 312 -80.76 60.81 16.52
C ASP Q 312 -79.81 61.87 15.97
N ASP Q 313 -80.34 62.99 15.50
CA ASP Q 313 -79.52 64.02 14.86
C ASP Q 313 -79.02 65.07 15.86
N CYS Q 314 -78.45 64.60 16.97
CA CYS Q 314 -77.81 65.47 17.97
C CYS Q 314 -78.75 66.58 18.44
N ARG Q 315 -80.01 66.23 18.67
CA ARG Q 315 -81.01 67.21 19.05
C ARG Q 315 -80.79 67.67 20.50
N ASP Q 316 -80.78 68.99 20.70
CA ASP Q 316 -80.62 69.59 22.02
C ASP Q 316 -81.98 70.03 22.53
N THR Q 317 -82.55 69.27 23.45
CA THR Q 317 -83.86 69.55 24.02
C THR Q 317 -83.81 69.40 25.53
N ASN Q 318 -84.12 70.48 26.25
CA ASN Q 318 -84.24 70.47 27.71
C ASN Q 318 -82.95 69.97 28.37
N GLN Q 319 -81.87 70.72 28.14
CA GLN Q 319 -80.56 70.35 28.68
C GLN Q 319 -80.45 70.57 30.17
N SER Q 320 -81.33 71.37 30.78
CA SER Q 320 -81.28 71.57 32.22
C SER Q 320 -81.65 70.30 32.98
N LYS Q 321 -82.62 69.53 32.48
CA LYS Q 321 -83.07 68.31 33.12
C LYS Q 321 -82.35 67.07 32.59
N LEU Q 322 -81.46 67.23 31.62
CA LEU Q 322 -80.71 66.08 31.12
C LEU Q 322 -79.64 65.65 32.11
N ALA Q 323 -79.15 66.59 32.93
CA ALA Q 323 -78.11 66.27 33.89
C ALA Q 323 -78.61 65.27 34.92
N GLU Q 324 -79.82 65.47 35.44
CA GLU Q 324 -80.36 64.52 36.41
C GLU Q 324 -80.65 63.18 35.76
N TRP Q 325 -81.05 63.19 34.47
CA TRP Q 325 -81.24 61.94 33.74
C TRP Q 325 -79.94 61.16 33.65
N LEU Q 326 -78.84 61.83 33.28
CA LEU Q 326 -77.57 61.13 33.16
C LEU Q 326 -77.05 60.69 34.52
N ASP Q 327 -77.29 61.49 35.57
CA ASP Q 327 -76.88 61.08 36.92
C ASP Q 327 -77.63 59.83 37.35
N LEU Q 328 -78.95 59.78 37.12
CA LEU Q 328 -79.72 58.61 37.48
C LEU Q 328 -79.29 57.40 36.66
N LEU Q 329 -78.98 57.60 35.38
CA LEU Q 329 -78.49 56.51 34.55
C LEU Q 329 -77.15 56.00 35.08
N ARG Q 330 -76.27 56.90 35.52
CA ARG Q 330 -75.00 56.49 36.11
C ARG Q 330 -75.21 55.70 37.40
N ARG Q 331 -76.14 56.15 38.25
CA ARG Q 331 -76.42 55.51 39.51
C ARG Q 331 -77.42 54.36 39.39
N ARG Q 332 -77.97 54.14 38.20
CA ARG Q 332 -78.92 53.06 37.94
C ARG Q 332 -80.16 53.17 38.83
N ARG Q 333 -80.90 54.25 38.64
CA ARG Q 333 -82.17 54.49 39.32
C ARG Q 333 -83.32 54.53 38.31
N LEU Q 334 -83.34 53.57 37.38
CA LEU Q 334 -84.38 53.50 36.36
C LEU Q 334 -85.13 52.18 36.46
N LYS Q 335 -85.97 51.90 35.47
CA LYS Q 335 -86.75 50.67 35.42
C LYS Q 335 -86.11 49.67 34.46
N ARG Q 336 -86.05 48.41 34.88
CA ARG Q 336 -85.44 47.36 34.07
C ARG Q 336 -86.30 47.08 32.85
N THR Q 337 -85.64 46.81 31.72
CA THR Q 337 -86.34 46.46 30.49
C THR Q 337 -86.39 44.95 30.32
N ASN Q 338 -87.51 44.46 29.79
CA ASN Q 338 -87.71 43.04 29.59
C ASN Q 338 -87.53 42.62 28.14
N VAL Q 339 -87.01 43.49 27.29
CA VAL Q 339 -86.78 43.19 25.88
C VAL Q 339 -85.35 43.57 25.52
N TRP Q 340 -84.86 42.99 24.42
CA TRP Q 340 -83.50 43.24 23.96
C TRP Q 340 -83.51 44.38 22.96
N PRO Q 341 -82.83 45.49 23.24
CA PRO Q 341 -82.78 46.60 22.28
C PRO Q 341 -81.98 46.23 21.05
N PRO Q 342 -82.15 46.93 19.93
CA PRO Q 342 -81.34 46.66 18.75
C PRO Q 342 -79.91 47.14 18.95
N PHE Q 343 -79.03 46.65 18.07
CA PHE Q 343 -77.60 46.89 18.24
C PHE Q 343 -77.23 48.36 18.10
N LYS Q 344 -78.07 49.16 17.43
CA LYS Q 344 -77.81 50.59 17.30
C LYS Q 344 -78.08 51.36 18.59
N SER Q 345 -78.65 50.71 19.60
CA SER Q 345 -78.86 51.37 20.89
C SER Q 345 -77.53 51.79 21.51
N LEU Q 346 -76.49 50.96 21.36
CA LEU Q 346 -75.17 51.34 21.84
C LEU Q 346 -74.65 52.57 21.11
N ALA Q 347 -74.90 52.65 19.80
CA ALA Q 347 -74.49 53.83 19.05
C ALA Q 347 -75.23 55.07 19.53
N THR Q 348 -76.52 54.95 19.80
CA THR Q 348 -77.28 56.09 20.33
C THR Q 348 -76.76 56.51 21.68
N LEU Q 349 -76.44 55.55 22.55
CA LEU Q 349 -75.88 55.87 23.86
C LEU Q 349 -74.52 56.55 23.73
N VAL Q 350 -73.69 56.10 22.78
CA VAL Q 350 -72.39 56.74 22.56
C VAL Q 350 -72.59 58.17 22.09
N ALA Q 351 -73.54 58.39 21.19
CA ALA Q 351 -73.83 59.75 20.72
C ALA Q 351 -74.30 60.63 21.86
N GLU Q 352 -75.15 60.09 22.74
CA GLU Q 352 -75.62 60.86 23.89
C GLU Q 352 -74.46 61.20 24.83
N PHE Q 353 -73.60 60.22 25.10
CA PHE Q 353 -72.51 60.40 26.05
C PHE Q 353 -71.34 61.18 25.48
N GLY Q 354 -71.33 61.45 24.17
CA GLY Q 354 -70.25 62.22 23.59
C GLY Q 354 -70.19 63.66 24.06
N CYS Q 355 -71.27 64.16 24.68
CA CYS Q 355 -71.37 65.54 25.19
C CYS Q 355 -70.74 66.58 24.27
N SER Q 364 -73.89 76.87 31.83
CA SER Q 364 -73.00 75.87 31.25
C SER Q 364 -73.09 75.90 29.73
N LYS Q 365 -71.97 75.62 29.07
CA LYS Q 365 -71.89 75.61 27.61
C LYS Q 365 -71.15 74.36 27.16
N ARG Q 366 -71.48 73.91 25.95
CA ARG Q 366 -70.90 72.70 25.37
C ARG Q 366 -69.96 73.08 24.24
N ASP Q 367 -68.88 72.32 24.11
CA ASP Q 367 -67.86 72.56 23.10
C ASP Q 367 -67.85 71.41 22.09
N ALA Q 368 -67.83 71.76 20.80
CA ALA Q 368 -67.77 70.76 19.74
C ALA Q 368 -66.42 70.06 19.66
N PHE Q 369 -65.38 70.63 20.28
CA PHE Q 369 -64.07 70.00 20.25
C PHE Q 369 -64.09 68.66 20.99
N GLY Q 370 -64.75 68.62 22.14
CA GLY Q 370 -64.85 67.36 22.88
C GLY Q 370 -65.68 66.32 22.16
N PHE Q 371 -66.78 66.76 21.53
CA PHE Q 371 -67.66 65.81 20.84
C PHE Q 371 -67.03 65.27 19.57
N SER Q 372 -66.03 65.98 19.02
CA SER Q 372 -65.40 65.55 17.78
C SER Q 372 -64.52 64.32 17.94
N ASN Q 373 -64.29 63.86 19.17
CA ASN Q 373 -63.36 62.77 19.41
C ASN Q 373 -63.96 61.39 19.17
N VAL Q 374 -65.27 61.30 18.90
CA VAL Q 374 -65.95 60.01 18.86
C VAL Q 374 -66.44 59.69 17.46
N LEU Q 375 -66.04 60.50 16.48
CA LEU Q 375 -66.52 60.29 15.11
C LEU Q 375 -66.12 58.95 14.51
N PRO Q 376 -64.90 58.42 14.67
CA PRO Q 376 -64.54 57.21 13.91
C PRO Q 376 -65.41 56.01 14.23
N LEU Q 377 -65.66 55.73 15.52
CA LEU Q 377 -66.43 54.54 15.86
C LEU Q 377 -67.86 54.65 15.38
N VAL Q 378 -68.50 55.79 15.57
CA VAL Q 378 -69.89 55.94 15.16
C VAL Q 378 -70.01 55.89 13.64
N LYS Q 379 -69.05 56.48 12.92
CA LYS Q 379 -69.09 56.43 11.47
C LYS Q 379 -68.84 55.01 10.96
N ILE Q 380 -67.96 54.27 11.62
CA ILE Q 380 -67.72 52.88 11.23
C ILE Q 380 -68.97 52.04 11.46
N ILE Q 381 -69.64 52.23 12.60
CA ILE Q 381 -70.86 51.49 12.88
C ILE Q 381 -71.94 51.82 11.87
N GLN Q 382 -72.11 53.11 11.55
CA GLN Q 382 -73.12 53.51 10.59
C GLN Q 382 -72.76 53.15 9.16
N GLN Q 383 -71.50 52.84 8.89
CA GLN Q 383 -71.10 52.40 7.55
C GLN Q 383 -70.96 50.88 7.45
N LEU Q 384 -71.11 50.15 8.56
CA LEU Q 384 -71.01 48.70 8.54
C LEU Q 384 -72.33 47.99 8.76
N ALA Q 385 -73.25 48.61 9.50
CA ALA Q 385 -74.50 47.93 9.85
C ALA Q 385 -75.37 47.68 8.62
N GLU Q 386 -75.39 48.62 7.69
CA GLU Q 386 -76.33 48.54 6.57
C GLU Q 386 -75.92 47.52 5.53
N ASP Q 387 -74.69 47.02 5.57
CA ASP Q 387 -74.20 46.11 4.55
C ASP Q 387 -74.97 44.80 4.60
N ILE Q 388 -75.43 44.34 3.43
CA ILE Q 388 -76.17 43.09 3.35
C ILE Q 388 -75.30 41.89 3.70
N ARG Q 389 -74.02 41.93 3.34
CA ARG Q 389 -73.14 40.80 3.59
C ARG Q 389 -73.04 40.51 5.09
N PHE Q 390 -72.81 41.55 5.89
CA PHE Q 390 -72.73 41.35 7.34
C PHE Q 390 -74.12 41.15 7.94
N LYS Q 391 -75.12 41.85 7.41
CA LYS Q 391 -76.48 41.68 7.89
C LYS Q 391 -77.03 40.30 7.56
N SER Q 392 -76.45 39.60 6.60
CA SER Q 392 -76.91 38.26 6.25
C SER Q 392 -76.57 37.23 7.32
N ILE Q 393 -75.63 37.55 8.22
CA ILE Q 393 -75.14 36.60 9.20
C ILE Q 393 -75.66 36.90 10.60
N VAL Q 394 -75.56 38.15 11.03
CA VAL Q 394 -75.91 38.53 12.40
C VAL Q 394 -77.39 38.88 12.45
N ASN Q 395 -78.07 38.39 13.48
CA ASN Q 395 -79.50 38.61 13.65
C ASN Q 395 -79.70 39.83 14.55
N LEU Q 396 -80.23 40.90 13.98
CA LEU Q 396 -80.42 42.17 14.69
C LEU Q 396 -81.89 42.44 15.02
N ASN Q 397 -82.71 41.40 15.07
CA ASN Q 397 -84.13 41.59 15.38
C ASN Q 397 -84.32 42.19 16.76
N GLY Q 398 -83.59 41.69 17.76
CA GLY Q 398 -83.72 42.19 19.10
C GLY Q 398 -85.06 41.81 19.73
N GLY Q 399 -85.35 42.48 20.83
CA GLY Q 399 -86.59 42.27 21.54
C GLY Q 399 -86.71 40.97 22.28
N GLY Q 400 -85.60 40.26 22.49
CA GLY Q 400 -85.65 38.98 23.17
C GLY Q 400 -86.04 39.13 24.63
N GLU Q 401 -86.69 38.09 25.16
CA GLU Q 401 -87.12 38.11 26.55
C GLU Q 401 -85.90 38.07 27.47
N LEU Q 402 -85.97 38.86 28.53
CA LEU Q 402 -84.89 38.96 29.50
C LEU Q 402 -85.39 38.50 30.87
N ALA Q 403 -84.61 37.67 31.54
CA ALA Q 403 -84.95 37.26 32.89
C ALA Q 403 -84.64 38.37 33.88
N ASP Q 404 -85.26 38.29 35.06
CA ASP Q 404 -85.04 39.26 36.13
C ASP Q 404 -83.86 38.81 36.99
N GLY Q 405 -82.91 39.72 37.18
CA GLY Q 405 -81.72 39.42 37.95
C GLY Q 405 -80.47 40.07 37.39
N GLY Q 406 -79.31 39.48 37.66
CA GLY Q 406 -78.07 40.00 37.15
C GLY Q 406 -77.20 38.95 36.50
N THR Q 407 -77.83 37.84 36.08
CA THR Q 407 -77.12 36.76 35.41
C THR Q 407 -77.71 36.49 34.03
N HIS Q 408 -78.04 37.56 33.29
CA HIS Q 408 -78.62 37.40 31.96
C HIS Q 408 -77.60 36.86 30.97
N TRP Q 409 -76.33 37.25 31.13
CA TRP Q 409 -75.30 36.85 30.18
C TRP Q 409 -75.12 35.33 30.17
N ASP Q 410 -75.10 34.71 31.34
CA ASP Q 410 -74.85 33.28 31.43
C ASP Q 410 -75.91 32.49 30.69
N LYS Q 411 -77.18 32.88 30.83
CA LYS Q 411 -78.27 32.17 30.15
C LYS Q 411 -78.12 32.27 28.64
N ALA Q 412 -77.88 33.48 28.13
CA ALA Q 412 -77.77 33.67 26.68
C ALA Q 412 -76.58 32.92 26.11
N MET Q 413 -75.45 32.93 26.82
CA MET Q 413 -74.29 32.17 26.37
C MET Q 413 -74.60 30.67 26.40
N SER Q 414 -75.20 30.20 27.48
CA SER Q 414 -75.41 28.77 27.68
C SER Q 414 -76.38 28.19 26.67
N ASP Q 415 -77.42 28.94 26.31
CA ASP Q 415 -78.38 28.42 25.33
C ASP Q 415 -77.69 28.11 24.00
N GLU Q 416 -76.92 29.08 23.48
CA GLU Q 416 -76.24 28.88 22.21
C GLU Q 416 -75.18 27.79 22.33
N VAL Q 417 -74.43 27.77 23.43
CA VAL Q 417 -73.40 26.76 23.61
C VAL Q 417 -74.00 25.36 23.65
N ASP Q 418 -75.09 25.19 24.38
CA ASP Q 418 -75.74 23.89 24.48
C ASP Q 418 -76.33 23.45 23.15
N TYR Q 419 -76.92 24.38 22.38
CA TYR Q 419 -77.48 23.97 21.10
C TYR Q 419 -76.40 23.61 20.09
N PHE Q 420 -75.36 24.43 19.99
CA PHE Q 420 -74.42 24.30 18.88
C PHE Q 420 -73.34 23.25 19.12
N PHE Q 421 -72.78 23.21 20.33
CA PHE Q 421 -71.61 22.38 20.64
C PHE Q 421 -71.94 21.21 21.55
N GLY Q 422 -73.13 20.62 21.41
CA GLY Q 422 -73.52 19.52 22.26
C GLY Q 422 -74.00 19.98 23.62
N LYS Q 423 -74.47 19.03 24.42
CA LYS Q 423 -75.11 19.31 25.69
C LYS Q 423 -74.24 18.81 26.84
N GLU Q 424 -74.68 19.15 28.05
CA GLU Q 424 -73.96 18.80 29.27
C GLU Q 424 -74.15 17.33 29.60
N LYS Q 425 -73.24 16.80 30.42
CA LYS Q 425 -73.29 15.40 30.82
C LYS Q 425 -74.58 15.09 31.57
N GLY Q 426 -75.21 13.97 31.23
CA GLY Q 426 -76.43 13.53 31.88
C GLY Q 426 -77.69 13.75 31.07
N GLN Q 427 -77.61 14.52 29.98
CA GLN Q 427 -78.76 14.84 29.15
C GLN Q 427 -78.62 14.13 27.81
N GLU Q 428 -79.67 13.41 27.41
CA GLU Q 428 -79.66 12.71 26.14
C GLU Q 428 -79.69 13.69 24.97
N ASN Q 429 -79.13 13.26 23.85
CA ASN Q 429 -79.05 14.08 22.65
C ASN Q 429 -79.84 13.43 21.51
N ASP Q 430 -80.30 14.25 20.59
CA ASP Q 430 -81.03 13.78 19.41
C ASP Q 430 -80.12 13.61 18.20
N TRP Q 431 -78.81 13.83 18.35
CA TRP Q 431 -77.88 13.70 17.24
C TRP Q 431 -76.51 13.35 17.77
N ASN Q 432 -75.66 12.86 16.87
CA ASN Q 432 -74.27 12.55 17.18
C ASN Q 432 -73.26 13.17 16.23
N VAL Q 433 -73.68 13.62 15.04
CA VAL Q 433 -72.82 14.29 14.09
C VAL Q 433 -73.45 15.63 13.74
N HIS Q 434 -72.68 16.71 13.88
CA HIS Q 434 -73.16 18.07 13.65
C HIS Q 434 -72.37 18.68 12.50
N ILE Q 435 -72.89 18.56 11.28
CA ILE Q 435 -72.26 19.13 10.10
C ILE Q 435 -72.73 20.58 9.95
N VAL Q 436 -71.79 21.48 9.74
CA VAL Q 436 -72.08 22.91 9.58
C VAL Q 436 -71.55 23.34 8.23
N ASN Q 437 -72.43 23.91 7.41
CA ASN Q 437 -72.06 24.38 6.08
C ASN Q 437 -72.03 25.91 6.07
N MET Q 438 -70.86 26.46 5.80
CA MET Q 438 -70.68 27.92 5.69
C MET Q 438 -69.83 28.17 4.45
N LYS Q 439 -70.49 28.28 3.30
CA LYS Q 439 -69.81 28.58 2.05
C LYS Q 439 -70.03 30.00 1.57
N ASN Q 440 -71.11 30.66 2.02
CA ASN Q 440 -71.41 32.03 1.66
C ASN Q 440 -70.89 33.05 2.66
N LEU Q 441 -70.29 32.60 3.76
CA LEU Q 441 -69.79 33.53 4.77
C LEU Q 441 -68.57 34.28 4.25
N ALA Q 442 -68.56 35.59 4.47
CA ALA Q 442 -67.46 36.43 4.01
C ALA Q 442 -66.25 36.26 4.93
N GLN Q 443 -65.10 35.98 4.32
CA GLN Q 443 -63.88 35.78 5.10
C GLN Q 443 -63.31 37.09 5.63
N ASP Q 444 -63.86 38.25 5.21
CA ASP Q 444 -63.46 39.50 5.83
C ASP Q 444 -63.93 39.58 7.28
N HIS Q 445 -65.11 39.04 7.58
CA HIS Q 445 -65.66 39.05 8.93
C HIS Q 445 -65.63 37.68 9.60
N ALA Q 446 -65.31 36.62 8.86
CA ALA Q 446 -65.33 35.27 9.43
C ALA Q 446 -64.32 35.07 10.56
N PRO Q 447 -63.04 35.46 10.43
CA PRO Q 447 -62.08 35.09 11.48
C PRO Q 447 -62.44 35.61 12.87
N MET Q 448 -62.91 36.85 12.97
CA MET Q 448 -63.25 37.39 14.28
C MET Q 448 -64.42 36.65 14.90
N LEU Q 449 -65.47 36.38 14.11
CA LEU Q 449 -66.63 35.66 14.64
C LEU Q 449 -66.24 34.25 15.06
N LEU Q 450 -65.44 33.56 14.25
CA LEU Q 450 -65.04 32.20 14.58
C LEU Q 450 -64.15 32.15 15.82
N SER Q 451 -63.21 33.09 15.92
CA SER Q 451 -62.37 33.16 17.12
C SER Q 451 -63.19 33.47 18.36
N ALA Q 452 -64.17 34.38 18.23
CA ALA Q 452 -65.04 34.69 19.36
C ALA Q 452 -65.84 33.48 19.79
N LEU Q 453 -66.37 32.73 18.82
CA LEU Q 453 -67.11 31.52 19.16
C LEU Q 453 -66.23 30.50 19.86
N LEU Q 454 -65.00 30.31 19.37
CA LEU Q 454 -64.09 29.36 19.99
C LEU Q 454 -63.73 29.77 21.40
N GLU Q 455 -63.45 31.06 21.61
CA GLU Q 455 -63.07 31.51 22.95
C GLU Q 455 -64.26 31.48 23.91
N MET Q 456 -65.47 31.74 23.41
CA MET Q 456 -66.66 31.59 24.25
C MET Q 456 -66.86 30.13 24.64
N PHE Q 457 -66.64 29.21 23.71
CA PHE Q 457 -66.72 27.79 24.04
C PHE Q 457 -65.70 27.41 25.10
N ALA Q 458 -64.47 27.92 24.96
CA ALA Q 458 -63.45 27.62 25.98
C ALA Q 458 -63.82 28.19 27.34
N GLU Q 459 -64.32 29.43 27.36
CA GLU Q 459 -64.70 30.05 28.63
C GLU Q 459 -65.83 29.28 29.29
N ILE Q 460 -66.80 28.82 28.51
CA ILE Q 460 -67.87 28.00 29.07
C ILE Q 460 -67.33 26.67 29.58
N LEU Q 461 -66.42 26.06 28.83
CA LEU Q 461 -65.86 24.77 29.23
C LEU Q 461 -65.07 24.88 30.54
N PHE Q 462 -64.48 26.05 30.80
CA PHE Q 462 -63.69 26.20 32.01
C PHE Q 462 -64.54 25.98 33.26
N ARG Q 463 -65.76 26.52 33.27
CA ARG Q 463 -66.63 26.35 34.42
C ARG Q 463 -67.15 24.93 34.53
N ARG Q 464 -67.28 24.24 33.39
CA ARG Q 464 -67.89 22.91 33.37
C ARG Q 464 -67.06 21.92 34.19
N GLY Q 465 -65.74 21.95 34.03
CA GLY Q 465 -64.87 21.00 34.70
C GLY Q 465 -64.90 19.64 34.03
N GLN Q 466 -64.07 18.74 34.56
CA GLN Q 466 -63.98 17.39 34.01
C GLN Q 466 -65.16 16.54 34.45
N GLU Q 467 -65.68 16.76 35.65
CA GLU Q 467 -66.74 15.91 36.18
C GLU Q 467 -68.05 16.10 35.43
N ARG Q 468 -68.26 17.26 34.82
CA ARG Q 468 -69.47 17.56 34.08
C ARG Q 468 -69.25 17.60 32.57
N SER Q 469 -68.17 17.00 32.08
CA SER Q 469 -67.81 17.06 30.68
C SER Q 469 -67.88 15.68 30.04
N TYR Q 470 -67.98 15.68 28.71
CA TYR Q 470 -68.03 14.49 27.88
C TYR Q 470 -67.04 14.62 26.74
N PRO Q 471 -66.47 13.50 26.29
CA PRO Q 471 -65.52 13.56 25.17
C PRO Q 471 -66.12 14.20 23.93
N THR Q 472 -65.32 15.06 23.30
CA THR Q 472 -65.69 15.70 22.04
C THR Q 472 -64.50 15.68 21.10
N VAL Q 473 -64.79 15.57 19.80
CA VAL Q 473 -63.78 15.59 18.76
C VAL Q 473 -64.17 16.63 17.71
N LEU Q 474 -63.17 17.36 17.22
CA LEU Q 474 -63.42 18.46 16.30
C LEU Q 474 -62.56 18.29 15.05
N LEU Q 475 -63.15 18.53 13.89
CA LEU Q 475 -62.44 18.50 12.62
C LEU Q 475 -62.57 19.87 11.95
N LEU Q 476 -61.44 20.41 11.52
CA LEU Q 476 -61.37 21.78 10.98
C LEU Q 476 -60.62 21.75 9.66
N GLU Q 477 -61.34 21.91 8.56
CA GLU Q 477 -60.71 22.02 7.25
C GLU Q 477 -60.32 23.47 6.99
N GLU Q 478 -59.13 23.64 6.39
CA GLU Q 478 -58.58 24.97 6.12
C GLU Q 478 -58.54 25.81 7.39
N ALA Q 479 -58.02 25.20 8.47
CA ALA Q 479 -58.03 25.85 9.78
C ALA Q 479 -57.09 27.03 9.88
N HIS Q 480 -56.13 27.16 8.97
CA HIS Q 480 -55.17 28.26 9.06
C HIS Q 480 -55.83 29.62 8.88
N HIS Q 481 -57.01 29.67 8.25
CA HIS Q 481 -57.69 30.95 8.08
C HIS Q 481 -58.16 31.51 9.42
N TYR Q 482 -58.82 30.67 10.23
CA TYR Q 482 -59.47 31.12 11.45
C TYR Q 482 -58.81 30.65 12.74
N LEU Q 483 -57.69 29.95 12.66
CA LEU Q 483 -57.03 29.47 13.87
C LEU Q 483 -56.38 30.61 14.65
N ARG Q 484 -56.22 31.78 14.04
CA ARG Q 484 -55.57 32.93 14.65
C ARG Q 484 -56.20 33.28 16.00
N TYR Q 497 -58.73 33.28 22.99
CA TYR Q 497 -58.29 33.51 21.64
C TYR Q 497 -57.27 32.44 21.22
N GLU Q 498 -56.50 31.96 22.20
CA GLU Q 498 -55.53 30.90 21.95
C GLU Q 498 -55.54 29.85 23.05
N ARG Q 499 -56.50 29.90 23.97
CA ARG Q 499 -56.48 29.02 25.13
C ARG Q 499 -57.16 27.69 24.89
N LEU Q 500 -57.85 27.52 23.76
CA LEU Q 500 -58.59 26.28 23.51
C LEU Q 500 -57.66 25.08 23.39
N ALA Q 501 -56.55 25.24 22.64
CA ALA Q 501 -55.64 24.12 22.44
C ALA Q 501 -54.98 23.70 23.74
N LYS Q 502 -54.53 24.66 24.55
CA LYS Q 502 -53.82 24.33 25.78
C LYS Q 502 -54.75 23.66 26.79
N GLU Q 503 -55.99 24.13 26.88
CA GLU Q 503 -56.96 23.57 27.82
C GLU Q 503 -57.72 22.39 27.26
N GLY Q 504 -57.48 22.01 26.00
CA GLY Q 504 -58.14 20.84 25.44
C GLY Q 504 -57.76 19.56 26.17
N ARG Q 505 -56.49 19.42 26.51
CA ARG Q 505 -56.05 18.26 27.28
C ARG Q 505 -56.71 18.22 28.65
N LYS Q 506 -56.82 19.38 29.31
CA LYS Q 506 -57.40 19.42 30.64
C LYS Q 506 -58.91 19.16 30.61
N PHE Q 507 -59.61 19.64 29.58
CA PHE Q 507 -61.06 19.58 29.52
C PHE Q 507 -61.57 18.49 28.59
N LYS Q 508 -60.73 17.50 28.25
CA LYS Q 508 -61.11 16.34 27.46
C LYS Q 508 -61.65 16.77 26.09
N CYS Q 509 -60.77 17.37 25.30
CA CYS Q 509 -61.11 17.81 23.95
C CYS Q 509 -60.00 17.40 23.00
N SER Q 510 -60.35 17.30 21.72
CA SER Q 510 -59.41 16.91 20.67
C SER Q 510 -59.64 17.77 19.45
N LEU Q 511 -58.63 17.83 18.59
CA LEU Q 511 -58.70 18.64 17.38
C LEU Q 511 -57.98 17.92 16.24
N ILE Q 512 -58.34 18.31 15.02
CA ILE Q 512 -57.63 17.90 13.81
C ILE Q 512 -57.41 19.16 12.97
N VAL Q 513 -56.17 19.42 12.61
CA VAL Q 513 -55.81 20.62 11.85
C VAL Q 513 -55.54 20.21 10.41
N SER Q 514 -56.28 20.80 9.47
CA SER Q 514 -56.09 20.58 8.05
C SER Q 514 -55.84 21.93 7.39
N THR Q 515 -54.82 22.00 6.55
CA THR Q 515 -54.40 23.26 5.95
C THR Q 515 -53.60 22.96 4.69
N GLN Q 516 -53.18 24.02 4.01
CA GLN Q 516 -52.39 23.92 2.80
C GLN Q 516 -51.14 24.78 2.81
N ARG Q 517 -51.03 25.75 3.72
CA ARG Q 517 -49.83 26.57 3.88
C ARG Q 517 -49.48 26.60 5.36
N PRO Q 518 -48.64 25.67 5.82
CA PRO Q 518 -48.33 25.60 7.26
C PRO Q 518 -47.55 26.80 7.78
N SER Q 519 -46.96 27.61 6.90
CA SER Q 519 -46.18 28.75 7.37
C SER Q 519 -47.05 29.75 8.13
N GLU Q 520 -48.34 29.83 7.79
CA GLU Q 520 -49.25 30.74 8.46
C GLU Q 520 -49.82 30.19 9.76
N LEU Q 521 -49.58 28.90 10.05
CA LEU Q 521 -50.10 28.31 11.28
C LEU Q 521 -49.42 28.92 12.50
N SER Q 522 -50.13 28.88 13.63
CA SER Q 522 -49.61 29.47 14.85
C SER Q 522 -48.35 28.73 15.31
N PRO Q 523 -47.31 29.45 15.72
CA PRO Q 523 -46.06 28.78 16.12
C PRO Q 523 -46.23 27.82 17.28
N THR Q 524 -47.08 28.14 18.26
CA THR Q 524 -47.29 27.28 19.41
C THR Q 524 -48.20 26.09 19.11
N VAL Q 525 -49.19 26.27 18.25
CA VAL Q 525 -50.16 25.19 17.98
C VAL Q 525 -49.49 23.99 17.35
N LEU Q 526 -48.58 24.21 16.39
CA LEU Q 526 -47.93 23.11 15.71
C LEU Q 526 -47.11 22.25 16.66
N ALA Q 527 -46.40 22.86 17.59
CA ALA Q 527 -45.55 22.10 18.51
C ALA Q 527 -46.37 21.17 19.38
N MET Q 528 -47.57 21.60 19.78
CA MET Q 528 -48.42 20.79 20.64
C MET Q 528 -48.91 19.53 19.96
N CYS Q 529 -48.98 19.51 18.63
CA CYS Q 529 -49.45 18.33 17.91
C CYS Q 529 -48.51 17.15 18.15
N SER Q 530 -49.10 15.97 18.34
CA SER Q 530 -48.33 14.78 18.67
C SER Q 530 -48.10 13.85 17.48
N ASN Q 531 -48.88 13.98 16.41
CA ASN Q 531 -48.72 13.16 15.22
C ASN Q 531 -48.76 14.03 13.99
N TRP Q 532 -48.13 13.56 12.92
CA TRP Q 532 -47.92 14.37 11.73
C TRP Q 532 -48.22 13.57 10.48
N PHE Q 533 -49.05 14.15 9.60
CA PHE Q 533 -49.27 13.62 8.26
C PHE Q 533 -48.95 14.72 7.26
N SER Q 534 -47.95 14.48 6.42
CA SER Q 534 -47.52 15.45 5.43
C SER Q 534 -47.64 14.83 4.04
N LEU Q 535 -48.34 15.52 3.15
CA LEU Q 535 -48.49 15.13 1.77
C LEU Q 535 -47.46 15.89 0.93
N ARG Q 536 -47.66 15.89 -0.39
CA ARG Q 536 -46.76 16.60 -1.30
C ARG Q 536 -46.67 18.07 -0.91
N LEU Q 537 -45.52 18.49 -0.42
CA LEU Q 537 -45.27 19.86 0.01
C LEU Q 537 -43.98 20.32 -0.65
N THR Q 538 -44.02 21.48 -1.32
CA THR Q 538 -42.93 21.89 -2.19
C THR Q 538 -42.17 23.11 -1.71
N ASN Q 539 -42.85 24.15 -1.22
CA ASN Q 539 -42.17 25.39 -0.88
C ASN Q 539 -41.20 25.19 0.28
N GLU Q 540 -40.05 25.85 0.19
CA GLU Q 540 -39.02 25.71 1.22
C GLU Q 540 -39.50 26.25 2.56
N ARG Q 541 -40.16 27.42 2.56
CA ARG Q 541 -40.61 28.01 3.81
C ARG Q 541 -41.60 27.12 4.54
N ASP Q 542 -42.41 26.36 3.80
CA ASP Q 542 -43.35 25.45 4.43
C ASP Q 542 -42.61 24.31 5.13
N LEU Q 543 -41.58 23.77 4.51
CA LEU Q 543 -40.77 22.73 5.13
C LEU Q 543 -39.63 23.29 5.97
N GLN Q 544 -39.37 24.59 5.92
CA GLN Q 544 -38.37 25.18 6.81
C GLN Q 544 -38.88 25.28 8.23
N ALA Q 545 -40.15 25.65 8.42
CA ALA Q 545 -40.71 25.78 9.76
C ALA Q 545 -41.15 24.44 10.32
N LEU Q 546 -41.62 23.54 9.45
CA LEU Q 546 -42.05 22.22 9.91
C LEU Q 546 -40.85 21.42 10.44
N ARG Q 547 -39.69 21.61 9.82
CA ARG Q 547 -38.45 21.05 10.37
C ARG Q 547 -38.18 21.56 11.78
N TYR Q 548 -38.56 22.81 12.05
CA TYR Q 548 -38.24 23.44 13.32
C TYR Q 548 -39.13 22.99 14.46
N ALA Q 549 -40.21 22.27 14.18
CA ALA Q 549 -41.23 21.95 15.17
C ALA Q 549 -41.48 20.44 15.23
N MET Q 550 -40.42 19.65 15.36
CA MET Q 550 -40.53 18.21 15.49
C MET Q 550 -40.13 17.78 16.89
N GLU Q 551 -40.81 16.74 17.40
CA GLU Q 551 -40.54 16.21 18.73
C GLU Q 551 -40.28 14.71 18.77
N SER Q 552 -40.82 13.93 17.83
CA SER Q 552 -40.62 12.49 17.86
C SER Q 552 -40.43 11.91 16.45
N GLY Q 553 -39.84 12.69 15.55
CA GLY Q 553 -39.59 12.27 14.19
C GLY Q 553 -38.11 12.01 13.93
N ASN Q 554 -37.82 11.66 12.68
CA ASN Q 554 -36.46 11.39 12.26
C ASN Q 554 -36.08 12.26 11.08
N GLU Q 555 -34.83 12.17 10.62
CA GLU Q 555 -34.32 13.02 9.55
C GLU Q 555 -34.19 12.27 8.23
N GLN Q 556 -34.66 11.02 8.16
CA GLN Q 556 -34.43 10.16 7.01
C GLN Q 556 -35.60 10.13 6.03
N ILE Q 557 -36.65 10.91 6.29
CA ILE Q 557 -37.85 10.83 5.44
C ILE Q 557 -38.18 12.19 4.85
N LEU Q 558 -37.47 13.23 5.28
CA LEU Q 558 -37.76 14.57 4.78
C LEU Q 558 -37.47 14.69 3.28
N LYS Q 559 -36.58 13.84 2.75
CA LYS Q 559 -36.26 13.91 1.32
C LYS Q 559 -37.46 13.53 0.47
N GLN Q 560 -38.22 12.50 0.89
CA GLN Q 560 -39.32 11.99 0.10
C GLN Q 560 -40.54 12.91 0.10
N ILE Q 561 -40.55 13.96 0.91
CA ILE Q 561 -41.68 14.89 0.93
C ILE Q 561 -41.82 15.59 -0.42
N SER Q 562 -40.69 16.02 -1.00
CA SER Q 562 -40.72 16.80 -2.22
C SER Q 562 -41.23 16.03 -3.44
N GLY Q 563 -41.32 14.70 -3.37
CA GLY Q 563 -41.77 13.94 -4.51
C GLY Q 563 -42.87 12.94 -4.18
N LEU Q 564 -43.76 13.32 -3.27
CA LEU Q 564 -44.84 12.43 -2.86
C LEU Q 564 -45.92 12.38 -3.92
N PRO Q 565 -46.28 11.20 -4.42
CA PRO Q 565 -47.40 11.11 -5.37
C PRO Q 565 -48.73 11.39 -4.69
N ARG Q 566 -49.73 11.71 -5.50
CA ARG Q 566 -51.08 11.94 -5.00
C ARG Q 566 -51.62 10.67 -4.35
N GLY Q 567 -52.22 10.82 -3.17
CA GLY Q 567 -52.72 9.69 -2.42
C GLY Q 567 -51.72 8.98 -1.54
N ASP Q 568 -50.51 9.53 -1.38
CA ASP Q 568 -49.48 8.95 -0.54
C ASP Q 568 -49.13 9.92 0.59
N ALA Q 569 -48.95 9.38 1.78
CA ALA Q 569 -48.68 10.18 2.96
C ALA Q 569 -47.53 9.58 3.76
N VAL Q 570 -46.84 10.44 4.50
CA VAL Q 570 -45.73 10.05 5.37
C VAL Q 570 -46.12 10.39 6.80
N ALA Q 571 -46.07 9.39 7.68
CA ALA Q 571 -46.53 9.55 9.06
C ALA Q 571 -45.42 9.19 10.03
N PHE Q 572 -45.31 9.96 11.11
CA PHE Q 572 -44.39 9.66 12.19
C PHE Q 572 -44.94 10.24 13.47
N GLY Q 573 -44.95 9.43 14.54
CA GLY Q 573 -45.50 9.86 15.80
C GLY Q 573 -45.53 8.79 16.87
N SER Q 574 -46.64 8.72 17.62
CA SER Q 574 -46.77 7.77 18.71
C SER Q 574 -47.61 6.55 18.34
N ALA Q 575 -47.98 6.41 17.06
CA ALA Q 575 -48.78 5.28 16.61
C ALA Q 575 -47.98 4.31 15.74
N PHE Q 576 -46.69 4.58 15.52
CA PHE Q 576 -45.88 3.76 14.63
C PHE Q 576 -44.49 3.59 15.26
N ASN Q 577 -43.97 2.36 15.22
CA ASN Q 577 -42.62 2.13 15.71
C ASN Q 577 -41.58 2.77 14.81
N LEU Q 578 -41.81 2.76 13.50
CA LEU Q 578 -40.96 3.42 12.51
C LEU Q 578 -41.86 4.16 11.54
N PRO Q 579 -41.37 5.25 10.93
CA PRO Q 579 -42.18 5.96 9.95
C PRO Q 579 -42.55 5.05 8.79
N VAL Q 580 -43.78 5.19 8.30
CA VAL Q 580 -44.32 4.30 7.29
C VAL Q 580 -44.87 5.14 6.13
N ARG Q 581 -44.58 4.71 4.91
CA ARG Q 581 -45.05 5.36 3.70
C ARG Q 581 -46.34 4.68 3.28
N ILE Q 582 -47.47 5.26 3.69
CA ILE Q 582 -48.77 4.61 3.54
C ILE Q 582 -49.51 5.22 2.36
N SER Q 583 -50.09 4.36 1.52
CA SER Q 583 -51.01 4.80 0.47
C SER Q 583 -52.42 4.66 1.01
N ILE Q 584 -53.14 5.79 1.08
CA ILE Q 584 -54.43 5.82 1.75
C ILE Q 584 -55.48 5.09 0.90
N ASN Q 585 -56.32 4.31 1.57
CA ASN Q 585 -57.46 3.70 0.90
C ASN Q 585 -58.50 4.76 0.55
N GLN Q 586 -59.31 4.44 -0.46
CA GLN Q 586 -60.37 5.34 -0.93
C GLN Q 586 -61.64 5.06 -0.15
N ALA Q 587 -62.28 6.12 0.33
CA ALA Q 587 -63.54 6.02 1.06
C ALA Q 587 -64.70 6.36 0.13
N ARG Q 588 -65.71 5.49 0.12
CA ARG Q 588 -66.89 5.68 -0.72
C ARG Q 588 -68.09 5.97 0.16
N PRO Q 589 -68.94 6.93 -0.21
CA PRO Q 589 -68.83 7.82 -1.38
C PRO Q 589 -67.84 8.96 -1.15
N GLY Q 590 -67.33 9.56 -2.21
CA GLY Q 590 -66.42 10.68 -2.09
C GLY Q 590 -67.15 11.94 -1.65
N PRO Q 591 -66.38 12.96 -1.27
CA PRO Q 591 -66.99 14.21 -0.82
C PRO Q 591 -67.60 14.98 -1.98
N LYS Q 592 -68.29 16.07 -1.64
CA LYS Q 592 -68.92 16.90 -2.65
C LYS Q 592 -67.83 17.70 -3.38
N SER Q 593 -67.43 17.20 -4.54
CA SER Q 593 -66.42 17.84 -5.38
C SER Q 593 -67.14 18.26 -6.66
N SER Q 594 -67.55 19.52 -6.72
CA SER Q 594 -68.35 20.04 -7.82
C SER Q 594 -67.42 20.64 -8.86
N ASP Q 595 -67.54 20.16 -10.09
CA ASP Q 595 -66.69 20.59 -11.19
C ASP Q 595 -67.52 21.41 -12.17
N ALA Q 596 -67.06 22.61 -12.48
CA ALA Q 596 -67.77 23.51 -13.38
C ALA Q 596 -67.43 23.13 -14.81
N VAL Q 597 -68.25 22.25 -15.39
CA VAL Q 597 -68.05 21.83 -16.77
C VAL Q 597 -68.42 22.97 -17.71
N PHE Q 598 -67.51 23.26 -18.65
CA PHE Q 598 -67.68 24.37 -19.57
C PHE Q 598 -68.29 23.96 -20.90
N SER Q 599 -68.61 22.67 -21.09
CA SER Q 599 -69.22 22.20 -22.32
C SER Q 599 -70.62 21.65 -22.14
N GLU Q 600 -70.96 21.14 -20.95
CA GLU Q 600 -72.31 20.64 -20.72
C GLU Q 600 -73.32 21.78 -20.62
N GLU Q 601 -72.89 22.92 -20.08
CA GLU Q 601 -73.80 24.04 -19.84
C GLU Q 601 -74.23 24.76 -21.12
N TRP Q 602 -73.59 24.48 -22.26
CA TRP Q 602 -73.98 25.11 -23.51
C TRP Q 602 -75.24 24.47 -24.07
N SER R 10 -18.07 -1.67 -26.60
CA SER R 10 -17.58 -0.36 -26.21
C SER R 10 -18.70 0.48 -25.57
N ALA R 11 -18.31 1.51 -24.82
CA ALA R 11 -19.26 2.37 -24.15
C ALA R 11 -18.67 3.77 -24.04
N ILE R 12 -19.53 4.75 -23.82
CA ILE R 12 -19.12 6.15 -23.76
C ILE R 12 -19.28 6.67 -22.33
N GLY R 13 -20.05 5.94 -21.52
CA GLY R 13 -20.24 6.33 -20.14
C GLY R 13 -21.40 5.57 -19.52
N TYR R 14 -21.42 5.58 -18.20
CA TYR R 14 -22.45 4.91 -17.42
C TYR R 14 -22.39 5.37 -15.98
N VAL R 15 -23.33 4.89 -15.17
CA VAL R 15 -23.45 5.33 -13.79
C VAL R 15 -22.25 4.82 -12.99
N VAL R 16 -21.59 5.74 -12.27
CA VAL R 16 -20.43 5.42 -11.46
C VAL R 16 -20.68 5.62 -9.97
N GLY R 17 -21.94 5.77 -9.56
CA GLY R 17 -22.25 5.94 -8.16
C GLY R 17 -23.70 6.30 -7.90
N LEU R 18 -24.29 5.68 -6.87
CA LEU R 18 -25.65 5.97 -6.45
C LEU R 18 -25.66 6.30 -4.97
N GLU R 19 -26.44 7.32 -4.60
CA GLU R 19 -26.51 7.76 -3.21
C GLU R 19 -27.90 8.34 -3.00
N GLY R 20 -28.77 7.58 -2.34
CA GLY R 20 -30.16 7.99 -2.18
C GLY R 20 -30.87 8.04 -3.52
N GLU R 21 -31.28 9.24 -3.94
CA GLU R 21 -31.93 9.44 -5.24
C GLU R 21 -31.04 10.26 -6.17
N ARG R 22 -29.75 10.30 -5.90
CA ARG R 22 -28.79 11.08 -6.69
C ARG R 22 -27.97 10.13 -7.54
N ILE R 23 -27.90 10.42 -8.84
CA ILE R 23 -27.22 9.59 -9.82
C ILE R 23 -26.02 10.36 -10.36
N ARG R 24 -24.84 9.74 -10.31
CA ARG R 24 -23.61 10.35 -10.77
C ARG R 24 -23.34 9.95 -12.21
N ILE R 25 -22.89 10.90 -13.03
CA ILE R 25 -22.65 10.69 -14.45
C ILE R 25 -21.19 10.99 -14.74
N ASN R 26 -20.53 10.11 -15.49
CA ASN R 26 -19.12 10.22 -15.79
C ASN R 26 -18.89 11.13 -16.99
N LEU R 27 -18.00 12.10 -16.84
CA LEU R 27 -17.60 12.98 -17.93
C LEU R 27 -16.39 12.41 -18.65
N HIS R 28 -15.66 13.25 -19.36
CA HIS R 28 -14.42 12.87 -20.07
C HIS R 28 -13.50 12.01 -19.21
N THR R 46 -20.95 12.77 -26.45
CA THR R 46 -22.25 12.71 -27.11
C THR R 46 -22.45 13.89 -28.05
N GLN R 47 -23.71 14.28 -28.23
CA GLN R 47 -24.07 15.41 -29.08
C GLN R 47 -24.97 16.33 -28.29
N PRO R 48 -24.87 17.65 -28.51
CA PRO R 48 -25.72 18.58 -27.76
C PRO R 48 -27.19 18.38 -28.09
N GLY R 49 -28.02 18.43 -27.05
CA GLY R 49 -29.46 18.32 -27.17
C GLY R 49 -30.00 16.92 -27.30
N ASP R 50 -29.12 15.92 -27.49
CA ASP R 50 -29.58 14.55 -27.63
C ASP R 50 -30.00 13.96 -26.28
N LEU R 51 -31.08 13.20 -26.30
CA LEU R 51 -31.55 12.47 -25.13
C LEU R 51 -31.31 10.99 -25.32
N ILE R 52 -30.69 10.36 -24.33
CA ILE R 52 -30.42 8.93 -24.32
C ILE R 52 -30.91 8.36 -23.01
N GLY R 53 -31.19 7.07 -23.02
CA GLY R 53 -31.81 6.42 -21.88
C GLY R 53 -31.01 5.24 -21.39
N PHE R 54 -31.14 4.99 -20.08
CA PHE R 54 -30.49 3.87 -19.42
C PHE R 54 -31.54 2.78 -19.24
N ASP R 55 -31.31 1.63 -19.87
CA ASP R 55 -32.31 0.57 -19.94
C ASP R 55 -32.05 -0.45 -18.84
N ALA R 56 -32.89 -0.40 -17.80
CA ALA R 56 -32.84 -1.36 -16.71
C ALA R 56 -33.90 -2.45 -16.84
N GLY R 57 -34.45 -2.63 -18.04
CA GLY R 57 -35.51 -3.60 -18.25
C GLY R 57 -36.87 -2.95 -18.43
N ASN R 58 -37.71 -3.06 -17.41
CA ASN R 58 -39.05 -2.47 -17.44
C ASN R 58 -39.07 -1.01 -17.00
N ILE R 59 -37.93 -0.46 -16.60
CA ILE R 59 -37.85 0.90 -16.09
C ILE R 59 -36.92 1.72 -16.98
N LEU R 60 -37.38 2.90 -17.39
CA LEU R 60 -36.61 3.82 -18.22
C LEU R 60 -36.42 5.11 -17.44
N VAL R 61 -35.19 5.42 -17.07
CA VAL R 61 -34.89 6.61 -16.29
C VAL R 61 -34.61 7.75 -17.25
N VAL R 62 -34.85 8.98 -16.78
CA VAL R 62 -34.66 10.19 -17.57
C VAL R 62 -33.35 10.84 -17.15
N ALA R 63 -32.65 11.44 -18.12
CA ALA R 63 -31.42 12.15 -17.87
C ALA R 63 -31.56 13.59 -18.32
N ARG R 64 -30.93 14.49 -17.58
CA ARG R 64 -30.86 15.90 -17.94
C ARG R 64 -29.41 16.26 -18.24
N VAL R 65 -29.17 16.77 -19.44
CA VAL R 65 -27.84 17.13 -19.90
C VAL R 65 -27.76 18.64 -20.08
N THR R 66 -26.69 19.24 -19.56
CA THR R 66 -26.47 20.68 -19.69
C THR R 66 -26.00 21.05 -21.10
N ASP R 67 -25.13 20.25 -21.69
CA ASP R 67 -24.67 20.51 -23.05
C ASP R 67 -24.46 19.19 -23.80
N GLN R 93 -18.97 19.09 -9.31
CA GLN R 93 -19.93 17.99 -9.20
C GLN R 93 -21.22 18.31 -9.95
N ILE R 94 -21.86 17.27 -10.47
CA ILE R 94 -23.13 17.40 -11.20
C ILE R 94 -24.16 16.49 -10.56
N ILE R 95 -25.40 16.96 -10.54
CA ILE R 95 -26.50 16.27 -9.86
C ILE R 95 -27.57 15.91 -10.87
N ALA R 96 -28.07 14.68 -10.76
CA ALA R 96 -29.13 14.18 -11.63
C ALA R 96 -30.30 13.72 -10.79
N TYR R 97 -31.44 13.46 -11.42
CA TYR R 97 -32.66 13.09 -10.71
C TYR R 97 -33.49 12.19 -11.62
N ALA R 98 -34.74 11.96 -11.24
CA ALA R 98 -35.63 11.09 -11.98
C ALA R 98 -36.99 11.76 -12.17
N ILE R 99 -37.71 11.30 -13.18
CA ILE R 99 -39.08 11.74 -13.43
C ILE R 99 -40.00 10.54 -13.40
N GLY R 100 -39.70 9.55 -14.24
CA GLY R 100 -40.48 8.33 -14.27
C GLY R 100 -40.13 7.49 -15.47
N PHE R 101 -40.90 6.43 -15.67
CA PHE R 101 -40.70 5.51 -16.78
C PHE R 101 -41.99 5.40 -17.57
N VAL R 102 -41.85 5.38 -18.89
CA VAL R 102 -42.99 5.38 -19.81
C VAL R 102 -42.87 4.17 -20.72
N LYS R 103 -43.89 3.31 -20.68
CA LYS R 103 -44.01 2.17 -21.58
C LYS R 103 -45.44 2.09 -22.09
N ARG R 104 -45.61 1.55 -23.28
CA ARG R 104 -46.94 1.45 -23.87
C ARG R 104 -47.62 0.17 -23.44
N GLU R 105 -48.82 0.29 -22.88
CA GLU R 105 -49.61 -0.88 -22.50
C GLU R 105 -50.99 -0.80 -23.14
N LEU R 106 -51.85 -1.78 -22.84
CA LEU R 106 -53.20 -1.79 -23.41
C LEU R 106 -54.00 -0.59 -22.93
N ASN R 107 -53.92 -0.28 -21.63
CA ASN R 107 -54.70 0.84 -21.09
C ASN R 107 -54.22 2.17 -21.65
N GLY R 108 -52.92 2.37 -21.69
CA GLY R 108 -52.34 3.56 -22.28
C GLY R 108 -51.32 4.17 -21.34
N TYR R 109 -51.14 5.48 -21.46
CA TYR R 109 -50.25 6.23 -20.57
C TYR R 109 -51.05 6.79 -19.41
N VAL R 110 -50.90 6.19 -18.24
CA VAL R 110 -51.33 6.78 -16.98
C VAL R 110 -50.08 6.99 -16.14
N PHE R 111 -49.71 8.25 -15.93
CA PHE R 111 -48.47 8.59 -15.28
C PHE R 111 -48.74 9.23 -13.93
N ILE R 112 -48.03 8.75 -12.91
CA ILE R 112 -48.17 9.21 -11.54
C ILE R 112 -46.87 9.88 -11.14
N SER R 113 -46.97 10.93 -10.31
CA SER R 113 -45.80 11.68 -9.88
C SER R 113 -44.93 10.81 -8.97
N GLU R 114 -44.43 9.72 -9.54
CA GLU R 114 -43.64 8.74 -8.82
C GLU R 114 -42.48 8.29 -9.69
N ASP R 115 -41.30 8.24 -9.08
CA ASP R 115 -40.08 7.79 -9.74
C ASP R 115 -39.25 6.97 -8.76
N TRP R 116 -39.93 6.07 -8.05
CA TRP R 116 -39.33 5.36 -6.92
C TRP R 116 -38.23 4.38 -7.33
N ARG R 117 -38.12 4.03 -8.60
CA ARG R 117 -37.08 3.12 -9.07
C ARG R 117 -36.02 3.89 -9.86
N LEU R 118 -34.77 3.62 -9.55
CA LEU R 118 -33.61 4.27 -10.15
C LEU R 118 -32.85 3.26 -11.01
N PRO R 119 -32.06 3.73 -11.98
CA PRO R 119 -31.31 2.80 -12.82
C PRO R 119 -30.31 2.00 -12.01
N ALA R 120 -30.09 0.76 -12.44
CA ALA R 120 -29.12 -0.09 -11.78
C ALA R 120 -27.70 0.38 -12.09
N LEU R 121 -26.77 0.03 -11.20
CA LEU R 121 -25.40 0.45 -11.36
C LEU R 121 -24.77 -0.18 -12.58
N GLY R 122 -23.91 0.57 -13.27
CA GLY R 122 -23.23 0.08 -14.44
C GLY R 122 -24.06 0.03 -15.70
N SER R 123 -25.28 0.58 -15.68
CA SER R 123 -26.13 0.54 -16.86
C SER R 123 -25.53 1.38 -17.97
N SER R 124 -25.29 0.75 -19.11
CA SER R 124 -24.66 1.42 -20.25
C SER R 124 -25.67 2.28 -20.98
N ALA R 125 -25.18 3.13 -21.88
CA ALA R 125 -26.01 4.02 -22.67
C ALA R 125 -25.88 3.59 -24.13
N VAL R 126 -26.62 2.56 -24.50
CA VAL R 126 -26.67 2.12 -25.89
C VAL R 126 -27.53 3.10 -26.69
N PRO R 127 -27.28 3.29 -27.98
CA PRO R 127 -28.06 4.27 -28.74
C PRO R 127 -29.54 3.93 -28.76
N LEU R 128 -30.37 4.97 -28.67
CA LEU R 128 -31.81 4.82 -28.68
C LEU R 128 -32.35 5.31 -30.02
N THR R 129 -33.18 4.49 -30.66
CA THR R 129 -33.71 4.82 -31.97
C THR R 129 -34.80 5.90 -31.84
N SER R 130 -35.18 6.47 -32.98
CA SER R 130 -36.19 7.53 -32.97
C SER R 130 -37.58 6.97 -32.67
N ASP R 131 -37.73 5.65 -32.77
CA ASP R 131 -39.04 5.05 -32.49
C ASP R 131 -39.46 5.27 -31.04
N PHE R 132 -38.52 5.09 -30.11
CA PHE R 132 -38.85 5.31 -28.70
C PHE R 132 -39.19 6.76 -28.42
N LEU R 133 -38.46 7.71 -29.01
CA LEU R 133 -38.80 9.12 -28.84
C LEU R 133 -40.17 9.44 -29.42
N ASN R 134 -40.49 8.87 -30.59
CA ASN R 134 -41.80 9.09 -31.19
C ASN R 134 -42.91 8.52 -30.31
N ILE R 135 -42.68 7.34 -29.73
CA ILE R 135 -43.68 6.71 -28.89
C ILE R 135 -43.87 7.51 -27.60
N ILE R 136 -42.77 7.98 -26.99
CA ILE R 136 -42.87 8.70 -25.73
C ILE R 136 -43.34 10.14 -25.91
N TYR R 137 -43.24 10.70 -27.12
CA TYR R 137 -43.67 12.08 -27.37
C TYR R 137 -45.09 12.15 -27.91
N SER R 138 -45.77 11.01 -28.05
CA SER R 138 -47.13 10.99 -28.58
C SER R 138 -48.13 11.39 -27.50
N ILE R 139 -49.35 11.67 -27.93
CA ILE R 139 -50.43 12.08 -27.05
C ILE R 139 -51.62 11.16 -27.30
N ASP R 140 -52.47 11.01 -26.28
CA ASP R 140 -53.61 10.12 -26.40
C ASP R 140 -54.64 10.67 -27.37
N LYS R 141 -55.42 9.77 -27.97
CA LYS R 141 -56.41 10.18 -28.96
C LYS R 141 -57.61 10.87 -28.33
N GLU R 142 -57.99 10.46 -27.12
CA GLU R 142 -59.19 11.01 -26.48
C GLU R 142 -59.01 12.47 -26.05
N GLU R 143 -57.78 12.88 -25.71
CA GLU R 143 -57.53 14.25 -25.29
C GLU R 143 -57.15 15.17 -26.45
N LEU R 144 -56.93 14.62 -27.63
CA LEU R 144 -56.53 15.44 -28.78
C LEU R 144 -57.61 16.44 -29.20
N PRO R 145 -58.89 16.05 -29.36
CA PRO R 145 -59.89 17.05 -29.82
C PRO R 145 -60.04 18.25 -28.91
N LYS R 146 -59.91 18.07 -27.59
CA LYS R 146 -60.12 19.16 -26.65
C LYS R 146 -58.86 19.95 -26.36
N ALA R 147 -57.72 19.54 -26.89
CA ALA R 147 -56.47 20.25 -26.62
C ALA R 147 -56.50 21.64 -27.25
N VAL R 148 -56.01 22.62 -26.50
CA VAL R 148 -55.95 24.00 -26.95
C VAL R 148 -54.48 24.42 -27.04
N GLU R 149 -54.09 24.92 -28.21
CA GLU R 149 -52.70 25.27 -28.46
C GLU R 149 -52.44 26.74 -28.15
N LEU R 150 -51.46 27.00 -27.30
CA LEU R 150 -51.11 28.35 -26.90
C LEU R 150 -49.75 28.81 -27.41
N GLY R 151 -48.87 27.88 -27.77
CA GLY R 151 -47.59 28.24 -28.36
C GLY R 151 -46.75 27.00 -28.54
N VAL R 152 -45.68 27.16 -29.33
CA VAL R 152 -44.81 26.06 -29.70
C VAL R 152 -43.37 26.54 -29.70
N ASP R 153 -42.48 25.69 -29.17
CA ASP R 153 -41.07 26.03 -29.12
C ASP R 153 -40.47 26.01 -30.52
N SER R 154 -39.68 27.03 -30.82
CA SER R 154 -38.96 27.12 -32.08
C SER R 154 -37.57 26.51 -32.00
N ARG R 155 -37.18 25.97 -30.84
CA ARG R 155 -35.85 25.41 -30.67
C ARG R 155 -35.67 24.16 -31.51
N THR R 156 -36.63 23.24 -31.44
CA THR R 156 -36.62 22.03 -32.25
C THR R 156 -37.79 21.94 -33.23
N LYS R 157 -38.89 22.64 -32.97
CA LYS R 157 -40.07 22.64 -33.84
C LYS R 157 -40.58 21.22 -34.09
N THR R 158 -40.58 20.42 -33.02
CA THR R 158 -41.07 19.05 -33.09
C THR R 158 -42.02 18.66 -31.97
N VAL R 159 -42.13 19.47 -30.91
CA VAL R 159 -42.99 19.17 -29.78
C VAL R 159 -44.01 20.28 -29.66
N LYS R 160 -45.29 19.92 -29.72
CA LYS R 160 -46.35 20.90 -29.52
C LYS R 160 -46.77 20.91 -28.06
N ILE R 161 -47.22 22.07 -27.60
CA ILE R 161 -47.67 22.25 -26.21
C ILE R 161 -49.19 22.31 -26.22
N PHE R 162 -49.82 21.34 -25.56
CA PHE R 162 -51.27 21.28 -25.47
C PHE R 162 -51.70 21.69 -24.06
N ALA R 163 -52.69 22.59 -23.99
CA ALA R 163 -53.17 23.11 -22.73
C ALA R 163 -54.69 22.96 -22.67
N SER R 164 -55.21 22.83 -21.46
CA SER R 164 -56.63 22.59 -21.23
C SER R 164 -57.27 23.88 -20.72
N VAL R 165 -58.38 24.25 -21.36
CA VAL R 165 -59.12 25.44 -20.92
C VAL R 165 -59.74 25.21 -19.55
N ASP R 166 -60.19 23.99 -19.26
CA ASP R 166 -60.82 23.71 -17.97
C ASP R 166 -59.86 23.92 -16.82
N LYS R 167 -58.61 23.48 -16.97
CA LYS R 167 -57.60 23.63 -15.93
C LYS R 167 -56.91 24.98 -15.94
N LEU R 168 -57.14 25.79 -16.98
CA LEU R 168 -56.51 27.10 -17.09
C LEU R 168 -57.45 28.26 -16.79
N LEU R 169 -58.77 28.03 -16.82
CA LEU R 169 -59.75 29.08 -16.58
C LEU R 169 -60.62 28.81 -15.36
N SER R 170 -60.41 27.71 -14.64
CA SER R 170 -61.21 27.44 -13.45
C SER R 170 -60.95 28.48 -12.36
N ARG R 171 -59.70 28.85 -12.16
CA ARG R 171 -59.30 29.81 -11.14
C ARG R 171 -58.65 31.02 -11.81
N HIS R 172 -58.31 32.02 -10.99
CA HIS R 172 -57.65 33.21 -11.48
C HIS R 172 -56.26 32.87 -12.02
N LEU R 173 -55.64 33.83 -12.69
CA LEU R 173 -54.32 33.65 -13.26
C LEU R 173 -53.52 34.93 -13.08
N ALA R 174 -52.21 34.78 -12.98
CA ALA R 174 -51.29 35.91 -12.78
C ALA R 174 -50.29 35.97 -13.91
N VAL R 175 -50.12 37.16 -14.48
CA VAL R 175 -49.17 37.41 -15.56
C VAL R 175 -48.18 38.46 -15.10
N LEU R 176 -46.89 38.16 -15.20
CA LEU R 176 -45.84 39.05 -14.76
C LEU R 176 -44.82 39.25 -15.88
N GLY R 177 -44.28 40.47 -15.97
CA GLY R 177 -43.29 40.80 -16.97
C GLY R 177 -43.18 42.28 -17.23
N SER R 178 -41.96 42.77 -17.41
CA SER R 178 -41.72 44.18 -17.66
C SER R 178 -42.08 44.56 -19.09
N THR R 179 -42.34 45.85 -19.30
CA THR R 179 -42.67 46.33 -20.64
C THR R 179 -41.41 46.48 -21.48
N GLY R 180 -41.61 46.61 -22.79
CA GLY R 180 -40.49 46.71 -23.71
C GLY R 180 -39.84 45.40 -24.05
N TYR R 181 -40.47 44.27 -23.70
CA TYR R 181 -39.93 42.96 -24.01
C TYR R 181 -40.91 42.05 -24.75
N GLY R 182 -42.17 42.44 -24.88
CA GLY R 182 -43.12 41.62 -25.60
C GLY R 182 -44.37 41.26 -24.80
N LYS R 183 -44.65 42.04 -23.76
CA LYS R 183 -45.85 41.79 -22.96
C LYS R 183 -47.11 42.04 -23.76
N SER R 184 -47.16 43.16 -24.48
CA SER R 184 -48.34 43.46 -25.29
C SER R 184 -48.52 42.42 -26.40
N ASN R 185 -47.44 42.07 -27.08
CA ASN R 185 -47.53 41.10 -28.16
C ASN R 185 -47.99 39.74 -27.64
N PHE R 186 -47.41 39.28 -26.54
CA PHE R 186 -47.77 37.98 -26.00
C PHE R 186 -49.22 37.96 -25.53
N ASN R 187 -49.65 39.02 -24.83
CA ASN R 187 -51.03 39.08 -24.34
C ASN R 187 -52.01 39.13 -25.50
N ALA R 188 -51.71 39.93 -26.52
CA ALA R 188 -52.60 40.01 -27.68
C ALA R 188 -52.69 38.68 -28.40
N LEU R 189 -51.55 38.00 -28.57
CA LEU R 189 -51.58 36.70 -29.23
C LEU R 189 -52.38 35.69 -28.41
N LEU R 190 -52.21 35.71 -27.08
CA LEU R 190 -52.94 34.77 -26.24
C LEU R 190 -54.44 35.01 -26.30
N THR R 191 -54.86 36.28 -26.24
CA THR R 191 -56.29 36.56 -26.27
C THR R 191 -56.88 36.29 -27.66
N ARG R 192 -56.09 36.50 -28.71
CA ARG R 192 -56.56 36.12 -30.05
C ARG R 192 -56.72 34.61 -30.17
N LYS R 193 -55.77 33.85 -29.62
CA LYS R 193 -55.88 32.40 -29.66
C LYS R 193 -57.09 31.92 -28.88
N VAL R 194 -57.34 32.50 -27.70
CA VAL R 194 -58.48 32.06 -26.89
C VAL R 194 -59.80 32.59 -27.46
N SER R 195 -59.75 33.58 -28.34
CA SER R 195 -60.98 34.15 -28.89
C SER R 195 -61.68 33.16 -29.84
N GLU R 196 -61.02 32.79 -30.94
CA GLU R 196 -61.65 31.91 -31.92
C GLU R 196 -61.74 30.46 -31.48
N LYS R 197 -61.01 30.05 -30.45
CA LYS R 197 -61.11 28.66 -29.99
C LYS R 197 -62.51 28.34 -29.51
N TYR R 198 -63.10 29.24 -28.71
CA TYR R 198 -64.49 29.12 -28.29
C TYR R 198 -65.13 30.51 -28.34
N PRO R 199 -65.97 30.80 -29.34
CA PRO R 199 -66.62 32.11 -29.39
C PRO R 199 -67.90 32.19 -28.58
N ASN R 200 -68.36 31.08 -28.01
CA ASN R 200 -69.57 31.07 -27.20
C ASN R 200 -69.31 31.39 -25.74
N SER R 201 -68.05 31.61 -25.36
CA SER R 201 -67.71 32.01 -24.00
C SER R 201 -67.60 33.53 -23.96
N ARG R 202 -68.30 34.14 -23.02
CA ARG R 202 -68.27 35.59 -22.89
C ARG R 202 -66.90 36.07 -22.45
N ILE R 203 -66.38 37.08 -23.15
CA ILE R 203 -65.05 37.62 -22.89
C ILE R 203 -65.18 39.11 -22.62
N VAL R 204 -64.53 39.57 -21.55
CA VAL R 204 -64.50 40.99 -21.19
C VAL R 204 -63.05 41.40 -21.00
N ILE R 205 -62.64 42.48 -21.66
CA ILE R 205 -61.32 43.06 -21.47
C ILE R 205 -61.49 44.49 -21.00
N PHE R 206 -60.74 44.85 -19.96
CA PHE R 206 -60.82 46.17 -19.33
C PHE R 206 -59.50 46.88 -19.59
N ASP R 207 -59.38 47.46 -20.77
CA ASP R 207 -58.13 48.10 -21.18
C ASP R 207 -57.93 49.42 -20.45
N ILE R 208 -56.66 49.84 -20.37
CA ILE R 208 -56.29 51.10 -19.74
C ILE R 208 -55.70 52.08 -20.73
N ASN R 209 -54.75 51.62 -21.56
CA ASN R 209 -54.11 52.45 -22.57
C ASN R 209 -54.48 51.93 -23.95
N GLY R 210 -54.70 52.85 -24.89
CA GLY R 210 -55.22 52.50 -26.20
C GLY R 210 -54.20 52.00 -27.20
N GLU R 211 -53.74 50.77 -27.05
CA GLU R 211 -52.81 50.17 -28.00
C GLU R 211 -53.24 48.82 -28.53
N TYR R 212 -54.16 48.12 -27.88
CA TYR R 212 -54.63 46.82 -28.37
C TYR R 212 -55.54 46.95 -29.58
N ALA R 213 -56.01 48.16 -29.91
CA ALA R 213 -56.92 48.32 -31.03
C ALA R 213 -56.23 48.05 -32.36
N GLN R 214 -54.90 48.18 -32.41
CA GLN R 214 -54.18 48.04 -33.67
C GLN R 214 -54.31 46.63 -34.24
N ALA R 215 -54.13 45.62 -33.41
CA ALA R 215 -54.00 44.25 -33.89
C ALA R 215 -55.32 43.49 -33.93
N PHE R 216 -56.42 44.06 -33.44
CA PHE R 216 -57.69 43.36 -33.35
C PHE R 216 -58.64 43.75 -34.48
N THR R 217 -58.16 43.79 -35.72
CA THR R 217 -58.97 44.20 -36.85
C THR R 217 -59.38 42.96 -37.66
N GLY R 218 -60.68 42.84 -37.90
CA GLY R 218 -61.20 41.76 -38.74
C GLY R 218 -61.63 40.53 -37.96
N ILE R 219 -62.36 40.72 -36.87
CA ILE R 219 -62.82 39.59 -36.06
C ILE R 219 -64.34 39.51 -36.10
N PRO R 220 -64.91 38.44 -36.63
CA PRO R 220 -66.37 38.33 -36.71
C PRO R 220 -67.01 38.23 -35.34
N ASN R 221 -68.27 38.70 -35.25
CA ASN R 221 -69.10 38.57 -34.04
C ASN R 221 -68.43 39.23 -32.84
N VAL R 222 -68.18 40.53 -32.96
CA VAL R 222 -67.52 41.32 -31.93
C VAL R 222 -68.31 42.59 -31.71
N LYS R 223 -68.56 42.91 -30.45
CA LYS R 223 -69.13 44.19 -30.04
C LYS R 223 -68.00 45.11 -29.58
N HIS R 224 -67.95 46.31 -30.14
CA HIS R 224 -66.84 47.23 -29.91
C HIS R 224 -67.34 48.49 -29.22
N THR R 225 -66.57 48.95 -28.23
CA THR R 225 -66.89 50.16 -27.50
C THR R 225 -65.60 50.87 -27.10
N ILE R 226 -65.60 52.20 -27.20
CA ILE R 226 -64.51 53.02 -26.69
C ILE R 226 -65.08 54.00 -25.67
N LEU R 227 -64.52 53.94 -24.46
CA LEU R 227 -64.88 54.80 -23.32
C LEU R 227 -66.37 55.11 -23.22
N GLU R 237 -76.83 51.77 -31.21
CA GLU R 237 -78.06 51.15 -31.68
C GLU R 237 -77.83 50.37 -32.98
N LYS R 238 -77.00 50.94 -33.85
CA LYS R 238 -76.72 50.33 -35.15
C LYS R 238 -75.83 49.11 -34.97
N LYS R 239 -76.29 47.96 -35.44
CA LYS R 239 -75.54 46.71 -35.34
C LYS R 239 -75.24 46.21 -36.75
N GLN R 240 -73.98 45.94 -37.02
CA GLN R 240 -73.55 45.37 -38.27
C GLN R 240 -73.28 43.87 -38.08
N GLN R 241 -73.19 43.14 -39.19
CA GLN R 241 -73.04 41.69 -39.12
C GLN R 241 -72.16 41.17 -40.24
N LYS R 242 -72.20 39.86 -40.47
CA LYS R 242 -71.34 39.23 -41.47
C LYS R 242 -71.73 39.69 -42.87
N GLY R 243 -70.74 39.78 -43.75
CA GLY R 243 -70.90 40.37 -45.06
C GLY R 243 -70.37 41.77 -45.19
N GLU R 244 -69.90 42.37 -44.10
CA GLU R 244 -69.26 43.68 -44.11
C GLU R 244 -67.90 43.56 -43.44
N LEU R 245 -66.89 44.20 -44.04
CA LEU R 245 -65.54 44.12 -43.50
C LEU R 245 -65.44 44.86 -42.19
N TYR R 246 -64.52 44.43 -41.34
CA TYR R 246 -64.33 45.02 -40.01
C TYR R 246 -63.08 45.89 -40.03
N SER R 247 -63.24 47.17 -39.72
CA SER R 247 -62.15 48.12 -39.81
C SER R 247 -62.19 49.13 -38.68
N GLU R 248 -61.42 50.21 -38.83
CA GLU R 248 -61.37 51.28 -37.83
C GLU R 248 -62.50 52.26 -38.08
N GLU R 249 -62.44 53.41 -37.40
CA GLU R 249 -63.43 54.50 -37.49
C GLU R 249 -64.86 53.96 -37.45
N TYR R 250 -65.08 52.98 -36.58
CA TYR R 250 -66.39 52.39 -36.32
C TYR R 250 -66.67 52.39 -34.83
N TYR R 251 -66.32 53.48 -34.16
CA TYR R 251 -66.36 53.57 -32.71
C TYR R 251 -67.68 54.11 -32.21
N CYS R 252 -67.92 53.92 -30.90
CA CYS R 252 -69.08 54.46 -30.22
C CYS R 252 -68.60 55.24 -29.00
N TYR R 253 -69.55 55.83 -28.27
CA TYR R 253 -69.27 56.52 -27.03
C TYR R 253 -70.18 56.01 -25.93
N LYS R 254 -69.72 56.17 -24.69
CA LYS R 254 -70.49 55.78 -23.52
C LYS R 254 -70.18 56.74 -22.39
N LYS R 255 -71.22 57.17 -21.67
CA LYS R 255 -71.07 58.13 -20.58
C LYS R 255 -71.59 57.52 -19.29
N ILE R 256 -70.96 57.93 -18.19
CA ILE R 256 -71.37 57.49 -16.86
C ILE R 256 -71.91 58.69 -16.09
N PRO R 257 -73.04 58.55 -15.41
CA PRO R 257 -73.60 59.67 -14.65
C PRO R 257 -72.91 59.79 -13.30
N TYR R 258 -73.26 60.85 -12.56
CA TYR R 258 -72.71 61.08 -11.24
C TYR R 258 -73.49 60.38 -10.13
N GLN R 259 -74.64 59.79 -10.45
CA GLN R 259 -75.37 59.01 -9.45
C GLN R 259 -74.85 57.58 -9.35
N ALA R 260 -74.15 57.10 -10.39
CA ALA R 260 -73.72 55.70 -10.42
C ALA R 260 -72.52 55.44 -9.52
N LEU R 261 -71.90 56.49 -8.97
CA LEU R 261 -70.73 56.30 -8.11
C LEU R 261 -71.11 55.51 -6.86
N GLY R 262 -72.28 55.76 -6.31
CA GLY R 262 -72.78 54.96 -5.21
C GLY R 262 -72.76 55.71 -3.89
N PHE R 263 -73.64 55.26 -2.97
CA PHE R 263 -73.76 55.92 -1.68
C PHE R 263 -72.45 55.86 -0.90
N ALA R 264 -71.84 54.67 -0.83
CA ALA R 264 -70.53 54.55 -0.19
C ALA R 264 -69.48 55.34 -0.96
N GLY R 265 -69.55 55.32 -2.29
CA GLY R 265 -68.60 56.11 -3.07
C GLY R 265 -68.75 57.60 -2.83
N LEU R 266 -69.99 58.09 -2.79
CA LEU R 266 -70.21 59.50 -2.50
C LEU R 266 -69.71 59.85 -1.10
N ILE R 267 -69.94 58.97 -0.13
CA ILE R 267 -69.45 59.22 1.22
C ILE R 267 -67.93 59.29 1.22
N LYS R 268 -67.27 58.36 0.52
CA LYS R 268 -65.80 58.36 0.47
C LYS R 268 -65.27 59.63 -0.18
N LEU R 269 -65.87 60.06 -1.29
CA LEU R 269 -65.42 61.29 -1.93
C LEU R 269 -65.72 62.52 -1.08
N LEU R 270 -66.77 62.47 -0.26
CA LEU R 270 -67.02 63.58 0.66
C LEU R 270 -66.03 63.62 1.80
N ARG R 271 -65.40 62.48 2.12
CA ARG R 271 -64.40 62.33 3.17
C ARG R 271 -64.71 63.17 4.43
N PRO R 272 -65.77 62.80 5.17
CA PRO R 272 -66.14 63.56 6.37
C PRO R 272 -65.19 63.27 7.51
N SER R 273 -64.31 64.24 7.81
CA SER R 273 -63.35 64.12 8.89
C SER R 273 -63.22 65.43 9.65
N ASP R 274 -64.34 66.11 9.90
CA ASP R 274 -64.29 67.41 10.57
C ASP R 274 -65.50 67.51 11.50
N LYS R 275 -65.26 67.33 12.80
CA LYS R 275 -66.26 67.55 13.84
C LYS R 275 -67.56 66.79 13.60
N THR R 276 -68.67 67.51 13.53
CA THR R 276 -70.00 66.92 13.46
C THR R 276 -70.59 66.97 12.05
N GLN R 277 -69.76 66.89 11.02
CA GLN R 277 -70.24 66.94 9.65
C GLN R 277 -70.86 65.62 9.19
N LEU R 278 -70.54 64.51 9.87
CA LEU R 278 -71.07 63.22 9.47
C LEU R 278 -72.59 63.12 9.56
N PRO R 279 -73.23 63.49 10.68
CA PRO R 279 -74.71 63.43 10.70
C PRO R 279 -75.34 64.34 9.68
N ALA R 280 -74.76 65.52 9.45
CA ALA R 280 -75.30 66.44 8.45
C ALA R 280 -75.25 65.83 7.06
N LEU R 281 -74.10 65.25 6.70
CA LEU R 281 -73.99 64.63 5.38
C LEU R 281 -74.93 63.45 5.25
N ARG R 282 -75.03 62.62 6.29
CA ARG R 282 -75.89 61.44 6.23
C ARG R 282 -77.35 61.84 6.06
N ASN R 283 -77.81 62.82 6.83
CA ASN R 283 -79.22 63.21 6.73
C ASN R 283 -79.49 63.99 5.46
N ALA R 284 -78.50 64.71 4.93
CA ALA R 284 -78.68 65.38 3.64
C ALA R 284 -78.84 64.36 2.52
N LEU R 285 -78.02 63.30 2.53
CA LEU R 285 -78.18 62.25 1.52
C LEU R 285 -79.45 61.43 1.76
N SER R 286 -79.91 61.35 3.01
CA SER R 286 -81.08 60.55 3.35
C SER R 286 -82.39 61.31 3.23
N ALA R 287 -82.35 62.60 2.91
CA ALA R 287 -83.54 63.44 2.81
C ALA R 287 -83.73 63.97 1.39
N ILE R 288 -83.72 63.06 0.40
CA ILE R 288 -83.88 63.45 -0.98
C ILE R 288 -85.19 62.96 -1.58
N ASN R 289 -85.71 61.81 -1.15
CA ASN R 289 -86.92 61.27 -1.73
C ASN R 289 -88.18 61.99 -1.25
N ARG R 290 -88.12 62.66 -0.10
CA ARG R 290 -89.29 63.31 0.48
C ARG R 290 -88.98 64.74 0.88
N THR R 291 -88.35 65.48 -0.04
CA THR R 291 -88.00 66.88 0.19
C THR R 291 -88.62 67.72 -0.91
N HIS R 292 -89.25 68.83 -0.52
CA HIS R 292 -89.84 69.77 -1.47
C HIS R 292 -88.92 70.96 -1.63
N PHE R 293 -88.44 71.17 -2.86
CA PHE R 293 -87.51 72.26 -3.15
C PHE R 293 -87.68 72.66 -4.60
N LYS R 294 -87.43 73.94 -4.87
CA LYS R 294 -87.51 74.50 -6.20
C LYS R 294 -86.13 75.06 -6.59
N SER R 295 -86.06 75.66 -7.78
CA SER R 295 -84.78 76.15 -8.29
C SER R 295 -84.23 77.28 -7.41
N ARG R 296 -85.08 78.26 -7.09
CA ARG R 296 -84.64 79.42 -6.33
C ARG R 296 -85.64 79.82 -5.24
N ASN R 297 -86.60 78.95 -4.91
CA ASN R 297 -87.64 79.26 -3.95
C ASN R 297 -87.46 78.37 -2.72
N ILE R 298 -86.96 78.97 -1.63
CA ILE R 298 -86.75 78.24 -0.38
C ILE R 298 -87.94 78.53 0.52
N TYR R 299 -88.93 77.64 0.50
CA TYR R 299 -90.12 77.76 1.33
C TYR R 299 -90.49 76.40 1.89
N LEU R 300 -91.39 76.40 2.86
CA LEU R 300 -91.84 75.19 3.54
C LEU R 300 -93.29 74.92 3.14
N GLU R 301 -93.53 73.76 2.53
CA GLU R 301 -94.85 73.38 2.06
C GLU R 301 -95.80 73.26 3.25
N LYS R 302 -97.01 73.82 3.10
CA LYS R 302 -98.03 73.77 4.14
C LYS R 302 -98.97 72.60 3.91
N ASP R 303 -99.36 71.97 5.02
CA ASP R 303 -100.30 70.85 4.94
C ASP R 303 -101.72 71.34 4.68
N ASP R 304 -102.09 72.50 5.25
CA ASP R 304 -103.45 73.00 5.10
C ASP R 304 -103.73 73.38 3.65
N GLY R 305 -102.79 74.05 2.99
CA GLY R 305 -102.98 74.45 1.61
C GLY R 305 -102.53 75.87 1.30
N GLU R 306 -102.59 76.73 2.31
CA GLU R 306 -102.21 78.13 2.11
C GLU R 306 -100.71 78.24 1.85
N THR R 307 -100.32 79.29 1.12
CA THR R 307 -98.93 79.51 0.77
C THR R 307 -98.49 80.88 1.26
N PHE R 308 -97.40 80.93 2.00
CA PHE R 308 -96.76 82.18 2.42
C PHE R 308 -95.40 82.24 1.72
N LEU R 309 -95.34 83.04 0.65
CA LEU R 309 -94.15 83.11 -0.18
C LEU R 309 -93.08 83.97 0.48
N LEU R 310 -91.82 83.62 0.25
CA LEU R 310 -90.68 84.36 0.75
C LEU R 310 -89.80 84.79 -0.41
N TYR R 311 -88.59 85.24 -0.08
CA TYR R 311 -87.62 85.68 -1.06
C TYR R 311 -86.36 84.84 -0.91
N ASP R 312 -85.33 85.18 -1.69
CA ASP R 312 -84.07 84.45 -1.66
C ASP R 312 -83.19 84.82 -0.47
N ASP R 313 -83.61 85.79 0.34
CA ASP R 313 -82.86 86.17 1.53
C ASP R 313 -82.86 85.04 2.55
N CYS R 314 -81.76 84.95 3.29
CA CYS R 314 -81.58 83.91 4.30
C CYS R 314 -82.13 84.42 5.62
N ARG R 315 -83.37 84.02 5.93
CA ARG R 315 -84.04 84.47 7.13
C ARG R 315 -84.83 83.30 7.71
N ASP R 316 -84.91 83.27 9.04
CA ASP R 316 -85.58 82.19 9.76
C ASP R 316 -87.08 82.43 9.74
N THR R 317 -87.82 81.53 9.08
CA THR R 317 -89.27 81.62 9.04
C THR R 317 -89.84 80.20 9.09
N ASN R 318 -90.82 80.01 9.98
CA ASN R 318 -91.64 78.79 10.12
C ASN R 318 -90.82 77.51 9.90
N GLN R 319 -89.58 77.49 10.38
CA GLN R 319 -88.72 76.33 10.22
C GLN R 319 -88.78 75.40 11.43
N SER R 320 -89.57 75.74 12.45
CA SER R 320 -89.68 74.89 13.64
C SER R 320 -90.34 73.56 13.30
N LYS R 321 -91.00 73.47 12.15
CA LYS R 321 -91.71 72.26 11.75
C LYS R 321 -90.77 71.20 11.17
N LEU R 322 -89.46 71.35 11.39
CA LEU R 322 -88.52 70.33 10.95
C LEU R 322 -88.77 69.01 11.66
N ALA R 323 -89.12 69.07 12.96
CA ALA R 323 -89.46 67.85 13.68
C ALA R 323 -90.69 67.17 13.08
N GLU R 324 -91.71 67.95 12.74
CA GLU R 324 -92.90 67.38 12.11
C GLU R 324 -92.58 66.76 10.77
N TRP R 325 -91.73 67.42 9.97
CA TRP R 325 -91.33 66.86 8.68
C TRP R 325 -90.55 65.57 8.87
N LEU R 326 -89.63 65.53 9.85
CA LEU R 326 -88.87 64.31 10.10
C LEU R 326 -89.79 63.17 10.53
N ASP R 327 -90.74 63.45 11.42
CA ASP R 327 -91.67 62.42 11.85
C ASP R 327 -92.52 61.93 10.69
N LEU R 328 -92.99 62.85 9.84
CA LEU R 328 -93.82 62.46 8.70
C LEU R 328 -93.03 61.61 7.70
N LEU R 329 -91.77 61.98 7.44
CA LEU R 329 -90.99 61.21 6.48
C LEU R 329 -90.58 59.86 7.06
N ARG R 330 -90.40 59.77 8.38
CA ARG R 330 -90.18 58.46 8.98
C ARG R 330 -91.45 57.62 8.96
N ARG R 331 -92.62 58.27 9.03
CA ARG R 331 -93.89 57.57 8.94
C ARG R 331 -94.16 57.02 7.55
N ARG R 332 -93.50 57.58 6.52
CA ARG R 332 -93.64 57.14 5.13
C ARG R 332 -95.08 57.31 4.63
N ARG R 333 -95.58 58.56 4.72
CA ARG R 333 -96.86 58.93 4.15
C ARG R 333 -96.81 60.32 3.52
N LEU R 334 -95.65 60.72 3.01
CA LEU R 334 -95.47 62.01 2.38
C LEU R 334 -95.37 61.83 0.86
N LYS R 335 -95.59 62.92 0.14
CA LYS R 335 -95.48 62.87 -1.31
C LYS R 335 -94.02 62.74 -1.72
N ARG R 336 -93.78 61.89 -2.72
CA ARG R 336 -92.45 61.58 -3.19
C ARG R 336 -92.11 62.45 -4.41
N THR R 337 -90.85 62.40 -4.82
CA THR R 337 -90.36 63.17 -5.94
C THR R 337 -89.97 62.25 -7.09
N ASN R 338 -90.44 62.59 -8.28
CA ASN R 338 -90.20 61.78 -9.47
C ASN R 338 -89.40 62.52 -10.54
N VAL R 339 -88.51 63.42 -10.13
CA VAL R 339 -87.68 64.18 -11.07
C VAL R 339 -86.23 63.73 -10.88
N TRP R 340 -85.39 64.13 -11.83
CA TRP R 340 -83.98 63.80 -11.78
C TRP R 340 -83.25 64.93 -11.08
N PRO R 341 -82.68 64.70 -9.90
CA PRO R 341 -82.14 65.81 -9.10
C PRO R 341 -80.92 66.42 -9.76
N PRO R 342 -80.87 67.74 -9.90
CA PRO R 342 -79.65 68.40 -10.33
C PRO R 342 -78.54 68.22 -9.30
N PHE R 343 -77.30 68.31 -9.78
CA PHE R 343 -76.15 68.12 -8.91
C PHE R 343 -76.10 69.18 -7.82
N LYS R 344 -76.50 70.42 -8.14
CA LYS R 344 -76.43 71.50 -7.16
C LYS R 344 -77.46 71.33 -6.04
N SER R 345 -78.45 70.46 -6.22
CA SER R 345 -79.43 70.22 -5.16
C SER R 345 -78.76 69.61 -3.93
N LEU R 346 -77.83 68.68 -4.14
CA LEU R 346 -77.10 68.10 -3.01
C LEU R 346 -76.29 69.16 -2.27
N ALA R 347 -75.63 70.05 -3.02
CA ALA R 347 -74.88 71.13 -2.39
C ALA R 347 -75.80 72.05 -1.60
N THR R 348 -76.97 72.37 -2.14
CA THR R 348 -77.93 73.20 -1.43
C THR R 348 -78.39 72.53 -0.14
N LEU R 349 -78.69 71.23 -0.19
CA LEU R 349 -79.11 70.52 1.01
C LEU R 349 -77.99 70.48 2.03
N VAL R 350 -76.75 70.26 1.59
CA VAL R 350 -75.61 70.23 2.51
C VAL R 350 -75.42 71.59 3.18
N ALA R 351 -75.53 72.67 2.40
CA ALA R 351 -75.37 74.00 2.96
C ALA R 351 -76.51 74.35 3.91
N GLU R 352 -77.71 73.85 3.62
CA GLU R 352 -78.88 74.19 4.43
C GLU R 352 -78.74 73.68 5.86
N PHE R 353 -78.35 72.43 6.04
CA PHE R 353 -78.21 71.87 7.38
C PHE R 353 -76.94 72.39 8.05
N GLY R 354 -77.03 72.56 9.37
CA GLY R 354 -75.92 73.01 10.18
C GLY R 354 -75.95 74.47 10.54
N CYS R 355 -76.41 75.33 9.62
CA CYS R 355 -76.39 76.77 9.86
C CYS R 355 -77.45 77.20 10.88
N VAL R 356 -78.66 76.65 10.80
CA VAL R 356 -79.76 77.13 11.62
C VAL R 356 -79.83 76.30 12.91
N ALA R 357 -79.99 77.01 14.04
CA ALA R 357 -80.13 76.38 15.35
C ALA R 357 -81.37 76.92 16.03
N ALA R 358 -82.46 76.16 15.98
CA ALA R 358 -83.72 76.61 16.56
C ALA R 358 -83.67 76.55 18.08
N ASP R 359 -84.34 77.51 18.72
CA ASP R 359 -84.37 77.59 20.17
C ASP R 359 -85.44 76.65 20.73
N ARG R 360 -85.50 76.57 22.07
CA ARG R 360 -86.45 75.67 22.72
C ARG R 360 -87.89 76.19 22.63
N SER R 361 -88.10 77.48 22.87
CA SER R 361 -89.46 78.02 22.91
C SER R 361 -89.40 79.54 22.79
N ASN R 362 -90.05 80.09 21.76
CA ASN R 362 -90.22 81.53 21.58
C ASN R 362 -88.87 82.24 21.56
N GLY R 363 -88.04 81.86 20.59
CA GLY R 363 -86.73 82.46 20.46
C GLY R 363 -85.98 81.87 19.29
N SER R 364 -84.80 82.44 19.04
CA SER R 364 -83.91 81.97 18.00
C SER R 364 -82.49 82.39 18.35
N LYS R 365 -81.52 81.63 17.84
CA LYS R 365 -80.11 81.92 18.07
C LYS R 365 -79.33 81.70 16.79
N ARG R 366 -78.52 82.70 16.43
CA ARG R 366 -77.68 82.63 15.24
C ARG R 366 -76.22 82.51 15.66
N ASP R 367 -75.53 81.51 15.13
CA ASP R 367 -74.14 81.25 15.47
C ASP R 367 -73.30 81.28 14.20
N ALA R 368 -72.26 82.10 14.21
CA ALA R 368 -71.34 82.19 13.08
C ALA R 368 -70.16 81.24 13.21
N PHE R 369 -69.95 80.63 14.39
CA PHE R 369 -68.86 79.68 14.54
C PHE R 369 -69.07 78.45 13.69
N GLY R 370 -70.31 77.93 13.65
CA GLY R 370 -70.60 76.80 12.79
C GLY R 370 -70.44 77.12 11.32
N PHE R 371 -70.87 78.33 10.91
CA PHE R 371 -70.70 78.74 9.53
C PHE R 371 -69.22 78.84 9.17
N SER R 372 -68.40 79.40 10.07
CA SER R 372 -66.97 79.47 9.82
C SER R 372 -66.35 78.09 9.74
N ASN R 373 -66.81 77.17 10.59
CA ASN R 373 -66.28 75.81 10.58
C ASN R 373 -66.65 75.08 9.28
N VAL R 374 -67.86 75.29 8.77
CA VAL R 374 -68.30 74.61 7.56
C VAL R 374 -67.89 75.35 6.29
N LEU R 375 -67.34 76.56 6.40
CA LEU R 375 -66.79 77.23 5.23
C LEU R 375 -65.72 76.42 4.52
N PRO R 376 -64.72 75.84 5.20
CA PRO R 376 -63.84 74.89 4.49
C PRO R 376 -64.60 73.73 3.87
N LEU R 377 -65.62 73.23 4.55
CA LEU R 377 -66.41 72.13 4.00
C LEU R 377 -67.08 72.55 2.70
N VAL R 378 -67.74 73.71 2.70
CA VAL R 378 -68.49 74.13 1.52
C VAL R 378 -67.52 74.45 0.38
N LYS R 379 -66.37 75.05 0.69
CA LYS R 379 -65.43 75.37 -0.39
C LYS R 379 -64.84 74.10 -0.99
N ILE R 380 -64.49 73.11 -0.15
CA ILE R 380 -63.89 71.90 -0.71
C ILE R 380 -64.92 71.09 -1.47
N ILE R 381 -66.20 71.17 -1.09
CA ILE R 381 -67.18 70.39 -1.83
C ILE R 381 -67.61 71.09 -3.12
N GLN R 382 -67.57 72.43 -3.17
CA GLN R 382 -68.06 73.10 -4.37
C GLN R 382 -66.96 73.42 -5.37
N GLN R 383 -65.74 73.73 -4.91
CA GLN R 383 -64.66 74.04 -5.84
C GLN R 383 -64.24 72.82 -6.66
N LEU R 384 -64.10 71.67 -6.01
CA LEU R 384 -63.73 70.46 -6.72
C LEU R 384 -64.83 70.03 -7.69
N ALA R 385 -66.08 70.29 -7.34
CA ALA R 385 -67.18 70.01 -8.26
C ALA R 385 -67.19 70.99 -9.43
N GLU R 386 -66.56 72.15 -9.26
CA GLU R 386 -66.40 73.11 -10.34
C GLU R 386 -65.09 72.79 -11.06
N ASP R 387 -65.18 71.86 -12.01
CA ASP R 387 -64.01 71.39 -12.74
C ASP R 387 -64.42 71.12 -14.18
N ILE R 388 -63.43 71.09 -15.07
CA ILE R 388 -63.64 70.92 -16.50
C ILE R 388 -63.09 69.60 -17.00
N ARG R 389 -62.05 69.08 -16.35
CA ARG R 389 -61.45 67.82 -16.78
C ARG R 389 -62.43 66.65 -16.62
N PHE R 390 -63.18 66.64 -15.52
CA PHE R 390 -64.20 65.61 -15.32
C PHE R 390 -65.45 65.87 -16.14
N LYS R 391 -65.71 67.12 -16.51
CA LYS R 391 -66.99 67.50 -17.10
C LYS R 391 -67.20 66.91 -18.50
N SER R 392 -66.15 66.43 -19.15
CA SER R 392 -66.23 65.98 -20.53
C SER R 392 -66.73 64.55 -20.68
N ILE R 393 -66.94 63.83 -19.59
CA ILE R 393 -67.37 62.43 -19.65
C ILE R 393 -68.74 62.20 -19.05
N VAL R 394 -69.51 63.24 -18.73
CA VAL R 394 -70.82 63.10 -18.14
C VAL R 394 -71.87 63.64 -19.10
N ASN R 395 -72.96 62.89 -19.27
CA ASN R 395 -74.05 63.26 -20.16
C ASN R 395 -75.27 63.62 -19.35
N LEU R 396 -75.87 64.77 -19.67
CA LEU R 396 -77.04 65.28 -18.95
C LEU R 396 -78.32 65.18 -19.78
N ASN R 397 -78.34 64.34 -20.81
CA ASN R 397 -79.50 64.28 -21.69
C ASN R 397 -80.75 63.80 -20.95
N GLY R 398 -80.62 62.78 -20.10
CA GLY R 398 -81.76 62.33 -19.33
C GLY R 398 -82.87 61.76 -20.18
N GLY R 399 -84.10 62.00 -19.75
CA GLY R 399 -85.28 61.55 -20.46
C GLY R 399 -85.49 60.04 -20.49
N GLY R 400 -85.37 59.39 -19.33
CA GLY R 400 -85.60 57.96 -19.25
C GLY R 400 -87.07 57.63 -19.08
N GLU R 401 -87.36 56.51 -18.44
CA GLU R 401 -88.73 56.05 -18.22
C GLU R 401 -88.87 55.47 -16.83
N LEU R 402 -90.09 55.45 -16.33
CA LEU R 402 -90.41 55.01 -14.99
C LEU R 402 -91.38 53.84 -15.03
N ALA R 403 -91.16 52.86 -14.15
CA ALA R 403 -92.01 51.69 -14.03
C ALA R 403 -92.84 51.78 -12.76
N ASP R 404 -94.13 51.46 -12.88
CA ASP R 404 -95.03 51.53 -11.74
C ASP R 404 -95.06 50.20 -10.99
N GLY R 405 -96.00 50.08 -10.05
CA GLY R 405 -96.14 48.90 -9.23
C GLY R 405 -95.65 49.08 -7.79
N GLY R 406 -94.87 50.12 -7.53
CA GLY R 406 -94.37 50.40 -6.20
C GLY R 406 -93.02 49.78 -5.89
N THR R 407 -92.60 48.78 -6.64
CA THR R 407 -91.26 48.19 -6.48
C THR R 407 -90.28 48.79 -7.48
N HIS R 408 -90.29 50.13 -7.59
CA HIS R 408 -89.42 50.80 -8.54
C HIS R 408 -87.96 50.76 -8.11
N TRP R 409 -87.71 50.51 -6.81
CA TRP R 409 -86.33 50.38 -6.35
C TRP R 409 -85.64 49.18 -6.98
N ASP R 410 -86.38 48.10 -7.22
CA ASP R 410 -85.82 46.97 -7.95
C ASP R 410 -85.41 47.37 -9.37
N LYS R 411 -86.25 48.19 -10.02
CA LYS R 411 -85.95 48.63 -11.38
C LYS R 411 -84.69 49.50 -11.44
N ALA R 412 -84.49 50.36 -10.43
CA ALA R 412 -83.38 51.30 -10.42
C ALA R 412 -82.02 50.61 -10.44
N MET R 413 -81.96 49.34 -10.06
CA MET R 413 -80.75 48.56 -10.19
C MET R 413 -80.83 47.53 -11.31
N SER R 414 -82.04 47.02 -11.58
CA SER R 414 -82.20 46.04 -12.64
C SER R 414 -81.82 46.61 -13.99
N ASP R 415 -82.10 47.89 -14.21
CA ASP R 415 -81.78 48.50 -15.50
C ASP R 415 -80.28 48.42 -15.79
N GLU R 416 -79.42 48.83 -14.84
CA GLU R 416 -78.00 48.76 -15.17
C GLU R 416 -77.48 47.34 -15.11
N VAL R 417 -77.97 46.49 -14.21
CA VAL R 417 -77.45 45.13 -14.17
C VAL R 417 -77.84 44.39 -15.45
N ASP R 418 -78.92 44.80 -16.10
CA ASP R 418 -79.31 44.18 -17.36
C ASP R 418 -78.55 44.75 -18.53
N TYR R 419 -78.42 46.09 -18.61
CA TYR R 419 -77.81 46.69 -19.77
C TYR R 419 -76.28 46.58 -19.74
N PHE R 420 -75.65 47.06 -18.66
CA PHE R 420 -74.19 47.12 -18.65
C PHE R 420 -73.56 45.75 -18.40
N PHE R 421 -74.19 44.93 -17.56
CA PHE R 421 -73.62 43.67 -17.14
C PHE R 421 -74.14 42.48 -17.93
N GLY R 422 -75.45 42.40 -18.14
CA GLY R 422 -76.01 41.43 -19.05
C GLY R 422 -77.27 40.79 -18.49
N LYS R 423 -77.76 39.78 -19.20
CA LYS R 423 -78.93 39.02 -18.80
C LYS R 423 -78.49 37.69 -18.18
N GLU R 424 -79.48 36.90 -17.78
CA GLU R 424 -79.22 35.58 -17.21
C GLU R 424 -79.33 34.53 -18.30
N LYS R 425 -79.18 33.26 -17.93
CA LYS R 425 -79.30 32.18 -18.91
C LYS R 425 -80.74 32.03 -19.36
N GLY R 426 -80.92 31.58 -20.60
CA GLY R 426 -82.24 31.43 -21.18
C GLY R 426 -82.76 32.67 -21.88
N GLN R 427 -82.00 33.75 -21.89
CA GLN R 427 -82.44 35.01 -22.50
C GLN R 427 -81.46 35.43 -23.59
N GLU R 428 -81.72 36.56 -24.24
CA GLU R 428 -80.90 37.00 -25.36
C GLU R 428 -80.38 38.40 -25.11
N ASN R 429 -79.06 38.56 -25.26
CA ASN R 429 -78.39 39.85 -25.16
C ASN R 429 -77.56 40.07 -26.42
N ASP R 430 -77.55 41.32 -26.89
CA ASP R 430 -76.92 41.64 -28.16
C ASP R 430 -75.39 41.57 -28.10
N TRP R 431 -74.79 42.19 -27.10
CA TRP R 431 -73.34 42.26 -27.02
C TRP R 431 -72.78 41.01 -26.36
N ASN R 432 -71.64 40.56 -26.85
CA ASN R 432 -70.96 39.39 -26.30
C ASN R 432 -69.57 39.69 -25.77
N VAL R 433 -68.94 40.75 -26.26
CA VAL R 433 -67.68 41.24 -25.72
C VAL R 433 -67.84 42.73 -25.44
N HIS R 434 -67.25 43.21 -24.36
CA HIS R 434 -67.45 44.59 -23.90
C HIS R 434 -66.08 45.21 -23.64
N ILE R 435 -65.52 45.86 -24.67
CA ILE R 435 -64.22 46.49 -24.54
C ILE R 435 -64.38 47.89 -23.97
N VAL R 436 -63.57 48.21 -22.97
CA VAL R 436 -63.48 49.57 -22.42
C VAL R 436 -62.07 50.06 -22.61
N ASN R 437 -61.92 51.19 -23.32
CA ASN R 437 -60.62 51.79 -23.57
C ASN R 437 -60.78 53.30 -23.68
N MET R 438 -59.78 54.03 -23.17
CA MET R 438 -59.79 55.49 -23.22
C MET R 438 -58.36 56.00 -23.34
N LYS R 439 -58.23 57.23 -23.81
CA LYS R 439 -56.93 57.90 -23.87
C LYS R 439 -56.76 58.90 -22.73
N ASN R 440 -57.83 59.57 -22.32
CA ASN R 440 -57.76 60.54 -21.24
C ASN R 440 -57.52 59.82 -19.92
N LEU R 441 -56.57 60.31 -19.14
CA LEU R 441 -56.21 59.69 -17.86
C LEU R 441 -56.24 60.74 -16.76
N ALA R 442 -56.76 60.35 -15.61
CA ALA R 442 -56.77 61.22 -14.44
C ALA R 442 -55.74 60.74 -13.42
N GLN R 443 -54.91 61.67 -12.94
CA GLN R 443 -53.86 61.30 -12.00
C GLN R 443 -54.43 60.82 -10.67
N ASP R 444 -55.44 61.52 -10.15
CA ASP R 444 -55.96 61.24 -8.83
C ASP R 444 -57.42 60.80 -8.83
N HIS R 445 -58.08 60.76 -9.99
CA HIS R 445 -59.48 60.39 -10.06
C HIS R 445 -59.75 59.11 -10.83
N ALA R 446 -58.89 58.74 -11.77
CA ALA R 446 -59.12 57.53 -12.56
C ALA R 446 -59.12 56.26 -11.72
N PRO R 447 -58.13 56.00 -10.85
CA PRO R 447 -58.15 54.74 -10.08
C PRO R 447 -59.39 54.59 -9.22
N MET R 448 -59.91 55.69 -8.64
CA MET R 448 -61.12 55.59 -7.85
C MET R 448 -62.32 55.17 -8.70
N LEU R 449 -62.45 55.77 -9.89
CA LEU R 449 -63.57 55.43 -10.77
C LEU R 449 -63.47 53.99 -11.27
N LEU R 450 -62.25 53.54 -11.61
CA LEU R 450 -62.09 52.14 -12.00
C LEU R 450 -62.41 51.21 -10.84
N SER R 451 -61.94 51.53 -9.64
CA SER R 451 -62.25 50.72 -8.48
C SER R 451 -63.70 50.87 -8.05
N ALA R 452 -64.35 51.97 -8.44
CA ALA R 452 -65.75 52.17 -8.10
C ALA R 452 -66.63 51.10 -8.77
N LEU R 453 -66.25 50.66 -9.96
CA LEU R 453 -67.00 49.62 -10.66
C LEU R 453 -66.87 48.26 -9.98
N LEU R 454 -65.83 48.06 -9.18
CA LEU R 454 -65.63 46.76 -8.56
C LEU R 454 -66.62 46.50 -7.44
N GLU R 455 -66.93 47.52 -6.63
CA GLU R 455 -67.86 47.32 -5.52
C GLU R 455 -69.26 46.98 -6.03
N MET R 456 -69.72 47.71 -7.05
CA MET R 456 -71.04 47.42 -7.61
C MET R 456 -71.08 46.04 -8.24
N PHE R 457 -70.01 45.65 -8.94
CA PHE R 457 -69.96 44.31 -9.52
C PHE R 457 -69.98 43.25 -8.45
N ALA R 458 -69.26 43.47 -7.34
CA ALA R 458 -69.26 42.50 -6.24
C ALA R 458 -70.65 42.38 -5.63
N GLU R 459 -71.33 43.50 -5.43
CA GLU R 459 -72.69 43.45 -4.89
C GLU R 459 -73.63 42.70 -5.83
N ILE R 460 -73.51 42.97 -7.14
CA ILE R 460 -74.35 42.29 -8.12
C ILE R 460 -74.07 40.80 -8.11
N LEU R 461 -72.80 40.41 -8.08
CA LEU R 461 -72.45 38.99 -8.11
C LEU R 461 -72.95 38.28 -6.85
N PHE R 462 -72.83 38.92 -5.70
CA PHE R 462 -73.35 38.30 -4.48
C PHE R 462 -74.87 38.15 -4.53
N ARG R 463 -75.57 39.19 -5.01
CA ARG R 463 -77.03 39.12 -5.02
C ARG R 463 -77.55 38.14 -6.05
N ARG R 464 -76.80 37.90 -7.13
CA ARG R 464 -77.25 36.97 -8.16
C ARG R 464 -77.45 35.57 -7.58
N GLY R 465 -76.50 35.11 -6.77
CA GLY R 465 -76.59 33.79 -6.19
C GLY R 465 -76.33 32.69 -7.21
N GLN R 466 -76.62 31.46 -6.78
CA GLN R 466 -76.42 30.30 -7.64
C GLN R 466 -77.55 30.12 -8.65
N GLU R 467 -78.71 30.73 -8.40
CA GLU R 467 -79.83 30.61 -9.34
C GLU R 467 -79.47 31.22 -10.69
N ARG R 468 -78.83 32.38 -10.68
CA ARG R 468 -78.40 33.05 -11.91
C ARG R 468 -76.91 33.33 -11.81
N SER R 469 -76.14 32.84 -12.78
CA SER R 469 -74.70 33.05 -12.81
C SER R 469 -74.20 32.76 -14.21
N TYR R 470 -73.59 33.75 -14.85
CA TYR R 470 -73.06 33.55 -16.18
C TYR R 470 -71.54 33.63 -16.18
N PRO R 471 -70.86 32.74 -16.90
CA PRO R 471 -69.40 32.79 -16.93
C PRO R 471 -68.89 34.09 -17.53
N THR R 472 -67.80 34.59 -16.96
CA THR R 472 -67.19 35.83 -17.42
C THR R 472 -65.68 35.73 -17.28
N VAL R 473 -64.97 36.15 -18.32
CA VAL R 473 -63.51 36.18 -18.33
C VAL R 473 -63.08 37.64 -18.40
N LEU R 474 -62.27 38.07 -17.43
CA LEU R 474 -61.80 39.45 -17.36
C LEU R 474 -60.32 39.51 -17.69
N LEU R 475 -59.89 40.65 -18.24
CA LEU R 475 -58.51 40.87 -18.63
C LEU R 475 -58.04 42.24 -18.16
N LEU R 476 -58.24 42.54 -16.87
CA LEU R 476 -57.78 43.80 -16.32
C LEU R 476 -56.26 43.89 -16.44
N GLU R 477 -55.77 45.09 -16.79
CA GLU R 477 -54.37 45.30 -17.09
C GLU R 477 -53.82 46.46 -16.27
N GLU R 478 -52.53 46.35 -15.91
CA GLU R 478 -51.83 47.37 -15.14
C GLU R 478 -52.54 47.62 -13.80
N ALA R 479 -52.69 46.56 -13.02
CA ALA R 479 -53.45 46.64 -11.78
C ALA R 479 -52.78 47.54 -10.76
N HIS R 480 -51.45 47.48 -10.65
CA HIS R 480 -50.75 48.24 -9.62
C HIS R 480 -50.92 49.74 -9.80
N HIS R 481 -51.26 50.20 -11.00
CA HIS R 481 -51.54 51.62 -11.20
C HIS R 481 -52.79 52.04 -10.44
N TYR R 482 -53.85 51.21 -10.45
CA TYR R 482 -55.13 51.62 -9.91
C TYR R 482 -55.74 50.67 -8.88
N LEU R 483 -55.22 49.45 -8.73
CA LEU R 483 -55.80 48.54 -7.74
C LEU R 483 -55.51 49.00 -6.32
N ARG R 484 -54.27 49.42 -6.07
CA ARG R 484 -53.89 49.99 -4.78
C ARG R 484 -53.32 51.38 -5.03
N ASP R 485 -54.11 52.39 -4.70
CA ASP R 485 -53.71 53.77 -4.91
C ASP R 485 -52.80 54.25 -3.78
N PRO R 486 -51.64 54.85 -4.07
CA PRO R 486 -50.67 55.16 -3.01
C PRO R 486 -50.90 56.48 -2.29
N TYR R 487 -51.80 57.34 -2.78
CA TYR R 487 -52.11 58.60 -2.11
C TYR R 487 -53.39 58.53 -1.29
N ALA R 488 -53.95 57.34 -1.09
CA ALA R 488 -55.16 57.18 -0.30
C ALA R 488 -54.88 56.28 0.89
N GLU R 489 -55.52 56.61 2.01
CA GLU R 489 -55.37 55.87 3.27
C GLU R 489 -56.51 54.90 3.52
N ILE R 490 -57.70 55.19 2.99
CA ILE R 490 -58.87 54.37 3.27
C ILE R 490 -58.68 52.97 2.70
N ASP R 491 -58.92 51.95 3.52
CA ASP R 491 -58.76 50.56 3.14
C ASP R 491 -60.06 49.90 2.71
N SER R 492 -61.09 50.68 2.37
CA SER R 492 -62.37 50.11 1.98
C SER R 492 -62.27 49.31 0.68
N GLN R 493 -61.52 49.83 -0.28
CA GLN R 493 -61.40 49.16 -1.58
C GLN R 493 -60.69 47.81 -1.45
N ILE R 494 -59.82 47.66 -0.45
CA ILE R 494 -59.10 46.40 -0.26
C ILE R 494 -60.09 45.26 -0.03
N LYS R 495 -61.01 45.45 0.91
CA LYS R 495 -62.05 44.45 1.14
C LYS R 495 -62.91 44.27 -0.09
N ALA R 496 -63.11 45.33 -0.87
CA ALA R 496 -63.94 45.23 -2.06
C ALA R 496 -63.35 44.25 -3.07
N TYR R 497 -62.09 44.44 -3.45
CA TYR R 497 -61.55 43.51 -4.45
C TYR R 497 -61.22 42.17 -3.84
N GLU R 498 -60.99 42.10 -2.51
CA GLU R 498 -60.84 40.81 -1.87
C GLU R 498 -62.12 40.00 -1.96
N ARG R 499 -63.27 40.63 -1.70
CA ARG R 499 -64.55 39.95 -1.85
C ARG R 499 -64.82 39.60 -3.31
N LEU R 500 -64.44 40.48 -4.23
CA LEU R 500 -64.63 40.16 -5.65
C LEU R 500 -63.80 38.94 -6.05
N ALA R 501 -62.56 38.86 -5.57
CA ALA R 501 -61.72 37.69 -5.84
C ALA R 501 -62.32 36.44 -5.21
N LYS R 502 -62.87 36.55 -4.00
CA LYS R 502 -63.53 35.41 -3.37
C LYS R 502 -64.71 34.94 -4.22
N GLU R 503 -65.51 35.90 -4.72
CA GLU R 503 -66.65 35.55 -5.55
C GLU R 503 -66.23 34.98 -6.90
N GLY R 504 -65.02 35.29 -7.36
CA GLY R 504 -64.53 34.69 -8.60
C GLY R 504 -64.36 33.19 -8.51
N ARG R 505 -64.23 32.65 -7.30
CA ARG R 505 -64.13 31.21 -7.07
C ARG R 505 -65.49 30.53 -6.95
N LYS R 506 -66.48 31.22 -6.38
CA LYS R 506 -67.77 30.58 -6.12
C LYS R 506 -68.46 30.16 -7.41
N PHE R 507 -68.45 31.03 -8.42
CA PHE R 507 -69.05 30.75 -9.71
C PHE R 507 -68.00 30.82 -10.81
N LYS R 508 -68.45 30.60 -12.04
CA LYS R 508 -67.57 30.57 -13.20
C LYS R 508 -67.10 31.99 -13.50
N CYS R 509 -65.94 32.36 -12.94
CA CYS R 509 -65.36 33.67 -13.15
C CYS R 509 -63.85 33.52 -13.20
N SER R 510 -63.23 34.17 -14.19
CA SER R 510 -61.78 34.10 -14.37
C SER R 510 -61.22 35.52 -14.35
N LEU R 511 -60.22 35.74 -13.50
CA LEU R 511 -59.55 37.03 -13.40
C LEU R 511 -58.08 36.88 -13.74
N ILE R 512 -57.58 37.74 -14.62
CA ILE R 512 -56.17 37.76 -14.99
C ILE R 512 -55.63 39.14 -14.63
N VAL R 513 -54.55 39.16 -13.84
CA VAL R 513 -53.96 40.38 -13.32
C VAL R 513 -52.66 40.64 -14.07
N SER R 514 -52.55 41.82 -14.66
CA SER R 514 -51.36 42.21 -15.42
C SER R 514 -50.60 43.27 -14.63
N THR R 515 -49.34 43.00 -14.33
CA THR R 515 -48.49 43.95 -13.63
C THR R 515 -47.07 43.80 -14.15
N GLN R 516 -46.36 44.94 -14.23
CA GLN R 516 -44.97 44.94 -14.66
C GLN R 516 -43.98 45.03 -13.50
N ARG R 517 -44.45 45.42 -12.32
CA ARG R 517 -43.62 45.53 -11.11
C ARG R 517 -44.31 44.76 -10.01
N PRO R 518 -44.15 43.43 -9.98
CA PRO R 518 -44.89 42.62 -9.00
C PRO R 518 -44.45 42.80 -7.57
N SER R 519 -43.49 43.69 -7.30
CA SER R 519 -43.07 43.95 -5.93
C SER R 519 -44.18 44.63 -5.13
N GLU R 520 -44.88 45.58 -5.73
CA GLU R 520 -45.91 46.33 -5.01
C GLU R 520 -47.26 45.63 -5.01
N LEU R 521 -47.43 44.57 -5.79
CA LEU R 521 -48.70 43.86 -5.82
C LEU R 521 -48.94 43.18 -4.48
N SER R 522 -50.21 43.08 -4.09
CA SER R 522 -50.57 42.58 -2.78
C SER R 522 -50.18 41.11 -2.65
N PRO R 523 -49.43 40.73 -1.61
CA PRO R 523 -49.04 39.32 -1.46
C PRO R 523 -50.21 38.37 -1.34
N THR R 524 -51.32 38.82 -0.74
CA THR R 524 -52.51 37.97 -0.67
C THR R 524 -53.10 37.72 -2.04
N VAL R 525 -53.08 38.72 -2.92
CA VAL R 525 -53.69 38.58 -4.24
C VAL R 525 -52.98 37.51 -5.07
N LEU R 526 -51.64 37.53 -5.05
CA LEU R 526 -50.89 36.58 -5.86
C LEU R 526 -51.12 35.15 -5.41
N ALA R 527 -51.25 34.93 -4.10
CA ALA R 527 -51.42 33.59 -3.55
C ALA R 527 -52.71 32.92 -4.00
N MET R 528 -53.68 33.69 -4.52
CA MET R 528 -54.95 33.11 -4.94
C MET R 528 -54.92 32.52 -6.34
N CYS R 529 -53.81 32.65 -7.07
CA CYS R 529 -53.72 32.16 -8.43
C CYS R 529 -53.13 30.76 -8.46
N SER R 530 -53.78 29.86 -9.18
CA SER R 530 -53.33 28.47 -9.31
C SER R 530 -52.50 28.25 -10.56
N ASN R 531 -52.22 29.31 -11.32
CA ASN R 531 -51.35 29.23 -12.48
C ASN R 531 -50.55 30.53 -12.58
N TRP R 532 -49.29 30.41 -12.98
CA TRP R 532 -48.38 31.55 -12.99
C TRP R 532 -47.69 31.66 -14.34
N PHE R 533 -47.55 32.89 -14.83
CA PHE R 533 -46.81 33.18 -16.05
C PHE R 533 -45.82 34.30 -15.74
N SER R 534 -44.55 34.08 -16.11
CA SER R 534 -43.50 35.06 -15.85
C SER R 534 -42.74 35.35 -17.13
N LEU R 535 -42.60 36.64 -17.44
CA LEU R 535 -41.86 37.09 -18.62
C LEU R 535 -40.52 37.67 -18.18
N ARG R 536 -39.89 38.42 -19.09
CA ARG R 536 -38.56 38.97 -18.82
C ARG R 536 -38.59 39.88 -17.60
N LEU R 537 -37.63 39.69 -16.70
CA LEU R 537 -37.47 40.51 -15.52
C LEU R 537 -36.01 40.88 -15.38
N THR R 538 -35.69 42.16 -15.51
CA THR R 538 -34.34 42.65 -15.32
C THR R 538 -34.07 43.09 -13.89
N ASN R 539 -35.05 42.97 -13.00
CA ASN R 539 -34.92 43.38 -11.61
C ASN R 539 -34.88 42.15 -10.71
N GLU R 540 -33.90 42.12 -9.80
CA GLU R 540 -33.82 41.04 -8.83
C GLU R 540 -34.95 41.10 -7.81
N ARG R 541 -35.44 42.31 -7.52
CA ARG R 541 -36.49 42.46 -6.51
C ARG R 541 -37.77 41.75 -6.92
N ASP R 542 -38.09 41.77 -8.22
CA ASP R 542 -39.27 41.06 -8.69
C ASP R 542 -39.14 39.57 -8.45
N LEU R 543 -37.96 39.00 -8.73
CA LEU R 543 -37.73 37.59 -8.46
C LEU R 543 -37.81 37.28 -6.97
N GLN R 544 -37.24 38.16 -6.14
CA GLN R 544 -37.29 37.96 -4.70
C GLN R 544 -38.73 37.95 -4.19
N ALA R 545 -39.55 38.87 -4.70
CA ALA R 545 -40.95 38.90 -4.29
C ALA R 545 -41.71 37.68 -4.80
N LEU R 546 -41.43 37.26 -6.05
CA LEU R 546 -42.16 36.14 -6.63
C LEU R 546 -41.83 34.83 -5.93
N ARG R 547 -40.56 34.60 -5.59
CA ARG R 547 -40.18 33.34 -4.98
C ARG R 547 -40.73 33.18 -3.57
N TYR R 548 -41.26 34.25 -2.98
CA TYR R 548 -41.84 34.16 -1.65
C TYR R 548 -43.07 33.25 -1.63
N ALA R 549 -43.97 33.43 -2.59
CA ALA R 549 -45.23 32.69 -2.60
C ALA R 549 -45.43 31.87 -3.88
N MET R 550 -44.36 31.57 -4.59
CA MET R 550 -44.48 30.77 -5.80
C MET R 550 -44.72 29.30 -5.44
N GLU R 551 -45.03 28.52 -6.47
CA GLU R 551 -45.31 27.09 -6.33
C GLU R 551 -44.43 26.30 -7.28
N SER R 552 -44.23 25.02 -6.96
CA SER R 552 -43.42 24.10 -7.75
C SER R 552 -41.98 24.63 -7.88
N GLY R 553 -41.32 24.72 -6.73
CA GLY R 553 -39.97 25.23 -6.65
C GLY R 553 -38.95 24.44 -7.46
N ASN R 554 -38.14 25.16 -8.24
CA ASN R 554 -37.05 24.56 -9.01
C ASN R 554 -36.04 25.67 -9.29
N GLU R 555 -34.82 25.49 -8.80
CA GLU R 555 -33.78 26.51 -8.96
C GLU R 555 -33.41 26.72 -10.42
N GLN R 556 -33.59 25.72 -11.27
CA GLN R 556 -33.27 25.87 -12.69
C GLN R 556 -34.10 26.96 -13.33
N ILE R 557 -35.41 26.98 -13.03
CA ILE R 557 -36.29 27.98 -13.61
C ILE R 557 -35.91 29.38 -13.14
N LEU R 558 -35.61 29.53 -11.85
CA LEU R 558 -35.21 30.83 -11.33
C LEU R 558 -33.91 31.30 -11.94
N LYS R 559 -32.95 30.38 -12.12
CA LYS R 559 -31.70 30.74 -12.77
C LYS R 559 -31.92 31.17 -14.21
N GLN R 560 -32.82 30.47 -14.92
CA GLN R 560 -33.10 30.81 -16.32
C GLN R 560 -33.86 32.12 -16.46
N ILE R 561 -34.69 32.48 -15.48
CA ILE R 561 -35.54 33.66 -15.60
C ILE R 561 -34.71 34.94 -15.75
N SER R 562 -33.64 35.08 -14.97
CA SER R 562 -32.86 36.31 -14.97
C SER R 562 -32.14 36.56 -16.30
N GLY R 563 -32.06 35.58 -17.18
CA GLY R 563 -31.36 35.78 -18.44
C GLY R 563 -32.18 35.43 -19.66
N LEU R 564 -33.49 35.66 -19.58
CA LEU R 564 -34.37 35.40 -20.72
C LEU R 564 -34.09 36.38 -21.85
N PRO R 565 -34.14 35.91 -23.10
CA PRO R 565 -34.02 36.84 -24.23
C PRO R 565 -35.34 37.54 -24.53
N ARG R 566 -35.35 38.40 -25.54
CA ARG R 566 -36.54 39.17 -25.86
C ARG R 566 -37.65 38.27 -26.38
N GLY R 567 -38.87 38.54 -25.94
CA GLY R 567 -40.03 37.80 -26.43
C GLY R 567 -40.08 36.35 -26.01
N ASP R 568 -39.67 36.05 -24.78
CA ASP R 568 -39.74 34.69 -24.25
C ASP R 568 -40.19 34.75 -22.79
N ALA R 569 -40.70 33.61 -22.32
CA ALA R 569 -41.25 33.52 -20.97
C ALA R 569 -41.24 32.06 -20.52
N VAL R 570 -41.46 31.87 -19.23
CA VAL R 570 -41.57 30.54 -18.63
C VAL R 570 -42.87 30.44 -17.86
N ALA R 571 -43.51 29.27 -17.92
CA ALA R 571 -44.82 29.09 -17.31
C ALA R 571 -44.88 27.75 -16.60
N PHE R 572 -45.62 27.73 -15.49
CA PHE R 572 -45.85 26.51 -14.73
C PHE R 572 -47.16 26.66 -13.97
N GLY R 573 -47.70 25.53 -13.53
CA GLY R 573 -48.91 25.54 -12.74
C GLY R 573 -49.55 24.16 -12.69
N SER R 574 -50.77 24.14 -12.17
CA SER R 574 -51.53 22.90 -12.08
C SER R 574 -51.92 22.34 -13.45
N ALA R 575 -51.89 23.18 -14.50
CA ALA R 575 -52.17 22.71 -15.85
C ALA R 575 -50.97 22.02 -16.49
N PHE R 576 -49.80 22.06 -15.84
CA PHE R 576 -48.58 21.48 -16.39
C PHE R 576 -48.08 20.40 -15.44
N ASN R 577 -48.21 19.13 -15.84
CA ASN R 577 -47.64 18.05 -15.04
C ASN R 577 -46.13 18.12 -15.01
N LEU R 578 -45.51 18.37 -16.16
CA LEU R 578 -44.08 18.59 -16.27
C LEU R 578 -43.83 19.99 -16.80
N PRO R 579 -43.23 20.88 -16.00
CA PRO R 579 -42.95 22.24 -16.49
C PRO R 579 -42.05 22.21 -17.71
N VAL R 580 -42.32 23.09 -18.66
CA VAL R 580 -41.55 23.19 -19.90
C VAL R 580 -41.45 24.66 -20.28
N ARG R 581 -40.35 25.02 -20.93
CA ARG R 581 -40.12 26.39 -21.36
C ARG R 581 -40.97 26.66 -22.61
N ILE R 582 -41.66 27.80 -22.61
CA ILE R 582 -42.63 28.15 -23.64
C ILE R 582 -42.11 29.34 -24.43
N SER R 583 -42.22 29.25 -25.76
CA SER R 583 -41.77 30.33 -26.63
C SER R 583 -42.69 30.38 -27.84
N ILE R 584 -42.65 31.50 -28.55
CA ILE R 584 -43.46 31.69 -29.74
C ILE R 584 -42.62 31.44 -30.99
#